data_4FZG
#
_entry.id   4FZG
#
_cell.length_a   134.770
_cell.length_b   300.350
_cell.length_c   144.490
_cell.angle_alpha   90.00
_cell.angle_beta   112.67
_cell.angle_gamma   90.00
#
_symmetry.space_group_name_H-M   'P 1 21 1'
#
loop_
_entity.id
_entity.type
_entity.pdbx_description
1 polymer 'Proteasome component Y7'
2 polymer 'Proteasome component Y13'
3 polymer 'Proteasome component PRE6'
4 polymer 'Proteasome component PUP2'
5 polymer 'Proteasome component PRE5'
6 polymer 'Proteasome component C1'
7 polymer 'Proteasome component C7-alpha'
8 polymer 'Proteasome component PUP1'
9 polymer 'Proteasome component PUP3'
10 polymer 'Proteasome component C11'
11 polymer 'Proteasome component PRE2'
12 polymer 'Proteasome component C5'
13 polymer 'Proteasome component PRE4'
14 polymer 'Proteasome component PRE3'
15 polymer Glidobactin
16 water water
#
loop_
_entity_poly.entity_id
_entity_poly.type
_entity_poly.pdbx_seq_one_letter_code
_entity_poly.pdbx_strand_id
1 'polypeptide(L)'
;MTDRYSFSLTTFSPSGKLGQIDYALTAVKQGVTSLGIKATNGVVIATEKKSSSPLAMSETLSKVSLLTPDIGAVYSGMGP
DYRVLVDKSRKVAHTSYKRIYGEYPPTKLLVSEVAKIMQEATQSGGVRPFGVSLLIAGHDEFNGFSLYQVDPSGSYFPWK
ATAIGKGSVAAKTFLEKRWNDELELEDAIHIALLTLKESVEGEFNGDTIELAIIGDENPDLLGYTGIPTDKGPRFRKLTS
QEINDRLEAL
;
A,O
2 'polypeptide(L)'
;GSRRYDSRTTIFSPEGRLYQVEYALESISHAGTAIGIMASDGIVLAAERKVTSTLLEQDTSTEKLYKLNDKIAVAVAGLT
ADAEILINTARIHAQNYLKTYNEDIPVEILVRRLSDIKQGYTQHGGLRPFGVSFIYAGYDDRYGYQLYTSNPSGNYTGWK
AISVGANTSAAQTLLQMDYKDDMKVDDAIELALKTLSKTTDSSALTYDRLEFATIRKGANDGEVYQKIFKPQEIKDILVK
TGIT
;
B,P
3 'polypeptide(L)'
;GYDRALSIFSPDGHIFQVEYALEAVKRGTCAVGVKGKNCVVLGCERRSTLKLQDTRITPSKVSKIDSHVVLSFSGLNADS
RILIEKARVEAQSHRLTLEDPVTVEYLTRYVAGVQQRYTQSGGVRPFGVSTLIAGFDPRDDEPKLYQTEPSGIYSSWSAQ
TIGRNSKTVREFLEKNYDRKEPPATVEECVKLTVRSLLEVVQTGAKNIEITVVKPDSDIVALSSEEINQYVTQIEQEKQE
Q
;
C,Q
4 'polypeptide(L)'
;DRGVSTFSPEGRLFQVEYSLEAIKLGSTAIGIATKEGVVLGVEKRATSPLLESDSIEKIVEIDRHIGCAMSGLTADARSM
IEHARTAAVTHNLYYDEDINVESLTQSVCDLALRFGEGASGEERLMSRPFGVALLIAGHDADDGYQLFHAEPSGTFYRYN
AKAIGSGSEGAQAELLNEWHSSLTLKEAELLVLKILKQVMEEKLDENNAQLSCITKQDGFKIYDNEKTAELIKELKEKEA
AE
;
D,R
5 'polypeptide(L)'
;FRNNYDGDTVTFSPTGRLFQVEYALEAIKQGSVTVGLRSNTHAVLVALKRNADELSSYQKKIIKCDEHMGLSLAGLAPDA
RVLSNYLRQQCNYSSLVFNRKLAVERAGHLLCDKAQKNTQSYGGRPYGVGLLIIGYDKSGAHLLEFQPSGNVTELYGTAI
GARSQGAKTYLERTLDTFIKIDGNPDELIKAGVEAISQSLRDESLTVDNLSIAIVGKDTPFTIYDGEAVAKYI
;
E,S
6 'polypeptide(L)'
;GTGYDLSNSVFSPDGRNFQVEYAVKAVENGTTSIGIKCNDGVVFAVEKLITSKLLVPQKNVKIQVVDRHIGCVYSGLIPD
GRHLVNRGREEAASFKKLYKTPIPIPAFADRLGQYVQAHTLYNSVRPFGVSTIFGGVDKNGAHLYMLEPSGSYWGYKGAA
TGKGRQSAKAELEKLVDHHPEGLSAREAVKQAAKIIYLAHEDNKEKDFELEISWCSLSETNGLHKFVKGDLLQEAIDFAQ
KEIN
;
F,T
7 'polypeptide(L)'
;AGYDRHITIFSPEGRLYQVEYAFKATNQTNINSLAVRGKDCTVVISQKKVPDKLLDPTTVSYIFCISRTIGMVVNGPIPD
ARNAALRAKAEAAEFRYKYGYDMPCDVLAKRMANLSQIYTQRAYMRPLGVILTFVSVDEELGPSIYKTDPAGYYVGYKAT
ATGPKQQEITTNLENHFKKSKIDHINEESWEKVVEFAITHMIDALGTEFSKNDLEVGVATKDKFFTLSAENIEERLVAIA
EQD
;
G,U
8 'polypeptide(L)'
;TTIVGVKFNNGVVIAADTRSTQGPIVADKNCAKLHRISPKIWCAGAGTAADTEAVTQLIGSNIELHSLYTSREPRVVSAL
QMLKQHLFKYQGHIGAYLIVAGVDPTGSHLFSIHAHGSTDVGYYLSLGSGSLAAMAVLESHWKQDLTKEEAIKLASDAIQ
AGIWNDLGSGSNVDVCVMEIGKDAEYLRNYLTPNVREEKQKSYKFPRGTTAVLKESIVNICD
;
H,V
9 'polypeptide(L)'
;SDPSSINGGIVVAMTGKDCVAIACDLRLGSQSLGVSNKFEKIFHYGHVFLGITGLATDVTTLNEMFRYKTNLYKLKEERA
IEPETFTQLVSSSLYERRFGPYFVGPVVAGINSKSGKPFIAGFDLIGCIDEAKDFIVSGTASDQLFGMCESLYEPNLEPE
DLFETISQALLNAADRDALSGWGAVVYIIKKDEVVKRYLKMRQD
;
I,W
10 'polypeptide(L)'
;MDIILGIRVQDSVILASSKAVTRGISVLKDSDDKTRQLSPHTLMSFAGEAGDTVQFAEYIQANIQLYSIREDYELSPQAV
SSFVRQELAKSIRSRRPYQVNVLIGGYDKKKNKPELYQIDYLGTKVELPYGAHGYSGFYTFSLLDHHYRPDMTTEEGLDL
LKLCVQELEKRMPMDFKGVIVKIVDKDGIRQVDDFQAQ
;
J,X
11 'polypeptide(L)'
;TTTLAFRFQGGIIVAVDSRATAGNWVASQTVKKVIEINPFLLGTMAGGAADCQFWETWLGSQCRLHELREKERISVAAAS
KILSNLVYQYKGAGLSMGTMICGYTRKEGPTIYYVDSDGTRLKGDIFCVGSGQTFAYGVLDSNYKWDLSVEDALYLGKRS
ILAAAHRDAYSGGSVNLYHVTEDGWIYHGNHDVGELFWKVKEEEGSFNNVIG
;
K,Y
12 'polypeptide(L)'
;QFNPYGDNGGTILGIAGEDFAVLAGDTRNITDYSINSRYEPKVFDCGDNIVMSANGFAADGDALVKRFKNSVKWYHFDHN
DKKLSINSAARNIQHLLYGKRFFPYYVHTIIAGLDEDGKGAVYSFDPVGSYEREQCRAGGAAASLIMPFLDNQVNFKNQY
EPGTNGKVKKPLKYLSVEEVIKLVRDSFTSATERHIQVGDGLEILIVTKDGVRKEFYELKRD
;
L,Z
13 'polypeptide(L)'
;TQQPIVTGTSVISMKYDNGVIIAADNLGSYGSLLRFNGVERLIPVGDNTVVGISGDISDMQHIERLLKDLVTENAYDNPL
ADAEEALEPSYIFEYLATVMYQRRSKMNPLWNAIIVAGVQSNGDQFLRYVNLLGVTYSSPTLATGFGAHMANPLLRKVVD
RESDIPKTTVQVAEEAIVNAMRVLYYRDARSSRNFSLAIIDKNTGLTFKKNLQVENMKWDFAKDIKGYGTQKI
;
M,a
14 'polypeptide(L)'
;TSIMAVTFKDGVILGADSRTTTGAYIANRVTDKLTRVHDKIWCCRSGSAADTQAIADIVQYHLELYTSQYGTPSTETAAS
VFKELCYENKDNLTAGIIVAGYDDKNKGEVYTIPLGGSVHKLPYAIAGSGSTFIYGYCDKNFRENMSKEETVDFIKHSLS
QAIKWDGSSGGVIRMVVLTAAGVERLIFYPDEYEQL
;
N,b
15 'polypeptide(L)' (MH9)T(LYO)(0W6) c,d,e,f
#
# COMPACT_ATOMS: atom_id res chain seq x y z
N MET A 1 -20.67 -21.34 46.98
CA MET A 1 -19.52 -22.24 46.70
C MET A 1 -18.23 -21.50 47.09
N THR A 2 -17.17 -21.77 46.35
CA THR A 2 -15.87 -21.15 46.57
C THR A 2 -15.24 -21.61 47.87
N ASP A 3 -13.97 -21.99 47.76
CA ASP A 3 -13.19 -22.46 48.88
C ASP A 3 -13.06 -21.29 49.88
N ARG A 4 -13.82 -21.36 50.96
CA ARG A 4 -13.78 -20.33 52.00
C ARG A 4 -12.61 -20.69 52.90
N TYR A 5 -12.13 -21.92 52.74
CA TYR A 5 -11.01 -22.43 53.52
C TYR A 5 -9.70 -21.93 52.92
N SER A 6 -9.32 -20.71 53.29
CA SER A 6 -8.08 -20.13 52.77
C SER A 6 -7.06 -19.93 53.87
N PHE A 7 -7.39 -20.36 55.08
CA PHE A 7 -6.50 -20.26 56.23
C PHE A 7 -5.87 -21.62 56.50
N SER A 8 -4.81 -21.65 57.28
CA SER A 8 -4.13 -22.91 57.58
C SER A 8 -4.96 -23.85 58.44
N LEU A 9 -4.79 -25.15 58.20
CA LEU A 9 -5.49 -26.18 58.97
C LEU A 9 -4.46 -26.84 59.88
N THR A 10 -3.19 -26.48 59.66
CA THR A 10 -2.09 -26.96 60.47
C THR A 10 -1.53 -25.71 61.13
N THR A 11 -1.56 -25.67 62.45
CA THR A 11 -1.03 -24.51 63.17
C THR A 11 -0.19 -24.95 64.36
N PHE A 12 0.53 -24.01 64.95
CA PHE A 12 1.35 -24.33 66.10
C PHE A 12 0.49 -24.37 67.35
N SER A 13 0.79 -25.32 68.24
CA SER A 13 0.06 -25.44 69.49
C SER A 13 0.94 -24.84 70.57
N PRO A 14 0.37 -24.53 71.74
CA PRO A 14 1.14 -23.94 72.85
C PRO A 14 2.46 -24.64 73.13
N SER A 15 2.45 -25.96 73.09
CA SER A 15 3.64 -26.78 73.35
C SER A 15 4.72 -26.65 72.27
N GLY A 16 4.32 -26.18 71.09
CA GLY A 16 5.27 -26.02 69.99
C GLY A 16 5.15 -27.13 68.97
N LYS A 17 4.12 -27.95 69.09
CA LYS A 17 3.89 -29.05 68.15
C LYS A 17 2.97 -28.64 67.01
N LEU A 18 3.11 -29.31 65.88
CA LEU A 18 2.25 -29.05 64.73
C LEU A 18 1.33 -30.26 64.63
N GLY A 19 0.21 -30.18 65.34
CA GLY A 19 -0.76 -31.24 65.38
C GLY A 19 -0.90 -32.14 64.17
N GLN A 20 -1.46 -31.60 63.11
CA GLN A 20 -1.67 -32.36 61.89
C GLN A 20 -0.46 -33.13 61.39
N ILE A 21 0.75 -32.59 61.58
CA ILE A 21 1.96 -33.30 61.14
C ILE A 21 2.17 -34.53 62.02
N ASP A 22 2.00 -34.34 63.32
CA ASP A 22 2.16 -35.45 64.27
C ASP A 22 1.17 -36.54 63.92
N TYR A 23 -0.10 -36.15 63.74
CA TYR A 23 -1.15 -37.08 63.39
C TYR A 23 -0.86 -37.78 62.05
N ALA A 24 -0.43 -37.01 61.06
CA ALA A 24 -0.09 -37.62 59.80
C ALA A 24 0.94 -38.72 60.06
N LEU A 25 1.96 -38.41 60.87
CA LEU A 25 2.98 -39.40 61.18
C LEU A 25 2.38 -40.62 61.86
N THR A 26 1.42 -40.40 62.74
CA THR A 26 0.75 -41.51 63.43
C THR A 26 0.10 -42.40 62.39
N ALA A 27 -0.49 -41.78 61.37
CA ALA A 27 -1.14 -42.53 60.31
C ALA A 27 -0.11 -43.38 59.57
N VAL A 28 1.10 -42.85 59.42
CA VAL A 28 2.15 -43.58 58.74
C VAL A 28 2.57 -44.78 59.56
N LYS A 29 2.57 -44.65 60.88
CA LYS A 29 2.95 -45.74 61.78
C LYS A 29 2.03 -46.97 61.64
N GLN A 30 0.77 -46.71 61.32
CA GLN A 30 -0.21 -47.78 61.16
C GLN A 30 -0.03 -48.47 59.83
N GLY A 31 0.65 -47.80 58.90
CA GLY A 31 0.86 -48.36 57.58
C GLY A 31 1.74 -49.61 57.53
N VAL A 32 1.58 -50.40 56.47
CA VAL A 32 2.35 -51.62 56.31
C VAL A 32 3.83 -51.27 56.17
N THR A 33 4.68 -52.07 56.79
CA THR A 33 6.11 -51.82 56.73
C THR A 33 6.67 -51.82 55.31
N SER A 34 7.77 -51.11 55.12
CA SER A 34 8.48 -51.02 53.83
C SER A 34 9.92 -50.63 54.18
N LEU A 35 10.87 -50.98 53.32
CA LEU A 35 12.27 -50.68 53.61
C LEU A 35 13.14 -50.49 52.39
N GLY A 36 14.39 -50.10 52.64
CA GLY A 36 15.33 -49.90 51.55
C GLY A 36 16.74 -50.06 52.05
N ILE A 37 17.56 -50.77 51.27
CA ILE A 37 18.95 -50.96 51.66
C ILE A 37 19.80 -50.46 50.51
N LYS A 38 20.91 -49.83 50.85
CA LYS A 38 21.80 -49.32 49.82
C LYS A 38 23.06 -50.17 49.76
N ALA A 39 23.28 -50.83 48.62
CA ALA A 39 24.47 -51.64 48.42
C ALA A 39 25.52 -50.72 47.82
N THR A 40 26.63 -51.27 47.35
CA THR A 40 27.68 -50.42 46.77
C THR A 40 27.51 -50.33 45.25
N ASN A 41 26.65 -51.18 44.71
CA ASN A 41 26.41 -51.19 43.27
C ASN A 41 24.91 -51.34 42.99
N GLY A 42 24.10 -50.71 43.83
CA GLY A 42 22.67 -50.78 43.66
C GLY A 42 21.92 -50.51 44.94
N VAL A 43 20.61 -50.31 44.82
CA VAL A 43 19.78 -50.05 45.98
C VAL A 43 18.53 -50.91 45.83
N VAL A 44 17.94 -51.27 46.96
CA VAL A 44 16.76 -52.10 46.92
C VAL A 44 15.71 -51.57 47.88
N ILE A 45 14.48 -51.51 47.38
CA ILE A 45 13.35 -51.07 48.18
C ILE A 45 12.33 -52.17 48.01
N ALA A 46 11.59 -52.46 49.08
CA ALA A 46 10.59 -53.51 49.04
C ALA A 46 9.58 -53.30 50.14
N THR A 47 8.38 -53.83 49.92
CA THR A 47 7.31 -53.68 50.89
C THR A 47 6.40 -54.90 50.82
N GLU A 48 5.33 -54.90 51.59
CA GLU A 48 4.40 -56.01 51.62
C GLU A 48 3.07 -55.69 50.94
N LYS A 49 2.66 -56.51 49.98
CA LYS A 49 1.38 -56.29 49.30
C LYS A 49 0.22 -56.84 50.13
N LYS A 50 -0.25 -56.03 51.07
CA LYS A 50 -1.35 -56.40 51.95
C LYS A 50 -2.68 -56.35 51.20
N SER A 51 -3.12 -57.49 50.68
CA SER A 51 -4.37 -57.56 49.92
C SER A 51 -5.61 -57.31 50.82
N SER A 52 -6.63 -56.67 50.25
CA SER A 52 -7.86 -56.37 50.99
C SER A 52 -8.94 -57.45 50.87
N SER A 53 -8.72 -58.39 49.95
CA SER A 53 -9.64 -59.51 49.71
C SER A 53 -8.95 -60.45 48.71
N PRO A 54 -9.07 -61.77 48.92
CA PRO A 54 -8.44 -62.73 48.00
C PRO A 54 -9.04 -62.66 46.59
N LEU A 55 -10.07 -61.83 46.43
CA LEU A 55 -10.73 -61.64 45.15
C LEU A 55 -10.04 -60.50 44.39
N ALA A 56 -9.32 -59.67 45.13
CA ALA A 56 -8.60 -58.55 44.55
C ALA A 56 -7.32 -59.06 43.93
N MET A 57 -6.96 -58.48 42.78
CA MET A 57 -5.73 -58.86 42.09
C MET A 57 -4.64 -57.90 42.52
N SER A 58 -3.75 -58.39 43.38
CA SER A 58 -2.67 -57.56 43.92
C SER A 58 -1.61 -57.08 42.93
N GLU A 59 -1.71 -57.52 41.67
CA GLU A 59 -0.75 -57.06 40.66
C GLU A 59 -1.21 -55.68 40.23
N THR A 60 -2.52 -55.55 40.05
CA THR A 60 -3.14 -54.28 39.64
C THR A 60 -3.02 -53.22 40.71
N LEU A 61 -1.97 -53.31 41.52
CA LEU A 61 -1.76 -52.35 42.58
C LEU A 61 -0.30 -52.41 43.00
N SER A 62 0.48 -51.45 42.52
CA SER A 62 1.90 -51.40 42.85
C SER A 62 2.16 -50.40 43.96
N LYS A 63 2.91 -50.82 44.98
CA LYS A 63 3.24 -49.93 46.07
C LYS A 63 4.61 -49.33 45.76
N VAL A 64 5.29 -49.93 44.79
CA VAL A 64 6.60 -49.46 44.37
C VAL A 64 6.43 -48.91 42.97
N SER A 65 6.67 -47.61 42.83
CA SER A 65 6.52 -46.92 41.56
C SER A 65 7.82 -46.33 41.03
N LEU A 66 7.90 -46.23 39.71
CA LEU A 66 9.05 -45.66 39.02
C LEU A 66 8.75 -44.18 38.80
N LEU A 67 9.62 -43.30 39.28
CA LEU A 67 9.43 -41.86 39.09
C LEU A 67 10.13 -41.44 37.80
N THR A 68 11.34 -41.95 37.59
CA THR A 68 12.12 -41.68 36.38
C THR A 68 12.78 -43.03 36.11
N PRO A 69 13.40 -43.20 34.93
CA PRO A 69 14.04 -44.49 34.66
C PRO A 69 15.18 -44.88 35.60
N ASP A 70 15.60 -43.98 36.50
CA ASP A 70 16.66 -44.26 37.47
C ASP A 70 16.21 -43.95 38.90
N ILE A 71 14.92 -43.71 39.09
CA ILE A 71 14.42 -43.41 40.42
C ILE A 71 13.08 -44.09 40.68
N GLY A 72 13.00 -44.81 41.79
CA GLY A 72 11.79 -45.50 42.13
C GLY A 72 11.45 -45.11 43.56
N ALA A 73 10.19 -45.28 43.94
CA ALA A 73 9.78 -44.93 45.28
C ALA A 73 8.82 -45.96 45.85
N VAL A 74 8.79 -46.05 47.17
CA VAL A 74 7.90 -46.96 47.87
C VAL A 74 7.42 -46.17 49.09
N TYR A 75 6.29 -46.56 49.65
CA TYR A 75 5.76 -45.81 50.77
C TYR A 75 5.21 -46.61 51.94
N SER A 76 4.64 -45.88 52.88
CA SER A 76 3.99 -46.40 54.08
C SER A 76 3.06 -45.31 54.57
N GLY A 77 1.79 -45.65 54.75
CA GLY A 77 0.82 -44.67 55.18
C GLY A 77 -0.46 -44.84 54.39
N MET A 78 -0.90 -43.80 53.73
CA MET A 78 -2.15 -43.87 52.97
C MET A 78 -1.96 -44.06 51.47
N GLY A 79 -2.40 -45.21 50.97
CA GLY A 79 -2.27 -45.50 49.56
C GLY A 79 -2.65 -44.38 48.59
N PRO A 80 -3.86 -43.81 48.68
CA PRO A 80 -4.26 -42.73 47.76
C PRO A 80 -3.30 -41.54 47.72
N ASP A 81 -2.93 -41.04 48.90
CA ASP A 81 -2.02 -39.90 48.97
C ASP A 81 -0.72 -40.24 48.25
N TYR A 82 -0.25 -41.48 48.40
CA TYR A 82 0.98 -41.91 47.73
C TYR A 82 0.78 -41.84 46.24
N ARG A 83 -0.32 -42.43 45.78
CA ARG A 83 -0.62 -42.46 44.36
C ARG A 83 -0.51 -41.08 43.70
N VAL A 84 -1.26 -40.11 44.21
CA VAL A 84 -1.22 -38.78 43.63
C VAL A 84 0.16 -38.17 43.79
N LEU A 85 0.85 -38.46 44.88
CA LEU A 85 2.18 -37.90 45.06
C LEU A 85 3.12 -38.42 43.97
N VAL A 86 2.97 -39.69 43.62
CA VAL A 86 3.77 -40.30 42.57
C VAL A 86 3.51 -39.58 41.25
N ASP A 87 2.25 -39.28 40.99
CA ASP A 87 1.89 -38.60 39.75
C ASP A 87 2.55 -37.22 39.72
N LYS A 88 2.26 -36.41 40.74
CA LYS A 88 2.83 -35.06 40.84
C LYS A 88 4.35 -35.10 40.73
N SER A 89 4.96 -36.16 41.26
CA SER A 89 6.42 -36.31 41.22
C SER A 89 6.92 -36.59 39.82
N ARG A 90 6.27 -37.54 39.15
CA ARG A 90 6.68 -37.89 37.80
C ARG A 90 6.58 -36.67 36.91
N LYS A 91 5.64 -35.79 37.20
CA LYS A 91 5.48 -34.61 36.37
C LYS A 91 6.52 -33.55 36.70
N VAL A 92 6.60 -33.18 37.97
CA VAL A 92 7.56 -32.17 38.39
C VAL A 92 8.93 -32.51 37.82
N ALA A 93 9.16 -33.79 37.61
CA ALA A 93 10.44 -34.26 37.09
C ALA A 93 10.67 -33.81 35.65
N HIS A 94 9.59 -33.69 34.89
CA HIS A 94 9.67 -33.24 33.51
C HIS A 94 9.64 -31.71 33.44
N THR A 95 8.54 -31.14 33.93
CA THR A 95 8.33 -29.70 33.92
C THR A 95 9.44 -28.88 34.56
N SER A 96 9.97 -29.33 35.68
CA SER A 96 10.99 -28.57 36.38
C SER A 96 12.42 -28.98 36.12
N TYR A 97 12.63 -29.98 35.27
CA TYR A 97 14.00 -30.41 35.02
C TYR A 97 14.29 -30.96 33.64
N LYS A 98 13.61 -32.04 33.26
CA LYS A 98 13.87 -32.62 31.95
C LYS A 98 13.54 -31.69 30.77
N ARG A 99 12.49 -30.90 30.92
CA ARG A 99 12.11 -29.98 29.85
C ARG A 99 13.02 -28.76 29.77
N ILE A 100 13.93 -28.64 30.73
CA ILE A 100 14.85 -27.52 30.74
C ILE A 100 16.26 -27.95 30.42
N TYR A 101 16.74 -28.99 31.11
CA TYR A 101 18.11 -29.48 30.92
C TYR A 101 18.23 -30.68 29.99
N GLY A 102 17.11 -31.25 29.57
CA GLY A 102 17.17 -32.37 28.66
C GLY A 102 17.60 -33.72 29.23
N GLU A 103 17.57 -33.85 30.55
CA GLU A 103 17.94 -35.11 31.22
C GLU A 103 17.14 -35.18 32.52
N TYR A 104 16.93 -36.38 33.03
CA TYR A 104 16.19 -36.53 34.26
C TYR A 104 16.94 -35.94 35.42
N PRO A 105 16.21 -35.52 36.46
CA PRO A 105 16.83 -34.92 37.64
C PRO A 105 17.55 -35.89 38.55
N PRO A 106 18.59 -35.41 39.24
CA PRO A 106 19.33 -36.28 40.15
C PRO A 106 18.45 -36.50 41.39
N THR A 107 18.53 -37.70 41.95
CA THR A 107 17.72 -38.07 43.12
C THR A 107 17.48 -36.99 44.19
N LYS A 108 18.52 -36.42 44.77
CA LYS A 108 18.33 -35.40 45.82
C LYS A 108 17.40 -34.28 45.36
N LEU A 109 17.53 -33.86 44.10
CA LEU A 109 16.68 -32.79 43.58
C LEU A 109 15.20 -33.19 43.51
N LEU A 110 14.93 -34.29 42.82
CA LEU A 110 13.56 -34.77 42.68
C LEU A 110 12.95 -34.97 44.06
N VAL A 111 13.78 -35.42 45.00
CA VAL A 111 13.31 -35.64 46.36
C VAL A 111 12.95 -34.29 46.92
N SER A 112 13.86 -33.33 46.72
CA SER A 112 13.65 -31.99 47.20
C SER A 112 12.35 -31.42 46.64
N GLU A 113 12.00 -31.87 45.43
CA GLU A 113 10.77 -31.43 44.79
C GLU A 113 9.56 -32.06 45.46
N VAL A 114 9.64 -33.37 45.70
CA VAL A 114 8.54 -34.07 46.35
C VAL A 114 8.31 -33.46 47.73
N ALA A 115 9.42 -33.19 48.42
CA ALA A 115 9.37 -32.61 49.75
C ALA A 115 8.66 -31.26 49.72
N LYS A 116 8.93 -30.47 48.68
CA LYS A 116 8.32 -29.16 48.56
C LYS A 116 6.81 -29.31 48.52
N ILE A 117 6.34 -30.25 47.70
CA ILE A 117 4.91 -30.51 47.55
C ILE A 117 4.30 -30.85 48.91
N MET A 118 4.89 -31.80 49.59
CA MET A 118 4.39 -32.20 50.89
C MET A 118 4.44 -31.04 51.87
N GLN A 119 5.48 -30.22 51.80
CA GLN A 119 5.61 -29.09 52.71
C GLN A 119 4.43 -28.15 52.55
N GLU A 120 4.09 -27.82 51.31
CA GLU A 120 2.99 -26.92 51.02
C GLU A 120 1.67 -27.38 51.61
N ALA A 121 1.42 -28.68 51.59
CA ALA A 121 0.18 -29.21 52.15
C ALA A 121 0.23 -29.15 53.67
N THR A 122 1.21 -28.40 54.18
CA THR A 122 1.42 -28.25 55.62
C THR A 122 1.24 -26.82 56.04
N GLN A 123 1.18 -25.94 55.05
CA GLN A 123 1.02 -24.53 55.32
C GLN A 123 -0.03 -23.89 54.43
N SER A 124 -0.19 -24.40 53.21
CA SER A 124 -1.19 -23.86 52.28
C SER A 124 -2.57 -23.79 52.91
N GLY A 125 -3.47 -23.05 52.27
CA GLY A 125 -4.81 -22.89 52.80
C GLY A 125 -5.71 -24.10 52.63
N GLY A 126 -6.44 -24.40 53.70
CA GLY A 126 -7.40 -25.50 53.70
C GLY A 126 -7.07 -26.89 53.20
N VAL A 127 -6.01 -27.50 53.71
CA VAL A 127 -5.65 -28.85 53.31
C VAL A 127 -4.95 -29.53 54.47
N ARG A 128 -4.89 -30.86 54.45
CA ARG A 128 -4.24 -31.60 55.50
C ARG A 128 -2.96 -32.17 54.92
N PRO A 129 -1.96 -32.40 55.76
CA PRO A 129 -0.69 -32.95 55.27
C PRO A 129 -0.91 -34.32 54.62
N PHE A 130 0.00 -34.76 53.76
CA PHE A 130 -0.13 -36.09 53.15
C PHE A 130 0.11 -37.11 54.26
N GLY A 131 -0.67 -38.17 54.30
CA GLY A 131 -0.48 -39.15 55.34
C GLY A 131 0.47 -40.25 54.91
N VAL A 132 1.63 -39.87 54.42
CA VAL A 132 2.60 -40.88 53.99
C VAL A 132 4.05 -40.51 54.20
N SER A 133 4.91 -41.52 54.13
CA SER A 133 6.34 -41.34 54.24
C SER A 133 6.85 -42.13 53.06
N LEU A 134 7.81 -41.59 52.35
CA LEU A 134 8.32 -42.28 51.20
C LEU A 134 9.79 -42.61 51.36
N LEU A 135 10.21 -43.61 50.60
CA LEU A 135 11.60 -44.02 50.56
C LEU A 135 11.85 -43.97 49.07
N ILE A 136 12.68 -43.02 48.64
CA ILE A 136 12.98 -42.87 47.23
C ILE A 136 14.43 -43.30 47.01
N ALA A 137 14.64 -44.11 45.98
CA ALA A 137 15.98 -44.61 45.69
C ALA A 137 16.29 -44.44 44.23
N GLY A 138 17.44 -43.85 43.96
CA GLY A 138 17.82 -43.63 42.59
C GLY A 138 19.32 -43.54 42.43
N HIS A 139 19.73 -43.20 41.21
CA HIS A 139 21.13 -43.09 40.89
C HIS A 139 21.33 -42.04 39.82
N ASP A 140 22.27 -41.14 40.07
CA ASP A 140 22.60 -40.11 39.09
C ASP A 140 24.11 -40.17 38.89
N GLU A 141 24.55 -39.87 37.68
CA GLU A 141 25.96 -39.92 37.31
C GLU A 141 26.99 -39.28 38.26
N PHE A 142 26.62 -38.21 38.95
CA PHE A 142 27.60 -37.56 39.80
C PHE A 142 27.44 -37.77 41.30
N ASN A 143 26.46 -38.56 41.71
CA ASN A 143 26.24 -38.82 43.12
C ASN A 143 26.19 -40.31 43.39
N GLY A 144 26.01 -41.09 42.32
CA GLY A 144 25.95 -42.52 42.45
C GLY A 144 24.61 -42.97 42.97
N PHE A 145 24.60 -44.02 43.79
CA PHE A 145 23.37 -44.54 44.35
C PHE A 145 23.04 -43.86 45.66
N SER A 146 21.77 -43.52 45.83
CA SER A 146 21.33 -42.92 47.07
C SER A 146 19.93 -43.40 47.44
N LEU A 147 19.58 -43.16 48.70
CA LEU A 147 18.30 -43.56 49.27
C LEU A 147 17.82 -42.47 50.25
N TYR A 148 16.62 -41.97 50.02
CA TYR A 148 16.09 -40.92 50.88
C TYR A 148 14.74 -41.28 51.45
N GLN A 149 14.39 -40.63 52.54
CA GLN A 149 13.13 -40.83 53.21
C GLN A 149 12.48 -39.46 53.28
N VAL A 150 11.17 -39.37 52.97
CA VAL A 150 10.46 -38.09 53.02
C VAL A 150 9.27 -38.20 53.95
N ASP A 151 9.13 -37.26 54.86
CA ASP A 151 8.02 -37.29 55.81
C ASP A 151 6.94 -36.29 55.51
N PRO A 152 5.75 -36.46 56.12
CA PRO A 152 4.60 -35.57 55.94
C PRO A 152 4.96 -34.12 56.27
N SER A 153 5.95 -33.94 57.13
CA SER A 153 6.40 -32.61 57.53
C SER A 153 7.07 -31.93 56.35
N GLY A 154 7.49 -32.75 55.40
CA GLY A 154 8.17 -32.23 54.23
C GLY A 154 9.67 -32.41 54.38
N SER A 155 10.07 -32.94 55.54
CA SER A 155 11.48 -33.19 55.84
C SER A 155 11.96 -34.45 55.16
N TYR A 156 13.27 -34.54 54.92
CA TYR A 156 13.83 -35.71 54.29
C TYR A 156 15.30 -35.90 54.66
N PHE A 157 15.71 -37.15 54.73
CA PHE A 157 17.07 -37.49 55.08
C PHE A 157 17.55 -38.66 54.26
N PRO A 158 18.87 -38.76 54.07
CA PRO A 158 19.51 -39.83 53.31
C PRO A 158 19.82 -40.98 54.25
N TRP A 159 19.75 -42.21 53.74
CA TRP A 159 20.00 -43.39 54.55
C TRP A 159 20.93 -44.40 53.90
N LYS A 160 21.52 -45.26 54.72
CA LYS A 160 22.37 -46.32 54.24
C LYS A 160 21.37 -47.45 54.06
N ALA A 161 20.42 -47.50 54.98
CA ALA A 161 19.36 -48.49 54.95
C ALA A 161 18.37 -48.10 56.03
N THR A 162 17.11 -48.46 55.84
CA THR A 162 16.11 -48.12 56.85
C THR A 162 14.76 -48.67 56.43
N ALA A 163 13.80 -48.55 57.33
CA ALA A 163 12.45 -49.01 57.07
C ALA A 163 11.47 -48.10 57.79
N ILE A 164 10.23 -48.10 57.32
CA ILE A 164 9.20 -47.25 57.91
C ILE A 164 7.91 -48.05 57.99
N GLY A 165 6.98 -47.56 58.80
CA GLY A 165 5.69 -48.24 58.93
C GLY A 165 5.49 -48.97 60.24
N LYS A 166 4.61 -49.96 60.20
CA LYS A 166 4.24 -50.81 61.34
C LYS A 166 5.41 -51.20 62.23
N GLY A 167 6.24 -52.12 61.75
CA GLY A 167 7.37 -52.58 62.55
C GLY A 167 8.69 -51.99 62.11
N SER A 168 8.75 -50.66 62.01
CA SER A 168 9.96 -49.99 61.59
C SER A 168 11.05 -50.16 62.65
N VAL A 169 10.71 -49.88 63.90
CA VAL A 169 11.65 -49.97 65.03
C VAL A 169 12.41 -51.31 65.05
N ALA A 170 11.66 -52.40 64.97
CA ALA A 170 12.22 -53.76 64.97
C ALA A 170 13.14 -53.99 63.79
N ALA A 171 12.66 -53.61 62.60
CA ALA A 171 13.40 -53.79 61.37
C ALA A 171 14.64 -52.90 61.31
N LYS A 172 14.51 -51.64 61.75
CA LYS A 172 15.66 -50.74 61.73
C LYS A 172 16.77 -51.41 62.50
N THR A 173 16.42 -51.99 63.64
CA THR A 173 17.38 -52.69 64.48
C THR A 173 18.00 -53.84 63.70
N PHE A 174 17.16 -54.66 63.08
CA PHE A 174 17.66 -55.81 62.32
C PHE A 174 18.66 -55.44 61.24
N LEU A 175 18.47 -54.29 60.62
CA LEU A 175 19.38 -53.84 59.57
C LEU A 175 20.72 -53.36 60.13
N GLU A 176 20.68 -52.66 61.26
CA GLU A 176 21.89 -52.14 61.90
C GLU A 176 22.89 -53.26 62.20
N LYS A 177 22.42 -54.50 62.18
CA LYS A 177 23.28 -55.65 62.44
C LYS A 177 23.87 -56.22 61.16
N ARG A 178 23.05 -56.34 60.13
CA ARG A 178 23.48 -56.92 58.86
C ARG A 178 24.08 -55.96 57.81
N TRP A 179 24.02 -54.66 58.05
CA TRP A 179 24.55 -53.71 57.05
C TRP A 179 26.00 -53.32 57.25
N ASN A 180 26.72 -53.23 56.13
CA ASN A 180 28.13 -52.84 56.12
C ASN A 180 28.37 -52.09 54.80
N ASP A 181 29.41 -51.25 54.76
CA ASP A 181 29.69 -50.49 53.55
C ASP A 181 30.37 -51.28 52.42
N GLU A 182 30.17 -52.60 52.41
CA GLU A 182 30.76 -53.45 51.38
C GLU A 182 29.72 -54.35 50.74
N LEU A 183 28.47 -54.19 51.16
CA LEU A 183 27.37 -54.99 50.64
C LEU A 183 27.23 -54.89 49.13
N GLU A 184 27.07 -56.04 48.50
CA GLU A 184 26.89 -56.10 47.06
C GLU A 184 25.36 -56.15 46.88
N LEU A 185 24.86 -55.59 45.78
CA LEU A 185 23.43 -55.57 45.52
C LEU A 185 22.69 -56.86 45.93
N GLU A 186 23.12 -58.00 45.42
CA GLU A 186 22.50 -59.29 45.74
C GLU A 186 22.38 -59.56 47.23
N ASP A 187 23.38 -59.11 47.98
CA ASP A 187 23.43 -59.29 49.42
C ASP A 187 22.28 -58.53 50.06
N ALA A 188 22.11 -57.28 49.65
CA ALA A 188 21.05 -56.43 50.18
C ALA A 188 19.67 -57.02 49.88
N ILE A 189 19.49 -57.55 48.68
CA ILE A 189 18.21 -58.15 48.32
C ILE A 189 17.95 -59.25 49.33
N HIS A 190 19.00 -60.00 49.64
CA HIS A 190 18.92 -61.11 50.59
C HIS A 190 18.48 -60.54 51.96
N ILE A 191 19.29 -59.61 52.48
CA ILE A 191 19.00 -58.98 53.76
C ILE A 191 17.61 -58.39 53.76
N ALA A 192 17.25 -57.78 52.64
CA ALA A 192 15.95 -57.17 52.46
C ALA A 192 14.85 -58.20 52.68
N LEU A 193 14.92 -59.29 51.93
CA LEU A 193 13.94 -60.37 52.03
C LEU A 193 13.82 -60.86 53.46
N LEU A 194 14.95 -60.92 54.17
CA LEU A 194 14.95 -61.38 55.56
C LEU A 194 14.22 -60.39 56.48
N THR A 195 14.65 -59.14 56.45
CA THR A 195 14.04 -58.08 57.28
C THR A 195 12.56 -58.04 57.00
N LEU A 196 12.20 -58.30 55.76
CA LEU A 196 10.81 -58.27 55.37
C LEU A 196 10.01 -59.43 55.95
N LYS A 197 10.66 -60.59 56.12
CA LYS A 197 9.97 -61.76 56.66
C LYS A 197 9.47 -61.56 58.09
N GLU A 198 10.26 -60.85 58.89
CA GLU A 198 9.90 -60.60 60.29
C GLU A 198 8.62 -59.77 60.44
N SER A 199 8.22 -59.08 59.39
CA SER A 199 7.02 -58.26 59.40
C SER A 199 5.84 -59.06 58.93
N VAL A 200 6.00 -59.70 57.78
CA VAL A 200 4.95 -60.51 57.19
C VAL A 200 4.45 -61.60 58.13
N GLU A 201 3.13 -61.64 58.31
CA GLU A 201 2.49 -62.61 59.19
C GLU A 201 2.13 -63.85 58.37
N GLY A 202 1.40 -63.64 57.29
CA GLY A 202 0.96 -64.74 56.43
C GLY A 202 1.92 -65.21 55.37
N GLU A 203 1.40 -65.46 54.18
CA GLU A 203 2.20 -65.94 53.05
C GLU A 203 3.34 -65.02 52.70
N PHE A 204 4.54 -65.58 52.65
CA PHE A 204 5.74 -64.80 52.31
C PHE A 204 6.37 -65.36 51.04
N ASN A 205 5.90 -64.88 49.90
CA ASN A 205 6.40 -65.33 48.61
C ASN A 205 6.40 -64.20 47.59
N GLY A 206 6.68 -64.53 46.33
CA GLY A 206 6.73 -63.53 45.29
C GLY A 206 5.40 -62.96 44.81
N ASP A 207 4.35 -63.13 45.62
CA ASP A 207 3.01 -62.64 45.26
C ASP A 207 2.46 -61.74 46.36
N THR A 208 3.01 -61.88 47.55
CA THR A 208 2.60 -61.09 48.68
C THR A 208 3.66 -60.05 48.98
N ILE A 209 4.72 -60.10 48.19
CA ILE A 209 5.83 -59.17 48.33
C ILE A 209 6.04 -58.43 47.02
N GLU A 210 6.48 -57.18 47.14
CA GLU A 210 6.76 -56.34 45.99
C GLU A 210 8.16 -55.83 46.24
N LEU A 211 9.04 -55.98 45.26
CA LEU A 211 10.41 -55.55 45.45
C LEU A 211 11.02 -55.11 44.13
N ALA A 212 11.76 -54.01 44.19
CA ALA A 212 12.43 -53.44 43.01
C ALA A 212 13.81 -52.93 43.40
N ILE A 213 14.67 -52.80 42.40
CA ILE A 213 16.04 -52.34 42.63
C ILE A 213 16.49 -51.24 41.68
N ILE A 214 17.55 -50.55 42.08
CA ILE A 214 18.14 -49.49 41.28
C ILE A 214 19.57 -49.95 41.07
N GLY A 215 19.80 -50.73 40.01
CA GLY A 215 21.13 -51.23 39.75
C GLY A 215 21.73 -50.85 38.42
N ASP A 216 22.10 -51.85 37.63
CA ASP A 216 22.70 -51.61 36.33
C ASP A 216 21.67 -51.24 35.29
N GLU A 217 22.17 -50.75 34.16
CA GLU A 217 21.34 -50.35 33.05
C GLU A 217 20.82 -51.58 32.30
N ASN A 218 19.50 -51.64 32.10
CA ASN A 218 18.87 -52.75 31.41
C ASN A 218 18.48 -52.37 29.98
N PRO A 219 19.43 -52.48 29.03
CA PRO A 219 19.21 -52.14 27.62
C PRO A 219 18.11 -52.97 26.97
N ASP A 220 17.71 -54.04 27.66
CA ASP A 220 16.65 -54.93 27.16
C ASP A 220 15.29 -54.35 27.53
N LEU A 221 15.32 -53.29 28.34
CA LEU A 221 14.11 -52.61 28.80
C LEU A 221 14.05 -51.19 28.26
N LEU A 222 14.84 -50.90 27.22
CA LEU A 222 14.88 -49.57 26.63
C LEU A 222 13.83 -49.38 25.55
N GLY A 223 13.58 -50.45 24.78
CA GLY A 223 12.59 -50.41 23.71
C GLY A 223 13.12 -50.10 22.32
N TYR A 224 14.36 -49.64 22.25
CA TYR A 224 14.95 -49.31 20.97
C TYR A 224 16.47 -49.34 21.05
N THR A 225 17.12 -49.35 19.89
CA THR A 225 18.58 -49.36 19.84
C THR A 225 19.00 -48.41 18.74
N GLY A 226 20.13 -47.73 18.95
CA GLY A 226 20.61 -46.79 17.94
C GLY A 226 21.36 -45.62 18.53
N ILE A 227 21.05 -45.28 19.79
CA ILE A 227 21.74 -44.19 20.43
C ILE A 227 22.66 -44.80 21.47
N PRO A 228 23.98 -44.71 21.26
CA PRO A 228 24.99 -45.25 22.17
C PRO A 228 24.90 -44.73 23.61
N THR A 229 24.53 -43.46 23.78
CA THR A 229 24.43 -42.87 25.10
C THR A 229 23.23 -43.33 25.94
N ASP A 230 22.18 -43.82 25.27
CA ASP A 230 20.97 -44.31 25.95
C ASP A 230 21.13 -45.82 26.16
N LYS A 231 21.50 -46.22 27.37
CA LYS A 231 21.72 -47.64 27.67
C LYS A 231 20.60 -48.38 28.41
N GLY A 232 19.54 -47.67 28.78
CA GLY A 232 18.45 -48.34 29.47
C GLY A 232 18.24 -47.83 30.89
N PRO A 233 17.11 -48.19 31.52
CA PRO A 233 16.76 -47.77 32.88
C PRO A 233 17.47 -48.58 33.97
N ARG A 234 17.87 -47.91 35.05
CA ARG A 234 18.53 -48.60 36.15
C ARG A 234 17.51 -49.11 37.16
N PHE A 235 16.24 -48.77 36.93
CA PHE A 235 15.16 -49.19 37.82
C PHE A 235 14.45 -50.41 37.28
N ARG A 236 14.55 -51.52 38.01
CA ARG A 236 13.85 -52.71 37.59
C ARG A 236 13.02 -53.24 38.74
N LYS A 237 11.84 -53.72 38.40
CA LYS A 237 10.92 -54.29 39.38
C LYS A 237 11.13 -55.79 39.26
N LEU A 238 11.41 -56.45 40.38
CA LEU A 238 11.62 -57.90 40.35
C LEU A 238 10.32 -58.62 40.08
N THR A 239 10.38 -59.63 39.21
CA THR A 239 9.21 -60.41 38.85
C THR A 239 8.79 -61.37 39.95
N SER A 240 7.51 -61.72 39.92
CA SER A 240 6.94 -62.65 40.88
C SER A 240 7.89 -63.83 41.04
N GLN A 241 8.31 -64.38 39.90
CA GLN A 241 9.23 -65.50 39.87
C GLN A 241 10.58 -65.17 40.51
N GLU A 242 11.30 -64.23 39.94
CA GLU A 242 12.62 -63.81 40.44
C GLU A 242 12.70 -63.73 41.95
N ILE A 243 11.57 -63.45 42.58
CA ILE A 243 11.49 -63.34 44.03
C ILE A 243 11.68 -64.72 44.67
N ASN A 244 10.82 -65.67 44.29
CA ASN A 244 10.88 -67.03 44.82
C ASN A 244 12.26 -67.67 44.69
N ASP A 245 12.89 -67.50 43.54
CA ASP A 245 14.22 -68.06 43.31
C ASP A 245 15.14 -67.71 44.47
N ARG A 246 15.08 -66.45 44.92
CA ARG A 246 15.92 -66.00 46.02
C ARG A 246 15.34 -66.38 47.37
N LEU A 247 14.08 -66.81 47.39
CA LEU A 247 13.42 -67.22 48.63
C LEU A 247 13.79 -68.63 49.05
N GLU A 248 14.15 -69.46 48.06
CA GLU A 248 14.52 -70.85 48.34
C GLU A 248 15.89 -70.95 49.01
N ALA A 249 16.82 -70.11 48.57
CA ALA A 249 18.16 -70.09 49.15
C ALA A 249 18.18 -69.09 50.32
N LEU A 250 17.00 -68.88 50.91
CA LEU A 250 16.85 -67.95 52.04
C LEU A 250 17.31 -68.54 53.37
N GLY B 1 -20.67 -21.21 57.48
CA GLY B 1 -19.48 -21.09 56.60
C GLY B 1 -18.27 -21.84 57.15
N SER B 2 -17.07 -21.31 56.90
CA SER B 2 -15.82 -21.91 57.36
C SER B 2 -15.29 -21.28 58.66
N ARG B 3 -15.67 -20.04 58.91
CA ARG B 3 -15.28 -19.28 60.10
C ARG B 3 -15.11 -20.16 61.34
N ARG B 4 -15.91 -21.21 61.40
CA ARG B 4 -15.93 -22.17 62.49
C ARG B 4 -14.58 -22.82 62.78
N TYR B 5 -13.83 -23.14 61.72
CA TYR B 5 -12.54 -23.82 61.86
C TYR B 5 -11.29 -22.93 61.77
N ASP B 6 -11.49 -21.64 61.49
CA ASP B 6 -10.39 -20.68 61.36
C ASP B 6 -9.71 -20.38 62.69
N SER B 7 -8.45 -20.80 62.79
CA SER B 7 -7.64 -20.60 63.99
C SER B 7 -7.23 -19.14 64.19
N ARG B 8 -7.33 -18.36 63.12
CA ARG B 8 -6.98 -16.93 63.16
C ARG B 8 -5.51 -16.78 63.60
N THR B 9 -4.61 -17.27 62.75
CA THR B 9 -3.17 -17.24 63.01
C THR B 9 -2.54 -15.85 63.15
N THR B 10 -3.20 -14.82 62.64
CA THR B 10 -2.63 -13.49 62.72
C THR B 10 -3.29 -12.49 63.66
N ILE B 11 -3.63 -12.90 64.88
CA ILE B 11 -4.25 -11.94 65.81
C ILE B 11 -3.43 -11.68 67.06
N PHE B 12 -3.74 -10.57 67.70
CA PHE B 12 -3.06 -10.15 68.92
C PHE B 12 -3.70 -10.75 70.14
N SER B 13 -2.88 -11.11 71.12
CA SER B 13 -3.39 -11.66 72.36
C SER B 13 -3.79 -10.44 73.19
N PRO B 14 -4.53 -10.64 74.28
CA PRO B 14 -4.92 -9.50 75.10
C PRO B 14 -3.71 -8.70 75.58
N GLU B 15 -2.54 -9.35 75.55
CA GLU B 15 -1.29 -8.74 75.99
C GLU B 15 -0.42 -8.22 74.85
N GLY B 16 -1.01 -8.05 73.66
CA GLY B 16 -0.24 -7.56 72.53
C GLY B 16 0.85 -8.47 72.01
N ARG B 17 0.65 -9.78 72.14
CA ARG B 17 1.62 -10.74 71.65
C ARG B 17 0.98 -11.51 70.50
N LEU B 18 1.80 -12.09 69.64
CA LEU B 18 1.27 -12.85 68.51
C LEU B 18 1.32 -14.33 68.81
N TYR B 19 0.18 -14.90 69.16
CA TYR B 19 0.08 -16.31 69.49
C TYR B 19 0.99 -17.23 68.69
N GLN B 20 0.67 -17.41 67.41
CA GLN B 20 1.46 -18.29 66.55
C GLN B 20 2.96 -18.09 66.62
N VAL B 21 3.40 -16.83 66.56
CA VAL B 21 4.82 -16.54 66.64
C VAL B 21 5.41 -17.11 67.93
N GLU B 22 4.76 -16.80 69.06
CA GLU B 22 5.21 -17.29 70.36
C GLU B 22 5.33 -18.79 70.36
N TYR B 23 4.32 -19.47 69.80
CA TYR B 23 4.31 -20.92 69.74
C TYR B 23 5.38 -21.44 68.79
N ALA B 24 5.56 -20.77 67.65
CA ALA B 24 6.56 -21.19 66.68
C ALA B 24 7.94 -21.10 67.34
N LEU B 25 8.15 -20.04 68.12
CA LEU B 25 9.42 -19.85 68.82
C LEU B 25 9.59 -21.01 69.78
N GLU B 26 8.51 -21.38 70.44
CA GLU B 26 8.53 -22.50 71.37
C GLU B 26 8.97 -23.75 70.60
N SER B 27 8.42 -23.90 69.41
CA SER B 27 8.75 -25.03 68.56
C SER B 27 10.25 -25.07 68.29
N ILE B 28 10.80 -23.91 67.92
CA ILE B 28 12.22 -23.77 67.62
C ILE B 28 13.14 -24.17 68.76
N SER B 29 12.75 -23.86 69.99
CA SER B 29 13.55 -24.17 71.16
C SER B 29 13.82 -25.65 71.40
N HIS B 30 13.27 -26.52 70.55
CA HIS B 30 13.46 -27.97 70.67
C HIS B 30 14.36 -28.46 69.54
N ALA B 31 14.70 -27.54 68.64
CA ALA B 31 15.55 -27.85 67.48
C ALA B 31 17.04 -27.89 67.85
N GLY B 32 17.81 -28.62 67.05
CA GLY B 32 19.24 -28.71 67.29
C GLY B 32 19.82 -27.32 67.43
N THR B 33 20.82 -27.15 68.28
CA THR B 33 21.41 -25.83 68.47
C THR B 33 22.42 -25.45 67.39
N ALA B 34 22.33 -24.20 66.96
CA ALA B 34 23.25 -23.68 65.95
C ALA B 34 23.90 -22.44 66.53
N ILE B 35 25.20 -22.32 66.28
CA ILE B 35 25.95 -21.19 66.80
C ILE B 35 26.71 -20.46 65.71
N GLY B 36 26.80 -19.16 65.90
CA GLY B 36 27.50 -18.32 64.95
C GLY B 36 28.40 -17.39 65.75
N ILE B 37 29.69 -17.42 65.43
CA ILE B 37 30.67 -16.57 66.10
C ILE B 37 31.50 -15.87 65.03
N MET B 38 31.63 -14.56 65.18
CA MET B 38 32.35 -13.76 64.22
C MET B 38 33.66 -13.23 64.77
N ALA B 39 34.75 -13.51 64.04
CA ALA B 39 36.08 -13.07 64.42
C ALA B 39 36.55 -11.96 63.48
N SER B 40 37.72 -11.39 63.76
CA SER B 40 38.25 -10.32 62.93
C SER B 40 38.57 -10.79 61.50
N ASP B 41 38.89 -12.06 61.36
CA ASP B 41 39.24 -12.62 60.05
C ASP B 41 38.29 -13.70 59.51
N GLY B 42 37.06 -13.74 60.00
CA GLY B 42 36.13 -14.74 59.50
C GLY B 42 34.93 -15.03 60.39
N ILE B 43 33.99 -15.83 59.88
CA ILE B 43 32.79 -16.18 60.64
C ILE B 43 32.77 -17.69 60.77
N VAL B 44 32.21 -18.18 61.87
CA VAL B 44 32.11 -19.62 62.11
C VAL B 44 30.67 -20.03 62.39
N LEU B 45 30.20 -21.02 61.65
CA LEU B 45 28.86 -21.55 61.84
C LEU B 45 28.97 -23.03 62.20
N ALA B 46 28.32 -23.40 63.30
CA ALA B 46 28.35 -24.77 63.76
C ALA B 46 26.97 -25.11 64.31
N ALA B 47 26.47 -26.29 63.95
CA ALA B 47 25.15 -26.71 64.42
C ALA B 47 25.15 -28.17 64.83
N GLU B 48 24.26 -28.49 65.76
CA GLU B 48 24.12 -29.84 66.27
C GLU B 48 22.94 -30.51 65.62
N ARG B 49 23.16 -31.67 65.01
CA ARG B 49 22.08 -32.43 64.38
C ARG B 49 21.28 -33.06 65.50
N LYS B 50 19.98 -32.79 65.54
CA LYS B 50 19.12 -33.34 66.57
C LYS B 50 18.78 -34.78 66.20
N VAL B 51 18.97 -35.69 67.16
CA VAL B 51 18.71 -37.12 66.99
C VAL B 51 19.34 -37.74 65.73
N THR B 52 19.97 -38.90 65.88
CA THR B 52 20.57 -39.57 64.75
C THR B 52 20.46 -41.08 64.89
N SER B 53 20.96 -41.79 63.88
CA SER B 53 20.94 -43.25 63.86
C SER B 53 22.26 -43.75 63.29
N THR B 54 22.51 -45.06 63.44
CA THR B 54 23.74 -45.64 62.93
C THR B 54 23.71 -45.72 61.41
N LEU B 55 22.52 -45.98 60.85
CA LEU B 55 22.35 -46.10 59.40
C LEU B 55 22.16 -44.77 58.68
N LEU B 56 21.92 -43.70 59.42
CA LEU B 56 21.74 -42.40 58.81
C LEU B 56 23.02 -42.06 58.04
N GLU B 57 22.87 -41.63 56.80
CA GLU B 57 24.00 -41.26 55.95
C GLU B 57 24.48 -39.86 56.31
N GLN B 58 25.73 -39.71 56.71
CA GLN B 58 26.23 -38.40 57.11
C GLN B 58 27.05 -37.68 56.03
N ASP B 59 27.43 -38.40 54.98
CA ASP B 59 28.20 -37.80 53.88
C ASP B 59 27.28 -37.02 52.95
N THR B 60 26.21 -37.68 52.52
CA THR B 60 25.22 -37.09 51.63
C THR B 60 24.26 -36.19 52.40
N SER B 61 24.74 -35.57 53.47
CA SER B 61 23.89 -34.70 54.28
C SER B 61 24.33 -33.24 54.34
N THR B 62 23.40 -32.40 54.81
CA THR B 62 23.55 -30.96 54.96
C THR B 62 22.16 -30.48 55.36
N GLU B 63 21.75 -30.82 56.58
CA GLU B 63 20.42 -30.45 57.08
C GLU B 63 20.30 -29.10 57.81
N LYS B 64 21.43 -28.52 58.21
CA LYS B 64 21.36 -27.27 58.95
C LYS B 64 22.21 -26.11 58.40
N LEU B 65 23.19 -26.43 57.58
CA LEU B 65 24.04 -25.41 57.01
C LEU B 65 23.82 -25.30 55.51
N TYR B 66 23.27 -24.17 55.08
CA TYR B 66 23.00 -23.96 53.67
C TYR B 66 23.72 -22.76 53.11
N LYS B 67 24.14 -22.91 51.85
CA LYS B 67 24.84 -21.88 51.15
C LYS B 67 23.82 -21.06 50.35
N LEU B 68 23.67 -19.77 50.68
CA LEU B 68 22.73 -18.90 49.97
C LEU B 68 23.37 -18.23 48.77
N ASN B 69 24.59 -17.78 48.97
CA ASN B 69 25.34 -17.04 47.97
C ASN B 69 26.76 -17.57 48.00
N ASP B 70 27.68 -16.88 47.34
CA ASP B 70 29.06 -17.31 47.36
C ASP B 70 29.73 -16.71 48.58
N LYS B 71 29.08 -15.70 49.14
CA LYS B 71 29.60 -15.00 50.29
C LYS B 71 28.66 -15.08 51.47
N ILE B 72 27.50 -15.70 51.28
CA ILE B 72 26.56 -15.79 52.38
C ILE B 72 26.07 -17.20 52.62
N ALA B 73 25.97 -17.58 53.89
CA ALA B 73 25.52 -18.90 54.28
C ALA B 73 24.64 -18.75 55.51
N VAL B 74 23.84 -19.77 55.78
CA VAL B 74 22.95 -19.73 56.94
C VAL B 74 22.90 -21.02 57.70
N ALA B 75 22.58 -20.93 58.98
CA ALA B 75 22.44 -22.09 59.83
C ALA B 75 20.97 -22.09 60.22
N VAL B 76 20.31 -23.23 60.12
CA VAL B 76 18.88 -23.33 60.42
C VAL B 76 18.53 -23.97 61.77
N ALA B 77 17.41 -23.54 62.33
CA ALA B 77 16.91 -24.08 63.58
C ALA B 77 15.39 -24.14 63.45
N GLY B 78 14.85 -25.34 63.29
CA GLY B 78 13.41 -25.52 63.16
C GLY B 78 12.98 -26.49 62.07
N LEU B 79 11.79 -26.27 61.52
CA LEU B 79 11.26 -27.11 60.43
C LEU B 79 12.14 -26.99 59.20
N THR B 80 12.87 -28.05 58.88
CA THR B 80 13.76 -28.01 57.73
C THR B 80 13.01 -27.71 56.44
N ALA B 81 11.82 -28.31 56.31
CA ALA B 81 11.00 -28.13 55.12
C ALA B 81 10.69 -26.63 54.91
N ASP B 82 10.25 -25.96 55.97
CA ASP B 82 9.95 -24.52 55.89
C ASP B 82 11.24 -23.81 55.51
N ALA B 83 12.29 -24.12 56.27
CA ALA B 83 13.59 -23.52 56.05
C ALA B 83 13.96 -23.56 54.57
N GLU B 84 13.81 -24.72 53.94
CA GLU B 84 14.16 -24.84 52.53
C GLU B 84 13.39 -23.90 51.64
N ILE B 85 12.11 -23.69 51.93
CA ILE B 85 11.28 -22.78 51.13
C ILE B 85 11.86 -21.37 51.17
N LEU B 86 12.16 -20.88 52.37
CA LEU B 86 12.70 -19.55 52.52
C LEU B 86 14.09 -19.44 51.91
N ILE B 87 14.89 -20.49 52.12
CA ILE B 87 16.25 -20.52 51.59
C ILE B 87 16.24 -20.34 50.08
N ASN B 88 15.37 -21.08 49.41
CA ASN B 88 15.31 -20.97 47.98
C ASN B 88 14.89 -19.59 47.49
N THR B 89 13.94 -18.96 48.16
CA THR B 89 13.52 -17.63 47.74
C THR B 89 14.69 -16.69 47.99
N ALA B 90 15.45 -16.96 49.04
CA ALA B 90 16.60 -16.14 49.40
C ALA B 90 17.66 -16.22 48.31
N ARG B 91 17.94 -17.42 47.83
CA ARG B 91 18.93 -17.62 46.77
C ARG B 91 18.51 -16.88 45.52
N ILE B 92 17.20 -16.69 45.34
CA ILE B 92 16.68 -15.99 44.17
C ILE B 92 16.92 -14.48 44.32
N HIS B 93 16.58 -13.94 45.48
CA HIS B 93 16.77 -12.53 45.71
C HIS B 93 18.23 -12.14 45.43
N ALA B 94 19.14 -13.00 45.87
CA ALA B 94 20.57 -12.77 45.68
C ALA B 94 20.93 -12.68 44.22
N GLN B 95 20.37 -13.58 43.43
CA GLN B 95 20.64 -13.59 42.01
C GLN B 95 19.99 -12.43 41.28
N ASN B 96 18.81 -12.00 41.72
CA ASN B 96 18.15 -10.85 41.07
C ASN B 96 18.98 -9.61 41.32
N TYR B 97 19.42 -9.44 42.57
CA TYR B 97 20.23 -8.29 42.92
C TYR B 97 21.44 -8.25 41.99
N LEU B 98 22.11 -9.41 41.86
CA LEU B 98 23.28 -9.48 41.00
C LEU B 98 22.93 -9.11 39.57
N LYS B 99 21.90 -9.73 39.01
CA LYS B 99 21.48 -9.43 37.65
C LYS B 99 21.10 -7.97 37.46
N THR B 100 20.58 -7.34 38.50
CA THR B 100 20.19 -5.95 38.39
C THR B 100 21.32 -4.95 38.53
N TYR B 101 22.25 -5.19 39.45
CA TYR B 101 23.34 -4.25 39.68
C TYR B 101 24.76 -4.73 39.38
N ASN B 102 24.92 -5.97 38.96
CA ASN B 102 26.25 -6.52 38.69
C ASN B 102 27.16 -6.38 39.90
N GLU B 103 26.59 -6.66 41.07
CA GLU B 103 27.30 -6.61 42.33
C GLU B 103 26.64 -7.64 43.23
N ASP B 104 27.37 -8.16 44.21
CA ASP B 104 26.78 -9.15 45.10
C ASP B 104 25.88 -8.48 46.14
N ILE B 105 24.74 -9.11 46.41
CA ILE B 105 23.78 -8.58 47.36
C ILE B 105 24.37 -8.33 48.75
N PRO B 106 24.29 -7.09 49.25
CA PRO B 106 24.81 -6.79 50.58
C PRO B 106 24.08 -7.65 51.61
N VAL B 107 24.83 -8.31 52.49
CA VAL B 107 24.25 -9.19 53.47
C VAL B 107 22.98 -8.69 54.13
N GLU B 108 22.98 -7.46 54.64
CA GLU B 108 21.76 -6.98 55.30
C GLU B 108 20.54 -6.91 54.40
N ILE B 109 20.73 -6.50 53.14
CA ILE B 109 19.60 -6.41 52.21
C ILE B 109 18.93 -7.76 52.08
N LEU B 110 19.73 -8.80 51.88
CA LEU B 110 19.21 -10.14 51.75
C LEU B 110 18.50 -10.56 53.03
N VAL B 111 19.14 -10.33 54.18
CA VAL B 111 18.52 -10.71 55.45
C VAL B 111 17.19 -9.99 55.64
N ARG B 112 17.13 -8.70 55.34
CA ARG B 112 15.89 -7.95 55.50
C ARG B 112 14.77 -8.52 54.63
N ARG B 113 15.07 -8.76 53.36
CA ARG B 113 14.11 -9.32 52.42
C ARG B 113 13.43 -10.53 53.03
N LEU B 114 14.24 -11.49 53.48
CA LEU B 114 13.71 -12.70 54.08
C LEU B 114 12.90 -12.43 55.33
N SER B 115 13.38 -11.52 56.17
CA SER B 115 12.66 -11.20 57.40
C SER B 115 11.29 -10.61 57.09
N ASP B 116 11.20 -9.83 56.03
CA ASP B 116 9.96 -9.21 55.63
C ASP B 116 8.98 -10.28 55.16
N ILE B 117 9.48 -11.25 54.38
CA ILE B 117 8.64 -12.34 53.93
C ILE B 117 8.04 -13.01 55.15
N LYS B 118 8.87 -13.28 56.15
CA LYS B 118 8.38 -13.90 57.38
C LYS B 118 7.35 -13.00 58.06
N GLN B 119 7.70 -11.72 58.22
CA GLN B 119 6.81 -10.77 58.88
C GLN B 119 5.45 -10.75 58.20
N GLY B 120 5.44 -10.99 56.89
CA GLY B 120 4.18 -10.99 56.16
C GLY B 120 3.18 -12.00 56.71
N TYR B 121 3.61 -13.27 56.79
CA TYR B 121 2.79 -14.36 57.30
C TYR B 121 2.32 -14.07 58.72
N THR B 122 2.79 -12.96 59.28
CA THR B 122 2.46 -12.54 60.63
C THR B 122 1.28 -11.59 60.64
N GLN B 123 1.18 -10.77 59.61
CA GLN B 123 0.14 -9.77 59.57
C GLN B 123 -1.03 -9.99 58.64
N HIS B 124 -0.96 -11.00 57.78
CA HIS B 124 -2.07 -11.27 56.89
C HIS B 124 -2.01 -12.61 56.14
N GLY B 125 -3.17 -13.09 55.70
CA GLY B 125 -3.22 -14.33 54.97
C GLY B 125 -3.69 -15.55 55.74
N GLY B 126 -3.90 -15.39 57.04
CA GLY B 126 -4.35 -16.50 57.85
C GLY B 126 -3.61 -17.83 57.75
N LEU B 127 -2.32 -17.80 57.41
CA LEU B 127 -1.51 -19.01 57.31
C LEU B 127 -0.58 -19.07 58.51
N ARG B 128 -0.09 -20.26 58.85
CA ARG B 128 0.82 -20.38 59.99
C ARG B 128 2.18 -19.82 59.62
N PRO B 129 2.90 -19.25 60.60
CA PRO B 129 4.22 -18.68 60.37
C PRO B 129 5.20 -19.80 60.07
N PHE B 130 6.36 -19.47 59.52
CA PHE B 130 7.36 -20.50 59.25
C PHE B 130 8.08 -20.80 60.56
N GLY B 131 8.05 -22.07 60.98
CA GLY B 131 8.71 -22.43 62.22
C GLY B 131 10.21 -22.49 62.02
N VAL B 132 10.81 -21.37 61.65
CA VAL B 132 12.24 -21.34 61.41
C VAL B 132 12.95 -20.11 61.95
N SER B 133 14.22 -20.29 62.33
CA SER B 133 15.07 -19.23 62.81
C SER B 133 16.40 -19.40 62.10
N PHE B 134 16.95 -18.31 61.61
CA PHE B 134 18.21 -18.36 60.87
C PHE B 134 19.35 -17.59 61.50
N ILE B 135 20.56 -18.09 61.27
CA ILE B 135 21.78 -17.42 61.69
C ILE B 135 22.45 -17.20 60.33
N TYR B 136 22.61 -15.94 59.92
CA TYR B 136 23.23 -15.66 58.62
C TYR B 136 24.67 -15.22 58.84
N ALA B 137 25.55 -15.74 58.00
CA ALA B 137 26.98 -15.40 58.06
C ALA B 137 27.44 -15.05 56.65
N GLY B 138 27.86 -13.81 56.45
CA GLY B 138 28.30 -13.42 55.13
C GLY B 138 29.30 -12.30 55.16
N TYR B 139 29.73 -11.89 53.98
CA TYR B 139 30.70 -10.82 53.84
C TYR B 139 30.43 -9.95 52.63
N ASP B 140 30.60 -8.64 52.78
CA ASP B 140 30.43 -7.72 51.68
C ASP B 140 31.40 -6.57 51.88
N ASP B 141 31.71 -5.85 50.80
CA ASP B 141 32.67 -4.75 50.86
C ASP B 141 32.21 -3.48 51.60
N ARG B 142 31.16 -3.57 52.40
CA ARG B 142 30.72 -2.38 53.11
C ARG B 142 30.78 -2.53 54.62
N TYR B 143 30.72 -3.76 55.09
CA TYR B 143 30.77 -4.03 56.52
C TYR B 143 31.65 -5.26 56.78
N GLY B 144 32.15 -5.85 55.71
CA GLY B 144 32.98 -7.03 55.85
C GLY B 144 32.19 -8.20 56.41
N TYR B 145 32.69 -8.78 57.49
CA TYR B 145 32.04 -9.91 58.11
C TYR B 145 30.86 -9.49 58.95
N GLN B 146 29.73 -10.14 58.71
CA GLN B 146 28.51 -9.85 59.46
C GLN B 146 27.84 -11.13 59.90
N LEU B 147 27.10 -11.05 60.99
CA LEU B 147 26.39 -12.19 61.53
C LEU B 147 24.99 -11.68 61.87
N TYR B 148 23.96 -12.39 61.41
CA TYR B 148 22.59 -11.98 61.68
C TYR B 148 21.70 -13.10 62.17
N THR B 149 20.57 -12.73 62.73
CA THR B 149 19.61 -13.69 63.24
C THR B 149 18.18 -13.25 62.95
N SER B 150 17.37 -14.16 62.42
CA SER B 150 15.96 -13.84 62.15
C SER B 150 15.10 -14.99 62.66
N ASN B 151 13.97 -14.64 63.25
CA ASN B 151 13.07 -15.64 63.80
C ASN B 151 11.69 -15.55 63.15
N PRO B 152 10.74 -16.39 63.60
CA PRO B 152 9.39 -16.38 63.03
C PRO B 152 8.63 -15.04 63.04
N SER B 153 9.03 -14.13 63.92
CA SER B 153 8.35 -12.84 64.02
C SER B 153 8.70 -11.90 62.88
N GLY B 154 9.75 -12.24 62.14
CA GLY B 154 10.16 -11.39 61.04
C GLY B 154 11.15 -10.33 61.51
N ASN B 155 11.56 -10.45 62.77
CA ASN B 155 12.50 -9.51 63.35
C ASN B 155 13.90 -10.06 63.14
N TYR B 156 14.88 -9.18 62.94
CA TYR B 156 16.27 -9.62 62.74
C TYR B 156 17.26 -8.70 63.44
N THR B 157 18.41 -9.24 63.79
CA THR B 157 19.46 -8.47 64.46
C THR B 157 20.88 -8.91 64.14
N GLY B 158 21.85 -8.09 64.54
CA GLY B 158 23.24 -8.40 64.27
C GLY B 158 24.01 -8.79 65.51
N TRP B 159 24.97 -9.69 65.38
CA TRP B 159 25.73 -10.15 66.53
C TRP B 159 27.20 -10.35 66.27
N LYS B 160 27.93 -10.58 67.36
CA LYS B 160 29.36 -10.85 67.34
C LYS B 160 29.45 -12.37 67.45
N ALA B 161 28.49 -12.92 68.20
CA ALA B 161 28.35 -14.36 68.40
C ALA B 161 26.92 -14.57 68.90
N ILE B 162 26.25 -15.59 68.38
CA ILE B 162 24.87 -15.86 68.78
C ILE B 162 24.50 -17.32 68.56
N SER B 163 23.41 -17.74 69.19
CA SER B 163 22.94 -19.10 69.06
C SER B 163 21.41 -19.14 68.92
N VAL B 164 20.92 -20.13 68.20
CA VAL B 164 19.49 -20.31 67.99
C VAL B 164 19.23 -21.79 68.24
N GLY B 165 17.99 -22.13 68.56
CA GLY B 165 17.67 -23.52 68.82
C GLY B 165 17.44 -23.75 70.29
N ALA B 166 17.76 -24.96 70.75
CA ALA B 166 17.59 -25.32 72.16
C ALA B 166 18.74 -24.83 73.03
N ASN B 167 18.42 -24.52 74.27
CA ASN B 167 19.43 -24.06 75.23
C ASN B 167 20.19 -22.83 74.77
N THR B 168 19.51 -21.92 74.08
CA THR B 168 20.17 -20.70 73.62
C THR B 168 20.55 -19.90 74.86
N SER B 169 19.72 -20.01 75.89
CA SER B 169 19.93 -19.30 77.14
C SER B 169 21.30 -19.62 77.75
N ALA B 170 21.58 -20.91 77.94
CA ALA B 170 22.84 -21.35 78.51
C ALA B 170 24.00 -21.01 77.57
N ALA B 171 23.84 -21.42 76.31
CA ALA B 171 24.86 -21.18 75.29
C ALA B 171 25.27 -19.73 75.13
N GLN B 172 24.30 -18.82 75.26
CA GLN B 172 24.59 -17.41 75.11
C GLN B 172 25.42 -16.88 76.28
N THR B 173 25.16 -17.40 77.48
CA THR B 173 25.91 -16.97 78.65
C THR B 173 27.36 -17.45 78.56
N LEU B 174 27.57 -18.66 78.03
CA LEU B 174 28.91 -19.21 77.87
C LEU B 174 29.65 -18.39 76.84
N LEU B 175 28.99 -18.05 75.75
CA LEU B 175 29.59 -17.26 74.68
C LEU B 175 29.92 -15.86 75.17
N GLN B 176 28.98 -15.27 75.88
CA GLN B 176 29.13 -13.93 76.43
C GLN B 176 30.21 -13.90 77.49
N MET B 177 30.82 -15.04 77.73
CA MET B 177 31.85 -15.17 78.75
C MET B 177 33.27 -15.26 78.19
N ASP B 178 33.49 -16.12 77.20
CA ASP B 178 34.82 -16.30 76.62
C ASP B 178 35.05 -15.61 75.28
N TYR B 179 34.14 -14.71 74.90
CA TYR B 179 34.26 -14.01 73.64
C TYR B 179 35.06 -12.72 73.82
N LYS B 180 35.98 -12.45 72.89
CA LYS B 180 36.76 -11.22 72.95
C LYS B 180 36.91 -10.63 71.54
N ASP B 181 36.65 -9.32 71.44
CA ASP B 181 36.69 -8.57 70.18
C ASP B 181 37.87 -8.77 69.24
N ASP B 182 38.99 -9.27 69.75
CA ASP B 182 40.15 -9.47 68.89
C ASP B 182 40.36 -10.95 68.54
N MET B 183 39.35 -11.77 68.79
CA MET B 183 39.44 -13.20 68.49
C MET B 183 39.94 -13.46 67.08
N LYS B 184 40.28 -14.72 66.84
CA LYS B 184 40.76 -15.11 65.53
C LYS B 184 39.94 -16.33 65.16
N VAL B 185 39.66 -16.49 63.88
CA VAL B 185 38.86 -17.60 63.38
C VAL B 185 38.99 -18.91 64.15
N ASP B 186 40.22 -19.35 64.35
CA ASP B 186 40.47 -20.62 65.01
C ASP B 186 40.12 -20.64 66.49
N ASP B 187 40.09 -19.46 67.10
CA ASP B 187 39.73 -19.34 68.51
C ASP B 187 38.23 -19.61 68.55
N ALA B 188 37.51 -18.97 67.63
CA ALA B 188 36.05 -19.09 67.53
C ALA B 188 35.65 -20.54 67.28
N ILE B 189 36.25 -21.14 66.25
CA ILE B 189 35.98 -22.52 65.91
C ILE B 189 36.02 -23.35 67.18
N GLU B 190 37.01 -23.05 68.02
CA GLU B 190 37.20 -23.75 69.27
C GLU B 190 36.12 -23.35 70.27
N LEU B 191 35.86 -22.05 70.40
CA LEU B 191 34.85 -21.57 71.33
C LEU B 191 33.51 -22.22 71.00
N ALA B 192 33.16 -22.17 69.71
CA ALA B 192 31.91 -22.76 69.23
C ALA B 192 31.78 -24.19 69.74
N LEU B 193 32.71 -25.04 69.34
CA LEU B 193 32.72 -26.44 69.75
C LEU B 193 32.52 -26.62 71.25
N LYS B 194 33.25 -25.85 72.05
CA LYS B 194 33.14 -25.94 73.50
C LYS B 194 31.70 -25.70 73.91
N THR B 195 31.14 -24.58 73.45
CA THR B 195 29.78 -24.19 73.79
C THR B 195 28.75 -25.27 73.46
N LEU B 196 28.76 -25.74 72.23
CA LEU B 196 27.81 -26.78 71.82
C LEU B 196 27.99 -27.97 72.75
N SER B 197 29.26 -28.28 73.02
CA SER B 197 29.66 -29.37 73.88
C SER B 197 29.09 -29.30 75.31
N LYS B 198 29.05 -28.10 75.88
CA LYS B 198 28.55 -27.93 77.24
C LYS B 198 27.03 -27.80 77.34
N THR B 199 26.36 -27.63 76.21
CA THR B 199 24.91 -27.46 76.22
C THR B 199 24.14 -28.55 75.50
N THR B 200 24.84 -29.55 74.97
CA THR B 200 24.21 -30.66 74.27
C THR B 200 23.34 -31.43 75.24
N ASP B 201 22.39 -32.18 74.71
CA ASP B 201 21.52 -32.98 75.55
C ASP B 201 21.95 -34.45 75.39
N SER B 202 23.05 -34.66 74.67
CA SER B 202 23.56 -36.00 74.41
C SER B 202 24.64 -36.42 75.38
N SER B 203 25.05 -37.68 75.25
CA SER B 203 26.09 -38.24 76.11
C SER B 203 27.38 -37.46 75.81
N ALA B 204 27.91 -37.68 74.61
CA ALA B 204 29.12 -37.00 74.18
C ALA B 204 28.79 -36.27 72.88
N LEU B 205 29.77 -35.50 72.40
CA LEU B 205 29.61 -34.76 71.17
C LEU B 205 30.54 -35.38 70.15
N THR B 206 29.98 -36.15 69.22
CA THR B 206 30.80 -36.81 68.19
C THR B 206 30.68 -36.10 66.84
N TYR B 207 31.62 -36.39 65.95
CA TYR B 207 31.67 -35.76 64.63
C TYR B 207 30.44 -35.97 63.76
N ASP B 208 29.82 -37.14 63.85
CA ASP B 208 28.65 -37.46 63.03
C ASP B 208 27.39 -36.65 63.36
N ARG B 209 27.39 -36.01 64.53
CA ARG B 209 26.25 -35.22 64.96
C ARG B 209 26.52 -33.72 64.81
N LEU B 210 27.44 -33.35 63.92
CA LEU B 210 27.78 -31.95 63.73
C LEU B 210 27.87 -31.45 62.30
N GLU B 211 27.80 -30.13 62.18
CA GLU B 211 27.91 -29.45 60.90
C GLU B 211 28.79 -28.25 61.20
N PHE B 212 29.75 -27.99 60.31
CA PHE B 212 30.66 -26.89 60.51
C PHE B 212 30.96 -26.14 59.24
N ALA B 213 30.96 -24.81 59.32
CA ALA B 213 31.24 -23.99 58.17
C ALA B 213 31.94 -22.72 58.58
N THR B 214 32.87 -22.28 57.75
CA THR B 214 33.61 -21.06 58.02
C THR B 214 33.76 -20.20 56.80
N ILE B 215 33.57 -18.92 56.98
CA ILE B 215 33.71 -17.96 55.91
C ILE B 215 34.96 -17.18 56.23
N ARG B 216 36.07 -17.62 55.65
CA ARG B 216 37.35 -16.96 55.88
C ARG B 216 37.75 -16.24 54.61
N LYS B 217 38.75 -15.36 54.73
CA LYS B 217 39.23 -14.60 53.57
C LYS B 217 40.67 -15.00 53.30
N GLY B 218 40.90 -16.31 53.15
CA GLY B 218 42.23 -16.84 52.90
C GLY B 218 43.29 -15.83 52.48
N ALA B 219 44.16 -15.45 53.42
CA ALA B 219 45.22 -14.47 53.17
C ALA B 219 45.91 -14.69 51.82
N ASN B 220 45.92 -15.94 51.36
CA ASN B 220 46.52 -16.33 50.08
C ASN B 220 45.46 -16.24 48.98
N ASP B 221 45.13 -15.01 48.58
CA ASP B 221 44.12 -14.76 47.55
C ASP B 221 43.73 -13.27 47.51
N GLY B 222 42.92 -12.84 48.48
CA GLY B 222 42.47 -11.46 48.52
C GLY B 222 40.95 -11.38 48.40
N GLU B 223 40.33 -12.55 48.27
CA GLU B 223 38.87 -12.68 48.14
C GLU B 223 38.28 -13.46 49.33
N VAL B 224 37.00 -13.80 49.27
CA VAL B 224 36.34 -14.54 50.35
C VAL B 224 36.04 -15.99 49.98
N TYR B 225 36.12 -16.88 50.98
CA TYR B 225 35.87 -18.30 50.73
C TYR B 225 34.99 -18.97 51.78
N GLN B 226 34.01 -19.74 51.30
CA GLN B 226 33.08 -20.47 52.18
C GLN B 226 33.46 -21.93 52.22
N LYS B 227 33.60 -22.46 53.42
CA LYS B 227 33.97 -23.86 53.57
C LYS B 227 33.00 -24.58 54.48
N ILE B 228 32.33 -25.59 53.95
CA ILE B 228 31.38 -26.37 54.76
C ILE B 228 32.12 -27.66 55.06
N PHE B 229 32.72 -27.75 56.24
CA PHE B 229 33.50 -28.91 56.65
C PHE B 229 32.85 -30.25 56.36
N LYS B 230 33.64 -31.17 55.84
CA LYS B 230 33.18 -32.51 55.49
C LYS B 230 33.34 -33.45 56.71
N PRO B 231 32.55 -34.55 56.74
CA PRO B 231 32.60 -35.51 57.85
C PRO B 231 34.00 -35.69 58.43
N GLN B 232 34.97 -35.86 57.55
CA GLN B 232 36.37 -36.05 57.98
C GLN B 232 36.92 -34.81 58.67
N GLU B 233 36.86 -33.68 57.98
CA GLU B 233 37.37 -32.42 58.51
C GLU B 233 36.78 -32.08 59.88
N ILE B 234 35.58 -32.58 60.15
CA ILE B 234 34.92 -32.32 61.43
C ILE B 234 35.53 -33.21 62.50
N LYS B 235 35.80 -34.45 62.12
CA LYS B 235 36.41 -35.44 63.02
C LYS B 235 37.75 -34.90 63.51
N ASP B 236 38.53 -34.34 62.59
CA ASP B 236 39.84 -33.77 62.89
C ASP B 236 39.75 -32.63 63.89
N ILE B 237 39.18 -31.51 63.45
CA ILE B 237 39.03 -30.33 64.30
C ILE B 237 38.36 -30.67 65.63
N LEU B 238 37.85 -31.89 65.76
CA LEU B 238 37.19 -32.30 66.99
C LEU B 238 38.21 -32.91 67.96
N VAL B 239 39.26 -33.52 67.40
CA VAL B 239 40.33 -34.12 68.19
C VAL B 239 41.34 -33.04 68.58
N LYS B 240 41.69 -32.22 67.60
CA LYS B 240 42.64 -31.13 67.80
C LYS B 240 42.26 -30.28 69.02
N THR B 241 41.09 -29.66 68.99
CA THR B 241 40.63 -28.82 70.10
C THR B 241 40.49 -29.61 71.40
N GLY B 242 40.77 -30.90 71.35
CA GLY B 242 40.71 -31.74 72.53
C GLY B 242 39.34 -32.18 73.04
N ILE B 243 38.75 -33.15 72.35
CA ILE B 243 37.47 -33.72 72.73
C ILE B 243 37.47 -35.15 72.19
N THR B 244 38.56 -35.49 71.49
CA THR B 244 38.76 -36.80 70.86
C THR B 244 37.51 -37.18 70.08
N GLY C 1 -7.41 -14.04 49.08
CA GLY C 1 -8.56 -14.92 49.38
C GLY C 1 -9.02 -14.87 50.82
N TYR C 2 -8.10 -14.56 51.74
CA TYR C 2 -8.43 -14.49 53.16
C TYR C 2 -8.91 -13.10 53.53
N ASP C 3 -10.16 -13.00 54.02
CA ASP C 3 -10.70 -11.69 54.39
C ASP C 3 -11.38 -11.64 55.77
N ARG C 4 -11.38 -12.74 56.51
CA ARG C 4 -11.98 -12.79 57.84
C ARG C 4 -11.80 -11.46 58.54
N ALA C 5 -12.89 -10.90 59.07
CA ALA C 5 -12.82 -9.62 59.78
C ALA C 5 -12.22 -9.87 61.16
N LEU C 6 -10.98 -9.43 61.35
CA LEU C 6 -10.29 -9.63 62.61
C LEU C 6 -10.49 -8.45 63.53
N SER C 7 -10.52 -7.24 62.98
CA SER C 7 -10.75 -6.05 63.78
C SER C 7 -12.21 -5.66 63.68
N ILE C 8 -12.98 -5.97 64.73
CA ILE C 8 -14.41 -5.65 64.76
C ILE C 8 -14.80 -5.06 66.10
N PHE C 9 -15.98 -4.44 66.17
CA PHE C 9 -16.47 -3.84 67.40
C PHE C 9 -16.95 -4.91 68.38
N SER C 10 -16.87 -4.61 69.66
CA SER C 10 -17.34 -5.52 70.71
C SER C 10 -18.54 -4.81 71.35
N PRO C 11 -19.30 -5.51 72.20
CA PRO C 11 -20.48 -4.92 72.85
C PRO C 11 -20.32 -3.53 73.46
N ASP C 12 -19.17 -3.25 74.07
CA ASP C 12 -18.94 -1.94 74.69
C ASP C 12 -18.39 -0.88 73.74
N GLY C 13 -18.28 -1.23 72.46
CA GLY C 13 -17.79 -0.28 71.46
C GLY C 13 -16.28 -0.20 71.30
N HIS C 14 -15.58 -1.28 71.63
CA HIS C 14 -14.13 -1.30 71.49
C HIS C 14 -13.71 -2.25 70.38
N ILE C 15 -12.55 -1.99 69.79
CA ILE C 15 -12.04 -2.86 68.74
C ILE C 15 -10.80 -3.53 69.32
N PHE C 16 -11.03 -4.56 70.12
CA PHE C 16 -9.95 -5.27 70.81
C PHE C 16 -8.65 -5.51 70.07
N GLN C 17 -8.70 -5.77 68.78
CA GLN C 17 -7.44 -5.98 68.06
C GLN C 17 -6.60 -4.72 68.07
N VAL C 18 -7.24 -3.55 67.92
CA VAL C 18 -6.49 -2.31 67.94
C VAL C 18 -6.03 -2.07 69.37
N GLU C 19 -6.90 -2.43 70.32
CA GLU C 19 -6.62 -2.29 71.73
C GLU C 19 -5.36 -3.08 72.09
N TYR C 20 -5.35 -4.34 71.70
CA TYR C 20 -4.23 -5.22 71.96
C TYR C 20 -2.99 -4.78 71.18
N ALA C 21 -3.21 -4.17 70.01
CA ALA C 21 -2.09 -3.71 69.20
C ALA C 21 -1.35 -2.67 70.04
N LEU C 22 -2.12 -1.91 70.81
CA LEU C 22 -1.56 -0.88 71.68
C LEU C 22 -0.74 -1.49 72.81
N GLU C 23 -1.17 -2.65 73.31
CA GLU C 23 -0.48 -3.34 74.39
C GLU C 23 0.91 -3.74 73.93
N ALA C 24 1.05 -3.95 72.62
CA ALA C 24 2.32 -4.33 72.05
C ALA C 24 3.26 -3.15 72.13
N VAL C 25 2.72 -1.94 71.93
CA VAL C 25 3.53 -0.74 72.00
C VAL C 25 4.05 -0.57 73.42
N LYS C 26 3.16 -0.73 74.40
CA LYS C 26 3.53 -0.62 75.81
C LYS C 26 4.73 -1.49 76.12
N ARG C 27 4.81 -2.65 75.47
CA ARG C 27 5.90 -3.59 75.67
C ARG C 27 7.20 -3.18 74.96
N GLY C 28 7.07 -2.51 73.82
CA GLY C 28 8.24 -2.09 73.10
C GLY C 28 9.11 -1.16 73.90
N THR C 29 10.38 -1.03 73.52
CA THR C 29 11.31 -0.14 74.22
C THR C 29 10.75 1.28 74.18
N CYS C 30 11.22 2.11 75.11
CA CYS C 30 10.75 3.48 75.19
C CYS C 30 11.43 4.39 74.16
N ALA C 31 10.66 5.36 73.69
CA ALA C 31 11.13 6.34 72.73
C ALA C 31 10.59 7.70 73.15
N VAL C 32 11.36 8.75 72.94
CA VAL C 32 10.90 10.08 73.30
C VAL C 32 11.39 11.10 72.29
N GLY C 33 10.72 12.25 72.27
CA GLY C 33 11.09 13.31 71.36
C GLY C 33 10.67 14.63 71.98
N VAL C 34 11.53 15.62 71.88
CA VAL C 34 11.24 16.94 72.42
C VAL C 34 11.70 17.93 71.38
N LYS C 35 10.91 18.96 71.14
CA LYS C 35 11.28 19.96 70.15
C LYS C 35 11.81 21.23 70.78
N GLY C 36 12.94 21.71 70.25
CA GLY C 36 13.56 22.93 70.73
C GLY C 36 12.96 24.16 70.05
N LYS C 37 13.80 25.14 69.77
CA LYS C 37 13.33 26.36 69.12
C LYS C 37 13.85 26.39 67.69
N ASN C 38 14.83 25.53 67.43
CA ASN C 38 15.44 25.46 66.12
C ASN C 38 15.94 24.04 65.89
N CYS C 39 15.26 23.08 66.52
CA CYS C 39 15.64 21.69 66.36
C CYS C 39 14.66 20.77 67.08
N VAL C 40 14.78 19.48 66.80
CA VAL C 40 13.94 18.46 67.41
C VAL C 40 14.90 17.34 67.76
N VAL C 41 14.71 16.74 68.93
CA VAL C 41 15.59 15.65 69.34
C VAL C 41 14.82 14.38 69.64
N LEU C 42 15.37 13.24 69.23
CA LEU C 42 14.73 11.96 69.44
C LEU C 42 15.60 11.00 70.23
N GLY C 43 15.11 10.58 71.40
CA GLY C 43 15.85 9.65 72.23
C GLY C 43 15.14 8.32 72.32
N CYS C 44 15.91 7.24 72.45
CA CYS C 44 15.33 5.89 72.54
C CYS C 44 16.20 5.05 73.45
N GLU C 45 15.63 4.00 74.03
CA GLU C 45 16.41 3.13 74.91
C GLU C 45 16.76 1.79 74.27
N ARG C 46 17.98 1.32 74.45
CA ARG C 46 18.41 0.03 73.90
C ARG C 46 18.20 -1.02 74.99
N ARG C 47 17.61 -2.15 74.62
CA ARG C 47 17.36 -3.21 75.59
C ARG C 47 18.68 -3.75 76.16
N SER C 48 18.57 -4.70 77.09
CA SER C 48 19.74 -5.32 77.71
C SER C 48 19.46 -6.77 78.14
N THR C 49 18.31 -7.30 77.73
CA THR C 49 17.92 -8.69 78.05
C THR C 49 19.02 -9.60 77.48
N LEU C 50 19.53 -9.24 76.30
CA LEU C 50 20.59 -9.97 75.59
C LEU C 50 21.63 -8.92 75.15
N LYS C 51 22.90 -9.23 75.37
CA LYS C 51 23.97 -8.32 74.98
C LYS C 51 25.14 -9.15 74.44
N LEU C 52 25.70 -8.69 73.33
CA LEU C 52 26.82 -9.32 72.64
C LEU C 52 26.54 -9.06 71.16
N GLN C 53 25.72 -8.04 70.95
CA GLN C 53 25.30 -7.60 69.62
C GLN C 53 26.40 -6.96 68.82
N ASP C 54 26.03 -6.51 67.63
CA ASP C 54 26.96 -5.85 66.72
C ASP C 54 26.29 -4.56 66.27
N THR C 55 26.25 -3.58 67.17
CA THR C 55 25.61 -2.29 66.89
C THR C 55 25.88 -1.66 65.51
N ARG C 56 27.03 -1.99 64.91
CA ARG C 56 27.36 -1.45 63.59
C ARG C 56 26.23 -1.73 62.61
N ILE C 57 26.00 -3.01 62.37
CA ILE C 57 24.97 -3.45 61.43
C ILE C 57 23.53 -3.63 61.93
N THR C 58 23.34 -3.92 63.22
CA THR C 58 21.97 -4.09 63.75
C THR C 58 21.12 -2.85 63.48
N PRO C 59 19.86 -3.05 63.05
CA PRO C 59 18.97 -1.93 62.76
C PRO C 59 18.86 -0.93 63.92
N SER C 60 19.07 0.35 63.61
CA SER C 60 18.98 1.41 64.63
C SER C 60 17.50 1.78 64.83
N LYS C 61 17.19 2.47 65.93
CA LYS C 61 15.81 2.82 66.23
C LYS C 61 15.24 4.06 65.56
N VAL C 62 16.09 4.95 65.06
CA VAL C 62 15.60 6.15 64.37
C VAL C 62 15.90 6.03 62.88
N SER C 63 14.86 6.10 62.06
CA SER C 63 15.01 5.99 60.61
C SER C 63 14.76 7.29 59.85
N LYS C 64 15.46 7.44 58.73
CA LYS C 64 15.28 8.61 57.87
C LYS C 64 14.26 8.24 56.82
N ILE C 65 13.19 9.01 56.72
CA ILE C 65 12.19 8.72 55.71
C ILE C 65 12.65 9.50 54.47
N ASP C 66 13.37 10.58 54.72
CA ASP C 66 13.91 11.41 53.66
C ASP C 66 14.95 12.32 54.34
N SER C 67 15.81 12.95 53.55
CA SER C 67 16.87 13.80 54.07
C SER C 67 16.49 14.80 55.15
N HIS C 68 15.20 15.15 55.25
CA HIS C 68 14.77 16.15 56.24
C HIS C 68 13.79 15.65 57.29
N VAL C 69 13.44 14.37 57.26
CA VAL C 69 12.49 13.84 58.23
C VAL C 69 12.88 12.47 58.75
N VAL C 70 12.76 12.30 60.06
CA VAL C 70 13.09 11.03 60.68
C VAL C 70 11.86 10.45 61.38
N LEU C 71 11.93 9.15 61.65
CA LEU C 71 10.84 8.44 62.30
C LEU C 71 11.36 7.39 63.28
N SER C 72 10.86 7.45 64.52
CA SER C 72 11.24 6.47 65.54
C SER C 72 9.92 5.82 65.95
N PHE C 73 10.00 4.69 66.66
CA PHE C 73 8.79 3.96 67.03
C PHE C 73 8.95 3.07 68.28
N SER C 74 7.83 2.49 68.72
CA SER C 74 7.80 1.58 69.85
C SER C 74 6.85 0.45 69.53
N GLY C 75 7.29 -0.77 69.76
CA GLY C 75 6.44 -1.92 69.48
C GLY C 75 7.17 -2.97 68.68
N LEU C 76 6.41 -3.72 67.90
CA LEU C 76 6.96 -4.79 67.08
C LEU C 76 7.89 -4.22 66.01
N ASN C 77 9.13 -4.66 66.03
CA ASN C 77 10.12 -4.20 65.05
C ASN C 77 9.74 -4.56 63.62
N ALA C 78 9.47 -5.84 63.40
CA ALA C 78 9.09 -6.30 62.06
C ALA C 78 8.03 -5.40 61.42
N ASP C 79 7.03 -4.98 62.20
CA ASP C 79 5.96 -4.12 61.69
C ASP C 79 6.50 -2.75 61.32
N SER C 80 7.28 -2.14 62.21
CA SER C 80 7.82 -0.82 61.94
C SER C 80 8.46 -0.77 60.55
N ARG C 81 9.18 -1.83 60.17
CA ARG C 81 9.84 -1.87 58.87
C ARG C 81 8.87 -1.63 57.73
N ILE C 82 7.77 -2.37 57.75
CA ILE C 82 6.75 -2.24 56.71
C ILE C 82 6.27 -0.79 56.58
N LEU C 83 6.10 -0.11 57.71
CA LEU C 83 5.67 1.29 57.66
C LEU C 83 6.80 2.17 57.18
N ILE C 84 7.97 2.00 57.76
CA ILE C 84 9.13 2.80 57.36
C ILE C 84 9.22 2.77 55.83
N GLU C 85 9.13 1.57 55.26
CA GLU C 85 9.23 1.41 53.82
C GLU C 85 8.19 2.16 53.02
N LYS C 86 6.92 2.00 53.38
CA LYS C 86 5.85 2.69 52.66
C LYS C 86 6.04 4.20 52.76
N ALA C 87 6.53 4.66 53.92
CA ALA C 87 6.76 6.06 54.15
C ALA C 87 7.83 6.59 53.21
N ARG C 88 8.95 5.88 53.14
CA ARG C 88 10.06 6.28 52.28
C ARG C 88 9.68 6.31 50.82
N VAL C 89 8.82 5.37 50.42
CA VAL C 89 8.36 5.32 49.04
C VAL C 89 7.41 6.49 48.79
N GLU C 90 6.48 6.71 49.72
CA GLU C 90 5.55 7.82 49.55
C GLU C 90 6.29 9.15 49.53
N ALA C 91 7.42 9.20 50.24
CA ALA C 91 8.23 10.41 50.30
C ALA C 91 8.82 10.72 48.94
N GLN C 92 9.34 9.70 48.27
CA GLN C 92 9.92 9.88 46.95
C GLN C 92 8.84 10.16 45.92
N SER C 93 7.73 9.44 46.00
CA SER C 93 6.61 9.62 45.08
C SER C 93 6.16 11.07 45.11
N HIS C 94 6.01 11.60 46.31
CA HIS C 94 5.59 12.97 46.51
C HIS C 94 6.53 13.96 45.83
N ARG C 95 7.84 13.76 45.96
CA ARG C 95 8.82 14.63 45.35
C ARG C 95 8.72 14.55 43.84
N LEU C 96 8.40 13.36 43.35
CA LEU C 96 8.30 13.11 41.91
C LEU C 96 7.09 13.75 41.26
N THR C 97 5.98 13.85 41.98
CA THR C 97 4.77 14.46 41.43
C THR C 97 4.57 15.93 41.80
N LEU C 98 4.69 16.28 43.07
CA LEU C 98 4.51 17.67 43.49
C LEU C 98 5.77 18.52 43.34
N GLU C 99 6.88 17.88 43.02
CA GLU C 99 8.17 18.55 42.86
C GLU C 99 8.59 19.35 44.09
N ASP C 100 8.54 18.71 45.25
CA ASP C 100 8.88 19.33 46.52
C ASP C 100 8.78 18.24 47.58
N PRO C 101 9.80 18.10 48.46
CA PRO C 101 9.70 17.06 49.49
C PRO C 101 8.48 17.19 50.38
N VAL C 102 8.11 16.11 51.07
CA VAL C 102 6.95 16.14 51.93
C VAL C 102 7.14 17.02 53.16
N THR C 103 6.03 17.47 53.73
CA THR C 103 6.05 18.26 54.95
C THR C 103 5.87 17.20 56.02
N VAL C 104 6.40 17.42 57.22
CA VAL C 104 6.26 16.41 58.26
C VAL C 104 4.82 16.01 58.56
N GLU C 105 3.92 16.98 58.52
CA GLU C 105 2.52 16.73 58.79
C GLU C 105 1.94 15.77 57.74
N TYR C 106 2.27 16.03 56.49
CA TYR C 106 1.81 15.19 55.38
C TYR C 106 2.33 13.78 55.52
N LEU C 107 3.63 13.64 55.69
CA LEU C 107 4.24 12.32 55.83
C LEU C 107 3.64 11.57 57.01
N THR C 108 3.30 12.32 58.06
CA THR C 108 2.69 11.71 59.24
C THR C 108 1.29 11.26 58.87
N ARG C 109 0.54 12.19 58.28
CA ARG C 109 -0.81 11.91 57.86
C ARG C 109 -0.87 10.65 56.99
N TYR C 110 0.12 10.46 56.12
CA TYR C 110 0.17 9.28 55.27
C TYR C 110 0.39 8.01 56.05
N VAL C 111 1.37 8.03 56.94
CA VAL C 111 1.68 6.85 57.77
C VAL C 111 0.49 6.47 58.63
N ALA C 112 -0.19 7.47 59.17
CA ALA C 112 -1.35 7.23 60.01
C ALA C 112 -2.47 6.58 59.21
N GLY C 113 -2.67 7.06 57.98
CA GLY C 113 -3.70 6.49 57.14
C GLY C 113 -3.46 5.02 56.88
N VAL C 114 -2.20 4.67 56.66
CA VAL C 114 -1.84 3.28 56.41
C VAL C 114 -2.22 2.47 57.63
N GLN C 115 -1.81 2.93 58.81
CA GLN C 115 -2.15 2.23 60.03
C GLN C 115 -3.64 2.07 60.18
N GLN C 116 -4.38 3.14 59.95
CA GLN C 116 -5.83 3.10 60.09
C GLN C 116 -6.47 2.08 59.15
N ARG C 117 -6.06 2.10 57.89
CA ARG C 117 -6.59 1.17 56.89
C ARG C 117 -6.50 -0.27 57.39
N TYR C 118 -5.38 -0.61 58.02
CA TYR C 118 -5.20 -1.97 58.55
C TYR C 118 -6.11 -2.29 59.75
N THR C 119 -6.91 -1.33 60.19
CA THR C 119 -7.80 -1.61 61.32
C THR C 119 -9.18 -1.99 60.81
N GLN C 120 -9.48 -1.65 59.55
CA GLN C 120 -10.77 -2.04 59.04
C GLN C 120 -10.73 -2.65 57.62
N SER C 121 -9.82 -3.60 57.45
CA SER C 121 -9.64 -4.35 56.21
C SER C 121 -9.60 -5.81 56.62
N GLY C 122 -10.14 -6.69 55.78
CA GLY C 122 -10.15 -8.10 56.14
C GLY C 122 -8.85 -8.84 55.96
N GLY C 123 -8.66 -9.87 56.79
CA GLY C 123 -7.46 -10.67 56.68
C GLY C 123 -6.18 -10.06 57.21
N VAL C 124 -6.27 -8.85 57.76
CA VAL C 124 -5.09 -8.19 58.30
C VAL C 124 -5.29 -7.76 59.74
N ARG C 125 -4.22 -7.76 60.53
CA ARG C 125 -4.29 -7.32 61.91
C ARG C 125 -3.62 -5.96 61.93
N PRO C 126 -3.96 -5.11 62.92
CA PRO C 126 -3.35 -3.78 63.01
C PRO C 126 -1.85 -3.83 63.26
N PHE C 127 -1.17 -2.71 63.03
CA PHE C 127 0.27 -2.63 63.28
C PHE C 127 0.52 -2.49 64.77
N GLY C 128 1.32 -3.39 65.35
CA GLY C 128 1.61 -3.25 66.77
C GLY C 128 2.70 -2.22 66.91
N VAL C 129 2.49 -1.05 66.31
CA VAL C 129 3.48 0.03 66.32
C VAL C 129 2.86 1.39 66.59
N SER C 130 3.66 2.27 67.18
CA SER C 130 3.24 3.64 67.44
C SER C 130 4.48 4.44 67.04
N THR C 131 4.31 5.61 66.44
CA THR C 131 5.50 6.33 66.01
C THR C 131 5.64 7.81 66.33
N LEU C 132 6.88 8.27 66.20
CA LEU C 132 7.22 9.66 66.40
C LEU C 132 7.88 10.05 65.11
N ILE C 133 7.37 11.11 64.50
CA ILE C 133 7.91 11.61 63.25
C ILE C 133 8.29 13.05 63.47
N ALA C 134 9.55 13.38 63.22
CA ALA C 134 10.02 14.73 63.42
C ALA C 134 10.87 15.19 62.25
N GLY C 135 10.90 16.50 62.05
CA GLY C 135 11.67 17.07 60.96
C GLY C 135 11.29 18.51 60.72
N PHE C 136 11.76 19.05 59.60
CA PHE C 136 11.47 20.44 59.23
C PHE C 136 10.93 20.52 57.82
N ASP C 137 9.75 21.12 57.65
CA ASP C 137 9.14 21.28 56.35
C ASP C 137 10.16 21.90 55.41
N PRO C 138 10.00 21.70 54.09
CA PRO C 138 10.95 22.28 53.14
C PRO C 138 10.98 23.80 53.26
N ARG C 139 12.19 24.36 53.27
CA ARG C 139 12.40 25.80 53.37
C ARG C 139 11.79 26.46 54.62
N ASP C 140 11.57 25.67 55.67
CA ASP C 140 11.01 26.19 56.91
C ASP C 140 12.00 25.94 58.02
N ASP C 141 11.93 26.76 59.07
CA ASP C 141 12.85 26.66 60.21
C ASP C 141 12.14 26.33 61.52
N GLU C 142 10.81 26.22 61.46
CA GLU C 142 10.03 25.89 62.64
C GLU C 142 9.97 24.37 62.78
N PRO C 143 10.42 23.83 63.93
CA PRO C 143 10.41 22.39 64.18
C PRO C 143 9.03 21.74 64.26
N LYS C 144 8.97 20.47 63.84
CA LYS C 144 7.73 19.68 63.83
C LYS C 144 7.94 18.34 64.50
N LEU C 145 7.00 17.94 65.36
CA LEU C 145 7.09 16.64 66.03
C LEU C 145 5.69 16.04 66.10
N TYR C 146 5.52 14.87 65.50
CA TYR C 146 4.23 14.20 65.48
C TYR C 146 4.29 12.80 66.05
N GLN C 147 3.11 12.26 66.36
CA GLN C 147 3.01 10.93 66.90
C GLN C 147 1.76 10.24 66.38
N THR C 148 1.91 8.97 66.02
CA THR C 148 0.79 8.19 65.50
C THR C 148 0.69 6.91 66.29
N GLU C 149 -0.46 6.24 66.19
CA GLU C 149 -0.69 4.98 66.87
C GLU C 149 -1.57 4.04 66.07
N PRO C 150 -1.58 2.76 66.42
CA PRO C 150 -2.39 1.77 65.72
C PRO C 150 -3.78 2.24 65.28
N SER C 151 -4.50 2.92 66.16
CA SER C 151 -5.84 3.40 65.83
C SER C 151 -5.89 4.16 64.53
N GLY C 152 -4.80 4.83 64.18
CA GLY C 152 -4.76 5.61 62.96
C GLY C 152 -4.83 7.11 63.24
N ILE C 153 -4.83 7.46 64.52
CA ILE C 153 -4.89 8.85 64.95
C ILE C 153 -3.50 9.43 65.10
N TYR C 154 -3.34 10.70 64.77
CA TYR C 154 -2.05 11.35 64.90
C TYR C 154 -2.26 12.78 65.38
N SER C 155 -1.19 13.42 65.86
CA SER C 155 -1.24 14.78 66.35
C SER C 155 0.17 15.23 66.68
N SER C 156 0.36 16.54 66.85
CA SER C 156 1.70 17.06 67.17
C SER C 156 1.87 17.34 68.65
N TRP C 157 3.12 17.25 69.10
CA TRP C 157 3.45 17.47 70.50
C TRP C 157 4.67 18.37 70.66
N SER C 158 4.72 19.09 71.79
CA SER C 158 5.86 19.95 72.09
C SER C 158 6.95 18.96 72.48
N ALA C 159 6.51 17.86 73.09
CA ALA C 159 7.37 16.77 73.53
C ALA C 159 6.46 15.60 73.83
N GLN C 160 6.93 14.40 73.56
CA GLN C 160 6.12 13.23 73.79
C GLN C 160 6.99 11.99 73.90
N THR C 161 6.42 10.92 74.41
CA THR C 161 7.13 9.67 74.57
C THR C 161 6.15 8.49 74.34
N ILE C 162 6.67 7.37 73.88
CA ILE C 162 5.86 6.17 73.63
C ILE C 162 6.68 4.98 74.05
N GLY C 163 6.03 3.86 74.34
CA GLY C 163 6.78 2.69 74.76
C GLY C 163 6.66 2.40 76.24
N ARG C 164 7.41 1.41 76.71
CA ARG C 164 7.36 1.02 78.11
C ARG C 164 7.84 2.12 79.05
N ASN C 165 7.06 2.33 80.11
CA ASN C 165 7.36 3.36 81.11
C ASN C 165 7.27 4.74 80.50
N SER C 166 6.42 4.89 79.49
CA SER C 166 6.23 6.18 78.84
C SER C 166 5.44 7.07 79.77
N LYS C 167 4.69 6.46 80.69
CA LYS C 167 3.89 7.18 81.65
C LYS C 167 4.85 8.00 82.53
N THR C 168 5.78 7.29 83.16
CA THR C 168 6.80 7.87 84.01
C THR C 168 7.54 9.01 83.33
N VAL C 169 8.09 8.73 82.15
CA VAL C 169 8.84 9.73 81.41
C VAL C 169 7.97 10.87 80.87
N ARG C 170 6.69 10.61 80.61
CA ARG C 170 5.84 11.68 80.12
C ARG C 170 5.62 12.64 81.27
N GLU C 171 5.44 12.09 82.46
CA GLU C 171 5.22 12.88 83.67
C GLU C 171 6.41 13.82 83.87
N PHE C 172 7.61 13.27 83.73
CA PHE C 172 8.84 14.03 83.86
C PHE C 172 8.77 15.24 82.93
N LEU C 173 8.45 14.99 81.67
CA LEU C 173 8.36 16.04 80.67
C LEU C 173 7.24 17.05 80.92
N GLU C 174 6.12 16.60 81.48
CA GLU C 174 4.99 17.49 81.74
C GLU C 174 5.30 18.59 82.75
N LYS C 175 6.23 18.31 83.66
CA LYS C 175 6.60 19.27 84.68
C LYS C 175 8.06 19.70 84.50
N ASN C 176 8.56 19.58 83.28
CA ASN C 176 9.93 19.96 82.96
C ASN C 176 10.05 20.67 81.62
N TYR C 177 8.96 20.72 80.88
CA TYR C 177 8.97 21.40 79.58
C TYR C 177 8.03 22.60 79.59
N ASP C 178 8.62 23.78 79.52
CA ASP C 178 7.87 25.02 79.51
C ASP C 178 7.70 25.44 78.07
N ARG C 179 6.45 25.48 77.60
CA ARG C 179 6.20 25.91 76.23
C ARG C 179 6.59 27.37 76.06
N LYS C 180 6.49 28.13 77.15
CA LYS C 180 6.86 29.54 77.16
C LYS C 180 8.30 29.70 76.68
N GLU C 181 9.18 28.85 77.20
CA GLU C 181 10.59 28.88 76.80
C GLU C 181 11.11 27.46 76.55
N PRO C 182 11.02 27.01 75.30
CA PRO C 182 11.50 25.66 74.93
C PRO C 182 13.01 25.70 74.81
N PRO C 183 13.68 24.57 75.05
CA PRO C 183 15.14 24.54 74.94
C PRO C 183 15.64 25.36 73.74
N ALA C 184 16.21 26.53 74.01
CA ALA C 184 16.70 27.41 72.94
C ALA C 184 18.04 27.00 72.34
N THR C 185 18.60 25.90 72.84
CA THR C 185 19.88 25.42 72.32
C THR C 185 19.80 23.94 71.98
N VAL C 186 20.55 23.55 70.94
CA VAL C 186 20.60 22.16 70.54
C VAL C 186 21.16 21.41 71.74
N GLU C 187 21.96 22.14 72.52
CA GLU C 187 22.62 21.61 73.71
C GLU C 187 21.63 21.27 74.82
N GLU C 188 20.99 22.30 75.38
CA GLU C 188 20.05 22.10 76.46
C GLU C 188 18.86 21.25 76.06
N CYS C 189 18.63 21.10 74.76
CA CYS C 189 17.51 20.29 74.31
C CYS C 189 17.87 18.82 74.50
N VAL C 190 19.05 18.44 74.04
CA VAL C 190 19.51 17.06 74.17
C VAL C 190 19.61 16.68 75.65
N LYS C 191 19.90 17.67 76.48
CA LYS C 191 20.02 17.44 77.92
C LYS C 191 18.66 17.03 78.47
N LEU C 192 17.66 17.88 78.23
CA LEU C 192 16.31 17.60 78.70
C LEU C 192 15.89 16.20 78.28
N THR C 193 16.27 15.81 77.07
CA THR C 193 15.93 14.49 76.54
C THR C 193 16.59 13.37 77.35
N VAL C 194 17.90 13.45 77.50
CA VAL C 194 18.62 12.44 78.24
C VAL C 194 18.06 12.34 79.66
N ARG C 195 17.87 13.49 80.29
CA ARG C 195 17.35 13.53 81.64
C ARG C 195 16.11 12.67 81.79
N SER C 196 15.18 12.82 80.85
CA SER C 196 13.94 12.04 80.91
C SER C 196 14.22 10.56 80.73
N LEU C 197 15.02 10.21 79.74
CA LEU C 197 15.32 8.80 79.52
C LEU C 197 15.94 8.15 80.75
N LEU C 198 16.70 8.93 81.51
CA LEU C 198 17.35 8.41 82.70
C LEU C 198 16.38 8.01 83.81
N GLU C 199 15.12 8.43 83.69
CA GLU C 199 14.13 8.08 84.69
C GLU C 199 13.71 6.63 84.53
N VAL C 200 13.97 6.08 83.35
CA VAL C 200 13.58 4.71 83.06
C VAL C 200 14.70 3.76 82.63
N VAL C 201 15.71 4.28 81.94
CA VAL C 201 16.80 3.42 81.47
C VAL C 201 17.68 2.85 82.59
N GLN C 202 17.63 3.48 83.75
CA GLN C 202 18.43 3.04 84.90
C GLN C 202 19.87 2.75 84.47
N THR C 203 20.71 3.79 84.52
CA THR C 203 22.12 3.69 84.13
C THR C 203 22.27 2.95 82.82
N GLY C 204 22.38 3.71 81.74
CA GLY C 204 22.52 3.12 80.43
C GLY C 204 23.29 3.99 79.45
N ALA C 205 24.59 4.14 79.69
CA ALA C 205 25.41 4.94 78.80
C ALA C 205 25.23 4.42 77.37
N LYS C 206 25.33 3.10 77.22
CA LYS C 206 25.15 2.47 75.91
C LYS C 206 23.68 2.16 75.66
N ASN C 207 22.85 2.34 76.69
CA ASN C 207 21.41 2.06 76.59
C ASN C 207 20.57 3.28 76.21
N ILE C 208 21.22 4.35 75.77
CA ILE C 208 20.52 5.55 75.37
C ILE C 208 21.16 6.19 74.15
N GLU C 209 20.40 6.27 73.06
CA GLU C 209 20.90 6.89 71.85
C GLU C 209 20.02 8.06 71.45
N ILE C 210 20.65 9.18 71.12
CA ILE C 210 19.95 10.40 70.73
C ILE C 210 20.31 10.81 69.31
N THR C 211 19.36 11.49 68.66
CA THR C 211 19.55 12.00 67.31
C THR C 211 19.03 13.42 67.27
N VAL C 212 19.75 14.29 66.59
CA VAL C 212 19.36 15.68 66.51
C VAL C 212 19.12 16.10 65.07
N VAL C 213 17.89 16.54 64.81
CA VAL C 213 17.52 16.98 63.47
C VAL C 213 17.31 18.49 63.49
N LYS C 214 18.04 19.19 62.61
CA LYS C 214 17.99 20.64 62.50
C LYS C 214 17.51 21.00 61.09
N PRO C 215 17.16 22.28 60.87
CA PRO C 215 16.68 22.76 59.57
C PRO C 215 17.62 22.45 58.40
N ASP C 216 17.04 22.37 57.20
CA ASP C 216 17.76 22.09 55.95
C ASP C 216 18.49 20.75 55.88
N SER C 217 17.76 19.68 56.12
CA SER C 217 18.29 18.32 56.07
C SER C 217 19.59 18.11 56.84
N ASP C 218 19.61 18.56 58.09
CA ASP C 218 20.79 18.42 58.93
C ASP C 218 20.50 17.44 60.06
N ILE C 219 20.62 16.14 59.76
CA ILE C 219 20.36 15.11 60.74
C ILE C 219 21.67 14.47 61.18
N VAL C 220 21.78 14.15 62.47
CA VAL C 220 22.99 13.52 62.98
C VAL C 220 22.78 12.81 64.32
N ALA C 221 23.41 11.65 64.46
CA ALA C 221 23.30 10.85 65.68
C ALA C 221 24.57 10.98 66.52
N LEU C 222 24.40 11.06 67.84
CA LEU C 222 25.52 11.19 68.76
C LEU C 222 26.12 9.82 69.09
N SER C 223 27.42 9.81 69.37
CA SER C 223 28.13 8.58 69.72
C SER C 223 28.19 8.44 71.23
N SER C 224 28.18 7.20 71.70
CA SER C 224 28.22 6.90 73.12
C SER C 224 28.90 7.97 73.97
N GLU C 225 30.05 8.45 73.51
CA GLU C 225 30.81 9.48 74.23
C GLU C 225 30.04 10.77 74.45
N GLU C 226 29.68 11.44 73.37
CA GLU C 226 28.94 12.70 73.44
C GLU C 226 27.76 12.55 74.40
N ILE C 227 27.12 11.39 74.35
CA ILE C 227 25.98 11.09 75.20
C ILE C 227 26.46 10.90 76.63
N ASN C 228 27.45 10.02 76.77
CA ASN C 228 28.04 9.72 78.07
C ASN C 228 28.45 11.02 78.77
N GLN C 229 28.91 11.98 77.98
CA GLN C 229 29.31 13.27 78.53
C GLN C 229 28.11 13.96 79.15
N TYR C 230 26.97 13.85 78.47
CA TYR C 230 25.74 14.45 78.96
C TYR C 230 25.30 13.74 80.24
N VAL C 231 25.39 12.42 80.23
CA VAL C 231 25.01 11.62 81.39
C VAL C 231 25.88 12.04 82.57
N THR C 232 27.19 12.03 82.36
CA THR C 232 28.15 12.41 83.39
C THR C 232 27.81 13.74 84.06
N GLN C 233 27.50 14.75 83.27
CA GLN C 233 27.17 16.06 83.83
C GLN C 233 25.79 16.10 84.49
N ILE C 234 24.88 15.27 84.02
CA ILE C 234 23.53 15.24 84.58
C ILE C 234 23.49 14.57 85.95
N GLU C 235 24.35 13.60 86.18
CA GLU C 235 24.40 12.91 87.46
C GLU C 235 25.03 13.78 88.54
N GLN C 236 25.83 14.74 88.13
CA GLN C 236 26.47 15.65 89.05
C GLN C 236 25.48 16.72 89.51
N GLU C 237 24.54 17.07 88.63
CA GLU C 237 23.53 18.07 88.93
C GLU C 237 22.71 17.66 90.16
N LYS C 238 22.57 16.36 90.37
CA LYS C 238 21.81 15.83 91.49
C LYS C 238 22.61 15.76 92.80
N GLN C 239 23.86 15.31 92.70
CA GLN C 239 24.72 15.19 93.87
C GLN C 239 25.23 16.52 94.39
N GLU C 240 25.03 17.59 93.61
CA GLU C 240 25.45 18.93 94.02
C GLU C 240 24.23 19.53 94.71
N GLN C 241 23.44 18.66 95.31
CA GLN C 241 22.23 19.03 96.03
C GLN C 241 21.90 17.97 97.08
N ASP D 1 -16.94 -17.47 65.20
CA ASP D 1 -17.48 -16.31 65.94
C ASP D 1 -18.95 -16.09 65.56
N ARG D 2 -19.19 -15.30 64.50
CA ARG D 2 -20.55 -15.00 64.03
C ARG D 2 -20.51 -13.86 63.00
N GLY D 3 -21.29 -14.00 61.93
CA GLY D 3 -21.31 -12.99 60.88
C GLY D 3 -21.12 -11.55 61.34
N VAL D 4 -20.25 -10.82 60.65
CA VAL D 4 -19.99 -9.43 61.01
C VAL D 4 -21.09 -8.52 60.49
N SER D 5 -22.21 -9.12 60.12
CA SER D 5 -23.36 -8.40 59.62
C SER D 5 -24.59 -9.26 59.87
N THR D 6 -24.71 -9.74 61.11
CA THR D 6 -25.82 -10.59 61.53
C THR D 6 -26.90 -9.78 62.25
N PHE D 7 -28.11 -10.32 62.26
CA PHE D 7 -29.24 -9.67 62.90
C PHE D 7 -29.42 -10.24 64.30
N SER D 8 -29.75 -9.36 65.26
CA SER D 8 -29.99 -9.79 66.63
C SER D 8 -31.43 -10.26 66.66
N PRO D 9 -31.86 -10.93 67.73
CA PRO D 9 -33.26 -11.36 67.73
C PRO D 9 -34.23 -10.19 67.74
N GLU D 10 -33.72 -8.96 67.83
CA GLU D 10 -34.56 -7.77 67.85
C GLU D 10 -34.62 -7.10 66.49
N GLY D 11 -33.94 -7.68 65.51
CA GLY D 11 -33.93 -7.12 64.18
C GLY D 11 -32.96 -5.96 64.04
N ARG D 12 -31.86 -6.04 64.79
CA ARG D 12 -30.84 -5.01 64.73
C ARG D 12 -29.51 -5.64 64.31
N LEU D 13 -28.65 -4.85 63.68
CA LEU D 13 -27.34 -5.35 63.24
C LEU D 13 -26.31 -5.15 64.35
N PHE D 14 -25.85 -6.24 64.95
CA PHE D 14 -24.87 -6.15 66.02
C PHE D 14 -23.80 -5.11 65.79
N GLN D 15 -22.93 -5.36 64.82
CA GLN D 15 -21.85 -4.43 64.53
C GLN D 15 -22.27 -2.97 64.41
N VAL D 16 -23.43 -2.71 63.84
CA VAL D 16 -23.87 -1.32 63.72
C VAL D 16 -24.19 -0.75 65.09
N GLU D 17 -24.85 -1.54 65.94
CA GLU D 17 -25.20 -1.09 67.28
C GLU D 17 -23.94 -0.82 68.07
N TYR D 18 -23.08 -1.83 68.19
CA TYR D 18 -21.82 -1.70 68.92
C TYR D 18 -21.04 -0.51 68.39
N SER D 19 -21.21 -0.24 67.10
CA SER D 19 -20.53 0.87 66.47
C SER D 19 -21.02 2.14 67.14
N LEU D 20 -22.32 2.19 67.40
CA LEU D 20 -22.94 3.33 68.03
C LEU D 20 -22.43 3.54 69.45
N GLU D 21 -22.17 2.44 70.16
CA GLU D 21 -21.66 2.55 71.53
C GLU D 21 -20.31 3.23 71.54
N ALA D 22 -19.49 2.95 70.52
CA ALA D 22 -18.17 3.53 70.40
C ALA D 22 -18.23 5.03 70.21
N ILE D 23 -19.21 5.49 69.44
CA ILE D 23 -19.37 6.91 69.18
C ILE D 23 -19.79 7.68 70.44
N LYS D 24 -20.48 7.00 71.35
CA LYS D 24 -20.92 7.61 72.60
C LYS D 24 -19.73 8.00 73.47
N LEU D 25 -18.55 7.47 73.15
CA LEU D 25 -17.34 7.76 73.91
C LEU D 25 -16.49 8.84 73.26
N GLY D 26 -16.99 9.41 72.17
CA GLY D 26 -16.24 10.45 71.47
C GLY D 26 -16.48 11.85 72.02
N SER D 27 -15.66 12.80 71.57
CA SER D 27 -15.79 14.19 72.00
C SER D 27 -17.13 14.71 71.54
N THR D 28 -17.68 15.67 72.27
CA THR D 28 -18.96 16.24 71.90
C THR D 28 -18.82 17.23 70.77
N ALA D 29 -19.78 17.22 69.86
CA ALA D 29 -19.82 18.12 68.72
C ALA D 29 -21.27 18.57 68.63
N ILE D 30 -21.49 19.86 68.39
CA ILE D 30 -22.85 20.38 68.31
C ILE D 30 -23.07 21.27 67.09
N GLY D 31 -24.30 21.22 66.57
CA GLY D 31 -24.64 22.02 65.41
C GLY D 31 -26.01 22.69 65.56
N ILE D 32 -26.06 23.98 65.23
CA ILE D 32 -27.29 24.77 65.31
C ILE D 32 -27.53 25.33 63.91
N ALA D 33 -28.73 25.08 63.38
CA ALA D 33 -29.09 25.59 62.06
C ALA D 33 -30.05 26.77 62.19
N THR D 34 -29.70 27.90 61.57
CA THR D 34 -30.53 29.10 61.64
C THR D 34 -30.65 29.69 60.24
N LYS D 35 -31.57 30.64 60.05
CA LYS D 35 -31.76 31.27 58.74
C LYS D 35 -30.61 32.19 58.36
N GLU D 36 -29.60 32.26 59.22
CA GLU D 36 -28.43 33.11 58.96
C GLU D 36 -27.18 32.27 58.79
N GLY D 37 -27.33 30.95 58.86
CA GLY D 37 -26.20 30.05 58.72
C GLY D 37 -26.29 28.88 59.68
N VAL D 38 -25.30 28.00 59.65
CA VAL D 38 -25.28 26.86 60.54
C VAL D 38 -23.99 26.99 61.34
N VAL D 39 -24.00 26.54 62.60
CA VAL D 39 -22.80 26.61 63.42
C VAL D 39 -22.38 25.25 63.94
N LEU D 40 -21.09 24.96 63.81
CA LEU D 40 -20.52 23.70 64.24
C LEU D 40 -19.49 23.94 65.33
N GLY D 41 -19.65 23.23 66.44
CA GLY D 41 -18.71 23.38 67.54
C GLY D 41 -18.28 22.02 68.02
N VAL D 42 -17.00 21.90 68.38
CA VAL D 42 -16.47 20.63 68.85
C VAL D 42 -15.57 20.80 70.07
N GLU D 43 -15.55 19.79 70.92
CA GLU D 43 -14.71 19.78 72.11
C GLU D 43 -13.35 19.21 71.70
N LYS D 44 -12.33 20.05 71.61
CA LYS D 44 -11.01 19.56 71.23
C LYS D 44 -10.69 18.32 72.04
N ARG D 45 -10.56 18.50 73.36
CA ARG D 45 -10.25 17.40 74.28
C ARG D 45 -8.89 16.74 74.10
N ALA D 46 -7.83 17.43 74.50
CA ALA D 46 -6.50 16.87 74.40
C ALA D 46 -6.40 15.82 75.51
N THR D 47 -5.35 15.01 75.49
CA THR D 47 -5.17 13.97 76.51
C THR D 47 -3.87 14.19 77.27
N SER D 48 -3.31 15.39 77.15
CA SER D 48 -2.07 15.75 77.81
C SER D 48 -1.68 17.18 77.41
N PRO D 49 -1.19 17.97 78.37
CA PRO D 49 -0.78 19.35 78.15
C PRO D 49 0.37 19.56 77.16
N LEU D 50 1.00 18.48 76.74
CA LEU D 50 2.11 18.58 75.79
C LEU D 50 1.60 18.56 74.34
N LEU D 51 0.43 17.98 74.17
CA LEU D 51 -0.23 17.86 72.87
C LEU D 51 -0.61 19.27 72.38
N GLU D 52 -0.13 19.63 71.19
CA GLU D 52 -0.42 20.94 70.64
C GLU D 52 -1.85 21.01 70.14
N SER D 53 -2.75 21.32 71.07
CA SER D 53 -4.19 21.40 70.85
C SER D 53 -4.73 21.87 69.50
N ASP D 54 -3.98 22.68 68.76
CA ASP D 54 -4.48 23.15 67.47
C ASP D 54 -4.28 22.17 66.31
N SER D 55 -3.58 21.06 66.58
CA SER D 55 -3.37 20.06 65.55
C SER D 55 -4.53 19.08 65.59
N ILE D 56 -5.52 19.36 66.43
CA ILE D 56 -6.70 18.50 66.53
C ILE D 56 -7.73 19.03 65.55
N GLU D 57 -8.05 18.19 64.56
CA GLU D 57 -8.95 18.56 63.48
C GLU D 57 -10.24 17.75 63.48
N LYS D 58 -11.27 18.26 64.16
CA LYS D 58 -12.54 17.56 64.20
C LYS D 58 -13.62 18.30 63.44
N ILE D 59 -13.22 19.36 62.75
CA ILE D 59 -14.13 20.14 61.92
C ILE D 59 -13.40 20.38 60.61
N VAL D 60 -13.87 19.73 59.54
CA VAL D 60 -13.24 19.87 58.24
C VAL D 60 -14.19 20.44 57.21
N GLU D 61 -13.61 20.99 56.15
CA GLU D 61 -14.37 21.58 55.04
C GLU D 61 -14.51 20.58 53.90
N ILE D 62 -15.75 20.29 53.51
CA ILE D 62 -15.99 19.36 52.43
C ILE D 62 -16.01 20.11 51.09
N ASP D 63 -16.41 21.37 51.14
CA ASP D 63 -16.43 22.22 49.96
C ASP D 63 -16.73 23.61 50.49
N ARG D 64 -16.71 24.62 49.62
CA ARG D 64 -16.96 26.00 50.05
C ARG D 64 -18.34 26.21 50.69
N HIS D 65 -19.30 25.35 50.38
CA HIS D 65 -20.64 25.50 50.93
C HIS D 65 -21.04 24.34 51.84
N ILE D 66 -20.10 23.47 52.15
CA ILE D 66 -20.37 22.32 53.02
C ILE D 66 -19.18 22.03 53.92
N GLY D 67 -19.46 21.83 55.20
CA GLY D 67 -18.40 21.52 56.15
C GLY D 67 -18.98 20.51 57.10
N CYS D 68 -18.17 19.94 57.99
CA CYS D 68 -18.74 18.98 58.92
C CYS D 68 -17.89 18.68 60.14
N ALA D 69 -18.56 18.20 61.20
CA ALA D 69 -17.91 17.85 62.44
C ALA D 69 -18.06 16.36 62.64
N MET D 70 -17.12 15.79 63.40
CA MET D 70 -17.08 14.36 63.66
C MET D 70 -17.04 13.98 65.13
N SER D 71 -17.38 12.73 65.43
CA SER D 71 -17.37 12.26 66.80
C SER D 71 -17.18 10.74 66.87
N GLY D 72 -16.32 10.30 67.76
CA GLY D 72 -16.05 8.88 67.90
C GLY D 72 -14.65 8.60 67.39
N LEU D 73 -14.45 7.45 66.76
CA LEU D 73 -13.15 7.10 66.21
C LEU D 73 -12.87 8.03 65.02
N THR D 74 -12.20 9.15 65.28
CA THR D 74 -11.90 10.15 64.25
C THR D 74 -11.05 9.67 63.07
N ALA D 75 -10.17 8.69 63.30
CA ALA D 75 -9.34 8.18 62.23
C ALA D 75 -10.22 7.56 61.13
N ASP D 76 -11.35 6.97 61.54
CA ASP D 76 -12.28 6.34 60.60
C ASP D 76 -12.97 7.36 59.70
N ALA D 77 -12.92 8.64 60.06
CA ALA D 77 -13.59 9.64 59.25
C ALA D 77 -12.77 10.17 58.07
N ARG D 78 -11.46 9.90 58.07
CA ARG D 78 -10.60 10.39 56.99
C ARG D 78 -11.14 10.07 55.60
N SER D 79 -11.36 8.79 55.34
CA SER D 79 -11.87 8.36 54.06
C SER D 79 -13.29 8.81 53.77
N MET D 80 -14.04 9.15 54.82
CA MET D 80 -15.41 9.64 54.65
C MET D 80 -15.31 11.07 54.13
N ILE D 81 -14.40 11.84 54.72
CA ILE D 81 -14.21 13.21 54.30
C ILE D 81 -13.69 13.17 52.87
N GLU D 82 -12.79 12.22 52.62
CA GLU D 82 -12.19 12.04 51.31
C GLU D 82 -13.29 11.71 50.30
N HIS D 83 -14.09 10.68 50.59
CA HIS D 83 -15.17 10.33 49.68
C HIS D 83 -16.10 11.52 49.51
N ALA D 84 -16.35 12.23 50.61
CA ALA D 84 -17.24 13.39 50.58
C ALA D 84 -16.70 14.47 49.65
N ARG D 85 -15.51 14.96 49.94
CA ARG D 85 -14.89 15.99 49.12
C ARG D 85 -14.91 15.59 47.64
N THR D 86 -14.47 14.38 47.35
CA THR D 86 -14.43 13.89 45.99
C THR D 86 -15.80 13.99 45.34
N ALA D 87 -16.82 13.48 46.04
CA ALA D 87 -18.19 13.50 45.51
C ALA D 87 -18.64 14.91 45.16
N ALA D 88 -18.34 15.85 46.05
CA ALA D 88 -18.71 17.24 45.86
C ALA D 88 -18.03 17.79 44.62
N VAL D 89 -16.73 17.58 44.53
CA VAL D 89 -15.96 18.07 43.39
C VAL D 89 -16.42 17.38 42.11
N THR D 90 -16.49 16.06 42.16
CA THR D 90 -16.91 15.29 41.01
C THR D 90 -18.22 15.84 40.46
N HIS D 91 -19.19 16.02 41.35
CA HIS D 91 -20.50 16.54 40.97
C HIS D 91 -20.35 17.86 40.21
N ASN D 92 -19.51 18.74 40.75
CA ASN D 92 -19.29 20.03 40.14
C ASN D 92 -18.74 19.86 38.73
N LEU D 93 -17.78 18.95 38.58
CA LEU D 93 -17.17 18.70 37.28
C LEU D 93 -18.22 18.26 36.27
N TYR D 94 -19.00 17.24 36.62
CA TYR D 94 -20.05 16.74 35.73
C TYR D 94 -21.17 17.74 35.46
N TYR D 95 -21.60 18.48 36.48
CA TYR D 95 -22.70 19.39 36.29
C TYR D 95 -22.52 20.90 36.36
N ASP D 96 -21.29 21.37 36.54
CA ASP D 96 -21.06 22.82 36.60
C ASP D 96 -21.96 23.48 37.65
N GLU D 97 -21.91 22.97 38.89
CA GLU D 97 -22.74 23.52 39.96
C GLU D 97 -22.34 22.88 41.27
N ASP D 98 -22.91 23.37 42.37
CA ASP D 98 -22.63 22.86 43.70
C ASP D 98 -23.52 21.66 44.04
N ILE D 99 -22.91 20.66 44.66
CA ILE D 99 -23.62 19.45 45.06
C ILE D 99 -24.57 19.81 46.20
N ASN D 100 -25.85 19.43 46.09
CA ASN D 100 -26.84 19.71 47.13
C ASN D 100 -26.44 19.08 48.47
N VAL D 101 -26.54 19.85 49.54
CA VAL D 101 -26.16 19.35 50.86
C VAL D 101 -26.73 17.97 51.19
N GLU D 102 -27.98 17.75 50.85
CA GLU D 102 -28.56 16.44 51.14
C GLU D 102 -27.90 15.34 50.32
N SER D 103 -27.66 15.61 49.04
CA SER D 103 -27.02 14.64 48.13
C SER D 103 -25.65 14.22 48.66
N LEU D 104 -24.81 15.21 48.96
CA LEU D 104 -23.49 14.94 49.50
C LEU D 104 -23.64 14.00 50.70
N THR D 105 -24.62 14.26 51.55
CA THR D 105 -24.85 13.44 52.72
C THR D 105 -25.25 12.02 52.35
N GLN D 106 -26.24 11.89 51.48
CA GLN D 106 -26.72 10.57 51.05
C GLN D 106 -25.56 9.75 50.48
N SER D 107 -24.65 10.43 49.78
CA SER D 107 -23.49 9.79 49.18
C SER D 107 -22.55 9.24 50.26
N VAL D 108 -22.30 10.04 51.29
CA VAL D 108 -21.44 9.64 52.39
C VAL D 108 -22.09 8.45 53.12
N CYS D 109 -23.41 8.49 53.25
CA CYS D 109 -24.12 7.43 53.94
C CYS D 109 -24.14 6.15 53.13
N ASP D 110 -23.85 6.24 51.85
CA ASP D 110 -23.85 5.05 51.01
C ASP D 110 -22.66 4.14 51.35
N LEU D 111 -21.57 4.71 51.87
CA LEU D 111 -20.43 3.90 52.25
C LEU D 111 -20.78 3.14 53.51
N ALA D 112 -21.38 3.85 54.45
CA ALA D 112 -21.76 3.31 55.74
C ALA D 112 -22.00 1.79 55.86
N LEU D 113 -22.88 1.22 55.04
CA LEU D 113 -23.15 -0.22 55.14
C LEU D 113 -22.36 -1.14 54.21
N ARG D 114 -21.35 -0.59 53.53
CA ARG D 114 -20.52 -1.39 52.65
C ARG D 114 -19.53 -2.22 53.45
N PHE D 115 -20.01 -3.09 54.34
CA PHE D 115 -19.10 -3.90 55.11
C PHE D 115 -19.52 -5.35 55.22
N GLY D 116 -18.59 -6.19 55.65
CA GLY D 116 -18.85 -7.62 55.81
C GLY D 116 -17.68 -8.47 55.34
N GLU D 117 -17.93 -9.77 55.14
CA GLU D 117 -16.90 -10.70 54.69
C GLU D 117 -17.28 -11.35 53.35
N GLY D 118 -18.33 -10.83 52.73
CA GLY D 118 -18.78 -11.36 51.45
C GLY D 118 -20.29 -11.36 51.30
N ALA D 119 -20.91 -10.22 51.61
CA ALA D 119 -22.37 -10.07 51.51
C ALA D 119 -22.81 -9.97 50.03
N SER D 120 -23.55 -10.98 49.57
CA SER D 120 -24.04 -11.05 48.19
C SER D 120 -24.87 -9.84 47.76
N GLY D 121 -24.27 -8.97 46.95
CA GLY D 121 -24.96 -7.77 46.48
C GLY D 121 -24.10 -6.84 45.62
N GLU D 122 -22.78 -6.96 45.75
CA GLU D 122 -21.82 -6.15 45.01
C GLU D 122 -20.40 -6.54 45.47
N GLU D 123 -19.65 -5.58 46.01
CA GLU D 123 -18.31 -5.86 46.50
C GLU D 123 -17.96 -5.03 47.73
N ARG D 124 -18.77 -5.20 48.77
CA ARG D 124 -18.58 -4.50 50.03
C ARG D 124 -17.36 -4.96 50.81
N LEU D 125 -16.22 -4.35 50.51
CA LEU D 125 -14.98 -4.69 51.19
C LEU D 125 -14.65 -3.59 52.23
N MET D 126 -14.72 -3.97 53.49
CA MET D 126 -14.48 -3.12 54.64
C MET D 126 -14.91 -4.05 55.77
N SER D 127 -13.98 -4.44 56.64
CA SER D 127 -14.30 -5.39 57.70
C SER D 127 -15.24 -4.99 58.83
N ARG D 128 -15.64 -3.72 58.90
CA ARG D 128 -16.53 -3.28 59.97
C ARG D 128 -17.13 -1.92 59.69
N PRO D 129 -18.15 -1.53 60.46
CA PRO D 129 -18.79 -0.22 60.26
C PRO D 129 -17.85 0.88 60.72
N PHE D 130 -18.12 2.12 60.31
CA PHE D 130 -17.29 3.24 60.72
C PHE D 130 -17.60 3.53 62.19
N GLY D 131 -16.57 3.78 62.99
CA GLY D 131 -16.79 4.09 64.39
C GLY D 131 -16.83 5.59 64.62
N VAL D 132 -17.68 6.29 63.86
CA VAL D 132 -17.78 7.74 63.96
C VAL D 132 -19.07 8.25 63.33
N ALA D 133 -19.59 9.34 63.86
CA ALA D 133 -20.80 9.96 63.34
C ALA D 133 -20.41 11.33 62.84
N LEU D 134 -21.15 11.85 61.88
CA LEU D 134 -20.83 13.17 61.35
C LEU D 134 -22.00 14.12 61.41
N LEU D 135 -21.67 15.39 61.46
CA LEU D 135 -22.67 16.43 61.44
C LEU D 135 -22.27 17.20 60.20
N ILE D 136 -22.99 17.00 59.11
CA ILE D 136 -22.68 17.69 57.87
C ILE D 136 -23.55 18.92 57.82
N ALA D 137 -22.92 20.08 57.74
CA ALA D 137 -23.67 21.32 57.70
C ALA D 137 -23.31 22.11 56.44
N GLY D 138 -24.32 22.70 55.81
CA GLY D 138 -24.05 23.47 54.61
C GLY D 138 -25.28 24.15 54.07
N HIS D 139 -25.15 24.72 52.87
CA HIS D 139 -26.25 25.43 52.25
C HIS D 139 -26.30 25.36 50.73
N ASP D 140 -27.50 25.31 50.18
CA ASP D 140 -27.70 25.28 48.74
C ASP D 140 -28.93 26.09 48.40
N ALA D 141 -29.03 26.53 47.15
CA ALA D 141 -30.14 27.35 46.69
C ALA D 141 -31.54 26.72 46.81
N ASP D 142 -31.63 25.40 46.84
CA ASP D 142 -32.93 24.74 46.90
C ASP D 142 -33.56 24.60 48.29
N ASP D 143 -32.75 24.27 49.29
CA ASP D 143 -33.27 24.10 50.65
C ASP D 143 -32.48 24.90 51.68
N GLY D 144 -31.84 25.97 51.22
CA GLY D 144 -31.06 26.82 52.10
C GLY D 144 -30.12 26.12 53.07
N TYR D 145 -30.00 26.67 54.26
CA TYR D 145 -29.13 26.12 55.30
C TYR D 145 -29.66 24.79 55.84
N GLN D 146 -28.76 23.85 56.06
CA GLN D 146 -29.12 22.54 56.57
C GLN D 146 -28.08 21.92 57.47
N LEU D 147 -28.56 21.07 58.36
CA LEU D 147 -27.71 20.36 59.30
C LEU D 147 -28.14 18.92 59.20
N PHE D 148 -27.18 18.03 59.01
CA PHE D 148 -27.49 16.61 58.88
C PHE D 148 -26.65 15.81 59.86
N HIS D 149 -27.16 14.65 60.24
CA HIS D 149 -26.45 13.77 61.14
C HIS D 149 -26.34 12.41 60.45
N ALA D 150 -25.11 12.02 60.11
CA ALA D 150 -24.89 10.75 59.45
C ALA D 150 -24.33 9.70 60.41
N GLU D 151 -24.97 8.52 60.44
CA GLU D 151 -24.53 7.44 61.32
C GLU D 151 -23.95 6.24 60.59
N PRO D 152 -23.19 5.40 61.31
CA PRO D 152 -22.59 4.21 60.74
C PRO D 152 -23.64 3.20 60.27
N SER D 153 -24.91 3.51 60.59
CA SER D 153 -26.02 2.66 60.20
C SER D 153 -26.37 2.89 58.75
N GLY D 154 -25.98 4.05 58.22
CA GLY D 154 -26.28 4.36 56.84
C GLY D 154 -27.43 5.34 56.73
N THR D 155 -28.22 5.47 57.80
CA THR D 155 -29.35 6.39 57.82
C THR D 155 -28.90 7.79 58.24
N PHE D 156 -29.56 8.81 57.71
CA PHE D 156 -29.21 10.17 58.07
C PHE D 156 -30.45 11.02 58.27
N TYR D 157 -30.39 11.88 59.28
CA TYR D 157 -31.50 12.75 59.62
C TYR D 157 -31.12 14.21 59.45
N ARG D 158 -32.12 15.06 59.27
CA ARG D 158 -31.88 16.48 59.16
C ARG D 158 -32.34 17.04 60.50
N TYR D 159 -31.53 17.89 61.11
CA TYR D 159 -31.87 18.48 62.40
C TYR D 159 -31.82 20.00 62.34
N ASN D 160 -32.44 20.65 63.33
CA ASN D 160 -32.44 22.10 63.44
C ASN D 160 -31.28 22.42 64.37
N ALA D 161 -30.96 21.42 65.19
CA ALA D 161 -29.86 21.48 66.15
C ALA D 161 -29.61 20.03 66.54
N LYS D 162 -28.37 19.68 66.82
CA LYS D 162 -28.05 18.31 67.18
C LYS D 162 -26.67 18.23 67.80
N ALA D 163 -26.53 17.32 68.76
CA ALA D 163 -25.27 17.12 69.45
C ALA D 163 -24.96 15.63 69.46
N ILE D 164 -23.70 15.31 69.20
CA ILE D 164 -23.25 13.93 69.17
C ILE D 164 -21.99 13.85 70.01
N GLY D 165 -21.82 12.72 70.70
CA GLY D 165 -20.64 12.56 71.52
C GLY D 165 -20.97 12.14 72.95
N SER D 166 -19.98 12.19 73.83
CA SER D 166 -20.20 11.80 75.21
C SER D 166 -21.34 12.56 75.89
N GLY D 167 -21.40 13.88 75.71
CA GLY D 167 -22.47 14.63 76.34
C GLY D 167 -23.67 14.93 75.45
N SER D 168 -24.01 14.01 74.55
CA SER D 168 -25.12 14.23 73.62
C SER D 168 -26.52 14.19 74.20
N GLU D 169 -26.88 13.16 74.95
CA GLU D 169 -28.23 13.09 75.53
C GLU D 169 -28.46 14.30 76.42
N GLY D 170 -27.41 14.71 77.13
CA GLY D 170 -27.52 15.86 78.00
C GLY D 170 -27.66 17.16 77.22
N ALA D 171 -26.71 17.41 76.32
CA ALA D 171 -26.72 18.62 75.51
C ALA D 171 -27.89 18.69 74.53
N GLN D 172 -28.42 17.54 74.14
CA GLN D 172 -29.54 17.51 73.20
C GLN D 172 -30.78 18.04 73.90
N ALA D 173 -31.08 17.47 75.08
CA ALA D 173 -32.24 17.91 75.85
C ALA D 173 -32.11 19.42 76.07
N GLU D 174 -30.87 19.88 76.10
CA GLU D 174 -30.57 21.29 76.30
C GLU D 174 -31.02 22.11 75.09
N LEU D 175 -30.59 21.68 73.91
CA LEU D 175 -30.94 22.34 72.67
C LEU D 175 -32.45 22.37 72.48
N LEU D 176 -33.14 21.36 73.00
CA LEU D 176 -34.59 21.28 72.89
C LEU D 176 -35.27 22.58 73.30
N ASN D 177 -34.84 23.11 74.44
CA ASN D 177 -35.40 24.36 74.97
C ASN D 177 -34.91 25.57 74.21
N GLU D 178 -33.59 25.75 74.20
CA GLU D 178 -32.93 26.88 73.55
C GLU D 178 -33.27 27.19 72.08
N TRP D 179 -33.54 26.17 71.28
CA TRP D 179 -33.80 26.39 69.86
C TRP D 179 -35.18 26.88 69.44
N HIS D 180 -35.18 27.91 68.61
CA HIS D 180 -36.40 28.48 68.07
C HIS D 180 -36.13 28.91 66.62
N SER D 181 -37.15 28.80 65.78
CA SER D 181 -37.04 29.13 64.36
C SER D 181 -36.71 30.58 64.00
N SER D 182 -35.96 31.27 64.85
CA SER D 182 -35.59 32.64 64.57
C SER D 182 -34.38 33.16 65.34
N LEU D 183 -33.39 32.30 65.53
CA LEU D 183 -32.16 32.68 66.22
C LEU D 183 -31.26 33.38 65.22
N THR D 184 -30.35 34.20 65.70
CA THR D 184 -29.42 34.88 64.81
C THR D 184 -28.13 34.06 64.82
N LEU D 185 -27.21 34.37 63.91
CA LEU D 185 -25.97 33.63 63.87
C LEU D 185 -25.25 33.80 65.21
N LYS D 186 -25.13 35.04 65.68
CA LYS D 186 -24.47 35.30 66.95
C LYS D 186 -25.09 34.50 68.10
N GLU D 187 -26.41 34.54 68.23
CA GLU D 187 -27.10 33.80 69.29
C GLU D 187 -26.66 32.34 69.28
N ALA D 188 -26.63 31.74 68.08
CA ALA D 188 -26.25 30.35 67.91
C ALA D 188 -24.84 30.05 68.39
N GLU D 189 -23.88 30.86 67.95
CA GLU D 189 -22.50 30.67 68.34
C GLU D 189 -22.36 30.63 69.85
N LEU D 190 -22.96 31.61 70.53
CA LEU D 190 -22.90 31.69 71.98
C LEU D 190 -23.60 30.47 72.57
N LEU D 191 -24.77 30.16 72.03
CA LEU D 191 -25.54 29.02 72.49
C LEU D 191 -24.72 27.73 72.41
N VAL D 192 -24.00 27.56 71.30
CA VAL D 192 -23.16 26.37 71.12
C VAL D 192 -22.03 26.38 72.13
N LEU D 193 -21.38 27.53 72.20
CA LEU D 193 -20.27 27.75 73.12
C LEU D 193 -20.76 27.47 74.55
N LYS D 194 -22.01 27.83 74.82
CA LYS D 194 -22.60 27.63 76.13
C LYS D 194 -22.77 26.14 76.45
N ILE D 195 -23.52 25.44 75.60
CA ILE D 195 -23.75 24.03 75.83
C ILE D 195 -22.46 23.20 75.89
N LEU D 196 -21.45 23.58 75.12
CA LEU D 196 -20.19 22.85 75.14
C LEU D 196 -19.59 22.95 76.52
N LYS D 197 -19.63 24.16 77.08
CA LYS D 197 -19.11 24.43 78.41
C LYS D 197 -19.78 23.54 79.47
N GLN D 198 -21.07 23.26 79.30
CA GLN D 198 -21.80 22.44 80.26
C GLN D 198 -21.43 20.96 80.24
N VAL D 199 -21.30 20.39 79.04
CA VAL D 199 -20.97 18.98 78.89
C VAL D 199 -19.49 18.66 78.91
N MET D 200 -18.64 19.64 78.60
CA MET D 200 -17.19 19.42 78.59
C MET D 200 -16.65 19.09 79.98
N GLU D 201 -15.68 18.18 80.03
CA GLU D 201 -15.05 17.80 81.28
C GLU D 201 -14.09 18.90 81.72
N GLU D 202 -13.64 19.70 80.75
CA GLU D 202 -12.70 20.78 80.99
C GLU D 202 -13.37 22.14 81.04
N LYS D 203 -12.63 23.15 81.49
CA LYS D 203 -13.17 24.50 81.53
C LYS D 203 -12.97 25.08 80.14
N LEU D 204 -14.07 25.25 79.43
CA LEU D 204 -14.07 25.76 78.05
C LEU D 204 -13.27 27.04 77.86
N ASP D 205 -12.40 27.03 76.87
CA ASP D 205 -11.59 28.21 76.53
C ASP D 205 -11.18 28.06 75.06
N GLU D 206 -10.77 29.16 74.44
CA GLU D 206 -10.41 29.14 73.03
C GLU D 206 -9.37 28.11 72.61
N ASN D 207 -8.91 27.29 73.55
CA ASN D 207 -7.91 26.28 73.24
C ASN D 207 -8.37 24.83 73.24
N ASN D 208 -9.45 24.51 73.93
CA ASN D 208 -9.91 23.12 73.91
C ASN D 208 -11.28 23.00 73.28
N ALA D 209 -11.68 24.04 72.57
CA ALA D 209 -12.97 24.05 71.88
C ALA D 209 -12.80 24.81 70.59
N GLN D 210 -13.55 24.41 69.57
CA GLN D 210 -13.45 25.07 68.29
C GLN D 210 -14.83 25.31 67.66
N LEU D 211 -14.99 26.51 67.10
CA LEU D 211 -16.24 26.93 66.46
C LEU D 211 -16.05 27.16 64.98
N SER D 212 -17.18 27.23 64.28
CA SER D 212 -17.19 27.47 62.83
C SER D 212 -18.63 27.60 62.36
N CYS D 213 -18.79 28.18 61.19
CA CYS D 213 -20.11 28.38 60.62
C CYS D 213 -20.05 28.23 59.09
N ILE D 214 -21.21 28.40 58.47
CA ILE D 214 -21.32 28.29 57.03
C ILE D 214 -22.42 29.28 56.64
N THR D 215 -22.01 30.35 55.96
CA THR D 215 -22.97 31.36 55.52
C THR D 215 -22.94 31.50 54.01
N LYS D 216 -24.11 31.57 53.40
CA LYS D 216 -24.23 31.71 51.96
C LYS D 216 -23.26 32.73 51.38
N GLN D 217 -22.92 33.76 52.15
CA GLN D 217 -22.03 34.79 51.61
C GLN D 217 -20.55 34.45 51.59
N ASP D 218 -20.02 33.82 52.65
CA ASP D 218 -18.60 33.52 52.70
C ASP D 218 -18.27 32.04 52.84
N GLY D 219 -19.30 31.21 52.77
CA GLY D 219 -19.10 29.78 52.87
C GLY D 219 -18.61 29.30 54.22
N PHE D 220 -17.99 28.13 54.22
CA PHE D 220 -17.47 27.51 55.42
C PHE D 220 -16.10 28.05 55.83
N LYS D 221 -16.06 28.59 57.05
CA LYS D 221 -14.84 29.14 57.63
C LYS D 221 -14.74 28.58 59.05
N ILE D 222 -13.52 28.39 59.53
CA ILE D 222 -13.33 27.92 60.89
C ILE D 222 -12.89 29.13 61.69
N TYR D 223 -13.47 29.33 62.87
CA TYR D 223 -13.14 30.45 63.72
C TYR D 223 -11.76 30.29 64.34
N ASP D 224 -10.87 31.23 64.08
CA ASP D 224 -9.53 31.16 64.65
C ASP D 224 -9.61 31.47 66.14
N ASN D 225 -8.62 31.01 66.89
CA ASN D 225 -8.60 31.20 68.33
C ASN D 225 -8.89 32.61 68.85
N GLU D 226 -8.38 33.64 68.18
CA GLU D 226 -8.64 35.01 68.63
C GLU D 226 -10.12 35.32 68.59
N LYS D 227 -10.74 35.13 67.43
CA LYS D 227 -12.16 35.40 67.26
C LYS D 227 -13.03 34.61 68.25
N THR D 228 -12.66 33.37 68.51
CA THR D 228 -13.43 32.52 69.43
C THR D 228 -13.30 33.04 70.86
N ALA D 229 -12.06 33.18 71.33
CA ALA D 229 -11.80 33.64 72.69
C ALA D 229 -12.74 34.78 73.06
N GLU D 230 -13.01 35.67 72.11
CA GLU D 230 -13.89 36.80 72.34
C GLU D 230 -15.32 36.37 72.63
N LEU D 231 -15.83 35.43 71.85
CA LEU D 231 -17.19 34.95 72.06
C LEU D 231 -17.28 34.21 73.39
N ILE D 232 -16.15 33.69 73.86
CA ILE D 232 -16.11 32.99 75.15
C ILE D 232 -16.35 34.07 76.20
N LYS D 233 -15.55 35.13 76.12
CA LYS D 233 -15.64 36.28 77.01
C LYS D 233 -17.06 36.81 76.95
N GLU D 234 -17.46 37.29 75.78
CA GLU D 234 -18.80 37.82 75.55
C GLU D 234 -19.92 36.94 76.09
N LEU D 235 -19.64 35.64 76.20
CA LEU D 235 -20.63 34.70 76.73
C LEU D 235 -20.67 34.79 78.24
N LYS D 236 -19.48 34.75 78.85
CA LYS D 236 -19.35 34.83 80.31
C LYS D 236 -20.10 36.05 80.85
N GLU D 237 -20.01 37.15 80.12
CA GLU D 237 -20.68 38.40 80.49
C GLU D 237 -22.19 38.26 80.49
N LYS D 238 -22.76 37.82 79.38
CA LYS D 238 -24.21 37.68 79.28
C LYS D 238 -24.81 36.63 80.21
N GLU D 239 -23.97 35.76 80.78
CA GLU D 239 -24.46 34.73 81.70
C GLU D 239 -24.50 35.28 83.13
N ALA D 240 -23.51 36.13 83.43
CA ALA D 240 -23.42 36.74 84.75
C ALA D 240 -24.43 37.87 84.86
N ALA D 241 -24.94 38.32 83.71
CA ALA D 241 -25.93 39.40 83.65
C ALA D 241 -27.35 38.89 83.87
N GLU D 242 -27.53 38.19 84.99
CA GLU D 242 -28.80 37.59 85.45
C GLU D 242 -28.60 36.14 85.85
N PHE E 1 -31.62 -24.40 71.90
CA PHE E 1 -32.27 -24.38 70.56
C PHE E 1 -31.76 -23.16 69.77
N ARG E 2 -32.70 -22.40 69.21
CA ARG E 2 -32.47 -21.18 68.41
C ARG E 2 -31.02 -20.68 68.45
N ASN E 3 -30.52 -20.51 69.67
CA ASN E 3 -29.17 -20.05 69.93
C ASN E 3 -28.10 -20.59 68.96
N ASN E 4 -28.15 -21.88 68.64
CA ASN E 4 -27.16 -22.50 67.77
C ASN E 4 -27.43 -22.45 66.27
N TYR E 5 -28.66 -22.13 65.90
CA TYR E 5 -29.01 -22.11 64.48
C TYR E 5 -29.28 -20.74 63.85
N ASP E 6 -29.10 -19.68 64.62
CA ASP E 6 -29.34 -18.37 64.06
C ASP E 6 -28.02 -17.64 63.81
N GLY E 7 -26.94 -18.41 63.73
CA GLY E 7 -25.63 -17.82 63.48
C GLY E 7 -25.54 -17.06 62.17
N ASP E 8 -26.09 -17.64 61.11
CA ASP E 8 -26.11 -17.03 59.77
C ASP E 8 -27.23 -17.62 58.91
N THR E 9 -27.47 -17.01 57.76
CA THR E 9 -28.54 -17.45 56.87
C THR E 9 -28.37 -18.81 56.20
N VAL E 10 -27.13 -19.27 56.08
CA VAL E 10 -26.89 -20.54 55.42
C VAL E 10 -27.33 -21.76 56.23
N THR E 11 -27.65 -21.55 57.52
CA THR E 11 -28.05 -22.64 58.41
C THR E 11 -29.56 -22.87 58.54
N PHE E 12 -29.95 -24.13 58.56
CA PHE E 12 -31.36 -24.51 58.69
C PHE E 12 -31.65 -24.97 60.12
N SER E 13 -32.80 -24.57 60.67
CA SER E 13 -33.17 -25.00 62.03
C SER E 13 -33.53 -26.48 61.96
N PRO E 14 -33.53 -27.20 63.11
CA PRO E 14 -33.90 -28.61 63.05
C PRO E 14 -35.38 -28.79 62.69
N THR E 15 -36.15 -27.71 62.87
CA THR E 15 -37.57 -27.71 62.56
C THR E 15 -37.81 -27.25 61.13
N GLY E 16 -36.78 -26.69 60.51
CA GLY E 16 -36.89 -26.24 59.13
C GLY E 16 -37.02 -24.74 58.94
N ARG E 17 -36.65 -23.97 59.96
CA ARG E 17 -36.76 -22.53 59.90
C ARG E 17 -35.44 -21.84 59.56
N LEU E 18 -35.54 -20.58 59.16
CA LEU E 18 -34.37 -19.77 58.82
C LEU E 18 -34.43 -18.54 59.71
N PHE E 19 -33.87 -18.66 60.91
CA PHE E 19 -33.89 -17.58 61.89
C PHE E 19 -33.44 -16.22 61.38
N GLN E 20 -32.23 -16.15 60.83
CA GLN E 20 -31.76 -14.87 60.33
C GLN E 20 -32.81 -14.16 59.51
N VAL E 21 -33.51 -14.91 58.67
CA VAL E 21 -34.56 -14.34 57.84
C VAL E 21 -35.70 -13.86 58.70
N GLU E 22 -36.04 -14.65 59.71
CA GLU E 22 -37.12 -14.32 60.63
C GLU E 22 -36.75 -13.09 61.46
N TYR E 23 -35.47 -12.96 61.78
CA TYR E 23 -35.00 -11.81 62.54
C TYR E 23 -35.13 -10.58 61.68
N ALA E 24 -34.81 -10.73 60.40
CA ALA E 24 -34.91 -9.62 59.47
C ALA E 24 -36.36 -9.14 59.52
N LEU E 25 -37.29 -10.08 59.46
CA LEU E 25 -38.71 -9.78 59.49
C LEU E 25 -39.05 -8.95 60.72
N GLU E 26 -38.44 -9.30 61.85
CA GLU E 26 -38.69 -8.58 63.09
C GLU E 26 -38.34 -7.11 63.00
N ALA E 27 -37.34 -6.77 62.18
CA ALA E 27 -36.93 -5.38 62.03
C ALA E 27 -38.01 -4.61 61.28
N ILE E 28 -38.86 -5.34 60.57
CA ILE E 28 -39.96 -4.74 59.83
C ILE E 28 -41.02 -4.32 60.83
N LYS E 29 -41.48 -5.28 61.62
CA LYS E 29 -42.50 -5.03 62.63
C LYS E 29 -42.11 -3.90 63.59
N GLN E 30 -40.82 -3.76 63.83
CA GLN E 30 -40.35 -2.70 64.70
C GLN E 30 -40.38 -1.38 63.93
N GLY E 31 -40.53 -1.46 62.61
CA GLY E 31 -40.56 -0.26 61.79
C GLY E 31 -41.91 0.45 61.85
N SER E 32 -41.95 1.67 61.31
CA SER E 32 -43.16 2.49 61.29
C SER E 32 -44.21 1.92 60.33
N VAL E 33 -45.48 2.22 60.57
CA VAL E 33 -46.54 1.68 59.73
C VAL E 33 -46.80 2.42 58.41
N THR E 34 -47.25 1.65 57.41
CA THR E 34 -47.55 2.18 56.10
C THR E 34 -48.65 1.29 55.50
N VAL E 35 -49.52 1.87 54.68
CA VAL E 35 -50.62 1.11 54.10
C VAL E 35 -50.77 1.30 52.59
N GLY E 36 -51.39 0.31 51.96
CA GLY E 36 -51.62 0.37 50.53
C GLY E 36 -52.95 -0.27 50.17
N LEU E 37 -53.64 0.34 49.21
CA LEU E 37 -54.94 -0.13 48.73
C LEU E 37 -55.13 0.41 47.32
N ARG E 38 -55.88 -0.30 46.50
CA ARG E 38 -56.11 0.13 45.14
C ARG E 38 -57.56 -0.11 44.73
N SER E 39 -58.03 0.67 43.76
CA SER E 39 -59.38 0.50 43.22
C SER E 39 -59.17 -0.28 41.91
N ASN E 40 -59.85 0.14 40.85
CA ASN E 40 -59.68 -0.52 39.57
C ASN E 40 -59.09 0.49 38.62
N THR E 41 -58.86 1.69 39.14
CA THR E 41 -58.30 2.77 38.35
C THR E 41 -57.07 3.39 39.03
N HIS E 42 -57.01 3.31 40.36
CA HIS E 42 -55.89 3.88 41.10
C HIS E 42 -55.33 2.94 42.18
N ALA E 43 -54.19 3.33 42.73
CA ALA E 43 -53.52 2.57 43.79
C ALA E 43 -52.92 3.63 44.70
N VAL E 44 -53.16 3.52 46.00
CA VAL E 44 -52.64 4.51 46.92
C VAL E 44 -51.76 3.99 48.04
N LEU E 45 -50.78 4.80 48.39
CA LEU E 45 -49.87 4.48 49.47
C LEU E 45 -49.99 5.59 50.48
N VAL E 46 -50.22 5.20 51.73
CA VAL E 46 -50.32 6.14 52.85
C VAL E 46 -49.35 5.61 53.89
N ALA E 47 -48.38 6.43 54.26
CA ALA E 47 -47.41 5.98 55.24
C ALA E 47 -47.23 6.98 56.35
N LEU E 48 -46.94 6.46 57.53
CA LEU E 48 -46.72 7.26 58.73
C LEU E 48 -45.22 7.48 58.89
N LYS E 49 -44.75 8.70 58.72
CA LYS E 49 -43.33 8.97 58.85
C LYS E 49 -42.94 9.11 60.33
N ARG E 50 -41.80 8.50 60.69
CA ARG E 50 -41.30 8.53 62.07
C ARG E 50 -40.14 9.51 62.22
N ASN E 51 -39.90 9.98 63.44
CA ASN E 51 -38.82 10.93 63.69
C ASN E 51 -38.06 10.58 64.97
N ALA E 52 -36.84 11.09 65.10
CA ALA E 52 -36.03 10.81 66.27
C ALA E 52 -36.37 11.79 67.40
N ASP E 53 -35.96 13.04 67.24
CA ASP E 53 -36.23 14.09 68.23
C ASP E 53 -37.31 14.99 67.70
N GLU E 54 -37.50 16.13 68.35
CA GLU E 54 -38.49 17.10 67.91
C GLU E 54 -37.74 18.10 67.06
N LEU E 55 -36.43 17.86 66.92
CA LEU E 55 -35.55 18.69 66.14
C LEU E 55 -35.10 17.92 64.89
N SER E 56 -35.56 16.67 64.78
CA SER E 56 -35.20 15.82 63.64
C SER E 56 -36.37 15.75 62.67
N SER E 57 -36.06 15.55 61.40
CA SER E 57 -37.08 15.45 60.36
C SER E 57 -37.70 14.08 60.39
N TYR E 58 -38.80 13.91 59.66
CA TYR E 58 -39.48 12.62 59.58
C TYR E 58 -38.97 11.89 58.35
N GLN E 59 -38.21 10.82 58.56
CA GLN E 59 -37.63 10.01 57.49
C GLN E 59 -38.63 9.58 56.41
N LYS E 60 -38.43 10.08 55.20
CA LYS E 60 -39.33 9.77 54.07
C LYS E 60 -39.45 8.27 53.91
N LYS E 61 -40.63 7.80 53.49
CA LYS E 61 -40.82 6.35 53.33
C LYS E 61 -41.41 5.96 51.98
N ILE E 62 -41.60 6.94 51.12
CA ILE E 62 -42.15 6.68 49.79
C ILE E 62 -41.08 6.94 48.73
N ILE E 63 -40.91 5.97 47.83
CA ILE E 63 -39.91 6.10 46.78
C ILE E 63 -40.54 5.75 45.42
N LYS E 64 -40.19 6.55 44.42
CA LYS E 64 -40.71 6.38 43.07
C LYS E 64 -39.70 5.59 42.23
N CYS E 65 -40.16 4.49 41.62
CA CYS E 65 -39.27 3.67 40.80
C CYS E 65 -39.32 4.03 39.32
N ASP E 66 -40.44 4.64 38.91
CA ASP E 66 -40.65 5.07 37.53
C ASP E 66 -41.93 5.90 37.50
N GLU E 67 -42.32 6.35 36.32
CA GLU E 67 -43.52 7.15 36.16
C GLU E 67 -44.78 6.39 36.47
N HIS E 68 -44.72 5.07 36.40
CA HIS E 68 -45.88 4.23 36.64
C HIS E 68 -45.70 3.27 37.81
N MET E 69 -44.71 3.52 38.68
CA MET E 69 -44.47 2.61 39.78
C MET E 69 -43.74 3.24 40.94
N GLY E 70 -44.04 2.75 42.14
CA GLY E 70 -43.42 3.26 43.35
C GLY E 70 -43.65 2.34 44.51
N LEU E 71 -43.05 2.65 45.66
CA LEU E 71 -43.22 1.79 46.83
C LEU E 71 -43.07 2.54 48.15
N SER E 72 -43.36 1.83 49.24
CA SER E 72 -43.23 2.36 50.60
C SER E 72 -42.43 1.32 51.38
N LEU E 73 -41.62 1.79 52.32
CA LEU E 73 -40.75 0.93 53.12
C LEU E 73 -41.06 0.78 54.61
N ALA E 74 -40.68 -0.36 55.17
CA ALA E 74 -40.87 -0.62 56.59
C ALA E 74 -39.66 -1.37 57.12
N GLY E 75 -38.74 -0.64 57.75
CA GLY E 75 -37.55 -1.28 58.27
C GLY E 75 -36.27 -0.51 58.01
N LEU E 76 -35.21 -1.22 57.63
CA LEU E 76 -33.93 -0.57 57.34
C LEU E 76 -34.01 0.35 56.13
N ALA E 77 -33.80 1.65 56.37
CA ALA E 77 -33.86 2.63 55.29
C ALA E 77 -32.91 2.25 54.16
N PRO E 78 -31.62 2.00 54.46
CA PRO E 78 -30.63 1.64 53.45
C PRO E 78 -31.08 0.52 52.52
N ASP E 79 -31.46 -0.62 53.09
CA ASP E 79 -31.91 -1.75 52.29
C ASP E 79 -33.00 -1.37 51.31
N ALA E 80 -33.87 -0.46 51.71
CA ALA E 80 -34.95 -0.01 50.83
C ALA E 80 -34.33 0.79 49.70
N ARG E 81 -33.33 1.59 50.03
CA ARG E 81 -32.63 2.41 49.04
C ARG E 81 -31.98 1.49 48.00
N VAL E 82 -31.37 0.42 48.49
CA VAL E 82 -30.72 -0.56 47.63
C VAL E 82 -31.73 -1.21 46.69
N LEU E 83 -32.81 -1.70 47.27
CA LEU E 83 -33.89 -2.37 46.53
C LEU E 83 -34.64 -1.46 45.56
N SER E 84 -35.01 -0.28 46.03
CA SER E 84 -35.74 0.67 45.19
C SER E 84 -34.84 1.01 44.00
N ASN E 85 -33.56 1.19 44.31
CA ASN E 85 -32.61 1.53 43.28
C ASN E 85 -32.51 0.41 42.24
N TYR E 86 -32.40 -0.84 42.70
CA TYR E 86 -32.32 -1.98 41.79
C TYR E 86 -33.56 -2.02 40.92
N LEU E 87 -34.70 -1.77 41.54
CA LEU E 87 -35.96 -1.76 40.83
C LEU E 87 -35.99 -0.63 39.83
N ARG E 88 -35.42 0.52 40.17
CA ARG E 88 -35.38 1.66 39.26
C ARG E 88 -34.66 1.29 37.98
N GLN E 89 -33.62 0.48 38.11
CA GLN E 89 -32.85 0.06 36.96
C GLN E 89 -33.65 -0.90 36.12
N GLN E 90 -34.28 -1.88 36.77
CA GLN E 90 -35.07 -2.85 36.03
C GLN E 90 -36.15 -2.19 35.19
N CYS E 91 -36.69 -1.08 35.69
CA CYS E 91 -37.71 -0.35 34.96
C CYS E 91 -37.06 0.36 33.79
N ASN E 92 -35.95 1.02 34.09
CA ASN E 92 -35.17 1.75 33.13
C ASN E 92 -34.69 0.85 32.00
N TYR E 93 -34.22 -0.35 32.37
CA TYR E 93 -33.74 -1.30 31.37
C TYR E 93 -34.88 -1.64 30.44
N SER E 94 -36.05 -1.91 31.00
CA SER E 94 -37.23 -2.27 30.21
C SER E 94 -37.64 -1.20 29.21
N SER E 95 -37.61 0.06 29.64
CA SER E 95 -37.99 1.16 28.76
C SER E 95 -36.99 1.33 27.64
N LEU E 96 -35.71 1.33 28.00
CA LEU E 96 -34.65 1.53 27.03
C LEU E 96 -34.53 0.43 25.98
N VAL E 97 -34.43 -0.80 26.45
CA VAL E 97 -34.27 -1.92 25.55
C VAL E 97 -35.52 -2.34 24.80
N PHE E 98 -36.64 -2.47 25.50
CA PHE E 98 -37.88 -2.88 24.85
C PHE E 98 -38.91 -1.78 24.67
N ASN E 99 -38.61 -0.59 25.16
CA ASN E 99 -39.53 0.55 25.05
C ASN E 99 -40.87 0.14 25.64
N ARG E 100 -40.80 -0.71 26.67
CA ARG E 100 -41.97 -1.24 27.34
C ARG E 100 -41.94 -0.83 28.81
N LYS E 101 -43.11 -0.64 29.41
CA LYS E 101 -43.16 -0.29 30.83
C LYS E 101 -43.22 -1.59 31.63
N LEU E 102 -42.34 -1.70 32.61
CA LEU E 102 -42.25 -2.90 33.42
C LEU E 102 -43.52 -3.21 34.21
N ALA E 103 -44.08 -4.40 33.95
CA ALA E 103 -45.28 -4.87 34.65
C ALA E 103 -45.01 -4.94 36.14
N VAL E 104 -45.91 -4.36 36.94
CA VAL E 104 -45.77 -4.33 38.39
C VAL E 104 -45.60 -5.75 38.94
N GLU E 105 -46.31 -6.68 38.34
CA GLU E 105 -46.25 -8.07 38.76
C GLU E 105 -44.86 -8.63 38.49
N ARG E 106 -44.16 -8.04 37.53
CA ARG E 106 -42.83 -8.50 37.17
C ARG E 106 -41.77 -7.87 38.07
N ALA E 107 -42.03 -6.66 38.53
CA ALA E 107 -41.10 -5.98 39.42
C ALA E 107 -41.07 -6.79 40.71
N GLY E 108 -42.19 -7.43 41.00
CA GLY E 108 -42.29 -8.24 42.20
C GLY E 108 -41.39 -9.45 42.08
N HIS E 109 -41.46 -10.14 40.94
CA HIS E 109 -40.63 -11.32 40.72
C HIS E 109 -39.15 -10.98 40.89
N LEU E 110 -38.74 -9.85 40.33
CA LEU E 110 -37.36 -9.42 40.41
C LEU E 110 -36.93 -9.22 41.86
N LEU E 111 -37.73 -8.47 42.62
CA LEU E 111 -37.39 -8.22 44.02
C LEU E 111 -37.29 -9.54 44.76
N CYS E 112 -38.26 -10.41 44.54
CA CYS E 112 -38.24 -11.71 45.19
C CYS E 112 -36.92 -12.44 44.91
N ASP E 113 -36.60 -12.61 43.63
CA ASP E 113 -35.37 -13.32 43.24
C ASP E 113 -34.12 -12.71 43.83
N LYS E 114 -34.06 -11.38 43.90
CA LYS E 114 -32.89 -10.70 44.46
C LYS E 114 -32.74 -11.05 45.94
N ALA E 115 -33.84 -10.93 46.67
CA ALA E 115 -33.84 -11.22 48.10
C ALA E 115 -33.49 -12.66 48.39
N GLN E 116 -34.04 -13.57 47.59
CA GLN E 116 -33.79 -15.00 47.80
C GLN E 116 -32.31 -15.33 47.85
N LYS E 117 -31.52 -14.69 46.99
CA LYS E 117 -30.09 -14.92 46.93
C LYS E 117 -29.36 -14.62 48.22
N ASN E 118 -29.82 -13.60 48.94
CA ASN E 118 -29.20 -13.23 50.20
C ASN E 118 -29.63 -14.14 51.34
N THR E 119 -30.21 -15.29 50.99
CA THR E 119 -30.66 -16.22 52.02
C THR E 119 -30.18 -17.65 51.79
N GLN E 120 -29.34 -17.85 50.77
CA GLN E 120 -28.84 -19.19 50.48
C GLN E 120 -27.32 -19.26 50.48
N SER E 121 -26.66 -18.11 50.54
CA SER E 121 -25.20 -18.06 50.55
C SER E 121 -24.63 -17.45 51.81
N TYR E 122 -23.43 -17.91 52.13
CA TYR E 122 -22.68 -17.47 53.30
C TYR E 122 -22.24 -16.02 53.18
N GLY E 123 -22.05 -15.37 54.32
CA GLY E 123 -21.58 -13.99 54.30
C GLY E 123 -22.62 -12.90 54.16
N GLY E 124 -23.67 -13.14 53.39
CA GLY E 124 -24.68 -12.11 53.22
C GLY E 124 -25.62 -12.02 54.41
N ARG E 125 -26.66 -11.22 54.24
CA ARG E 125 -27.67 -11.07 55.29
C ARG E 125 -28.96 -10.69 54.60
N PRO E 126 -30.08 -11.18 55.11
CA PRO E 126 -31.36 -10.85 54.50
C PRO E 126 -31.61 -9.36 54.54
N TYR E 127 -32.41 -8.85 53.62
CA TYR E 127 -32.71 -7.43 53.64
C TYR E 127 -33.65 -7.20 54.81
N GLY E 128 -33.39 -6.19 55.63
CA GLY E 128 -34.26 -5.91 56.76
C GLY E 128 -35.23 -4.79 56.43
N VAL E 129 -36.17 -5.06 55.53
CA VAL E 129 -37.14 -4.05 55.16
C VAL E 129 -38.26 -4.69 54.34
N GLY E 130 -39.48 -4.22 54.57
CA GLY E 130 -40.63 -4.72 53.85
C GLY E 130 -41.04 -3.64 52.86
N LEU E 131 -41.71 -4.03 51.78
CA LEU E 131 -42.08 -3.05 50.79
C LEU E 131 -43.48 -3.26 50.25
N LEU E 132 -44.13 -2.14 49.91
CA LEU E 132 -45.47 -2.15 49.33
C LEU E 132 -45.31 -1.44 48.00
N ILE E 133 -45.49 -2.16 46.91
CA ILE E 133 -45.35 -1.56 45.59
C ILE E 133 -46.72 -1.37 44.94
N ILE E 134 -46.93 -0.16 44.41
CA ILE E 134 -48.18 0.18 43.73
C ILE E 134 -47.81 0.61 42.33
N GLY E 135 -48.73 0.43 41.40
CA GLY E 135 -48.46 0.83 40.03
C GLY E 135 -49.59 0.57 39.07
N TYR E 136 -49.62 1.35 38.00
CA TYR E 136 -50.65 1.21 36.98
C TYR E 136 -49.95 0.87 35.66
N ASP E 137 -50.12 -0.37 35.19
CA ASP E 137 -49.52 -0.81 33.95
C ASP E 137 -50.55 -1.20 32.90
N LYS E 138 -50.19 -2.12 32.01
CA LYS E 138 -51.10 -2.55 30.95
C LYS E 138 -52.26 -3.44 31.37
N SER E 139 -52.39 -3.71 32.67
CA SER E 139 -53.49 -4.54 33.14
C SER E 139 -54.14 -3.92 34.38
N GLY E 140 -54.04 -2.59 34.47
CA GLY E 140 -54.65 -1.87 35.58
C GLY E 140 -53.82 -1.56 36.81
N ALA E 141 -54.51 -1.17 37.87
CA ALA E 141 -53.86 -0.83 39.12
C ALA E 141 -53.36 -2.11 39.79
N HIS E 142 -52.30 -1.96 40.58
CA HIS E 142 -51.68 -3.08 41.27
C HIS E 142 -51.12 -2.68 42.62
N LEU E 143 -51.00 -3.66 43.51
CA LEU E 143 -50.45 -3.46 44.83
C LEU E 143 -49.77 -4.75 45.26
N LEU E 144 -48.51 -4.64 45.66
CA LEU E 144 -47.72 -5.79 46.08
C LEU E 144 -47.12 -5.63 47.47
N GLU E 145 -46.99 -6.74 48.19
CA GLU E 145 -46.37 -6.71 49.50
C GLU E 145 -45.11 -7.58 49.40
N PHE E 146 -43.97 -6.97 49.72
CA PHE E 146 -42.68 -7.66 49.64
C PHE E 146 -42.07 -8.02 50.99
N GLN E 147 -41.70 -9.28 51.15
CA GLN E 147 -41.09 -9.74 52.41
C GLN E 147 -39.63 -10.18 52.23
N PRO E 148 -38.75 -9.73 53.13
CA PRO E 148 -37.33 -10.07 53.09
C PRO E 148 -37.09 -11.55 52.93
N SER E 149 -38.12 -12.35 53.18
CA SER E 149 -38.00 -13.79 53.03
C SER E 149 -37.96 -14.10 51.54
N GLY E 150 -38.39 -13.14 50.73
CA GLY E 150 -38.43 -13.30 49.29
C GLY E 150 -39.84 -13.52 48.77
N ASN E 151 -40.82 -13.45 49.66
CA ASN E 151 -42.21 -13.64 49.30
C ASN E 151 -42.89 -12.33 48.91
N VAL E 152 -43.35 -12.26 47.67
CA VAL E 152 -44.04 -11.07 47.17
C VAL E 152 -45.48 -11.49 46.85
N THR E 153 -46.45 -10.71 47.33
CA THR E 153 -47.85 -11.05 47.11
C THR E 153 -48.70 -9.90 46.57
N GLU E 154 -49.63 -10.23 45.67
CA GLU E 154 -50.53 -9.25 45.08
C GLU E 154 -51.80 -9.21 45.90
N LEU E 155 -52.23 -8.00 46.25
CA LEU E 155 -53.42 -7.81 47.07
C LEU E 155 -54.28 -6.66 46.57
N TYR E 156 -55.37 -6.37 47.27
CA TYR E 156 -56.25 -5.26 46.91
C TYR E 156 -55.82 -4.10 47.80
N GLY E 157 -55.28 -4.47 48.96
CA GLY E 157 -54.82 -3.50 49.93
C GLY E 157 -54.15 -4.23 51.07
N THR E 158 -53.39 -3.50 51.88
CA THR E 158 -52.68 -4.07 53.02
C THR E 158 -51.78 -3.05 53.70
N ALA E 159 -51.19 -3.46 54.81
CA ALA E 159 -50.29 -2.59 55.54
C ALA E 159 -49.24 -3.40 56.28
N ILE E 160 -48.12 -2.74 56.57
CA ILE E 160 -47.02 -3.37 57.26
C ILE E 160 -46.41 -2.38 58.23
N GLY E 161 -45.68 -2.89 59.22
CA GLY E 161 -45.07 -2.04 60.22
C GLY E 161 -45.63 -2.35 61.59
N ALA E 162 -45.38 -1.47 62.55
CA ALA E 162 -45.88 -1.68 63.90
C ALA E 162 -47.37 -1.37 63.94
N ARG E 163 -48.12 -2.24 64.64
CA ARG E 163 -49.56 -2.05 64.77
C ARG E 163 -50.29 -2.18 63.45
N SER E 164 -49.56 -2.54 62.40
CA SER E 164 -50.13 -2.69 61.06
C SER E 164 -51.38 -3.57 61.05
N GLN E 165 -51.53 -4.40 62.09
CA GLN E 165 -52.67 -5.30 62.19
C GLN E 165 -54.01 -4.55 62.25
N GLY E 166 -53.97 -3.30 62.71
CA GLY E 166 -55.19 -2.53 62.81
C GLY E 166 -55.79 -2.24 61.44
N ALA E 167 -55.04 -1.50 60.63
CA ALA E 167 -55.49 -1.15 59.30
C ALA E 167 -55.73 -2.37 58.43
N LYS E 168 -55.02 -3.45 58.69
CA LYS E 168 -55.16 -4.66 57.89
C LYS E 168 -56.51 -5.35 58.12
N THR E 169 -57.07 -5.18 59.32
CA THR E 169 -58.38 -5.77 59.63
C THR E 169 -59.43 -4.82 59.08
N TYR E 170 -59.15 -3.52 59.22
CA TYR E 170 -60.04 -2.48 58.73
C TYR E 170 -60.29 -2.60 57.23
N LEU E 171 -59.21 -2.69 56.46
CA LEU E 171 -59.32 -2.81 55.01
C LEU E 171 -59.96 -4.13 54.60
N GLU E 172 -59.80 -5.15 55.44
CA GLU E 172 -60.35 -6.47 55.18
C GLU E 172 -61.87 -6.41 55.25
N ARG E 173 -62.36 -5.39 55.96
CA ARG E 173 -63.78 -5.17 56.15
C ARG E 173 -64.29 -4.20 55.06
N THR E 174 -63.56 -3.10 54.87
CA THR E 174 -63.90 -2.07 53.90
C THR E 174 -63.65 -2.48 52.45
N LEU E 175 -63.28 -3.74 52.24
CA LEU E 175 -62.97 -4.23 50.89
C LEU E 175 -64.00 -3.78 49.83
N ASP E 176 -65.13 -4.47 49.77
CA ASP E 176 -66.19 -4.17 48.81
C ASP E 176 -66.43 -2.69 48.57
N THR E 177 -66.02 -1.86 49.53
CA THR E 177 -66.19 -0.40 49.45
C THR E 177 -65.19 0.31 48.54
N PHE E 178 -63.95 0.44 48.99
CA PHE E 178 -62.91 1.14 48.21
C PHE E 178 -62.61 0.56 46.83
N ILE E 179 -62.59 -0.77 46.72
CA ILE E 179 -62.30 -1.45 45.45
C ILE E 179 -63.14 -0.92 44.30
N LYS E 180 -64.17 -0.14 44.64
CA LYS E 180 -65.06 0.44 43.65
C LYS E 180 -64.93 1.95 43.54
N ILE E 181 -63.89 2.52 44.16
CA ILE E 181 -63.68 3.95 44.09
C ILE E 181 -62.93 4.28 42.80
N ASP E 182 -63.50 3.90 41.66
CA ASP E 182 -62.89 4.16 40.36
C ASP E 182 -63.28 5.53 39.83
N GLY E 183 -62.29 6.34 39.49
CA GLY E 183 -62.58 7.66 38.98
C GLY E 183 -62.43 8.73 40.03
N ASN E 184 -62.53 8.35 41.29
CA ASN E 184 -62.38 9.32 42.37
C ASN E 184 -61.17 9.04 43.23
N PRO E 185 -60.06 9.74 42.96
CA PRO E 185 -58.82 9.57 43.72
C PRO E 185 -58.99 9.99 45.18
N ASP E 186 -59.34 11.25 45.40
CA ASP E 186 -59.54 11.80 46.74
C ASP E 186 -60.21 10.82 47.68
N GLU E 187 -61.06 9.96 47.14
CA GLU E 187 -61.74 8.97 47.96
C GLU E 187 -60.80 7.88 48.44
N LEU E 188 -60.08 7.26 47.51
CA LEU E 188 -59.13 6.22 47.90
C LEU E 188 -58.17 6.72 48.97
N ILE E 189 -57.72 7.97 48.85
CA ILE E 189 -56.81 8.53 49.84
C ILE E 189 -57.50 8.65 51.20
N LYS E 190 -58.64 9.34 51.23
CA LYS E 190 -59.38 9.48 52.48
C LYS E 190 -59.58 8.09 53.07
N ALA E 191 -59.86 7.12 52.20
CA ALA E 191 -60.08 5.73 52.60
C ALA E 191 -58.80 5.11 53.14
N GLY E 192 -57.66 5.59 52.62
CA GLY E 192 -56.37 5.09 53.08
C GLY E 192 -56.01 5.76 54.40
N VAL E 193 -56.25 7.06 54.49
CA VAL E 193 -55.95 7.80 55.70
C VAL E 193 -56.83 7.28 56.85
N GLU E 194 -57.97 6.70 56.50
CA GLU E 194 -58.87 6.15 57.51
C GLU E 194 -58.35 4.81 58.02
N ALA E 195 -57.66 4.07 57.15
CA ALA E 195 -57.10 2.78 57.51
C ALA E 195 -55.78 2.99 58.26
N ILE E 196 -55.07 4.06 57.90
CA ILE E 196 -53.78 4.38 58.50
C ILE E 196 -53.92 4.78 59.96
N SER E 197 -55.06 5.37 60.32
CA SER E 197 -55.28 5.80 61.70
C SER E 197 -55.69 4.61 62.60
N GLN E 198 -56.10 3.53 61.97
CA GLN E 198 -56.51 2.32 62.68
C GLN E 198 -55.34 1.65 63.39
N SER E 199 -54.13 2.16 63.13
CA SER E 199 -52.93 1.60 63.73
C SER E 199 -52.14 2.64 64.51
N LEU E 200 -52.77 3.80 64.75
CA LEU E 200 -52.15 4.86 65.52
C LEU E 200 -52.34 4.45 66.98
N ARG E 201 -51.96 5.31 67.91
CA ARG E 201 -52.11 5.00 69.33
C ARG E 201 -51.37 6.05 70.16
N ASP E 202 -50.37 6.65 69.55
CA ASP E 202 -49.59 7.68 70.21
C ASP E 202 -50.17 9.07 69.94
N GLU E 203 -49.89 9.59 68.75
CA GLU E 203 -50.38 10.92 68.38
C GLU E 203 -51.35 10.86 67.21
N SER E 204 -51.72 12.04 66.73
CA SER E 204 -52.64 12.20 65.62
C SER E 204 -51.79 12.59 64.41
N LEU E 205 -52.01 11.93 63.27
CA LEU E 205 -51.23 12.24 62.07
C LEU E 205 -51.28 13.72 61.72
N THR E 206 -50.14 14.39 61.90
CA THR E 206 -50.01 15.83 61.63
C THR E 206 -49.65 16.09 60.17
N VAL E 207 -49.50 17.35 59.82
CA VAL E 207 -49.17 17.74 58.46
C VAL E 207 -47.84 17.15 57.98
N ASP E 208 -46.74 17.49 58.66
CA ASP E 208 -45.41 17.00 58.28
C ASP E 208 -45.11 15.63 58.89
N ASN E 209 -46.11 14.77 58.90
CA ASN E 209 -45.98 13.43 59.46
C ASN E 209 -46.67 12.42 58.56
N LEU E 210 -47.68 12.86 57.82
CA LEU E 210 -48.39 11.99 56.90
C LEU E 210 -47.70 12.05 55.55
N SER E 211 -47.69 10.92 54.87
CA SER E 211 -47.08 10.81 53.56
C SER E 211 -48.03 9.98 52.69
N ILE E 212 -48.39 10.51 51.52
CA ILE E 212 -49.28 9.79 50.63
C ILE E 212 -48.82 9.84 49.18
N ALA E 213 -48.95 8.71 48.49
CA ALA E 213 -48.55 8.59 47.10
C ALA E 213 -49.67 7.92 46.30
N ILE E 214 -49.77 8.30 45.02
CA ILE E 214 -50.79 7.72 44.16
C ILE E 214 -50.38 7.57 42.69
N VAL E 215 -50.98 6.58 42.04
CA VAL E 215 -50.74 6.28 40.64
C VAL E 215 -52.01 5.67 40.06
N GLY E 216 -52.23 5.85 38.75
CA GLY E 216 -53.42 5.30 38.13
C GLY E 216 -53.73 5.83 36.74
N LYS E 217 -54.70 5.19 36.08
CA LYS E 217 -55.15 5.53 34.74
C LYS E 217 -54.58 6.81 34.12
N ASP E 218 -54.80 7.95 34.76
CA ASP E 218 -54.26 9.20 34.22
C ASP E 218 -53.47 9.99 35.25
N THR E 219 -52.81 9.28 36.14
CA THR E 219 -52.03 9.92 37.19
C THR E 219 -50.60 9.38 37.34
N PRO E 220 -49.59 10.13 36.89
CA PRO E 220 -48.22 9.66 37.01
C PRO E 220 -47.80 9.65 38.48
N PHE E 221 -47.51 8.47 39.02
CA PHE E 221 -47.10 8.28 40.42
C PHE E 221 -46.47 9.53 41.03
N THR E 222 -47.18 10.13 41.97
CA THR E 222 -46.70 11.35 42.64
C THR E 222 -46.84 11.30 44.16
N ILE E 223 -45.92 11.96 44.83
CA ILE E 223 -45.85 12.00 46.30
C ILE E 223 -46.36 13.30 46.92
N TYR E 224 -47.12 13.17 48.00
CA TYR E 224 -47.66 14.33 48.70
C TYR E 224 -47.20 14.40 50.15
N ASP E 225 -46.52 15.50 50.48
CA ASP E 225 -46.00 15.76 51.81
C ASP E 225 -46.34 17.16 52.28
N GLY E 226 -46.67 17.30 53.56
CA GLY E 226 -47.00 18.59 54.13
C GLY E 226 -48.34 19.16 53.72
N GLU E 227 -48.41 20.48 53.62
CA GLU E 227 -49.62 21.20 53.25
C GLU E 227 -50.37 20.48 52.13
N ALA E 228 -49.64 19.70 51.35
CA ALA E 228 -50.23 18.95 50.24
C ALA E 228 -51.24 17.90 50.75
N VAL E 229 -51.06 17.46 52.00
CA VAL E 229 -51.97 16.47 52.59
C VAL E 229 -52.89 17.09 53.65
N ALA E 230 -52.65 18.36 53.98
CA ALA E 230 -53.44 19.07 54.99
C ALA E 230 -54.94 18.82 54.83
N LYS E 231 -55.39 18.75 53.58
CA LYS E 231 -56.80 18.51 53.29
C LYS E 231 -57.25 17.07 53.50
N TYR E 232 -56.47 16.29 54.24
CA TYR E 232 -56.82 14.89 54.52
C TYR E 232 -56.64 14.55 56.00
N ILE E 233 -56.09 15.49 56.77
CA ILE E 233 -55.85 15.30 58.19
C ILE E 233 -57.11 15.55 59.05
N GLY F 1 -18.90 -36.98 70.21
CA GLY F 1 -19.40 -35.57 70.24
C GLY F 1 -20.66 -35.37 69.41
N THR F 2 -20.98 -34.11 69.11
CA THR F 2 -22.16 -33.74 68.31
C THR F 2 -21.89 -32.50 67.46
N GLY F 3 -22.96 -31.82 67.03
CA GLY F 3 -22.80 -30.62 66.22
C GLY F 3 -22.71 -30.95 64.74
N TYR F 4 -23.07 -32.20 64.41
CA TYR F 4 -23.03 -32.68 63.03
C TYR F 4 -24.15 -32.11 62.18
N ASP F 5 -24.89 -31.16 62.72
CA ASP F 5 -26.02 -30.57 62.01
C ASP F 5 -25.98 -29.05 61.96
N LEU F 6 -24.79 -28.48 62.16
CA LEU F 6 -24.66 -27.03 62.15
C LEU F 6 -24.08 -26.52 60.83
N SER F 7 -23.37 -27.40 60.13
CA SER F 7 -22.76 -27.03 58.86
C SER F 7 -23.34 -27.93 57.78
N ASN F 8 -23.53 -27.40 56.58
CA ASN F 8 -24.10 -28.17 55.49
C ASN F 8 -23.40 -29.48 55.19
N SER F 9 -22.62 -29.54 54.12
CA SER F 9 -21.97 -30.78 53.66
C SER F 9 -21.30 -31.78 54.62
N VAL F 10 -21.62 -31.74 55.90
CA VAL F 10 -21.02 -32.66 56.89
C VAL F 10 -21.74 -34.01 57.00
N PHE F 11 -20.96 -35.09 57.13
CA PHE F 11 -21.52 -36.42 57.29
C PHE F 11 -21.63 -36.67 58.78
N SER F 12 -22.78 -37.15 59.23
CA SER F 12 -22.94 -37.47 60.63
C SER F 12 -22.34 -38.87 60.80
N PRO F 13 -22.23 -39.38 62.03
CA PRO F 13 -21.66 -40.72 62.24
C PRO F 13 -22.38 -41.87 61.55
N ASP F 14 -23.65 -41.66 61.18
CA ASP F 14 -24.44 -42.68 60.51
C ASP F 14 -24.44 -42.53 58.98
N GLY F 15 -23.81 -41.47 58.49
CA GLY F 15 -23.75 -41.24 57.05
C GLY F 15 -24.81 -40.31 56.51
N ARG F 16 -25.48 -39.58 57.39
CA ARG F 16 -26.53 -38.67 56.96
C ARG F 16 -26.07 -37.22 56.89
N ASN F 17 -26.85 -36.37 56.22
CA ASN F 17 -26.56 -34.94 56.10
C ASN F 17 -27.75 -34.21 56.71
N PHE F 18 -27.73 -34.06 58.03
CA PHE F 18 -28.81 -33.41 58.74
C PHE F 18 -29.35 -32.13 58.13
N GLN F 19 -28.48 -31.25 57.65
CA GLN F 19 -28.96 -30.01 57.06
C GLN F 19 -29.95 -30.26 55.94
N VAL F 20 -29.68 -31.29 55.13
CA VAL F 20 -30.55 -31.65 54.02
C VAL F 20 -31.89 -32.09 54.61
N GLU F 21 -31.81 -32.93 55.65
CA GLU F 21 -32.98 -33.44 56.34
C GLU F 21 -33.79 -32.32 56.97
N TYR F 22 -33.11 -31.32 57.51
CA TYR F 22 -33.80 -30.19 58.11
C TYR F 22 -34.51 -29.42 57.01
N ALA F 23 -33.96 -29.47 55.81
CA ALA F 23 -34.53 -28.77 54.68
C ALA F 23 -35.90 -29.38 54.40
N VAL F 24 -35.96 -30.70 54.42
CA VAL F 24 -37.19 -31.43 54.17
C VAL F 24 -38.29 -30.92 55.09
N LYS F 25 -37.99 -30.81 56.38
CA LYS F 25 -38.96 -30.32 57.34
C LYS F 25 -39.61 -29.04 56.82
N ALA F 26 -38.82 -28.20 56.16
CA ALA F 26 -39.33 -26.95 55.61
C ALA F 26 -40.34 -27.21 54.51
N VAL F 27 -40.16 -28.32 53.81
CA VAL F 27 -41.04 -28.73 52.71
C VAL F 27 -42.38 -29.24 53.26
N GLU F 28 -42.31 -30.28 54.09
CA GLU F 28 -43.50 -30.88 54.69
C GLU F 28 -44.39 -29.82 55.32
N ASN F 29 -43.75 -28.76 55.81
CA ASN F 29 -44.46 -27.69 56.47
C ASN F 29 -45.26 -26.81 55.51
N GLY F 30 -44.87 -26.79 54.24
CA GLY F 30 -45.59 -25.96 53.30
C GLY F 30 -46.83 -26.58 52.67
N THR F 31 -47.45 -25.82 51.77
CA THR F 31 -48.66 -26.23 51.05
C THR F 31 -48.42 -27.57 50.33
N THR F 32 -49.48 -28.15 49.77
CA THR F 32 -49.32 -29.41 49.06
C THR F 32 -49.58 -29.25 47.57
N SER F 33 -48.97 -30.14 46.80
CA SER F 33 -49.10 -30.12 45.35
C SER F 33 -48.92 -31.54 44.80
N ILE F 34 -49.45 -31.77 43.60
CA ILE F 34 -49.38 -33.09 43.01
C ILE F 34 -49.13 -33.07 41.52
N GLY F 35 -48.80 -34.25 41.00
CA GLY F 35 -48.55 -34.42 39.59
C GLY F 35 -49.16 -35.74 39.21
N ILE F 36 -49.96 -35.75 38.15
CA ILE F 36 -50.59 -36.96 37.68
C ILE F 36 -50.21 -37.14 36.22
N LYS F 37 -49.65 -38.31 35.92
CA LYS F 37 -49.21 -38.63 34.57
C LYS F 37 -50.29 -39.41 33.84
N CYS F 38 -50.93 -38.79 32.86
CA CYS F 38 -51.97 -39.49 32.10
C CYS F 38 -51.36 -40.31 30.96
N ASN F 39 -52.19 -40.82 30.05
CA ASN F 39 -51.68 -41.64 28.95
C ASN F 39 -50.93 -40.93 27.83
N ASP F 40 -50.91 -39.59 27.86
CA ASP F 40 -50.20 -38.84 26.84
C ASP F 40 -49.86 -37.42 27.29
N GLY F 41 -49.74 -37.23 28.61
CA GLY F 41 -49.42 -35.93 29.12
C GLY F 41 -49.28 -35.94 30.63
N VAL F 42 -49.34 -34.75 31.24
CA VAL F 42 -49.22 -34.66 32.70
C VAL F 42 -50.09 -33.52 33.21
N VAL F 43 -50.48 -33.62 34.47
CA VAL F 43 -51.30 -32.58 35.08
C VAL F 43 -50.70 -32.16 36.41
N PHE F 44 -50.64 -30.85 36.62
CA PHE F 44 -50.07 -30.33 37.85
C PHE F 44 -51.16 -29.53 38.53
N ALA F 45 -51.33 -29.77 39.82
CA ALA F 45 -52.33 -29.06 40.60
C ALA F 45 -51.70 -28.72 41.94
N VAL F 46 -52.08 -27.58 42.49
CA VAL F 46 -51.56 -27.19 43.77
C VAL F 46 -52.52 -26.33 44.57
N GLU F 47 -52.46 -26.52 45.89
CA GLU F 47 -53.28 -25.80 46.86
C GLU F 47 -52.74 -24.39 47.09
N LYS F 48 -53.63 -23.40 47.21
CA LYS F 48 -53.20 -22.03 47.44
C LYS F 48 -53.92 -21.42 48.64
N LEU F 49 -53.36 -21.56 49.83
CA LEU F 49 -53.99 -21.01 51.03
C LEU F 49 -54.38 -19.53 50.89
N ILE F 50 -55.67 -19.24 51.02
CA ILE F 50 -56.16 -17.87 50.90
C ILE F 50 -56.15 -17.21 52.27
N THR F 51 -54.99 -16.69 52.66
CA THR F 51 -54.80 -16.03 53.95
C THR F 51 -55.88 -15.02 54.30
N SER F 52 -56.20 -14.15 53.36
CA SER F 52 -57.20 -13.12 53.59
C SER F 52 -58.06 -12.89 52.35
N LYS F 53 -58.95 -11.91 52.45
CA LYS F 53 -59.84 -11.55 51.35
C LYS F 53 -59.16 -10.48 50.51
N LEU F 54 -57.99 -10.03 50.95
CA LEU F 54 -57.26 -9.01 50.22
C LEU F 54 -56.44 -9.60 49.08
N LEU F 55 -56.23 -10.91 49.12
CA LEU F 55 -55.48 -11.59 48.08
C LEU F 55 -56.29 -11.62 46.79
N VAL F 56 -55.83 -10.92 45.75
CA VAL F 56 -56.57 -10.94 44.49
C VAL F 56 -56.61 -12.38 43.98
N PRO F 57 -57.81 -12.89 43.66
CA PRO F 57 -57.93 -14.26 43.16
C PRO F 57 -57.41 -14.37 41.74
N GLN F 58 -56.88 -15.55 41.41
CA GLN F 58 -56.34 -15.83 40.07
C GLN F 58 -55.08 -15.03 39.76
N LYS F 59 -54.43 -14.47 40.79
CA LYS F 59 -53.25 -13.66 40.55
C LYS F 59 -51.89 -14.15 41.08
N ASN F 60 -51.86 -14.66 42.30
CA ASN F 60 -50.59 -15.14 42.85
C ASN F 60 -50.24 -16.53 42.37
N VAL F 61 -50.04 -16.66 41.06
CA VAL F 61 -49.72 -17.94 40.42
C VAL F 61 -48.52 -18.66 41.01
N LYS F 62 -48.62 -19.97 41.16
CA LYS F 62 -47.54 -20.75 41.74
C LYS F 62 -46.94 -21.78 40.80
N ILE F 63 -47.70 -22.21 39.81
CA ILE F 63 -47.16 -23.18 38.86
C ILE F 63 -46.31 -22.43 37.86
N GLN F 64 -45.18 -23.01 37.47
CA GLN F 64 -44.32 -22.35 36.52
C GLN F 64 -44.03 -23.23 35.32
N VAL F 65 -43.65 -22.57 34.23
CA VAL F 65 -43.31 -23.27 33.00
C VAL F 65 -41.84 -23.02 32.64
N VAL F 66 -41.18 -24.08 32.19
CA VAL F 66 -39.80 -24.01 31.77
C VAL F 66 -39.88 -24.23 30.26
N ASP F 67 -39.36 -23.28 29.51
CA ASP F 67 -39.39 -23.34 28.06
C ASP F 67 -40.85 -23.24 27.64
N ARG F 68 -41.29 -24.17 26.81
CA ARG F 68 -42.66 -24.17 26.34
C ARG F 68 -43.38 -25.48 26.70
N HIS F 69 -42.63 -26.56 26.86
CA HIS F 69 -43.20 -27.86 27.15
C HIS F 69 -43.05 -28.42 28.56
N ILE F 70 -42.55 -27.63 29.50
CA ILE F 70 -42.36 -28.15 30.86
C ILE F 70 -43.10 -27.38 31.93
N GLY F 71 -43.66 -28.12 32.89
CA GLY F 71 -44.38 -27.50 33.98
C GLY F 71 -43.76 -27.92 35.30
N CYS F 72 -43.58 -26.96 36.19
CA CYS F 72 -43.00 -27.23 37.50
C CYS F 72 -43.88 -26.68 38.58
N VAL F 73 -43.99 -27.47 39.64
CA VAL F 73 -44.77 -27.07 40.78
C VAL F 73 -43.94 -27.56 41.96
N TYR F 74 -43.90 -26.77 43.04
CA TYR F 74 -43.10 -27.13 44.20
C TYR F 74 -43.72 -26.76 45.54
N SER F 75 -43.29 -27.48 46.57
CA SER F 75 -43.78 -27.27 47.93
C SER F 75 -42.63 -26.93 48.87
N GLY F 76 -42.86 -25.92 49.71
CA GLY F 76 -41.85 -25.49 50.67
C GLY F 76 -41.61 -23.99 50.64
N LEU F 77 -40.35 -23.60 50.49
CA LEU F 77 -39.98 -22.19 50.42
C LEU F 77 -40.16 -21.71 49.00
N ILE F 78 -41.19 -20.90 48.77
CA ILE F 78 -41.48 -20.40 47.43
C ILE F 78 -40.27 -19.79 46.73
N PRO F 79 -39.59 -18.82 47.38
CA PRO F 79 -38.42 -18.22 46.73
C PRO F 79 -37.43 -19.26 46.19
N ASP F 80 -37.08 -20.26 47.01
CA ASP F 80 -36.15 -21.29 46.55
C ASP F 80 -36.69 -21.95 45.27
N GLY F 81 -37.99 -22.20 45.24
CA GLY F 81 -38.58 -22.82 44.07
C GLY F 81 -38.35 -22.01 42.82
N ARG F 82 -38.62 -20.71 42.91
CA ARG F 82 -38.42 -19.83 41.77
C ARG F 82 -36.96 -19.89 41.32
N HIS F 83 -36.07 -19.80 42.30
CA HIS F 83 -34.64 -19.85 42.01
C HIS F 83 -34.33 -21.12 41.20
N LEU F 84 -34.78 -22.27 41.71
CA LEU F 84 -34.55 -23.53 41.03
C LEU F 84 -35.11 -23.56 39.62
N VAL F 85 -36.19 -22.82 39.39
CA VAL F 85 -36.82 -22.75 38.07
C VAL F 85 -36.03 -21.82 37.14
N ASN F 86 -35.54 -20.72 37.68
CA ASN F 86 -34.73 -19.79 36.91
C ASN F 86 -33.55 -20.55 36.34
N ARG F 87 -32.92 -21.34 37.19
CA ARG F 87 -31.79 -22.13 36.78
C ARG F 87 -32.25 -23.11 35.70
N GLY F 88 -33.40 -23.75 35.95
CA GLY F 88 -33.93 -24.68 34.99
C GLY F 88 -34.18 -24.05 33.65
N ARG F 89 -34.70 -22.82 33.66
CA ARG F 89 -34.98 -22.13 32.42
C ARG F 89 -33.71 -21.84 31.62
N GLU F 90 -32.64 -21.48 32.33
CA GLU F 90 -31.37 -21.19 31.69
C GLU F 90 -30.81 -22.50 31.16
N GLU F 91 -30.90 -23.52 32.00
CA GLU F 91 -30.39 -24.84 31.66
C GLU F 91 -31.03 -25.32 30.36
N ALA F 92 -32.34 -25.14 30.23
CA ALA F 92 -33.07 -25.56 29.05
C ALA F 92 -32.66 -24.78 27.80
N ALA F 93 -32.60 -23.46 27.93
CA ALA F 93 -32.21 -22.58 26.82
C ALA F 93 -30.83 -22.99 26.28
N SER F 94 -29.88 -23.18 27.20
CA SER F 94 -28.54 -23.61 26.84
C SER F 94 -28.58 -24.87 25.98
N PHE F 95 -29.47 -25.79 26.33
CA PHE F 95 -29.62 -27.06 25.63
C PHE F 95 -30.22 -26.87 24.24
N LYS F 96 -31.29 -26.09 24.17
CA LYS F 96 -31.95 -25.84 22.88
C LYS F 96 -30.99 -25.11 21.95
N LYS F 97 -30.22 -24.18 22.51
CA LYS F 97 -29.26 -23.42 21.74
C LYS F 97 -28.22 -24.31 21.10
N LEU F 98 -27.69 -25.25 21.86
CA LEU F 98 -26.66 -26.12 21.32
C LEU F 98 -27.19 -27.29 20.47
N TYR F 99 -28.31 -27.88 20.89
CA TYR F 99 -28.86 -29.04 20.19
C TYR F 99 -30.10 -28.83 19.31
N LYS F 100 -30.66 -27.62 19.34
CA LYS F 100 -31.83 -27.25 18.53
C LYS F 100 -33.15 -27.79 19.04
N THR F 101 -33.19 -29.08 19.36
CA THR F 101 -34.40 -29.72 19.86
C THR F 101 -34.66 -29.28 21.31
N PRO F 102 -35.92 -28.94 21.67
CA PRO F 102 -36.17 -28.54 23.06
C PRO F 102 -35.85 -29.69 24.02
N ILE F 103 -35.17 -29.36 25.10
CA ILE F 103 -34.72 -30.32 26.11
C ILE F 103 -35.69 -31.38 26.63
N PRO F 104 -35.30 -32.67 26.50
CA PRO F 104 -36.05 -33.85 26.93
C PRO F 104 -36.27 -33.77 28.44
N ILE F 105 -37.43 -34.25 28.87
CA ILE F 105 -37.77 -34.20 30.28
C ILE F 105 -36.75 -34.91 31.17
N PRO F 106 -36.32 -36.12 30.79
CA PRO F 106 -35.33 -36.83 31.61
C PRO F 106 -34.05 -36.02 31.73
N ALA F 107 -33.64 -35.41 30.61
CA ALA F 107 -32.44 -34.59 30.56
C ALA F 107 -32.62 -33.36 31.45
N PHE F 108 -33.80 -32.74 31.37
CA PHE F 108 -34.09 -31.56 32.17
C PHE F 108 -34.08 -31.90 33.65
N ALA F 109 -34.56 -33.08 33.98
CA ALA F 109 -34.62 -33.53 35.36
C ALA F 109 -33.20 -33.59 35.94
N ASP F 110 -32.30 -34.27 35.23
CA ASP F 110 -30.94 -34.41 35.70
C ASP F 110 -30.29 -33.05 35.88
N ARG F 111 -30.61 -32.11 35.00
CA ARG F 111 -30.05 -30.76 35.10
C ARG F 111 -30.42 -30.19 36.46
N LEU F 112 -31.70 -30.25 36.82
CA LEU F 112 -32.13 -29.76 38.12
C LEU F 112 -31.50 -30.61 39.20
N GLY F 113 -31.47 -31.92 38.98
CA GLY F 113 -30.89 -32.84 39.94
C GLY F 113 -29.46 -32.50 40.32
N GLN F 114 -28.58 -32.42 39.33
CA GLN F 114 -27.19 -32.07 39.57
C GLN F 114 -27.07 -30.74 40.30
N TYR F 115 -27.81 -29.74 39.83
CA TYR F 115 -27.78 -28.40 40.43
C TYR F 115 -28.16 -28.41 41.91
N VAL F 116 -29.16 -29.21 42.25
CA VAL F 116 -29.63 -29.29 43.63
C VAL F 116 -28.65 -30.08 44.49
N GLN F 117 -28.22 -31.23 43.97
CA GLN F 117 -27.27 -32.09 44.66
C GLN F 117 -26.01 -31.28 44.98
N ALA F 118 -25.73 -30.29 44.15
CA ALA F 118 -24.58 -29.44 44.33
C ALA F 118 -24.62 -28.69 45.65
N HIS F 119 -25.81 -28.18 46.01
CA HIS F 119 -25.97 -27.44 47.25
C HIS F 119 -25.92 -28.27 48.54
N THR F 120 -25.39 -29.48 48.44
CA THR F 120 -25.27 -30.35 49.61
C THR F 120 -23.82 -30.78 49.65
N LEU F 121 -23.00 -30.14 48.83
CA LEU F 121 -21.57 -30.46 48.75
C LEU F 121 -20.68 -29.50 49.53
N TYR F 122 -21.11 -28.25 49.64
CA TYR F 122 -20.34 -27.22 50.31
C TYR F 122 -21.09 -26.63 51.50
N ASN F 123 -20.35 -26.27 52.55
CA ASN F 123 -20.98 -25.70 53.73
C ASN F 123 -21.17 -24.20 53.58
N SER F 124 -20.81 -23.69 52.42
CA SER F 124 -20.95 -22.26 52.18
C SER F 124 -22.32 -21.95 51.60
N VAL F 125 -23.11 -23.00 51.37
CA VAL F 125 -24.45 -22.81 50.85
C VAL F 125 -25.47 -23.67 51.62
N ARG F 126 -26.73 -23.23 51.55
CA ARG F 126 -27.83 -23.91 52.21
C ARG F 126 -28.58 -24.74 51.17
N PRO F 127 -29.07 -25.94 51.56
CA PRO F 127 -29.80 -26.79 50.61
C PRO F 127 -31.15 -26.16 50.23
N PHE F 128 -31.77 -26.68 49.17
CA PHE F 128 -33.05 -26.15 48.75
C PHE F 128 -34.21 -26.58 49.65
N GLY F 129 -34.99 -25.61 50.09
CA GLY F 129 -36.13 -25.90 50.93
C GLY F 129 -37.39 -26.16 50.13
N VAL F 130 -37.29 -27.03 49.12
CA VAL F 130 -38.44 -27.37 48.29
C VAL F 130 -38.30 -28.74 47.61
N SER F 131 -39.46 -29.33 47.29
CA SER F 131 -39.52 -30.58 46.56
C SER F 131 -40.22 -30.10 45.31
N THR F 132 -39.83 -30.63 44.17
CA THR F 132 -40.45 -30.18 42.93
C THR F 132 -41.03 -31.30 42.11
N ILE F 133 -42.21 -31.04 41.59
CA ILE F 133 -42.93 -31.96 40.74
C ILE F 133 -42.97 -31.21 39.43
N PHE F 134 -42.43 -31.86 38.41
CA PHE F 134 -42.37 -31.24 37.09
C PHE F 134 -42.41 -32.35 36.05
N GLY F 135 -42.74 -31.97 34.83
CA GLY F 135 -42.80 -32.93 33.76
C GLY F 135 -43.33 -32.28 32.50
N GLY F 136 -43.47 -33.08 31.45
CA GLY F 136 -43.97 -32.57 30.20
C GLY F 136 -43.98 -33.67 29.15
N VAL F 137 -44.16 -33.29 27.90
CA VAL F 137 -44.19 -34.24 26.79
C VAL F 137 -43.01 -34.03 25.87
N ASP F 138 -42.30 -35.10 25.56
CA ASP F 138 -41.15 -35.00 24.68
C ASP F 138 -41.20 -36.03 23.55
N LYS F 139 -40.17 -36.01 22.72
CA LYS F 139 -40.02 -36.90 21.58
C LYS F 139 -40.62 -38.29 21.77
N ASN F 140 -40.41 -38.90 22.94
CA ASN F 140 -40.98 -40.22 23.16
C ASN F 140 -41.73 -40.41 24.49
N GLY F 141 -42.86 -39.74 24.60
CA GLY F 141 -43.65 -39.90 25.80
C GLY F 141 -43.85 -38.68 26.66
N ALA F 142 -44.46 -38.93 27.82
CA ALA F 142 -44.72 -37.92 28.82
C ALA F 142 -43.97 -38.39 30.06
N HIS F 143 -43.43 -37.44 30.82
CA HIS F 143 -42.68 -37.80 32.01
C HIS F 143 -43.08 -36.94 33.18
N LEU F 144 -43.14 -37.57 34.35
CA LEU F 144 -43.48 -36.89 35.59
C LEU F 144 -42.32 -37.11 36.54
N TYR F 145 -41.89 -36.05 37.22
CA TYR F 145 -40.76 -36.16 38.11
C TYR F 145 -40.95 -35.42 39.43
N MET F 146 -40.30 -35.92 40.46
CA MET F 146 -40.33 -35.28 41.75
C MET F 146 -38.88 -35.24 42.28
N LEU F 147 -38.46 -34.05 42.66
CA LEU F 147 -37.10 -33.80 43.13
C LEU F 147 -37.04 -33.40 44.59
N GLU F 148 -36.17 -34.05 45.34
CA GLU F 148 -36.00 -33.79 46.77
C GLU F 148 -34.80 -32.87 47.06
N PRO F 149 -34.79 -32.21 48.22
CA PRO F 149 -33.68 -31.31 48.58
C PRO F 149 -32.33 -32.04 48.53
N SER F 150 -32.34 -33.34 48.71
CA SER F 150 -31.13 -34.15 48.68
C SER F 150 -30.62 -34.29 47.25
N GLY F 151 -31.37 -33.73 46.30
CA GLY F 151 -30.99 -33.83 44.91
C GLY F 151 -31.53 -35.11 44.30
N SER F 152 -32.12 -35.95 45.13
CA SER F 152 -32.69 -37.20 44.65
C SER F 152 -34.00 -36.94 43.90
N TYR F 153 -34.18 -37.63 42.79
CA TYR F 153 -35.39 -37.51 41.98
C TYR F 153 -35.63 -38.83 41.25
N TRP F 154 -36.91 -39.16 41.03
CA TRP F 154 -37.30 -40.39 40.34
C TRP F 154 -38.48 -40.11 39.41
N GLY F 155 -38.73 -41.05 38.50
CA GLY F 155 -39.85 -40.93 37.58
C GLY F 155 -41.10 -41.40 38.33
N TYR F 156 -42.24 -40.77 38.09
CA TYR F 156 -43.44 -41.18 38.80
C TYR F 156 -44.68 -41.34 37.92
N LYS F 157 -45.62 -42.16 38.41
CA LYS F 157 -46.91 -42.39 37.76
C LYS F 157 -47.76 -41.23 38.28
N GLY F 158 -47.62 -40.96 39.57
CA GLY F 158 -48.33 -39.87 40.21
C GLY F 158 -47.49 -39.48 41.42
N ALA F 159 -47.46 -38.21 41.78
CA ALA F 159 -46.66 -37.77 42.91
C ALA F 159 -47.22 -36.54 43.62
N ALA F 160 -46.92 -36.43 44.91
CA ALA F 160 -47.40 -35.31 45.70
C ALA F 160 -46.43 -34.99 46.83
N THR F 161 -46.48 -33.76 47.31
CA THR F 161 -45.59 -33.33 48.38
C THR F 161 -46.17 -32.13 49.10
N GLY F 162 -45.81 -32.00 50.38
CA GLY F 162 -46.29 -30.89 51.18
C GLY F 162 -47.16 -31.36 52.34
N LYS F 163 -47.94 -30.44 52.87
CA LYS F 163 -48.85 -30.71 54.00
C LYS F 163 -49.62 -32.02 53.87
N GLY F 164 -50.53 -32.09 52.88
CA GLY F 164 -51.33 -33.30 52.72
C GLY F 164 -50.74 -34.32 51.77
N ARG F 165 -49.44 -34.52 51.82
CA ARG F 165 -48.81 -35.47 50.92
C ARG F 165 -49.28 -36.92 51.07
N GLN F 166 -49.58 -37.36 52.30
CA GLN F 166 -50.04 -38.74 52.54
C GLN F 166 -51.44 -38.96 52.00
N SER F 167 -52.31 -37.96 52.16
CA SER F 167 -53.67 -38.04 51.67
C SER F 167 -53.61 -38.23 50.16
N ALA F 168 -52.94 -37.29 49.50
CA ALA F 168 -52.78 -37.33 48.06
C ALA F 168 -52.25 -38.69 47.66
N LYS F 169 -51.06 -39.05 48.15
CA LYS F 169 -50.46 -40.35 47.83
C LYS F 169 -51.49 -41.47 47.88
N ALA F 170 -52.27 -41.52 48.95
CA ALA F 170 -53.29 -42.56 49.09
C ALA F 170 -54.22 -42.54 47.88
N GLU F 171 -54.75 -41.37 47.56
CA GLU F 171 -55.65 -41.20 46.41
C GLU F 171 -54.99 -41.59 45.10
N LEU F 172 -53.71 -41.25 44.97
CA LEU F 172 -52.97 -41.58 43.77
C LEU F 172 -52.82 -43.09 43.63
N GLU F 173 -52.43 -43.77 44.71
CA GLU F 173 -52.25 -45.22 44.67
C GLU F 173 -53.53 -45.91 44.21
N LYS F 174 -54.69 -45.32 44.53
CA LYS F 174 -55.97 -45.88 44.12
C LYS F 174 -56.07 -45.76 42.62
N LEU F 175 -55.93 -44.54 42.12
CA LEU F 175 -56.01 -44.29 40.69
C LEU F 175 -55.13 -45.26 39.90
N VAL F 176 -53.94 -45.53 40.41
CA VAL F 176 -53.01 -46.43 39.72
C VAL F 176 -53.48 -47.88 39.60
N ASP F 177 -54.41 -48.27 40.48
CA ASP F 177 -54.94 -49.64 40.45
C ASP F 177 -56.24 -49.72 39.64
N HIS F 178 -57.11 -48.73 39.82
CA HIS F 178 -58.39 -48.69 39.13
C HIS F 178 -58.36 -48.11 37.73
N HIS F 179 -57.18 -48.05 37.12
CA HIS F 179 -57.02 -47.53 35.77
C HIS F 179 -55.68 -48.06 35.26
N PRO F 180 -55.46 -49.38 35.37
CA PRO F 180 -54.21 -50.01 34.93
C PRO F 180 -53.84 -49.78 33.47
N GLU F 181 -54.84 -49.59 32.62
CA GLU F 181 -54.63 -49.36 31.20
C GLU F 181 -54.34 -47.89 30.86
N GLY F 182 -54.48 -47.00 31.84
CA GLY F 182 -54.20 -45.60 31.61
C GLY F 182 -55.37 -44.63 31.82
N LEU F 183 -55.04 -43.39 32.17
CA LEU F 183 -56.03 -42.35 32.40
C LEU F 183 -55.92 -41.36 31.25
N SER F 184 -56.97 -40.59 30.98
CA SER F 184 -56.90 -39.63 29.89
C SER F 184 -56.65 -38.25 30.45
N ALA F 185 -56.14 -37.36 29.60
CA ALA F 185 -55.84 -35.99 30.01
C ALA F 185 -57.04 -35.33 30.69
N ARG F 186 -58.19 -35.41 30.04
CA ARG F 186 -59.44 -34.83 30.54
C ARG F 186 -59.75 -35.35 31.95
N GLU F 187 -59.60 -36.66 32.13
CA GLU F 187 -59.85 -37.33 33.40
C GLU F 187 -58.95 -36.79 34.51
N ALA F 188 -57.64 -36.94 34.30
CA ALA F 188 -56.63 -36.50 35.26
C ALA F 188 -56.87 -35.09 35.80
N VAL F 189 -57.29 -34.17 34.95
CA VAL F 189 -57.54 -32.81 35.37
C VAL F 189 -58.55 -32.74 36.51
N LYS F 190 -59.61 -33.53 36.37
CA LYS F 190 -60.68 -33.58 37.37
C LYS F 190 -60.17 -34.31 38.61
N GLN F 191 -59.70 -35.53 38.38
CA GLN F 191 -59.16 -36.38 39.42
C GLN F 191 -58.21 -35.58 40.30
N ALA F 192 -57.37 -34.76 39.66
CA ALA F 192 -56.41 -33.93 40.37
C ALA F 192 -57.12 -32.90 41.25
N ALA F 193 -58.03 -32.13 40.64
CA ALA F 193 -58.79 -31.11 41.36
C ALA F 193 -59.38 -31.74 42.61
N LYS F 194 -59.71 -33.03 42.52
CA LYS F 194 -60.27 -33.76 43.65
C LYS F 194 -59.19 -33.95 44.70
N ILE F 195 -58.14 -34.70 44.34
CA ILE F 195 -57.02 -34.99 45.23
C ILE F 195 -56.63 -33.77 46.07
N ILE F 196 -56.51 -32.61 45.44
CA ILE F 196 -56.16 -31.39 46.15
C ILE F 196 -57.19 -31.12 47.24
N TYR F 197 -58.47 -31.18 46.88
CA TYR F 197 -59.54 -30.95 47.83
C TYR F 197 -59.49 -31.84 49.06
N LEU F 198 -59.34 -33.15 48.86
CA LEU F 198 -59.25 -34.07 49.99
C LEU F 198 -58.01 -33.72 50.78
N ALA F 199 -56.86 -33.75 50.11
CA ALA F 199 -55.59 -33.43 50.75
C ALA F 199 -55.57 -32.06 51.42
N HIS F 200 -56.64 -31.28 51.24
CA HIS F 200 -56.72 -29.97 51.87
C HIS F 200 -57.22 -30.07 53.31
N GLU F 201 -57.66 -31.27 53.68
CA GLU F 201 -58.19 -31.53 55.02
C GLU F 201 -57.17 -31.35 56.17
N ASP F 202 -55.89 -31.55 55.86
CA ASP F 202 -54.81 -31.42 56.84
C ASP F 202 -54.40 -29.95 57.02
N ASN F 203 -55.24 -29.06 56.48
CA ASN F 203 -55.01 -27.62 56.54
C ASN F 203 -56.36 -26.96 56.30
N LYS F 204 -57.40 -27.66 56.72
CA LYS F 204 -58.79 -27.21 56.55
C LYS F 204 -59.16 -25.89 57.23
N GLU F 205 -58.35 -25.47 58.20
CA GLU F 205 -58.61 -24.23 58.93
C GLU F 205 -58.75 -22.98 58.05
N LYS F 206 -58.06 -22.97 56.91
CA LYS F 206 -58.09 -21.81 56.01
C LYS F 206 -58.78 -22.10 54.67
N ASP F 207 -59.23 -21.04 54.01
CA ASP F 207 -59.89 -21.14 52.70
C ASP F 207 -58.81 -21.22 51.63
N PHE F 208 -59.03 -22.04 50.60
CA PHE F 208 -58.03 -22.17 49.55
C PHE F 208 -58.54 -21.98 48.13
N GLU F 209 -57.61 -21.69 47.21
CA GLU F 209 -57.92 -21.51 45.80
C GLU F 209 -57.16 -22.57 45.02
N LEU F 210 -57.84 -23.23 44.09
CA LEU F 210 -57.21 -24.30 43.33
C LEU F 210 -56.45 -23.80 42.11
N GLU F 211 -55.46 -24.59 41.67
CA GLU F 211 -54.66 -24.26 40.50
C GLU F 211 -54.20 -25.52 39.77
N ILE F 212 -54.53 -25.61 38.48
CA ILE F 212 -54.16 -26.77 37.67
C ILE F 212 -53.53 -26.37 36.36
N SER F 213 -52.75 -27.27 35.78
CA SER F 213 -52.11 -27.05 34.49
C SER F 213 -51.84 -28.42 33.91
N TRP F 214 -51.69 -28.47 32.58
CA TRP F 214 -51.48 -29.75 31.95
C TRP F 214 -50.69 -29.65 30.66
N CYS F 215 -50.20 -30.80 30.24
CA CYS F 215 -49.42 -30.93 29.03
C CYS F 215 -49.83 -32.27 28.40
N SER F 216 -50.73 -32.22 27.44
CA SER F 216 -51.19 -33.43 26.77
C SER F 216 -50.91 -33.31 25.27
N LEU F 217 -50.35 -34.37 24.70
CA LEU F 217 -50.02 -34.40 23.29
C LEU F 217 -51.22 -34.10 22.40
N SER F 218 -52.41 -34.48 22.87
CA SER F 218 -53.64 -34.25 22.11
C SER F 218 -54.44 -33.04 22.57
N GLU F 219 -54.55 -32.84 23.88
CA GLU F 219 -55.30 -31.72 24.42
C GLU F 219 -54.62 -30.34 24.35
N THR F 220 -53.33 -30.28 24.63
CA THR F 220 -52.59 -29.01 24.60
C THR F 220 -51.64 -28.92 23.43
N ASN F 221 -51.53 -30.01 22.68
CA ASN F 221 -50.65 -30.07 21.50
C ASN F 221 -49.20 -30.30 21.86
N GLY F 222 -48.95 -30.65 23.12
CA GLY F 222 -47.60 -30.90 23.57
C GLY F 222 -47.02 -29.72 24.34
N LEU F 223 -47.80 -28.66 24.47
CA LEU F 223 -47.34 -27.49 25.19
C LEU F 223 -47.97 -27.43 26.57
N HIS F 224 -47.27 -26.78 27.49
CA HIS F 224 -47.78 -26.63 28.85
C HIS F 224 -48.72 -25.43 28.85
N LYS F 225 -49.93 -25.66 29.34
CA LYS F 225 -50.92 -24.61 29.40
C LYS F 225 -51.70 -24.71 30.70
N PHE F 226 -52.21 -23.57 31.15
CA PHE F 226 -53.00 -23.52 32.38
C PHE F 226 -54.46 -23.81 32.12
N VAL F 227 -55.12 -24.36 33.13
CA VAL F 227 -56.53 -24.68 33.05
C VAL F 227 -57.29 -23.52 33.69
N LYS F 228 -58.06 -22.79 32.87
CA LYS F 228 -58.85 -21.67 33.39
C LYS F 228 -60.28 -21.70 32.85
N GLY F 229 -61.10 -20.79 33.35
CA GLY F 229 -62.49 -20.68 32.92
C GLY F 229 -63.38 -21.91 33.11
N ASP F 230 -64.15 -22.22 32.06
CA ASP F 230 -65.08 -23.34 32.07
C ASP F 230 -64.43 -24.67 32.40
N LEU F 231 -63.39 -25.04 31.65
CA LEU F 231 -62.72 -26.32 31.90
C LEU F 231 -62.27 -26.45 33.34
N LEU F 232 -61.92 -25.33 33.96
CA LEU F 232 -61.48 -25.32 35.35
C LEU F 232 -62.65 -25.60 36.28
N GLN F 233 -63.73 -24.83 36.12
CA GLN F 233 -64.93 -24.98 36.94
C GLN F 233 -65.44 -26.41 36.91
N GLU F 234 -65.45 -27.00 35.72
CA GLU F 234 -65.91 -28.38 35.55
C GLU F 234 -65.20 -29.36 36.49
N ALA F 235 -63.96 -29.05 36.84
CA ALA F 235 -63.18 -29.89 37.75
C ALA F 235 -63.40 -29.46 39.21
N ILE F 236 -63.64 -28.16 39.44
CA ILE F 236 -63.89 -27.67 40.80
C ILE F 236 -65.17 -28.32 41.30
N ASP F 237 -66.17 -28.35 40.42
CA ASP F 237 -67.45 -28.96 40.76
C ASP F 237 -67.27 -30.44 40.95
N PHE F 238 -66.64 -31.12 39.98
CA PHE F 238 -66.41 -32.56 40.07
C PHE F 238 -65.86 -32.94 41.44
N ALA F 239 -65.19 -31.98 42.09
CA ALA F 239 -64.63 -32.20 43.41
C ALA F 239 -65.66 -31.86 44.48
N GLN F 240 -66.20 -30.64 44.42
CA GLN F 240 -67.22 -30.19 45.37
C GLN F 240 -68.37 -31.19 45.47
N LYS F 241 -68.56 -31.95 44.40
CA LYS F 241 -69.62 -32.95 44.33
C LYS F 241 -69.24 -34.26 45.01
N GLU F 242 -67.95 -34.54 45.11
CA GLU F 242 -67.49 -35.77 45.75
C GLU F 242 -66.87 -35.52 47.12
N ILE F 243 -66.84 -34.25 47.52
CA ILE F 243 -66.30 -33.89 48.83
C ILE F 243 -67.45 -34.10 49.83
N ASN F 244 -68.62 -34.42 49.28
CA ASN F 244 -69.83 -34.68 50.06
C ASN F 244 -70.44 -36.03 49.64
N ALA G 1 -10.92 -28.66 68.71
CA ALA G 1 -10.83 -29.99 69.38
C ALA G 1 -11.77 -31.02 68.71
N GLY G 2 -13.07 -30.87 68.93
CA GLY G 2 -14.04 -31.81 68.37
C GLY G 2 -14.42 -31.67 66.90
N TYR G 3 -13.88 -30.66 66.22
CA TYR G 3 -14.20 -30.44 64.81
C TYR G 3 -13.44 -31.35 63.88
N ASP G 4 -12.43 -32.05 64.38
CA ASP G 4 -11.65 -32.95 63.54
C ASP G 4 -12.54 -34.09 63.07
N ARG G 5 -13.83 -33.98 63.38
CA ARG G 5 -14.80 -34.98 63.01
C ARG G 5 -15.67 -34.48 61.86
N HIS G 6 -15.70 -33.16 61.67
CA HIS G 6 -16.54 -32.56 60.62
C HIS G 6 -15.89 -32.32 59.27
N ILE G 7 -14.62 -31.98 59.23
CA ILE G 7 -13.94 -31.77 57.97
C ILE G 7 -12.88 -32.85 57.82
N THR G 8 -12.31 -32.95 56.64
CA THR G 8 -11.31 -33.99 56.40
C THR G 8 -9.89 -33.71 56.87
N ILE G 9 -9.70 -33.61 58.19
CA ILE G 9 -8.36 -33.40 58.75
C ILE G 9 -8.08 -34.59 59.65
N PHE G 10 -6.81 -34.87 59.91
CA PHE G 10 -6.47 -36.02 60.72
C PHE G 10 -7.00 -35.91 62.15
N SER G 11 -7.28 -37.06 62.74
CA SER G 11 -7.74 -37.15 64.12
C SER G 11 -6.47 -37.51 64.88
N PRO G 12 -6.48 -37.39 66.22
CA PRO G 12 -5.28 -37.75 67.00
C PRO G 12 -4.80 -39.18 66.73
N GLU G 13 -5.71 -40.04 66.29
CA GLU G 13 -5.41 -41.44 65.98
C GLU G 13 -4.89 -41.57 64.55
N GLY G 14 -4.96 -40.48 63.79
CA GLY G 14 -4.50 -40.51 62.41
C GLY G 14 -5.60 -40.94 61.46
N ARG G 15 -6.84 -40.84 61.90
CA ARG G 15 -7.99 -41.22 61.10
C ARG G 15 -8.72 -40.02 60.50
N LEU G 16 -9.47 -40.28 59.45
CA LEU G 16 -10.26 -39.24 58.79
C LEU G 16 -11.71 -39.67 58.93
N TYR G 17 -12.35 -39.26 60.02
CA TYR G 17 -13.72 -39.66 60.26
C TYR G 17 -14.71 -39.39 59.14
N GLN G 18 -14.60 -38.22 58.54
CA GLN G 18 -15.51 -37.89 57.45
C GLN G 18 -15.48 -38.91 56.34
N VAL G 19 -14.32 -39.54 56.13
CA VAL G 19 -14.23 -40.54 55.09
C VAL G 19 -14.90 -41.81 55.59
N GLU G 20 -14.69 -42.12 56.86
CA GLU G 20 -15.28 -43.31 57.45
C GLU G 20 -16.81 -43.21 57.43
N TYR G 21 -17.34 -42.05 57.75
CA TYR G 21 -18.77 -41.86 57.75
C TYR G 21 -19.31 -41.92 56.34
N ALA G 22 -18.48 -41.57 55.36
CA ALA G 22 -18.90 -41.59 53.98
C ALA G 22 -19.19 -43.03 53.60
N PHE G 23 -18.32 -43.94 53.99
CA PHE G 23 -18.50 -45.35 53.71
C PHE G 23 -19.85 -45.79 54.24
N LYS G 24 -20.20 -45.29 55.42
CA LYS G 24 -21.47 -45.62 56.04
C LYS G 24 -22.60 -45.28 55.07
N ALA G 25 -22.53 -44.09 54.49
CA ALA G 25 -23.54 -43.64 53.56
C ALA G 25 -23.79 -44.60 52.39
N THR G 26 -22.73 -45.29 51.94
CA THR G 26 -22.86 -46.21 50.81
C THR G 26 -23.80 -47.39 51.02
N ASN G 27 -24.21 -47.62 52.26
CA ASN G 27 -25.11 -48.73 52.57
C ASN G 27 -26.53 -48.26 52.82
N GLN G 28 -26.75 -46.96 52.70
CA GLN G 28 -28.05 -46.36 52.95
C GLN G 28 -29.18 -46.88 52.05
N THR G 29 -28.83 -47.36 50.86
CA THR G 29 -29.82 -47.89 49.91
C THR G 29 -30.19 -49.33 50.22
N ASN G 30 -29.39 -49.95 51.07
CA ASN G 30 -29.61 -51.33 51.48
C ASN G 30 -29.68 -52.26 50.27
N ILE G 31 -28.97 -51.90 49.21
CA ILE G 31 -28.94 -52.71 47.99
C ILE G 31 -27.59 -53.39 47.84
N ASN G 32 -27.61 -54.62 47.32
CA ASN G 32 -26.38 -55.38 47.11
C ASN G 32 -26.12 -55.54 45.62
N SER G 33 -24.86 -55.79 45.28
CA SER G 33 -24.48 -55.98 43.88
C SER G 33 -23.19 -56.76 43.81
N LEU G 34 -23.00 -57.46 42.70
CA LEU G 34 -21.80 -58.23 42.51
C LEU G 34 -21.46 -58.24 41.05
N ALA G 35 -20.18 -58.41 40.75
CA ALA G 35 -19.73 -58.45 39.38
C ALA G 35 -18.82 -59.66 39.19
N VAL G 36 -18.87 -60.25 38.01
CA VAL G 36 -18.06 -61.42 37.70
C VAL G 36 -17.52 -61.36 36.28
N ARG G 37 -16.42 -62.06 36.05
CA ARG G 37 -15.82 -62.07 34.74
C ARG G 37 -16.05 -63.36 33.95
N GLY G 38 -16.49 -63.19 32.70
CA GLY G 38 -16.73 -64.34 31.84
C GLY G 38 -15.40 -64.69 31.20
N LYS G 39 -15.43 -65.47 30.12
CA LYS G 39 -14.21 -65.85 29.43
C LYS G 39 -13.84 -64.65 28.56
N ASP G 40 -14.87 -63.91 28.18
CA ASP G 40 -14.71 -62.72 27.35
C ASP G 40 -15.93 -61.79 27.45
N CYS G 41 -16.23 -61.39 28.69
CA CYS G 41 -17.33 -60.49 28.98
C CYS G 41 -17.28 -60.21 30.47
N THR G 42 -18.12 -59.31 30.96
CA THR G 42 -18.15 -58.99 32.36
C THR G 42 -19.59 -58.70 32.74
N VAL G 43 -20.04 -59.29 33.83
CA VAL G 43 -21.42 -59.07 34.25
C VAL G 43 -21.56 -58.47 35.63
N VAL G 44 -22.51 -57.56 35.77
CA VAL G 44 -22.77 -56.95 37.06
C VAL G 44 -24.24 -57.12 37.33
N ILE G 45 -24.56 -57.43 38.59
CA ILE G 45 -25.94 -57.60 39.01
C ILE G 45 -26.14 -56.76 40.24
N SER G 46 -27.32 -56.16 40.34
CA SER G 46 -27.63 -55.33 41.48
C SER G 46 -29.10 -55.48 41.77
N GLN G 47 -29.44 -55.51 43.05
CA GLN G 47 -30.82 -55.64 43.48
C GLN G 47 -31.55 -54.36 43.13
N LYS G 48 -32.76 -54.50 42.63
CA LYS G 48 -33.59 -53.37 42.28
C LYS G 48 -34.75 -53.44 43.26
N LYS G 49 -34.86 -52.45 44.12
CA LYS G 49 -35.93 -52.44 45.10
C LYS G 49 -36.80 -51.21 44.94
N VAL G 50 -37.97 -51.38 44.34
CA VAL G 50 -38.89 -50.28 44.16
C VAL G 50 -39.99 -50.37 45.21
N PRO G 51 -39.89 -49.56 46.28
CA PRO G 51 -40.89 -49.57 47.35
C PRO G 51 -42.25 -49.02 46.94
N ASP G 52 -42.29 -47.73 46.60
CA ASP G 52 -43.53 -47.08 46.21
C ASP G 52 -44.14 -47.61 44.91
N LYS G 53 -45.47 -47.66 44.86
CA LYS G 53 -46.19 -48.13 43.68
C LYS G 53 -46.33 -46.98 42.68
N LEU G 54 -46.21 -45.77 43.19
CA LEU G 54 -46.30 -44.55 42.37
C LEU G 54 -45.07 -44.27 41.51
N LEU G 55 -44.00 -45.03 41.74
CA LEU G 55 -42.76 -44.88 41.00
C LEU G 55 -42.79 -45.59 39.67
N ASP G 56 -42.13 -45.00 38.68
CA ASP G 56 -42.01 -45.60 37.36
C ASP G 56 -40.73 -46.43 37.44
N PRO G 57 -40.85 -47.73 37.67
CA PRO G 57 -39.74 -48.69 37.78
C PRO G 57 -38.60 -48.60 36.77
N THR G 58 -38.87 -48.09 35.58
CA THR G 58 -37.84 -47.96 34.55
C THR G 58 -36.90 -46.78 34.77
N THR G 59 -37.21 -45.92 35.73
CA THR G 59 -36.37 -44.76 36.03
C THR G 59 -35.53 -45.00 37.31
N VAL G 60 -35.67 -46.19 37.89
CA VAL G 60 -34.93 -46.53 39.10
C VAL G 60 -33.77 -47.47 38.78
N SER G 61 -32.59 -46.90 38.58
CA SER G 61 -31.41 -47.70 38.28
C SER G 61 -30.14 -47.18 38.92
N TYR G 62 -29.27 -48.09 39.32
CA TYR G 62 -28.00 -47.71 39.92
C TYR G 62 -26.87 -48.21 39.03
N ILE G 63 -27.22 -48.59 37.81
CA ILE G 63 -26.23 -49.02 36.83
C ILE G 63 -26.27 -47.96 35.76
N PHE G 64 -25.09 -47.50 35.35
CA PHE G 64 -24.97 -46.47 34.34
C PHE G 64 -24.10 -46.89 33.16
N CYS G 65 -24.33 -46.25 32.03
CA CYS G 65 -23.55 -46.53 30.83
C CYS G 65 -22.61 -45.34 30.64
N ILE G 66 -21.40 -45.48 31.16
CA ILE G 66 -20.40 -44.43 31.09
C ILE G 66 -19.99 -44.15 29.65
N SER G 67 -19.59 -45.18 28.93
CA SER G 67 -19.20 -45.01 27.54
C SER G 67 -19.69 -46.19 26.72
N ARG G 68 -19.37 -46.18 25.43
CA ARG G 68 -19.79 -47.25 24.56
C ARG G 68 -19.25 -48.58 25.09
N THR G 69 -18.18 -48.54 25.88
CA THR G 69 -17.58 -49.77 26.39
C THR G 69 -17.48 -49.92 27.90
N ILE G 70 -17.73 -48.85 28.65
CA ILE G 70 -17.62 -48.93 30.10
C ILE G 70 -18.96 -48.84 30.80
N GLY G 71 -19.11 -49.69 31.81
CA GLY G 71 -20.33 -49.70 32.59
C GLY G 71 -19.92 -49.49 34.03
N MET G 72 -20.76 -48.78 34.78
CA MET G 72 -20.46 -48.51 36.17
C MET G 72 -21.70 -48.66 37.03
N VAL G 73 -21.57 -49.40 38.12
CA VAL G 73 -22.68 -49.60 39.04
C VAL G 73 -22.28 -48.89 40.34
N VAL G 74 -23.25 -48.27 40.99
CA VAL G 74 -23.01 -47.50 42.20
C VAL G 74 -23.73 -48.00 43.44
N ASN G 75 -23.03 -47.98 44.57
CA ASN G 75 -23.61 -48.35 45.85
C ASN G 75 -23.60 -47.06 46.68
N GLY G 76 -24.77 -46.50 46.92
CA GLY G 76 -24.86 -45.27 47.68
C GLY G 76 -26.04 -44.44 47.22
N PRO G 77 -26.37 -43.34 47.92
CA PRO G 77 -27.48 -42.47 47.57
C PRO G 77 -27.48 -42.19 46.08
N ILE G 78 -28.66 -41.98 45.51
CA ILE G 78 -28.71 -41.74 44.08
C ILE G 78 -28.13 -40.40 43.63
N PRO G 79 -28.40 -39.29 44.35
CA PRO G 79 -27.85 -38.00 43.91
C PRO G 79 -26.31 -38.01 43.79
N ASP G 80 -25.62 -38.61 44.76
CA ASP G 80 -24.17 -38.70 44.70
C ASP G 80 -23.78 -39.64 43.56
N ALA G 81 -24.50 -40.73 43.42
CA ALA G 81 -24.25 -41.71 42.38
C ALA G 81 -24.37 -41.09 40.98
N ARG G 82 -25.35 -40.20 40.81
CA ARG G 82 -25.53 -39.57 39.51
C ARG G 82 -24.43 -38.55 39.27
N ASN G 83 -24.09 -37.83 40.32
CA ASN G 83 -23.02 -36.85 40.26
C ASN G 83 -21.78 -37.56 39.74
N ALA G 84 -21.44 -38.68 40.39
CA ALA G 84 -20.28 -39.48 40.02
C ALA G 84 -20.33 -40.00 38.58
N ALA G 85 -21.50 -40.45 38.15
CA ALA G 85 -21.67 -40.97 36.79
C ALA G 85 -21.44 -39.87 35.74
N LEU G 86 -22.06 -38.70 35.96
CA LEU G 86 -21.92 -37.59 35.03
C LEU G 86 -20.44 -37.28 34.83
N ARG G 87 -19.74 -37.07 35.93
CA ARG G 87 -18.32 -36.78 35.87
C ARG G 87 -17.59 -37.86 35.08
N ALA G 88 -17.88 -39.12 35.41
CA ALA G 88 -17.24 -40.25 34.76
C ALA G 88 -17.47 -40.25 33.25
N LYS G 89 -18.66 -39.85 32.82
CA LYS G 89 -18.96 -39.80 31.40
C LYS G 89 -18.15 -38.71 30.72
N ALA G 90 -18.17 -37.52 31.31
CA ALA G 90 -17.44 -36.37 30.80
C ALA G 90 -15.95 -36.72 30.72
N GLU G 91 -15.44 -37.36 31.77
CA GLU G 91 -14.04 -37.76 31.78
C GLU G 91 -13.72 -38.74 30.67
N ALA G 92 -14.64 -39.67 30.40
CA ALA G 92 -14.42 -40.66 29.36
C ALA G 92 -14.54 -40.05 27.96
N ALA G 93 -15.46 -39.10 27.83
CA ALA G 93 -15.69 -38.43 26.55
C ALA G 93 -14.46 -37.62 26.20
N GLU G 94 -13.99 -36.83 27.16
CA GLU G 94 -12.82 -36.01 26.96
C GLU G 94 -11.59 -36.82 26.63
N PHE G 95 -11.29 -37.82 27.46
CA PHE G 95 -10.12 -38.67 27.25
C PHE G 95 -10.00 -39.07 25.78
N ARG G 96 -11.10 -39.56 25.23
CA ARG G 96 -11.15 -40.00 23.84
C ARG G 96 -10.70 -38.89 22.91
N TYR G 97 -11.33 -37.74 23.07
CA TYR G 97 -11.04 -36.55 22.27
C TYR G 97 -9.57 -36.18 22.31
N LYS G 98 -9.01 -36.12 23.51
CA LYS G 98 -7.63 -35.75 23.69
C LYS G 98 -6.59 -36.77 23.29
N TYR G 99 -6.83 -38.06 23.56
CA TYR G 99 -5.82 -39.07 23.25
C TYR G 99 -6.05 -39.97 22.04
N GLY G 100 -7.22 -39.86 21.42
CA GLY G 100 -7.51 -40.64 20.23
C GLY G 100 -7.91 -42.11 20.36
N TYR G 101 -8.38 -42.49 21.54
CA TYR G 101 -8.82 -43.87 21.78
C TYR G 101 -9.58 -43.95 23.09
N ASP G 102 -10.58 -44.82 23.11
CA ASP G 102 -11.46 -45.00 24.24
C ASP G 102 -10.73 -45.21 25.56
N MET G 103 -11.24 -44.52 26.58
CA MET G 103 -10.65 -44.58 27.89
C MET G 103 -10.82 -45.94 28.55
N PRO G 104 -9.69 -46.58 28.92
CA PRO G 104 -9.70 -47.90 29.57
C PRO G 104 -10.39 -47.84 30.92
N CYS G 105 -11.02 -48.95 31.28
CA CYS G 105 -11.75 -49.08 32.53
C CYS G 105 -10.91 -48.71 33.77
N ASP G 106 -9.74 -49.32 33.90
CA ASP G 106 -8.85 -49.06 35.03
C ASP G 106 -8.37 -47.61 35.09
N VAL G 107 -8.21 -46.98 33.93
CA VAL G 107 -7.79 -45.60 33.86
C VAL G 107 -8.89 -44.70 34.40
N LEU G 108 -10.11 -44.87 33.89
CA LEU G 108 -11.23 -44.09 34.36
C LEU G 108 -11.38 -44.33 35.85
N ALA G 109 -11.17 -45.57 36.25
CA ALA G 109 -11.28 -45.92 37.66
C ALA G 109 -10.26 -45.11 38.45
N LYS G 110 -9.00 -45.15 38.02
CA LYS G 110 -7.94 -44.40 38.68
C LYS G 110 -8.28 -42.91 38.73
N ARG G 111 -8.67 -42.34 37.60
CA ARG G 111 -9.03 -40.92 37.55
C ARG G 111 -10.15 -40.57 38.56
N MET G 112 -11.14 -41.45 38.68
CA MET G 112 -12.21 -41.18 39.60
C MET G 112 -11.72 -41.29 41.03
N ALA G 113 -10.83 -42.24 41.27
CA ALA G 113 -10.27 -42.45 42.61
C ALA G 113 -9.43 -41.23 43.00
N ASN G 114 -8.72 -40.67 42.02
CA ASN G 114 -7.89 -39.50 42.26
C ASN G 114 -8.79 -38.34 42.66
N LEU G 115 -9.87 -38.15 41.92
CA LEU G 115 -10.81 -37.07 42.21
C LEU G 115 -11.36 -37.28 43.62
N SER G 116 -11.59 -38.54 43.98
CA SER G 116 -12.11 -38.85 45.30
C SER G 116 -11.08 -38.53 46.36
N GLN G 117 -9.82 -38.85 46.09
CA GLN G 117 -8.76 -38.58 47.03
C GLN G 117 -8.68 -37.07 47.35
N ILE G 118 -8.93 -36.23 46.35
CA ILE G 118 -8.90 -34.79 46.56
C ILE G 118 -9.87 -34.34 47.64
N TYR G 119 -11.03 -34.98 47.71
CA TYR G 119 -12.00 -34.58 48.71
C TYR G 119 -11.55 -35.03 50.12
N THR G 120 -10.57 -35.93 50.11
CA THR G 120 -9.98 -36.49 51.31
C THR G 120 -9.01 -35.50 51.92
N GLN G 121 -8.44 -34.65 51.07
CA GLN G 121 -7.44 -33.67 51.50
C GLN G 121 -7.93 -32.23 51.58
N ARG G 122 -8.72 -31.79 50.61
CA ARG G 122 -9.24 -30.41 50.63
C ARG G 122 -10.48 -30.36 51.53
N ALA G 123 -10.56 -29.31 52.33
CA ALA G 123 -11.64 -29.17 53.29
C ALA G 123 -13.04 -28.78 52.84
N TYR G 124 -13.19 -27.94 51.80
CA TYR G 124 -14.52 -27.54 51.40
C TYR G 124 -15.28 -28.59 50.58
N MET G 125 -14.55 -29.55 50.03
CA MET G 125 -15.16 -30.62 49.24
C MET G 125 -15.41 -31.81 50.15
N ARG G 126 -16.66 -32.28 50.23
CA ARG G 126 -16.96 -33.45 51.07
C ARG G 126 -16.84 -34.72 50.21
N PRO G 127 -16.59 -35.85 50.85
CA PRO G 127 -16.48 -37.08 50.06
C PRO G 127 -17.86 -37.44 49.51
N LEU G 128 -17.89 -38.24 48.45
CA LEU G 128 -19.15 -38.70 47.90
C LEU G 128 -19.42 -40.06 48.55
N GLY G 129 -20.57 -40.20 49.20
CA GLY G 129 -20.88 -41.47 49.85
C GLY G 129 -21.28 -42.55 48.87
N VAL G 130 -20.36 -42.96 48.02
CA VAL G 130 -20.69 -43.99 47.04
C VAL G 130 -19.48 -44.83 46.74
N ILE G 131 -19.75 -46.05 46.26
CA ILE G 131 -18.71 -46.97 45.85
C ILE G 131 -19.00 -47.28 44.39
N LEU G 132 -18.02 -46.98 43.53
CA LEU G 132 -18.19 -47.18 42.10
C LEU G 132 -17.45 -48.44 41.62
N THR G 133 -18.16 -49.26 40.87
CA THR G 133 -17.59 -50.47 40.31
C THR G 133 -17.65 -50.29 38.80
N PHE G 134 -16.50 -50.26 38.15
CA PHE G 134 -16.48 -50.10 36.71
C PHE G 134 -16.20 -51.45 36.08
N VAL G 135 -16.83 -51.72 34.94
CA VAL G 135 -16.63 -52.97 34.24
C VAL G 135 -16.61 -52.76 32.75
N SER G 136 -15.95 -53.67 32.05
CA SER G 136 -15.85 -53.62 30.60
C SER G 136 -14.93 -54.73 30.14
N VAL G 137 -14.69 -54.77 28.83
CA VAL G 137 -13.80 -55.75 28.26
C VAL G 137 -12.75 -54.93 27.54
N ASP G 138 -11.73 -54.54 28.31
CA ASP G 138 -10.65 -53.72 27.79
C ASP G 138 -9.96 -54.42 26.62
N GLU G 139 -9.65 -53.65 25.59
CA GLU G 139 -9.00 -54.21 24.41
C GLU G 139 -7.60 -54.73 24.70
N GLU G 140 -7.15 -54.57 25.94
CA GLU G 140 -5.81 -55.05 26.29
C GLU G 140 -5.82 -55.96 27.51
N LEU G 141 -6.78 -55.75 28.41
CA LEU G 141 -6.83 -56.55 29.63
C LEU G 141 -7.99 -57.53 29.64
N GLY G 142 -8.84 -57.48 28.62
CA GLY G 142 -9.97 -58.38 28.57
C GLY G 142 -11.03 -57.97 29.59
N PRO G 143 -11.84 -58.92 30.09
CA PRO G 143 -12.88 -58.61 31.08
C PRO G 143 -12.26 -57.89 32.27
N SER G 144 -12.86 -56.76 32.66
CA SER G 144 -12.31 -55.96 33.74
C SER G 144 -13.28 -55.48 34.78
N ILE G 145 -12.85 -55.52 36.04
CA ILE G 145 -13.66 -55.04 37.15
C ILE G 145 -12.76 -54.20 38.06
N TYR G 146 -13.09 -52.91 38.19
CA TYR G 146 -12.33 -51.99 39.02
C TYR G 146 -13.29 -51.25 39.93
N LYS G 147 -12.96 -51.21 41.22
CA LYS G 147 -13.82 -50.54 42.18
C LYS G 147 -13.10 -49.49 43.01
N THR G 148 -13.80 -48.38 43.26
CA THR G 148 -13.26 -47.26 44.01
C THR G 148 -14.20 -46.87 45.15
N ASP G 149 -13.65 -46.26 46.19
CA ASP G 149 -14.43 -45.85 47.36
C ASP G 149 -14.19 -44.40 47.73
N PRO G 150 -14.86 -43.91 48.79
CA PRO G 150 -14.73 -42.52 49.25
C PRO G 150 -13.33 -42.15 49.76
N ALA G 151 -12.55 -43.15 50.10
CA ALA G 151 -11.19 -42.95 50.61
C ALA G 151 -10.22 -42.65 49.46
N GLY G 152 -10.67 -42.88 48.23
CA GLY G 152 -9.82 -42.62 47.09
C GLY G 152 -9.03 -43.86 46.69
N TYR G 153 -9.39 -44.98 47.29
CA TYR G 153 -8.74 -46.26 47.02
C TYR G 153 -9.40 -46.99 45.85
N TYR G 154 -8.60 -47.72 45.08
CA TYR G 154 -9.14 -48.48 43.96
C TYR G 154 -8.24 -49.66 43.60
N VAL G 155 -8.86 -50.73 43.13
CA VAL G 155 -8.13 -51.92 42.72
C VAL G 155 -8.95 -52.75 41.73
N GLY G 156 -8.29 -53.68 41.05
CA GLY G 156 -8.96 -54.55 40.11
C GLY G 156 -9.32 -55.87 40.79
N TYR G 157 -10.48 -56.42 40.46
CA TYR G 157 -10.92 -57.67 41.05
C TYR G 157 -11.10 -58.81 40.04
N LYS G 158 -11.21 -60.03 40.56
CA LYS G 158 -11.45 -61.21 39.71
C LYS G 158 -12.96 -61.28 39.65
N ALA G 159 -13.59 -60.75 40.69
CA ALA G 159 -15.04 -60.67 40.84
C ALA G 159 -15.21 -59.93 42.16
N THR G 160 -16.35 -59.30 42.37
CA THR G 160 -16.55 -58.57 43.62
C THR G 160 -18.02 -58.33 43.93
N ALA G 161 -18.29 -57.89 45.16
CA ALA G 161 -19.65 -57.62 45.59
C ALA G 161 -19.61 -56.45 46.56
N THR G 162 -20.72 -55.70 46.61
CA THR G 162 -20.81 -54.53 47.48
C THR G 162 -22.22 -54.41 48.01
N GLY G 163 -22.35 -53.85 49.21
CA GLY G 163 -23.65 -53.67 49.83
C GLY G 163 -23.66 -54.16 51.26
N PRO G 164 -24.82 -54.13 51.95
CA PRO G 164 -24.90 -54.58 53.34
C PRO G 164 -24.42 -56.02 53.53
N LYS G 165 -24.96 -56.95 52.73
CA LYS G 165 -24.59 -58.36 52.82
C LYS G 165 -23.44 -58.66 51.87
N GLN G 166 -22.49 -57.75 51.82
CA GLN G 166 -21.32 -57.85 50.98
C GLN G 166 -20.45 -59.05 51.29
N GLN G 167 -20.11 -59.21 52.57
CA GLN G 167 -19.24 -60.30 53.01
C GLN G 167 -19.75 -61.70 52.69
N GLU G 168 -21.07 -61.88 52.63
CA GLU G 168 -21.64 -63.18 52.31
C GLU G 168 -21.40 -63.52 50.85
N ILE G 169 -21.75 -62.57 49.97
CA ILE G 169 -21.57 -62.73 48.54
C ILE G 169 -20.11 -63.01 48.24
N THR G 170 -19.22 -62.32 48.95
CA THR G 170 -17.79 -62.46 48.76
C THR G 170 -17.26 -63.85 49.10
N THR G 171 -17.46 -64.30 50.35
CA THR G 171 -16.99 -65.62 50.78
C THR G 171 -17.62 -66.73 49.92
N ASN G 172 -18.79 -66.42 49.37
CA ASN G 172 -19.47 -67.36 48.51
C ASN G 172 -18.62 -67.53 47.26
N LEU G 173 -18.48 -66.44 46.52
CA LEU G 173 -17.68 -66.40 45.29
C LEU G 173 -16.27 -66.87 45.55
N GLU G 174 -15.74 -66.43 46.68
CA GLU G 174 -14.39 -66.75 47.14
C GLU G 174 -14.17 -68.25 47.12
N ASN G 175 -15.17 -68.98 47.60
CA ASN G 175 -15.11 -70.43 47.65
C ASN G 175 -15.22 -71.04 46.27
N HIS G 176 -16.11 -70.51 45.45
CA HIS G 176 -16.27 -71.03 44.10
C HIS G 176 -14.97 -71.00 43.29
N PHE G 177 -14.11 -70.02 43.56
CA PHE G 177 -12.86 -69.91 42.83
C PHE G 177 -11.77 -70.83 43.35
N LYS G 178 -11.77 -71.08 44.66
CA LYS G 178 -10.78 -71.99 45.26
C LYS G 178 -11.07 -73.37 44.70
N LYS G 179 -12.35 -73.63 44.46
CA LYS G 179 -12.85 -74.88 43.93
C LYS G 179 -12.55 -75.05 42.44
N SER G 180 -12.92 -74.05 41.63
CA SER G 180 -12.69 -74.11 40.18
C SER G 180 -11.24 -73.84 39.75
N LYS G 181 -10.41 -73.39 40.69
CA LYS G 181 -8.98 -73.11 40.44
C LYS G 181 -8.63 -72.05 39.39
N ILE G 182 -9.61 -71.59 38.63
CA ILE G 182 -9.39 -70.55 37.62
C ILE G 182 -10.03 -69.27 38.16
N ASP G 183 -9.50 -68.12 37.78
CA ASP G 183 -10.03 -66.85 38.26
C ASP G 183 -11.06 -66.18 37.34
N HIS G 184 -12.14 -66.89 37.04
CA HIS G 184 -13.20 -66.36 36.17
C HIS G 184 -14.19 -67.44 35.76
N ILE G 185 -15.44 -67.06 35.53
CA ILE G 185 -16.45 -68.01 35.12
C ILE G 185 -16.08 -68.52 33.74
N ASN G 186 -15.83 -69.82 33.61
CA ASN G 186 -15.44 -70.39 32.32
C ASN G 186 -16.63 -70.70 31.42
N GLU G 187 -17.12 -69.67 30.72
CA GLU G 187 -18.26 -69.82 29.82
C GLU G 187 -18.02 -69.04 28.52
N GLU G 188 -18.69 -69.45 27.44
CA GLU G 188 -18.55 -68.78 26.15
C GLU G 188 -19.61 -67.71 25.95
N SER G 189 -20.87 -68.05 26.23
CA SER G 189 -21.94 -67.08 26.07
C SER G 189 -22.07 -66.29 27.35
N TRP G 190 -22.48 -65.04 27.23
CA TRP G 190 -22.65 -64.20 28.40
C TRP G 190 -23.95 -64.53 29.12
N GLU G 191 -24.91 -65.06 28.37
CA GLU G 191 -26.20 -65.43 28.95
C GLU G 191 -26.01 -66.41 30.11
N LYS G 192 -25.00 -67.27 29.99
CA LYS G 192 -24.68 -68.25 31.03
C LYS G 192 -23.96 -67.60 32.20
N VAL G 193 -23.01 -66.71 31.90
CA VAL G 193 -22.26 -65.99 32.93
C VAL G 193 -23.27 -65.18 33.75
N VAL G 194 -24.26 -64.57 33.09
CA VAL G 194 -25.29 -63.80 33.77
C VAL G 194 -26.04 -64.70 34.75
N GLU G 195 -26.39 -65.90 34.26
CA GLU G 195 -27.12 -66.87 35.07
C GLU G 195 -26.31 -67.30 36.29
N PHE G 196 -25.02 -67.59 36.07
CA PHE G 196 -24.13 -67.99 37.13
C PHE G 196 -24.16 -66.96 38.27
N ALA G 197 -24.13 -65.70 37.88
CA ALA G 197 -24.15 -64.60 38.82
C ALA G 197 -25.47 -64.55 39.57
N ILE G 198 -26.58 -64.58 38.83
CA ILE G 198 -27.89 -64.53 39.49
C ILE G 198 -28.01 -65.70 40.46
N THR G 199 -27.35 -66.80 40.14
CA THR G 199 -27.38 -68.00 40.97
C THR G 199 -26.66 -67.72 42.28
N HIS G 200 -25.34 -67.59 42.20
CA HIS G 200 -24.54 -67.33 43.39
C HIS G 200 -25.01 -66.11 44.16
N MET G 201 -25.87 -65.30 43.52
CA MET G 201 -26.44 -64.13 44.16
C MET G 201 -27.48 -64.63 45.15
N ILE G 202 -28.30 -65.56 44.66
CA ILE G 202 -29.37 -66.17 45.45
C ILE G 202 -28.80 -67.07 46.55
N ASP G 203 -27.82 -67.89 46.18
CA ASP G 203 -27.17 -68.82 47.12
C ASP G 203 -26.54 -68.10 48.30
N ALA G 204 -26.10 -66.87 48.07
CA ALA G 204 -25.48 -66.07 49.11
C ALA G 204 -26.53 -65.29 49.90
N LEU G 205 -27.34 -64.51 49.20
CA LEU G 205 -28.38 -63.71 49.85
C LEU G 205 -29.46 -64.57 50.48
N GLY G 206 -29.63 -65.78 49.95
CA GLY G 206 -30.64 -66.69 50.47
C GLY G 206 -32.06 -66.30 50.10
N THR G 207 -32.21 -65.51 49.03
CA THR G 207 -33.54 -65.08 48.59
C THR G 207 -33.74 -65.36 47.11
N GLU G 208 -35.01 -65.38 46.72
CA GLU G 208 -35.39 -65.62 45.33
C GLU G 208 -35.78 -64.28 44.72
N PHE G 209 -35.52 -64.11 43.43
CA PHE G 209 -35.84 -62.86 42.74
C PHE G 209 -36.91 -63.05 41.66
N SER G 210 -37.59 -61.96 41.32
CA SER G 210 -38.58 -62.00 40.25
C SER G 210 -37.92 -61.17 39.16
N LYS G 211 -38.55 -61.01 38.01
CA LYS G 211 -37.95 -60.22 36.93
C LYS G 211 -37.81 -58.73 37.25
N ASN G 212 -38.34 -58.29 38.39
CA ASN G 212 -38.27 -56.87 38.79
C ASN G 212 -37.49 -56.65 40.07
N ASP G 213 -36.69 -57.64 40.45
CA ASP G 213 -35.89 -57.57 41.67
C ASP G 213 -34.41 -57.43 41.32
N LEU G 214 -34.09 -57.64 40.05
CA LEU G 214 -32.71 -57.55 39.59
C LEU G 214 -32.50 -56.37 38.67
N GLU G 215 -31.28 -56.31 38.15
CA GLU G 215 -30.83 -55.27 37.23
C GLU G 215 -29.52 -55.86 36.76
N VAL G 216 -29.36 -56.03 35.46
CA VAL G 216 -28.14 -56.65 34.95
C VAL G 216 -27.43 -55.89 33.84
N GLY G 217 -26.14 -55.69 34.01
CA GLY G 217 -25.38 -55.02 32.98
C GLY G 217 -24.38 -56.01 32.44
N VAL G 218 -24.17 -55.99 31.12
CA VAL G 218 -23.21 -56.91 30.53
C VAL G 218 -22.22 -56.11 29.67
N ALA G 219 -20.95 -56.47 29.82
CA ALA G 219 -19.89 -55.83 29.06
C ALA G 219 -19.30 -56.87 28.13
N THR G 220 -19.01 -56.46 26.89
CA THR G 220 -18.45 -57.34 25.89
C THR G 220 -17.56 -56.58 24.93
N LYS G 221 -16.83 -57.31 24.10
CA LYS G 221 -15.96 -56.70 23.11
C LYS G 221 -16.74 -55.60 22.38
N ASP G 222 -16.33 -54.36 22.60
CA ASP G 222 -16.94 -53.21 21.96
C ASP G 222 -18.34 -52.79 22.38
N LYS G 223 -18.83 -53.28 23.51
CA LYS G 223 -20.14 -52.83 23.96
C LYS G 223 -20.60 -53.26 25.34
N PHE G 224 -21.21 -52.31 26.04
CA PHE G 224 -21.76 -52.55 27.37
C PHE G 224 -23.24 -52.17 27.31
N PHE G 225 -24.09 -53.07 27.79
CA PHE G 225 -25.53 -52.86 27.78
C PHE G 225 -26.20 -53.43 29.02
N THR G 226 -27.44 -53.00 29.25
CA THR G 226 -28.22 -53.48 30.38
C THR G 226 -29.43 -54.28 29.86
N LEU G 227 -29.75 -55.38 30.53
CA LEU G 227 -30.87 -56.24 30.15
C LEU G 227 -32.19 -55.61 30.57
N SER G 228 -33.28 -56.01 29.92
CA SER G 228 -34.60 -55.49 30.25
C SER G 228 -35.37 -56.49 31.12
N ALA G 229 -36.48 -56.05 31.69
CA ALA G 229 -37.29 -56.91 32.54
C ALA G 229 -37.45 -58.29 31.89
N GLU G 230 -37.67 -58.28 30.59
CA GLU G 230 -37.86 -59.51 29.84
C GLU G 230 -36.59 -60.31 29.57
N ASN G 231 -35.50 -59.64 29.24
CA ASN G 231 -34.23 -60.34 28.97
C ASN G 231 -33.82 -61.07 30.25
N ILE G 232 -34.11 -60.45 31.39
CA ILE G 232 -33.82 -61.00 32.70
C ILE G 232 -34.75 -62.18 32.93
N GLU G 233 -36.04 -61.94 32.72
CA GLU G 233 -37.05 -62.98 32.90
C GLU G 233 -36.60 -64.27 32.21
N GLU G 234 -36.21 -64.14 30.95
CA GLU G 234 -35.74 -65.27 30.16
C GLU G 234 -34.53 -65.93 30.83
N ARG G 235 -33.84 -65.18 31.68
CA ARG G 235 -32.66 -65.68 32.38
C ARG G 235 -33.07 -66.46 33.64
N LEU G 236 -34.07 -65.94 34.36
CA LEU G 236 -34.59 -66.57 35.58
C LEU G 236 -35.22 -67.91 35.22
N VAL G 237 -35.89 -67.94 34.08
CA VAL G 237 -36.54 -69.14 33.58
C VAL G 237 -35.53 -70.24 33.30
N ALA G 238 -34.42 -69.88 32.66
CA ALA G 238 -33.38 -70.86 32.35
C ALA G 238 -32.77 -71.49 33.59
N ILE G 239 -32.58 -70.70 34.66
CA ILE G 239 -32.00 -71.25 35.88
C ILE G 239 -33.10 -71.98 36.67
N ALA G 240 -34.34 -71.83 36.22
CA ALA G 240 -35.49 -72.46 36.86
C ALA G 240 -35.56 -73.94 36.50
N GLU G 241 -35.00 -74.28 35.35
CA GLU G 241 -34.97 -75.65 34.86
C GLU G 241 -33.56 -76.20 35.05
N GLN G 242 -33.28 -76.65 36.26
CA GLN G 242 -31.97 -77.20 36.62
C GLN G 242 -31.91 -77.38 38.14
N ASP G 243 -32.65 -76.53 38.85
CA ASP G 243 -32.73 -76.55 40.32
C ASP G 243 -34.03 -77.22 40.79
N THR H 1 14.95 -30.46 3.01
CA THR H 1 14.71 -31.69 3.82
C THR H 1 13.89 -32.67 3.03
N THR H 2 14.17 -33.95 3.24
CA THR H 2 13.44 -34.99 2.57
C THR H 2 13.18 -36.05 3.61
N ILE H 3 11.93 -36.19 4.04
CA ILE H 3 11.63 -37.24 5.00
C ILE H 3 10.49 -38.09 4.43
N VAL H 4 10.55 -39.39 4.68
CA VAL H 4 9.54 -40.33 4.18
C VAL H 4 9.18 -41.39 5.21
N GLY H 5 8.08 -42.08 4.93
CA GLY H 5 7.61 -43.13 5.81
C GLY H 5 7.03 -44.18 4.89
N VAL H 6 7.47 -45.43 5.06
CA VAL H 6 6.99 -46.53 4.25
C VAL H 6 6.56 -47.66 5.17
N LYS H 7 5.34 -48.14 4.99
CA LYS H 7 4.82 -49.24 5.78
C LYS H 7 5.13 -50.55 5.08
N PHE H 8 5.36 -51.60 5.86
CA PHE H 8 5.63 -52.93 5.30
C PHE H 8 4.85 -54.00 6.05
N ASN H 9 4.76 -55.19 5.46
CA ASN H 9 4.01 -56.34 6.02
C ASN H 9 3.97 -56.50 7.54
N ASN H 10 5.05 -56.13 8.23
CA ASN H 10 5.08 -56.27 9.68
C ASN H 10 5.65 -55.06 10.40
N GLY H 11 5.26 -53.86 9.98
CA GLY H 11 5.76 -52.67 10.65
C GLY H 11 5.83 -51.45 9.76
N VAL H 12 6.69 -50.51 10.15
CA VAL H 12 6.84 -49.27 9.40
C VAL H 12 8.26 -48.73 9.53
N VAL H 13 8.73 -48.07 8.48
CA VAL H 13 10.07 -47.51 8.49
C VAL H 13 10.05 -46.06 8.02
N ILE H 14 10.81 -45.21 8.69
CA ILE H 14 10.88 -43.81 8.28
C ILE H 14 12.34 -43.42 8.14
N ALA H 15 12.60 -42.54 7.19
CA ALA H 15 13.95 -42.08 6.92
C ALA H 15 13.96 -40.59 6.56
N ALA H 16 15.12 -39.96 6.70
CA ALA H 16 15.25 -38.55 6.40
C ALA H 16 16.68 -38.30 6.02
N ASP H 17 16.98 -37.14 5.44
CA ASP H 17 18.34 -36.81 5.08
C ASP H 17 18.92 -36.15 6.33
N THR H 18 20.03 -35.45 6.20
CA THR H 18 20.64 -34.81 7.37
C THR H 18 21.10 -33.35 7.20
N ARG H 19 20.77 -32.73 6.07
CA ARG H 19 21.16 -31.35 5.81
C ARG H 19 20.19 -30.35 6.45
N SER H 20 20.77 -29.36 7.12
CA SER H 20 20.03 -28.31 7.80
C SER H 20 20.50 -26.97 7.22
N THR H 21 19.59 -26.12 6.79
CA THR H 21 20.00 -24.86 6.18
C THR H 21 19.40 -23.56 6.71
N GLN H 22 20.03 -22.45 6.32
CA GLN H 22 19.59 -21.08 6.65
C GLN H 22 19.77 -20.35 5.33
N GLY H 23 18.70 -20.23 4.55
CA GLY H 23 18.85 -19.57 3.27
C GLY H 23 19.63 -20.52 2.39
N PRO H 24 20.70 -20.07 1.72
CA PRO H 24 21.48 -20.95 0.84
C PRO H 24 22.71 -21.51 1.53
N ILE H 25 22.78 -21.41 2.84
CA ILE H 25 23.93 -21.91 3.55
C ILE H 25 23.63 -23.06 4.50
N VAL H 26 24.44 -24.11 4.42
CA VAL H 26 24.26 -25.27 5.26
C VAL H 26 24.70 -24.96 6.68
N ALA H 27 23.79 -25.14 7.63
CA ALA H 27 24.07 -24.88 9.03
C ALA H 27 24.66 -26.13 9.69
N ASP H 28 23.96 -27.26 9.51
CA ASP H 28 24.45 -28.53 10.04
C ASP H 28 24.53 -29.54 8.90
N LYS H 29 25.73 -30.07 8.66
CA LYS H 29 25.91 -31.03 7.59
C LYS H 29 25.36 -32.40 7.96
N ASN H 30 25.12 -32.61 9.25
CA ASN H 30 24.59 -33.89 9.68
C ASN H 30 23.70 -33.72 10.92
N CYS H 31 22.51 -33.16 10.74
CA CYS H 31 21.64 -33.02 11.88
C CYS H 31 20.62 -34.12 11.80
N ALA H 32 20.16 -34.59 12.96
CA ALA H 32 19.20 -35.68 13.00
C ALA H 32 17.76 -35.16 12.93
N LYS H 33 17.03 -35.61 11.90
CA LYS H 33 15.66 -35.19 11.72
C LYS H 33 14.65 -36.24 12.23
N LEU H 34 15.17 -37.36 12.72
CA LEU H 34 14.34 -38.44 13.24
C LEU H 34 14.19 -38.26 14.75
N HIS H 35 12.95 -38.02 15.19
CA HIS H 35 12.68 -37.78 16.59
C HIS H 35 11.92 -38.89 17.27
N ARG H 36 12.28 -39.17 18.51
CA ARG H 36 11.64 -40.22 19.27
C ARG H 36 10.53 -39.66 20.15
N ILE H 37 9.28 -40.05 19.91
CA ILE H 37 8.19 -39.59 20.74
C ILE H 37 8.23 -40.50 21.96
N SER H 38 8.26 -41.81 21.72
CA SER H 38 8.33 -42.81 22.78
C SER H 38 9.26 -43.88 22.23
N PRO H 39 9.53 -44.97 22.98
CA PRO H 39 10.44 -45.98 22.45
C PRO H 39 10.04 -46.54 21.08
N LYS H 40 8.74 -46.75 20.86
CA LYS H 40 8.32 -47.32 19.58
C LYS H 40 7.51 -46.41 18.68
N ILE H 41 7.62 -45.11 18.91
CA ILE H 41 6.93 -44.10 18.09
C ILE H 41 7.99 -43.09 17.74
N TRP H 42 8.22 -42.90 16.44
CA TRP H 42 9.22 -41.95 15.99
C TRP H 42 8.67 -40.99 14.95
N CYS H 43 9.29 -39.81 14.89
CA CYS H 43 8.89 -38.78 13.97
C CYS H 43 9.99 -38.30 13.07
N ALA H 44 9.61 -37.96 11.84
CA ALA H 44 10.52 -37.41 10.87
C ALA H 44 9.97 -35.98 10.81
N GLY H 45 10.83 -34.99 11.04
CA GLY H 45 10.34 -33.62 11.02
C GLY H 45 10.99 -32.68 10.03
N ALA H 46 10.16 -32.09 9.17
CA ALA H 46 10.60 -31.13 8.17
C ALA H 46 10.01 -29.78 8.55
N GLY H 47 10.54 -28.71 7.96
CA GLY H 47 10.05 -27.38 8.28
C GLY H 47 11.06 -26.63 9.14
N THR H 48 10.60 -25.92 10.16
CA THR H 48 11.52 -25.20 11.03
C THR H 48 12.09 -26.16 12.07
N ALA H 49 13.39 -26.41 11.96
CA ALA H 49 14.09 -27.32 12.84
C ALA H 49 13.79 -27.19 14.33
N ALA H 50 13.94 -25.98 14.87
CA ALA H 50 13.67 -25.76 16.29
C ALA H 50 12.26 -26.22 16.65
N ASP H 51 11.31 -25.94 15.77
CA ASP H 51 9.91 -26.31 15.97
C ASP H 51 9.64 -27.80 15.95
N THR H 52 10.11 -28.50 14.92
CA THR H 52 9.88 -29.93 14.87
C THR H 52 10.52 -30.57 16.11
N GLU H 53 11.72 -30.13 16.46
CA GLU H 53 12.38 -30.68 17.63
C GLU H 53 11.62 -30.38 18.91
N ALA H 54 11.26 -29.13 19.08
CA ALA H 54 10.54 -28.69 20.26
C ALA H 54 9.15 -29.32 20.42
N VAL H 55 8.33 -29.23 19.39
CA VAL H 55 6.99 -29.78 19.47
C VAL H 55 7.03 -31.28 19.70
N THR H 56 7.99 -31.93 19.05
CA THR H 56 8.17 -33.37 19.12
C THR H 56 8.52 -33.83 20.54
N GLN H 57 9.35 -33.06 21.23
CA GLN H 57 9.74 -33.38 22.60
C GLN H 57 8.64 -33.08 23.60
N LEU H 58 7.85 -32.04 23.32
CA LEU H 58 6.77 -31.69 24.23
C LEU H 58 5.78 -32.82 24.29
N ILE H 59 5.26 -33.22 23.13
CA ILE H 59 4.31 -34.33 23.07
C ILE H 59 4.97 -35.60 23.59
N GLY H 60 6.25 -35.77 23.23
CA GLY H 60 7.00 -36.93 23.70
C GLY H 60 6.95 -37.01 25.22
N SER H 61 7.13 -35.87 25.86
CA SER H 61 7.09 -35.78 27.31
C SER H 61 5.72 -36.15 27.85
N ASN H 62 4.67 -35.50 27.36
CA ASN H 62 3.32 -35.77 27.82
C ASN H 62 2.97 -37.23 27.58
N ILE H 63 3.42 -37.78 26.46
CA ILE H 63 3.16 -39.18 26.15
C ILE H 63 3.78 -40.09 27.23
N GLU H 64 5.02 -39.81 27.61
CA GLU H 64 5.66 -40.63 28.63
C GLU H 64 4.88 -40.60 29.94
N LEU H 65 4.50 -39.41 30.38
CA LEU H 65 3.75 -39.26 31.61
C LEU H 65 2.38 -39.95 31.51
N HIS H 66 1.75 -39.87 30.34
CA HIS H 66 0.45 -40.49 30.13
C HIS H 66 0.63 -42.00 30.22
N SER H 67 1.67 -42.49 29.55
CA SER H 67 2.02 -43.90 29.52
C SER H 67 2.19 -44.45 30.94
N LEU H 68 2.87 -43.69 31.79
CA LEU H 68 3.07 -44.10 33.18
C LEU H 68 1.77 -44.10 33.96
N TYR H 69 0.94 -43.09 33.72
CA TYR H 69 -0.34 -42.96 34.41
C TYR H 69 -1.30 -44.08 34.07
N THR H 70 -1.32 -44.49 32.80
CA THR H 70 -2.22 -45.56 32.38
C THR H 70 -1.58 -46.94 32.39
N SER H 71 -0.28 -46.98 32.68
CA SER H 71 0.44 -48.26 32.74
C SER H 71 0.29 -49.04 31.44
N ARG H 72 0.15 -48.32 30.33
CA ARG H 72 0.01 -48.93 29.02
C ARG H 72 1.05 -48.45 28.02
N GLU H 73 1.07 -49.08 26.86
CA GLU H 73 1.99 -48.70 25.81
C GLU H 73 1.45 -47.48 25.08
N PRO H 74 2.33 -46.53 24.72
CA PRO H 74 1.86 -45.35 24.02
C PRO H 74 1.28 -45.75 22.68
N ARG H 75 0.22 -45.09 22.24
CA ARG H 75 -0.38 -45.37 20.95
C ARG H 75 -0.03 -44.27 19.96
N VAL H 76 0.23 -44.62 18.71
CA VAL H 76 0.55 -43.62 17.73
C VAL H 76 -0.60 -42.63 17.58
N VAL H 77 -1.85 -43.11 17.62
CA VAL H 77 -2.99 -42.20 17.50
C VAL H 77 -3.03 -41.19 18.65
N SER H 78 -2.25 -41.43 19.70
CA SER H 78 -2.22 -40.47 20.79
C SER H 78 -1.27 -39.35 20.43
N ALA H 79 -0.01 -39.69 20.18
CA ALA H 79 0.98 -38.69 19.81
C ALA H 79 0.45 -37.89 18.62
N LEU H 80 -0.38 -38.53 17.81
CA LEU H 80 -0.94 -37.87 16.63
C LEU H 80 -2.01 -36.87 17.02
N GLN H 81 -2.94 -37.29 17.87
CA GLN H 81 -4.00 -36.40 18.30
C GLN H 81 -3.36 -35.23 19.05
N MET H 82 -2.45 -35.55 19.96
CA MET H 82 -1.74 -34.53 20.75
C MET H 82 -0.98 -33.52 19.91
N LEU H 83 -0.26 -34.01 18.91
CA LEU H 83 0.51 -33.14 18.02
C LEU H 83 -0.40 -32.21 17.24
N LYS H 84 -1.38 -32.79 16.57
CA LYS H 84 -2.29 -32.02 15.74
C LYS H 84 -3.18 -31.05 16.48
N GLN H 85 -3.49 -31.31 17.74
CA GLN H 85 -4.34 -30.37 18.46
C GLN H 85 -3.49 -29.20 18.93
N HIS H 86 -2.20 -29.46 19.10
CA HIS H 86 -1.26 -28.44 19.54
C HIS H 86 -0.91 -27.52 18.38
N LEU H 87 -0.60 -28.12 17.22
CA LEU H 87 -0.26 -27.35 16.04
C LEU H 87 -1.44 -26.52 15.59
N PHE H 88 -2.63 -27.10 15.64
CA PHE H 88 -3.83 -26.39 15.21
C PHE H 88 -4.04 -25.16 16.05
N LYS H 89 -3.82 -25.29 17.35
CA LYS H 89 -3.98 -24.19 18.29
C LYS H 89 -3.15 -22.97 17.88
N TYR H 90 -1.95 -23.22 17.35
CA TYR H 90 -1.06 -22.15 16.93
C TYR H 90 -1.20 -21.71 15.48
N GLN H 91 -2.37 -21.93 14.91
CA GLN H 91 -2.65 -21.52 13.54
C GLN H 91 -1.52 -21.54 12.52
N GLY H 92 -0.64 -22.54 12.60
CA GLY H 92 0.44 -22.64 11.63
C GLY H 92 1.70 -21.87 11.94
N HIS H 93 1.74 -21.18 13.07
CA HIS H 93 2.92 -20.41 13.43
C HIS H 93 4.06 -21.31 13.89
N ILE H 94 3.73 -22.52 14.32
CA ILE H 94 4.75 -23.49 14.70
C ILE H 94 5.01 -24.21 13.37
N GLY H 95 6.04 -23.79 12.66
CA GLY H 95 6.35 -24.38 11.36
C GLY H 95 6.90 -25.79 11.35
N ALA H 96 6.14 -26.74 11.88
CA ALA H 96 6.57 -28.13 11.93
C ALA H 96 5.68 -29.01 11.08
N TYR H 97 6.33 -29.76 10.18
CA TYR H 97 5.64 -30.69 9.30
C TYR H 97 6.27 -32.02 9.68
N LEU H 98 5.46 -32.96 10.15
CA LEU H 98 5.99 -34.23 10.61
C LEU H 98 5.36 -35.46 9.99
N ILE H 99 6.15 -36.53 9.96
CA ILE H 99 5.69 -37.83 9.50
C ILE H 99 5.87 -38.65 10.76
N VAL H 100 4.76 -39.01 11.40
CA VAL H 100 4.81 -39.79 12.63
C VAL H 100 4.40 -41.24 12.39
N ALA H 101 5.28 -42.17 12.80
CA ALA H 101 5.06 -43.60 12.63
C ALA H 101 5.40 -44.34 13.91
N GLY H 102 5.08 -45.62 13.95
CA GLY H 102 5.36 -46.44 15.12
C GLY H 102 4.46 -47.66 15.23
N VAL H 103 4.78 -48.52 16.19
CA VAL H 103 4.00 -49.74 16.44
C VAL H 103 3.49 -49.74 17.88
N ASP H 104 2.34 -50.36 18.12
CA ASP H 104 1.78 -50.41 19.46
C ASP H 104 0.77 -51.55 19.59
N PRO H 105 0.18 -51.74 20.78
CA PRO H 105 -0.80 -52.81 20.99
C PRO H 105 -1.95 -52.90 19.98
N THR H 106 -1.93 -52.10 18.92
CA THR H 106 -3.01 -52.18 17.93
C THR H 106 -2.51 -52.24 16.50
N GLY H 107 -1.19 -52.33 16.33
CA GLY H 107 -0.62 -52.42 14.99
C GLY H 107 0.48 -51.42 14.66
N SER H 108 0.82 -51.35 13.38
CA SER H 108 1.84 -50.41 12.91
C SER H 108 1.09 -49.25 12.24
N HIS H 109 1.54 -48.02 12.48
CA HIS H 109 0.87 -46.84 11.92
C HIS H 109 1.81 -45.88 11.20
N LEU H 110 1.22 -45.10 10.29
CA LEU H 110 1.97 -44.12 9.50
C LEU H 110 1.07 -42.93 9.20
N PHE H 111 1.45 -41.76 9.72
CA PHE H 111 0.68 -40.54 9.51
C PHE H 111 1.59 -39.37 9.18
N SER H 112 0.96 -38.28 8.76
CA SER H 112 1.68 -37.03 8.47
C SER H 112 0.85 -35.88 9.05
N ILE H 113 1.54 -34.88 9.60
CA ILE H 113 0.85 -33.73 10.17
C ILE H 113 1.45 -32.45 9.62
N HIS H 114 0.60 -31.53 9.20
CA HIS H 114 1.12 -30.26 8.68
C HIS H 114 1.02 -29.16 9.74
N ALA H 115 1.89 -28.16 9.60
CA ALA H 115 1.94 -27.06 10.56
C ALA H 115 0.57 -26.54 10.98
N HIS H 116 -0.40 -26.56 10.08
CA HIS H 116 -1.73 -26.07 10.43
C HIS H 116 -2.59 -27.01 11.25
N GLY H 117 -2.15 -28.25 11.40
CA GLY H 117 -2.90 -29.21 12.20
C GLY H 117 -3.73 -30.27 11.48
N SER H 118 -3.56 -30.40 10.18
CA SER H 118 -4.31 -31.41 9.45
C SER H 118 -3.48 -32.67 9.42
N THR H 119 -4.14 -33.82 9.33
CA THR H 119 -3.43 -35.10 9.29
C THR H 119 -3.89 -36.00 8.17
N ASP H 120 -2.94 -36.76 7.63
CA ASP H 120 -3.21 -37.68 6.53
C ASP H 120 -2.70 -39.07 6.93
N VAL H 121 -3.30 -40.12 6.39
CA VAL H 121 -2.87 -41.49 6.66
C VAL H 121 -2.61 -42.17 5.33
N GLY H 122 -1.58 -43.00 5.27
CA GLY H 122 -1.25 -43.69 4.02
C GLY H 122 -0.20 -44.77 4.21
N TYR H 123 0.21 -45.42 3.12
CA TYR H 123 1.20 -46.48 3.21
C TYR H 123 2.61 -45.96 2.97
N TYR H 124 2.70 -44.85 2.25
CA TYR H 124 3.97 -44.20 1.95
C TYR H 124 3.73 -42.70 1.93
N LEU H 125 4.57 -41.95 2.63
CA LEU H 125 4.45 -40.49 2.70
C LEU H 125 5.80 -39.82 2.61
N SER H 126 5.80 -38.53 2.27
CA SER H 126 7.03 -37.75 2.22
C SER H 126 6.70 -36.27 2.42
N LEU H 127 7.66 -35.51 2.95
CA LEU H 127 7.47 -34.08 3.19
C LEU H 127 8.84 -33.42 3.09
N GLY H 128 8.84 -32.10 2.99
CA GLY H 128 10.09 -31.37 2.90
C GLY H 128 10.31 -30.80 1.53
N SER H 129 11.39 -30.06 1.35
CA SER H 129 11.70 -29.46 0.06
C SER H 129 12.03 -30.53 -0.95
N GLY H 130 12.43 -31.71 -0.46
CA GLY H 130 12.76 -32.81 -1.35
C GLY H 130 11.56 -33.70 -1.59
N SER H 131 10.49 -33.40 -0.85
CA SER H 131 9.23 -34.13 -0.93
C SER H 131 8.87 -34.70 -2.30
N LEU H 132 8.77 -33.84 -3.31
CA LEU H 132 8.41 -34.31 -4.65
C LEU H 132 9.40 -35.29 -5.23
N ALA H 133 10.69 -34.99 -5.10
CA ALA H 133 11.75 -35.86 -5.61
C ALA H 133 11.61 -37.28 -5.04
N ALA H 134 11.33 -37.37 -3.74
CA ALA H 134 11.16 -38.65 -3.08
C ALA H 134 9.84 -39.29 -3.51
N MET H 135 8.75 -38.52 -3.49
CA MET H 135 7.47 -39.05 -3.88
C MET H 135 7.51 -39.59 -5.31
N ALA H 136 8.34 -38.97 -6.15
CA ALA H 136 8.45 -39.43 -7.53
C ALA H 136 8.92 -40.87 -7.50
N VAL H 137 9.87 -41.17 -6.62
CA VAL H 137 10.38 -42.52 -6.48
C VAL H 137 9.27 -43.41 -5.91
N LEU H 138 8.85 -43.15 -4.68
CA LEU H 138 7.80 -43.94 -4.04
C LEU H 138 6.62 -44.23 -4.96
N GLU H 139 6.23 -43.27 -5.78
CA GLU H 139 5.11 -43.50 -6.68
C GLU H 139 5.44 -44.50 -7.79
N SER H 140 6.72 -44.72 -8.00
CA SER H 140 7.19 -45.64 -9.03
C SER H 140 7.58 -47.03 -8.55
N HIS H 141 8.15 -47.13 -7.36
CA HIS H 141 8.59 -48.42 -6.85
C HIS H 141 7.78 -49.05 -5.72
N TRP H 142 6.76 -48.36 -5.24
CA TRP H 142 5.97 -48.94 -4.16
C TRP H 142 5.00 -49.96 -4.68
N LYS H 143 4.77 -50.98 -3.87
CA LYS H 143 3.85 -52.05 -4.17
C LYS H 143 3.40 -52.54 -2.80
N GLN H 144 2.21 -53.13 -2.73
CA GLN H 144 1.69 -53.61 -1.46
C GLN H 144 2.37 -54.89 -0.98
N ASP H 145 2.53 -55.01 0.34
CA ASP H 145 3.17 -56.18 0.95
C ASP H 145 4.69 -56.23 0.78
N LEU H 146 5.36 -55.17 1.20
CA LEU H 146 6.81 -55.12 1.09
C LEU H 146 7.46 -55.83 2.27
N THR H 147 8.68 -56.30 2.08
CA THR H 147 9.39 -56.97 3.16
C THR H 147 10.23 -55.88 3.84
N LYS H 148 10.51 -56.06 5.13
CA LYS H 148 11.30 -55.09 5.87
C LYS H 148 12.51 -54.59 5.08
N GLU H 149 13.19 -55.47 4.35
CA GLU H 149 14.37 -55.05 3.59
C GLU H 149 14.01 -54.34 2.31
N GLU H 150 12.83 -54.64 1.77
CA GLU H 150 12.37 -53.99 0.55
C GLU H 150 12.04 -52.54 0.92
N ALA H 151 11.33 -52.40 2.04
CA ALA H 151 10.94 -51.08 2.52
C ALA H 151 12.19 -50.23 2.73
N ILE H 152 13.05 -50.65 3.65
CA ILE H 152 14.27 -49.90 3.90
C ILE H 152 14.97 -49.49 2.60
N LYS H 153 14.82 -50.27 1.55
CA LYS H 153 15.43 -49.92 0.27
C LYS H 153 14.63 -48.78 -0.34
N LEU H 154 13.32 -49.03 -0.52
CA LEU H 154 12.41 -48.04 -1.08
C LEU H 154 12.52 -46.70 -0.35
N ALA H 155 12.53 -46.76 0.98
CA ALA H 155 12.63 -45.56 1.81
C ALA H 155 13.99 -44.91 1.59
N SER H 156 15.05 -45.70 1.70
CA SER H 156 16.40 -45.21 1.53
C SER H 156 16.64 -44.59 0.15
N ASP H 157 15.93 -45.10 -0.85
CA ASP H 157 16.05 -44.62 -2.20
C ASP H 157 15.32 -43.30 -2.40
N ALA H 158 14.16 -43.18 -1.73
CA ALA H 158 13.36 -41.96 -1.83
C ALA H 158 14.15 -40.80 -1.24
N ILE H 159 14.76 -41.02 -0.07
CA ILE H 159 15.54 -39.98 0.59
C ILE H 159 16.69 -39.56 -0.31
N GLN H 160 17.21 -40.51 -1.08
CA GLN H 160 18.31 -40.20 -1.97
C GLN H 160 17.87 -39.33 -3.12
N ALA H 161 16.68 -39.60 -3.63
CA ALA H 161 16.12 -38.82 -4.73
C ALA H 161 16.22 -37.35 -4.35
N GLY H 162 15.94 -37.06 -3.08
CA GLY H 162 15.99 -35.70 -2.58
C GLY H 162 17.38 -35.19 -2.35
N ILE H 163 18.27 -36.06 -1.87
CA ILE H 163 19.63 -35.62 -1.62
C ILE H 163 20.31 -35.18 -2.90
N TRP H 164 20.06 -35.92 -3.97
CA TRP H 164 20.67 -35.62 -5.25
C TRP H 164 19.96 -34.53 -6.04
N ASN H 165 18.63 -34.62 -6.10
CA ASN H 165 17.85 -33.67 -6.87
C ASN H 165 17.33 -32.39 -6.21
N ASP H 166 17.41 -32.31 -4.89
CA ASP H 166 16.96 -31.12 -4.19
C ASP H 166 18.11 -30.44 -3.45
N LEU H 167 18.22 -29.13 -3.64
CA LEU H 167 19.28 -28.33 -3.02
C LEU H 167 19.05 -28.13 -1.52
N GLY H 168 17.83 -28.35 -1.07
CA GLY H 168 17.54 -28.19 0.34
C GLY H 168 17.94 -29.41 1.14
N SER H 169 18.08 -30.53 0.44
CA SER H 169 18.43 -31.82 1.06
C SER H 169 19.83 -32.27 0.66
N GLY H 170 20.45 -33.02 1.55
CA GLY H 170 21.79 -33.52 1.28
C GLY H 170 22.39 -34.36 2.38
N SER H 171 23.71 -34.59 2.27
CA SER H 171 24.51 -35.38 3.20
C SER H 171 24.12 -36.83 3.35
N ASN H 172 23.79 -37.24 4.57
CA ASN H 172 23.46 -38.63 4.88
C ASN H 172 21.99 -38.99 4.91
N VAL H 173 21.75 -40.29 5.10
CA VAL H 173 20.40 -40.83 5.16
C VAL H 173 20.23 -41.55 6.49
N ASP H 174 19.24 -41.12 7.29
CA ASP H 174 18.98 -41.75 8.56
C ASP H 174 17.71 -42.55 8.44
N VAL H 175 17.70 -43.74 9.03
CA VAL H 175 16.55 -44.61 8.97
C VAL H 175 16.21 -45.14 10.35
N CYS H 176 14.94 -45.43 10.54
CA CYS H 176 14.49 -46.01 11.79
C CYS H 176 13.38 -46.97 11.46
N VAL H 177 13.62 -48.24 11.83
CA VAL H 177 12.65 -49.30 11.55
C VAL H 177 11.94 -49.77 12.81
N MET H 178 10.62 -49.86 12.70
CA MET H 178 9.77 -50.28 13.80
C MET H 178 8.98 -51.47 13.30
N GLU H 179 9.27 -52.65 13.85
CA GLU H 179 8.60 -53.89 13.48
C GLU H 179 7.66 -54.33 14.59
N ILE H 180 6.43 -54.67 14.22
CA ILE H 180 5.39 -55.07 15.18
C ILE H 180 5.84 -55.98 16.32
N GLY H 181 6.90 -56.76 16.13
CA GLY H 181 7.32 -57.65 17.19
C GLY H 181 8.50 -57.24 18.04
N LYS H 182 9.60 -56.91 17.37
CA LYS H 182 10.85 -56.55 18.03
C LYS H 182 10.92 -55.08 18.48
N ASP H 183 12.12 -54.64 18.84
CA ASP H 183 12.38 -53.27 19.27
C ASP H 183 12.59 -52.38 18.06
N ALA H 184 12.39 -51.09 18.24
CA ALA H 184 12.59 -50.17 17.14
C ALA H 184 14.09 -49.94 16.99
N GLU H 185 14.61 -50.04 15.76
CA GLU H 185 16.02 -49.80 15.58
C GLU H 185 16.34 -48.56 14.77
N TYR H 186 16.99 -47.63 15.44
CA TYR H 186 17.40 -46.35 14.90
C TYR H 186 18.77 -46.54 14.21
N LEU H 187 18.84 -46.19 12.94
CA LEU H 187 20.09 -46.36 12.19
C LEU H 187 20.70 -45.03 11.73
N ARG H 188 21.25 -44.29 12.69
CA ARG H 188 21.89 -43.00 12.41
C ARG H 188 23.01 -43.15 11.38
N ASN H 189 22.88 -42.48 10.24
CA ASN H 189 23.88 -42.54 9.18
C ASN H 189 23.94 -43.92 8.53
N TYR H 190 22.77 -44.41 8.13
CA TYR H 190 22.63 -45.70 7.46
C TYR H 190 23.28 -45.67 6.10
N LEU H 191 23.43 -44.47 5.55
CA LEU H 191 24.07 -44.25 4.25
C LEU H 191 24.81 -42.93 4.33
N THR H 192 26.02 -42.89 3.80
CA THR H 192 26.81 -41.68 3.84
C THR H 192 27.51 -41.47 2.49
N PRO H 193 26.71 -41.32 1.40
CA PRO H 193 27.25 -41.13 0.05
C PRO H 193 27.96 -39.83 -0.23
N ASN H 194 28.13 -38.99 0.79
CA ASN H 194 28.81 -37.71 0.59
C ASN H 194 29.95 -37.44 1.54
N VAL H 195 31.13 -37.99 1.24
CA VAL H 195 32.29 -37.77 2.09
C VAL H 195 33.27 -36.86 1.36
N ARG H 196 33.74 -35.82 2.04
CA ARG H 196 34.68 -34.88 1.43
C ARG H 196 35.99 -35.52 0.97
N GLU H 197 36.31 -35.34 -0.31
CA GLU H 197 37.55 -35.87 -0.87
C GLU H 197 38.71 -35.21 -0.15
N GLU H 198 39.79 -35.95 0.09
CA GLU H 198 40.94 -35.40 0.79
C GLU H 198 41.30 -34.03 0.23
N LYS H 199 41.58 -33.08 1.11
CA LYS H 199 41.94 -31.74 0.66
C LYS H 199 43.17 -31.79 -0.24
N GLN H 200 43.32 -30.75 -1.05
CA GLN H 200 44.41 -30.63 -2.01
C GLN H 200 45.72 -30.18 -1.35
N LYS H 201 45.63 -29.69 -0.12
CA LYS H 201 46.80 -29.16 0.57
C LYS H 201 46.52 -29.09 2.08
N SER H 202 47.54 -28.79 2.88
CA SER H 202 47.33 -28.67 4.31
C SER H 202 47.59 -27.21 4.61
N TYR H 203 46.72 -26.62 5.42
CA TYR H 203 46.86 -25.20 5.72
C TYR H 203 47.36 -24.90 7.11
N LYS H 204 48.03 -25.88 7.70
CA LYS H 204 48.60 -25.74 9.02
C LYS H 204 49.58 -24.56 8.94
N PHE H 205 49.47 -23.63 9.87
CA PHE H 205 50.32 -22.43 9.87
C PHE H 205 51.59 -22.56 10.71
N PRO H 206 52.68 -21.92 10.26
CA PRO H 206 53.93 -21.98 11.02
C PRO H 206 53.77 -21.16 12.31
N ARG H 207 53.80 -21.84 13.45
CA ARG H 207 53.63 -21.18 14.74
C ARG H 207 54.32 -19.82 14.83
N GLY H 208 53.54 -18.78 15.09
CA GLY H 208 54.09 -17.45 15.19
C GLY H 208 53.55 -16.52 14.12
N THR H 209 52.82 -17.08 13.15
CA THR H 209 52.24 -16.31 12.05
C THR H 209 51.28 -15.23 12.54
N THR H 210 50.53 -15.54 13.60
CA THR H 210 49.55 -14.61 14.15
C THR H 210 50.14 -13.62 15.15
N ALA H 211 49.99 -12.33 14.86
CA ALA H 211 50.51 -11.29 15.73
C ALA H 211 49.70 -11.21 17.03
N VAL H 212 50.36 -11.30 18.18
CA VAL H 212 49.66 -11.22 19.46
C VAL H 212 50.01 -9.90 20.15
N LEU H 213 49.04 -9.33 20.87
CA LEU H 213 49.26 -8.04 21.55
C LEU H 213 49.42 -8.18 23.05
N LYS H 214 48.63 -9.07 23.65
CA LYS H 214 48.69 -9.30 25.08
C LYS H 214 48.30 -10.74 25.35
N GLU H 215 48.53 -11.22 26.57
CA GLU H 215 48.21 -12.59 26.89
C GLU H 215 48.01 -12.74 28.39
N SER H 216 47.31 -13.79 28.81
CA SER H 216 47.08 -14.02 30.23
C SER H 216 46.35 -15.33 30.52
N ILE H 217 46.48 -15.78 31.77
CA ILE H 217 45.84 -17.00 32.23
C ILE H 217 44.41 -16.65 32.63
N VAL H 218 43.48 -17.57 32.38
CA VAL H 218 42.09 -17.37 32.72
C VAL H 218 41.76 -18.22 33.95
N ASN H 219 41.07 -17.62 34.90
CA ASN H 219 40.68 -18.30 36.14
C ASN H 219 39.34 -19.02 36.05
N ILE H 220 39.37 -20.36 36.10
CA ILE H 220 38.15 -21.16 36.04
C ILE H 220 37.72 -21.64 37.42
N CYS H 221 38.69 -21.88 38.30
CA CYS H 221 38.42 -22.35 39.66
C CYS H 221 37.75 -21.25 40.49
N ASP H 222 37.37 -21.57 41.73
CA ASP H 222 36.70 -20.60 42.60
C ASP H 222 37.30 -20.43 44.01
N SER I 1 16.94 -1.88 10.81
CA SER I 1 15.88 -2.81 10.31
C SER I 1 16.08 -4.25 10.76
N ASP I 2 17.28 -4.80 10.53
CA ASP I 2 17.60 -6.16 10.93
C ASP I 2 18.40 -6.15 12.23
N PRO I 3 17.75 -6.51 13.35
CA PRO I 3 18.38 -6.54 14.68
C PRO I 3 19.73 -7.25 14.70
N SER I 4 19.88 -8.26 13.87
CA SER I 4 21.13 -9.03 13.82
C SER I 4 22.24 -8.34 13.06
N SER I 5 22.02 -7.10 12.64
CA SER I 5 23.02 -6.37 11.88
C SER I 5 23.20 -4.90 12.28
N ILE I 6 22.85 -4.58 13.52
CA ILE I 6 22.99 -3.19 13.96
C ILE I 6 24.34 -3.02 14.63
N ASN I 7 24.62 -3.89 15.59
CA ASN I 7 25.83 -3.86 16.37
C ASN I 7 27.05 -4.56 15.76
N GLY I 8 26.80 -5.64 15.01
CA GLY I 8 27.88 -6.37 14.37
C GLY I 8 28.59 -7.36 15.30
N GLY I 9 29.71 -7.90 14.84
CA GLY I 9 30.46 -8.83 15.65
C GLY I 9 30.40 -10.27 15.15
N ILE I 10 31.38 -11.07 15.56
CA ILE I 10 31.44 -12.46 15.17
C ILE I 10 32.05 -13.31 16.26
N VAL I 11 31.86 -14.61 16.13
CA VAL I 11 32.38 -15.56 17.09
C VAL I 11 32.57 -16.88 16.35
N VAL I 12 33.65 -17.59 16.69
CA VAL I 12 33.93 -18.87 16.06
C VAL I 12 34.60 -19.77 17.10
N ALA I 13 34.26 -21.05 17.05
CA ALA I 13 34.81 -22.02 17.97
C ALA I 13 35.31 -23.22 17.18
N MET I 14 36.41 -23.80 17.64
CA MET I 14 37.01 -24.95 16.99
C MET I 14 37.48 -25.96 18.01
N THR I 15 37.56 -27.22 17.57
CA THR I 15 38.03 -28.31 18.42
C THR I 15 39.37 -28.83 17.94
N GLY I 16 40.24 -29.14 18.89
CA GLY I 16 41.56 -29.67 18.58
C GLY I 16 41.78 -30.96 19.37
N LYS I 17 43.04 -31.36 19.51
CA LYS I 17 43.33 -32.58 20.24
C LYS I 17 43.30 -32.29 21.75
N ASP I 18 42.24 -32.76 22.40
CA ASP I 18 42.07 -32.55 23.84
C ASP I 18 42.09 -31.08 24.22
N CYS I 19 41.42 -30.25 23.42
CA CYS I 19 41.35 -28.82 23.67
C CYS I 19 40.31 -28.18 22.74
N VAL I 20 39.77 -27.04 23.13
CA VAL I 20 38.80 -26.34 22.30
C VAL I 20 39.21 -24.88 22.31
N ALA I 21 38.89 -24.18 21.23
CA ALA I 21 39.21 -22.76 21.14
C ALA I 21 37.99 -21.97 20.69
N ILE I 22 37.79 -20.82 21.29
CA ILE I 22 36.67 -19.97 20.94
C ILE I 22 37.20 -18.54 20.84
N ALA I 23 36.89 -17.86 19.74
CA ALA I 23 37.38 -16.51 19.55
C ALA I 23 36.30 -15.59 19.04
N CYS I 24 36.53 -14.28 19.16
CA CYS I 24 35.57 -13.28 18.71
C CYS I 24 36.24 -11.93 18.46
N ASP I 25 35.51 -11.03 17.80
CA ASP I 25 36.05 -9.69 17.55
C ASP I 25 35.70 -8.83 18.78
N LEU I 26 35.95 -7.53 18.71
CA LEU I 26 35.66 -6.69 19.84
C LEU I 26 34.80 -5.49 19.50
N ARG I 27 34.45 -5.37 18.22
CA ARG I 27 33.64 -4.26 17.78
C ARG I 27 32.18 -4.24 18.24
N LEU I 28 31.69 -3.05 18.55
CA LEU I 28 30.31 -2.82 18.96
C LEU I 28 30.00 -1.51 18.28
N GLY I 29 29.18 -1.56 17.24
CA GLY I 29 28.86 -0.34 16.54
C GLY I 29 27.38 -0.06 16.55
N SER I 30 26.99 0.85 15.67
CA SER I 30 25.60 1.24 15.46
C SER I 30 25.60 1.57 13.99
N GLN I 31 25.13 0.62 13.19
CA GLN I 31 25.12 0.85 11.76
C GLN I 31 26.57 1.08 11.38
N SER I 32 26.86 2.15 10.67
CA SER I 32 28.23 2.41 10.25
C SER I 32 29.15 2.99 11.33
N LEU I 33 28.61 3.67 12.32
CA LEU I 33 29.45 4.27 13.35
C LEU I 33 30.03 3.24 14.30
N GLY I 34 31.33 3.32 14.55
CA GLY I 34 31.96 2.40 15.50
C GLY I 34 31.81 3.03 16.88
N VAL I 35 31.46 2.24 17.89
CA VAL I 35 31.30 2.82 19.23
C VAL I 35 32.25 2.27 20.27
N SER I 36 32.53 0.97 20.24
CA SER I 36 33.45 0.39 21.20
C SER I 36 34.31 -0.73 20.61
N ASN I 37 35.56 -0.78 21.05
CA ASN I 37 36.53 -1.76 20.61
C ASN I 37 36.87 -2.70 21.76
N LYS I 38 36.02 -2.67 22.79
CA LYS I 38 36.21 -3.50 23.97
C LYS I 38 34.97 -4.31 24.31
N PHE I 39 34.09 -4.50 23.33
CA PHE I 39 32.89 -5.27 23.56
C PHE I 39 33.22 -6.74 23.30
N GLU I 40 33.55 -7.45 24.37
CA GLU I 40 33.88 -8.88 24.27
C GLU I 40 32.60 -9.68 24.27
N LYS I 41 32.55 -10.68 23.40
CA LYS I 41 31.36 -11.50 23.25
C LYS I 41 31.52 -12.92 23.79
N ILE I 42 32.61 -13.18 24.51
CA ILE I 42 32.83 -14.51 25.06
C ILE I 42 32.72 -14.44 26.56
N PHE I 43 31.89 -15.28 27.15
CA PHE I 43 31.72 -15.31 28.59
C PHE I 43 31.90 -16.74 29.03
N HIS I 44 31.92 -16.95 30.34
CA HIS I 44 32.09 -18.29 30.87
C HIS I 44 31.46 -18.41 32.26
N TYR I 45 30.89 -19.58 32.50
CA TYR I 45 30.26 -19.89 33.77
C TYR I 45 30.98 -21.19 34.13
N GLY I 46 31.79 -21.15 35.18
CA GLY I 46 32.54 -22.32 35.54
C GLY I 46 33.53 -22.53 34.41
N HIS I 47 33.62 -23.77 33.91
CA HIS I 47 34.53 -24.06 32.82
C HIS I 47 33.83 -24.04 31.46
N VAL I 48 32.54 -23.72 31.45
CA VAL I 48 31.82 -23.68 30.19
C VAL I 48 31.90 -22.28 29.60
N PHE I 49 32.18 -22.21 28.31
CA PHE I 49 32.28 -20.92 27.64
C PHE I 49 31.14 -20.66 26.67
N LEU I 50 30.63 -19.43 26.68
CA LEU I 50 29.54 -19.05 25.81
C LEU I 50 29.90 -17.82 25.00
N GLY I 51 29.67 -17.88 23.70
CA GLY I 51 29.96 -16.75 22.84
C GLY I 51 28.62 -16.31 22.31
N ILE I 52 28.35 -15.00 22.29
CA ILE I 52 27.06 -14.51 21.81
C ILE I 52 27.15 -13.35 20.83
N THR I 53 26.76 -13.58 19.58
CA THR I 53 26.77 -12.50 18.60
C THR I 53 25.32 -12.08 18.44
N GLY I 54 25.09 -10.90 17.89
CA GLY I 54 23.72 -10.44 17.72
C GLY I 54 23.48 -9.03 18.20
N LEU I 55 22.27 -8.77 18.67
CA LEU I 55 21.90 -7.44 19.16
C LEU I 55 22.53 -7.26 20.55
N ALA I 56 23.51 -6.36 20.62
CA ALA I 56 24.27 -6.06 21.85
C ALA I 56 23.47 -6.08 23.14
N THR I 57 22.28 -5.51 23.13
CA THR I 57 21.47 -5.47 24.34
C THR I 57 21.08 -6.89 24.79
N ASP I 58 20.84 -7.77 23.82
CA ASP I 58 20.46 -9.16 24.12
C ASP I 58 21.68 -9.98 24.51
N VAL I 59 22.81 -9.71 23.87
CA VAL I 59 24.05 -10.39 24.21
C VAL I 59 24.27 -10.16 25.71
N THR I 60 24.12 -8.91 26.13
CA THR I 60 24.28 -8.55 27.53
C THR I 60 23.23 -9.20 28.42
N THR I 61 21.98 -9.16 27.97
CA THR I 61 20.89 -9.74 28.73
C THR I 61 21.04 -11.25 28.90
N LEU I 62 21.42 -11.94 27.83
CA LEU I 62 21.58 -13.38 27.92
C LEU I 62 22.75 -13.77 28.81
N ASN I 63 23.81 -12.97 28.80
CA ASN I 63 24.94 -13.28 29.64
C ASN I 63 24.49 -13.19 31.09
N GLU I 64 23.86 -12.08 31.43
CA GLU I 64 23.38 -11.88 32.78
C GLU I 64 22.42 -13.00 33.15
N MET I 65 21.55 -13.36 32.22
CA MET I 65 20.60 -14.42 32.47
C MET I 65 21.24 -15.77 32.77
N PHE I 66 22.18 -16.18 31.92
CA PHE I 66 22.85 -17.45 32.11
C PHE I 66 23.74 -17.47 33.34
N ARG I 67 24.25 -16.30 33.76
CA ARG I 67 25.06 -16.23 34.97
C ARG I 67 24.09 -16.63 36.06
N TYR I 68 22.98 -15.92 36.12
CA TYR I 68 21.88 -16.13 37.06
C TYR I 68 21.49 -17.61 37.12
N LYS I 69 21.13 -18.18 35.98
CA LYS I 69 20.72 -19.59 35.93
C LYS I 69 21.79 -20.59 36.34
N THR I 70 23.02 -20.43 35.85
CA THR I 70 24.09 -21.37 36.22
C THR I 70 24.49 -21.26 37.69
N ASN I 71 24.32 -20.08 38.27
CA ASN I 71 24.62 -19.88 39.68
C ASN I 71 23.68 -20.71 40.53
N LEU I 72 22.39 -20.63 40.23
CA LEU I 72 21.41 -21.41 40.97
C LEU I 72 21.60 -22.90 40.68
N TYR I 73 22.00 -23.22 39.45
CA TYR I 73 22.22 -24.61 39.10
C TYR I 73 23.29 -25.21 40.00
N LYS I 74 24.38 -24.47 40.20
CA LYS I 74 25.47 -24.93 41.03
C LYS I 74 25.08 -25.05 42.51
N LEU I 75 24.25 -24.14 43.00
CA LEU I 75 23.83 -24.18 44.39
C LEU I 75 23.00 -25.42 44.71
N LYS I 76 22.16 -25.83 43.77
CA LYS I 76 21.31 -26.99 43.98
C LYS I 76 21.98 -28.32 43.64
N GLU I 77 22.66 -28.35 42.48
CA GLU I 77 23.35 -29.55 42.02
C GLU I 77 24.64 -29.79 42.79
N GLU I 78 25.21 -28.71 43.32
CA GLU I 78 26.47 -28.75 44.07
C GLU I 78 27.61 -29.19 43.17
N ARG I 79 27.59 -28.69 41.93
CA ARG I 79 28.64 -28.99 40.97
C ARG I 79 28.51 -28.04 39.78
N ALA I 80 29.62 -27.75 39.12
CA ALA I 80 29.60 -26.86 37.97
C ALA I 80 28.84 -27.55 36.85
N ILE I 81 28.14 -26.76 36.04
CA ILE I 81 27.37 -27.32 34.93
C ILE I 81 28.30 -27.72 33.78
N GLU I 82 27.98 -28.84 33.12
CA GLU I 82 28.78 -29.34 31.98
C GLU I 82 28.27 -28.81 30.65
N PRO I 83 29.19 -28.63 29.67
CA PRO I 83 28.86 -28.12 28.35
C PRO I 83 27.57 -28.67 27.72
N GLU I 84 27.47 -30.00 27.66
CA GLU I 84 26.29 -30.64 27.08
C GLU I 84 25.00 -30.21 27.76
N THR I 85 25.03 -30.13 29.08
CA THR I 85 23.88 -29.72 29.85
C THR I 85 23.59 -28.24 29.59
N PHE I 86 24.62 -27.41 29.73
CA PHE I 86 24.43 -25.98 29.49
C PHE I 86 23.79 -25.73 28.13
N THR I 87 24.22 -26.48 27.12
CA THR I 87 23.69 -26.37 25.76
C THR I 87 22.18 -26.52 25.78
N GLN I 88 21.70 -27.54 26.48
CA GLN I 88 20.28 -27.77 26.60
C GLN I 88 19.61 -26.57 27.25
N LEU I 89 20.25 -26.05 28.30
CA LEU I 89 19.72 -24.89 29.00
C LEU I 89 19.61 -23.71 28.05
N VAL I 90 20.68 -23.41 27.32
CA VAL I 90 20.65 -22.31 26.37
C VAL I 90 19.49 -22.47 25.38
N SER I 91 19.37 -23.67 24.83
CA SER I 91 18.32 -23.97 23.87
C SER I 91 16.92 -23.76 24.43
N SER I 92 16.57 -24.47 25.50
CA SER I 92 15.25 -24.33 26.07
C SER I 92 14.99 -22.88 26.46
N SER I 93 16.03 -22.18 26.92
CA SER I 93 15.87 -20.78 27.30
C SER I 93 15.54 -19.92 26.10
N LEU I 94 16.20 -20.17 24.98
CA LEU I 94 15.95 -19.41 23.76
C LEU I 94 14.57 -19.69 23.18
N TYR I 95 14.15 -20.95 23.18
CA TYR I 95 12.86 -21.31 22.62
C TYR I 95 11.70 -20.81 23.46
N GLU I 96 11.96 -20.51 24.72
CA GLU I 96 10.92 -20.04 25.60
C GLU I 96 10.39 -18.70 25.10
N ARG I 97 11.19 -18.04 24.27
CA ARG I 97 10.80 -16.75 23.70
C ARG I 97 10.58 -16.96 22.21
N ARG I 98 10.14 -18.16 21.84
CA ARG I 98 9.92 -18.50 20.44
C ARG I 98 9.23 -17.45 19.58
N PHE I 99 8.25 -16.74 20.13
CA PHE I 99 7.54 -15.76 19.32
C PHE I 99 7.90 -14.31 19.57
N GLY I 100 9.04 -14.11 20.24
CA GLY I 100 9.55 -12.78 20.53
C GLY I 100 10.97 -13.05 20.95
N PRO I 101 11.76 -13.68 20.04
CA PRO I 101 13.16 -14.08 20.22
C PRO I 101 14.19 -13.02 20.49
N TYR I 102 15.27 -13.46 21.12
CA TYR I 102 16.42 -12.61 21.38
C TYR I 102 17.17 -12.72 20.06
N PHE I 103 17.65 -11.61 19.53
CA PHE I 103 18.36 -11.65 18.26
C PHE I 103 19.82 -11.93 18.46
N VAL I 104 20.10 -13.19 18.80
CA VAL I 104 21.44 -13.62 19.07
C VAL I 104 21.75 -14.95 18.40
N GLY I 105 23.03 -15.29 18.36
CA GLY I 105 23.49 -16.54 17.79
C GLY I 105 24.55 -17.10 18.73
N PRO I 106 24.12 -17.83 19.78
CA PRO I 106 25.02 -18.41 20.78
C PRO I 106 25.95 -19.51 20.28
N VAL I 107 27.12 -19.59 20.92
CA VAL I 107 28.12 -20.61 20.63
C VAL I 107 28.67 -21.13 21.96
N VAL I 108 28.58 -22.45 22.18
CA VAL I 108 29.07 -23.05 23.42
C VAL I 108 30.32 -23.87 23.17
N ALA I 109 31.33 -23.69 24.03
CA ALA I 109 32.59 -24.41 23.92
C ALA I 109 33.10 -24.75 25.32
N GLY I 110 33.70 -25.93 25.43
CA GLY I 110 34.24 -26.37 26.71
C GLY I 110 34.66 -27.82 26.65
N ILE I 111 35.13 -28.35 27.79
CA ILE I 111 35.58 -29.73 27.88
C ILE I 111 34.86 -30.41 29.03
N ASN I 112 34.21 -31.53 28.74
CA ASN I 112 33.49 -32.25 29.79
C ASN I 112 34.49 -32.57 30.90
N SER I 113 34.33 -31.94 32.07
CA SER I 113 35.25 -32.17 33.16
C SER I 113 35.28 -33.62 33.66
N LYS I 114 34.25 -34.41 33.34
CA LYS I 114 34.23 -35.80 33.79
C LYS I 114 34.64 -36.81 32.72
N SER I 115 34.65 -36.40 31.46
CA SER I 115 35.04 -37.30 30.38
C SER I 115 36.16 -36.69 29.56
N GLY I 116 36.62 -35.50 29.98
CA GLY I 116 37.69 -34.80 29.28
C GLY I 116 37.50 -34.51 27.81
N LYS I 117 36.39 -34.99 27.25
CA LYS I 117 36.06 -34.83 25.84
C LYS I 117 35.69 -33.39 25.45
N PRO I 118 36.25 -32.89 24.34
CA PRO I 118 35.99 -31.53 23.84
C PRO I 118 34.55 -31.40 23.36
N PHE I 119 33.96 -30.23 23.57
CA PHE I 119 32.57 -29.99 23.16
C PHE I 119 32.31 -28.58 22.61
N ILE I 120 31.58 -28.51 21.50
CA ILE I 120 31.21 -27.23 20.89
C ILE I 120 29.83 -27.36 20.25
N ALA I 121 29.07 -26.28 20.31
CA ALA I 121 27.74 -26.25 19.72
C ALA I 121 27.27 -24.83 19.40
N GLY I 122 26.34 -24.72 18.47
CA GLY I 122 25.79 -23.42 18.10
C GLY I 122 24.27 -23.47 18.00
N PHE I 123 23.60 -22.33 18.10
CA PHE I 123 22.14 -22.31 18.02
C PHE I 123 21.66 -21.18 17.12
N ASP I 124 20.39 -21.19 16.75
CA ASP I 124 19.83 -20.09 15.97
C ASP I 124 19.03 -19.30 17.01
N LEU I 125 18.49 -18.14 16.63
CA LEU I 125 17.77 -17.34 17.62
C LEU I 125 16.64 -18.03 18.39
N ILE I 126 16.01 -19.05 17.83
CA ILE I 126 14.97 -19.72 18.59
C ILE I 126 15.43 -21.00 19.27
N GLY I 127 16.73 -21.11 19.51
CA GLY I 127 17.26 -22.27 20.20
C GLY I 127 17.50 -23.59 19.50
N CYS I 128 17.56 -23.61 18.18
CA CYS I 128 17.83 -24.86 17.48
C CYS I 128 19.29 -25.27 17.63
N ILE I 129 19.54 -26.28 18.44
CA ILE I 129 20.91 -26.76 18.68
C ILE I 129 21.59 -27.37 17.47
N ASP I 130 22.77 -26.86 17.17
CA ASP I 130 23.57 -27.31 16.06
C ASP I 130 24.87 -27.88 16.60
N GLU I 131 25.00 -29.20 16.58
CA GLU I 131 26.20 -29.82 17.11
C GLU I 131 27.12 -30.28 16.00
N ALA I 132 28.41 -29.99 16.20
CA ALA I 132 29.43 -30.36 15.23
C ALA I 132 30.64 -30.82 16.01
N LYS I 133 31.51 -31.55 15.33
CA LYS I 133 32.74 -32.05 15.94
C LYS I 133 33.95 -31.18 15.54
N ASP I 134 33.79 -30.37 14.50
CA ASP I 134 34.89 -29.52 14.03
C ASP I 134 34.85 -28.06 14.46
N PHE I 135 33.92 -27.28 13.91
CA PHE I 135 33.83 -25.85 14.23
C PHE I 135 32.41 -25.29 14.12
N ILE I 136 32.19 -24.17 14.79
CA ILE I 136 30.91 -23.47 14.77
C ILE I 136 31.20 -21.98 14.52
N VAL I 137 30.37 -21.34 13.69
CA VAL I 137 30.53 -19.93 13.39
C VAL I 137 29.27 -19.14 13.72
N SER I 138 29.42 -17.83 13.89
CA SER I 138 28.29 -17.00 14.24
C SER I 138 28.65 -15.53 14.08
N GLY I 139 27.66 -14.72 13.70
CA GLY I 139 27.92 -13.30 13.54
C GLY I 139 27.63 -12.79 12.16
N THR I 140 27.78 -11.48 12.00
CA THR I 140 27.52 -10.82 10.73
C THR I 140 28.37 -11.38 9.59
N ALA I 141 29.57 -11.85 9.91
CA ALA I 141 30.48 -12.42 8.91
C ALA I 141 30.57 -13.93 9.01
N SER I 142 29.45 -14.59 9.27
CA SER I 142 29.43 -16.03 9.38
C SER I 142 29.67 -16.75 8.05
N ASP I 143 29.45 -16.05 6.94
CA ASP I 143 29.67 -16.63 5.62
C ASP I 143 31.17 -16.74 5.39
N GLN I 144 31.85 -15.66 5.70
CA GLN I 144 33.30 -15.60 5.56
C GLN I 144 33.90 -16.63 6.49
N LEU I 145 33.42 -16.70 7.73
CA LEU I 145 33.93 -17.67 8.68
C LEU I 145 33.79 -19.11 8.21
N PHE I 146 32.70 -19.42 7.52
CA PHE I 146 32.50 -20.76 7.00
C PHE I 146 33.55 -21.02 5.93
N GLY I 147 33.75 -20.02 5.09
CA GLY I 147 34.73 -20.15 4.02
C GLY I 147 36.10 -20.49 4.61
N MET I 148 36.54 -19.73 5.60
CA MET I 148 37.82 -19.98 6.24
C MET I 148 37.82 -21.37 6.85
N CYS I 149 37.06 -21.53 7.92
CA CYS I 149 36.97 -22.81 8.60
C CYS I 149 36.90 -24.01 7.68
N GLU I 150 35.99 -23.97 6.72
CA GLU I 150 35.82 -25.10 5.80
C GLU I 150 37.12 -25.46 5.07
N SER I 151 38.02 -24.51 4.90
CA SER I 151 39.30 -24.76 4.21
C SER I 151 40.45 -24.99 5.20
N LEU I 152 40.73 -23.99 6.03
CA LEU I 152 41.81 -24.05 7.00
C LEU I 152 41.76 -25.21 8.00
N TYR I 153 40.59 -25.48 8.53
CA TYR I 153 40.45 -26.54 9.54
C TYR I 153 40.86 -27.95 9.12
N GLU I 154 41.41 -28.68 10.09
CA GLU I 154 41.82 -30.07 9.94
C GLU I 154 41.88 -30.65 11.36
N PRO I 155 41.42 -31.89 11.53
CA PRO I 155 41.35 -32.66 12.78
C PRO I 155 42.55 -32.64 13.74
N ASN I 156 42.27 -33.00 15.00
CA ASN I 156 43.24 -33.08 16.08
C ASN I 156 44.44 -32.14 16.01
N LEU I 157 44.20 -30.83 16.09
CA LEU I 157 45.30 -29.89 16.06
C LEU I 157 45.76 -29.70 17.50
N GLU I 158 46.99 -29.25 17.67
CA GLU I 158 47.54 -29.03 19.00
C GLU I 158 47.22 -27.61 19.42
N PRO I 159 47.09 -27.36 20.73
CA PRO I 159 46.79 -26.04 21.25
C PRO I 159 47.49 -24.86 20.56
N GLU I 160 48.78 -24.99 20.31
CA GLU I 160 49.54 -23.91 19.68
C GLU I 160 49.27 -23.82 18.18
N ASP I 161 48.79 -24.91 17.62
CA ASP I 161 48.45 -24.98 16.20
C ASP I 161 47.00 -24.53 16.00
N LEU I 162 46.08 -25.13 16.77
CA LEU I 162 44.67 -24.76 16.69
C LEU I 162 44.57 -23.26 16.80
N PHE I 163 45.35 -22.70 17.71
CA PHE I 163 45.38 -21.27 17.91
C PHE I 163 45.65 -20.51 16.61
N GLU I 164 46.72 -20.87 15.90
CA GLU I 164 47.06 -20.20 14.65
C GLU I 164 45.90 -20.26 13.68
N THR I 165 45.32 -21.45 13.55
CA THR I 165 44.19 -21.68 12.65
C THR I 165 42.98 -20.80 12.97
N ILE I 166 42.47 -20.92 14.19
CA ILE I 166 41.32 -20.12 14.59
C ILE I 166 41.62 -18.63 14.36
N SER I 167 42.75 -18.14 14.85
CA SER I 167 43.10 -16.73 14.69
C SER I 167 43.02 -16.33 13.22
N GLN I 168 43.56 -17.17 12.35
CA GLN I 168 43.55 -16.84 10.93
C GLN I 168 42.14 -16.87 10.35
N ALA I 169 41.31 -17.78 10.84
CA ALA I 169 39.92 -17.87 10.36
C ALA I 169 39.22 -16.57 10.74
N LEU I 170 39.27 -16.22 12.02
CA LEU I 170 38.65 -15.00 12.52
C LEU I 170 39.21 -13.82 11.75
N LEU I 171 40.48 -13.50 12.00
CA LEU I 171 41.15 -12.38 11.35
C LEU I 171 40.77 -12.08 9.91
N ASN I 172 40.88 -13.08 9.05
CA ASN I 172 40.59 -12.88 7.64
C ASN I 172 39.13 -12.68 7.27
N ALA I 173 38.23 -13.34 7.99
CA ALA I 173 36.81 -13.19 7.72
C ALA I 173 36.39 -11.80 8.19
N ALA I 174 36.83 -11.44 9.39
CA ALA I 174 36.51 -10.14 9.99
C ALA I 174 36.93 -9.01 9.07
N ASP I 175 38.00 -9.23 8.32
CA ASP I 175 38.51 -8.20 7.42
C ASP I 175 37.70 -8.03 6.15
N ARG I 176 36.77 -8.95 5.91
CA ARG I 176 35.88 -8.88 4.74
C ARG I 176 34.48 -8.43 5.20
N ASP I 177 34.35 -8.16 6.50
CA ASP I 177 33.10 -7.70 7.07
C ASP I 177 33.27 -6.28 7.59
N ALA I 178 32.37 -5.40 7.14
CA ALA I 178 32.40 -4.01 7.53
C ALA I 178 31.92 -3.81 8.95
N LEU I 179 31.14 -4.76 9.45
CA LEU I 179 30.62 -4.64 10.80
C LEU I 179 31.39 -5.41 11.86
N SER I 180 32.54 -5.97 11.48
CA SER I 180 33.37 -6.72 12.41
C SER I 180 34.81 -6.24 12.42
N GLY I 181 35.49 -6.48 13.53
CA GLY I 181 36.88 -6.08 13.65
C GLY I 181 37.19 -5.27 14.90
N TRP I 182 38.09 -4.31 14.77
CA TRP I 182 38.48 -3.45 15.88
C TRP I 182 39.04 -4.23 17.05
N GLY I 183 39.81 -5.26 16.75
CA GLY I 183 40.38 -6.06 17.81
C GLY I 183 39.73 -7.42 17.79
N ALA I 184 40.35 -8.39 18.45
CA ALA I 184 39.83 -9.74 18.49
C ALA I 184 40.54 -10.44 19.65
N VAL I 185 39.86 -11.40 20.27
CA VAL I 185 40.43 -12.11 21.39
C VAL I 185 40.21 -13.61 21.15
N VAL I 186 41.15 -14.44 21.61
CA VAL I 186 41.05 -15.88 21.42
C VAL I 186 41.29 -16.65 22.72
N TYR I 187 40.45 -17.65 22.96
CA TYR I 187 40.55 -18.48 24.15
C TYR I 187 40.96 -19.91 23.81
N ILE I 188 42.00 -20.42 24.46
CA ILE I 188 42.45 -21.79 24.24
C ILE I 188 42.13 -22.56 25.51
N ILE I 189 41.23 -23.52 25.40
CA ILE I 189 40.80 -24.29 26.55
C ILE I 189 41.39 -25.70 26.58
N LYS I 190 41.82 -26.11 27.77
CA LYS I 190 42.40 -27.42 27.99
C LYS I 190 41.85 -27.96 29.30
N LYS I 191 41.89 -29.30 29.45
CA LYS I 191 41.37 -29.98 30.64
C LYS I 191 41.64 -29.37 32.02
N ASP I 192 42.58 -28.45 32.11
CA ASP I 192 42.93 -27.87 33.40
C ASP I 192 43.32 -26.39 33.39
N GLU I 193 43.64 -25.86 32.21
CA GLU I 193 44.01 -24.44 32.11
C GLU I 193 43.51 -23.79 30.83
N VAL I 194 43.34 -22.47 30.88
CA VAL I 194 42.87 -21.70 29.74
C VAL I 194 43.69 -20.45 29.51
N VAL I 195 44.02 -20.18 28.25
CA VAL I 195 44.80 -19.00 27.88
C VAL I 195 43.98 -18.04 27.03
N LYS I 196 44.17 -16.75 27.25
CA LYS I 196 43.44 -15.72 26.54
C LYS I 196 44.42 -14.75 25.87
N ARG I 197 44.47 -14.76 24.54
CA ARG I 197 45.35 -13.85 23.80
C ARG I 197 44.60 -12.83 22.95
N TYR I 198 45.05 -11.58 22.95
CA TYR I 198 44.44 -10.54 22.13
C TYR I 198 45.20 -10.40 20.82
N LEU I 199 44.56 -10.72 19.71
CA LEU I 199 45.20 -10.63 18.41
C LEU I 199 45.35 -9.19 17.94
N LYS I 200 46.28 -8.97 17.02
CA LYS I 200 46.53 -7.64 16.48
C LYS I 200 45.93 -7.59 15.08
N MET I 201 45.06 -6.62 14.83
CA MET I 201 44.44 -6.51 13.51
C MET I 201 44.25 -5.07 13.08
N ARG I 202 43.78 -4.89 11.84
CA ARG I 202 43.52 -3.55 11.31
C ARG I 202 42.54 -2.86 12.24
N GLN I 203 42.43 -1.55 12.14
CA GLN I 203 41.50 -0.81 12.98
C GLN I 203 40.65 0.15 12.13
N ASP I 204 40.13 -0.37 11.03
CA ASP I 204 39.31 0.42 10.10
C ASP I 204 38.01 -0.27 9.63
N MET J 1 19.32 15.72 15.97
CA MET J 1 18.81 15.54 17.35
C MET J 1 19.55 16.53 18.30
N ASP J 2 19.57 16.21 19.60
CA ASP J 2 20.23 17.04 20.62
C ASP J 2 21.69 16.65 20.80
N ILE J 3 22.44 17.44 21.55
CA ILE J 3 23.85 17.13 21.78
C ILE J 3 24.06 16.52 23.15
N ILE J 4 24.73 15.38 23.19
CA ILE J 4 25.03 14.70 24.44
C ILE J 4 26.48 14.23 24.36
N LEU J 5 27.35 14.94 25.07
CA LEU J 5 28.77 14.62 25.07
C LEU J 5 29.22 14.33 26.48
N GLY J 6 30.20 13.45 26.59
CA GLY J 6 30.75 13.11 27.88
C GLY J 6 32.21 12.72 27.73
N ILE J 7 33.02 13.14 28.69
CA ILE J 7 34.43 12.81 28.62
C ILE J 7 34.99 12.59 30.02
N ARG J 8 35.61 11.43 30.19
CA ARG J 8 36.22 11.04 31.45
C ARG J 8 37.70 11.38 31.41
N VAL J 9 38.10 12.37 32.19
CA VAL J 9 39.48 12.78 32.26
C VAL J 9 40.19 12.00 33.37
N GLN J 10 41.17 12.66 34.00
CA GLN J 10 41.95 12.05 35.07
C GLN J 10 41.19 11.80 36.36
N ASP J 11 40.59 12.86 36.91
CA ASP J 11 39.88 12.72 38.17
C ASP J 11 38.44 13.18 38.13
N SER J 12 37.81 13.09 36.97
CA SER J 12 36.43 13.52 36.86
C SER J 12 35.81 13.22 35.51
N VAL J 13 34.51 13.50 35.41
CA VAL J 13 33.75 13.29 34.20
C VAL J 13 33.09 14.62 33.83
N ILE J 14 33.11 14.95 32.55
CA ILE J 14 32.53 16.19 32.07
C ILE J 14 31.37 15.87 31.14
N LEU J 15 30.24 16.53 31.36
CA LEU J 15 29.08 16.30 30.50
C LEU J 15 28.62 17.58 29.83
N ALA J 16 28.63 17.57 28.50
CA ALA J 16 28.17 18.71 27.72
C ALA J 16 26.84 18.33 27.09
N SER J 17 25.84 19.21 27.22
CA SER J 17 24.50 18.95 26.70
C SER J 17 23.90 20.20 26.09
N SER J 18 23.40 20.11 24.85
CA SER J 18 22.80 21.27 24.18
C SER J 18 21.67 21.89 25.01
N LYS J 19 21.44 23.18 24.81
CA LYS J 19 20.43 23.89 25.59
C LYS J 19 19.11 24.11 24.86
N ALA J 20 19.12 23.96 23.54
CA ALA J 20 17.92 24.15 22.73
C ALA J 20 16.83 23.09 22.90
N VAL J 21 15.57 23.53 22.72
CA VAL J 21 14.40 22.65 22.78
C VAL J 21 13.52 23.13 21.66
N THR J 22 13.51 22.38 20.56
CA THR J 22 12.74 22.77 19.39
C THR J 22 11.52 21.92 19.17
N ARG J 23 10.39 22.56 18.90
CA ARG J 23 9.17 21.84 18.62
C ARG J 23 8.72 22.23 17.22
N GLY J 24 9.22 21.48 16.25
CA GLY J 24 8.88 21.72 14.87
C GLY J 24 9.53 22.94 14.25
N ILE J 25 8.71 23.97 14.03
CA ILE J 25 9.17 25.20 13.40
C ILE J 25 9.88 26.21 14.31
N SER J 26 9.58 26.19 15.61
CA SER J 26 10.21 27.16 16.51
C SER J 26 11.07 26.57 17.62
N VAL J 27 11.96 27.41 18.16
CA VAL J 27 12.85 27.01 19.24
C VAL J 27 12.22 27.52 20.54
N LEU J 28 11.48 26.65 21.22
CA LEU J 28 10.79 26.99 22.46
C LEU J 28 11.65 27.44 23.63
N LYS J 29 12.86 26.91 23.74
CA LYS J 29 13.71 27.27 24.86
C LYS J 29 15.17 27.13 24.45
N ASP J 30 16.03 27.90 25.08
CA ASP J 30 17.47 27.90 24.80
C ASP J 30 18.30 27.79 26.08
N SER J 31 17.63 27.44 27.17
CA SER J 31 18.23 27.31 28.48
C SER J 31 17.80 26.01 29.14
N ASP J 32 17.64 24.96 28.36
CA ASP J 32 17.20 23.69 28.90
C ASP J 32 18.38 22.90 29.46
N ASP J 33 18.13 22.18 30.56
CA ASP J 33 19.16 21.36 31.18
C ASP J 33 18.78 19.89 31.03
N LYS J 34 19.41 19.21 30.08
CA LYS J 34 19.12 17.80 29.79
C LYS J 34 19.87 16.86 30.72
N THR J 35 19.76 17.11 32.02
CA THR J 35 20.44 16.30 33.02
C THR J 35 19.75 16.21 34.37
N ARG J 36 20.03 15.15 35.12
CA ARG J 36 19.48 14.96 36.46
C ARG J 36 20.60 14.42 37.33
N GLN J 37 20.54 14.72 38.62
CA GLN J 37 21.54 14.24 39.56
C GLN J 37 20.95 13.02 40.25
N LEU J 38 21.51 11.84 40.00
CA LEU J 38 21.00 10.63 40.61
C LEU J 38 21.50 10.45 42.04
N SER J 39 22.70 10.93 42.33
CA SER J 39 23.25 10.86 43.67
C SER J 39 24.26 11.97 43.74
N PRO J 40 24.76 12.28 44.96
CA PRO J 40 25.75 13.35 45.08
C PRO J 40 26.96 13.22 44.16
N HIS J 41 27.32 12.01 43.75
CA HIS J 41 28.48 11.80 42.88
C HIS J 41 28.18 11.11 41.54
N THR J 42 26.90 11.05 41.17
CA THR J 42 26.51 10.46 39.91
C THR J 42 25.53 11.36 39.16
N LEU J 43 25.87 11.63 37.90
CA LEU J 43 25.08 12.50 37.06
C LEU J 43 24.66 11.79 35.79
N MET J 44 23.44 12.08 35.31
CA MET J 44 22.94 11.47 34.09
C MET J 44 22.38 12.47 33.10
N SER J 45 22.88 12.43 31.87
CA SER J 45 22.41 13.32 30.81
C SER J 45 21.53 12.47 29.87
N PHE J 46 20.62 13.10 29.15
CA PHE J 46 19.72 12.35 28.28
C PHE J 46 19.14 13.12 27.11
N ALA J 47 18.85 12.40 26.03
CA ALA J 47 18.26 12.99 24.84
C ALA J 47 17.36 11.95 24.16
N GLY J 48 16.34 12.42 23.45
CA GLY J 48 15.44 11.51 22.77
C GLY J 48 14.00 12.00 22.66
N GLU J 49 13.09 11.04 22.49
CA GLU J 49 11.65 11.30 22.36
C GLU J 49 11.10 12.36 23.32
N ALA J 50 10.44 13.35 22.74
CA ALA J 50 9.83 14.48 23.45
C ALA J 50 9.35 14.28 24.90
N GLY J 51 8.51 13.29 25.17
CA GLY J 51 8.06 13.16 26.54
C GLY J 51 8.83 12.18 27.41
N ASP J 52 9.11 11.02 26.84
CA ASP J 52 9.83 9.94 27.53
C ASP J 52 11.15 10.36 28.14
N THR J 53 11.79 11.32 27.49
CA THR J 53 13.08 11.81 27.92
C THR J 53 13.16 12.20 29.40
N VAL J 54 12.38 13.18 29.81
CA VAL J 54 12.39 13.63 31.20
C VAL J 54 11.70 12.65 32.14
N GLN J 55 10.65 12.00 31.65
CA GLN J 55 9.91 11.03 32.45
C GLN J 55 10.83 9.92 32.89
N PHE J 56 11.62 9.40 31.96
CA PHE J 56 12.55 8.33 32.27
C PHE J 56 13.59 8.82 33.27
N ALA J 57 14.21 9.95 32.95
CA ALA J 57 15.21 10.55 33.81
C ALA J 57 14.72 10.63 35.27
N GLU J 58 13.59 11.30 35.47
CA GLU J 58 13.02 11.47 36.80
C GLU J 58 12.61 10.17 37.49
N TYR J 59 12.27 9.16 36.70
CA TYR J 59 11.88 7.87 37.26
C TYR J 59 13.13 7.19 37.82
N ILE J 60 14.20 7.23 37.03
CA ILE J 60 15.47 6.63 37.46
C ILE J 60 15.96 7.38 38.70
N GLN J 61 15.86 8.71 38.65
CA GLN J 61 16.28 9.54 39.76
C GLN J 61 15.59 9.10 41.05
N ALA J 62 14.25 9.14 41.04
CA ALA J 62 13.46 8.75 42.20
C ALA J 62 13.92 7.41 42.77
N ASN J 63 14.15 6.43 41.91
CA ASN J 63 14.61 5.13 42.38
C ASN J 63 15.98 5.12 43.02
N ILE J 64 16.93 5.85 42.46
CA ILE J 64 18.26 5.87 43.05
C ILE J 64 18.19 6.57 44.41
N GLN J 65 17.44 7.66 44.49
CA GLN J 65 17.31 8.39 45.74
C GLN J 65 16.64 7.54 46.80
N LEU J 66 15.67 6.72 46.39
CA LEU J 66 14.97 5.85 47.33
C LEU J 66 15.94 4.80 47.87
N TYR J 67 16.83 4.32 47.01
CA TYR J 67 17.80 3.31 47.40
C TYR J 67 18.74 3.92 48.43
N SER J 68 19.21 5.13 48.12
CA SER J 68 20.13 5.83 49.01
C SER J 68 19.52 5.91 50.40
N ILE J 69 18.33 6.48 50.50
CA ILE J 69 17.70 6.59 51.80
C ILE J 69 17.47 5.24 52.49
N ARG J 70 16.93 4.26 51.75
CA ARG J 70 16.67 2.95 52.32
C ARG J 70 17.92 2.32 52.92
N GLU J 71 19.03 2.39 52.20
CA GLU J 71 20.27 1.79 52.63
C GLU J 71 21.31 2.73 53.24
N ASP J 72 21.03 4.03 53.21
CA ASP J 72 21.98 5.02 53.72
C ASP J 72 23.33 4.73 53.08
N TYR J 73 23.37 4.78 51.76
CA TYR J 73 24.59 4.49 51.03
C TYR J 73 24.37 4.95 49.60
N GLU J 74 25.46 5.16 48.87
CA GLU J 74 25.40 5.62 47.49
C GLU J 74 25.86 4.50 46.56
N LEU J 75 25.00 4.09 45.65
CA LEU J 75 25.35 3.03 44.71
C LEU J 75 26.48 3.55 43.86
N SER J 76 27.37 2.64 43.48
CA SER J 76 28.50 2.98 42.65
C SER J 76 28.01 3.34 41.25
N PRO J 77 28.74 4.21 40.54
CA PRO J 77 28.30 4.56 39.19
C PRO J 77 28.01 3.31 38.40
N GLN J 78 28.84 2.29 38.56
CA GLN J 78 28.64 1.05 37.83
C GLN J 78 27.27 0.48 38.14
N ALA J 79 26.97 0.29 39.42
CA ALA J 79 25.68 -0.27 39.82
C ALA J 79 24.54 0.55 39.22
N VAL J 80 24.56 1.87 39.44
CA VAL J 80 23.52 2.73 38.90
C VAL J 80 23.26 2.52 37.41
N SER J 81 24.33 2.47 36.61
CA SER J 81 24.19 2.29 35.18
C SER J 81 23.68 0.89 34.81
N SER J 82 24.03 -0.13 35.60
CA SER J 82 23.57 -1.49 35.31
C SER J 82 22.07 -1.52 35.54
N PHE J 83 21.63 -0.78 36.55
CA PHE J 83 20.23 -0.69 36.90
C PHE J 83 19.51 0.02 35.76
N VAL J 84 20.08 1.12 35.30
CA VAL J 84 19.48 1.86 34.21
C VAL J 84 19.43 1.01 32.95
N ARG J 85 20.48 0.26 32.65
CA ARG J 85 20.48 -0.56 31.45
C ARG J 85 19.33 -1.55 31.51
N GLN J 86 19.13 -2.15 32.66
CA GLN J 86 18.06 -3.12 32.79
C GLN J 86 16.71 -2.47 32.52
N GLU J 87 16.50 -1.27 33.07
CA GLU J 87 15.25 -0.57 32.86
C GLU J 87 15.00 -0.37 31.37
N LEU J 88 16.00 0.13 30.64
CA LEU J 88 15.82 0.36 29.22
C LEU J 88 15.62 -0.97 28.51
N ALA J 89 16.45 -1.96 28.83
CA ALA J 89 16.35 -3.26 28.19
C ALA J 89 14.99 -3.95 28.36
N LYS J 90 14.27 -3.63 29.43
CA LYS J 90 12.93 -4.21 29.69
C LYS J 90 11.89 -3.58 28.78
N SER J 91 11.86 -2.25 28.77
CA SER J 91 10.91 -1.50 27.98
C SER J 91 11.11 -1.63 26.46
N ILE J 92 12.22 -2.22 26.03
CA ILE J 92 12.41 -2.34 24.59
C ILE J 92 11.43 -3.32 23.96
N ARG J 93 11.01 -4.33 24.72
CA ARG J 93 10.06 -5.31 24.19
C ARG J 93 8.64 -5.13 24.74
N SER J 94 8.39 -3.97 25.36
CA SER J 94 7.07 -3.67 25.92
C SER J 94 6.15 -2.99 24.88
N ARG J 95 4.91 -2.71 25.29
CA ARG J 95 3.91 -2.10 24.42
C ARG J 95 4.40 -0.79 23.80
N ARG J 96 4.92 0.09 24.64
CA ARG J 96 5.47 1.35 24.16
C ARG J 96 6.80 1.57 24.87
N PRO J 97 7.91 1.39 24.13
CA PRO J 97 9.27 1.56 24.65
C PRO J 97 9.71 3.00 24.85
N TYR J 98 10.49 3.22 25.89
CA TYR J 98 11.04 4.54 26.17
C TYR J 98 12.08 4.76 25.09
N GLN J 99 12.00 5.89 24.40
CA GLN J 99 13.00 6.16 23.38
C GLN J 99 13.95 7.23 23.94
N VAL J 100 14.83 6.79 24.84
CA VAL J 100 15.78 7.68 25.47
C VAL J 100 17.21 7.15 25.42
N ASN J 101 18.17 8.03 25.20
CA ASN J 101 19.58 7.66 25.19
C ASN J 101 20.17 8.39 26.38
N VAL J 102 21.05 7.74 27.13
CA VAL J 102 21.64 8.40 28.28
C VAL J 102 23.14 8.26 28.38
N LEU J 103 23.72 9.16 29.17
CA LEU J 103 25.14 9.19 29.48
C LEU J 103 25.20 9.25 30.99
N ILE J 104 25.81 8.26 31.62
CA ILE J 104 25.91 8.29 33.05
C ILE J 104 27.36 8.51 33.42
N GLY J 105 27.61 9.59 34.13
CA GLY J 105 28.96 9.91 34.56
C GLY J 105 28.97 10.12 36.06
N GLY J 106 29.83 9.38 36.74
CA GLY J 106 29.92 9.50 38.18
C GLY J 106 31.33 9.28 38.67
N TYR J 107 31.56 9.56 39.94
CA TYR J 107 32.87 9.38 40.55
C TYR J 107 32.70 8.32 41.62
N ASP J 108 33.44 7.23 41.49
CA ASP J 108 33.33 6.14 42.45
C ASP J 108 34.18 6.40 43.69
N LYS J 109 33.57 6.97 44.73
CA LYS J 109 34.26 7.29 45.98
C LYS J 109 34.94 6.09 46.64
N LYS J 110 34.65 4.90 46.14
CA LYS J 110 35.26 3.69 46.69
C LYS J 110 36.55 3.34 45.95
N LYS J 111 36.54 3.44 44.62
CA LYS J 111 37.73 3.14 43.82
C LYS J 111 38.51 4.43 43.55
N ASN J 112 37.93 5.57 43.93
CA ASN J 112 38.54 6.88 43.69
C ASN J 112 38.91 7.10 42.24
N LYS J 113 37.93 6.83 41.37
CA LYS J 113 38.10 6.97 39.92
C LYS J 113 36.83 7.45 39.25
N PRO J 114 36.95 8.29 38.22
CA PRO J 114 35.74 8.76 37.55
C PRO J 114 35.30 7.69 36.55
N GLU J 115 34.02 7.68 36.19
CA GLU J 115 33.52 6.69 35.24
C GLU J 115 32.47 7.29 34.30
N LEU J 116 32.45 6.80 33.06
CA LEU J 116 31.52 7.27 32.05
C LEU J 116 30.86 6.13 31.29
N TYR J 117 29.54 6.03 31.43
CA TYR J 117 28.77 4.99 30.78
C TYR J 117 27.83 5.58 29.74
N GLN J 118 27.71 4.87 28.63
CA GLN J 118 26.85 5.29 27.54
C GLN J 118 25.82 4.19 27.34
N ILE J 119 24.55 4.55 27.36
CA ILE J 119 23.50 3.56 27.15
C ILE J 119 22.44 4.12 26.20
N ASP J 120 22.14 3.37 25.13
CA ASP J 120 21.14 3.80 24.15
C ASP J 120 19.78 3.26 24.58
N TYR J 121 18.72 3.68 23.88
CA TYR J 121 17.38 3.24 24.21
C TYR J 121 17.13 1.74 24.17
N LEU J 122 17.96 0.99 23.44
CA LEU J 122 17.79 -0.45 23.37
C LEU J 122 18.25 -1.15 24.64
N GLY J 123 19.15 -0.52 25.37
CA GLY J 123 19.68 -1.11 26.57
C GLY J 123 21.12 -1.54 26.35
N THR J 124 21.75 -0.96 25.34
CA THR J 124 23.13 -1.27 25.02
C THR J 124 24.03 -0.39 25.87
N LYS J 125 24.69 -0.97 26.87
CA LYS J 125 25.57 -0.22 27.74
C LYS J 125 27.02 -0.46 27.38
N VAL J 126 27.83 0.59 27.48
CA VAL J 126 29.25 0.50 27.18
C VAL J 126 30.00 1.53 28.03
N GLU J 127 31.16 1.15 28.56
CA GLU J 127 31.97 2.07 29.36
C GLU J 127 33.00 2.72 28.45
N LEU J 128 33.15 4.03 28.53
CA LEU J 128 34.08 4.71 27.65
C LEU J 128 34.86 5.87 28.25
N PRO J 129 35.94 6.29 27.55
CA PRO J 129 36.79 7.40 27.96
C PRO J 129 35.99 8.64 27.65
N TYR J 130 35.25 8.58 26.55
CA TYR J 130 34.39 9.68 26.10
C TYR J 130 33.35 9.10 25.16
N GLY J 131 32.16 9.70 25.15
CA GLY J 131 31.09 9.23 24.28
C GLY J 131 30.09 10.31 23.93
N ALA J 132 29.23 10.01 22.96
CA ALA J 132 28.22 10.94 22.50
C ALA J 132 27.05 10.13 21.98
N HIS J 133 25.88 10.74 21.88
CA HIS J 133 24.70 10.06 21.38
C HIS J 133 24.16 10.75 20.15
N GLY J 134 23.63 9.96 19.23
CA GLY J 134 23.07 10.52 18.01
C GLY J 134 24.12 10.92 17.01
N TYR J 135 23.93 12.07 16.38
CA TYR J 135 24.86 12.56 15.39
C TYR J 135 26.08 13.24 15.99
N SER J 136 26.01 13.56 17.27
CA SER J 136 27.10 14.23 17.96
C SER J 136 28.45 13.53 17.74
N GLY J 137 28.45 12.21 17.89
CA GLY J 137 29.69 11.46 17.71
C GLY J 137 30.29 11.62 16.33
N PHE J 138 29.44 11.66 15.31
CA PHE J 138 29.91 11.78 13.94
C PHE J 138 30.89 12.92 13.71
N TYR J 139 30.81 13.96 14.53
CA TYR J 139 31.70 15.12 14.38
C TYR J 139 32.84 15.15 15.37
N THR J 140 32.50 14.88 16.62
CA THR J 140 33.44 14.92 17.71
C THR J 140 34.40 13.75 17.89
N PHE J 141 33.98 12.53 17.58
CA PHE J 141 34.87 11.38 17.76
C PHE J 141 36.25 11.47 17.12
N SER J 142 36.34 12.07 15.94
CA SER J 142 37.64 12.17 15.29
C SER J 142 38.53 13.10 16.12
N LEU J 143 37.97 14.18 16.64
CA LEU J 143 38.74 15.11 17.46
C LEU J 143 39.18 14.40 18.74
N LEU J 144 38.22 13.81 19.44
CA LEU J 144 38.49 13.11 20.67
C LEU J 144 39.46 11.95 20.45
N ASP J 145 39.30 11.22 19.35
CA ASP J 145 40.19 10.10 19.06
C ASP J 145 41.64 10.60 18.96
N HIS J 146 41.78 11.81 18.44
CA HIS J 146 43.09 12.42 18.25
C HIS J 146 43.69 13.00 19.53
N HIS J 147 43.02 13.99 20.11
CA HIS J 147 43.47 14.67 21.32
C HIS J 147 43.27 14.01 22.70
N TYR J 148 42.65 12.85 22.77
CA TYR J 148 42.40 12.27 24.08
C TYR J 148 43.55 11.55 24.77
N ARG J 149 43.78 11.91 26.03
CA ARG J 149 44.81 11.32 26.87
C ARG J 149 44.21 11.03 28.26
N PRO J 150 44.33 9.77 28.74
CA PRO J 150 43.83 9.30 30.04
C PRO J 150 44.15 10.13 31.27
N ASP J 151 45.22 10.91 31.21
CA ASP J 151 45.65 11.72 32.35
C ASP J 151 45.37 13.22 32.23
N MET J 152 44.50 13.60 31.29
CA MET J 152 44.16 15.00 31.11
C MET J 152 43.59 15.61 32.38
N THR J 153 43.95 16.86 32.67
CA THR J 153 43.42 17.51 33.84
C THR J 153 42.04 18.00 33.47
N THR J 154 41.20 18.27 34.47
CA THR J 154 39.86 18.75 34.21
C THR J 154 39.93 19.95 33.27
N GLU J 155 40.99 20.73 33.41
CA GLU J 155 41.16 21.92 32.58
C GLU J 155 41.40 21.55 31.10
N GLU J 156 42.26 20.58 30.87
CA GLU J 156 42.56 20.15 29.51
C GLU J 156 41.29 19.54 28.91
N GLY J 157 40.51 18.89 29.76
CA GLY J 157 39.27 18.28 29.32
C GLY J 157 38.36 19.33 28.75
N LEU J 158 38.06 20.37 29.52
CA LEU J 158 37.19 21.43 29.05
C LEU J 158 37.66 22.09 27.75
N ASP J 159 38.97 22.14 27.55
CA ASP J 159 39.50 22.74 26.32
C ASP J 159 39.20 21.83 25.14
N LEU J 160 39.31 20.53 25.38
CA LEU J 160 39.04 19.52 24.36
C LEU J 160 37.57 19.59 23.97
N LEU J 161 36.69 19.73 24.97
CA LEU J 161 35.25 19.84 24.71
C LEU J 161 35.04 21.05 23.86
N LYS J 162 35.39 22.21 24.43
CA LYS J 162 35.25 23.48 23.75
C LYS J 162 35.61 23.31 22.27
N LEU J 163 36.60 22.47 21.99
CA LEU J 163 37.00 22.24 20.62
C LEU J 163 35.92 21.47 19.86
N CYS J 164 35.38 20.42 20.49
CA CYS J 164 34.32 19.62 19.89
C CYS J 164 33.09 20.47 19.63
N VAL J 165 32.66 21.21 20.64
CA VAL J 165 31.51 22.08 20.51
C VAL J 165 31.69 23.06 19.34
N GLN J 166 32.92 23.51 19.10
CA GLN J 166 33.16 24.45 17.99
C GLN J 166 33.01 23.78 16.64
N GLU J 167 33.46 22.54 16.55
CA GLU J 167 33.35 21.78 15.30
C GLU J 167 31.88 21.49 15.05
N LEU J 168 31.13 21.32 16.14
CA LEU J 168 29.70 21.04 16.02
C LEU J 168 28.99 22.29 15.54
N GLU J 169 29.38 23.45 16.06
CA GLU J 169 28.74 24.68 15.66
C GLU J 169 29.09 25.08 14.24
N LYS J 170 30.17 24.53 13.70
CA LYS J 170 30.57 24.88 12.36
C LYS J 170 29.96 24.00 11.28
N ARG J 171 30.04 22.68 11.48
CA ARG J 171 29.54 21.72 10.49
C ARG J 171 28.12 21.19 10.65
N MET J 172 27.58 21.21 11.86
CA MET J 172 26.23 20.71 12.05
C MET J 172 25.15 21.73 11.70
N PRO J 173 24.15 21.32 10.90
CA PRO J 173 22.99 22.07 10.39
C PRO J 173 22.09 22.80 11.38
N MET J 174 21.76 22.14 12.49
CA MET J 174 20.89 22.74 13.49
C MET J 174 21.61 23.63 14.49
N ASP J 175 20.89 24.61 15.03
CA ASP J 175 21.44 25.50 16.04
C ASP J 175 21.00 24.93 17.39
N PHE J 176 21.92 24.30 18.11
CA PHE J 176 21.56 23.72 19.40
C PHE J 176 21.68 24.69 20.57
N LYS J 177 21.89 25.96 20.24
CA LYS J 177 22.01 27.05 21.23
C LYS J 177 23.06 26.85 22.32
N GLY J 178 24.24 26.38 21.95
CA GLY J 178 25.29 26.17 22.93
C GLY J 178 25.01 25.05 23.91
N VAL J 179 25.94 24.80 24.82
CA VAL J 179 25.74 23.73 25.80
C VAL J 179 25.92 24.14 27.25
N ILE J 180 25.51 23.25 28.14
CA ILE J 180 25.65 23.45 29.58
C ILE J 180 26.65 22.34 29.92
N VAL J 181 27.67 22.68 30.71
CA VAL J 181 28.68 21.69 31.06
C VAL J 181 28.67 21.45 32.56
N LYS J 182 29.00 20.24 32.97
CA LYS J 182 29.03 19.93 34.40
C LYS J 182 30.17 18.97 34.68
N ILE J 183 30.77 19.13 35.87
CA ILE J 183 31.89 18.29 36.27
C ILE J 183 31.49 17.42 37.45
N VAL J 184 31.91 16.16 37.38
CA VAL J 184 31.64 15.22 38.45
C VAL J 184 33.03 14.78 38.92
N ASP J 185 33.34 15.02 40.19
CA ASP J 185 34.63 14.64 40.77
C ASP J 185 34.45 14.20 42.22
N LYS J 186 35.55 13.99 42.93
CA LYS J 186 35.49 13.56 44.32
C LYS J 186 34.70 14.49 45.21
N ASP J 187 34.40 15.68 44.71
CA ASP J 187 33.66 16.67 45.49
C ASP J 187 32.23 16.89 45.07
N GLY J 188 31.72 16.04 44.18
CA GLY J 188 30.35 16.19 43.75
C GLY J 188 30.13 16.74 42.36
N ILE J 189 28.93 17.25 42.13
CA ILE J 189 28.55 17.79 40.84
C ILE J 189 28.52 19.31 40.86
N ARG J 190 29.18 19.94 39.90
CA ARG J 190 29.18 21.40 39.81
C ARG J 190 29.08 21.81 38.34
N GLN J 191 28.43 22.94 38.08
CA GLN J 191 28.24 23.44 36.72
C GLN J 191 29.14 24.60 36.34
N VAL J 192 29.82 24.47 35.20
CA VAL J 192 30.72 25.50 34.70
C VAL J 192 29.94 26.62 34.03
N ASP J 193 29.35 27.52 34.83
CA ASP J 193 28.55 28.62 34.29
C ASP J 193 29.27 29.59 33.35
N ASP J 194 30.45 29.20 32.87
CA ASP J 194 31.23 30.03 31.95
C ASP J 194 31.84 29.22 30.80
N PHE J 195 31.01 28.89 29.82
CA PHE J 195 31.45 28.16 28.63
C PHE J 195 30.90 28.86 27.39
N GLN J 196 30.09 29.89 27.65
CA GLN J 196 29.47 30.72 26.60
C GLN J 196 30.56 31.57 25.94
N ALA J 197 31.71 31.65 26.60
CA ALA J 197 32.87 32.41 26.13
C ALA J 197 34.05 32.21 27.10
N GLN J 198 34.46 30.95 27.29
CA GLN J 198 35.57 30.61 28.19
C GLN J 198 36.90 30.55 27.43
N THR K 1 -4.98 29.21 15.47
CA THR K 1 -4.73 29.53 16.89
C THR K 1 -3.43 30.25 17.17
N THR K 2 -3.49 31.18 18.11
CA THR K 2 -2.32 31.93 18.52
C THR K 2 -2.56 32.21 19.98
N THR K 3 -1.61 31.82 20.82
CA THR K 3 -1.76 32.07 22.24
C THR K 3 -0.37 32.40 22.76
N LEU K 4 -0.31 33.33 23.69
CA LEU K 4 0.95 33.71 24.28
C LEU K 4 0.81 34.02 25.75
N ALA K 5 1.93 33.93 26.45
CA ALA K 5 1.98 34.23 27.86
C ALA K 5 3.41 34.63 28.15
N PHE K 6 3.57 35.64 29.00
CA PHE K 6 4.89 36.06 29.37
C PHE K 6 4.94 36.68 30.74
N ARG K 7 6.09 36.51 31.37
CA ARG K 7 6.37 37.02 32.71
C ARG K 7 7.03 38.38 32.63
N PHE K 8 6.74 39.21 33.62
CA PHE K 8 7.33 40.55 33.73
C PHE K 8 7.14 41.03 35.16
N GLN K 9 7.71 42.19 35.48
CA GLN K 9 7.59 42.75 36.81
C GLN K 9 6.14 42.70 37.32
N GLY K 10 5.18 43.12 36.49
CA GLY K 10 3.79 43.14 36.91
C GLY K 10 3.12 41.80 37.06
N GLY K 11 3.83 40.72 36.77
CA GLY K 11 3.25 39.39 36.86
C GLY K 11 3.25 38.66 35.51
N ILE K 12 2.09 38.14 35.13
CA ILE K 12 1.99 37.44 33.86
C ILE K 12 0.91 38.03 32.99
N ILE K 13 1.18 38.14 31.69
CA ILE K 13 0.21 38.62 30.73
C ILE K 13 -0.14 37.41 29.86
N VAL K 14 -1.41 37.28 29.51
CA VAL K 14 -1.86 36.16 28.69
C VAL K 14 -2.83 36.65 27.62
N ALA K 15 -2.45 36.47 26.35
CA ALA K 15 -3.29 36.89 25.23
C ALA K 15 -3.56 35.72 24.28
N VAL K 16 -4.81 35.61 23.84
CA VAL K 16 -5.21 34.55 22.93
C VAL K 16 -6.19 35.11 21.92
N ASP K 17 -6.38 34.40 20.81
CA ASP K 17 -7.34 34.85 19.79
C ASP K 17 -8.60 34.02 20.08
N SER K 18 -9.56 33.98 19.16
CA SER K 18 -10.78 33.20 19.42
C SER K 18 -11.34 32.43 18.23
N ARG K 19 -10.58 32.31 17.14
CA ARG K 19 -11.07 31.60 15.98
C ARG K 19 -10.88 30.09 16.09
N ALA K 20 -11.84 29.35 15.57
CA ALA K 20 -11.79 27.90 15.60
C ALA K 20 -12.24 27.40 14.23
N THR K 21 -11.46 26.49 13.66
CA THR K 21 -11.80 25.97 12.33
C THR K 21 -11.93 24.46 12.23
N ALA K 22 -12.35 24.06 11.03
CA ALA K 22 -12.54 22.68 10.65
C ALA K 22 -12.21 22.78 9.16
N GLY K 23 -10.97 22.44 8.84
CA GLY K 23 -10.53 22.56 7.47
C GLY K 23 -10.35 24.03 7.16
N ASN K 24 -11.02 24.50 6.11
CA ASN K 24 -10.94 25.91 5.73
C ASN K 24 -12.24 26.63 6.08
N TRP K 25 -12.95 26.04 7.03
CA TRP K 25 -14.22 26.56 7.51
C TRP K 25 -14.01 27.16 8.89
N VAL K 26 -14.39 28.42 9.03
CA VAL K 26 -14.28 29.12 10.30
C VAL K 26 -15.52 28.72 11.08
N ALA K 27 -15.35 27.76 11.97
CA ALA K 27 -16.44 27.25 12.78
C ALA K 27 -16.94 28.22 13.83
N SER K 28 -16.04 28.99 14.42
CA SER K 28 -16.41 29.94 15.44
C SER K 28 -15.42 31.07 15.50
N GLN K 29 -15.91 32.26 15.81
CA GLN K 29 -15.07 33.44 15.91
C GLN K 29 -15.01 33.84 17.38
N THR K 30 -15.79 33.15 18.20
CA THR K 30 -15.88 33.45 19.62
C THR K 30 -15.60 32.29 20.57
N VAL K 31 -14.44 31.65 20.41
CA VAL K 31 -14.09 30.53 21.29
C VAL K 31 -13.20 31.04 22.41
N LYS K 32 -13.53 30.68 23.65
CA LYS K 32 -12.72 31.10 24.79
C LYS K 32 -11.52 30.15 24.83
N LYS K 33 -10.37 30.66 24.42
CA LYS K 33 -9.16 29.84 24.40
C LYS K 33 -8.35 29.98 25.67
N VAL K 34 -8.99 30.47 26.72
CA VAL K 34 -8.32 30.61 28.00
C VAL K 34 -9.19 29.92 29.02
N ILE K 35 -8.73 28.77 29.51
CA ILE K 35 -9.48 28.01 30.50
C ILE K 35 -9.13 28.58 31.87
N GLU K 36 -10.17 28.97 32.62
CA GLU K 36 -9.96 29.51 33.95
C GLU K 36 -9.97 28.34 34.94
N ILE K 37 -8.82 27.72 35.11
CA ILE K 37 -8.67 26.57 36.00
C ILE K 37 -9.26 26.93 37.37
N ASN K 38 -8.99 28.15 37.81
CA ASN K 38 -9.52 28.67 39.08
C ASN K 38 -9.07 30.12 39.23
N PRO K 39 -9.55 30.82 40.27
CA PRO K 39 -9.20 32.22 40.53
C PRO K 39 -7.71 32.60 40.48
N PHE K 40 -6.83 31.61 40.53
CA PHE K 40 -5.40 31.87 40.51
C PHE K 40 -4.61 31.23 39.37
N LEU K 41 -5.25 30.31 38.66
CA LEU K 41 -4.60 29.60 37.56
C LEU K 41 -5.28 29.73 36.22
N LEU K 42 -4.47 29.92 35.19
CA LEU K 42 -4.97 30.04 33.82
C LEU K 42 -4.32 29.03 32.89
N GLY K 43 -5.13 28.46 32.00
CA GLY K 43 -4.60 27.51 31.03
C GLY K 43 -5.00 27.96 29.63
N THR K 44 -4.15 27.70 28.64
CA THR K 44 -4.48 28.10 27.27
C THR K 44 -4.84 26.91 26.39
N MET K 45 -5.63 27.19 25.35
CA MET K 45 -6.08 26.15 24.43
C MET K 45 -5.43 26.22 23.06
N ALA K 46 -4.70 25.18 22.68
CA ALA K 46 -4.05 25.08 21.39
C ALA K 46 -4.19 23.62 21.00
N GLY K 47 -4.45 23.34 19.73
CA GLY K 47 -4.62 21.95 19.33
C GLY K 47 -6.10 21.59 19.42
N GLY K 48 -6.41 20.48 20.07
CA GLY K 48 -7.81 20.08 20.16
C GLY K 48 -8.62 20.85 21.19
N ALA K 49 -9.69 21.49 20.74
CA ALA K 49 -10.54 22.27 21.64
C ALA K 49 -11.03 21.41 22.81
N ALA K 50 -11.73 20.33 22.48
CA ALA K 50 -12.24 19.44 23.52
C ALA K 50 -11.13 18.96 24.46
N ASP K 51 -10.01 18.52 23.89
CA ASP K 51 -8.90 18.02 24.69
C ASP K 51 -8.41 19.01 25.74
N CYS K 52 -8.16 20.25 25.33
CA CYS K 52 -7.72 21.28 26.24
C CYS K 52 -8.83 21.58 27.23
N GLN K 53 -9.99 21.93 26.69
CA GLN K 53 -11.14 22.24 27.51
C GLN K 53 -11.41 21.17 28.57
N PHE K 54 -11.78 19.99 28.10
CA PHE K 54 -12.09 18.89 29.00
C PHE K 54 -11.02 18.60 30.03
N TRP K 55 -9.77 18.49 29.57
CA TRP K 55 -8.69 18.15 30.48
C TRP K 55 -8.23 19.24 31.41
N GLU K 56 -8.31 20.49 30.98
CA GLU K 56 -7.91 21.56 31.87
C GLU K 56 -9.01 21.80 32.89
N THR K 57 -10.26 21.57 32.50
CA THR K 57 -11.36 21.72 33.44
C THR K 57 -11.16 20.66 34.52
N TRP K 58 -10.81 19.45 34.09
CA TRP K 58 -10.54 18.35 35.02
C TRP K 58 -9.36 18.75 35.91
N LEU K 59 -8.39 19.47 35.33
CA LEU K 59 -7.24 19.90 36.10
C LEU K 59 -7.73 20.71 37.30
N GLY K 60 -8.62 21.66 37.02
CA GLY K 60 -9.16 22.51 38.08
C GLY K 60 -9.77 21.71 39.22
N SER K 61 -10.49 20.65 38.87
CA SER K 61 -11.11 19.80 39.88
C SER K 61 -10.01 19.16 40.73
N GLN K 62 -8.90 18.83 40.09
CA GLN K 62 -7.79 18.21 40.81
C GLN K 62 -7.11 19.21 41.75
N CYS K 63 -6.97 20.45 41.29
CA CYS K 63 -6.35 21.52 42.08
C CYS K 63 -7.17 21.81 43.33
N ARG K 64 -8.48 21.87 43.14
CA ARG K 64 -9.40 22.10 44.24
C ARG K 64 -9.23 21.02 45.33
N LEU K 65 -9.14 19.76 44.90
CA LEU K 65 -8.94 18.63 45.81
C LEU K 65 -7.64 18.78 46.56
N HIS K 66 -6.61 19.28 45.89
CA HIS K 66 -5.30 19.48 46.51
C HIS K 66 -5.42 20.48 47.66
N GLU K 67 -6.08 21.59 47.37
CA GLU K 67 -6.26 22.63 48.35
C GLU K 67 -7.14 22.17 49.51
N LEU K 68 -8.22 21.47 49.20
CA LEU K 68 -9.10 20.98 50.26
C LEU K 68 -8.34 20.02 51.15
N ARG K 69 -7.38 19.32 50.56
CA ARG K 69 -6.59 18.32 51.26
C ARG K 69 -5.40 18.86 52.03
N GLU K 70 -4.62 19.72 51.38
CA GLU K 70 -3.42 20.28 52.00
C GLU K 70 -3.63 21.63 52.63
N LYS K 71 -4.88 22.07 52.73
CA LYS K 71 -5.21 23.36 53.33
C LYS K 71 -4.19 24.41 52.90
N GLU K 72 -3.82 24.35 51.63
CA GLU K 72 -2.84 25.27 51.08
C GLU K 72 -2.97 25.33 49.55
N ARG K 73 -2.72 26.49 48.98
CA ARG K 73 -2.82 26.72 47.55
C ARG K 73 -1.82 25.88 46.73
N ILE K 74 -2.30 25.28 45.63
CA ILE K 74 -1.44 24.45 44.79
C ILE K 74 -0.48 25.31 43.99
N SER K 75 0.75 24.83 43.82
CA SER K 75 1.75 25.58 43.08
C SER K 75 1.60 25.37 41.57
N VAL K 76 2.03 26.35 40.78
CA VAL K 76 1.92 26.25 39.34
C VAL K 76 2.72 25.06 38.85
N ALA K 77 3.80 24.75 39.56
CA ALA K 77 4.63 23.62 39.18
C ALA K 77 3.86 22.31 39.33
N ALA K 78 3.25 22.11 40.49
CA ALA K 78 2.49 20.90 40.73
C ALA K 78 1.24 20.81 39.84
N ALA K 79 0.52 21.92 39.73
CA ALA K 79 -0.68 21.95 38.91
C ALA K 79 -0.37 21.52 37.49
N SER K 80 0.70 22.08 36.94
CA SER K 80 1.11 21.78 35.57
C SER K 80 1.56 20.33 35.43
N LYS K 81 2.24 19.82 36.44
CA LYS K 81 2.71 18.45 36.37
C LYS K 81 1.55 17.47 36.41
N ILE K 82 0.50 17.81 37.14
CA ILE K 82 -0.66 16.94 37.20
C ILE K 82 -1.21 16.75 35.79
N LEU K 83 -1.39 17.85 35.06
CA LEU K 83 -1.89 17.78 33.69
C LEU K 83 -0.90 16.95 32.86
N SER K 84 0.34 17.42 32.86
CA SER K 84 1.44 16.78 32.15
C SER K 84 1.45 15.24 32.29
N ASN K 85 1.44 14.74 33.52
CA ASN K 85 1.48 13.30 33.78
C ASN K 85 0.25 12.56 33.25
N LEU K 86 -0.91 13.22 33.33
CA LEU K 86 -2.16 12.64 32.84
C LEU K 86 -2.02 12.46 31.33
N VAL K 87 -1.75 13.57 30.66
CA VAL K 87 -1.56 13.56 29.23
C VAL K 87 -0.55 12.49 28.79
N TYR K 88 0.51 12.30 29.55
CA TYR K 88 1.52 11.30 29.23
C TYR K 88 0.96 9.88 29.24
N GLN K 89 0.03 9.58 30.15
CA GLN K 89 -0.59 8.26 30.23
C GLN K 89 -1.29 7.96 28.91
N TYR K 90 -1.76 9.00 28.25
CA TYR K 90 -2.46 8.87 26.97
C TYR K 90 -1.55 9.05 25.78
N LYS K 91 -0.24 9.04 25.99
CA LYS K 91 0.70 9.26 24.89
C LYS K 91 0.50 8.23 23.80
N GLY K 92 0.35 8.72 22.57
CA GLY K 92 0.15 7.84 21.44
C GLY K 92 -1.32 7.61 21.11
N ALA K 93 -2.19 7.73 22.10
CA ALA K 93 -3.62 7.51 21.90
C ALA K 93 -4.30 8.51 20.95
N GLY K 94 -3.70 9.69 20.75
CA GLY K 94 -4.32 10.65 19.84
C GLY K 94 -4.59 12.05 20.39
N LEU K 95 -4.58 12.21 21.70
CA LEU K 95 -4.80 13.52 22.31
C LEU K 95 -3.93 14.58 21.63
N SER K 96 -4.51 15.74 21.36
CA SER K 96 -3.76 16.82 20.73
C SER K 96 -3.95 18.12 21.50
N MET K 97 -2.89 18.58 22.15
CA MET K 97 -3.02 19.81 22.91
C MET K 97 -1.72 20.48 23.30
N GLY K 98 -1.68 21.78 23.08
CA GLY K 98 -0.53 22.62 23.43
C GLY K 98 -1.11 23.60 24.43
N THR K 99 -0.46 23.77 25.57
CA THR K 99 -1.03 24.63 26.56
C THR K 99 -0.03 25.29 27.51
N MET K 100 -0.43 26.44 28.05
CA MET K 100 0.36 27.17 29.03
C MET K 100 -0.42 27.18 30.31
N ILE K 101 0.23 26.75 31.39
CA ILE K 101 -0.39 26.77 32.71
C ILE K 101 0.30 27.94 33.40
N CYS K 102 -0.46 29.01 33.62
CA CYS K 102 0.04 30.24 34.23
C CYS K 102 -0.54 30.51 35.59
N GLY K 103 0.32 30.91 36.52
CA GLY K 103 -0.11 31.21 37.87
C GLY K 103 0.88 32.10 38.59
N TYR K 104 0.48 32.63 39.74
CA TYR K 104 1.33 33.50 40.53
C TYR K 104 1.20 33.06 41.97
N THR K 105 2.27 32.54 42.56
CA THR K 105 2.19 32.12 43.94
C THR K 105 3.34 32.67 44.74
N ARG K 106 3.21 32.58 46.06
CA ARG K 106 4.23 33.09 46.96
C ARG K 106 5.53 32.33 46.80
N LYS K 107 5.44 30.99 46.81
CA LYS K 107 6.59 30.12 46.68
C LYS K 107 7.33 30.28 45.36
N GLU K 108 6.59 30.56 44.28
CA GLU K 108 7.20 30.66 42.96
C GLU K 108 7.26 32.04 42.29
N GLY K 109 6.24 32.86 42.51
CA GLY K 109 6.20 34.17 41.89
C GLY K 109 5.44 34.02 40.58
N PRO K 110 5.77 34.80 39.53
CA PRO K 110 5.02 34.62 38.29
C PRO K 110 5.57 33.38 37.61
N THR K 111 4.71 32.40 37.32
CA THR K 111 5.17 31.19 36.68
C THR K 111 4.34 30.72 35.50
N ILE K 112 5.04 30.35 34.44
CA ILE K 112 4.42 29.86 33.21
C ILE K 112 5.02 28.50 32.87
N TYR K 113 4.15 27.53 32.61
CA TYR K 113 4.57 26.19 32.25
C TYR K 113 3.93 25.82 30.93
N TYR K 114 4.74 25.31 30.01
CA TYR K 114 4.28 24.87 28.71
C TYR K 114 4.10 23.36 28.80
N VAL K 115 2.93 22.87 28.42
CA VAL K 115 2.66 21.44 28.49
C VAL K 115 1.95 21.06 27.22
N ASP K 116 2.38 19.98 26.57
CA ASP K 116 1.70 19.53 25.37
C ASP K 116 1.44 18.04 25.46
N SER K 117 0.58 17.55 24.57
CA SER K 117 0.20 16.15 24.57
C SER K 117 1.32 15.18 24.28
N ASP K 118 2.52 15.69 24.01
CA ASP K 118 3.68 14.82 23.77
C ASP K 118 4.26 14.36 25.10
N GLY K 119 4.00 15.14 26.13
CA GLY K 119 4.50 14.83 27.46
C GLY K 119 5.47 15.92 27.88
N THR K 120 5.71 16.85 26.98
CA THR K 120 6.63 17.95 27.26
C THR K 120 6.08 18.93 28.27
N ARG K 121 6.92 19.29 29.23
CA ARG K 121 6.59 20.24 30.28
C ARG K 121 7.81 21.14 30.43
N LEU K 122 7.65 22.42 30.10
CA LEU K 122 8.74 23.37 30.17
C LEU K 122 8.39 24.63 30.95
N LYS K 123 9.33 25.08 31.79
CA LYS K 123 9.11 26.30 32.53
C LYS K 123 9.74 27.39 31.67
N GLY K 124 9.06 28.53 31.50
CA GLY K 124 9.64 29.57 30.67
C GLY K 124 9.19 30.98 30.97
N ASP K 125 9.73 31.94 30.22
CA ASP K 125 9.40 33.34 30.41
C ASP K 125 8.44 33.84 29.34
N ILE K 126 8.68 33.46 28.10
CA ILE K 126 7.81 33.87 27.00
C ILE K 126 7.40 32.62 26.22
N PHE K 127 6.12 32.47 25.94
CA PHE K 127 5.65 31.31 25.21
C PHE K 127 4.54 31.63 24.20
N CYS K 128 4.65 31.09 23.01
CA CYS K 128 3.65 31.25 21.95
C CYS K 128 3.32 29.89 21.39
N VAL K 129 2.04 29.56 21.35
CA VAL K 129 1.62 28.28 20.84
C VAL K 129 0.48 28.44 19.86
N GLY K 130 0.53 27.70 18.76
CA GLY K 130 -0.54 27.78 17.79
C GLY K 130 0.00 28.03 16.39
N SER K 131 -0.88 27.88 15.42
CA SER K 131 -0.51 28.08 14.02
C SER K 131 -0.06 29.49 13.72
N GLY K 132 -0.13 30.38 14.71
CA GLY K 132 0.29 31.75 14.50
C GLY K 132 1.45 32.13 15.41
N GLN K 133 1.93 31.18 16.19
CA GLN K 133 3.01 31.42 17.12
C GLN K 133 4.23 32.19 16.58
N THR K 134 4.63 31.93 15.34
CA THR K 134 5.79 32.62 14.79
C THR K 134 5.54 34.11 14.59
N PHE K 135 4.32 34.46 14.26
CA PHE K 135 3.96 35.86 14.05
C PHE K 135 4.01 36.61 15.36
N ALA K 136 3.42 36.03 16.39
CA ALA K 136 3.42 36.61 17.72
C ALA K 136 4.86 36.77 18.22
N TYR K 137 5.65 35.71 18.15
CA TYR K 137 7.04 35.76 18.60
C TYR K 137 7.80 36.94 17.99
N GLY K 138 7.46 37.31 16.75
CA GLY K 138 8.13 38.44 16.12
C GLY K 138 7.94 39.71 16.95
N VAL K 139 6.67 40.13 17.06
CA VAL K 139 6.26 41.31 17.82
C VAL K 139 6.76 41.24 19.27
N LEU K 140 6.58 40.08 19.90
CA LEU K 140 6.99 39.89 21.29
C LEU K 140 8.49 39.95 21.55
N ASP K 141 9.29 39.29 20.73
CA ASP K 141 10.74 39.26 20.95
C ASP K 141 11.45 40.60 20.85
N SER K 142 10.91 41.50 20.02
CA SER K 142 11.55 42.80 19.83
C SER K 142 11.06 43.93 20.74
N ASN K 143 10.00 43.69 21.51
CA ASN K 143 9.50 44.73 22.40
C ASN K 143 9.34 44.28 23.83
N TYR K 144 9.98 43.17 24.19
CA TYR K 144 9.84 42.69 25.56
C TYR K 144 10.99 43.09 26.48
N LYS K 145 10.61 43.71 27.59
CA LYS K 145 11.52 44.15 28.66
C LYS K 145 10.83 43.70 29.95
N TRP K 146 11.60 43.25 30.94
CA TRP K 146 11.00 42.82 32.19
C TRP K 146 10.32 43.97 32.96
N ASP K 147 10.67 45.19 32.61
CA ASP K 147 10.15 46.40 33.26
C ASP K 147 9.01 47.06 32.51
N LEU K 148 8.09 46.26 31.99
CA LEU K 148 6.97 46.85 31.27
C LEU K 148 5.84 47.18 32.23
N SER K 149 5.23 48.35 32.04
CA SER K 149 4.13 48.73 32.90
C SER K 149 2.99 47.78 32.58
N VAL K 150 2.23 47.37 33.59
CA VAL K 150 1.09 46.48 33.36
C VAL K 150 0.26 46.96 32.18
N GLU K 151 0.30 48.27 31.93
CA GLU K 151 -0.44 48.89 30.83
C GLU K 151 0.23 48.56 29.49
N ASP K 152 1.54 48.82 29.42
CA ASP K 152 2.33 48.54 28.22
C ASP K 152 2.32 47.05 27.92
N ALA K 153 2.62 46.25 28.94
CA ALA K 153 2.64 44.81 28.83
C ALA K 153 1.34 44.32 28.20
N LEU K 154 0.21 44.74 28.79
CA LEU K 154 -1.09 44.36 28.26
C LEU K 154 -1.23 44.67 26.79
N TYR K 155 -0.72 45.83 26.37
CA TYR K 155 -0.82 46.20 24.97
C TYR K 155 0.05 45.27 24.13
N LEU K 156 1.33 45.16 24.50
CA LEU K 156 2.27 44.31 23.77
C LEU K 156 1.66 42.96 23.41
N GLY K 157 1.02 42.32 24.39
CA GLY K 157 0.40 41.04 24.11
C GLY K 157 -0.68 41.21 23.06
N LYS K 158 -1.65 42.07 23.35
CA LYS K 158 -2.75 42.35 22.45
C LYS K 158 -2.23 42.59 21.02
N ARG K 159 -1.17 43.38 20.92
CA ARG K 159 -0.59 43.71 19.62
C ARG K 159 -0.04 42.48 18.93
N SER K 160 0.65 41.63 19.69
CA SER K 160 1.22 40.39 19.15
C SER K 160 0.17 39.46 18.56
N ILE K 161 -0.90 39.22 19.31
CA ILE K 161 -1.98 38.38 18.82
C ILE K 161 -2.52 39.01 17.53
N LEU K 162 -2.54 40.34 17.47
CA LEU K 162 -3.03 41.03 16.29
C LEU K 162 -2.15 40.71 15.09
N ALA K 163 -0.84 40.81 15.29
CA ALA K 163 0.11 40.52 14.23
C ALA K 163 -0.25 39.16 13.62
N ALA K 164 -0.37 38.15 14.49
CA ALA K 164 -0.73 36.80 14.07
C ALA K 164 -2.08 36.75 13.36
N ALA K 165 -3.14 37.24 14.01
CA ALA K 165 -4.46 37.23 13.41
C ALA K 165 -4.44 37.78 11.99
N HIS K 166 -3.56 38.74 11.73
CA HIS K 166 -3.47 39.34 10.41
C HIS K 166 -2.88 38.42 9.33
N ARG K 167 -1.75 37.80 9.62
CA ARG K 167 -1.10 36.90 8.67
C ARG K 167 -1.67 35.47 8.66
N ASP K 168 -1.79 34.88 9.84
CA ASP K 168 -2.31 33.52 9.96
C ASP K 168 -3.80 33.45 9.61
N ALA K 169 -4.13 32.58 8.67
CA ALA K 169 -5.51 32.42 8.22
C ALA K 169 -6.35 31.68 9.25
N TYR K 170 -5.71 30.85 10.06
CA TYR K 170 -6.43 30.07 11.07
C TYR K 170 -6.60 30.85 12.38
N SER K 171 -6.12 32.09 12.40
CA SER K 171 -6.22 32.95 13.58
C SER K 171 -7.00 34.22 13.29
N GLY K 172 -7.77 34.65 14.30
CA GLY K 172 -8.57 35.84 14.16
C GLY K 172 -9.71 35.90 15.16
N GLY K 173 -10.80 36.56 14.78
CA GLY K 173 -11.94 36.70 15.68
C GLY K 173 -11.75 37.88 16.62
N SER K 174 -11.39 37.60 17.86
CA SER K 174 -11.18 38.66 18.84
C SER K 174 -10.05 38.29 19.79
N VAL K 175 -9.49 39.28 20.45
CA VAL K 175 -8.39 39.04 21.39
C VAL K 175 -8.91 39.05 22.82
N ASN K 176 -8.47 38.08 23.62
CA ASN K 176 -8.84 38.04 25.04
C ASN K 176 -7.60 38.22 25.86
N LEU K 177 -7.64 39.20 26.77
CA LEU K 177 -6.51 39.52 27.62
C LEU K 177 -6.69 39.14 29.07
N TYR K 178 -5.58 38.86 29.73
CA TYR K 178 -5.60 38.50 31.14
C TYR K 178 -4.33 38.98 31.83
N HIS K 179 -4.47 39.36 33.09
CA HIS K 179 -3.34 39.80 33.88
C HIS K 179 -3.31 38.92 35.11
N VAL K 180 -2.18 38.27 35.34
CA VAL K 180 -2.08 37.39 36.49
C VAL K 180 -1.20 37.98 37.59
N THR K 181 -1.81 38.16 38.76
CA THR K 181 -1.17 38.71 39.95
C THR K 181 -1.35 37.69 41.07
N GLU K 182 -0.49 37.78 42.08
CA GLU K 182 -0.54 36.86 43.20
C GLU K 182 -1.92 36.77 43.83
N ASP K 183 -2.74 37.81 43.67
CA ASP K 183 -4.08 37.81 44.25
C ASP K 183 -5.09 37.14 43.32
N GLY K 184 -4.65 36.83 42.11
CA GLY K 184 -5.51 36.19 41.13
C GLY K 184 -5.35 36.85 39.77
N TRP K 185 -6.19 36.44 38.81
CA TRP K 185 -6.11 37.02 37.48
C TRP K 185 -7.20 38.04 37.29
N ILE K 186 -6.92 39.01 36.43
CA ILE K 186 -7.85 40.08 36.13
C ILE K 186 -8.13 40.05 34.65
N TYR K 187 -9.36 39.73 34.28
CA TYR K 187 -9.71 39.71 32.86
C TYR K 187 -9.62 41.14 32.38
N HIS K 188 -9.06 41.33 31.20
CA HIS K 188 -8.93 42.66 30.63
C HIS K 188 -9.61 42.80 29.29
N GLY K 189 -10.76 42.14 29.19
CA GLY K 189 -11.61 42.21 28.02
C GLY K 189 -11.36 41.48 26.72
N ASN K 190 -12.43 41.43 25.94
CA ASN K 190 -12.46 40.82 24.62
C ASN K 190 -12.36 41.98 23.63
N HIS K 191 -11.50 41.85 22.62
CA HIS K 191 -11.34 42.93 21.67
C HIS K 191 -11.45 42.45 20.24
N ASP K 192 -12.55 42.77 19.57
CA ASP K 192 -12.72 42.35 18.19
C ASP K 192 -11.51 42.79 17.37
N VAL K 193 -10.97 41.87 16.58
CA VAL K 193 -9.81 42.14 15.75
C VAL K 193 -10.17 43.04 14.58
N GLY K 194 -11.40 42.88 14.10
CA GLY K 194 -11.87 43.70 13.00
C GLY K 194 -11.64 45.16 13.37
N GLU K 195 -12.26 45.61 14.45
CA GLU K 195 -12.11 47.00 14.90
C GLU K 195 -10.69 47.28 15.40
N LEU K 196 -10.18 46.40 16.25
CA LEU K 196 -8.83 46.57 16.81
C LEU K 196 -7.77 46.82 15.74
N PHE K 197 -7.93 46.21 14.58
CA PHE K 197 -6.96 46.37 13.49
C PHE K 197 -6.86 47.83 13.04
N TRP K 198 -7.97 48.36 12.55
CA TRP K 198 -8.02 49.74 12.05
C TRP K 198 -7.58 50.76 13.09
N LYS K 199 -8.02 50.59 14.33
CA LYS K 199 -7.63 51.46 15.42
C LYS K 199 -6.10 51.46 15.45
N VAL K 200 -5.51 50.31 15.74
CA VAL K 200 -4.05 50.20 15.80
C VAL K 200 -3.36 50.74 14.56
N LYS K 201 -3.90 50.43 13.38
CA LYS K 201 -3.28 50.89 12.14
C LYS K 201 -3.10 52.40 12.14
N GLU K 202 -4.22 53.10 12.32
CA GLU K 202 -4.23 54.54 12.33
C GLU K 202 -3.39 55.13 13.46
N GLU K 203 -3.73 54.76 14.69
CA GLU K 203 -3.03 55.27 15.87
C GLU K 203 -1.55 54.89 16.01
N GLU K 204 -1.11 53.86 15.29
CA GLU K 204 0.26 53.39 15.39
C GLU K 204 1.09 53.62 14.11
N GLY K 205 0.41 53.61 12.96
CA GLY K 205 1.08 53.82 11.68
C GLY K 205 1.49 52.55 10.96
N SER K 206 1.49 51.44 11.70
CA SER K 206 1.86 50.12 11.18
C SER K 206 0.79 49.59 10.23
N PHE K 207 1.03 48.40 9.67
CA PHE K 207 0.10 47.81 8.72
C PHE K 207 -0.08 48.83 7.62
N ASN K 208 1.04 49.47 7.28
CA ASN K 208 1.04 50.51 6.26
C ASN K 208 0.58 49.95 4.92
N ASN K 209 1.03 48.74 4.60
CA ASN K 209 0.69 48.09 3.35
C ASN K 209 -0.81 47.99 3.10
N VAL K 210 -1.56 47.55 4.10
CA VAL K 210 -3.02 47.42 3.97
C VAL K 210 -3.63 48.76 3.59
N ILE K 211 -4.61 48.74 2.70
CA ILE K 211 -5.26 49.97 2.26
C ILE K 211 -6.53 50.22 3.07
N GLY K 212 -6.66 51.43 3.58
CA GLY K 212 -7.85 51.77 4.36
C GLY K 212 -7.87 53.20 4.86
N GLN L 1 -13.47 -3.55 4.13
CA GLN L 1 -13.57 -3.63 5.61
C GLN L 1 -14.85 -2.94 6.12
N PHE L 2 -15.26 -3.25 7.35
CA PHE L 2 -16.47 -2.66 7.94
C PHE L 2 -16.30 -1.25 8.49
N ASN L 3 -17.14 -0.36 7.99
CA ASN L 3 -17.15 1.04 8.42
C ASN L 3 -18.31 1.28 9.38
N PRO L 4 -18.01 1.57 10.66
CA PRO L 4 -19.02 1.80 11.68
C PRO L 4 -19.78 3.10 11.60
N TYR L 5 -19.42 3.96 10.64
CA TYR L 5 -20.06 5.25 10.51
C TYR L 5 -20.82 5.44 9.20
N GLY L 6 -21.78 6.36 9.23
CA GLY L 6 -22.58 6.68 8.06
C GLY L 6 -23.02 8.13 8.18
N ASP L 7 -23.57 8.69 7.11
CA ASP L 7 -24.03 10.08 7.12
C ASP L 7 -25.50 10.16 6.67
N ASN L 8 -26.40 10.56 7.57
CA ASN L 8 -27.80 10.65 7.21
C ASN L 8 -28.28 12.04 6.89
N GLY L 9 -27.34 12.94 6.64
CA GLY L 9 -27.67 14.31 6.28
C GLY L 9 -28.51 15.10 7.25
N GLY L 10 -29.25 16.07 6.73
CA GLY L 10 -30.09 16.90 7.58
C GLY L 10 -29.32 18.08 8.12
N THR L 11 -30.06 19.09 8.59
CA THR L 11 -29.44 20.29 9.13
C THR L 11 -30.29 20.76 10.30
N ILE L 12 -29.65 21.45 11.24
CA ILE L 12 -30.37 21.94 12.40
C ILE L 12 -29.94 23.36 12.70
N LEU L 13 -30.86 24.14 13.27
CA LEU L 13 -30.59 25.53 13.57
C LEU L 13 -31.01 25.90 14.98
N GLY L 14 -30.24 26.78 15.61
CA GLY L 14 -30.58 27.18 16.97
C GLY L 14 -30.37 28.65 17.20
N ILE L 15 -31.45 29.35 17.55
CA ILE L 15 -31.35 30.77 17.79
C ILE L 15 -31.92 31.07 19.17
N ALA L 16 -31.25 31.94 19.90
CA ALA L 16 -31.66 32.30 21.24
C ALA L 16 -32.24 33.70 21.29
N GLY L 17 -33.50 33.81 21.74
CA GLY L 17 -34.13 35.12 21.86
C GLY L 17 -33.90 35.65 23.26
N GLU L 18 -34.26 36.90 23.50
CA GLU L 18 -34.05 37.48 24.82
C GLU L 18 -34.73 36.70 25.96
N ASP L 19 -35.85 36.06 25.68
CA ASP L 19 -36.54 35.28 26.71
C ASP L 19 -37.18 34.03 26.12
N PHE L 20 -36.61 33.57 25.01
CA PHE L 20 -37.07 32.36 24.34
C PHE L 20 -35.91 31.78 23.56
N ALA L 21 -36.13 30.64 22.94
CA ALA L 21 -35.10 29.99 22.14
C ALA L 21 -35.76 29.03 21.19
N VAL L 22 -35.15 28.87 20.01
CA VAL L 22 -35.67 27.96 19.01
C VAL L 22 -34.58 27.01 18.53
N LEU L 23 -34.99 25.79 18.22
CA LEU L 23 -34.08 24.78 17.73
C LEU L 23 -34.82 24.07 16.60
N ALA L 24 -34.50 24.44 15.36
CA ALA L 24 -35.16 23.86 14.21
C ALA L 24 -34.27 22.88 13.46
N GLY L 25 -34.90 22.10 12.59
CA GLY L 25 -34.16 21.13 11.79
C GLY L 25 -35.10 20.48 10.80
N ASP L 26 -34.66 20.33 9.55
CA ASP L 26 -35.50 19.70 8.56
C ASP L 26 -35.91 18.32 9.05
N THR L 27 -36.72 17.61 8.27
CA THR L 27 -37.16 16.31 8.71
C THR L 27 -36.87 15.22 7.70
N ARG L 28 -35.90 15.48 6.84
CA ARG L 28 -35.52 14.51 5.83
C ARG L 28 -34.33 13.67 6.33
N ASN L 29 -34.39 12.36 6.09
CA ASN L 29 -33.33 11.44 6.49
C ASN L 29 -32.87 10.73 5.22
N ILE L 30 -31.58 10.85 4.92
CA ILE L 30 -31.04 10.24 3.70
C ILE L 30 -29.89 9.27 3.88
N THR L 31 -29.48 8.72 2.75
CA THR L 31 -28.37 7.77 2.62
C THR L 31 -27.90 7.92 1.19
N ASP L 32 -26.79 8.63 1.01
CA ASP L 32 -26.24 8.85 -0.30
C ASP L 32 -27.22 9.62 -1.17
N TYR L 33 -27.71 8.99 -2.22
CA TYR L 33 -28.64 9.64 -3.14
C TYR L 33 -30.10 9.27 -2.88
N SER L 34 -30.35 8.41 -1.90
CA SER L 34 -31.70 8.00 -1.60
C SER L 34 -32.26 8.69 -0.40
N ILE L 35 -33.58 8.70 -0.31
CA ILE L 35 -34.28 9.30 0.81
C ILE L 35 -34.87 8.13 1.58
N ASN L 36 -34.62 8.10 2.89
CA ASN L 36 -35.12 7.02 3.72
C ASN L 36 -36.46 7.40 4.31
N SER L 37 -36.66 8.68 4.53
CA SER L 37 -37.90 9.16 5.10
C SER L 37 -37.99 10.66 4.89
N ARG L 38 -39.20 11.13 4.61
CA ARG L 38 -39.44 12.55 4.39
C ARG L 38 -39.85 13.16 5.71
N TYR L 39 -40.06 12.30 6.70
CA TYR L 39 -40.43 12.78 8.03
C TYR L 39 -39.85 11.92 9.15
N GLU L 40 -38.71 12.35 9.67
CA GLU L 40 -38.04 11.67 10.77
C GLU L 40 -37.58 12.75 11.74
N PRO L 41 -38.34 12.95 12.83
CA PRO L 41 -38.06 13.95 13.87
C PRO L 41 -36.60 13.89 14.31
N LYS L 42 -35.94 15.04 14.26
CA LYS L 42 -34.54 15.15 14.61
C LYS L 42 -34.27 16.03 15.83
N VAL L 43 -35.29 16.76 16.27
CA VAL L 43 -35.20 17.65 17.44
C VAL L 43 -36.11 17.09 18.54
N PHE L 44 -35.66 17.09 19.79
CA PHE L 44 -36.45 16.52 20.88
C PHE L 44 -36.61 17.37 22.13
N ASP L 45 -37.61 16.99 22.91
CA ASP L 45 -37.93 17.64 24.18
C ASP L 45 -37.43 16.61 25.20
N CYS L 46 -36.50 17.02 26.04
CA CYS L 46 -35.92 16.08 27.02
C CYS L 46 -36.36 16.32 28.46
N GLY L 47 -37.22 17.31 28.68
CA GLY L 47 -37.67 17.61 30.03
C GLY L 47 -36.90 18.80 30.54
N ASP L 48 -37.32 19.34 31.68
CA ASP L 48 -36.66 20.49 32.28
C ASP L 48 -36.47 21.63 31.29
N ASN L 49 -37.40 21.70 30.33
CA ASN L 49 -37.38 22.74 29.30
C ASN L 49 -36.11 22.75 28.49
N ILE L 50 -35.71 21.59 27.97
CA ILE L 50 -34.52 21.50 27.16
C ILE L 50 -34.77 20.73 25.87
N VAL L 51 -34.43 21.38 24.77
CA VAL L 51 -34.58 20.78 23.47
C VAL L 51 -33.17 20.47 22.99
N MET L 52 -33.01 19.35 22.31
CA MET L 52 -31.69 18.94 21.83
C MET L 52 -31.74 18.25 20.48
N SER L 53 -30.64 18.35 19.73
CA SER L 53 -30.56 17.68 18.45
C SER L 53 -29.12 17.29 18.16
N ALA L 54 -28.92 16.03 17.79
CA ALA L 54 -27.61 15.48 17.48
C ALA L 54 -27.60 15.14 16.01
N ASN L 55 -27.08 16.05 15.19
CA ASN L 55 -27.08 15.80 13.75
C ASN L 55 -25.79 15.20 13.20
N GLY L 56 -25.94 14.32 12.20
CA GLY L 56 -24.79 13.69 11.58
C GLY L 56 -25.09 12.23 11.25
N PHE L 57 -24.55 11.33 12.05
CA PHE L 57 -24.76 9.91 11.85
C PHE L 57 -25.90 9.50 12.75
N ALA L 58 -27.08 9.30 12.15
CA ALA L 58 -28.31 8.93 12.84
C ALA L 58 -28.14 8.05 14.07
N ALA L 59 -27.70 6.80 13.86
CA ALA L 59 -27.52 5.84 14.95
C ALA L 59 -26.81 6.46 16.16
N ASP L 60 -25.79 7.25 15.90
CA ASP L 60 -25.04 7.90 16.96
C ASP L 60 -25.87 8.99 17.59
N GLY L 61 -26.50 9.84 16.77
CA GLY L 61 -27.33 10.91 17.29
C GLY L 61 -28.41 10.41 18.24
N ASP L 62 -29.14 9.37 17.82
CA ASP L 62 -30.20 8.81 18.64
C ASP L 62 -29.68 8.27 19.95
N ALA L 63 -28.59 7.51 19.86
CA ALA L 63 -27.99 6.94 21.05
C ALA L 63 -27.62 8.03 22.04
N LEU L 64 -27.05 9.11 21.53
CA LEU L 64 -26.67 10.22 22.38
C LEU L 64 -27.90 10.80 23.05
N VAL L 65 -28.89 11.21 22.24
CA VAL L 65 -30.13 11.77 22.78
C VAL L 65 -30.70 10.86 23.88
N LYS L 66 -30.96 9.61 23.51
CA LYS L 66 -31.49 8.62 24.43
C LYS L 66 -30.69 8.59 25.73
N ARG L 67 -29.37 8.63 25.61
CA ARG L 67 -28.50 8.61 26.77
C ARG L 67 -28.69 9.90 27.58
N PHE L 68 -28.70 11.04 26.90
CA PHE L 68 -28.89 12.31 27.61
C PHE L 68 -30.20 12.34 28.36
N LYS L 69 -31.29 11.97 27.68
CA LYS L 69 -32.63 11.96 28.26
C LYS L 69 -32.64 11.13 29.53
N ASN L 70 -32.08 9.93 29.42
CA ASN L 70 -32.03 9.03 30.54
C ASN L 70 -31.14 9.62 31.63
N SER L 71 -30.26 10.54 31.24
CA SER L 71 -29.37 11.18 32.19
C SER L 71 -30.19 12.15 33.04
N VAL L 72 -31.09 12.89 32.39
CA VAL L 72 -31.98 13.84 33.05
C VAL L 72 -32.79 13.09 34.11
N LYS L 73 -33.38 11.99 33.69
CA LYS L 73 -34.19 11.15 34.56
C LYS L 73 -33.46 10.84 35.86
N TRP L 74 -32.23 10.35 35.77
CA TRP L 74 -31.48 10.04 36.97
C TRP L 74 -31.05 11.26 37.73
N TYR L 75 -30.96 12.41 37.07
CA TYR L 75 -30.57 13.62 37.77
C TYR L 75 -31.66 13.91 38.77
N HIS L 76 -32.89 13.64 38.36
CA HIS L 76 -34.05 13.84 39.22
C HIS L 76 -34.04 12.81 40.34
N PHE L 77 -33.83 11.55 39.98
CA PHE L 77 -33.78 10.48 40.97
C PHE L 77 -32.76 10.72 42.07
N ASP L 78 -31.60 11.23 41.69
CA ASP L 78 -30.53 11.45 42.66
C ASP L 78 -30.54 12.76 43.44
N HIS L 79 -31.12 13.82 42.89
CA HIS L 79 -31.12 15.09 43.60
C HIS L 79 -32.49 15.66 43.93
N ASN L 80 -33.38 14.79 44.39
CA ASN L 80 -34.73 15.20 44.73
C ASN L 80 -35.30 16.11 43.64
N ASP L 81 -35.74 15.50 42.55
CA ASP L 81 -36.33 16.19 41.42
C ASP L 81 -35.89 17.61 41.12
N LYS L 82 -34.62 17.94 41.39
CA LYS L 82 -34.11 19.27 41.10
C LYS L 82 -34.17 19.51 39.58
N LYS L 83 -34.23 20.76 39.16
CA LYS L 83 -34.31 21.05 37.73
C LYS L 83 -32.90 21.13 37.16
N LEU L 84 -32.69 20.46 36.03
CA LEU L 84 -31.39 20.46 35.38
C LEU L 84 -31.29 21.76 34.59
N SER L 85 -30.50 22.69 35.11
CA SER L 85 -30.31 23.98 34.44
C SER L 85 -29.68 23.68 33.09
N ILE L 86 -29.90 24.55 32.11
CA ILE L 86 -29.35 24.31 30.79
C ILE L 86 -27.82 24.24 30.79
N ASN L 87 -27.17 25.05 31.62
CA ASN L 87 -25.72 25.08 31.71
C ASN L 87 -25.19 23.74 32.24
N SER L 88 -25.95 23.10 33.12
CA SER L 88 -25.55 21.83 33.68
C SER L 88 -25.72 20.72 32.65
N ALA L 89 -26.82 20.79 31.89
CA ALA L 89 -27.06 19.80 30.85
C ALA L 89 -25.88 19.86 29.88
N ALA L 90 -25.49 21.08 29.50
CA ALA L 90 -24.37 21.27 28.58
C ALA L 90 -23.13 20.55 29.09
N ARG L 91 -22.71 20.87 30.31
CA ARG L 91 -21.54 20.24 30.91
C ARG L 91 -21.67 18.73 30.97
N ASN L 92 -22.85 18.27 31.35
CA ASN L 92 -23.12 16.85 31.43
C ASN L 92 -22.92 16.21 30.05
N ILE L 93 -23.52 16.83 29.04
CA ILE L 93 -23.39 16.32 27.68
C ILE L 93 -21.93 16.23 27.23
N GLN L 94 -21.10 17.18 27.66
CA GLN L 94 -19.70 17.15 27.28
C GLN L 94 -19.09 15.87 27.77
N HIS L 95 -19.41 15.49 29.01
CA HIS L 95 -18.86 14.27 29.53
C HIS L 95 -19.39 13.06 28.79
N LEU L 96 -20.64 13.13 28.33
CA LEU L 96 -21.22 12.03 27.58
C LEU L 96 -20.43 11.87 26.30
N LEU L 97 -20.19 12.98 25.62
CA LEU L 97 -19.45 12.96 24.36
C LEU L 97 -18.01 12.52 24.55
N TYR L 98 -17.27 13.25 25.38
CA TYR L 98 -15.87 12.93 25.59
C TYR L 98 -15.65 11.52 26.09
N GLY L 99 -16.70 10.90 26.61
CA GLY L 99 -16.58 9.53 27.10
C GLY L 99 -16.22 8.57 25.97
N LYS L 100 -16.49 8.99 24.74
CA LYS L 100 -16.19 8.19 23.57
C LYS L 100 -15.20 8.96 22.73
N ARG L 101 -14.26 9.62 23.40
CA ARG L 101 -13.23 10.42 22.74
C ARG L 101 -12.43 9.63 21.73
N PHE L 102 -12.32 8.32 21.92
CA PHE L 102 -11.56 7.49 21.00
C PHE L 102 -12.40 6.50 20.17
N PHE L 103 -13.60 6.94 19.81
CA PHE L 103 -14.60 6.21 18.99
C PHE L 103 -15.83 7.10 19.12
N PRO L 104 -15.69 8.35 18.65
CA PRO L 104 -16.67 9.44 18.65
C PRO L 104 -18.08 9.19 18.17
N TYR L 105 -18.96 10.05 18.65
CA TYR L 105 -20.36 10.07 18.27
C TYR L 105 -20.25 11.00 17.06
N TYR L 106 -20.36 10.45 15.86
CA TYR L 106 -20.21 11.26 14.66
C TYR L 106 -21.35 12.26 14.48
N VAL L 107 -21.52 13.17 15.44
CA VAL L 107 -22.60 14.15 15.33
C VAL L 107 -22.28 15.54 15.87
N HIS L 108 -22.88 16.55 15.25
CA HIS L 108 -22.73 17.92 15.70
C HIS L 108 -23.99 18.06 16.54
N THR L 109 -23.85 18.33 17.83
CA THR L 109 -25.05 18.43 18.65
C THR L 109 -25.31 19.82 19.27
N ILE L 110 -26.58 20.22 19.25
CA ILE L 110 -27.02 21.51 19.77
C ILE L 110 -28.24 21.39 20.72
N ILE L 111 -28.23 22.17 21.79
CA ILE L 111 -29.38 22.18 22.72
C ILE L 111 -29.78 23.62 22.96
N ALA L 112 -31.07 23.82 23.26
CA ALA L 112 -31.62 25.13 23.51
C ALA L 112 -32.60 25.11 24.68
N GLY L 113 -32.74 26.27 25.31
CA GLY L 113 -33.63 26.42 26.44
C GLY L 113 -33.49 27.81 27.04
N LEU L 114 -33.75 27.93 28.33
CA LEU L 114 -33.64 29.21 29.03
C LEU L 114 -32.62 29.01 30.13
N ASP L 115 -31.73 29.99 30.30
CA ASP L 115 -30.75 29.86 31.37
C ASP L 115 -31.47 30.15 32.70
N GLU L 116 -30.70 30.36 33.76
CA GLU L 116 -31.30 30.61 35.07
C GLU L 116 -31.91 31.99 35.31
N ASP L 117 -31.61 32.95 34.44
CA ASP L 117 -32.15 34.29 34.55
C ASP L 117 -33.30 34.46 33.58
N GLY L 118 -33.80 33.34 33.05
CA GLY L 118 -34.90 33.39 32.12
C GLY L 118 -34.51 33.75 30.69
N LYS L 119 -33.29 34.23 30.50
CA LYS L 119 -32.80 34.62 29.17
C LYS L 119 -32.71 33.40 28.25
N GLY L 120 -32.71 33.65 26.95
CA GLY L 120 -32.61 32.57 25.98
C GLY L 120 -31.18 32.06 25.84
N ALA L 121 -31.03 30.75 25.69
CA ALA L 121 -29.71 30.15 25.55
C ALA L 121 -29.60 28.98 24.56
N VAL L 122 -28.45 28.92 23.90
CA VAL L 122 -28.15 27.87 22.94
C VAL L 122 -26.71 27.40 23.14
N TYR L 123 -26.54 26.08 23.18
CA TYR L 123 -25.24 25.46 23.35
C TYR L 123 -24.99 24.48 22.19
N SER L 124 -23.81 24.51 21.60
CA SER L 124 -23.49 23.59 20.51
C SER L 124 -22.21 22.84 20.88
N PHE L 125 -22.12 21.59 20.45
CA PHE L 125 -20.97 20.76 20.79
C PHE L 125 -20.16 20.19 19.63
N ASP L 126 -18.96 19.78 19.99
CA ASP L 126 -17.95 19.17 19.11
C ASP L 126 -18.36 17.71 18.99
N PRO L 127 -17.88 17.01 17.97
CA PRO L 127 -18.32 15.61 17.99
C PRO L 127 -17.67 14.92 19.20
N VAL L 128 -16.77 15.64 19.87
CA VAL L 128 -16.07 15.09 21.02
C VAL L 128 -16.28 15.81 22.36
N GLY L 129 -17.15 16.81 22.39
CA GLY L 129 -17.41 17.46 23.67
C GLY L 129 -16.97 18.89 23.89
N SER L 130 -16.48 19.54 22.86
CA SER L 130 -16.07 20.92 23.03
C SER L 130 -17.33 21.75 22.87
N TYR L 131 -17.74 22.46 23.91
CA TYR L 131 -18.96 23.27 23.81
C TYR L 131 -18.77 24.74 24.14
N GLU L 132 -19.71 25.56 23.69
CA GLU L 132 -19.69 27.00 23.91
C GLU L 132 -21.12 27.48 23.88
N ARG L 133 -21.42 28.53 24.64
CA ARG L 133 -22.79 29.05 24.62
C ARG L 133 -22.79 30.06 23.49
N GLU L 134 -23.84 30.06 22.68
CA GLU L 134 -23.88 30.97 21.55
C GLU L 134 -25.24 31.59 21.26
N GLN L 135 -25.21 32.64 20.44
CA GLN L 135 -26.43 33.33 20.08
C GLN L 135 -27.23 32.44 19.14
N CYS L 136 -26.59 32.04 18.05
CA CYS L 136 -27.23 31.15 17.10
C CYS L 136 -26.16 30.22 16.54
N ARG L 137 -26.60 29.08 16.03
CA ARG L 137 -25.69 28.08 15.50
C ARG L 137 -26.40 27.17 14.52
N ALA L 138 -25.86 27.08 13.31
CA ALA L 138 -26.41 26.21 12.29
C ALA L 138 -25.55 24.96 12.41
N GLY L 139 -26.10 23.80 12.09
CA GLY L 139 -25.32 22.59 12.20
C GLY L 139 -25.77 21.52 11.25
N GLY L 140 -24.82 20.81 10.67
CA GLY L 140 -25.17 19.76 9.73
C GLY L 140 -24.90 20.15 8.30
N ALA L 141 -25.34 19.28 7.40
CA ALA L 141 -25.16 19.44 5.97
C ALA L 141 -25.11 20.86 5.39
N ALA L 142 -26.09 21.70 5.71
CA ALA L 142 -26.12 23.03 5.15
C ALA L 142 -25.59 24.13 6.05
N ALA L 143 -25.03 23.75 7.18
CA ALA L 143 -24.50 24.73 8.13
C ALA L 143 -23.66 25.85 7.49
N SER L 144 -22.87 25.52 6.47
CA SER L 144 -22.01 26.48 5.80
C SER L 144 -22.80 27.45 4.93
N LEU L 145 -24.04 27.11 4.63
CA LEU L 145 -24.90 27.96 3.82
C LEU L 145 -25.65 28.93 4.73
N ILE L 146 -26.05 28.44 5.89
CA ILE L 146 -26.81 29.22 6.85
C ILE L 146 -26.03 30.16 7.75
N MET L 147 -24.91 29.73 8.32
CA MET L 147 -24.14 30.58 9.22
C MET L 147 -23.81 31.98 8.69
N PRO L 148 -23.34 32.09 7.44
CA PRO L 148 -23.00 33.43 6.93
C PRO L 148 -24.21 34.37 7.06
N PHE L 149 -25.38 33.82 6.72
CA PHE L 149 -26.65 34.52 6.76
C PHE L 149 -26.96 34.97 8.19
N LEU L 150 -27.06 34.01 9.11
CA LEU L 150 -27.34 34.29 10.51
C LEU L 150 -26.37 35.27 11.13
N ASP L 151 -25.17 35.40 10.60
CA ASP L 151 -24.22 36.35 11.17
C ASP L 151 -24.58 37.74 10.72
N ASN L 152 -25.27 37.80 9.57
CA ASN L 152 -25.68 39.06 9.01
C ASN L 152 -26.98 39.49 9.69
N GLN L 153 -28.02 38.66 9.52
CA GLN L 153 -29.34 38.93 10.06
C GLN L 153 -29.61 38.67 11.54
N VAL L 154 -28.59 38.36 12.33
CA VAL L 154 -28.83 38.13 13.75
C VAL L 154 -27.82 38.80 14.64
N ASN L 155 -26.64 39.11 14.10
CA ASN L 155 -25.60 39.79 14.87
C ASN L 155 -25.18 41.01 14.08
N PHE L 156 -25.93 41.27 13.02
CA PHE L 156 -25.73 42.42 12.14
C PHE L 156 -24.28 42.66 11.73
N LYS L 157 -23.61 41.58 11.34
CA LYS L 157 -22.21 41.65 10.90
C LYS L 157 -22.08 42.39 9.58
N ASN L 158 -21.00 43.15 9.44
CA ASN L 158 -20.72 43.92 8.23
C ASN L 158 -21.78 44.96 7.88
N GLN L 159 -22.67 45.26 8.84
CA GLN L 159 -23.72 46.25 8.64
C GLN L 159 -23.40 47.47 9.47
N TYR L 160 -23.33 48.63 8.81
CA TYR L 160 -23.03 49.90 9.47
C TYR L 160 -24.23 50.85 9.50
N GLU L 161 -24.08 51.95 10.25
CA GLU L 161 -25.12 52.96 10.35
C GLU L 161 -25.05 53.89 9.14
N PRO L 162 -26.01 53.76 8.21
CA PRO L 162 -26.01 54.61 7.01
C PRO L 162 -25.51 56.03 7.26
N GLY L 163 -24.61 56.50 6.40
CA GLY L 163 -24.09 57.84 6.54
C GLY L 163 -22.96 58.00 7.54
N THR L 164 -22.93 57.20 8.60
CA THR L 164 -21.88 57.32 9.62
C THR L 164 -20.43 57.07 9.16
N ASN L 165 -20.22 57.09 7.86
CA ASN L 165 -18.88 56.88 7.29
C ASN L 165 -18.27 55.56 7.76
N GLY L 166 -19.11 54.54 7.94
CA GLY L 166 -18.62 53.24 8.38
C GLY L 166 -17.79 53.34 9.64
N LYS L 167 -18.26 54.12 10.61
CA LYS L 167 -17.57 54.32 11.88
C LYS L 167 -18.47 53.94 13.05
N VAL L 168 -19.74 53.68 12.74
CA VAL L 168 -20.72 53.29 13.74
C VAL L 168 -21.48 52.07 13.25
N LYS L 169 -21.32 50.95 13.94
CA LYS L 169 -21.98 49.71 13.54
C LYS L 169 -23.46 49.70 13.91
N LYS L 170 -24.27 49.14 13.03
CA LYS L 170 -25.70 49.03 13.29
C LYS L 170 -25.82 48.41 14.70
N PRO L 171 -26.63 49.01 15.59
CA PRO L 171 -26.82 48.53 16.97
C PRO L 171 -27.38 47.11 17.09
N LEU L 172 -27.03 46.44 18.19
CA LEU L 172 -27.49 45.08 18.45
C LEU L 172 -28.89 44.92 19.05
N LYS L 173 -29.89 45.48 18.40
CA LYS L 173 -31.28 45.36 18.89
C LYS L 173 -31.67 43.88 18.81
N TYR L 174 -32.19 43.31 19.89
CA TYR L 174 -32.53 41.90 19.85
C TYR L 174 -33.87 41.51 19.23
N LEU L 175 -33.87 40.38 18.53
CA LEU L 175 -35.05 39.87 17.81
C LEU L 175 -36.16 39.25 18.65
N SER L 176 -37.35 39.20 18.05
CA SER L 176 -38.54 38.64 18.66
C SER L 176 -38.73 37.24 18.14
N VAL L 177 -39.65 36.49 18.73
CA VAL L 177 -39.91 35.12 18.28
C VAL L 177 -40.51 35.05 16.87
N GLU L 178 -41.26 36.08 16.48
CA GLU L 178 -41.89 36.10 15.16
C GLU L 178 -40.85 36.43 14.11
N GLU L 179 -39.93 37.30 14.48
CA GLU L 179 -38.86 37.72 13.58
C GLU L 179 -37.92 36.54 13.36
N VAL L 180 -37.54 35.88 14.44
CA VAL L 180 -36.65 34.72 14.36
C VAL L 180 -37.25 33.67 13.44
N ILE L 181 -38.48 33.24 13.73
CA ILE L 181 -39.12 32.22 12.91
C ILE L 181 -39.06 32.52 11.40
N LYS L 182 -38.96 33.80 11.01
CA LYS L 182 -38.89 34.13 9.59
C LYS L 182 -37.50 33.73 9.07
N LEU L 183 -36.46 34.16 9.77
CA LEU L 183 -35.09 33.85 9.41
C LEU L 183 -34.94 32.34 9.27
N VAL L 184 -35.42 31.61 10.27
CA VAL L 184 -35.35 30.16 10.26
C VAL L 184 -35.97 29.59 8.98
N ARG L 185 -37.19 30.00 8.68
CA ARG L 185 -37.89 29.52 7.50
C ARG L 185 -37.14 29.90 6.23
N ASP L 186 -36.65 31.13 6.20
CA ASP L 186 -35.90 31.58 5.04
C ASP L 186 -34.62 30.77 4.89
N SER L 187 -33.92 30.57 6.00
CA SER L 187 -32.69 29.80 6.00
C SER L 187 -32.91 28.42 5.40
N PHE L 188 -33.92 27.70 5.89
CA PHE L 188 -34.16 26.37 5.36
C PHE L 188 -34.69 26.36 3.93
N THR L 189 -35.51 27.34 3.56
CA THR L 189 -36.00 27.34 2.19
C THR L 189 -34.84 27.60 1.25
N SER L 190 -33.91 28.48 1.66
CA SER L 190 -32.73 28.79 0.86
C SER L 190 -31.86 27.55 0.78
N ALA L 191 -31.55 26.97 1.94
CA ALA L 191 -30.75 25.77 1.98
C ALA L 191 -31.31 24.68 1.07
N THR L 192 -32.63 24.50 1.10
CA THR L 192 -33.25 23.49 0.26
C THR L 192 -33.01 23.73 -1.24
N GLU L 193 -32.73 24.97 -1.61
CA GLU L 193 -32.49 25.27 -3.00
C GLU L 193 -31.15 24.74 -3.48
N ARG L 194 -30.09 24.97 -2.69
CA ARG L 194 -28.74 24.55 -3.06
C ARG L 194 -28.24 23.22 -2.54
N HIS L 195 -28.72 22.78 -1.37
CA HIS L 195 -28.24 21.52 -0.85
C HIS L 195 -29.21 20.40 -1.13
N ILE L 196 -28.71 19.34 -1.76
CA ILE L 196 -29.54 18.21 -2.12
C ILE L 196 -29.90 17.31 -0.94
N GLN L 197 -29.36 17.62 0.24
CA GLN L 197 -29.66 16.80 1.41
C GLN L 197 -30.70 17.46 2.30
N VAL L 198 -31.01 18.72 2.03
CA VAL L 198 -31.98 19.45 2.82
C VAL L 198 -33.30 19.63 2.05
N GLY L 199 -34.41 19.39 2.74
CA GLY L 199 -35.72 19.53 2.13
C GLY L 199 -36.78 18.72 2.85
N ASP L 200 -37.91 18.50 2.17
CA ASP L 200 -39.04 17.73 2.70
C ASP L 200 -39.88 18.43 3.76
N GLY L 201 -39.35 18.60 4.97
CA GLY L 201 -40.12 19.27 6.01
C GLY L 201 -39.25 20.02 6.98
N LEU L 202 -39.81 21.04 7.64
CA LEU L 202 -39.07 21.80 8.64
C LEU L 202 -39.86 21.85 9.95
N GLU L 203 -39.34 21.21 10.98
CA GLU L 203 -40.00 21.20 12.28
C GLU L 203 -39.25 22.15 13.18
N ILE L 204 -39.95 22.91 14.00
CA ILE L 204 -39.29 23.84 14.90
C ILE L 204 -39.76 23.65 16.32
N LEU L 205 -38.89 23.95 17.27
CA LEU L 205 -39.27 23.84 18.68
C LEU L 205 -38.95 25.19 19.34
N ILE L 206 -39.93 25.72 20.09
CA ILE L 206 -39.75 27.00 20.77
C ILE L 206 -39.85 26.86 22.29
N VAL L 207 -38.84 27.41 22.95
CA VAL L 207 -38.76 27.34 24.40
C VAL L 207 -39.01 28.71 25.03
N THR L 208 -40.03 28.74 25.88
CA THR L 208 -40.44 29.93 26.60
C THR L 208 -40.72 29.48 28.02
N LYS L 209 -40.75 30.42 28.96
CA LYS L 209 -41.00 30.08 30.36
C LYS L 209 -42.29 29.28 30.54
N ASP L 210 -43.00 29.05 29.44
CA ASP L 210 -44.26 28.33 29.50
C ASP L 210 -44.19 26.91 28.94
N GLY L 211 -43.00 26.51 28.49
CA GLY L 211 -42.84 25.17 27.95
C GLY L 211 -42.32 25.11 26.53
N VAL L 212 -42.58 23.98 25.87
CA VAL L 212 -42.12 23.76 24.51
C VAL L 212 -43.26 23.65 23.50
N ARG L 213 -43.22 24.45 22.43
CA ARG L 213 -44.23 24.39 21.37
C ARG L 213 -43.58 24.00 20.04
N LYS L 214 -44.28 23.19 19.25
CA LYS L 214 -43.78 22.73 17.95
C LYS L 214 -44.55 23.29 16.77
N GLU L 215 -43.85 23.85 15.79
CA GLU L 215 -44.48 24.37 14.58
C GLU L 215 -43.89 23.54 13.43
N PHE L 216 -44.63 23.38 12.34
CA PHE L 216 -44.11 22.60 11.23
C PHE L 216 -44.41 23.22 9.89
N TYR L 217 -43.47 23.12 8.97
CA TYR L 217 -43.65 23.66 7.64
C TYR L 217 -43.12 22.70 6.61
N GLU L 218 -43.69 22.76 5.42
CA GLU L 218 -43.27 21.90 4.33
C GLU L 218 -42.13 22.60 3.58
N LEU L 219 -41.31 21.78 2.92
CA LEU L 219 -40.18 22.25 2.12
C LEU L 219 -40.24 21.44 0.82
N LYS L 220 -39.55 21.92 -0.22
CA LYS L 220 -39.56 21.23 -1.50
C LYS L 220 -39.09 19.79 -1.29
N ARG L 221 -39.59 18.87 -2.10
CA ARG L 221 -39.23 17.47 -1.94
C ARG L 221 -38.39 16.87 -3.07
N ASP L 222 -37.80 17.71 -3.91
CA ASP L 222 -36.98 17.25 -5.03
C ASP L 222 -35.52 16.87 -4.68
N THR M 1 -15.52 -7.12 12.69
CA THR M 1 -15.73 -6.94 11.23
C THR M 1 -15.84 -8.32 10.59
N GLN M 2 -16.53 -8.36 9.46
CA GLN M 2 -16.75 -9.60 8.74
C GLN M 2 -17.19 -9.23 7.34
N GLN M 3 -17.80 -10.19 6.64
CA GLN M 3 -18.29 -9.97 5.30
C GLN M 3 -19.38 -10.99 5.05
N PRO M 4 -20.51 -10.55 4.48
CA PRO M 4 -21.65 -11.43 4.19
C PRO M 4 -21.34 -12.54 3.18
N ILE M 5 -21.93 -13.72 3.38
CA ILE M 5 -21.71 -14.84 2.46
C ILE M 5 -23.03 -15.18 1.77
N VAL M 6 -23.86 -16.01 2.41
CA VAL M 6 -25.16 -16.34 1.80
C VAL M 6 -26.10 -15.17 2.13
N THR M 7 -26.65 -14.54 1.10
CA THR M 7 -27.49 -13.38 1.34
C THR M 7 -28.87 -13.32 0.70
N GLY M 8 -29.74 -12.57 1.37
CA GLY M 8 -31.09 -12.36 0.89
C GLY M 8 -31.15 -10.94 0.37
N THR M 9 -32.02 -10.70 -0.61
CA THR M 9 -32.12 -9.37 -1.20
C THR M 9 -33.17 -8.48 -0.53
N SER M 10 -33.79 -7.60 -1.32
CA SER M 10 -34.79 -6.65 -0.85
C SER M 10 -35.93 -7.16 0.03
N VAL M 11 -36.50 -6.21 0.75
CA VAL M 11 -37.64 -6.44 1.61
C VAL M 11 -38.43 -5.15 1.47
N ILE M 12 -39.58 -5.25 0.82
CA ILE M 12 -40.43 -4.09 0.60
C ILE M 12 -41.70 -4.15 1.45
N SER M 13 -42.20 -2.98 1.83
CA SER M 13 -43.39 -2.91 2.65
C SER M 13 -44.00 -1.53 2.64
N MET M 14 -45.22 -1.45 3.14
CA MET M 14 -45.94 -0.20 3.21
C MET M 14 -47.12 -0.40 4.12
N LYS M 15 -47.68 0.72 4.59
CA LYS M 15 -48.81 0.66 5.49
C LYS M 15 -50.06 1.31 4.88
N TYR M 16 -51.16 0.57 4.87
CA TYR M 16 -52.43 1.09 4.36
C TYR M 16 -53.32 1.50 5.54
N ASP M 17 -54.56 1.87 5.25
CA ASP M 17 -55.48 2.32 6.30
C ASP M 17 -55.74 1.40 7.50
N ASN M 18 -55.75 0.09 7.29
CA ASN M 18 -56.03 -0.84 8.39
C ASN M 18 -54.93 -1.79 8.85
N GLY M 19 -53.73 -1.62 8.29
CA GLY M 19 -52.64 -2.50 8.67
C GLY M 19 -51.41 -2.22 7.85
N VAL M 20 -50.63 -3.26 7.60
CA VAL M 20 -49.40 -3.13 6.83
C VAL M 20 -49.12 -4.39 6.02
N ILE M 21 -48.36 -4.23 4.94
CA ILE M 21 -48.00 -5.36 4.10
C ILE M 21 -46.48 -5.37 3.96
N ILE M 22 -45.92 -6.56 3.98
CA ILE M 22 -44.47 -6.70 3.84
C ILE M 22 -44.17 -7.95 2.98
N ALA M 23 -43.25 -7.81 2.02
CA ALA M 23 -42.92 -8.93 1.16
C ALA M 23 -41.40 -9.09 0.95
N ALA M 24 -40.98 -10.30 0.56
CA ALA M 24 -39.57 -10.64 0.33
C ALA M 24 -39.41 -11.96 -0.41
N ASP M 25 -38.67 -11.97 -1.52
CA ASP M 25 -38.50 -13.21 -2.28
C ASP M 25 -37.89 -14.32 -1.42
N ASN M 26 -37.84 -15.54 -1.96
CA ASN M 26 -37.31 -16.68 -1.20
C ASN M 26 -35.95 -17.15 -1.66
N LEU M 27 -35.09 -16.20 -2.02
CA LEU M 27 -33.76 -16.56 -2.49
C LEU M 27 -32.62 -16.41 -1.47
N GLY M 28 -31.64 -17.30 -1.59
CA GLY M 28 -30.47 -17.27 -0.74
C GLY M 28 -29.31 -17.26 -1.71
N SER M 29 -28.79 -16.09 -2.04
CA SER M 29 -27.67 -15.98 -2.97
C SER M 29 -26.32 -16.23 -2.30
N TYR M 30 -25.36 -16.70 -3.10
CA TYR M 30 -24.02 -16.96 -2.65
C TYR M 30 -23.12 -16.35 -3.69
N GLY M 31 -23.05 -15.03 -3.68
CA GLY M 31 -22.24 -14.36 -4.66
C GLY M 31 -23.16 -14.18 -5.86
N SER M 32 -22.75 -14.68 -7.02
CA SER M 32 -23.59 -14.56 -8.20
C SER M 32 -24.38 -15.86 -8.39
N LEU M 33 -24.09 -16.87 -7.56
CA LEU M 33 -24.77 -18.15 -7.62
C LEU M 33 -26.05 -18.10 -6.78
N LEU M 34 -27.20 -18.31 -7.42
CA LEU M 34 -28.48 -18.27 -6.70
C LEU M 34 -28.66 -19.63 -6.02
N ARG M 35 -27.82 -19.90 -5.03
CA ARG M 35 -27.81 -21.19 -4.33
C ARG M 35 -29.05 -21.78 -3.69
N PHE M 36 -29.76 -21.03 -2.84
CA PHE M 36 -30.93 -21.59 -2.17
C PHE M 36 -32.24 -20.93 -2.55
N ASN M 37 -33.21 -21.73 -2.95
CA ASN M 37 -34.50 -21.18 -3.33
C ASN M 37 -35.65 -21.36 -2.36
N GLY M 38 -35.40 -22.06 -1.26
CA GLY M 38 -36.45 -22.27 -0.29
C GLY M 38 -36.18 -21.52 1.00
N VAL M 39 -35.80 -20.26 0.89
CA VAL M 39 -35.50 -19.45 2.07
C VAL M 39 -36.56 -18.43 2.42
N GLU M 40 -37.14 -18.59 3.61
CA GLU M 40 -38.17 -17.69 4.08
C GLU M 40 -37.50 -16.57 4.83
N ARG M 41 -37.64 -15.34 4.34
CA ARG M 41 -37.02 -14.19 4.97
C ARG M 41 -38.03 -13.34 5.74
N LEU M 42 -39.22 -13.88 5.96
CA LEU M 42 -40.25 -13.17 6.71
C LEU M 42 -40.48 -13.96 7.98
N ILE M 43 -40.14 -13.36 9.12
CA ILE M 43 -40.30 -14.03 10.39
C ILE M 43 -41.49 -13.42 11.11
N PRO M 44 -42.53 -14.24 11.35
CA PRO M 44 -43.70 -13.71 12.05
C PRO M 44 -43.49 -13.94 13.54
N VAL M 45 -43.64 -12.87 14.33
CA VAL M 45 -43.49 -12.97 15.77
C VAL M 45 -44.86 -12.72 16.39
N GLY M 46 -45.44 -13.77 16.96
CA GLY M 46 -46.75 -13.64 17.54
C GLY M 46 -47.76 -13.65 16.40
N ASP M 47 -48.75 -12.77 16.46
CA ASP M 47 -49.76 -12.71 15.41
C ASP M 47 -50.11 -11.26 15.06
N ASN M 48 -49.26 -10.33 15.49
CA ASN M 48 -49.48 -8.91 15.19
C ASN M 48 -48.21 -8.28 14.65
N THR M 49 -47.18 -9.11 14.46
CA THR M 49 -45.89 -8.64 13.98
C THR M 49 -45.19 -9.60 13.04
N VAL M 50 -44.58 -9.06 12.00
CA VAL M 50 -43.79 -9.85 11.05
C VAL M 50 -42.49 -9.09 10.77
N VAL M 51 -41.38 -9.80 10.91
CA VAL M 51 -40.06 -9.22 10.69
C VAL M 51 -39.46 -9.68 9.36
N GLY M 52 -39.09 -8.71 8.52
CA GLY M 52 -38.48 -9.02 7.24
C GLY M 52 -36.97 -8.79 7.34
N ILE M 53 -36.18 -9.71 6.82
CA ILE M 53 -34.74 -9.59 6.92
C ILE M 53 -34.00 -9.79 5.60
N SER M 54 -33.05 -8.89 5.33
CA SER M 54 -32.22 -8.99 4.13
C SER M 54 -30.78 -9.02 4.61
N GLY M 55 -29.87 -9.44 3.76
CA GLY M 55 -28.49 -9.49 4.20
C GLY M 55 -27.98 -10.88 4.45
N ASP M 56 -27.04 -11.00 5.37
CA ASP M 56 -26.45 -12.29 5.67
C ASP M 56 -27.48 -13.25 6.23
N ILE M 57 -27.65 -14.39 5.56
CA ILE M 57 -28.61 -15.39 5.98
C ILE M 57 -28.28 -16.01 7.32
N SER M 58 -27.01 -16.37 7.53
CA SER M 58 -26.61 -16.99 8.80
C SER M 58 -26.90 -16.05 9.97
N ASP M 59 -26.73 -14.75 9.74
CA ASP M 59 -27.00 -13.76 10.79
C ASP M 59 -28.51 -13.67 10.97
N MET M 60 -29.25 -13.83 9.87
CA MET M 60 -30.71 -13.78 9.94
C MET M 60 -31.20 -14.93 10.82
N GLN M 61 -30.72 -16.14 10.52
CA GLN M 61 -31.11 -17.33 11.29
C GLN M 61 -30.80 -17.11 12.77
N HIS M 62 -29.90 -16.18 13.05
CA HIS M 62 -29.54 -15.86 14.42
C HIS M 62 -30.61 -14.91 14.99
N ILE M 63 -30.97 -13.88 14.22
CA ILE M 63 -31.99 -12.94 14.66
C ILE M 63 -33.27 -13.74 14.88
N GLU M 64 -33.47 -14.72 14.00
CA GLU M 64 -34.63 -15.59 14.04
C GLU M 64 -34.71 -16.30 15.39
N ARG M 65 -33.62 -16.99 15.74
CA ARG M 65 -33.53 -17.72 17.01
C ARG M 65 -33.67 -16.75 18.19
N LEU M 66 -33.24 -15.51 18.02
CA LEU M 66 -33.34 -14.51 19.09
C LEU M 66 -34.77 -14.21 19.39
N LEU M 67 -35.57 -14.12 18.34
CA LEU M 67 -36.98 -13.82 18.48
C LEU M 67 -37.76 -14.96 19.14
N LYS M 68 -37.48 -16.20 18.75
CA LYS M 68 -38.17 -17.35 19.34
C LYS M 68 -37.95 -17.38 20.85
N ASP M 69 -36.90 -16.69 21.30
CA ASP M 69 -36.61 -16.62 22.72
C ASP M 69 -37.33 -15.46 23.33
N LEU M 70 -37.37 -14.36 22.61
CA LEU M 70 -38.05 -13.20 23.13
C LEU M 70 -39.46 -13.65 23.44
N VAL M 71 -39.97 -14.58 22.64
CA VAL M 71 -41.31 -15.12 22.83
C VAL M 71 -41.34 -16.04 24.06
N THR M 72 -40.57 -17.11 24.01
CA THR M 72 -40.49 -18.07 25.11
C THR M 72 -40.32 -17.33 26.42
N GLU M 73 -39.38 -16.39 26.44
CA GLU M 73 -39.09 -15.63 27.63
C GLU M 73 -40.26 -14.78 28.10
N ASN M 74 -41.00 -14.20 27.17
CA ASN M 74 -42.15 -13.34 27.51
C ASN M 74 -43.28 -14.14 28.14
N ALA M 75 -43.35 -15.42 27.78
CA ALA M 75 -44.37 -16.30 28.31
C ALA M 75 -44.10 -16.63 29.78
N TYR M 76 -42.84 -16.55 30.19
CA TYR M 76 -42.45 -16.85 31.57
C TYR M 76 -43.13 -15.97 32.62
N ASP M 77 -43.70 -16.63 33.64
CA ASP M 77 -44.36 -15.95 34.75
C ASP M 77 -45.22 -14.78 34.26
N ASN M 78 -45.86 -15.00 33.12
CA ASN M 78 -46.71 -13.99 32.50
C ASN M 78 -48.01 -14.61 32.02
N PRO M 79 -49.08 -14.49 32.83
CA PRO M 79 -50.40 -15.03 32.53
C PRO M 79 -51.16 -14.27 31.42
N LEU M 80 -50.76 -13.02 31.17
CA LEU M 80 -51.40 -12.22 30.13
C LEU M 80 -50.54 -12.22 28.87
N ALA M 81 -49.86 -13.34 28.63
CA ALA M 81 -48.97 -13.51 27.48
C ALA M 81 -49.68 -13.45 26.15
N ASP M 82 -50.95 -13.87 26.13
CA ASP M 82 -51.76 -13.85 24.91
C ASP M 82 -52.78 -12.71 24.97
N ALA M 83 -52.67 -11.90 26.01
CA ALA M 83 -53.56 -10.76 26.19
C ALA M 83 -52.80 -9.44 26.16
N GLU M 84 -53.06 -8.59 27.15
CA GLU M 84 -52.42 -7.28 27.22
C GLU M 84 -50.90 -7.31 27.30
N GLU M 85 -50.35 -8.40 27.84
CA GLU M 85 -48.90 -8.50 27.97
C GLU M 85 -48.24 -9.40 26.93
N ALA M 86 -48.56 -9.18 25.67
CA ALA M 86 -47.97 -9.96 24.59
C ALA M 86 -46.97 -9.07 23.91
N LEU M 87 -46.07 -9.68 23.14
CA LEU M 87 -45.05 -8.91 22.45
C LEU M 87 -45.67 -7.97 21.43
N GLU M 88 -45.34 -6.69 21.56
CA GLU M 88 -45.83 -5.65 20.64
C GLU M 88 -44.81 -5.48 19.52
N PRO M 89 -45.21 -4.89 18.40
CA PRO M 89 -44.23 -4.71 17.32
C PRO M 89 -43.12 -3.78 17.83
N SER M 90 -43.52 -2.66 18.41
CA SER M 90 -42.56 -1.70 18.93
C SER M 90 -41.58 -2.33 19.90
N TYR M 91 -42.04 -3.30 20.70
CA TYR M 91 -41.16 -3.95 21.65
C TYR M 91 -40.10 -4.74 20.90
N ILE M 92 -40.53 -5.62 19.99
CA ILE M 92 -39.62 -6.44 19.21
C ILE M 92 -38.61 -5.57 18.44
N PHE M 93 -39.06 -4.41 17.98
CA PHE M 93 -38.17 -3.53 17.24
C PHE M 93 -37.11 -2.92 18.14
N GLU M 94 -37.55 -2.21 19.18
CA GLU M 94 -36.60 -1.60 20.12
C GLU M 94 -35.53 -2.61 20.51
N TYR M 95 -35.96 -3.85 20.76
CA TYR M 95 -35.03 -4.90 21.11
C TYR M 95 -33.99 -5.09 20.00
N LEU M 96 -34.46 -5.48 18.82
CA LEU M 96 -33.56 -5.69 17.68
C LEU M 96 -32.70 -4.44 17.43
N ALA M 97 -33.33 -3.28 17.40
CA ALA M 97 -32.62 -2.02 17.16
C ALA M 97 -31.47 -1.91 18.14
N THR M 98 -31.77 -2.21 19.40
CA THR M 98 -30.77 -2.18 20.45
C THR M 98 -29.62 -3.12 20.12
N VAL M 99 -29.97 -4.36 19.84
CA VAL M 99 -28.98 -5.36 19.50
C VAL M 99 -28.12 -4.95 18.30
N MET M 100 -28.76 -4.41 17.27
CA MET M 100 -28.04 -4.00 16.07
C MET M 100 -26.94 -3.01 16.36
N TYR M 101 -27.27 -1.98 17.16
CA TYR M 101 -26.29 -0.94 17.50
C TYR M 101 -25.16 -1.45 18.41
N GLN M 102 -25.49 -2.22 19.44
CA GLN M 102 -24.47 -2.75 20.33
C GLN M 102 -23.45 -3.56 19.52
N ARG M 103 -23.93 -4.22 18.47
CA ARG M 103 -23.07 -5.03 17.63
C ARG M 103 -22.20 -4.19 16.69
N ARG M 104 -22.73 -3.14 16.08
CA ARG M 104 -21.88 -2.36 15.20
C ARG M 104 -20.92 -1.60 16.10
N SER M 105 -21.31 -1.41 17.36
CA SER M 105 -20.48 -0.69 18.30
C SER M 105 -19.37 -1.54 18.92
N LYS M 106 -19.43 -2.85 18.70
CA LYS M 106 -18.38 -3.75 19.19
C LYS M 106 -17.63 -4.17 17.93
N MET M 107 -17.80 -3.38 16.88
CA MET M 107 -17.16 -3.61 15.60
C MET M 107 -17.39 -4.99 15.03
N ASN M 108 -18.49 -5.62 15.42
CA ASN M 108 -18.84 -6.95 14.94
C ASN M 108 -20.33 -6.96 14.63
N PRO M 109 -20.72 -6.29 13.54
CA PRO M 109 -22.11 -6.19 13.10
C PRO M 109 -22.82 -7.49 12.76
N LEU M 110 -24.15 -7.40 12.64
CA LEU M 110 -25.03 -8.48 12.20
C LEU M 110 -25.33 -7.87 10.82
N TRP M 111 -24.74 -8.44 9.78
CA TRP M 111 -24.85 -7.91 8.44
C TRP M 111 -26.24 -7.92 7.82
N ASN M 112 -27.14 -7.12 8.37
CA ASN M 112 -28.50 -7.10 7.88
C ASN M 112 -29.16 -5.75 7.80
N ALA M 113 -30.32 -5.75 7.17
CA ALA M 113 -31.23 -4.61 7.01
C ALA M 113 -32.51 -5.32 7.44
N ILE M 114 -33.19 -4.75 8.43
CA ILE M 114 -34.40 -5.34 8.97
C ILE M 114 -35.60 -4.39 8.98
N ILE M 115 -36.77 -4.93 8.65
CA ILE M 115 -37.98 -4.12 8.69
C ILE M 115 -39.00 -4.86 9.52
N VAL M 116 -39.48 -4.18 10.55
CA VAL M 116 -40.45 -4.77 11.44
C VAL M 116 -41.81 -4.15 11.15
N ALA M 117 -42.72 -4.98 10.65
CA ALA M 117 -44.06 -4.56 10.29
C ALA M 117 -45.06 -5.21 11.22
N GLY M 118 -46.02 -4.42 11.68
CA GLY M 118 -47.02 -4.94 12.56
C GLY M 118 -48.07 -3.92 12.96
N VAL M 119 -49.02 -4.36 13.77
CA VAL M 119 -50.09 -3.52 14.25
C VAL M 119 -50.04 -3.54 15.77
N GLN M 120 -50.04 -2.34 16.36
CA GLN M 120 -49.99 -2.21 17.80
C GLN M 120 -51.24 -2.72 18.51
N SER M 121 -51.30 -2.56 19.83
CA SER M 121 -52.47 -3.00 20.62
C SER M 121 -53.61 -2.01 20.45
N ASN M 122 -53.27 -0.73 20.29
CA ASN M 122 -54.26 0.31 20.13
C ASN M 122 -54.65 0.39 18.66
N GLY M 123 -54.19 -0.58 17.87
CA GLY M 123 -54.52 -0.63 16.47
C GLY M 123 -53.60 0.09 15.49
N ASP M 124 -52.70 0.92 16.02
CA ASP M 124 -51.76 1.67 15.17
C ASP M 124 -50.89 0.77 14.27
N GLN M 125 -50.55 1.30 13.10
CA GLN M 125 -49.71 0.56 12.17
C GLN M 125 -48.27 0.86 12.55
N PHE M 126 -47.44 -0.18 12.60
CA PHE M 126 -46.04 0.00 12.94
C PHE M 126 -45.16 -0.48 11.79
N LEU M 127 -44.28 0.40 11.35
CA LEU M 127 -43.37 0.07 10.28
C LEU M 127 -42.07 0.83 10.51
N ARG M 128 -41.00 0.12 10.88
CA ARG M 128 -39.71 0.78 11.10
C ARG M 128 -38.54 -0.04 10.54
N TYR M 129 -37.44 0.65 10.25
CA TYR M 129 -36.23 0.05 9.66
C TYR M 129 -35.00 0.09 10.57
N VAL M 130 -34.14 -0.91 10.45
CA VAL M 130 -32.92 -0.96 11.24
C VAL M 130 -31.89 -1.74 10.42
N ASN M 131 -30.67 -1.23 10.32
CA ASN M 131 -29.65 -1.95 9.57
C ASN M 131 -28.45 -2.26 10.47
N LEU M 132 -27.43 -2.87 9.87
CA LEU M 132 -26.21 -3.27 10.57
C LEU M 132 -25.52 -2.12 11.29
N LEU M 133 -25.72 -0.89 10.84
CA LEU M 133 -25.10 0.25 11.50
C LEU M 133 -25.86 0.69 12.73
N GLY M 134 -27.11 0.28 12.85
CA GLY M 134 -27.91 0.68 13.99
C GLY M 134 -28.81 1.84 13.63
N VAL M 135 -28.73 2.27 12.37
CA VAL M 135 -29.57 3.37 11.90
C VAL M 135 -31.04 2.94 11.85
N THR M 136 -31.95 3.82 12.29
CA THR M 136 -33.38 3.50 12.26
C THR M 136 -34.23 4.64 11.75
N TYR M 137 -35.35 4.29 11.12
CA TYR M 137 -36.29 5.27 10.62
C TYR M 137 -37.61 4.65 10.19
N SER M 138 -38.65 5.49 10.15
CA SER M 138 -39.98 5.07 9.73
C SER M 138 -40.45 5.92 8.57
N SER M 139 -41.34 5.36 7.77
CA SER M 139 -41.91 6.04 6.61
C SER M 139 -43.10 5.18 6.15
N PRO M 140 -44.11 5.81 5.50
CA PRO M 140 -45.29 5.07 5.01
C PRO M 140 -44.89 3.83 4.17
N THR M 141 -43.71 3.89 3.56
CA THR M 141 -43.18 2.78 2.76
C THR M 141 -41.71 2.60 3.14
N LEU M 142 -41.26 1.35 3.18
CA LEU M 142 -39.88 1.03 3.52
C LEU M 142 -39.40 -0.14 2.71
N ALA M 143 -38.20 -0.02 2.17
CA ALA M 143 -37.59 -1.08 1.39
C ALA M 143 -36.11 -1.13 1.71
N THR M 144 -35.51 -2.31 1.65
CA THR M 144 -34.09 -2.47 1.94
C THR M 144 -33.36 -2.85 0.67
N GLY M 145 -32.10 -2.47 0.58
CA GLY M 145 -31.31 -2.81 -0.59
C GLY M 145 -31.89 -2.24 -1.86
N PHE M 146 -31.95 -3.09 -2.89
CA PHE M 146 -32.47 -2.68 -4.19
C PHE M 146 -33.85 -2.07 -4.14
N GLY M 147 -34.72 -2.67 -3.32
CA GLY M 147 -36.07 -2.17 -3.19
C GLY M 147 -36.14 -0.70 -2.84
N ALA M 148 -35.08 -0.17 -2.21
CA ALA M 148 -35.07 1.23 -1.84
C ALA M 148 -34.94 2.14 -3.04
N HIS M 149 -34.44 1.60 -4.14
CA HIS M 149 -34.24 2.38 -5.36
C HIS M 149 -35.33 2.21 -6.39
N MET M 150 -36.01 1.06 -6.35
CA MET M 150 -37.07 0.78 -7.31
C MET M 150 -38.45 0.71 -6.68
N ALA M 151 -38.57 -0.03 -5.57
CA ALA M 151 -39.85 -0.15 -4.89
C ALA M 151 -40.36 1.16 -4.31
N ASN M 152 -39.60 1.79 -3.41
CA ASN M 152 -40.05 3.04 -2.83
C ASN M 152 -40.65 3.99 -3.87
N PRO M 153 -40.00 4.13 -5.04
CA PRO M 153 -40.53 5.02 -6.07
C PRO M 153 -41.97 4.73 -6.48
N LEU M 154 -42.27 3.46 -6.69
CA LEU M 154 -43.62 3.05 -7.08
C LEU M 154 -44.56 3.20 -5.87
N LEU M 155 -44.23 2.53 -4.77
CA LEU M 155 -45.05 2.58 -3.56
C LEU M 155 -45.32 3.99 -3.04
N ARG M 156 -44.53 4.97 -3.42
CA ARG M 156 -44.76 6.32 -2.93
C ARG M 156 -45.74 7.09 -3.81
N LYS M 157 -46.13 6.48 -4.93
CA LYS M 157 -47.09 7.09 -5.83
C LYS M 157 -48.47 6.82 -5.21
N VAL M 158 -48.53 5.76 -4.40
CA VAL M 158 -49.76 5.38 -3.71
C VAL M 158 -49.86 6.14 -2.39
N VAL M 159 -48.83 6.04 -1.57
CA VAL M 159 -48.79 6.73 -0.28
C VAL M 159 -47.62 7.71 -0.26
N ASP M 160 -47.86 8.93 -0.73
CA ASP M 160 -46.81 9.94 -0.78
C ASP M 160 -46.58 10.60 0.57
N ARG M 161 -47.63 10.74 1.37
CA ARG M 161 -47.50 11.33 2.69
C ARG M 161 -48.38 10.58 3.69
N GLU M 162 -48.38 11.03 4.94
CA GLU M 162 -49.16 10.37 5.98
C GLU M 162 -50.66 10.35 5.70
N SER M 163 -51.19 11.49 5.29
CA SER M 163 -52.61 11.63 5.01
C SER M 163 -53.13 10.63 3.98
N ASP M 164 -52.25 10.13 3.11
CA ASP M 164 -52.69 9.18 2.10
C ASP M 164 -52.86 7.77 2.67
N ILE M 165 -52.46 7.57 3.93
CA ILE M 165 -52.57 6.25 4.53
C ILE M 165 -54.01 5.78 4.63
N PRO M 166 -54.88 6.53 5.34
CA PRO M 166 -56.29 6.15 5.50
C PRO M 166 -57.06 5.97 4.19
N LYS M 167 -56.55 6.56 3.11
CA LYS M 167 -57.19 6.46 1.81
C LYS M 167 -56.79 5.19 1.05
N THR M 168 -55.78 4.48 1.54
CA THR M 168 -55.32 3.27 0.85
C THR M 168 -55.92 1.96 1.34
N THR M 169 -56.51 1.21 0.42
CA THR M 169 -57.13 -0.05 0.75
C THR M 169 -56.25 -1.26 0.43
N VAL M 170 -56.37 -2.28 1.25
CA VAL M 170 -55.61 -3.52 1.11
C VAL M 170 -55.50 -4.04 -0.33
N GLN M 171 -56.48 -3.73 -1.18
CA GLN M 171 -56.41 -4.21 -2.56
C GLN M 171 -55.47 -3.31 -3.33
N VAL M 172 -55.60 -2.01 -3.12
CA VAL M 172 -54.76 -1.02 -3.79
C VAL M 172 -53.30 -1.30 -3.36
N ALA M 173 -53.11 -1.38 -2.05
CA ALA M 173 -51.80 -1.64 -1.47
C ALA M 173 -51.18 -2.97 -1.93
N GLU M 174 -51.81 -4.09 -1.57
CA GLU M 174 -51.26 -5.38 -1.95
C GLU M 174 -50.92 -5.45 -3.42
N GLU M 175 -51.60 -4.67 -4.23
CA GLU M 175 -51.34 -4.68 -5.65
C GLU M 175 -50.01 -3.96 -5.92
N ALA M 176 -49.90 -2.74 -5.39
CA ALA M 176 -48.70 -1.93 -5.54
C ALA M 176 -47.48 -2.76 -5.18
N ILE M 177 -47.57 -3.45 -4.05
CA ILE M 177 -46.48 -4.30 -3.61
C ILE M 177 -46.23 -5.47 -4.57
N VAL M 178 -47.27 -6.20 -4.95
CA VAL M 178 -47.07 -7.32 -5.86
C VAL M 178 -46.49 -6.85 -7.20
N ASN M 179 -46.74 -5.59 -7.56
CA ASN M 179 -46.21 -5.08 -8.81
C ASN M 179 -44.70 -4.88 -8.63
N ALA M 180 -44.35 -4.26 -7.51
CA ALA M 180 -42.96 -3.99 -7.17
C ALA M 180 -42.16 -5.28 -7.26
N MET M 181 -42.63 -6.34 -6.61
CA MET M 181 -41.91 -7.61 -6.67
C MET M 181 -41.59 -7.97 -8.11
N ARG M 182 -42.51 -7.68 -9.04
CA ARG M 182 -42.29 -7.97 -10.46
C ARG M 182 -41.21 -7.04 -11.05
N VAL M 183 -41.31 -5.75 -10.74
CA VAL M 183 -40.33 -4.78 -11.23
C VAL M 183 -38.94 -5.20 -10.71
N LEU M 184 -38.84 -5.50 -9.42
CA LEU M 184 -37.56 -5.93 -8.87
C LEU M 184 -37.08 -7.15 -9.62
N TYR M 185 -37.99 -8.09 -9.92
CA TYR M 185 -37.59 -9.29 -10.64
C TYR M 185 -37.00 -8.97 -12.01
N TYR M 186 -37.42 -7.84 -12.59
CA TYR M 186 -36.93 -7.45 -13.90
C TYR M 186 -35.52 -6.87 -13.85
N ARG M 187 -35.24 -6.02 -12.86
CA ARG M 187 -33.94 -5.37 -12.79
C ARG M 187 -32.91 -5.83 -11.75
N ASP M 188 -33.32 -6.61 -10.75
CA ASP M 188 -32.37 -7.09 -9.73
C ASP M 188 -31.81 -8.46 -10.09
N ALA M 189 -30.52 -8.52 -10.37
CA ALA M 189 -29.87 -9.76 -10.74
C ALA M 189 -29.73 -10.74 -9.59
N ARG M 190 -30.08 -10.32 -8.39
CA ARG M 190 -29.99 -11.20 -7.22
C ARG M 190 -31.39 -11.43 -6.66
N SER M 191 -32.40 -11.52 -7.52
CA SER M 191 -33.77 -11.73 -7.07
C SER M 191 -34.38 -12.99 -7.65
N SER M 192 -35.39 -13.49 -6.95
CA SER M 192 -36.11 -14.69 -7.35
C SER M 192 -37.53 -14.35 -7.73
N ARG M 193 -38.16 -15.26 -8.47
CA ARG M 193 -39.54 -15.08 -8.93
C ARG M 193 -40.54 -15.43 -7.84
N ASN M 194 -40.17 -16.38 -6.98
CA ASN M 194 -41.03 -16.80 -5.89
C ASN M 194 -40.75 -15.98 -4.66
N PHE M 195 -41.80 -15.52 -3.99
CA PHE M 195 -41.63 -14.71 -2.81
C PHE M 195 -42.70 -14.98 -1.77
N SER M 196 -42.77 -14.14 -0.76
CA SER M 196 -43.76 -14.32 0.28
C SER M 196 -44.29 -12.95 0.63
N LEU M 197 -45.59 -12.89 0.88
CA LEU M 197 -46.23 -11.64 1.21
C LEU M 197 -47.00 -11.86 2.49
N ALA M 198 -47.05 -10.84 3.34
CA ALA M 198 -47.78 -10.95 4.58
C ALA M 198 -48.50 -9.66 4.85
N ILE M 199 -49.75 -9.80 5.29
CA ILE M 199 -50.57 -8.65 5.61
C ILE M 199 -50.93 -8.73 7.07
N ILE M 200 -50.90 -7.59 7.74
CA ILE M 200 -51.24 -7.54 9.16
C ILE M 200 -52.29 -6.44 9.26
N ASP M 201 -53.54 -6.90 9.30
CA ASP M 201 -54.69 -6.01 9.39
C ASP M 201 -55.28 -6.03 10.80
N LYS M 202 -55.68 -4.86 11.28
CA LYS M 202 -56.24 -4.76 12.62
C LYS M 202 -57.61 -5.45 12.79
N ASN M 203 -58.06 -6.13 11.74
CA ASN M 203 -59.33 -6.82 11.79
C ASN M 203 -59.15 -8.28 11.40
N THR M 204 -58.78 -8.52 10.15
CA THR M 204 -58.57 -9.89 9.69
C THR M 204 -57.40 -10.60 10.38
N GLY M 205 -56.57 -9.81 11.08
CA GLY M 205 -55.40 -10.37 11.78
C GLY M 205 -54.15 -10.43 10.91
N LEU M 206 -53.41 -11.54 11.03
CA LEU M 206 -52.20 -11.72 10.25
C LEU M 206 -52.43 -12.76 9.18
N THR M 207 -52.34 -12.34 7.92
CA THR M 207 -52.50 -13.25 6.79
C THR M 207 -51.11 -13.43 6.20
N PHE M 208 -50.65 -14.67 6.12
CA PHE M 208 -49.33 -14.94 5.62
C PHE M 208 -49.40 -15.80 4.36
N LYS M 209 -49.06 -15.22 3.22
CA LYS M 209 -49.11 -15.94 1.94
C LYS M 209 -47.73 -16.44 1.49
N LYS M 210 -47.57 -17.75 1.39
CA LYS M 210 -46.33 -18.35 0.95
C LYS M 210 -46.43 -18.76 -0.52
N ASN M 211 -45.27 -19.07 -1.12
CA ASN M 211 -45.18 -19.52 -2.50
C ASN M 211 -45.79 -18.71 -3.64
N LEU M 212 -45.76 -17.40 -3.55
CA LEU M 212 -46.30 -16.58 -4.62
C LEU M 212 -45.28 -16.52 -5.75
N GLN M 213 -45.72 -16.14 -6.94
CA GLN M 213 -44.83 -16.04 -8.10
C GLN M 213 -45.14 -14.78 -8.86
N VAL M 214 -44.14 -14.26 -9.54
CA VAL M 214 -44.34 -13.05 -10.32
C VAL M 214 -45.01 -13.52 -11.60
N GLU M 215 -46.19 -12.97 -11.86
CA GLU M 215 -46.96 -13.32 -13.05
C GLU M 215 -47.23 -12.09 -13.89
N ASN M 216 -47.76 -12.33 -15.09
CA ASN M 216 -48.09 -11.27 -16.03
C ASN M 216 -46.86 -10.43 -16.37
N MET M 217 -45.86 -11.06 -16.96
CA MET M 217 -44.65 -10.35 -17.33
C MET M 217 -44.63 -10.02 -18.82
N LYS M 218 -44.10 -8.85 -19.14
CA LYS M 218 -43.99 -8.39 -20.53
C LYS M 218 -42.61 -8.74 -21.10
N TRP M 219 -42.56 -9.77 -21.94
CA TRP M 219 -41.31 -10.18 -22.57
C TRP M 219 -41.41 -10.27 -24.08
N ASP M 220 -42.60 -10.03 -24.63
CA ASP M 220 -42.79 -10.15 -26.07
C ASP M 220 -41.94 -9.25 -26.96
N PHE M 221 -41.93 -7.95 -26.67
CA PHE M 221 -41.15 -6.99 -27.48
C PHE M 221 -39.70 -7.41 -27.71
N ALA M 222 -39.22 -8.35 -26.89
CA ALA M 222 -37.87 -8.84 -27.01
C ALA M 222 -37.57 -9.42 -28.39
N LYS M 223 -38.59 -9.98 -29.02
CA LYS M 223 -38.43 -10.59 -30.35
C LYS M 223 -38.06 -9.56 -31.42
N ASP M 224 -38.51 -8.33 -31.22
CA ASP M 224 -38.26 -7.23 -32.17
C ASP M 224 -36.89 -6.58 -32.01
N ILE M 225 -36.28 -6.77 -30.85
CA ILE M 225 -34.97 -6.19 -30.58
C ILE M 225 -33.87 -7.12 -31.04
N LYS M 226 -33.14 -6.70 -32.05
CA LYS M 226 -32.03 -7.49 -32.57
C LYS M 226 -30.85 -6.58 -32.89
N GLY M 227 -29.65 -7.04 -32.57
CA GLY M 227 -28.44 -6.26 -32.80
C GLY M 227 -28.26 -5.23 -31.70
N TYR M 228 -27.15 -4.50 -31.72
CA TYR M 228 -26.94 -3.48 -30.69
C TYR M 228 -26.70 -2.12 -31.31
N GLY M 229 -27.36 -1.84 -32.42
CA GLY M 229 -27.20 -0.56 -33.09
C GLY M 229 -27.51 -0.52 -34.57
N THR M 230 -26.68 -1.17 -35.38
CA THR M 230 -26.87 -1.16 -36.83
C THR M 230 -27.34 -2.47 -37.48
N GLN M 231 -27.23 -3.59 -36.76
CA GLN M 231 -27.62 -4.89 -37.29
C GLN M 231 -29.12 -4.91 -37.61
N LYS M 232 -29.47 -5.43 -38.80
CA LYS M 232 -30.87 -5.48 -39.24
C LYS M 232 -31.61 -6.80 -39.06
N ILE M 233 -30.87 -7.92 -38.98
CA ILE M 233 -31.49 -9.23 -38.82
C ILE M 233 -31.15 -9.93 -37.49
N THR N 1 -11.88 -30.21 -4.55
CA THR N 1 -12.77 -31.11 -3.76
C THR N 1 -14.18 -31.18 -4.32
N SER N 2 -14.74 -32.39 -4.36
CA SER N 2 -16.10 -32.59 -4.83
C SER N 2 -16.82 -33.51 -3.85
N ILE N 3 -17.91 -33.03 -3.27
CA ILE N 3 -18.65 -33.84 -2.32
C ILE N 3 -20.16 -33.62 -2.41
N MET N 4 -20.92 -34.65 -2.08
CA MET N 4 -22.37 -34.52 -2.13
C MET N 4 -23.03 -35.59 -1.27
N ALA N 5 -24.24 -35.29 -0.82
CA ALA N 5 -25.04 -36.21 -0.01
C ALA N 5 -26.45 -36.23 -0.62
N VAL N 6 -26.96 -37.44 -0.83
CA VAL N 6 -28.27 -37.60 -1.43
C VAL N 6 -29.18 -38.52 -0.62
N THR N 7 -30.41 -38.08 -0.40
CA THR N 7 -31.36 -38.88 0.36
C THR N 7 -32.22 -39.68 -0.60
N PHE N 8 -32.52 -40.92 -0.26
CA PHE N 8 -33.36 -41.73 -1.11
C PHE N 8 -34.36 -42.58 -0.33
N LYS N 9 -35.03 -43.49 -1.03
CA LYS N 9 -36.04 -44.37 -0.43
C LYS N 9 -35.63 -45.03 0.90
N ASP N 10 -34.51 -45.74 0.90
CA ASP N 10 -34.01 -46.47 2.08
C ASP N 10 -33.09 -45.73 3.05
N GLY N 11 -32.70 -44.49 2.73
CA GLY N 11 -31.83 -43.75 3.62
C GLY N 11 -31.13 -42.55 2.99
N VAL N 12 -29.80 -42.61 2.97
CA VAL N 12 -28.99 -41.52 2.40
C VAL N 12 -27.57 -42.00 2.06
N ILE N 13 -26.95 -41.39 1.06
CA ILE N 13 -25.58 -41.75 0.67
C ILE N 13 -24.67 -40.53 0.55
N LEU N 14 -23.44 -40.66 1.01
CA LEU N 14 -22.46 -39.59 0.94
C LEU N 14 -21.36 -39.98 -0.02
N GLY N 15 -20.98 -39.04 -0.88
CA GLY N 15 -19.92 -39.31 -1.84
C GLY N 15 -18.94 -38.17 -1.90
N ALA N 16 -17.68 -38.50 -2.19
CA ALA N 16 -16.62 -37.50 -2.29
C ALA N 16 -15.51 -38.01 -3.20
N ASP N 17 -14.60 -37.13 -3.59
CA ASP N 17 -13.45 -37.54 -4.40
C ASP N 17 -12.40 -37.85 -3.35
N SER N 18 -11.13 -37.95 -3.71
CA SER N 18 -10.14 -38.28 -2.71
C SER N 18 -8.89 -37.46 -2.84
N ARG N 19 -9.00 -36.34 -3.54
CA ARG N 19 -7.85 -35.47 -3.77
C ARG N 19 -7.80 -34.17 -2.96
N THR N 20 -6.71 -33.99 -2.21
CA THR N 20 -6.50 -32.75 -1.47
C THR N 20 -5.20 -32.20 -2.05
N THR N 21 -5.26 -30.97 -2.54
CA THR N 21 -4.08 -30.35 -3.12
C THR N 21 -3.70 -29.11 -2.36
N THR N 22 -2.42 -28.76 -2.51
CA THR N 22 -1.87 -27.55 -1.92
C THR N 22 -1.17 -26.97 -3.13
N GLY N 23 -1.83 -26.03 -3.78
CA GLY N 23 -1.27 -25.44 -4.98
C GLY N 23 -1.58 -26.40 -6.10
N ALA N 24 -0.68 -26.55 -7.07
CA ALA N 24 -0.91 -27.45 -8.17
C ALA N 24 -0.52 -28.87 -7.78
N TYR N 25 0.13 -29.01 -6.63
CA TYR N 25 0.57 -30.31 -6.16
C TYR N 25 -0.53 -31.08 -5.47
N ILE N 26 -0.56 -32.39 -5.69
CA ILE N 26 -1.57 -33.25 -5.08
C ILE N 26 -0.95 -33.91 -3.85
N ALA N 27 -1.11 -33.26 -2.71
CA ALA N 27 -0.56 -33.72 -1.44
C ALA N 27 -1.05 -35.08 -1.01
N ASN N 28 -2.28 -35.43 -1.39
CA ASN N 28 -2.85 -36.72 -1.02
C ASN N 28 -3.89 -37.10 -2.08
N ARG N 29 -3.72 -38.29 -2.69
CA ARG N 29 -4.66 -38.73 -3.72
C ARG N 29 -5.65 -39.80 -3.25
N VAL N 30 -5.52 -40.26 -2.02
CA VAL N 30 -6.43 -41.26 -1.49
C VAL N 30 -7.10 -40.77 -0.21
N THR N 31 -7.38 -39.46 -0.17
CA THR N 31 -7.99 -38.83 0.99
C THR N 31 -9.40 -39.33 1.30
N ASP N 32 -9.77 -39.35 2.58
CA ASP N 32 -11.10 -39.77 3.00
C ASP N 32 -11.82 -38.55 3.56
N LYS N 33 -12.60 -37.91 2.70
CA LYS N 33 -13.33 -36.71 3.07
C LYS N 33 -14.68 -37.03 3.73
N LEU N 34 -14.98 -38.33 3.85
CA LEU N 34 -16.22 -38.79 4.46
C LEU N 34 -15.93 -39.14 5.92
N THR N 35 -16.31 -38.25 6.83
CA THR N 35 -16.02 -38.46 8.23
C THR N 35 -17.22 -38.80 9.10
N ARG N 36 -17.03 -39.79 9.95
CA ARG N 36 -18.08 -40.25 10.87
C ARG N 36 -18.07 -39.45 12.16
N VAL N 37 -19.19 -38.85 12.51
CA VAL N 37 -19.25 -38.09 13.75
C VAL N 37 -20.08 -38.91 14.75
N HIS N 38 -20.79 -39.91 14.22
CA HIS N 38 -21.60 -40.81 15.03
C HIS N 38 -21.97 -42.04 14.20
N ASP N 39 -22.39 -43.10 14.90
CA ASP N 39 -22.77 -44.35 14.25
C ASP N 39 -23.42 -44.14 12.90
N LYS N 40 -24.55 -43.45 12.89
CA LYS N 40 -25.22 -43.20 11.63
C LYS N 40 -25.39 -41.73 11.27
N ILE N 41 -24.35 -40.95 11.55
CA ILE N 41 -24.32 -39.53 11.21
C ILE N 41 -22.92 -39.29 10.67
N TRP N 42 -22.86 -38.88 9.40
CA TRP N 42 -21.58 -38.63 8.78
C TRP N 42 -21.56 -37.22 8.19
N CYS N 43 -20.38 -36.80 7.73
CA CYS N 43 -20.26 -35.48 7.13
C CYS N 43 -19.22 -35.45 6.02
N CYS N 44 -19.37 -34.47 5.14
CA CYS N 44 -18.47 -34.28 4.03
C CYS N 44 -17.73 -32.99 4.31
N ARG N 45 -16.40 -33.09 4.26
CA ARG N 45 -15.57 -31.94 4.56
C ARG N 45 -14.96 -31.27 3.34
N SER N 46 -15.09 -29.95 3.30
CA SER N 46 -14.53 -29.13 2.23
C SER N 46 -13.93 -27.89 2.90
N GLY N 47 -12.90 -27.32 2.28
CA GLY N 47 -12.27 -26.14 2.86
C GLY N 47 -10.96 -26.53 3.50
N SER N 48 -10.52 -25.76 4.49
CA SER N 48 -9.27 -26.06 5.16
C SER N 48 -9.33 -27.42 5.85
N ALA N 49 -8.49 -28.35 5.40
CA ALA N 49 -8.46 -29.67 6.02
C ALA N 49 -8.26 -29.49 7.52
N ALA N 50 -7.26 -28.72 7.89
CA ALA N 50 -6.98 -28.47 9.30
C ALA N 50 -8.25 -28.04 10.04
N ASP N 51 -9.00 -27.11 9.46
CA ASP N 51 -10.22 -26.62 10.08
C ASP N 51 -11.33 -27.66 10.16
N THR N 52 -11.71 -28.22 9.03
CA THR N 52 -12.77 -29.23 9.02
C THR N 52 -12.47 -30.40 9.96
N GLN N 53 -11.24 -30.90 9.91
CA GLN N 53 -10.84 -32.00 10.79
C GLN N 53 -11.05 -31.60 12.26
N ALA N 54 -10.58 -30.40 12.60
CA ALA N 54 -10.72 -29.92 13.97
C ALA N 54 -12.20 -29.76 14.31
N ILE N 55 -12.98 -29.21 13.40
CA ILE N 55 -14.41 -29.01 13.62
C ILE N 55 -15.03 -30.36 13.89
N ALA N 56 -14.80 -31.28 12.96
CA ALA N 56 -15.32 -32.64 13.06
C ALA N 56 -14.99 -33.26 14.41
N ASP N 57 -13.70 -33.36 14.73
CA ASP N 57 -13.27 -33.94 16.00
C ASP N 57 -14.06 -33.34 17.18
N ILE N 58 -14.22 -32.04 17.19
CA ILE N 58 -14.97 -31.38 18.27
C ILE N 58 -16.39 -31.92 18.28
N VAL N 59 -17.03 -31.96 17.11
CA VAL N 59 -18.41 -32.45 17.01
C VAL N 59 -18.54 -33.89 17.52
N GLN N 60 -17.73 -34.78 16.95
CA GLN N 60 -17.75 -36.17 17.34
C GLN N 60 -17.72 -36.27 18.86
N TYR N 61 -16.88 -35.44 19.48
CA TYR N 61 -16.76 -35.39 20.93
C TYR N 61 -18.11 -35.01 21.54
N HIS N 62 -18.69 -33.91 21.07
CA HIS N 62 -19.97 -33.45 21.59
C HIS N 62 -21.08 -34.46 21.46
N LEU N 63 -21.15 -35.13 20.32
CA LEU N 63 -22.18 -36.13 20.10
C LEU N 63 -21.97 -37.34 21.02
N GLU N 64 -20.72 -37.76 21.17
CA GLU N 64 -20.39 -38.87 22.06
C GLU N 64 -20.83 -38.60 23.50
N LEU N 65 -20.62 -37.38 23.97
CA LEU N 65 -21.00 -37.02 25.32
C LEU N 65 -22.50 -36.90 25.41
N TYR N 66 -23.12 -36.44 24.33
CA TYR N 66 -24.57 -36.29 24.25
C TYR N 66 -25.21 -37.67 24.40
N THR N 67 -24.70 -38.61 23.62
CA THR N 67 -25.20 -39.96 23.63
C THR N 67 -25.08 -40.58 25.01
N SER N 68 -23.99 -40.32 25.71
CA SER N 68 -23.78 -40.86 27.04
C SER N 68 -24.86 -40.41 27.99
N GLN N 69 -25.45 -39.24 27.74
CA GLN N 69 -26.47 -38.72 28.62
C GLN N 69 -27.89 -38.81 28.09
N TYR N 70 -28.06 -38.59 26.79
CA TYR N 70 -29.40 -38.57 26.22
C TYR N 70 -29.65 -39.53 25.05
N GLY N 71 -28.92 -40.64 25.03
CA GLY N 71 -29.09 -41.61 23.95
C GLY N 71 -28.68 -41.07 22.60
N THR N 72 -29.05 -41.78 21.54
CA THR N 72 -28.71 -41.37 20.18
C THR N 72 -29.27 -39.98 19.82
N PRO N 73 -28.41 -39.12 19.22
CA PRO N 73 -28.77 -37.76 18.80
C PRO N 73 -29.41 -37.73 17.41
N SER N 74 -30.25 -36.74 17.16
CA SER N 74 -30.90 -36.62 15.86
C SER N 74 -29.90 -36.08 14.85
N THR N 75 -30.13 -36.33 13.56
CA THR N 75 -29.24 -35.82 12.53
C THR N 75 -29.35 -34.29 12.56
N GLU N 76 -30.51 -33.79 12.97
CA GLU N 76 -30.69 -32.35 13.04
C GLU N 76 -29.78 -31.78 14.11
N THR N 77 -29.71 -32.44 15.27
CA THR N 77 -28.85 -32.01 16.36
C THR N 77 -27.40 -31.95 15.91
N ALA N 78 -26.91 -33.03 15.29
CA ALA N 78 -25.56 -33.08 14.79
C ALA N 78 -25.29 -31.85 13.93
N ALA N 79 -26.21 -31.56 13.01
CA ALA N 79 -26.06 -30.41 12.12
C ALA N 79 -26.03 -29.11 12.93
N SER N 80 -26.75 -29.10 14.06
CA SER N 80 -26.81 -27.93 14.91
C SER N 80 -25.45 -27.63 15.56
N VAL N 81 -24.81 -28.69 16.05
CA VAL N 81 -23.50 -28.56 16.68
C VAL N 81 -22.44 -28.09 15.67
N PHE N 82 -22.54 -28.56 14.43
CA PHE N 82 -21.60 -28.15 13.41
C PHE N 82 -21.80 -26.68 13.16
N LYS N 83 -23.07 -26.29 13.05
CA LYS N 83 -23.45 -24.91 12.81
C LYS N 83 -22.96 -23.99 13.91
N GLU N 84 -23.09 -24.46 15.15
CA GLU N 84 -22.68 -23.67 16.28
C GLU N 84 -21.20 -23.29 16.17
N LEU N 85 -20.34 -24.28 15.93
CA LEU N 85 -18.92 -24.04 15.79
C LEU N 85 -18.64 -23.13 14.60
N CYS N 86 -19.14 -23.51 13.44
CA CYS N 86 -18.92 -22.73 12.23
C CYS N 86 -19.35 -21.28 12.28
N TYR N 87 -20.55 -21.02 12.82
CA TYR N 87 -21.06 -19.66 12.89
C TYR N 87 -20.34 -18.76 13.89
N GLU N 88 -20.18 -19.29 15.10
CA GLU N 88 -19.52 -18.57 16.17
C GLU N 88 -18.04 -18.28 15.89
N ASN N 89 -17.42 -19.07 15.02
CA ASN N 89 -16.01 -18.90 14.70
C ASN N 89 -15.82 -18.64 13.22
N LYS N 90 -16.79 -18.00 12.60
CA LYS N 90 -16.73 -17.73 11.16
C LYS N 90 -15.52 -16.94 10.73
N ASP N 91 -15.06 -16.04 11.58
CA ASP N 91 -13.92 -15.19 11.27
C ASP N 91 -12.59 -15.95 11.16
N ASN N 92 -12.51 -17.14 11.76
CA ASN N 92 -11.29 -17.93 11.75
C ASN N 92 -11.38 -19.33 11.12
N LEU N 93 -12.47 -19.58 10.40
CA LEU N 93 -12.66 -20.87 9.76
C LEU N 93 -12.91 -20.76 8.26
N THR N 94 -12.58 -21.84 7.56
CA THR N 94 -12.79 -21.93 6.13
C THR N 94 -13.22 -23.37 5.95
N ALA N 95 -14.48 -23.64 6.33
CA ALA N 95 -15.05 -24.97 6.23
C ALA N 95 -16.45 -24.98 5.62
N GLY N 96 -16.65 -25.90 4.69
CA GLY N 96 -17.95 -26.08 4.07
C GLY N 96 -18.28 -27.52 4.44
N ILE N 97 -19.30 -27.72 5.27
CA ILE N 97 -19.65 -29.07 5.70
C ILE N 97 -21.05 -29.51 5.29
N ILE N 98 -21.16 -30.79 4.90
CA ILE N 98 -22.43 -31.39 4.53
C ILE N 98 -22.64 -32.48 5.58
N VAL N 99 -23.74 -32.38 6.33
CA VAL N 99 -24.03 -33.36 7.37
C VAL N 99 -25.17 -34.22 6.92
N ALA N 100 -24.97 -35.53 6.95
CA ALA N 100 -26.01 -36.47 6.53
C ALA N 100 -26.06 -37.66 7.46
N GLY N 101 -27.27 -38.00 7.92
CA GLY N 101 -27.42 -39.13 8.82
C GLY N 101 -28.68 -39.92 8.58
N TYR N 102 -28.81 -41.06 9.26
CA TYR N 102 -29.99 -41.91 9.13
C TYR N 102 -30.66 -42.16 10.48
N ASP N 103 -31.91 -41.72 10.55
CA ASP N 103 -32.74 -41.86 11.72
C ASP N 103 -33.75 -42.93 11.33
N ASP N 104 -34.41 -43.56 12.30
CA ASP N 104 -35.41 -44.57 11.95
C ASP N 104 -36.79 -43.91 11.86
N LYS N 105 -36.93 -42.80 12.58
CA LYS N 105 -38.17 -42.04 12.59
C LYS N 105 -38.16 -41.01 11.46
N ASN N 106 -36.96 -40.53 11.12
CA ASN N 106 -36.78 -39.52 10.08
C ASN N 106 -36.16 -40.07 8.79
N LYS N 107 -35.76 -41.33 8.83
CA LYS N 107 -35.15 -41.99 7.69
C LYS N 107 -33.83 -41.32 7.30
N GLY N 108 -33.76 -40.74 6.10
CA GLY N 108 -32.53 -40.09 5.66
C GLY N 108 -32.60 -38.57 5.61
N GLU N 109 -31.61 -37.88 6.16
CA GLU N 109 -31.59 -36.42 6.15
C GLU N 109 -30.26 -35.80 5.72
N VAL N 110 -30.36 -34.67 5.03
CA VAL N 110 -29.17 -33.96 4.57
C VAL N 110 -29.23 -32.46 4.89
N TYR N 111 -28.20 -31.99 5.60
CA TYR N 111 -28.05 -30.59 5.98
C TYR N 111 -26.74 -30.07 5.40
N THR N 112 -26.75 -28.82 4.95
CA THR N 112 -25.55 -28.22 4.40
C THR N 112 -25.23 -26.96 5.18
N ILE N 113 -23.94 -26.78 5.48
CA ILE N 113 -23.47 -25.62 6.22
C ILE N 113 -22.37 -24.96 5.41
N PRO N 114 -22.72 -23.93 4.63
CA PRO N 114 -21.74 -23.21 3.80
C PRO N 114 -20.89 -22.24 4.63
N LEU N 115 -19.95 -21.55 3.98
CA LEU N 115 -19.07 -20.62 4.67
C LEU N 115 -19.70 -19.79 5.77
N GLY N 116 -20.78 -19.10 5.47
CA GLY N 116 -21.38 -18.29 6.52
C GLY N 116 -21.57 -18.94 7.89
N GLY N 117 -22.10 -20.15 7.91
CA GLY N 117 -22.35 -20.82 9.17
C GLY N 117 -23.84 -21.01 9.24
N SER N 118 -24.51 -20.75 8.14
CA SER N 118 -25.96 -20.91 8.04
C SER N 118 -26.25 -22.38 7.75
N VAL N 119 -27.44 -22.86 8.16
CA VAL N 119 -27.79 -24.26 7.93
C VAL N 119 -28.97 -24.38 6.97
N HIS N 120 -28.84 -25.34 6.07
CA HIS N 120 -29.87 -25.58 5.08
C HIS N 120 -30.13 -27.09 4.98
N LYS N 121 -31.40 -27.47 5.16
CA LYS N 121 -31.81 -28.87 5.07
C LYS N 121 -32.28 -29.08 3.62
N LEU N 122 -31.82 -30.14 2.98
CA LEU N 122 -32.18 -30.36 1.59
C LEU N 122 -32.32 -31.83 1.19
N PRO N 123 -32.93 -32.09 0.02
CA PRO N 123 -33.13 -33.44 -0.52
C PRO N 123 -31.75 -33.99 -0.81
N TYR N 124 -30.88 -33.11 -1.29
CA TYR N 124 -29.51 -33.45 -1.58
C TYR N 124 -28.71 -32.16 -1.59
N ALA N 125 -27.39 -32.30 -1.47
CA ALA N 125 -26.50 -31.14 -1.46
C ALA N 125 -25.16 -31.49 -2.07
N ILE N 126 -24.64 -30.54 -2.84
CA ILE N 126 -23.34 -30.69 -3.47
C ILE N 126 -22.46 -29.56 -2.96
N ALA N 127 -21.16 -29.82 -2.85
CA ALA N 127 -20.25 -28.81 -2.37
C ALA N 127 -18.83 -29.11 -2.83
N GLY N 128 -17.93 -28.16 -2.60
CA GLY N 128 -16.55 -28.32 -3.00
C GLY N 128 -16.34 -27.57 -4.32
N SER N 129 -15.09 -27.22 -4.61
CA SER N 129 -14.80 -26.51 -5.84
C SER N 129 -15.44 -27.16 -7.06
N GLY N 130 -15.31 -28.49 -7.18
CA GLY N 130 -15.86 -29.21 -8.31
C GLY N 130 -17.36 -29.12 -8.48
N SER N 131 -18.08 -28.93 -7.38
CA SER N 131 -19.52 -28.86 -7.44
C SER N 131 -20.10 -27.91 -8.49
N THR N 132 -19.55 -26.71 -8.57
CA THR N 132 -20.05 -25.70 -9.53
C THR N 132 -20.36 -26.24 -10.92
N PHE N 133 -19.53 -27.15 -11.42
CA PHE N 133 -19.69 -27.71 -12.75
C PHE N 133 -20.85 -28.69 -12.93
N ILE N 134 -21.34 -29.25 -11.84
CA ILE N 134 -22.42 -30.22 -11.95
C ILE N 134 -23.73 -29.69 -11.37
N TYR N 135 -23.85 -28.39 -11.20
CA TYR N 135 -25.09 -27.85 -10.68
C TYR N 135 -26.24 -28.15 -11.63
N GLY N 136 -25.97 -28.00 -12.93
CA GLY N 136 -26.99 -28.27 -13.94
C GLY N 136 -27.32 -29.74 -14.00
N TYR N 137 -26.31 -30.57 -14.20
CA TYR N 137 -26.53 -32.00 -14.27
C TYR N 137 -27.38 -32.48 -13.10
N CYS N 138 -26.94 -32.19 -11.89
CA CYS N 138 -27.67 -32.62 -10.69
C CYS N 138 -29.11 -32.13 -10.62
N ASP N 139 -29.37 -30.92 -11.09
CA ASP N 139 -30.73 -30.43 -11.01
C ASP N 139 -31.62 -31.17 -11.99
N LYS N 140 -31.04 -31.61 -13.10
CA LYS N 140 -31.81 -32.32 -14.11
C LYS N 140 -31.99 -33.80 -13.84
N ASN N 141 -31.02 -34.43 -13.18
CA ASN N 141 -31.12 -35.86 -12.93
C ASN N 141 -31.55 -36.30 -11.53
N PHE N 142 -31.78 -35.38 -10.61
CA PHE N 142 -32.19 -35.80 -9.29
C PHE N 142 -33.69 -36.04 -9.25
N ARG N 143 -34.10 -37.06 -8.52
CA ARG N 143 -35.50 -37.42 -8.35
C ARG N 143 -35.67 -37.96 -6.93
N GLU N 144 -36.75 -37.56 -6.26
CA GLU N 144 -36.98 -38.00 -4.90
C GLU N 144 -37.40 -39.46 -4.71
N ASN N 145 -36.72 -40.15 -3.81
CA ASN N 145 -37.00 -41.56 -3.50
C ASN N 145 -36.49 -42.54 -4.54
N MET N 146 -35.20 -42.50 -4.79
CA MET N 146 -34.59 -43.41 -5.76
C MET N 146 -34.15 -44.65 -5.01
N SER N 147 -33.80 -45.69 -5.75
CA SER N 147 -33.36 -46.92 -5.11
C SER N 147 -31.86 -46.81 -4.88
N LYS N 148 -31.37 -47.50 -3.88
CA LYS N 148 -29.95 -47.47 -3.59
C LYS N 148 -29.11 -47.51 -4.87
N GLU N 149 -29.42 -48.42 -5.81
CA GLU N 149 -28.63 -48.50 -7.04
C GLU N 149 -28.76 -47.25 -7.92
N GLU N 150 -29.96 -46.66 -7.95
CA GLU N 150 -30.20 -45.46 -8.75
C GLU N 150 -29.40 -44.28 -8.19
N THR N 151 -29.36 -44.23 -6.86
CA THR N 151 -28.64 -43.19 -6.13
C THR N 151 -27.13 -43.36 -6.24
N VAL N 152 -26.63 -44.57 -6.08
CA VAL N 152 -25.19 -44.79 -6.20
C VAL N 152 -24.75 -44.39 -7.60
N ASP N 153 -25.70 -44.42 -8.55
CA ASP N 153 -25.41 -44.06 -9.94
C ASP N 153 -25.46 -42.55 -10.13
N PHE N 154 -26.46 -41.92 -9.51
CA PHE N 154 -26.60 -40.46 -9.58
C PHE N 154 -25.32 -39.83 -9.04
N ILE N 155 -24.88 -40.28 -7.86
CA ILE N 155 -23.64 -39.78 -7.27
C ILE N 155 -22.49 -40.04 -8.23
N LYS N 156 -22.23 -41.32 -8.51
CA LYS N 156 -21.13 -41.73 -9.37
C LYS N 156 -20.97 -40.91 -10.65
N HIS N 157 -22.08 -40.60 -11.32
CA HIS N 157 -22.02 -39.82 -12.55
C HIS N 157 -21.75 -38.36 -12.26
N SER N 158 -22.43 -37.82 -11.25
CA SER N 158 -22.21 -36.43 -10.88
C SER N 158 -20.75 -36.21 -10.55
N LEU N 159 -20.25 -36.90 -9.54
CA LEU N 159 -18.86 -36.74 -9.15
C LEU N 159 -17.85 -37.00 -10.27
N SER N 160 -18.19 -37.87 -11.21
CA SER N 160 -17.26 -38.16 -12.31
C SER N 160 -17.14 -36.92 -13.20
N GLN N 161 -18.22 -36.17 -13.34
CA GLN N 161 -18.20 -34.96 -14.14
C GLN N 161 -17.39 -33.91 -13.39
N ALA N 162 -17.75 -33.68 -12.13
CA ALA N 162 -17.06 -32.74 -11.26
C ALA N 162 -15.56 -33.03 -11.33
N ILE N 163 -15.18 -34.29 -11.16
CA ILE N 163 -13.77 -34.65 -11.21
C ILE N 163 -13.18 -34.39 -12.60
N LYS N 164 -14.01 -34.53 -13.62
CA LYS N 164 -13.58 -34.33 -15.00
C LYS N 164 -13.10 -32.93 -15.29
N TRP N 165 -13.89 -31.96 -14.85
CA TRP N 165 -13.61 -30.54 -15.05
C TRP N 165 -12.75 -29.87 -14.00
N ASP N 166 -13.09 -30.03 -12.72
CA ASP N 166 -12.30 -29.41 -11.65
C ASP N 166 -11.01 -30.15 -11.36
N GLY N 167 -9.89 -29.48 -11.59
CA GLY N 167 -8.60 -30.08 -11.37
C GLY N 167 -8.29 -30.26 -9.90
N SER N 168 -9.08 -29.62 -9.05
CA SER N 168 -8.86 -29.74 -7.61
C SER N 168 -9.44 -31.02 -7.06
N SER N 169 -10.25 -31.70 -7.89
CA SER N 169 -10.88 -32.96 -7.50
C SER N 169 -10.32 -34.09 -8.33
N GLY N 170 -10.39 -35.31 -7.78
CA GLY N 170 -9.87 -36.45 -8.50
C GLY N 170 -9.62 -37.62 -7.58
N GLY N 171 -8.88 -38.60 -8.09
CA GLY N 171 -8.58 -39.80 -7.33
C GLY N 171 -9.67 -40.86 -7.45
N VAL N 172 -10.09 -41.41 -6.32
CA VAL N 172 -11.14 -42.43 -6.29
C VAL N 172 -12.43 -41.79 -5.80
N ILE N 173 -13.57 -42.36 -6.15
CA ILE N 173 -14.81 -41.80 -5.63
C ILE N 173 -15.14 -42.67 -4.44
N ARG N 174 -15.51 -42.06 -3.33
CA ARG N 174 -15.86 -42.84 -2.14
C ARG N 174 -17.30 -42.52 -1.79
N MET N 175 -17.97 -43.52 -1.25
CA MET N 175 -19.35 -43.36 -0.85
C MET N 175 -19.57 -44.05 0.47
N VAL N 176 -20.63 -43.63 1.14
CA VAL N 176 -20.98 -44.23 2.40
C VAL N 176 -22.49 -44.26 2.42
N VAL N 177 -23.03 -45.48 2.56
CA VAL N 177 -24.47 -45.69 2.57
C VAL N 177 -25.00 -45.79 3.97
N LEU N 178 -26.01 -44.97 4.26
CA LEU N 178 -26.61 -44.94 5.58
C LEU N 178 -28.08 -45.31 5.55
N THR N 179 -28.38 -46.54 5.98
CA THR N 179 -29.75 -47.05 6.03
C THR N 179 -29.94 -47.86 7.32
N ALA N 180 -31.17 -48.32 7.55
CA ALA N 180 -31.45 -49.12 8.75
C ALA N 180 -30.57 -50.37 8.70
N ALA N 181 -30.29 -50.82 7.47
CA ALA N 181 -29.46 -52.00 7.22
C ALA N 181 -28.10 -51.91 7.89
N GLY N 182 -27.56 -50.69 7.99
CA GLY N 182 -26.26 -50.49 8.59
C GLY N 182 -25.44 -49.45 7.83
N VAL N 183 -24.12 -49.60 7.85
CA VAL N 183 -23.24 -48.66 7.19
C VAL N 183 -22.35 -49.37 6.17
N GLU N 184 -22.51 -49.00 4.90
CA GLU N 184 -21.72 -49.63 3.85
C GLU N 184 -20.74 -48.67 3.17
N ARG N 185 -19.51 -49.16 2.97
CA ARG N 185 -18.43 -48.41 2.34
C ARG N 185 -18.28 -48.76 0.85
N LEU N 186 -18.27 -47.75 -0.01
CA LEU N 186 -18.11 -47.99 -1.44
C LEU N 186 -16.94 -47.22 -2.02
N ILE N 187 -16.25 -47.81 -2.99
CA ILE N 187 -15.13 -47.16 -3.63
C ILE N 187 -15.25 -47.43 -5.14
N PHE N 188 -14.85 -46.47 -5.95
CA PHE N 188 -14.93 -46.61 -7.40
C PHE N 188 -13.68 -46.01 -7.97
N TYR N 189 -12.86 -46.83 -8.60
CA TYR N 189 -11.60 -46.38 -9.16
C TYR N 189 -11.74 -45.57 -10.45
N PRO N 190 -10.68 -44.86 -10.84
CA PRO N 190 -10.68 -44.03 -12.06
C PRO N 190 -11.16 -44.80 -13.29
N ASP N 191 -10.43 -45.87 -13.61
CA ASP N 191 -10.74 -46.70 -14.76
C ASP N 191 -12.21 -47.04 -14.96
N GLU N 192 -13.02 -46.87 -13.93
CA GLU N 192 -14.45 -47.16 -14.06
C GLU N 192 -15.31 -45.93 -14.31
N TYR N 193 -15.25 -44.96 -13.40
CA TYR N 193 -16.07 -43.76 -13.52
C TYR N 193 -15.65 -42.80 -14.64
N GLU N 194 -14.47 -43.02 -15.22
CA GLU N 194 -14.01 -42.15 -16.29
C GLU N 194 -14.69 -42.52 -17.59
N GLN N 195 -14.98 -43.81 -17.74
CA GLN N 195 -15.60 -44.30 -18.96
C GLN N 195 -17.12 -44.12 -18.97
N LEU N 196 -17.62 -43.27 -18.09
CA LEU N 196 -19.05 -42.99 -18.03
C LEU N 196 -19.38 -41.80 -18.93
N MET O 1 8.89 6.86 -54.37
CA MET O 1 7.65 7.64 -54.14
C MET O 1 8.02 8.96 -53.48
N THR O 2 7.15 9.45 -52.62
CA THR O 2 7.34 10.70 -51.89
C THR O 2 7.31 11.89 -52.81
N ASP O 3 6.54 12.89 -52.39
CA ASP O 3 6.39 14.12 -53.11
C ASP O 3 7.75 14.82 -53.17
N ARG O 4 8.42 14.74 -54.32
CA ARG O 4 9.72 15.39 -54.49
C ARG O 4 9.43 16.85 -54.83
N TYR O 5 8.18 17.11 -55.18
CA TYR O 5 7.72 18.45 -55.53
C TYR O 5 7.47 19.26 -54.27
N SER O 6 8.52 19.82 -53.71
CA SER O 6 8.39 20.61 -52.50
C SER O 6 8.71 22.08 -52.74
N PHE O 7 8.97 22.42 -54.01
CA PHE O 7 9.27 23.79 -54.40
C PHE O 7 8.04 24.40 -55.04
N SER O 8 8.01 25.73 -55.18
CA SER O 8 6.87 26.39 -55.77
C SER O 8 6.72 26.13 -57.27
N LEU O 9 5.47 26.07 -57.71
CA LEU O 9 5.14 25.85 -59.12
C LEU O 9 4.63 27.18 -59.69
N THR O 10 4.47 28.14 -58.80
CA THR O 10 4.05 29.48 -59.17
C THR O 10 5.22 30.37 -58.74
N THR O 11 5.84 31.05 -59.67
CA THR O 11 6.96 31.94 -59.35
C THR O 11 6.82 33.26 -60.10
N PHE O 12 7.65 34.23 -59.71
CA PHE O 12 7.62 35.53 -60.36
C PHE O 12 8.42 35.47 -61.65
N SER O 13 7.92 36.13 -62.67
CA SER O 13 8.58 36.19 -63.97
C SER O 13 9.26 37.54 -64.04
N PRO O 14 10.22 37.71 -64.97
CA PRO O 14 10.95 38.97 -65.13
C PRO O 14 10.06 40.22 -65.15
N SER O 15 8.92 40.11 -65.83
CA SER O 15 7.96 41.21 -65.95
C SER O 15 7.25 41.53 -64.64
N GLY O 16 7.29 40.59 -63.70
CA GLY O 16 6.64 40.81 -62.42
C GLY O 16 5.30 40.11 -62.29
N LYS O 17 4.99 39.28 -63.27
CA LYS O 17 3.73 38.56 -63.26
C LYS O 17 3.88 37.19 -62.60
N LEU O 18 2.77 36.67 -62.09
CA LEU O 18 2.76 35.33 -61.50
C LEU O 18 1.99 34.44 -62.47
N GLY O 19 2.73 33.89 -63.44
CA GLY O 19 2.16 33.04 -64.47
C GLY O 19 0.93 32.25 -64.13
N GLN O 20 1.09 31.23 -63.29
CA GLN O 20 -0.01 30.36 -62.91
C GLN O 20 -1.26 31.08 -62.44
N ILE O 21 -1.10 32.22 -61.77
CA ILE O 21 -2.26 32.98 -61.31
C ILE O 21 -3.00 33.57 -62.51
N ASP O 22 -2.23 34.14 -63.43
CA ASP O 22 -2.80 34.71 -64.66
C ASP O 22 -3.57 33.64 -65.40
N TYR O 23 -2.90 32.50 -65.61
CA TYR O 23 -3.49 31.37 -66.31
C TYR O 23 -4.74 30.89 -65.60
N ALA O 24 -4.67 30.76 -64.28
CA ALA O 24 -5.84 30.33 -63.53
C ALA O 24 -6.99 31.30 -63.87
N LEU O 25 -6.72 32.60 -63.86
CA LEU O 25 -7.74 33.59 -64.18
C LEU O 25 -8.29 33.39 -65.58
N THR O 26 -7.41 33.05 -66.52
CA THR O 26 -7.80 32.81 -67.90
C THR O 26 -8.81 31.66 -67.91
N ALA O 27 -8.54 30.65 -67.09
CA ALA O 27 -9.42 29.50 -67.00
C ALA O 27 -10.79 29.93 -66.48
N VAL O 28 -10.79 30.90 -65.56
CA VAL O 28 -12.05 31.38 -65.00
C VAL O 28 -12.85 32.12 -66.06
N LYS O 29 -12.15 32.83 -66.95
CA LYS O 29 -12.80 33.58 -68.04
C LYS O 29 -13.60 32.68 -68.99
N GLN O 30 -13.12 31.45 -69.16
CA GLN O 30 -13.78 30.49 -70.03
C GLN O 30 -15.00 29.90 -69.35
N GLY O 31 -15.06 30.02 -68.02
CA GLY O 31 -16.16 29.46 -67.28
C GLY O 31 -17.51 30.12 -67.54
N VAL O 32 -18.58 29.38 -67.28
CA VAL O 32 -19.93 29.90 -67.46
C VAL O 32 -20.17 31.08 -66.54
N THR O 33 -20.83 32.11 -67.04
CA THR O 33 -21.11 33.29 -66.25
C THR O 33 -21.91 33.01 -64.98
N SER O 34 -21.75 33.86 -63.98
CA SER O 34 -22.47 33.78 -62.71
C SER O 34 -22.45 35.19 -62.13
N LEU O 35 -23.42 35.50 -61.28
CA LEU O 35 -23.47 36.85 -60.74
C LEU O 35 -24.13 36.95 -59.36
N GLY O 36 -24.07 38.15 -58.80
CA GLY O 36 -24.67 38.38 -57.49
C GLY O 36 -25.06 39.85 -57.34
N ILE O 37 -26.25 40.08 -56.81
CA ILE O 37 -26.69 41.45 -56.60
C ILE O 37 -27.03 41.58 -55.12
N LYS O 38 -26.71 42.73 -54.54
CA LYS O 38 -27.02 42.96 -53.14
C LYS O 38 -28.17 43.94 -53.01
N ALA O 39 -29.29 43.48 -52.46
CA ALA O 39 -30.45 44.34 -52.24
C ALA O 39 -30.25 44.95 -50.85
N THR O 40 -31.28 45.59 -50.32
CA THR O 40 -31.16 46.21 -49.00
C THR O 40 -31.68 45.27 -47.93
N ASN O 41 -32.37 44.22 -48.36
CA ASN O 41 -32.90 43.25 -47.41
C ASN O 41 -32.68 41.84 -47.92
N GLY O 42 -31.53 41.63 -48.56
CA GLY O 42 -31.21 40.32 -49.08
C GLY O 42 -30.18 40.38 -50.18
N VAL O 43 -29.64 39.22 -50.55
CA VAL O 43 -28.66 39.14 -51.62
C VAL O 43 -29.04 37.96 -52.50
N VAL O 44 -28.68 38.06 -53.78
CA VAL O 44 -29.01 37.01 -54.72
C VAL O 44 -27.82 36.66 -55.59
N ILE O 45 -27.59 35.37 -55.72
CA ILE O 45 -26.50 34.85 -56.54
C ILE O 45 -27.18 33.85 -57.45
N ALA O 46 -26.74 33.78 -58.69
CA ALA O 46 -27.30 32.86 -59.65
C ALA O 46 -26.32 32.61 -60.77
N THR O 47 -26.49 31.47 -61.42
CA THR O 47 -25.61 31.09 -62.50
C THR O 47 -26.39 30.22 -63.49
N GLU O 48 -25.70 29.73 -64.52
CA GLU O 48 -26.33 28.91 -65.55
C GLU O 48 -25.91 27.45 -65.45
N LYS O 49 -26.89 26.54 -65.37
CA LYS O 49 -26.59 25.11 -65.30
C LYS O 49 -26.33 24.55 -66.69
N LYS O 50 -25.10 24.70 -67.15
CA LYS O 50 -24.68 24.23 -68.47
C LYS O 50 -24.53 22.70 -68.47
N SER O 51 -25.58 22.00 -68.91
CA SER O 51 -25.56 20.53 -68.94
C SER O 51 -24.58 19.98 -69.98
N SER O 52 -23.94 18.86 -69.67
CA SER O 52 -22.97 18.22 -70.56
C SER O 52 -23.60 17.20 -71.52
N SER O 53 -24.86 16.84 -71.27
CA SER O 53 -25.61 15.89 -72.09
C SER O 53 -27.04 15.89 -71.57
N PRO O 54 -28.04 15.85 -72.47
CA PRO O 54 -29.44 15.83 -72.05
C PRO O 54 -29.82 14.58 -71.25
N LEU O 55 -28.86 13.66 -71.12
CA LEU O 55 -29.04 12.43 -70.37
C LEU O 55 -28.64 12.66 -68.91
N ALA O 56 -27.83 13.70 -68.70
CA ALA O 56 -27.37 14.05 -67.37
C ALA O 56 -28.48 14.78 -66.64
N MET O 57 -28.60 14.50 -65.34
CA MET O 57 -29.61 15.14 -64.51
C MET O 57 -28.96 16.35 -63.85
N SER O 58 -29.31 17.54 -64.34
CA SER O 58 -28.71 18.77 -63.82
C SER O 58 -29.08 19.15 -62.39
N GLU O 59 -29.96 18.39 -61.75
CA GLU O 59 -30.31 18.68 -60.36
C GLU O 59 -29.19 18.13 -59.52
N THR O 60 -28.74 16.92 -59.87
CA THR O 60 -27.67 16.23 -59.16
C THR O 60 -26.34 16.96 -59.32
N LEU O 61 -26.39 18.27 -59.51
CA LEU O 61 -25.19 19.05 -59.68
C LEU O 61 -25.52 20.50 -59.38
N SER O 62 -25.17 20.95 -58.18
CA SER O 62 -25.43 22.33 -57.78
C SER O 62 -24.19 23.17 -57.95
N LYS O 63 -24.35 24.33 -58.57
CA LYS O 63 -23.23 25.24 -58.75
C LYS O 63 -23.30 26.26 -57.62
N VAL O 64 -24.44 26.30 -56.95
CA VAL O 64 -24.64 27.20 -55.81
C VAL O 64 -24.72 26.33 -54.57
N SER O 65 -23.77 26.53 -53.66
CA SER O 65 -23.71 25.75 -52.45
C SER O 65 -23.85 26.59 -51.18
N LEU O 66 -24.37 25.95 -50.13
CA LEU O 66 -24.54 26.58 -48.83
C LEU O 66 -23.29 26.28 -48.01
N LEU O 67 -22.63 27.31 -47.53
CA LEU O 67 -21.45 27.12 -46.70
C LEU O 67 -21.87 27.02 -45.22
N THR O 68 -22.77 27.93 -44.82
CA THR O 68 -23.32 27.94 -43.46
C THR O 68 -24.79 28.30 -43.69
N PRO O 69 -25.64 28.17 -42.66
CA PRO O 69 -27.05 28.53 -42.88
C PRO O 69 -27.34 29.98 -43.30
N ASP O 70 -26.31 30.84 -43.28
CA ASP O 70 -26.48 32.24 -43.69
C ASP O 70 -25.45 32.63 -44.74
N ILE O 71 -24.76 31.66 -45.32
CA ILE O 71 -23.77 31.96 -46.34
C ILE O 71 -23.81 30.95 -47.47
N GLY O 72 -23.91 31.44 -48.69
CA GLY O 72 -23.94 30.58 -49.84
C GLY O 72 -22.88 31.06 -50.80
N ALA O 73 -22.46 30.20 -51.72
CA ALA O 73 -21.45 30.59 -52.68
C ALA O 73 -21.77 30.00 -54.05
N VAL O 74 -21.26 30.68 -55.07
CA VAL O 74 -21.44 30.27 -56.46
C VAL O 74 -20.09 30.55 -57.11
N TYR O 75 -19.81 29.89 -58.22
CA TYR O 75 -18.52 30.10 -58.86
C TYR O 75 -18.51 30.22 -60.37
N SER O 76 -17.30 30.26 -60.91
CA SER O 76 -17.01 30.33 -62.34
C SER O 76 -15.58 29.84 -62.51
N GLY O 77 -15.39 28.86 -63.37
CA GLY O 77 -14.06 28.32 -63.59
C GLY O 77 -14.15 26.82 -63.64
N MET O 78 -13.42 26.14 -62.78
CA MET O 78 -13.41 24.68 -62.80
C MET O 78 -14.28 24.03 -61.74
N GLY O 79 -15.30 23.31 -62.19
CA GLY O 79 -16.21 22.64 -61.29
C GLY O 79 -15.59 21.87 -60.14
N PRO O 80 -14.66 20.93 -60.41
CA PRO O 80 -14.02 20.15 -59.34
C PRO O 80 -13.35 21.00 -58.26
N ASP O 81 -12.53 21.96 -58.67
CA ASP O 81 -11.84 22.82 -57.73
C ASP O 81 -12.86 23.53 -56.81
N TYR O 82 -13.98 23.96 -57.39
CA TYR O 82 -15.03 24.60 -56.61
C TYR O 82 -15.55 23.63 -55.58
N ARG O 83 -15.90 22.43 -56.04
CA ARG O 83 -16.44 21.41 -55.16
C ARG O 83 -15.59 21.21 -53.91
N VAL O 84 -14.32 20.90 -54.08
CA VAL O 84 -13.47 20.68 -52.93
C VAL O 84 -13.33 21.96 -52.10
N LEU O 85 -13.32 23.12 -52.76
CA LEU O 85 -13.21 24.36 -52.01
C LEU O 85 -14.41 24.53 -51.08
N VAL O 86 -15.58 24.16 -51.59
CA VAL O 86 -16.80 24.26 -50.81
C VAL O 86 -16.69 23.38 -49.58
N ASP O 87 -16.14 22.18 -49.76
CA ASP O 87 -16.00 21.24 -48.65
C ASP O 87 -15.04 21.85 -47.62
N LYS O 88 -13.83 22.19 -48.05
CA LYS O 88 -12.85 22.79 -47.16
C LYS O 88 -13.41 24.00 -46.43
N SER O 89 -14.26 24.77 -47.12
CA SER O 89 -14.86 25.96 -46.53
C SER O 89 -15.88 25.63 -45.46
N ARG O 90 -16.75 24.67 -45.75
CA ARG O 90 -17.76 24.28 -44.80
C ARG O 90 -17.10 23.77 -43.53
N LYS O 91 -15.93 23.16 -43.68
CA LYS O 91 -15.25 22.64 -42.52
C LYS O 91 -14.55 23.75 -41.75
N VAL O 92 -13.69 24.50 -42.43
CA VAL O 92 -12.97 25.58 -41.78
C VAL O 92 -13.93 26.42 -40.95
N ALA O 93 -15.18 26.48 -41.40
CA ALA O 93 -16.24 27.25 -40.72
C ALA O 93 -16.55 26.69 -39.34
N HIS O 94 -16.43 25.38 -39.19
CA HIS O 94 -16.67 24.72 -37.91
C HIS O 94 -15.40 24.72 -37.04
N THR O 95 -14.36 24.08 -37.56
CA THR O 95 -13.08 23.97 -36.87
C THR O 95 -12.45 25.28 -36.44
N SER O 96 -12.55 26.30 -37.27
CA SER O 96 -11.92 27.58 -36.92
C SER O 96 -12.83 28.63 -36.34
N TYR O 97 -14.10 28.31 -36.16
CA TYR O 97 -15.01 29.30 -35.62
C TYR O 97 -16.17 28.78 -34.79
N LYS O 98 -17.03 27.96 -35.37
CA LYS O 98 -18.17 27.47 -34.62
C LYS O 98 -17.80 26.61 -33.42
N ARG O 99 -16.73 25.83 -33.54
CA ARG O 99 -16.31 24.97 -32.44
C ARG O 99 -15.61 25.75 -31.34
N ILE O 100 -15.37 27.03 -31.58
CA ILE O 100 -14.71 27.87 -30.60
C ILE O 100 -15.66 28.88 -29.98
N TYR O 101 -16.40 29.60 -30.84
CA TYR O 101 -17.32 30.62 -30.38
C TYR O 101 -18.77 30.20 -30.29
N GLY O 102 -19.07 28.99 -30.78
CA GLY O 102 -20.43 28.51 -30.69
C GLY O 102 -21.45 29.12 -31.64
N GLU O 103 -20.98 29.78 -32.69
CA GLU O 103 -21.86 30.39 -33.67
C GLU O 103 -21.10 30.42 -34.99
N TYR O 104 -21.84 30.45 -36.10
CA TYR O 104 -21.20 30.48 -37.41
C TYR O 104 -20.44 31.77 -37.61
N PRO O 105 -19.40 31.72 -38.45
CA PRO O 105 -18.58 32.89 -38.72
C PRO O 105 -19.23 33.95 -39.60
N PRO O 106 -18.85 35.21 -39.39
CA PRO O 106 -19.43 36.28 -40.20
C PRO O 106 -18.80 36.19 -41.60
N THR O 107 -19.59 36.49 -42.61
CA THR O 107 -19.15 36.44 -44.00
C THR O 107 -17.69 36.85 -44.31
N LYS O 108 -17.29 38.08 -43.98
CA LYS O 108 -15.92 38.51 -44.29
C LYS O 108 -14.88 37.54 -43.73
N LEU O 109 -15.13 36.97 -42.55
CA LEU O 109 -14.18 36.04 -41.96
C LEU O 109 -14.07 34.74 -42.75
N LEU O 110 -15.21 34.09 -42.97
CA LEU O 110 -15.24 32.85 -43.71
C LEU O 110 -14.61 33.05 -45.07
N VAL O 111 -14.84 34.23 -45.65
CA VAL O 111 -14.28 34.55 -46.95
C VAL O 111 -12.76 34.64 -46.80
N SER O 112 -12.35 35.31 -45.74
CA SER O 112 -10.94 35.47 -45.45
C SER O 112 -10.30 34.09 -45.32
N GLU O 113 -11.08 33.13 -44.82
CA GLU O 113 -10.61 31.76 -44.66
C GLU O 113 -10.45 31.08 -46.00
N VAL O 114 -11.47 31.19 -46.84
CA VAL O 114 -11.44 30.59 -48.16
C VAL O 114 -10.25 31.17 -48.93
N ALA O 115 -10.09 32.49 -48.81
CA ALA O 115 -9.00 33.19 -49.48
C ALA O 115 -7.65 32.64 -49.02
N LYS O 116 -7.54 32.33 -47.74
CA LYS O 116 -6.30 31.81 -47.20
C LYS O 116 -5.96 30.51 -47.90
N ILE O 117 -6.94 29.63 -48.01
CA ILE O 117 -6.75 28.35 -48.67
C ILE O 117 -6.25 28.53 -50.09
N MET O 118 -6.97 29.36 -50.85
CA MET O 118 -6.58 29.62 -52.22
C MET O 118 -5.19 30.22 -52.29
N GLN O 119 -4.87 31.11 -51.37
CA GLN O 119 -3.56 31.75 -51.36
C GLN O 119 -2.46 30.71 -51.25
N GLU O 120 -2.62 29.77 -50.32
CA GLU O 120 -1.63 28.72 -50.09
C GLU O 120 -1.32 27.90 -51.33
N ALA O 121 -2.34 27.62 -52.14
CA ALA O 121 -2.16 26.86 -53.36
C ALA O 121 -1.47 27.73 -54.41
N THR O 122 -0.94 28.85 -53.96
CA THR O 122 -0.26 29.80 -54.84
C THR O 122 1.21 29.91 -54.45
N GLN O 123 1.53 29.41 -53.28
CA GLN O 123 2.88 29.48 -52.79
C GLN O 123 3.37 28.14 -52.24
N SER O 124 2.46 27.33 -51.71
CA SER O 124 2.83 26.02 -51.18
C SER O 124 3.62 25.19 -52.18
N GLY O 125 4.25 24.13 -51.71
CA GLY O 125 5.03 23.29 -52.58
C GLY O 125 4.24 22.37 -53.48
N GLY O 126 4.67 22.28 -54.74
CA GLY O 126 4.06 21.41 -55.73
C GLY O 126 2.56 21.39 -55.98
N VAL O 127 1.95 22.54 -56.22
CA VAL O 127 0.51 22.58 -56.51
C VAL O 127 0.22 23.77 -57.42
N ARG O 128 -0.91 23.73 -58.09
CA ARG O 128 -1.31 24.81 -58.98
C ARG O 128 -2.45 25.54 -58.30
N PRO O 129 -2.61 26.83 -58.60
CA PRO O 129 -3.69 27.61 -57.99
C PRO O 129 -5.05 27.01 -58.36
N PHE O 130 -6.08 27.30 -57.58
CA PHE O 130 -7.43 26.81 -57.91
C PHE O 130 -7.88 27.55 -59.16
N GLY O 131 -8.50 26.86 -60.09
CA GLY O 131 -8.95 27.54 -61.30
C GLY O 131 -10.36 28.07 -61.17
N VAL O 132 -10.64 28.81 -60.10
CA VAL O 132 -11.97 29.35 -59.92
C VAL O 132 -12.03 30.71 -59.24
N SER O 133 -13.18 31.35 -59.38
CA SER O 133 -13.45 32.63 -58.75
C SER O 133 -14.80 32.38 -58.09
N LEU O 134 -14.95 32.85 -56.87
CA LEU O 134 -16.19 32.63 -56.17
C LEU O 134 -16.87 33.94 -55.83
N LEU O 135 -18.17 33.84 -55.64
CA LEU O 135 -18.98 34.97 -55.23
C LEU O 135 -19.65 34.39 -54.01
N ILE O 136 -19.32 34.91 -52.83
CA ILE O 136 -19.91 34.41 -51.61
C ILE O 136 -20.82 35.49 -51.07
N ALA O 137 -22.00 35.09 -50.65
CA ALA O 137 -22.98 36.03 -50.13
C ALA O 137 -23.57 35.53 -48.83
N GLY O 138 -23.53 36.37 -47.82
CA GLY O 138 -24.07 35.98 -46.54
C GLY O 138 -24.57 37.16 -45.75
N HIS O 139 -24.93 36.87 -44.50
CA HIS O 139 -25.43 37.89 -43.61
C HIS O 139 -25.09 37.53 -42.17
N ASP O 140 -24.51 38.49 -41.47
CA ASP O 140 -24.17 38.30 -40.08
C ASP O 140 -24.79 39.47 -39.31
N GLU O 141 -25.20 39.20 -38.08
CA GLU O 141 -25.87 40.20 -37.23
C GLU O 141 -25.24 41.59 -37.13
N PHE O 142 -23.92 41.69 -37.22
CA PHE O 142 -23.29 42.99 -37.07
C PHE O 142 -22.77 43.65 -38.35
N ASN O 143 -22.96 43.01 -39.48
CA ASN O 143 -22.50 43.58 -40.75
C ASN O 143 -23.63 43.62 -41.76
N GLY O 144 -24.68 42.88 -41.47
CA GLY O 144 -25.83 42.83 -42.36
C GLY O 144 -25.55 41.96 -43.56
N PHE O 145 -26.08 42.35 -44.72
CA PHE O 145 -25.88 41.58 -45.94
C PHE O 145 -24.63 42.03 -46.67
N SER O 146 -23.87 41.05 -47.16
CA SER O 146 -22.67 41.38 -47.91
C SER O 146 -22.47 40.38 -49.05
N LEU O 147 -21.60 40.76 -49.98
CA LEU O 147 -21.28 39.96 -51.16
C LEU O 147 -19.79 40.13 -51.49
N TYR O 148 -19.08 39.02 -51.56
CA TYR O 148 -17.65 39.08 -51.86
C TYR O 148 -17.28 38.22 -53.06
N GLN O 149 -16.15 38.54 -53.65
CA GLN O 149 -15.64 37.80 -54.79
C GLN O 149 -14.25 37.36 -54.39
N VAL O 150 -13.89 36.10 -54.66
CA VAL O 150 -12.56 35.60 -54.33
C VAL O 150 -11.87 35.07 -55.57
N ASP O 151 -10.64 35.50 -55.79
CA ASP O 151 -9.89 35.06 -56.97
C ASP O 151 -8.81 34.04 -56.68
N PRO O 152 -8.32 33.36 -57.74
CA PRO O 152 -7.28 32.34 -57.61
C PRO O 152 -6.02 32.87 -56.93
N SER O 153 -5.83 34.19 -57.00
CA SER O 153 -4.67 34.83 -56.40
C SER O 153 -4.83 34.80 -54.90
N GLY O 154 -6.08 34.62 -54.47
CA GLY O 154 -6.38 34.58 -53.06
C GLY O 154 -6.95 35.92 -52.62
N SER O 155 -7.00 36.86 -53.56
CA SER O 155 -7.51 38.19 -53.28
C SER O 155 -9.03 38.18 -53.27
N TYR O 156 -9.63 39.14 -52.58
CA TYR O 156 -11.07 39.23 -52.51
C TYR O 156 -11.53 40.66 -52.26
N PHE O 157 -12.69 40.99 -52.80
CA PHE O 157 -13.26 42.31 -52.64
C PHE O 157 -14.77 42.21 -52.47
N PRO O 158 -15.36 43.23 -51.82
CA PRO O 158 -16.80 43.31 -51.57
C PRO O 158 -17.46 44.01 -52.75
N TRP O 159 -18.69 43.64 -53.06
CA TRP O 159 -19.41 44.23 -54.18
C TRP O 159 -20.84 44.62 -53.83
N LYS O 160 -21.39 45.51 -54.64
CA LYS O 160 -22.77 45.91 -54.48
C LYS O 160 -23.48 44.92 -55.38
N ALA O 161 -22.83 44.61 -56.51
CA ALA O 161 -23.34 43.65 -57.47
C ALA O 161 -22.21 43.42 -58.46
N THR O 162 -22.18 42.24 -59.06
CA THR O 162 -21.14 41.93 -60.04
C THR O 162 -21.36 40.55 -60.61
N ALA O 163 -20.56 40.22 -61.62
CA ALA O 163 -20.63 38.92 -62.28
C ALA O 163 -19.25 38.52 -62.73
N ILE O 164 -19.04 37.23 -62.92
CA ILE O 164 -17.76 36.72 -63.34
C ILE O 164 -17.98 35.64 -64.38
N GLY O 165 -16.92 35.32 -65.11
CA GLY O 165 -17.02 34.28 -66.11
C GLY O 165 -17.01 34.77 -67.56
N LYS O 166 -17.58 33.94 -68.43
CA LYS O 166 -17.68 34.20 -69.87
C LYS O 166 -18.00 35.66 -70.23
N GLY O 167 -19.26 36.05 -70.02
CA GLY O 167 -19.65 37.41 -70.34
C GLY O 167 -19.77 38.31 -69.13
N SER O 168 -18.71 38.38 -68.34
CA SER O 168 -18.72 39.21 -67.15
C SER O 168 -18.75 40.69 -67.55
N VAL O 169 -17.86 41.07 -68.45
CA VAL O 169 -17.75 42.46 -68.92
C VAL O 169 -19.10 43.05 -69.31
N ALA O 170 -19.81 42.34 -70.17
CA ALA O 170 -21.13 42.76 -70.65
C ALA O 170 -22.15 42.88 -69.52
N ALA O 171 -22.17 41.87 -68.66
CA ALA O 171 -23.10 41.82 -67.53
C ALA O 171 -22.78 42.88 -66.48
N LYS O 172 -21.49 43.06 -66.18
CA LYS O 172 -21.09 44.05 -65.20
C LYS O 172 -21.69 45.38 -65.64
N THR O 173 -21.56 45.67 -66.93
CA THR O 173 -22.10 46.89 -67.49
C THR O 173 -23.60 46.94 -67.29
N PHE O 174 -24.30 45.87 -67.65
CA PHE O 174 -25.74 45.83 -67.50
C PHE O 174 -26.23 46.12 -66.08
N LEU O 175 -25.46 45.68 -65.08
CA LEU O 175 -25.84 45.90 -63.69
C LEU O 175 -25.63 47.36 -63.26
N GLU O 176 -24.52 47.97 -63.71
CA GLU O 176 -24.21 49.35 -63.37
C GLU O 176 -25.33 50.29 -63.77
N LYS O 177 -26.23 49.82 -64.62
CA LYS O 177 -27.36 50.64 -65.06
C LYS O 177 -28.58 50.44 -64.19
N ARG O 178 -28.87 49.18 -63.86
CA ARG O 178 -30.05 48.85 -63.06
C ARG O 178 -29.88 48.81 -61.54
N TRP O 179 -28.65 48.97 -61.03
CA TRP O 179 -28.47 48.93 -59.58
C TRP O 179 -28.52 50.27 -58.87
N ASN O 180 -29.16 50.29 -57.71
CA ASN O 180 -29.27 51.49 -56.88
C ASN O 180 -29.30 51.03 -55.41
N ASP O 181 -28.94 51.92 -54.50
CA ASP O 181 -28.92 51.54 -53.08
C ASP O 181 -30.29 51.47 -52.41
N GLU O 182 -31.34 51.24 -53.19
CA GLU O 182 -32.69 51.15 -52.64
C GLU O 182 -33.41 49.90 -53.11
N LEU O 183 -32.69 49.08 -53.87
CA LEU O 183 -33.23 47.83 -54.39
C LEU O 183 -33.77 46.91 -53.30
N GLU O 184 -34.96 46.38 -53.53
CA GLU O 184 -35.56 45.46 -52.59
C GLU O 184 -35.21 44.07 -53.15
N LEU O 185 -35.05 43.08 -52.28
CA LEU O 185 -34.68 41.73 -52.70
C LEU O 185 -35.34 41.28 -53.99
N GLU O 186 -36.67 41.31 -54.05
CA GLU O 186 -37.42 40.91 -55.24
C GLU O 186 -36.95 41.59 -56.51
N ASP O 187 -36.57 42.86 -56.38
CA ASP O 187 -36.11 43.65 -57.51
C ASP O 187 -34.83 43.07 -58.06
N ALA O 188 -33.91 42.74 -57.16
CA ALA O 188 -32.62 42.17 -57.55
C ALA O 188 -32.80 40.83 -58.23
N ILE O 189 -33.72 40.01 -57.74
CA ILE O 189 -33.96 38.71 -58.35
C ILE O 189 -34.37 38.97 -59.79
N HIS O 190 -35.23 39.98 -59.96
CA HIS O 190 -35.70 40.38 -61.28
C HIS O 190 -34.50 40.77 -62.14
N ILE O 191 -33.75 41.77 -61.68
CA ILE O 191 -32.57 42.24 -62.39
C ILE O 191 -31.63 41.10 -62.67
N ALA O 192 -31.49 40.21 -61.68
CA ALA O 192 -30.63 39.05 -61.80
C ALA O 192 -31.05 38.21 -62.99
N LEU O 193 -32.32 37.81 -62.98
CA LEU O 193 -32.86 37.00 -64.06
C LEU O 193 -32.62 37.63 -65.42
N LEU O 194 -32.71 38.96 -65.48
CA LEU O 194 -32.49 39.69 -66.73
C LEU O 194 -31.05 39.61 -67.19
N THR O 195 -30.13 40.00 -66.29
CA THR O 195 -28.71 39.98 -66.61
C THR O 195 -28.31 38.59 -67.03
N LEU O 196 -28.96 37.60 -66.43
CA LEU O 196 -28.65 36.23 -66.72
C LEU O 196 -29.12 35.81 -68.10
N LYS O 197 -30.22 36.39 -68.57
CA LYS O 197 -30.76 36.04 -69.88
C LYS O 197 -29.81 36.40 -71.03
N GLU O 198 -29.12 37.53 -70.90
CA GLU O 198 -28.19 37.98 -71.93
C GLU O 198 -27.02 37.03 -72.14
N SER O 199 -26.77 36.15 -71.17
CA SER O 199 -25.67 35.19 -71.26
C SER O 199 -26.19 33.91 -71.87
N VAL O 200 -27.26 33.39 -71.29
CA VAL O 200 -27.87 32.15 -71.75
C VAL O 200 -28.22 32.17 -73.24
N GLU O 201 -27.75 31.16 -73.96
CA GLU O 201 -27.98 31.03 -75.39
C GLU O 201 -29.26 30.22 -75.62
N GLY O 202 -29.33 29.04 -75.03
CA GLY O 202 -30.48 28.17 -75.19
C GLY O 202 -31.65 28.41 -74.26
N GLU O 203 -32.21 27.31 -73.76
CA GLU O 203 -33.35 27.36 -72.87
C GLU O 203 -33.09 28.20 -71.62
N PHE O 204 -33.98 29.14 -71.36
CA PHE O 204 -33.84 30.02 -70.20
C PHE O 204 -35.07 29.83 -69.31
N ASN O 205 -35.01 28.84 -68.42
CA ASN O 205 -36.11 28.56 -67.50
C ASN O 205 -35.60 28.07 -66.14
N GLY O 206 -36.51 27.62 -65.30
CA GLY O 206 -36.13 27.15 -63.97
C GLY O 206 -35.45 25.80 -63.90
N ASP O 207 -34.91 25.34 -65.03
CA ASP O 207 -34.22 24.04 -65.06
C ASP O 207 -32.80 24.20 -65.62
N THR O 208 -32.58 25.30 -66.32
CA THR O 208 -31.29 25.59 -66.91
C THR O 208 -30.63 26.70 -66.11
N ILE O 209 -31.36 27.17 -65.11
CA ILE O 209 -30.87 28.23 -64.23
C ILE O 209 -30.88 27.75 -62.79
N GLU O 210 -29.90 28.22 -62.04
CA GLU O 210 -29.78 27.89 -60.63
C GLU O 210 -29.70 29.23 -59.92
N LEU O 211 -30.55 29.44 -58.93
CA LEU O 211 -30.54 30.70 -58.23
C LEU O 211 -30.94 30.54 -56.77
N ALA O 212 -30.22 31.24 -55.89
CA ALA O 212 -30.46 31.21 -54.45
C ALA O 212 -30.31 32.60 -53.86
N ILE O 213 -30.91 32.81 -52.69
CA ILE O 213 -30.85 34.11 -52.04
C ILE O 213 -30.47 34.02 -50.57
N ILE O 214 -30.06 35.17 -50.03
CA ILE O 214 -29.70 35.28 -48.63
C ILE O 214 -30.64 36.35 -48.10
N GLY O 215 -31.82 35.94 -47.64
CA GLY O 215 -32.78 36.90 -47.15
C GLY O 215 -33.22 36.72 -45.71
N ASP O 216 -34.53 36.56 -45.52
CA ASP O 216 -35.09 36.39 -44.19
C ASP O 216 -34.91 34.98 -43.69
N GLU O 217 -35.13 34.82 -42.40
CA GLU O 217 -35.02 33.54 -41.72
C GLU O 217 -36.21 32.65 -42.06
N ASN O 218 -35.92 31.43 -42.51
CA ASN O 218 -36.95 30.47 -42.89
C ASN O 218 -37.14 29.41 -41.81
N PRO O 219 -37.94 29.70 -40.78
CA PRO O 219 -38.20 28.77 -39.67
C PRO O 219 -38.84 27.45 -40.13
N ASP O 220 -39.31 27.42 -41.36
CA ASP O 220 -39.94 26.24 -41.93
C ASP O 220 -38.84 25.31 -42.47
N LEU O 221 -37.61 25.81 -42.47
CA LEU O 221 -36.45 25.07 -42.96
C LEU O 221 -35.47 24.79 -41.84
N LEU O 222 -35.94 24.91 -40.59
CA LEU O 222 -35.09 24.69 -39.43
C LEU O 222 -35.06 23.23 -39.00
N GLY O 223 -36.20 22.56 -39.12
CA GLY O 223 -36.30 21.16 -38.76
C GLY O 223 -36.81 20.89 -37.36
N TYR O 224 -36.86 21.91 -36.53
CA TYR O 224 -37.33 21.75 -35.15
C TYR O 224 -37.81 23.09 -34.58
N THR O 225 -38.53 23.01 -33.46
CA THR O 225 -39.04 24.20 -32.79
C THR O 225 -38.83 24.01 -31.31
N GLY O 226 -38.52 25.10 -30.60
CA GLY O 226 -38.32 25.00 -29.17
C GLY O 226 -37.33 26.01 -28.64
N ILE O 227 -36.42 26.45 -29.50
CA ILE O 227 -35.44 27.42 -29.09
C ILE O 227 -35.78 28.72 -29.78
N PRO O 228 -36.21 29.73 -29.00
CA PRO O 228 -36.60 31.05 -29.52
C PRO O 228 -35.51 31.77 -30.33
N THR O 229 -34.26 31.60 -29.93
CA THR O 229 -33.14 32.25 -30.61
C THR O 229 -32.78 31.66 -31.98
N ASP O 230 -33.15 30.41 -32.22
CA ASP O 230 -32.89 29.72 -33.50
C ASP O 230 -34.12 29.90 -34.39
N LYS O 231 -34.06 30.83 -35.32
CA LYS O 231 -35.20 31.12 -36.20
C LYS O 231 -35.14 30.54 -37.63
N GLY O 232 -34.04 29.87 -37.98
CA GLY O 232 -33.96 29.31 -39.31
C GLY O 232 -32.84 29.89 -40.14
N PRO O 233 -32.51 29.26 -41.28
CA PRO O 233 -31.45 29.70 -42.20
C PRO O 233 -31.88 30.85 -43.11
N ARG O 234 -30.97 31.78 -43.37
CA ARG O 234 -31.28 32.90 -44.25
C ARG O 234 -30.95 32.55 -45.71
N PHE O 235 -30.37 31.38 -45.90
CA PHE O 235 -30.00 30.94 -47.23
C PHE O 235 -31.05 30.00 -47.80
N ARG O 236 -31.68 30.41 -48.88
CA ARG O 236 -32.65 29.54 -49.51
C ARG O 236 -32.32 29.43 -50.98
N LYS O 237 -32.51 28.23 -51.51
CA LYS O 237 -32.26 27.96 -52.91
C LYS O 237 -33.65 28.01 -53.55
N LEU O 238 -33.81 28.81 -54.60
CA LEU O 238 -35.10 28.90 -55.26
C LEU O 238 -35.42 27.63 -56.02
N THR O 239 -36.66 27.17 -55.90
CA THR O 239 -37.09 25.95 -56.56
C THR O 239 -37.28 26.13 -58.06
N SER O 240 -37.20 25.01 -58.78
CA SER O 240 -37.38 25.02 -60.21
C SER O 240 -38.60 25.85 -60.55
N GLN O 241 -39.69 25.57 -59.84
CA GLN O 241 -40.95 26.28 -60.03
C GLN O 241 -40.82 27.79 -59.74
N GLU O 242 -40.51 28.12 -58.50
CA GLU O 242 -40.37 29.51 -58.07
C GLU O 242 -39.67 30.40 -59.10
N ILE O 243 -38.79 29.78 -59.89
CA ILE O 243 -38.06 30.51 -60.92
C ILE O 243 -39.01 30.95 -62.04
N ASN O 244 -39.69 29.98 -62.65
CA ASN O 244 -40.63 30.26 -63.74
C ASN O 244 -41.66 31.31 -63.38
N ASP O 245 -42.22 31.24 -62.18
CA ASP O 245 -43.21 32.21 -61.75
C ASP O 245 -42.71 33.62 -62.00
N ARG O 246 -41.43 33.86 -61.68
CA ARG O 246 -40.84 35.17 -61.88
C ARG O 246 -40.39 35.40 -63.31
N LEU O 247 -40.35 34.32 -64.10
CA LEU O 247 -39.94 34.41 -65.50
C LEU O 247 -41.07 34.90 -66.41
N GLU O 248 -42.31 34.63 -65.99
CA GLU O 248 -43.48 35.03 -66.76
C GLU O 248 -43.71 36.53 -66.72
N ALA O 249 -43.49 37.13 -65.56
CA ALA O 249 -43.66 38.57 -65.39
C ALA O 249 -42.32 39.25 -65.69
N LEU O 250 -41.50 38.59 -66.52
CA LEU O 250 -40.18 39.09 -66.90
C LEU O 250 -40.25 40.16 -67.99
N GLY P 1 13.49 12.48 -61.99
CA GLY P 1 12.83 13.02 -60.76
C GLY P 1 12.06 14.30 -61.03
N SER P 2 12.03 15.20 -60.04
CA SER P 2 11.31 16.47 -60.16
C SER P 2 12.21 17.63 -60.56
N ARG P 3 13.50 17.50 -60.25
CA ARG P 3 14.52 18.51 -60.57
C ARG P 3 14.24 19.29 -61.85
N ARG P 4 13.64 18.59 -62.79
CA ARG P 4 13.28 19.11 -64.10
C ARG P 4 12.41 20.37 -64.06
N TYR P 5 11.47 20.42 -63.13
CA TYR P 5 10.54 21.54 -63.02
C TYR P 5 10.86 22.59 -61.94
N ASP P 6 11.90 22.35 -61.16
CA ASP P 6 12.32 23.24 -60.07
C ASP P 6 12.91 24.54 -60.59
N SER P 7 12.21 25.64 -60.33
CA SER P 7 12.61 26.98 -60.76
C SER P 7 13.81 27.49 -59.97
N ARG P 8 14.05 26.89 -58.80
CA ARG P 8 15.17 27.28 -57.94
C ARG P 8 15.03 28.74 -57.54
N THR P 9 13.96 29.03 -56.79
CA THR P 9 13.64 30.38 -56.33
C THR P 9 14.67 31.06 -55.45
N THR P 10 15.55 30.28 -54.82
CA THR P 10 16.54 30.87 -53.92
C THR P 10 18.00 30.86 -54.37
N ILE P 11 18.26 31.20 -55.62
CA ILE P 11 19.65 31.24 -56.06
C ILE P 11 20.15 32.61 -56.48
N PHE P 12 21.48 32.74 -56.50
CA PHE P 12 22.14 33.98 -56.88
C PHE P 12 22.35 34.07 -58.38
N SER P 13 22.17 35.27 -58.93
CA SER P 13 22.39 35.48 -60.35
C SER P 13 23.90 35.66 -60.48
N PRO P 14 24.43 35.58 -61.71
CA PRO P 14 25.87 35.75 -61.88
C PRO P 14 26.36 37.08 -61.28
N GLU P 15 25.43 38.01 -61.10
CA GLU P 15 25.75 39.33 -60.55
C GLU P 15 25.42 39.48 -59.06
N GLY P 16 25.24 38.36 -58.36
CA GLY P 16 24.95 38.42 -56.94
C GLY P 16 23.60 39.01 -56.56
N ARG P 17 22.61 38.86 -57.43
CA ARG P 17 21.28 39.36 -57.16
C ARG P 17 20.35 38.16 -56.99
N LEU P 18 19.23 38.36 -56.31
CA LEU P 18 18.27 37.29 -56.11
C LEU P 18 17.11 37.43 -57.08
N TYR P 19 17.14 36.62 -58.13
CA TYR P 19 16.12 36.65 -59.16
C TYR P 19 14.72 36.94 -58.65
N GLN P 20 14.11 35.97 -57.95
CA GLN P 20 12.76 36.13 -57.46
C GLN P 20 12.48 37.45 -56.76
N VAL P 21 13.39 37.85 -55.86
CA VAL P 21 13.21 39.11 -55.15
C VAL P 21 13.09 40.26 -56.14
N GLU P 22 14.03 40.34 -57.08
CA GLU P 22 14.02 41.39 -58.08
C GLU P 22 12.70 41.41 -58.82
N TYR P 23 12.24 40.23 -59.20
CA TYR P 23 10.97 40.11 -59.92
C TYR P 23 9.79 40.48 -59.03
N ALA P 24 9.82 40.05 -57.78
CA ALA P 24 8.74 40.37 -56.85
C ALA P 24 8.66 41.88 -56.68
N LEU P 25 9.83 42.53 -56.60
CA LEU P 25 9.87 43.98 -56.47
C LEU P 25 9.21 44.58 -57.70
N GLU P 26 9.53 44.02 -58.86
CA GLU P 26 8.96 44.48 -60.12
C GLU P 26 7.45 44.36 -60.01
N SER P 27 6.99 43.27 -59.45
CA SER P 27 5.58 43.02 -59.28
C SER P 27 4.95 44.15 -58.46
N ILE P 28 5.61 44.46 -57.35
CA ILE P 28 5.14 45.50 -56.43
C ILE P 28 4.98 46.88 -57.07
N SER P 29 5.90 47.21 -57.98
CA SER P 29 5.87 48.50 -58.66
C SER P 29 4.62 48.78 -59.50
N HIS P 30 3.70 47.81 -59.56
CA HIS P 30 2.47 47.98 -60.32
C HIS P 30 1.30 48.09 -59.35
N ALA P 31 1.60 47.98 -58.06
CA ALA P 31 0.59 48.04 -57.01
C ALA P 31 0.22 49.48 -56.65
N GLY P 32 -0.99 49.67 -56.12
CA GLY P 32 -1.42 50.99 -55.72
C GLY P 32 -0.36 51.63 -54.84
N THR P 33 -0.17 52.93 -54.94
CA THR P 33 0.84 53.60 -54.13
C THR P 33 0.38 53.88 -52.71
N ALA P 34 1.28 53.66 -51.76
CA ALA P 34 1.02 53.90 -50.36
C ALA P 34 2.11 54.83 -49.86
N ILE P 35 1.70 55.78 -49.04
CA ILE P 35 2.64 56.75 -48.50
C ILE P 35 2.57 56.84 -46.99
N GLY P 36 3.73 57.09 -46.39
CA GLY P 36 3.83 57.22 -44.96
C GLY P 36 4.65 58.44 -44.67
N ILE P 37 4.08 59.36 -43.89
CA ILE P 37 4.79 60.58 -43.51
C ILE P 37 4.66 60.74 -42.01
N MET P 38 5.80 60.99 -41.37
CA MET P 38 5.85 61.13 -39.94
C MET P 38 6.10 62.57 -39.49
N ALA P 39 5.22 63.08 -38.63
CA ALA P 39 5.34 64.43 -38.10
C ALA P 39 5.73 64.36 -36.62
N SER P 40 5.97 65.53 -36.02
CA SER P 40 6.36 65.59 -34.62
C SER P 40 5.25 65.08 -33.69
N ASP P 41 3.99 65.20 -34.12
CA ASP P 41 2.87 64.77 -33.30
C ASP P 41 2.02 63.61 -33.88
N GLY P 42 2.59 62.83 -34.78
CA GLY P 42 1.82 61.71 -35.34
C GLY P 42 2.34 61.18 -36.66
N ILE P 43 1.74 60.08 -37.12
CA ILE P 43 2.13 59.47 -38.38
C ILE P 43 0.90 59.44 -39.29
N VAL P 44 1.14 59.56 -40.60
CA VAL P 44 0.04 59.51 -41.57
C VAL P 44 0.27 58.43 -42.60
N LEU P 45 -0.74 57.59 -42.79
CA LEU P 45 -0.68 56.52 -43.78
C LEU P 45 -1.82 56.75 -44.77
N ALA P 46 -1.47 56.78 -46.05
CA ALA P 46 -2.43 56.99 -47.11
C ALA P 46 -2.07 56.10 -48.30
N ALA P 47 -3.06 55.41 -48.86
CA ALA P 47 -2.81 54.53 -49.99
C ALA P 47 -3.87 54.68 -51.07
N GLU P 48 -3.46 54.42 -52.31
CA GLU P 48 -4.36 54.52 -53.44
C GLU P 48 -4.83 53.12 -53.83
N ARG P 49 -6.15 52.93 -53.90
CA ARG P 49 -6.70 51.65 -54.29
C ARG P 49 -6.52 51.55 -55.81
N LYS P 50 -5.86 50.49 -56.25
CA LYS P 50 -5.61 50.28 -57.68
C LYS P 50 -6.89 49.74 -58.32
N VAL P 51 -7.32 50.37 -59.41
CA VAL P 51 -8.52 49.98 -60.15
C VAL P 51 -9.77 49.79 -59.27
N THR P 52 -10.89 50.36 -59.71
CA THR P 52 -12.15 50.23 -58.97
C THR P 52 -13.34 50.14 -59.93
N SER P 53 -14.53 49.99 -59.34
CA SER P 53 -15.77 49.89 -60.10
C SER P 53 -16.86 50.67 -59.38
N THR P 54 -17.97 50.89 -60.06
CA THR P 54 -19.06 51.63 -59.45
C THR P 54 -19.76 50.77 -58.39
N LEU P 55 -19.84 49.47 -58.66
CA LEU P 55 -20.49 48.54 -57.73
C LEU P 55 -19.61 48.05 -56.58
N LEU P 56 -18.31 48.32 -56.67
CA LEU P 56 -17.42 47.90 -55.61
C LEU P 56 -17.87 48.59 -54.33
N GLU P 57 -17.98 47.81 -53.25
CA GLU P 57 -18.39 48.32 -51.94
C GLU P 57 -17.19 48.98 -51.27
N GLN P 58 -17.30 50.27 -50.93
CA GLN P 58 -16.17 50.95 -50.31
C GLN P 58 -16.26 51.10 -48.79
N ASP P 59 -17.44 50.82 -48.22
CA ASP P 59 -17.63 50.91 -46.78
C ASP P 59 -17.06 49.68 -46.09
N THR P 60 -17.47 48.52 -46.60
CA THR P 60 -17.03 47.22 -46.06
C THR P 60 -15.63 46.88 -46.56
N SER P 61 -14.82 47.89 -46.83
CA SER P 61 -13.46 47.65 -47.33
C SER P 61 -12.33 48.12 -46.40
N THR P 62 -11.14 47.63 -46.72
CA THR P 62 -9.89 47.90 -46.00
C THR P 62 -8.87 46.97 -46.66
N GLU P 63 -8.52 47.26 -47.92
CA GLU P 63 -7.58 46.43 -48.66
C GLU P 63 -6.09 46.79 -48.53
N LYS P 64 -5.79 47.98 -48.03
CA LYS P 64 -4.39 48.39 -47.94
C LYS P 64 -3.90 48.88 -46.58
N LEU P 65 -4.83 49.24 -45.71
CA LEU P 65 -4.47 49.71 -44.37
C LEU P 65 -4.93 48.72 -43.33
N TYR P 66 -3.97 48.08 -42.65
CA TYR P 66 -4.30 47.10 -41.63
C TYR P 66 -3.74 47.48 -40.27
N LYS P 67 -4.53 47.16 -39.25
CA LYS P 67 -4.16 47.43 -37.89
C LYS P 67 -3.49 46.17 -37.32
N LEU P 68 -2.21 46.29 -36.95
CA LEU P 68 -1.47 45.14 -36.39
C LEU P 68 -1.61 45.06 -34.87
N ASN P 69 -1.55 46.23 -34.25
CA ASN P 69 -1.57 46.36 -32.82
C ASN P 69 -2.46 47.53 -32.50
N ASP P 70 -2.42 48.00 -31.26
CA ASP P 70 -3.23 49.16 -30.88
C ASP P 70 -2.42 50.40 -31.17
N LYS P 71 -1.12 50.20 -31.33
CA LYS P 71 -0.22 51.29 -31.59
C LYS P 71 0.52 51.12 -32.91
N ILE P 72 0.28 50.01 -33.60
CA ILE P 72 0.97 49.81 -34.86
C ILE P 72 0.02 49.44 -35.98
N ALA P 73 0.26 50.04 -37.14
CA ALA P 73 -0.55 49.81 -38.33
C ALA P 73 0.37 49.74 -39.52
N VAL P 74 -0.11 49.15 -40.61
CA VAL P 74 0.69 49.03 -41.83
C VAL P 74 -0.09 49.33 -43.09
N ALA P 75 0.64 49.76 -44.12
CA ALA P 75 0.04 50.03 -45.42
C ALA P 75 0.69 48.98 -46.33
N VAL P 76 -0.11 48.32 -47.15
CA VAL P 76 0.37 47.27 -48.04
C VAL P 76 0.50 47.67 -49.49
N ALA P 77 1.47 47.06 -50.17
CA ALA P 77 1.69 47.28 -51.59
C ALA P 77 2.07 45.93 -52.20
N GLY P 78 1.14 45.33 -52.95
CA GLY P 78 1.41 44.04 -53.57
C GLY P 78 0.27 43.04 -53.46
N LEU P 79 0.59 41.75 -53.46
CA LEU P 79 -0.41 40.69 -53.35
C LEU P 79 -1.11 40.79 -51.99
N THR P 80 -2.38 41.16 -52.00
CA THR P 80 -3.12 41.29 -50.75
C THR P 80 -3.16 39.98 -49.98
N ALA P 81 -3.36 38.88 -50.71
CA ALA P 81 -3.43 37.56 -50.10
C ALA P 81 -2.16 37.26 -49.30
N ASP P 82 -0.99 37.49 -49.90
CA ASP P 82 0.28 37.25 -49.23
C ASP P 82 0.33 38.18 -48.02
N ALA P 83 0.05 39.45 -48.28
CA ALA P 83 0.05 40.46 -47.24
C ALA P 83 -0.71 39.99 -46.02
N GLU P 84 -1.92 39.47 -46.22
CA GLU P 84 -2.73 39.00 -45.10
C GLU P 84 -2.05 37.91 -44.29
N ILE P 85 -1.35 37.00 -44.96
CA ILE P 85 -0.65 35.91 -44.26
C ILE P 85 0.38 36.48 -43.30
N LEU P 86 1.19 37.41 -43.79
CA LEU P 86 2.22 38.03 -42.98
C LEU P 86 1.62 38.89 -41.86
N ILE P 87 0.57 39.63 -42.20
CA ILE P 87 -0.11 40.47 -41.24
C ILE P 87 -0.59 39.64 -40.05
N ASN P 88 -1.24 38.53 -40.34
CA ASN P 88 -1.73 37.70 -39.25
C ASN P 88 -0.62 37.17 -38.36
N THR P 89 0.50 36.76 -38.94
CA THR P 89 1.58 36.25 -38.11
C THR P 89 2.12 37.40 -37.28
N ALA P 90 2.08 38.59 -37.86
CA ALA P 90 2.56 39.79 -37.19
C ALA P 90 1.71 40.11 -35.98
N ARG P 91 0.39 40.02 -36.14
CA ARG P 91 -0.52 40.27 -35.04
C ARG P 91 -0.30 39.28 -33.91
N ILE P 92 0.21 38.09 -34.25
CA ILE P 92 0.49 37.06 -33.24
C ILE P 92 1.73 37.43 -32.47
N HIS P 93 2.80 37.78 -33.18
CA HIS P 93 4.05 38.13 -32.52
C HIS P 93 3.79 39.22 -31.48
N ALA P 94 2.96 40.18 -31.85
CA ALA P 94 2.62 41.31 -30.98
C ALA P 94 1.97 40.83 -29.69
N GLN P 95 1.04 39.89 -29.83
CA GLN P 95 0.36 39.36 -28.69
C GLN P 95 1.24 38.48 -27.82
N ASN P 96 2.17 37.75 -28.44
CA ASN P 96 3.08 36.90 -27.66
C ASN P 96 3.98 37.80 -26.84
N TYR P 97 4.50 38.85 -27.47
CA TYR P 97 5.36 39.77 -26.76
C TYR P 97 4.63 40.30 -25.53
N LEU P 98 3.39 40.73 -25.73
CA LEU P 98 2.57 41.25 -24.64
C LEU P 98 2.40 40.22 -23.55
N LYS P 99 1.97 39.02 -23.94
CA LYS P 99 1.77 37.93 -22.97
C LYS P 99 3.07 37.57 -22.22
N THR P 100 4.21 37.72 -22.87
CA THR P 100 5.47 37.40 -22.23
C THR P 100 6.01 38.48 -21.31
N TYR P 101 5.88 39.74 -21.71
CA TYR P 101 6.44 40.82 -20.90
C TYR P 101 5.47 41.83 -20.32
N ASN P 102 4.18 41.70 -20.61
CA ASN P 102 3.18 42.64 -20.12
C ASN P 102 3.51 44.07 -20.54
N GLU P 103 3.95 44.20 -21.79
CA GLU P 103 4.30 45.47 -22.37
C GLU P 103 4.03 45.35 -23.85
N ASP P 104 3.75 46.46 -24.52
CA ASP P 104 3.47 46.41 -25.95
C ASP P 104 4.76 46.23 -26.75
N ILE P 105 4.71 45.39 -27.77
CA ILE P 105 5.85 45.11 -28.62
C ILE P 105 6.47 46.38 -29.25
N PRO P 106 7.78 46.64 -28.99
CA PRO P 106 8.41 47.81 -29.57
C PRO P 106 8.34 47.70 -31.09
N VAL P 107 7.93 48.78 -31.74
CA VAL P 107 7.78 48.77 -33.19
C VAL P 107 8.89 48.08 -33.97
N GLU P 108 10.14 48.41 -33.70
CA GLU P 108 11.22 47.77 -34.46
C GLU P 108 11.29 46.25 -34.30
N ILE P 109 11.06 45.75 -33.07
CA ILE P 109 11.10 44.30 -32.83
C ILE P 109 10.09 43.60 -33.74
N LEU P 110 8.86 44.11 -33.78
CA LEU P 110 7.84 43.53 -34.62
C LEU P 110 8.24 43.61 -36.09
N VAL P 111 8.74 44.77 -36.52
CA VAL P 111 9.14 44.93 -37.91
C VAL P 111 10.25 43.96 -38.27
N ARG P 112 11.23 43.80 -37.39
CA ARG P 112 12.33 42.88 -37.66
C ARG P 112 11.83 41.44 -37.81
N ARG P 113 11.00 41.00 -36.88
CA ARG P 113 10.44 39.66 -36.92
C ARG P 113 9.87 39.37 -38.29
N LEU P 114 9.01 40.26 -38.77
CA LEU P 114 8.39 40.08 -40.06
C LEU P 114 9.41 40.06 -41.19
N SER P 115 10.37 40.96 -41.13
CA SER P 115 11.39 41.01 -42.18
C SER P 115 12.20 39.72 -42.24
N ASP P 116 12.43 39.12 -41.08
CA ASP P 116 13.19 37.88 -41.01
C ASP P 116 12.40 36.75 -41.64
N ILE P 117 11.09 36.71 -41.37
CA ILE P 117 10.23 35.71 -41.98
C ILE P 117 10.37 35.82 -43.49
N LYS P 118 10.30 37.05 -44.00
CA LYS P 118 10.44 37.26 -45.43
C LYS P 118 11.83 36.81 -45.90
N GLN P 119 12.87 37.25 -45.20
CA GLN P 119 14.23 36.90 -45.56
C GLN P 119 14.39 35.40 -45.66
N GLY P 120 13.63 34.67 -44.84
CA GLY P 120 13.71 33.22 -44.85
C GLY P 120 13.41 32.61 -46.20
N TYR P 121 12.24 32.96 -46.74
CA TYR P 121 11.79 32.49 -48.04
C TYR P 121 12.79 32.86 -49.13
N THR P 122 13.80 33.62 -48.76
CA THR P 122 14.84 34.08 -49.66
C THR P 122 16.02 33.14 -49.70
N GLN P 123 16.33 32.55 -48.55
CA GLN P 123 17.50 31.70 -48.46
C GLN P 123 17.28 30.20 -48.41
N HIS P 124 16.03 29.75 -48.30
CA HIS P 124 15.78 28.31 -48.25
C HIS P 124 14.31 27.91 -48.37
N GLY P 125 14.08 26.67 -48.81
CA GLY P 125 12.72 26.20 -48.93
C GLY P 125 12.18 26.14 -50.34
N GLY P 126 12.92 26.68 -51.30
CA GLY P 126 12.47 26.64 -52.68
C GLY P 126 11.06 27.15 -52.99
N LEU P 127 10.54 28.05 -52.16
CA LEU P 127 9.21 28.64 -52.37
C LEU P 127 9.37 30.09 -52.88
N ARG P 128 8.35 30.61 -53.55
CA ARG P 128 8.44 31.97 -54.05
C ARG P 128 8.32 32.95 -52.88
N PRO P 129 9.00 34.11 -52.96
CA PRO P 129 8.97 35.13 -51.92
C PRO P 129 7.57 35.75 -51.86
N PHE P 130 7.25 36.43 -50.77
CA PHE P 130 5.93 37.07 -50.70
C PHE P 130 6.01 38.36 -51.51
N GLY P 131 5.11 38.52 -52.48
CA GLY P 131 5.11 39.72 -53.30
C GLY P 131 4.48 40.88 -52.55
N VAL P 132 5.10 41.26 -51.43
CA VAL P 132 4.58 42.33 -50.60
C VAL P 132 5.64 43.27 -50.04
N SER P 133 5.24 44.53 -49.87
CA SER P 133 6.09 45.57 -49.28
C SER P 133 5.21 46.29 -48.28
N PHE P 134 5.76 46.55 -47.11
CA PHE P 134 5.00 47.20 -46.04
C PHE P 134 5.57 48.54 -45.60
N ILE P 135 4.67 49.40 -45.16
CA ILE P 135 5.03 50.69 -44.59
C ILE P 135 4.43 50.53 -43.20
N TYR P 136 5.28 50.52 -42.18
CA TYR P 136 4.77 50.37 -40.81
C TYR P 136 4.77 51.71 -40.10
N ALA P 137 3.69 52.00 -39.38
CA ALA P 137 3.54 53.23 -38.63
C ALA P 137 3.10 52.86 -37.22
N GLY P 138 3.92 53.19 -36.23
CA GLY P 138 3.58 52.86 -34.87
C GLY P 138 4.25 53.77 -33.87
N TYR P 139 3.95 53.53 -32.59
CA TYR P 139 4.50 54.32 -31.51
C TYR P 139 4.81 53.48 -30.28
N ASP P 140 5.93 53.78 -29.63
CA ASP P 140 6.31 53.07 -28.42
C ASP P 140 7.06 54.07 -27.54
N ASP P 141 7.13 53.77 -26.25
CA ASP P 141 7.78 54.66 -25.30
C ASP P 141 9.31 54.75 -25.37
N ARG P 142 9.90 54.28 -26.46
CA ARG P 142 11.36 54.35 -26.54
C ARG P 142 11.84 55.20 -27.70
N TYR P 143 11.01 55.36 -28.73
CA TYR P 143 11.37 56.17 -29.89
C TYR P 143 10.18 56.99 -30.33
N GLY P 144 9.06 56.81 -29.64
CA GLY P 144 7.84 57.51 -29.99
C GLY P 144 7.33 57.08 -31.36
N TYR P 145 7.15 58.06 -32.23
CA TYR P 145 6.65 57.79 -33.57
C TYR P 145 7.74 57.25 -34.47
N GLN P 146 7.43 56.15 -35.14
CA GLN P 146 8.38 55.52 -36.07
C GLN P 146 7.68 55.13 -37.34
N LEU P 147 8.44 55.11 -38.43
CA LEU P 147 7.93 54.75 -39.74
C LEU P 147 8.94 53.78 -40.34
N TYR P 148 8.47 52.62 -40.81
CA TYR P 148 9.37 51.63 -41.38
C TYR P 148 8.89 51.10 -42.71
N THR P 149 9.81 50.46 -43.43
CA THR P 149 9.52 49.90 -44.72
C THR P 149 10.22 48.54 -44.90
N SER P 150 9.47 47.53 -45.34
CA SER P 150 10.07 46.21 -45.59
C SER P 150 9.59 45.71 -46.94
N ASN P 151 10.49 45.09 -47.68
CA ASN P 151 10.16 44.57 -49.01
C ASN P 151 10.41 43.06 -49.08
N PRO P 152 10.18 42.45 -50.27
CA PRO P 152 10.39 41.02 -50.44
C PRO P 152 11.77 40.47 -50.07
N SER P 153 12.80 41.30 -50.09
CA SER P 153 14.15 40.83 -49.76
C SER P 153 14.36 40.57 -48.28
N GLY P 154 13.43 41.02 -47.45
CA GLY P 154 13.56 40.83 -46.02
C GLY P 154 14.33 41.97 -45.37
N ASN P 155 14.64 42.98 -46.17
CA ASN P 155 15.38 44.14 -45.70
C ASN P 155 14.37 45.20 -45.24
N TYR P 156 14.72 45.95 -44.19
CA TYR P 156 13.83 46.99 -43.68
C TYR P 156 14.60 48.25 -43.27
N THR P 157 13.91 49.39 -43.30
CA THR P 157 14.53 50.67 -42.94
C THR P 157 13.56 51.66 -42.32
N GLY P 158 14.12 52.72 -41.76
CA GLY P 158 13.30 53.74 -41.11
C GLY P 158 13.26 55.04 -41.88
N TRP P 159 12.12 55.72 -41.85
CA TRP P 159 11.96 56.96 -42.60
C TRP P 159 11.20 58.06 -41.89
N LYS P 160 11.26 59.25 -42.50
CA LYS P 160 10.57 60.44 -42.01
C LYS P 160 9.29 60.48 -42.84
N ALA P 161 9.45 60.06 -44.09
CA ALA P 161 8.36 59.97 -45.05
C ALA P 161 8.85 59.02 -46.15
N ILE P 162 7.98 58.13 -46.60
CA ILE P 162 8.37 57.17 -47.63
C ILE P 162 7.15 56.66 -48.39
N SER P 163 7.40 56.07 -49.55
CA SER P 163 6.34 55.54 -50.39
C SER P 163 6.73 54.17 -50.95
N VAL P 164 5.72 53.32 -51.17
CA VAL P 164 5.94 52.00 -51.74
C VAL P 164 4.88 51.84 -52.80
N GLY P 165 5.12 50.95 -53.75
CA GLY P 165 4.14 50.75 -54.80
C GLY P 165 4.64 51.36 -56.10
N ALA P 166 3.69 51.80 -56.93
CA ALA P 166 4.02 52.40 -58.21
C ALA P 166 4.44 53.86 -58.10
N ASN P 167 5.33 54.27 -58.99
CA ASN P 167 5.81 55.65 -59.02
C ASN P 167 6.42 56.11 -57.71
N THR P 168 7.12 55.20 -57.03
CA THR P 168 7.75 55.58 -55.76
C THR P 168 8.84 56.60 -56.06
N SER P 169 9.43 56.46 -57.25
CA SER P 169 10.49 57.34 -57.71
C SER P 169 10.05 58.80 -57.73
N ALA P 170 8.94 59.07 -58.42
CA ALA P 170 8.40 60.42 -58.51
C ALA P 170 7.93 60.91 -57.14
N ALA P 171 7.10 60.09 -56.50
CA ALA P 171 6.54 60.41 -55.19
C ALA P 171 7.61 60.74 -54.14
N GLN P 172 8.72 60.02 -54.17
CA GLN P 172 9.78 60.25 -53.20
C GLN P 172 10.42 61.62 -53.42
N THR P 173 10.57 62.01 -54.68
CA THR P 173 11.19 63.29 -55.01
C THR P 173 10.29 64.45 -54.56
N LEU P 174 8.98 64.27 -54.71
CA LEU P 174 8.03 65.29 -54.29
C LEU P 174 8.07 65.39 -52.77
N LEU P 175 8.10 64.26 -52.08
CA LEU P 175 8.13 64.25 -50.63
C LEU P 175 9.41 64.87 -50.12
N GLN P 176 10.52 64.48 -50.74
CA GLN P 176 11.84 64.95 -50.37
C GLN P 176 11.98 66.44 -50.66
N MET P 177 10.90 67.03 -51.16
CA MET P 177 10.91 68.44 -51.52
C MET P 177 10.15 69.33 -50.54
N ASP P 178 8.93 68.93 -50.17
CA ASP P 178 8.11 69.74 -49.26
C ASP P 178 8.06 69.23 -47.82
N TYR P 179 8.95 68.31 -47.47
CA TYR P 179 8.97 67.78 -46.13
C TYR P 179 9.90 68.62 -45.24
N LYS P 180 9.44 68.91 -44.01
CA LYS P 180 10.26 69.66 -43.06
C LYS P 180 10.13 69.05 -41.66
N ASP P 181 11.28 68.85 -41.01
CA ASP P 181 11.37 68.24 -39.68
C ASP P 181 10.44 68.73 -38.59
N ASP P 182 9.87 69.92 -38.74
CA ASP P 182 8.97 70.44 -37.72
C ASP P 182 7.50 70.36 -38.14
N MET P 183 7.23 69.59 -39.19
CA MET P 183 5.86 69.44 -39.67
C MET P 183 4.88 69.08 -38.57
N LYS P 184 3.60 69.18 -38.89
CA LYS P 184 2.57 68.86 -37.93
C LYS P 184 1.63 67.90 -38.66
N VAL P 185 1.04 66.96 -37.92
CA VAL P 185 0.15 65.98 -38.51
C VAL P 185 -0.68 66.42 -39.70
N ASP P 186 -1.38 67.54 -39.54
CA ASP P 186 -2.25 68.06 -40.59
C ASP P 186 -1.52 68.55 -41.82
N ASP P 187 -0.25 68.92 -41.66
CA ASP P 187 0.55 69.37 -42.78
C ASP P 187 0.83 68.12 -43.61
N ALA P 188 1.22 67.05 -42.91
CA ALA P 188 1.53 65.76 -43.53
C ALA P 188 0.32 65.23 -44.29
N ILE P 189 -0.82 65.16 -43.59
CA ILE P 189 -2.04 64.66 -44.18
C ILE P 189 -2.23 65.34 -45.53
N GLU P 190 -1.95 66.63 -45.55
CA GLU P 190 -2.07 67.44 -46.76
C GLU P 190 -0.97 67.09 -47.76
N LEU P 191 0.27 66.99 -47.27
CA LEU P 191 1.39 66.66 -48.14
C LEU P 191 1.11 65.32 -48.80
N ALA P 192 0.73 64.34 -48.00
CA ALA P 192 0.43 63.01 -48.50
C ALA P 192 -0.52 63.10 -49.68
N LEU P 193 -1.72 63.63 -49.43
CA LEU P 193 -2.74 63.79 -50.47
C LEU P 193 -2.21 64.43 -51.75
N LYS P 194 -1.44 65.49 -51.61
CA LYS P 194 -0.87 66.17 -52.76
C LYS P 194 -0.03 65.19 -53.57
N THR P 195 0.90 64.54 -52.90
CA THR P 195 1.80 63.59 -53.54
C THR P 195 1.07 62.51 -54.31
N LEU P 196 0.15 61.82 -53.64
CA LEU P 196 -0.60 60.76 -54.29
C LEU P 196 -1.28 61.35 -55.50
N SER P 197 -1.80 62.56 -55.32
CA SER P 197 -2.52 63.28 -56.36
C SER P 197 -1.69 63.58 -57.62
N LYS P 198 -0.42 63.90 -57.43
CA LYS P 198 0.46 64.22 -58.57
C LYS P 198 1.11 62.99 -59.22
N THR P 199 1.00 61.83 -58.58
CA THR P 199 1.60 60.61 -59.13
C THR P 199 0.60 59.51 -59.50
N THR P 200 -0.69 59.78 -59.32
CA THR P 200 -1.72 58.82 -59.67
C THR P 200 -1.70 58.56 -61.17
N ASP P 201 -2.26 57.44 -61.59
CA ASP P 201 -2.32 57.12 -63.00
C ASP P 201 -3.75 57.32 -63.47
N SER P 202 -4.59 57.86 -62.57
CA SER P 202 -6.00 58.10 -62.86
C SER P 202 -6.29 59.52 -63.34
N SER P 203 -7.54 59.73 -63.72
CA SER P 203 -7.99 61.04 -64.19
C SER P 203 -7.88 62.02 -63.01
N ALA P 204 -8.72 61.80 -62.00
CA ALA P 204 -8.72 62.63 -60.81
C ALA P 204 -8.54 61.70 -59.62
N LEU P 205 -8.40 62.31 -58.45
CA LEU P 205 -8.22 61.54 -57.22
C LEU P 205 -9.49 61.75 -56.39
N THR P 206 -10.35 60.74 -56.36
CA THR P 206 -11.60 60.84 -55.60
C THR P 206 -11.53 60.05 -54.29
N TYR P 207 -12.45 60.34 -53.38
CA TYR P 207 -12.48 59.70 -52.05
C TYR P 207 -12.64 58.18 -52.05
N ASP P 208 -13.40 57.65 -53.00
CA ASP P 208 -13.63 56.21 -53.08
C ASP P 208 -12.40 55.37 -53.44
N ARG P 209 -11.37 56.02 -53.97
CA ARG P 209 -10.16 55.33 -54.37
C ARG P 209 -9.04 55.54 -53.37
N LEU P 210 -9.40 55.86 -52.12
CA LEU P 210 -8.39 56.13 -51.09
C LEU P 210 -8.59 55.45 -49.74
N GLU P 211 -7.51 55.39 -48.99
CA GLU P 211 -7.51 54.84 -47.66
C GLU P 211 -6.64 55.78 -46.86
N PHE P 212 -7.09 56.12 -45.66
CA PHE P 212 -6.34 57.05 -44.85
C PHE P 212 -6.32 56.65 -43.37
N ALA P 213 -5.16 56.75 -42.76
CA ALA P 213 -5.04 56.41 -41.35
C ALA P 213 -4.00 57.29 -40.68
N THR P 214 -4.28 57.68 -39.44
CA THR P 214 -3.37 58.52 -38.68
C THR P 214 -3.21 58.03 -37.26
N ILE P 215 -1.96 58.03 -36.80
CA ILE P 215 -1.64 57.61 -35.46
C ILE P 215 -1.23 58.88 -34.75
N ARG P 216 -2.20 59.48 -34.06
CA ARG P 216 -1.95 60.71 -33.33
C ARG P 216 -2.00 60.40 -31.84
N LYS P 217 -1.53 61.35 -31.04
CA LYS P 217 -1.52 61.18 -29.59
C LYS P 217 -2.43 62.24 -28.96
N GLY P 218 -3.69 62.29 -29.43
CA GLY P 218 -4.68 63.24 -28.96
C GLY P 218 -4.33 63.95 -27.66
N ALA P 219 -3.89 65.21 -27.77
CA ALA P 219 -3.50 66.02 -26.62
C ALA P 219 -4.47 65.87 -25.44
N ASN P 220 -5.73 65.57 -25.76
CA ASN P 220 -6.79 65.37 -24.76
C ASN P 220 -6.84 63.88 -24.37
N ASP P 221 -5.85 63.45 -23.57
CA ASP P 221 -5.76 62.06 -23.12
C ASP P 221 -4.39 61.77 -22.49
N GLY P 222 -3.36 61.65 -23.32
CA GLY P 222 -2.03 61.35 -22.83
C GLY P 222 -1.52 60.02 -23.35
N GLU P 223 -2.37 59.35 -24.16
CA GLU P 223 -2.06 58.05 -24.75
C GLU P 223 -2.04 58.16 -26.29
N VAL P 224 -1.96 57.03 -26.99
CA VAL P 224 -1.92 57.03 -28.44
C VAL P 224 -3.21 56.51 -29.07
N TYR P 225 -3.57 57.06 -30.23
CA TYR P 225 -4.80 56.64 -30.90
C TYR P 225 -4.64 56.41 -32.41
N GLN P 226 -5.20 55.30 -32.89
CA GLN P 226 -5.15 54.95 -34.32
C GLN P 226 -6.50 55.22 -34.95
N LYS P 227 -6.49 55.96 -36.05
CA LYS P 227 -7.74 56.29 -36.72
C LYS P 227 -7.65 55.90 -38.19
N ILE P 228 -8.53 55.01 -38.64
CA ILE P 228 -8.54 54.61 -40.04
C ILE P 228 -9.76 55.34 -40.63
N PHE P 229 -9.52 56.49 -41.26
CA PHE P 229 -10.58 57.30 -41.84
C PHE P 229 -11.63 56.52 -42.61
N LYS P 230 -12.89 56.87 -42.37
CA LYS P 230 -14.03 56.23 -43.02
C LYS P 230 -14.36 56.95 -44.32
N PRO P 231 -15.03 56.27 -45.27
CA PRO P 231 -15.40 56.85 -46.56
C PRO P 231 -15.76 58.34 -46.47
N GLN P 232 -16.58 58.69 -45.49
CA GLN P 232 -17.01 60.07 -45.30
C GLN P 232 -15.84 60.97 -44.91
N GLU P 233 -15.14 60.60 -43.84
CA GLU P 233 -14.01 61.37 -43.35
C GLU P 233 -12.95 61.61 -44.42
N ILE P 234 -12.87 60.73 -45.41
CA ILE P 234 -11.91 60.88 -46.49
C ILE P 234 -12.42 61.93 -47.47
N LYS P 235 -13.73 61.90 -47.72
CA LYS P 235 -14.37 62.84 -48.64
C LYS P 235 -14.14 64.26 -48.14
N ASP P 236 -14.29 64.44 -46.83
CA ASP P 236 -14.11 65.74 -46.20
C ASP P 236 -12.69 66.27 -46.36
N ILE P 237 -11.74 65.60 -45.71
CA ILE P 237 -10.34 65.98 -45.76
C ILE P 237 -9.85 66.12 -47.21
N LEU P 238 -10.68 65.70 -48.16
CA LEU P 238 -10.31 65.79 -49.57
C LEU P 238 -10.74 67.14 -50.15
N VAL P 239 -11.82 67.69 -49.60
CA VAL P 239 -12.34 68.99 -50.03
C VAL P 239 -11.59 70.10 -49.32
N LYS P 240 -11.39 69.92 -48.02
CA LYS P 240 -10.68 70.88 -47.18
C LYS P 240 -9.33 71.26 -47.79
N THR P 241 -8.45 70.28 -47.96
CA THR P 241 -7.12 70.53 -48.52
C THR P 241 -7.20 71.07 -49.95
N GLY P 242 -8.42 71.20 -50.46
CA GLY P 242 -8.61 71.75 -51.80
C GLY P 242 -8.34 70.85 -52.99
N ILE P 243 -9.27 69.95 -53.25
CA ILE P 243 -9.19 69.02 -54.39
C ILE P 243 -10.62 68.68 -54.74
N THR P 244 -11.55 69.20 -53.93
CA THR P 244 -12.99 68.97 -54.07
C THR P 244 -13.27 67.47 -54.24
N GLY Q 1 11.60 19.58 -46.27
CA GLY Q 1 11.35 18.69 -47.43
C GLY Q 1 12.16 19.07 -48.64
N TYR Q 2 12.52 20.34 -48.75
CA TYR Q 2 13.30 20.81 -49.90
C TYR Q 2 14.80 20.65 -49.65
N ASP Q 3 15.47 19.86 -50.48
CA ASP Q 3 16.91 19.63 -50.31
C ASP Q 3 17.77 19.80 -51.57
N ARG Q 4 17.14 20.15 -52.69
CA ARG Q 4 17.87 20.34 -53.95
C ARG Q 4 19.26 20.91 -53.68
N ALA Q 5 20.29 20.29 -54.23
CA ALA Q 5 21.66 20.75 -54.04
C ALA Q 5 21.88 21.99 -54.92
N LEU Q 6 21.94 23.15 -54.28
CA LEU Q 6 22.11 24.40 -55.01
C LEU Q 6 23.57 24.76 -55.16
N SER Q 7 24.37 24.48 -54.12
CA SER Q 7 25.80 24.76 -54.17
C SER Q 7 26.53 23.48 -54.53
N ILE Q 8 26.96 23.37 -55.78
CA ILE Q 8 27.67 22.18 -56.24
C ILE Q 8 28.87 22.60 -57.08
N PHE Q 9 29.78 21.65 -57.33
CA PHE Q 9 30.98 21.91 -58.11
C PHE Q 9 30.66 21.98 -59.60
N SER Q 10 31.44 22.75 -60.35
CA SER Q 10 31.26 22.87 -61.79
C SER Q 10 32.51 22.22 -62.40
N PRO Q 11 32.52 21.99 -63.72
CA PRO Q 11 33.66 21.35 -64.39
C PRO Q 11 35.06 21.86 -64.04
N ASP Q 12 35.19 23.17 -63.81
CA ASP Q 12 36.49 23.75 -63.48
C ASP Q 12 36.80 23.74 -62.00
N GLY Q 13 35.91 23.16 -61.19
CA GLY Q 13 36.16 23.09 -59.76
C GLY Q 13 35.70 24.28 -58.94
N HIS Q 14 34.72 25.01 -59.44
CA HIS Q 14 34.20 26.17 -58.73
C HIS Q 14 32.78 25.91 -58.24
N ILE Q 15 32.38 26.59 -57.17
CA ILE Q 15 31.03 26.42 -56.65
C ILE Q 15 30.34 27.76 -56.89
N PHE Q 16 29.89 27.95 -58.14
CA PHE Q 16 29.26 29.19 -58.55
C PHE Q 16 28.33 29.90 -57.58
N GLN Q 17 27.57 29.16 -56.79
CA GLN Q 17 26.68 29.84 -55.84
C GLN Q 17 27.50 30.60 -54.79
N VAL Q 18 28.62 30.03 -54.36
CA VAL Q 18 29.45 30.71 -53.40
C VAL Q 18 30.12 31.86 -54.11
N GLU Q 19 30.50 31.60 -55.37
CA GLU Q 19 31.15 32.60 -56.20
C GLU Q 19 30.24 33.82 -56.32
N TYR Q 20 29.01 33.59 -56.72
CA TYR Q 20 28.03 34.66 -56.88
C TYR Q 20 27.68 35.30 -55.55
N ALA Q 21 27.75 34.52 -54.47
CA ALA Q 21 27.45 35.06 -53.14
C ALA Q 21 28.47 36.16 -52.89
N LEU Q 22 29.69 35.95 -53.39
CA LEU Q 22 30.76 36.92 -53.24
C LEU Q 22 30.50 38.19 -54.04
N GLU Q 23 29.86 38.05 -55.19
CA GLU Q 23 29.52 39.19 -56.05
C GLU Q 23 28.56 40.12 -55.34
N ALA Q 24 27.76 39.53 -54.44
CA ALA Q 24 26.80 40.30 -53.66
C ALA Q 24 27.56 41.18 -52.67
N VAL Q 25 28.65 40.65 -52.13
CA VAL Q 25 29.46 41.42 -51.18
C VAL Q 25 30.05 42.62 -51.91
N LYS Q 26 30.62 42.38 -53.09
CA LYS Q 26 31.23 43.45 -53.90
C LYS Q 26 30.25 44.60 -54.07
N ARG Q 27 28.97 44.27 -54.19
CA ARG Q 27 27.92 45.27 -54.36
C ARG Q 27 27.55 45.99 -53.06
N GLY Q 28 27.66 45.30 -51.93
CA GLY Q 28 27.33 45.93 -50.66
C GLY Q 28 28.21 47.13 -50.38
N THR Q 29 27.76 48.02 -49.50
CA THR Q 29 28.54 49.21 -49.14
C THR Q 29 29.89 48.78 -48.60
N CYS Q 30 30.85 49.71 -48.62
CA CYS Q 30 32.19 49.40 -48.15
C CYS Q 30 32.32 49.45 -46.63
N ALA Q 31 33.17 48.58 -46.10
CA ALA Q 31 33.44 48.53 -44.68
C ALA Q 31 34.95 48.31 -44.50
N VAL Q 32 35.52 48.89 -43.46
CA VAL Q 32 36.93 48.76 -43.21
C VAL Q 32 37.21 48.67 -41.72
N GLY Q 33 38.37 48.13 -41.38
CA GLY Q 33 38.76 48.01 -39.99
C GLY Q 33 40.28 48.02 -39.94
N VAL Q 34 40.82 48.74 -38.96
CA VAL Q 34 42.25 48.82 -38.79
C VAL Q 34 42.50 48.71 -37.30
N LYS Q 35 43.51 47.94 -36.92
CA LYS Q 35 43.81 47.77 -35.52
C LYS Q 35 45.00 48.59 -35.07
N GLY Q 36 44.84 49.28 -33.95
CA GLY Q 36 45.88 50.11 -33.38
C GLY Q 36 46.80 49.29 -32.49
N LYS Q 37 47.25 49.88 -31.40
CA LYS Q 37 48.16 49.18 -30.49
C LYS Q 37 47.41 48.87 -29.20
N ASN Q 38 46.27 49.53 -29.03
CA ASN Q 38 45.45 49.36 -27.85
C ASN Q 38 44.00 49.60 -28.21
N CYS Q 39 43.66 49.34 -29.48
CA CYS Q 39 42.29 49.51 -29.95
C CYS Q 39 42.13 49.04 -31.39
N VAL Q 40 40.88 48.95 -31.83
CA VAL Q 40 40.54 48.52 -33.17
C VAL Q 40 39.46 49.48 -33.60
N VAL Q 41 39.50 49.91 -34.86
CA VAL Q 41 38.49 50.85 -35.35
C VAL Q 41 37.78 50.29 -36.57
N LEU Q 42 36.48 50.52 -36.64
CA LEU Q 42 35.67 50.03 -37.75
C LEU Q 42 34.93 51.16 -38.46
N GLY Q 43 35.23 51.34 -39.74
CA GLY Q 43 34.59 52.38 -40.53
C GLY Q 43 33.72 51.77 -41.61
N CYS Q 44 32.62 52.45 -41.94
CA CYS Q 44 31.69 51.97 -42.96
C CYS Q 44 31.10 53.16 -43.69
N GLU Q 45 30.64 52.94 -44.92
CA GLU Q 45 30.05 54.04 -45.69
C GLU Q 45 28.53 53.94 -45.79
N ARG Q 46 27.83 55.07 -45.64
CA ARG Q 46 26.38 55.09 -45.75
C ARG Q 46 26.02 55.44 -47.19
N ARG Q 47 25.09 54.69 -47.77
CA ARG Q 47 24.69 54.94 -49.15
C ARG Q 47 24.07 56.35 -49.28
N SER Q 48 23.71 56.71 -50.51
CA SER Q 48 23.08 58.00 -50.79
C SER Q 48 22.13 57.95 -51.99
N THR Q 49 21.85 56.73 -52.47
CA THR Q 49 20.92 56.52 -53.60
C THR Q 49 19.56 57.11 -53.21
N LEU Q 50 19.20 56.92 -51.94
CA LEU Q 50 17.95 57.43 -51.34
C LEU Q 50 18.32 58.13 -50.02
N LYS Q 51 17.78 59.32 -49.79
CA LYS Q 51 18.05 60.05 -48.56
C LYS Q 51 16.77 60.73 -48.10
N LEU Q 52 16.50 60.64 -46.79
CA LEU Q 52 15.31 61.20 -46.15
C LEU Q 52 14.98 60.18 -45.05
N GLN Q 53 16.00 59.41 -44.70
CA GLN Q 53 15.91 58.37 -43.69
C GLN Q 53 15.78 58.91 -42.29
N ASP Q 54 15.76 57.98 -41.34
CA ASP Q 54 15.64 58.32 -39.93
C ASP Q 54 16.75 57.55 -39.21
N THR Q 55 17.99 58.02 -39.37
CA THR Q 55 19.16 57.36 -38.76
C THR Q 55 18.99 56.90 -37.31
N ARG Q 56 18.11 57.54 -36.54
CA ARG Q 56 17.89 57.15 -35.15
C ARG Q 56 17.58 55.67 -35.08
N ILE Q 57 16.45 55.28 -35.67
CA ILE Q 57 15.98 53.91 -35.65
C ILE Q 57 16.49 52.94 -36.73
N THR Q 58 16.86 53.45 -37.91
CA THR Q 58 17.36 52.56 -38.98
C THR Q 58 18.58 51.75 -38.49
N PRO Q 59 18.59 50.45 -38.83
CA PRO Q 59 19.70 49.58 -38.42
C PRO Q 59 21.09 50.14 -38.77
N SER Q 60 21.98 50.21 -37.77
CA SER Q 60 23.34 50.70 -37.99
C SER Q 60 24.20 49.58 -38.59
N LYS Q 61 25.35 49.92 -39.16
CA LYS Q 61 26.21 48.92 -39.80
C LYS Q 61 27.14 48.11 -38.89
N VAL Q 62 27.42 48.61 -37.69
CA VAL Q 62 28.29 47.88 -36.76
C VAL Q 62 27.45 47.34 -35.60
N SER Q 63 27.46 46.03 -35.42
CA SER Q 63 26.69 45.39 -34.35
C SER Q 63 27.55 44.82 -33.22
N LYS Q 64 26.98 44.81 -32.02
CA LYS Q 64 27.65 44.25 -30.85
C LYS Q 64 27.17 42.81 -30.73
N ILE Q 65 28.11 41.87 -30.71
CA ILE Q 65 27.74 40.48 -30.56
C ILE Q 65 27.72 40.23 -29.05
N ASP Q 66 28.53 41.02 -28.34
CA ASP Q 66 28.61 40.97 -26.88
C ASP Q 66 29.36 42.24 -26.45
N SER Q 67 29.29 42.57 -25.16
CA SER Q 67 29.91 43.77 -24.64
C SER Q 67 31.35 44.06 -25.06
N HIS Q 68 32.09 43.05 -25.48
CA HIS Q 68 33.48 43.24 -25.86
C HIS Q 68 33.82 42.94 -27.33
N VAL Q 69 32.83 42.57 -28.13
CA VAL Q 69 33.08 42.26 -29.55
C VAL Q 69 32.03 42.82 -30.48
N VAL Q 70 32.49 43.40 -31.58
CA VAL Q 70 31.58 43.97 -32.56
C VAL Q 70 31.76 43.27 -33.91
N LEU Q 71 30.77 43.43 -34.77
CA LEU Q 71 30.80 42.82 -36.08
C LEU Q 71 30.17 43.73 -37.13
N SER Q 72 30.89 43.97 -38.22
CA SER Q 72 30.39 44.80 -39.32
C SER Q 72 30.44 43.89 -40.54
N PHE Q 73 29.74 44.27 -41.61
CA PHE Q 73 29.67 43.42 -42.80
C PHE Q 73 29.42 44.17 -44.10
N SER Q 74 29.46 43.44 -45.20
CA SER Q 74 29.20 43.99 -46.53
C SER Q 74 28.39 42.97 -47.32
N GLY Q 75 27.31 43.42 -47.94
CA GLY Q 75 26.49 42.50 -48.70
C GLY Q 75 25.03 42.65 -48.35
N LEU Q 76 24.28 41.57 -48.54
CA LEU Q 76 22.84 41.55 -48.26
C LEU Q 76 22.58 41.81 -46.78
N ASN Q 77 21.81 42.84 -46.49
CA ASN Q 77 21.50 43.19 -45.11
C ASN Q 77 20.69 42.10 -44.43
N ALA Q 78 19.59 41.71 -45.05
CA ALA Q 78 18.73 40.67 -44.50
C ALA Q 78 19.54 39.46 -44.01
N ASP Q 79 20.54 39.05 -44.79
CA ASP Q 79 21.39 37.91 -44.42
C ASP Q 79 22.22 38.21 -43.18
N SER Q 80 22.88 39.37 -43.18
CA SER Q 80 23.71 39.72 -42.04
C SER Q 80 22.97 39.54 -40.73
N ARG Q 81 21.69 39.91 -40.69
CA ARG Q 81 20.89 39.78 -39.48
C ARG Q 81 20.89 38.37 -38.94
N ILE Q 82 20.61 37.40 -39.82
CA ILE Q 82 20.57 36.00 -39.42
C ILE Q 82 21.89 35.58 -38.78
N LEU Q 83 23.01 36.05 -39.32
CA LEU Q 83 24.30 35.71 -38.74
C LEU Q 83 24.48 36.46 -37.43
N ILE Q 84 24.22 37.76 -37.44
CA ILE Q 84 24.38 38.55 -36.22
C ILE Q 84 23.68 37.82 -35.08
N GLU Q 85 22.44 37.40 -35.33
CA GLU Q 85 21.63 36.71 -34.33
C GLU Q 85 22.26 35.43 -33.79
N LYS Q 86 22.65 34.53 -34.69
CA LYS Q 86 23.27 33.27 -34.27
C LYS Q 86 24.53 33.54 -33.46
N ALA Q 87 25.28 34.57 -33.85
CA ALA Q 87 26.51 34.94 -33.16
C ALA Q 87 26.20 35.37 -31.73
N ARG Q 88 25.23 36.26 -31.58
CA ARG Q 88 24.84 36.78 -30.26
C ARG Q 88 24.36 35.67 -29.33
N VAL Q 89 23.65 34.71 -29.92
CA VAL Q 89 23.15 33.60 -29.15
C VAL Q 89 24.32 32.71 -28.76
N GLU Q 90 25.20 32.41 -29.72
CA GLU Q 90 26.36 31.58 -29.40
C GLU Q 90 27.24 32.25 -28.37
N ALA Q 91 27.24 33.57 -28.38
CA ALA Q 91 28.04 34.34 -27.43
C ALA Q 91 27.53 34.13 -26.01
N GLN Q 92 26.21 34.18 -25.83
CA GLN Q 92 25.62 33.97 -24.53
C GLN Q 92 25.75 32.51 -24.08
N SER Q 93 25.49 31.60 -25.01
CA SER Q 93 25.60 30.18 -24.72
C SER Q 93 26.97 29.86 -24.16
N HIS Q 94 28.00 30.38 -24.83
CA HIS Q 94 29.38 30.17 -24.44
C HIS Q 94 29.64 30.64 -23.00
N ARG Q 95 29.12 31.82 -22.65
CA ARG Q 95 29.31 32.37 -21.31
C ARG Q 95 28.61 31.47 -20.29
N LEU Q 96 27.48 30.91 -20.71
CA LEU Q 96 26.68 30.06 -19.84
C LEU Q 96 27.32 28.71 -19.55
N THR Q 97 28.06 28.15 -20.50
CA THR Q 97 28.70 26.87 -20.30
C THR Q 97 30.17 26.94 -19.87
N LEU Q 98 30.98 27.74 -20.56
CA LEU Q 98 32.39 27.84 -20.21
C LEU Q 98 32.66 28.87 -19.11
N GLU Q 99 31.63 29.62 -18.73
CA GLU Q 99 31.73 30.65 -17.71
C GLU Q 99 32.82 31.68 -18.00
N ASP Q 100 32.78 32.22 -19.21
CA ASP Q 100 33.75 33.20 -19.66
C ASP Q 100 33.31 33.65 -21.06
N PRO Q 101 33.29 34.97 -21.33
CA PRO Q 101 32.87 35.40 -22.67
C PRO Q 101 33.75 34.83 -23.77
N VAL Q 102 33.26 34.86 -25.00
CA VAL Q 102 34.01 34.32 -26.14
C VAL Q 102 35.22 35.16 -26.48
N THR Q 103 36.19 34.54 -27.13
CA THR Q 103 37.38 35.22 -27.58
C THR Q 103 37.00 35.60 -29.00
N VAL Q 104 37.55 36.69 -29.53
CA VAL Q 104 37.18 37.10 -30.88
C VAL Q 104 37.42 36.02 -31.94
N GLU Q 105 38.51 35.26 -31.77
CA GLU Q 105 38.84 34.21 -32.71
C GLU Q 105 37.74 33.15 -32.71
N TYR Q 106 37.32 32.76 -31.51
CA TYR Q 106 36.28 31.75 -31.35
C TYR Q 106 34.98 32.19 -31.98
N LEU Q 107 34.53 33.40 -31.62
CA LEU Q 107 33.28 33.94 -32.15
C LEU Q 107 33.35 34.03 -33.67
N THR Q 108 34.54 34.32 -34.20
CA THR Q 108 34.72 34.41 -35.64
C THR Q 108 34.61 33.01 -36.21
N ARG Q 109 35.37 32.10 -35.62
CA ARG Q 109 35.38 30.72 -36.04
C ARG Q 109 33.95 30.16 -36.12
N TYR Q 110 33.12 30.52 -35.14
CA TYR Q 110 31.72 30.07 -35.11
C TYR Q 110 30.92 30.63 -36.28
N VAL Q 111 31.03 31.94 -36.51
CA VAL Q 111 30.29 32.60 -37.58
C VAL Q 111 30.71 32.03 -38.93
N ALA Q 112 32.00 31.78 -39.09
CA ALA Q 112 32.52 31.23 -40.33
C ALA Q 112 31.95 29.82 -40.57
N GLY Q 113 31.90 29.02 -39.51
CA GLY Q 113 31.37 27.68 -39.62
C GLY Q 113 29.94 27.70 -40.13
N VAL Q 114 29.16 28.64 -39.60
CA VAL Q 114 27.77 28.77 -40.00
C VAL Q 114 27.72 29.04 -41.50
N GLN Q 115 28.51 30.01 -41.94
CA GLN Q 115 28.54 30.37 -43.34
C GLN Q 115 28.91 29.17 -44.18
N GLN Q 116 29.96 28.47 -43.77
CA GLN Q 116 30.43 27.31 -44.51
C GLN Q 116 29.36 26.24 -44.64
N ARG Q 117 28.70 25.92 -43.55
CA ARG Q 117 27.64 24.91 -43.52
C ARG Q 117 26.61 25.20 -44.61
N TYR Q 118 26.24 26.48 -44.77
CA TYR Q 118 25.28 26.85 -45.80
C TYR Q 118 25.79 26.71 -47.23
N THR Q 119 27.04 26.30 -47.39
CA THR Q 119 27.56 26.13 -48.74
C THR Q 119 27.44 24.68 -49.18
N GLN Q 120 27.28 23.78 -48.22
CA GLN Q 120 27.12 22.38 -48.60
C GLN Q 120 25.98 21.64 -47.87
N SER Q 121 24.83 22.29 -47.86
CA SER Q 121 23.60 21.77 -47.26
C SER Q 121 22.53 21.96 -48.31
N GLY Q 122 21.59 21.02 -48.41
CA GLY Q 122 20.54 21.14 -49.41
C GLY Q 122 19.42 22.13 -49.13
N GLY Q 123 18.86 22.68 -50.20
CA GLY Q 123 17.76 23.63 -50.04
C GLY Q 123 18.13 25.01 -49.54
N VAL Q 124 19.41 25.28 -49.35
CA VAL Q 124 19.85 26.58 -48.87
C VAL Q 124 20.91 27.20 -49.78
N ARG Q 125 20.92 28.53 -49.87
CA ARG Q 125 21.91 29.21 -50.69
C ARG Q 125 22.88 29.84 -49.70
N PRO Q 126 24.11 30.11 -50.11
CA PRO Q 126 25.10 30.72 -49.21
C PRO Q 126 24.71 32.13 -48.78
N PHE Q 127 25.34 32.63 -47.72
CA PHE Q 127 25.06 33.97 -47.24
C PHE Q 127 25.77 34.98 -48.14
N GLY Q 128 25.02 35.92 -48.70
CA GLY Q 128 25.64 36.93 -49.54
C GLY Q 128 26.25 37.97 -48.61
N VAL Q 129 27.06 37.50 -47.65
CA VAL Q 129 27.67 38.39 -46.67
C VAL Q 129 29.13 38.06 -46.41
N SER Q 130 29.88 39.08 -46.01
CA SER Q 130 31.27 38.92 -45.67
C SER Q 130 31.39 39.79 -44.43
N THR Q 131 32.18 39.38 -43.43
CA THR Q 131 32.24 40.16 -42.21
C THR Q 131 33.58 40.51 -41.60
N LEU Q 132 33.55 41.52 -40.74
CA LEU Q 132 34.71 41.96 -39.99
C LEU Q 132 34.27 41.86 -38.56
N ILE Q 133 35.07 41.15 -37.77
CA ILE Q 133 34.77 40.96 -36.36
C ILE Q 133 35.98 41.44 -35.59
N ALA Q 134 35.76 42.39 -34.70
CA ALA Q 134 36.85 42.93 -33.91
C ALA Q 134 36.47 43.06 -32.46
N GLY Q 135 37.49 43.02 -31.60
CA GLY Q 135 37.26 43.13 -30.18
C GLY Q 135 38.48 42.72 -29.40
N PHE Q 136 38.32 42.56 -28.10
CA PHE Q 136 39.42 42.17 -27.23
C PHE Q 136 39.04 40.95 -26.39
N ASP Q 137 39.85 39.90 -26.45
CA ASP Q 137 39.61 38.70 -25.67
C ASP Q 137 39.42 39.08 -24.21
N PRO Q 138 38.71 38.25 -23.44
CA PRO Q 138 38.51 38.58 -22.02
C PRO Q 138 39.84 38.73 -21.30
N ARG Q 139 39.94 39.77 -20.48
CA ARG Q 139 41.14 40.06 -19.69
C ARG Q 139 42.42 40.24 -20.51
N ASP Q 140 42.27 40.55 -21.80
CA ASP Q 140 43.43 40.76 -22.67
C ASP Q 140 43.40 42.20 -23.18
N ASP Q 141 44.57 42.72 -23.53
CA ASP Q 141 44.70 44.10 -24.02
C ASP Q 141 45.20 44.17 -25.46
N GLU Q 142 45.49 43.01 -26.05
CA GLU Q 142 45.95 42.94 -27.43
C GLU Q 142 44.75 42.91 -28.37
N PRO Q 143 44.65 43.88 -29.30
CA PRO Q 143 43.54 43.96 -30.25
C PRO Q 143 43.45 42.80 -31.26
N LYS Q 144 42.22 42.48 -31.65
CA LYS Q 144 41.93 41.40 -32.59
C LYS Q 144 40.99 41.90 -33.69
N LEU Q 145 41.30 41.53 -34.93
CA LEU Q 145 40.50 41.92 -36.09
C LEU Q 145 40.45 40.74 -37.05
N TYR Q 146 39.25 40.24 -37.30
CA TYR Q 146 39.10 39.11 -38.21
C TYR Q 146 38.12 39.41 -39.33
N GLN Q 147 38.17 38.55 -40.34
CA GLN Q 147 37.30 38.70 -41.50
C GLN Q 147 36.88 37.33 -42.02
N THR Q 148 35.59 37.21 -42.37
CA THR Q 148 35.04 35.97 -42.88
C THR Q 148 34.33 36.26 -44.20
N GLU Q 149 34.07 35.20 -44.96
CA GLU Q 149 33.38 35.34 -46.23
C GLU Q 149 32.52 34.11 -46.54
N PRO Q 150 31.57 34.25 -47.49
CA PRO Q 150 30.68 33.15 -47.85
C PRO Q 150 31.32 31.78 -47.89
N SER Q 151 32.50 31.66 -48.48
CA SER Q 151 33.17 30.37 -48.56
C SER Q 151 33.27 29.65 -47.21
N GLY Q 152 33.35 30.43 -46.13
CA GLY Q 152 33.45 29.85 -44.80
C GLY Q 152 34.87 30.00 -44.24
N ILE Q 153 35.72 30.68 -45.00
CA ILE Q 153 37.12 30.90 -44.61
C ILE Q 153 37.24 32.19 -43.81
N TYR Q 154 38.13 32.19 -42.81
CA TYR Q 154 38.33 33.38 -42.00
C TYR Q 154 39.81 33.49 -41.68
N SER Q 155 40.23 34.69 -41.26
CA SER Q 155 41.63 34.96 -40.91
C SER Q 155 41.72 36.35 -40.30
N SER Q 156 42.83 36.65 -39.63
CA SER Q 156 42.99 37.96 -39.01
C SER Q 156 43.84 38.90 -39.88
N TRP Q 157 43.59 40.19 -39.70
CA TRP Q 157 44.28 41.21 -40.47
C TRP Q 157 44.74 42.35 -39.59
N SER Q 158 45.81 43.03 -40.01
CA SER Q 158 46.31 44.20 -39.28
C SER Q 158 45.30 45.30 -39.63
N ALA Q 159 44.77 45.19 -40.84
CA ALA Q 159 43.77 46.12 -41.35
C ALA Q 159 43.21 45.46 -42.59
N GLN Q 160 41.92 45.69 -42.83
CA GLN Q 160 41.28 45.07 -43.98
C GLN Q 160 40.02 45.83 -44.34
N THR Q 161 39.50 45.56 -45.53
CA THR Q 161 38.28 46.20 -46.00
C THR Q 161 37.50 45.21 -46.87
N ILE Q 162 36.19 45.37 -46.92
CA ILE Q 162 35.31 44.51 -47.71
C ILE Q 162 34.24 45.39 -48.30
N GLY Q 163 33.61 44.95 -49.39
CA GLY Q 163 32.56 45.76 -49.97
C GLY Q 163 32.99 46.44 -51.26
N ARG Q 164 32.12 47.27 -51.82
CA ARG Q 164 32.42 47.97 -53.07
C ARG Q 164 33.62 48.91 -52.96
N ASN Q 165 34.50 48.82 -53.94
CA ASN Q 165 35.70 49.64 -54.00
C ASN Q 165 36.64 49.28 -52.85
N SER Q 166 36.58 48.04 -52.41
CA SER Q 166 37.44 47.58 -51.33
C SER Q 166 38.86 47.43 -51.88
N LYS Q 167 38.97 47.26 -53.20
CA LYS Q 167 40.26 47.11 -53.88
C LYS Q 167 41.03 48.42 -53.66
N THR Q 168 40.42 49.51 -54.09
CA THR Q 168 40.97 50.85 -53.99
C THR Q 168 41.43 51.15 -52.55
N VAL Q 169 40.51 51.00 -51.61
CA VAL Q 169 40.79 51.28 -50.21
C VAL Q 169 41.79 50.29 -49.58
N ARG Q 170 41.84 49.06 -50.09
CA ARG Q 170 42.78 48.11 -49.53
C ARG Q 170 44.17 48.57 -49.96
N GLU Q 171 44.27 49.03 -51.20
CA GLU Q 171 45.53 49.51 -51.75
C GLU Q 171 46.04 50.66 -50.89
N PHE Q 172 45.14 51.58 -50.57
CA PHE Q 172 45.49 52.73 -49.73
C PHE Q 172 46.14 52.21 -48.45
N LEU Q 173 45.47 51.27 -47.79
CA LEU Q 173 45.94 50.69 -46.55
C LEU Q 173 47.25 49.91 -46.67
N GLU Q 174 47.47 49.25 -47.81
CA GLU Q 174 48.68 48.46 -48.01
C GLU Q 174 49.96 49.30 -48.03
N LYS Q 175 49.83 50.55 -48.43
CA LYS Q 175 50.97 51.45 -48.50
C LYS Q 175 50.82 52.60 -47.51
N ASN Q 176 50.01 52.39 -46.48
CA ASN Q 176 49.77 53.40 -45.45
C ASN Q 176 49.76 52.82 -44.04
N TYR Q 177 49.83 51.49 -43.94
CA TYR Q 177 49.84 50.84 -42.63
C TYR Q 177 51.15 50.09 -42.41
N ASP Q 178 51.93 50.61 -41.48
CA ASP Q 178 53.21 50.02 -41.15
C ASP Q 178 53.00 49.12 -39.94
N ARG Q 179 53.20 47.81 -40.11
CA ARG Q 179 53.05 46.89 -39.01
C ARG Q 179 54.09 47.19 -37.93
N LYS Q 180 55.25 47.71 -38.37
CA LYS Q 180 56.34 48.07 -37.47
C LYS Q 180 55.81 49.04 -36.41
N GLU Q 181 55.04 50.03 -36.86
CA GLU Q 181 54.46 51.02 -35.96
C GLU Q 181 53.00 51.27 -36.29
N PRO Q 182 52.09 50.52 -35.66
CA PRO Q 182 50.66 50.68 -35.89
C PRO Q 182 50.17 51.90 -35.13
N PRO Q 183 49.11 52.56 -35.61
CA PRO Q 183 48.59 53.75 -34.91
C PRO Q 183 48.62 53.55 -33.39
N ALA Q 184 49.55 54.21 -32.72
CA ALA Q 184 49.68 54.09 -31.27
C ALA Q 184 48.65 54.91 -30.47
N THR Q 185 47.76 55.61 -31.17
CA THR Q 185 46.74 56.41 -30.50
C THR Q 185 45.37 56.11 -31.06
N VAL Q 186 44.36 56.18 -30.20
CA VAL Q 186 42.98 55.96 -30.60
C VAL Q 186 42.70 57.05 -31.64
N GLU Q 187 43.40 58.16 -31.47
CA GLU Q 187 43.28 59.33 -32.35
C GLU Q 187 43.77 59.05 -33.76
N GLU Q 188 45.09 58.85 -33.90
CA GLU Q 188 45.68 58.61 -35.20
C GLU Q 188 45.16 57.36 -35.89
N CYS Q 189 44.54 56.47 -35.12
CA CYS Q 189 43.99 55.26 -35.69
C CYS Q 189 42.72 55.61 -36.45
N VAL Q 190 41.83 56.37 -35.80
CA VAL Q 190 40.58 56.76 -36.44
C VAL Q 190 40.86 57.62 -37.67
N LYS Q 191 41.97 58.34 -37.63
CA LYS Q 191 42.37 59.20 -38.74
C LYS Q 191 42.68 58.32 -39.96
N LEU Q 192 43.59 57.38 -39.77
CA LEU Q 192 43.98 56.47 -40.85
C LEU Q 192 42.75 55.82 -41.47
N THR Q 193 41.78 55.50 -40.63
CA THR Q 193 40.53 54.88 -41.08
C THR Q 193 39.72 55.81 -41.97
N VAL Q 194 39.47 57.02 -41.48
CA VAL Q 194 38.71 58.00 -42.25
C VAL Q 194 39.40 58.27 -43.58
N ARG Q 195 40.71 58.50 -43.51
CA ARG Q 195 41.49 58.76 -44.70
C ARG Q 195 41.20 57.76 -45.80
N SER Q 196 41.22 56.48 -45.45
CA SER Q 196 40.96 55.43 -46.43
C SER Q 196 39.55 55.50 -46.96
N LEU Q 197 38.57 55.65 -46.08
CA LEU Q 197 37.18 55.74 -46.52
C LEU Q 197 36.97 56.90 -47.50
N LEU Q 198 37.73 57.97 -47.32
CA LEU Q 198 37.61 59.13 -48.19
C LEU Q 198 38.05 58.89 -49.63
N GLU Q 199 38.74 57.78 -49.86
CA GLU Q 199 39.19 57.44 -51.20
C GLU Q 199 38.01 56.94 -52.04
N VAL Q 200 36.95 56.52 -51.36
CA VAL Q 200 35.78 55.98 -52.05
C VAL Q 200 34.45 56.66 -51.73
N VAL Q 201 34.29 57.19 -50.52
CA VAL Q 201 33.02 57.83 -50.16
C VAL Q 201 32.75 59.14 -50.90
N GLN Q 202 33.80 59.74 -51.44
CA GLN Q 202 33.69 61.01 -52.17
C GLN Q 202 32.81 62.00 -51.39
N THR Q 203 33.46 62.77 -50.52
CA THR Q 203 32.77 63.76 -49.66
C THR Q 203 31.52 63.16 -49.03
N GLY Q 204 31.67 62.71 -47.79
CA GLY Q 204 30.55 62.12 -47.08
C GLY Q 204 30.64 62.28 -45.58
N ALA Q 205 30.47 63.52 -45.11
CA ALA Q 205 30.51 63.77 -43.68
C ALA Q 205 29.50 62.85 -43.00
N LYS Q 206 28.29 62.79 -43.55
CA LYS Q 206 27.24 61.93 -43.00
C LYS Q 206 27.31 60.53 -43.62
N ASN Q 207 28.16 60.38 -44.64
CA ASN Q 207 28.34 59.11 -45.34
C ASN Q 207 29.46 58.23 -44.77
N ILE Q 208 29.98 58.61 -43.60
CA ILE Q 208 31.04 57.84 -42.98
C ILE Q 208 30.86 57.77 -41.47
N GLU Q 209 30.69 56.54 -40.96
CA GLU Q 209 30.52 56.36 -39.53
C GLU Q 209 31.61 55.43 -39.00
N ILE Q 210 32.23 55.84 -37.90
CA ILE Q 210 33.31 55.08 -37.27
C ILE Q 210 32.92 54.64 -35.86
N THR Q 211 33.52 53.52 -35.43
CA THR Q 211 33.31 52.98 -34.10
C THR Q 211 34.66 52.58 -33.53
N VAL Q 212 34.87 52.88 -32.26
CA VAL Q 212 36.13 52.54 -31.63
C VAL Q 212 35.93 51.59 -30.47
N VAL Q 213 36.56 50.43 -30.57
CA VAL Q 213 36.48 49.42 -29.53
C VAL Q 213 37.83 49.31 -28.83
N LYS Q 214 37.81 49.49 -27.52
CA LYS Q 214 39.00 49.44 -26.67
C LYS Q 214 38.85 48.30 -25.65
N PRO Q 215 39.96 47.93 -24.98
CA PRO Q 215 39.93 46.86 -23.98
C PRO Q 215 38.87 47.03 -22.89
N ASP Q 216 38.46 45.90 -22.32
CA ASP Q 216 37.47 45.84 -21.23
C ASP Q 216 36.08 46.38 -21.56
N SER Q 217 35.50 45.84 -22.63
CA SER Q 217 34.17 46.21 -23.09
C SER Q 217 33.92 47.71 -23.19
N ASP Q 218 34.85 48.40 -23.86
CA ASP Q 218 34.73 49.84 -24.05
C ASP Q 218 34.49 50.15 -25.53
N ILE Q 219 33.23 50.06 -25.94
CA ILE Q 219 32.86 50.31 -27.33
C ILE Q 219 32.11 51.63 -27.40
N VAL Q 220 32.34 52.40 -28.48
CA VAL Q 220 31.66 53.68 -28.65
C VAL Q 220 31.70 54.19 -30.09
N ALA Q 221 30.59 54.73 -30.55
CA ALA Q 221 30.47 55.27 -31.90
C ALA Q 221 30.56 56.79 -31.89
N LEU Q 222 31.25 57.35 -32.89
CA LEU Q 222 31.41 58.79 -32.99
C LEU Q 222 30.22 59.43 -33.70
N SER Q 223 29.93 60.67 -33.35
CA SER Q 223 28.82 61.40 -33.96
C SER Q 223 29.35 62.25 -35.12
N SER Q 224 28.50 62.44 -36.12
CA SER Q 224 28.84 63.22 -37.30
C SER Q 224 29.92 64.28 -37.05
N GLU Q 225 29.76 65.04 -35.97
CA GLU Q 225 30.71 66.10 -35.62
C GLU Q 225 32.14 65.61 -35.45
N GLU Q 226 32.35 64.77 -34.44
CA GLU Q 226 33.67 64.21 -34.15
C GLU Q 226 34.32 63.71 -35.43
N ILE Q 227 33.52 63.10 -36.29
CA ILE Q 227 33.99 62.56 -37.56
C ILE Q 227 34.30 63.73 -38.49
N ASN Q 228 33.32 64.62 -38.62
CA ASN Q 228 33.42 65.80 -39.47
C ASN Q 228 34.70 66.56 -39.13
N GLN Q 229 35.04 66.58 -37.84
CA GLN Q 229 36.25 67.25 -37.39
C GLN Q 229 37.47 66.57 -37.99
N TYR Q 230 37.44 65.24 -38.05
CA TYR Q 230 38.54 64.47 -38.62
C TYR Q 230 38.63 64.75 -40.12
N VAL Q 231 37.48 64.78 -40.78
CA VAL Q 231 37.42 65.05 -42.21
C VAL Q 231 38.02 66.43 -42.48
N THR Q 232 37.52 67.43 -41.77
CA THR Q 232 37.98 68.81 -41.90
C THR Q 232 39.50 68.92 -41.83
N GLN Q 233 40.12 68.27 -40.85
CA GLN Q 233 41.57 68.35 -40.72
C GLN Q 233 42.32 67.52 -41.76
N ILE Q 234 41.69 66.46 -42.25
CA ILE Q 234 42.33 65.60 -43.26
C ILE Q 234 42.38 66.26 -44.64
N GLU Q 235 41.37 67.10 -44.95
CA GLU Q 235 41.32 67.78 -46.24
C GLU Q 235 42.34 68.92 -46.29
N GLN Q 236 42.74 69.41 -45.12
CA GLN Q 236 43.72 70.48 -45.04
C GLN Q 236 45.12 69.92 -45.24
N GLU Q 237 45.31 68.68 -44.81
CA GLU Q 237 46.61 68.00 -44.93
C GLU Q 237 47.05 67.94 -46.40
N LYS Q 238 46.08 67.89 -47.31
CA LYS Q 238 46.35 67.82 -48.74
C LYS Q 238 46.61 69.19 -49.39
N GLN Q 239 45.80 70.18 -49.01
CA GLN Q 239 45.93 71.53 -49.56
C GLN Q 239 47.14 72.30 -49.00
N GLU Q 240 47.76 71.74 -47.96
CA GLU Q 240 48.94 72.36 -47.36
C GLU Q 240 50.14 71.71 -48.07
N GLN Q 241 49.90 71.33 -49.32
CA GLN Q 241 50.89 70.69 -50.16
C GLN Q 241 50.56 70.94 -51.64
N ASP R 1 18.67 19.81 -63.88
CA ASP R 1 20.16 19.79 -64.04
C ASP R 1 20.65 18.35 -64.29
N ARG R 2 20.92 17.61 -63.21
CA ARG R 2 21.40 16.23 -63.29
C ARG R 2 21.90 15.76 -61.92
N GLY R 3 21.56 14.53 -61.53
CA GLY R 3 21.97 13.99 -60.25
C GLY R 3 23.32 14.45 -59.75
N VAL R 4 23.37 14.86 -58.48
CA VAL R 4 24.62 15.33 -57.89
C VAL R 4 25.52 14.16 -57.51
N SER R 5 25.20 12.98 -58.04
CA SER R 5 25.97 11.78 -57.79
C SER R 5 25.72 10.84 -58.96
N THR R 6 25.89 11.37 -60.17
CA THR R 6 25.68 10.63 -61.40
C THR R 6 27.00 10.12 -61.97
N PHE R 7 26.93 9.07 -62.78
CA PHE R 7 28.10 8.48 -63.41
C PHE R 7 28.29 9.06 -64.82
N SER R 8 29.53 9.31 -65.19
CA SER R 8 29.83 9.82 -66.52
C SER R 8 29.91 8.58 -67.40
N PRO R 9 29.93 8.77 -68.73
CA PRO R 9 29.99 7.56 -69.57
C PRO R 9 31.30 6.80 -69.40
N GLU R 10 32.21 7.31 -68.57
CA GLU R 10 33.49 6.66 -68.33
C GLU R 10 33.50 5.94 -67.00
N GLY R 11 32.35 5.95 -66.30
CA GLY R 11 32.27 5.28 -65.03
C GLY R 11 32.89 6.07 -63.89
N ARG R 12 32.80 7.39 -64.00
CA ARG R 12 33.34 8.28 -62.97
C ARG R 12 32.21 9.15 -62.41
N LEU R 13 32.36 9.59 -61.17
CA LEU R 13 31.36 10.44 -60.55
C LEU R 13 31.68 11.91 -60.80
N PHE R 14 30.88 12.57 -61.63
CA PHE R 14 31.10 13.97 -61.95
C PHE R 14 31.56 14.80 -60.76
N GLN R 15 30.66 15.01 -59.81
CA GLN R 15 30.98 15.81 -58.64
C GLN R 15 32.29 15.45 -57.97
N VAL R 16 32.63 14.17 -57.93
CA VAL R 16 33.88 13.78 -57.28
C VAL R 16 35.06 14.26 -58.11
N GLU R 17 34.94 14.13 -59.43
CA GLU R 17 36.02 14.57 -60.32
C GLU R 17 36.20 16.07 -60.23
N TYR R 18 35.12 16.81 -60.47
CA TYR R 18 35.16 18.26 -60.39
C TYR R 18 35.69 18.69 -59.03
N SER R 19 35.42 17.88 -58.01
CA SER R 19 35.89 18.16 -56.67
C SER R 19 37.40 18.14 -56.69
N LEU R 20 37.96 17.17 -57.40
CA LEU R 20 39.39 17.04 -57.55
C LEU R 20 40.03 18.24 -58.26
N GLU R 21 39.33 18.79 -59.25
CA GLU R 21 39.85 19.95 -59.97
C GLU R 21 40.01 21.14 -59.04
N ALA R 22 39.08 21.26 -58.09
CA ALA R 22 39.12 22.35 -57.13
C ALA R 22 40.33 22.26 -56.21
N ILE R 23 40.69 21.03 -55.84
CA ILE R 23 41.84 20.82 -54.96
C ILE R 23 43.16 21.16 -55.66
N LYS R 24 43.18 21.02 -56.99
CA LYS R 24 44.38 21.34 -57.75
C LYS R 24 44.71 22.82 -57.67
N LEU R 25 43.74 23.62 -57.20
CA LEU R 25 43.94 25.06 -57.08
C LEU R 25 44.33 25.47 -55.68
N GLY R 26 44.48 24.51 -54.78
CA GLY R 26 44.84 24.83 -53.41
C GLY R 26 46.33 24.97 -53.17
N SER R 27 46.69 25.45 -51.99
CA SER R 27 48.10 25.61 -51.64
C SER R 27 48.76 24.25 -51.59
N THR R 28 50.05 24.21 -51.87
CA THR R 28 50.77 22.95 -51.85
C THR R 28 51.10 22.52 -50.42
N ALA R 29 50.99 21.22 -50.19
CA ALA R 29 51.28 20.61 -48.89
C ALA R 29 52.05 19.34 -49.22
N ILE R 30 53.12 19.07 -48.48
CA ILE R 30 53.94 17.90 -48.73
C ILE R 30 54.24 17.10 -47.47
N GLY R 31 54.35 15.79 -47.65
CA GLY R 31 54.66 14.92 -46.53
C GLY R 31 55.70 13.89 -46.87
N ILE R 32 56.66 13.70 -45.96
CA ILE R 32 57.73 12.73 -46.13
C ILE R 32 57.68 11.80 -44.92
N ALA R 33 57.62 10.50 -45.18
CA ALA R 33 57.59 9.53 -44.10
C ALA R 33 58.95 8.83 -43.99
N THR R 34 59.53 8.85 -42.79
CA THR R 34 60.84 8.21 -42.56
C THR R 34 60.80 7.39 -41.28
N LYS R 35 61.80 6.55 -41.04
CA LYS R 35 61.81 5.73 -39.85
C LYS R 35 62.06 6.54 -38.58
N GLU R 36 62.20 7.85 -38.73
CA GLU R 36 62.44 8.73 -37.59
C GLU R 36 61.28 9.67 -37.36
N GLY R 37 60.23 9.52 -38.18
CA GLY R 37 59.06 10.37 -38.07
C GLY R 37 58.51 10.76 -39.42
N VAL R 38 57.45 11.56 -39.43
CA VAL R 38 56.86 12.00 -40.68
C VAL R 38 56.91 13.51 -40.63
N VAL R 39 57.05 14.14 -41.80
CA VAL R 39 57.10 15.60 -41.83
C VAL R 39 56.05 16.19 -42.75
N LEU R 40 55.35 17.20 -42.24
CA LEU R 40 54.31 17.86 -42.99
C LEU R 40 54.67 19.32 -43.21
N GLY R 41 54.60 19.76 -44.47
CA GLY R 41 54.90 21.14 -44.79
C GLY R 41 53.82 21.72 -45.66
N VAL R 42 53.47 22.97 -45.42
CA VAL R 42 52.43 23.63 -46.22
C VAL R 42 52.82 25.04 -46.63
N GLU R 43 52.32 25.46 -47.79
CA GLU R 43 52.57 26.80 -48.29
C GLU R 43 51.51 27.72 -47.71
N LYS R 44 51.86 28.56 -46.75
CA LYS R 44 50.87 29.46 -46.16
C LYS R 44 50.06 30.12 -47.29
N ARG R 45 50.74 30.93 -48.10
CA ARG R 45 50.10 31.64 -49.22
C ARG R 45 49.05 32.67 -48.84
N ALA R 46 49.49 33.80 -48.30
CA ALA R 46 48.54 34.86 -47.94
C ALA R 46 48.10 35.49 -49.27
N THR R 47 47.08 36.34 -49.23
CA THR R 47 46.60 36.99 -50.45
C THR R 47 46.70 38.51 -50.32
N SER R 48 47.50 38.95 -49.36
CA SER R 48 47.71 40.37 -49.11
C SER R 48 48.62 40.54 -47.90
N PRO R 49 49.56 41.49 -47.98
CA PRO R 49 50.52 41.77 -46.90
C PRO R 49 49.91 42.22 -45.58
N LEU R 50 48.61 42.52 -45.57
CA LEU R 50 47.93 42.96 -44.34
C LEU R 50 47.45 41.77 -43.51
N LEU R 51 47.24 40.64 -44.20
CA LEU R 51 46.79 39.40 -43.60
C LEU R 51 47.89 38.86 -42.67
N GLU R 52 47.55 38.67 -41.40
CA GLU R 52 48.51 38.18 -40.42
C GLU R 52 48.80 36.70 -40.64
N SER R 53 49.75 36.46 -41.54
CA SER R 53 50.18 35.12 -41.96
C SER R 53 50.16 33.95 -40.97
N ASP R 54 50.29 34.22 -39.67
CA ASP R 54 50.28 33.12 -38.70
C ASP R 54 48.89 32.65 -38.29
N SER R 55 47.85 33.34 -38.75
CA SER R 55 46.49 32.95 -38.44
C SER R 55 46.04 31.93 -39.50
N ILE R 56 46.95 31.55 -40.38
CA ILE R 56 46.63 30.58 -41.42
C ILE R 56 46.97 29.21 -40.86
N GLU R 57 45.92 28.40 -40.72
CA GLU R 57 46.04 27.08 -40.13
C GLU R 57 45.76 25.95 -41.14
N LYS R 58 46.81 25.46 -41.79
CA LYS R 58 46.62 24.38 -42.75
C LYS R 58 47.23 23.07 -42.26
N ILE R 59 47.74 23.10 -41.04
CA ILE R 59 48.32 21.92 -40.41
C ILE R 59 47.72 21.84 -39.01
N VAL R 60 46.88 20.85 -38.78
CA VAL R 60 46.23 20.70 -37.48
C VAL R 60 46.55 19.37 -36.83
N GLU R 61 46.38 19.33 -35.51
CA GLU R 61 46.64 18.13 -34.72
C GLU R 61 45.35 17.36 -34.47
N ILE R 62 45.31 16.10 -34.88
CA ILE R 62 44.14 15.28 -34.68
C ILE R 62 44.19 14.59 -33.31
N ASP R 63 45.41 14.30 -32.86
CA ASP R 63 45.64 13.70 -31.56
C ASP R 63 47.13 13.79 -31.33
N ARG R 64 47.60 13.39 -30.15
CA ARG R 64 49.04 13.47 -29.86
C ARG R 64 49.91 12.64 -30.82
N HIS R 65 49.34 11.61 -31.45
CA HIS R 65 50.12 10.77 -32.36
C HIS R 65 49.66 10.87 -33.81
N ILE R 66 48.76 11.81 -34.10
CA ILE R 66 48.25 11.99 -35.45
C ILE R 66 48.02 13.46 -35.76
N GLY R 67 48.49 13.92 -36.91
CA GLY R 67 48.31 15.30 -37.31
C GLY R 67 48.04 15.27 -38.79
N CYS R 68 47.68 16.40 -39.38
CA CYS R 68 47.45 16.37 -40.81
C CYS R 68 47.46 17.74 -41.50
N ALA R 69 47.71 17.70 -42.80
CA ALA R 69 47.76 18.90 -43.63
C ALA R 69 46.62 18.83 -44.63
N MET R 70 46.17 20.01 -45.07
CA MET R 70 45.06 20.12 -46.00
C MET R 70 45.37 20.93 -47.26
N SER R 71 44.54 20.75 -48.28
CA SER R 71 44.73 21.46 -49.53
C SER R 71 43.41 21.59 -50.30
N GLY R 72 43.16 22.79 -50.83
CA GLY R 72 41.94 23.03 -51.57
C GLY R 72 41.04 23.92 -50.73
N LEU R 73 39.73 23.71 -50.79
CA LEU R 73 38.80 24.51 -50.00
C LEU R 73 38.98 24.15 -48.51
N THR R 74 39.84 24.90 -47.82
CA THR R 74 40.14 24.65 -46.41
C THR R 74 38.97 24.72 -45.43
N ALA R 75 37.97 25.54 -45.75
CA ALA R 75 36.82 25.66 -44.87
C ALA R 75 36.11 24.31 -44.78
N ASP R 76 36.11 23.55 -45.88
CA ASP R 76 35.47 22.24 -45.91
C ASP R 76 36.15 21.21 -45.03
N ALA R 77 37.38 21.50 -44.60
CA ALA R 77 38.09 20.54 -43.76
C ALA R 77 37.79 20.64 -42.28
N ARG R 78 37.16 21.73 -41.85
CA ARG R 78 36.84 21.91 -40.43
C ARG R 78 36.14 20.72 -39.81
N SER R 79 35.02 20.33 -40.41
CA SER R 79 34.24 19.20 -39.92
C SER R 79 34.94 17.86 -40.09
N MET R 80 35.91 17.80 -40.99
CA MET R 80 36.65 16.57 -41.19
C MET R 80 37.61 16.43 -40.02
N ILE R 81 38.24 17.55 -39.64
CA ILE R 81 39.16 17.54 -38.52
C ILE R 81 38.36 17.22 -37.28
N GLU R 82 37.17 17.81 -37.22
CA GLU R 82 36.28 17.61 -36.09
C GLU R 82 35.90 16.14 -36.01
N HIS R 83 35.39 15.58 -37.11
CA HIS R 83 35.04 14.17 -37.10
C HIS R 83 36.26 13.34 -36.76
N ALA R 84 37.42 13.73 -37.28
CA ALA R 84 38.67 13.01 -37.03
C ALA R 84 39.02 13.02 -35.56
N ARG R 85 39.16 14.21 -34.98
CA ARG R 85 39.49 14.33 -33.58
C ARG R 85 38.55 13.52 -32.70
N THR R 86 37.25 13.69 -32.94
CA THR R 86 36.23 12.98 -32.19
C THR R 86 36.45 11.46 -32.27
N ALA R 87 36.62 10.95 -33.48
CA ALA R 87 36.84 9.52 -33.68
C ALA R 87 38.03 9.00 -32.88
N ALA R 88 39.13 9.76 -32.90
CA ALA R 88 40.34 9.40 -32.19
C ALA R 88 40.08 9.35 -30.69
N VAL R 89 39.46 10.40 -30.17
CA VAL R 89 39.15 10.46 -28.75
C VAL R 89 38.15 9.37 -28.37
N THR R 90 37.06 9.28 -29.13
CA THR R 90 36.05 8.28 -28.88
C THR R 90 36.68 6.90 -28.76
N HIS R 91 37.51 6.55 -29.75
CA HIS R 91 38.19 5.26 -29.75
C HIS R 91 38.95 5.05 -28.44
N ASN R 92 39.66 6.08 -28.02
CA ASN R 92 40.43 6.00 -26.79
C ASN R 92 39.51 5.71 -25.61
N LEU R 93 38.37 6.40 -25.56
CA LEU R 93 37.42 6.21 -24.47
C LEU R 93 36.93 4.76 -24.42
N TYR R 94 36.46 4.25 -25.55
CA TYR R 94 35.98 2.89 -25.63
C TYR R 94 37.04 1.83 -25.39
N TYR R 95 38.25 2.05 -25.92
CA TYR R 95 39.29 1.04 -25.79
C TYR R 95 40.54 1.29 -24.95
N ASP R 96 40.66 2.45 -24.33
CA ASP R 96 41.83 2.74 -23.50
C ASP R 96 43.12 2.55 -24.31
N GLU R 97 43.21 3.23 -25.45
CA GLU R 97 44.37 3.10 -26.29
C GLU R 97 44.27 4.12 -27.42
N ASP R 98 45.34 4.22 -28.22
CA ASP R 98 45.38 5.15 -29.34
C ASP R 98 44.79 4.53 -30.59
N ILE R 99 44.02 5.33 -31.32
CA ILE R 99 43.39 4.90 -32.56
C ILE R 99 44.50 4.72 -33.63
N ASN R 100 44.50 3.57 -34.30
CA ASN R 100 45.49 3.29 -35.34
C ASN R 100 45.40 4.30 -36.47
N VAL R 101 46.54 4.83 -36.89
CA VAL R 101 46.57 5.84 -37.93
C VAL R 101 45.73 5.48 -39.15
N GLU R 102 45.77 4.22 -39.58
CA GLU R 102 44.98 3.83 -40.73
C GLU R 102 43.49 3.93 -40.43
N SER R 103 43.10 3.46 -39.25
CA SER R 103 41.71 3.48 -38.79
C SER R 103 41.17 4.89 -38.83
N LEU R 104 41.87 5.79 -38.16
CA LEU R 104 41.46 7.19 -38.12
C LEU R 104 41.20 7.66 -39.55
N THR R 105 42.10 7.28 -40.47
CA THR R 105 41.97 7.69 -41.86
C THR R 105 40.73 7.10 -42.52
N GLN R 106 40.56 5.79 -42.40
CA GLN R 106 39.39 5.11 -42.98
C GLN R 106 38.09 5.77 -42.49
N SER R 107 38.08 6.18 -41.22
CA SER R 107 36.93 6.82 -40.61
C SER R 107 36.64 8.17 -41.27
N VAL R 108 37.69 8.96 -41.51
CA VAL R 108 37.55 10.26 -42.15
C VAL R 108 37.05 10.05 -43.58
N CYS R 109 37.54 9.01 -44.22
CA CYS R 109 37.15 8.72 -45.59
C CYS R 109 35.71 8.24 -45.70
N ASP R 110 35.17 7.79 -44.60
CA ASP R 110 33.80 7.31 -44.61
C ASP R 110 32.81 8.46 -44.83
N LEU R 111 33.18 9.68 -44.44
CA LEU R 111 32.30 10.84 -44.65
C LEU R 111 32.32 11.19 -46.12
N ALA R 112 33.51 11.20 -46.68
CA ALA R 112 33.72 11.52 -48.08
C ALA R 112 32.57 11.32 -49.07
N LEU R 113 31.99 10.13 -49.15
CA LEU R 113 30.90 9.90 -50.11
C LEU R 113 29.47 10.05 -49.57
N ARG R 114 29.35 10.54 -48.34
CA ARG R 114 28.04 10.76 -47.75
C ARG R 114 27.38 12.00 -48.37
N PHE R 115 27.16 12.00 -49.67
CA PHE R 115 26.52 13.16 -50.26
C PHE R 115 25.47 12.80 -51.31
N GLY R 116 24.65 13.79 -51.66
CA GLY R 116 23.59 13.60 -52.64
C GLY R 116 22.29 14.30 -52.24
N GLU R 117 21.19 13.93 -52.90
CA GLU R 117 19.88 14.53 -52.61
C GLU R 117 18.87 13.48 -52.13
N GLY R 118 19.37 12.27 -51.85
CA GLY R 118 18.51 11.20 -51.39
C GLY R 118 18.92 9.84 -51.94
N ALA R 119 20.21 9.52 -51.84
CA ALA R 119 20.74 8.23 -52.32
C ALA R 119 20.32 7.09 -51.38
N SER R 120 19.49 6.19 -51.90
CA SER R 120 18.98 5.04 -51.14
C SER R 120 20.09 4.15 -50.54
N GLY R 121 20.30 4.26 -49.22
CA GLY R 121 21.31 3.48 -48.55
C GLY R 121 21.46 3.78 -47.06
N GLU R 122 21.02 4.97 -46.65
CA GLU R 122 21.09 5.43 -45.26
C GLU R 122 20.51 6.84 -45.18
N GLU R 123 21.34 7.80 -44.76
CA GLU R 123 20.89 9.18 -44.68
C GLU R 123 22.03 10.17 -44.99
N ARG R 124 22.57 10.03 -46.19
CA ARG R 124 23.66 10.89 -46.65
C ARG R 124 23.23 12.31 -46.94
N LEU R 125 23.27 13.15 -45.90
CA LEU R 125 22.90 14.53 -46.05
C LEU R 125 24.17 15.41 -46.07
N MET R 126 24.41 16.00 -47.24
CA MET R 126 25.56 16.85 -47.53
C MET R 126 25.38 17.05 -49.03
N SER R 127 25.14 18.28 -49.46
CA SER R 127 24.89 18.54 -50.87
C SER R 127 26.00 18.35 -51.89
N ARG R 128 27.23 18.11 -51.44
CA ARG R 128 28.33 17.94 -52.39
C ARG R 128 29.54 17.32 -51.72
N PRO R 129 30.54 16.91 -52.52
CA PRO R 129 31.76 16.30 -51.97
C PRO R 129 32.60 17.38 -51.32
N PHE R 130 33.54 16.98 -50.48
CA PHE R 130 34.44 17.94 -49.82
C PHE R 130 35.43 18.46 -50.87
N GLY R 131 35.65 19.77 -50.91
CA GLY R 131 36.59 20.34 -51.86
C GLY R 131 37.97 20.49 -51.24
N VAL R 132 38.50 19.40 -50.70
CA VAL R 132 39.80 19.43 -50.05
C VAL R 132 40.35 18.01 -49.87
N ALA R 133 41.67 17.90 -49.91
CA ALA R 133 42.34 16.62 -49.72
C ALA R 133 43.18 16.74 -48.45
N LEU R 134 43.43 15.62 -47.80
CA LEU R 134 44.22 15.66 -46.58
C LEU R 134 45.40 14.72 -46.62
N LEU R 135 46.41 15.07 -45.84
CA LEU R 135 47.59 14.26 -45.70
C LEU R 135 47.59 13.98 -44.22
N ILE R 136 47.16 12.78 -43.85
CA ILE R 136 47.12 12.43 -42.45
C ILE R 136 48.41 11.71 -42.13
N ALA R 137 49.16 12.24 -41.19
CA ALA R 137 50.43 11.63 -40.82
C ALA R 137 50.44 11.28 -39.34
N GLY R 138 50.98 10.13 -39.01
CA GLY R 138 51.02 9.75 -37.62
C GLY R 138 51.75 8.45 -37.38
N HIS R 139 51.67 7.96 -36.15
CA HIS R 139 52.37 6.73 -35.79
C HIS R 139 51.64 5.88 -34.73
N ASP R 140 51.76 4.56 -34.89
CA ASP R 140 51.19 3.63 -33.94
C ASP R 140 52.11 2.42 -33.80
N ALA R 141 51.98 1.71 -32.70
CA ALA R 141 52.82 0.56 -32.42
C ALA R 141 52.76 -0.59 -33.44
N ASP R 142 51.68 -0.70 -34.20
CA ASP R 142 51.55 -1.80 -35.15
C ASP R 142 52.22 -1.61 -36.51
N ASP R 143 52.11 -0.40 -37.06
CA ASP R 143 52.71 -0.12 -38.37
C ASP R 143 53.59 1.12 -38.35
N GLY R 144 54.10 1.47 -37.18
CA GLY R 144 54.97 2.62 -37.04
C GLY R 144 54.50 3.90 -37.70
N TYR R 145 55.44 4.66 -38.24
CA TYR R 145 55.15 5.93 -38.91
C TYR R 145 54.42 5.71 -40.23
N GLN R 146 53.44 6.57 -40.50
CA GLN R 146 52.67 6.47 -41.73
C GLN R 146 52.20 7.80 -42.26
N LEU R 147 52.00 7.83 -43.56
CA LEU R 147 51.54 9.01 -44.27
C LEU R 147 50.41 8.54 -45.14
N PHE R 148 49.28 9.23 -45.06
CA PHE R 148 48.12 8.84 -45.85
C PHE R 148 47.61 10.04 -46.62
N HIS R 149 46.94 9.76 -47.72
CA HIS R 149 46.36 10.81 -48.54
C HIS R 149 44.89 10.48 -48.68
N ALA R 150 44.03 11.34 -48.14
CA ALA R 150 42.59 11.12 -48.22
C ALA R 150 41.93 12.06 -49.23
N GLU R 151 41.15 11.50 -50.14
CA GLU R 151 40.48 12.31 -51.16
C GLU R 151 38.97 12.36 -51.01
N PRO R 152 38.33 13.34 -51.66
CA PRO R 152 36.87 13.51 -51.62
C PRO R 152 36.16 12.32 -52.26
N SER R 153 36.94 11.43 -52.87
CA SER R 153 36.39 10.25 -53.52
C SER R 153 36.07 9.18 -52.49
N GLY R 154 36.72 9.28 -51.33
CA GLY R 154 36.47 8.30 -50.29
C GLY R 154 37.60 7.31 -50.19
N THR R 155 38.42 7.23 -51.24
CA THR R 155 39.56 6.30 -51.26
C THR R 155 40.79 6.96 -50.65
N PHE R 156 41.64 6.16 -50.01
CA PHE R 156 42.84 6.70 -49.39
C PHE R 156 44.02 5.78 -49.62
N TYR R 157 45.17 6.40 -49.88
CA TYR R 157 46.40 5.68 -50.15
C TYR R 157 47.45 5.99 -49.09
N ARG R 158 48.38 5.07 -48.94
CA ARG R 158 49.49 5.27 -48.00
C ARG R 158 50.68 5.61 -48.89
N TYR R 159 51.41 6.66 -48.54
CA TYR R 159 52.57 7.07 -49.31
C TYR R 159 53.82 7.16 -48.45
N ASN R 160 54.98 7.16 -49.10
CA ASN R 160 56.26 7.28 -48.42
C ASN R 160 56.57 8.76 -48.44
N ALA R 161 55.97 9.42 -49.42
CA ALA R 161 56.11 10.86 -49.60
C ALA R 161 54.97 11.23 -50.55
N LYS R 162 54.42 12.43 -50.40
CA LYS R 162 53.31 12.83 -51.25
C LYS R 162 53.07 14.32 -51.14
N ALA R 163 52.68 14.92 -52.27
CA ALA R 163 52.40 16.34 -52.31
C ALA R 163 51.05 16.56 -52.97
N ILE R 164 50.29 17.47 -52.41
CA ILE R 164 48.97 17.79 -52.93
C ILE R 164 48.88 19.29 -53.05
N GLY R 165 48.17 19.77 -54.07
CA GLY R 165 48.03 21.20 -54.24
C GLY R 165 48.39 21.64 -55.64
N SER R 166 48.50 22.94 -55.84
CA SER R 166 48.83 23.48 -57.15
C SER R 166 50.13 22.89 -57.73
N GLY R 167 51.17 22.80 -56.93
CA GLY R 167 52.42 22.27 -57.46
C GLY R 167 52.65 20.80 -57.16
N SER R 168 51.58 20.01 -57.14
CA SER R 168 51.72 18.58 -56.83
C SER R 168 52.38 17.68 -57.88
N GLU R 169 51.92 17.73 -59.13
CA GLU R 169 52.52 16.89 -60.17
C GLU R 169 54.01 17.22 -60.28
N GLY R 170 54.33 18.50 -60.12
CA GLY R 170 55.71 18.94 -60.19
C GLY R 170 56.53 18.45 -59.00
N ALA R 171 56.05 18.78 -57.80
CA ALA R 171 56.74 18.38 -56.58
C ALA R 171 56.74 16.88 -56.33
N GLN R 172 55.75 16.17 -56.88
CA GLN R 172 55.67 14.73 -56.71
C GLN R 172 56.81 14.06 -57.48
N ALA R 173 56.93 14.40 -58.76
CA ALA R 173 57.98 13.85 -59.60
C ALA R 173 59.33 14.14 -58.90
N GLU R 174 59.36 15.24 -58.15
CA GLU R 174 60.55 15.64 -57.42
C GLU R 174 60.85 14.67 -56.30
N LEU R 175 59.84 14.38 -55.49
CA LEU R 175 59.97 13.44 -54.37
C LEU R 175 60.40 12.07 -54.87
N LEU R 176 59.97 11.72 -56.07
CA LEU R 176 60.30 10.42 -56.66
C LEU R 176 61.79 10.13 -56.58
N ASN R 177 62.61 11.11 -56.94
CA ASN R 177 64.06 10.97 -56.93
C ASN R 177 64.61 11.02 -55.51
N GLU R 178 64.34 12.14 -54.85
CA GLU R 178 64.81 12.40 -53.49
C GLU R 178 64.54 11.35 -52.40
N TRP R 179 63.42 10.65 -52.46
CA TRP R 179 63.08 9.68 -51.42
C TRP R 179 63.76 8.31 -51.45
N HIS R 180 64.27 7.92 -50.29
CA HIS R 180 64.89 6.62 -50.12
C HIS R 180 64.56 6.10 -48.72
N SER R 181 64.42 4.78 -48.62
CA SER R 181 64.05 4.14 -47.36
C SER R 181 65.01 4.28 -46.19
N SER R 182 65.73 5.41 -46.12
CA SER R 182 66.66 5.61 -45.02
C SER R 182 67.06 7.07 -44.79
N LEU R 183 66.11 7.98 -44.97
CA LEU R 183 66.35 9.40 -44.73
C LEU R 183 66.24 9.66 -43.24
N THR R 184 66.85 10.72 -42.76
CA THR R 184 66.77 11.06 -41.34
C THR R 184 65.69 12.13 -41.23
N LEU R 185 65.26 12.42 -40.01
CA LEU R 185 64.24 13.44 -39.83
C LEU R 185 64.73 14.76 -40.41
N LYS R 186 65.96 15.16 -40.06
CA LYS R 186 66.52 16.41 -40.55
C LYS R 186 66.52 16.46 -42.09
N GLU R 187 67.01 15.40 -42.73
CA GLU R 187 67.05 15.35 -44.18
C GLU R 187 65.69 15.66 -44.77
N ALA R 188 64.66 15.02 -44.21
CA ALA R 188 63.29 15.20 -44.66
C ALA R 188 62.81 16.65 -44.55
N GLU R 189 63.02 17.25 -43.39
CA GLU R 189 62.59 18.63 -43.16
C GLU R 189 63.16 19.57 -44.22
N LEU R 190 64.47 19.43 -44.47
CA LEU R 190 65.14 20.25 -45.46
C LEU R 190 64.57 19.94 -46.84
N LEU R 191 64.45 18.64 -47.11
CA LEU R 191 63.91 18.17 -48.39
C LEU R 191 62.53 18.77 -48.66
N VAL R 192 61.68 18.80 -47.64
CA VAL R 192 60.33 19.37 -47.75
C VAL R 192 60.44 20.87 -48.00
N LEU R 193 61.24 21.51 -47.15
CA LEU R 193 61.48 22.94 -47.23
C LEU R 193 62.00 23.27 -48.63
N LYS R 194 62.81 22.37 -49.18
CA LYS R 194 63.38 22.54 -50.51
C LYS R 194 62.32 22.52 -51.60
N ILE R 195 61.59 21.40 -51.67
CA ILE R 195 60.55 21.27 -52.68
C ILE R 195 59.48 22.37 -52.60
N LEU R 196 59.14 22.82 -51.39
CA LEU R 196 58.15 23.88 -51.26
C LEU R 196 58.66 25.12 -51.97
N LYS R 197 59.94 25.43 -51.74
CA LYS R 197 60.57 26.58 -52.35
C LYS R 197 60.49 26.55 -53.88
N GLN R 198 60.57 25.35 -54.46
CA GLN R 198 60.50 25.19 -55.90
C GLN R 198 59.14 25.45 -56.51
N VAL R 199 58.10 24.91 -55.88
CA VAL R 199 56.74 25.06 -56.36
C VAL R 199 56.00 26.31 -55.90
N MET R 200 56.43 26.90 -54.80
CA MET R 200 55.80 28.12 -54.29
C MET R 200 55.95 29.30 -55.24
N GLU R 201 54.90 30.11 -55.33
CA GLU R 201 54.93 31.30 -56.18
C GLU R 201 55.75 32.39 -55.50
N GLU R 202 55.88 32.29 -54.18
CA GLU R 202 56.62 33.26 -53.38
C GLU R 202 57.99 32.77 -52.97
N LYS R 203 58.81 33.68 -52.45
CA LYS R 203 60.14 33.29 -52.02
C LYS R 203 59.97 32.73 -50.61
N LEU R 204 60.16 31.42 -50.48
CA LEU R 204 60.02 30.71 -49.21
C LEU R 204 60.77 31.33 -48.04
N ASP R 205 60.07 31.56 -46.95
CA ASP R 205 60.66 32.11 -45.73
C ASP R 205 59.77 31.67 -44.56
N GLU R 206 60.32 31.71 -43.34
CA GLU R 206 59.58 31.28 -42.16
C GLU R 206 58.20 31.93 -41.95
N ASN R 207 57.77 32.77 -42.88
CA ASN R 207 56.48 33.43 -42.75
C ASN R 207 55.38 32.99 -43.71
N ASN R 208 55.74 32.41 -44.85
CA ASN R 208 54.70 31.96 -45.77
C ASN R 208 54.76 30.45 -45.97
N ALA R 209 55.45 29.77 -45.06
CA ALA R 209 55.56 28.33 -45.12
C ALA R 209 55.60 27.82 -43.69
N GLN R 210 55.08 26.62 -43.48
CA GLN R 210 55.05 26.05 -42.14
C GLN R 210 55.40 24.57 -42.17
N LEU R 211 56.21 24.17 -41.20
CA LEU R 211 56.67 22.79 -41.05
C LEU R 211 56.17 22.16 -39.77
N SER R 212 56.28 20.84 -39.71
CA SER R 212 55.86 20.09 -38.54
C SER R 212 56.22 18.63 -38.74
N CYS R 213 56.27 17.89 -37.64
CA CYS R 213 56.59 16.47 -37.69
C CYS R 213 55.79 15.72 -36.64
N ILE R 214 56.02 14.41 -36.60
CA ILE R 214 55.35 13.54 -35.65
C ILE R 214 56.34 12.45 -35.31
N THR R 215 56.83 12.47 -34.07
CA THR R 215 57.79 11.47 -33.63
C THR R 215 57.25 10.70 -32.43
N LYS R 216 57.41 9.39 -32.46
CA LYS R 216 56.93 8.53 -31.38
C LYS R 216 57.26 9.09 -30.00
N GLN R 217 58.37 9.81 -29.88
CA GLN R 217 58.74 10.32 -28.57
C GLN R 217 58.00 11.57 -28.09
N ASP R 218 57.75 12.52 -28.97
CA ASP R 218 57.07 13.75 -28.54
C ASP R 218 55.78 14.04 -29.28
N GLY R 219 55.36 13.10 -30.12
CA GLY R 219 54.12 13.28 -30.86
C GLY R 219 54.14 14.39 -31.88
N PHE R 220 52.95 14.87 -32.23
CA PHE R 220 52.79 15.91 -33.21
C PHE R 220 53.01 17.31 -32.64
N LYS R 221 53.97 18.02 -33.22
CA LYS R 221 54.32 19.38 -32.84
C LYS R 221 54.42 20.19 -34.13
N ILE R 222 54.10 21.48 -34.04
CA ILE R 222 54.22 22.33 -35.21
C ILE R 222 55.47 23.18 -34.95
N TYR R 223 56.31 23.33 -35.97
CA TYR R 223 57.53 24.11 -35.85
C TYR R 223 57.24 25.60 -35.80
N ASP R 224 57.65 26.25 -34.72
CA ASP R 224 57.43 27.68 -34.59
C ASP R 224 58.34 28.41 -35.56
N ASN R 225 57.99 29.63 -35.91
CA ASN R 225 58.77 30.43 -36.86
C ASN R 225 60.27 30.52 -36.63
N GLU R 226 60.70 30.63 -35.38
CA GLU R 226 62.14 30.70 -35.08
C GLU R 226 62.83 29.43 -35.54
N LYS R 227 62.36 28.28 -35.04
CA LYS R 227 62.95 27.00 -35.39
C LYS R 227 62.98 26.76 -36.90
N THR R 228 61.91 27.17 -37.60
CA THR R 228 61.84 26.98 -39.04
C THR R 228 62.84 27.86 -39.78
N ALA R 229 62.78 29.16 -39.51
CA ALA R 229 63.68 30.12 -40.15
C ALA R 229 65.10 29.57 -40.23
N GLU R 230 65.53 28.86 -39.18
CA GLU R 230 66.86 28.29 -39.13
C GLU R 230 67.06 27.21 -40.19
N LEU R 231 66.10 26.31 -40.32
CA LEU R 231 66.19 25.25 -41.33
C LEU R 231 66.16 25.85 -42.74
N ILE R 232 65.57 27.05 -42.87
CA ILE R 232 65.52 27.75 -44.16
C ILE R 232 66.95 28.14 -44.46
N LYS R 233 67.57 28.81 -43.48
CA LYS R 233 68.96 29.25 -43.57
C LYS R 233 69.83 28.03 -43.87
N GLU R 234 69.85 27.09 -42.92
CA GLU R 234 70.62 25.86 -43.04
C GLU R 234 70.44 25.17 -44.40
N LEU R 235 69.31 25.40 -45.05
CA LEU R 235 69.05 24.80 -46.34
C LEU R 235 69.79 25.60 -47.42
N LYS R 236 69.64 26.93 -47.38
CA LYS R 236 70.29 27.81 -48.35
C LYS R 236 71.79 27.51 -48.44
N GLU R 237 72.38 27.23 -47.27
CA GLU R 237 73.80 26.90 -47.17
C GLU R 237 74.15 25.62 -47.90
N LYS R 238 73.46 24.53 -47.57
CA LYS R 238 73.75 23.25 -48.20
C LYS R 238 73.46 23.19 -49.69
N GLU R 239 72.70 24.17 -50.20
CA GLU R 239 72.39 24.21 -51.62
C GLU R 239 73.48 24.96 -52.40
N ALA R 240 74.02 26.00 -51.76
CA ALA R 240 75.08 26.80 -52.37
C ALA R 240 76.40 26.03 -52.29
N ALA R 241 76.44 25.00 -51.44
CA ALA R 241 77.64 24.18 -51.25
C ALA R 241 77.74 23.07 -52.29
N GLU R 242 77.69 23.48 -53.55
CA GLU R 242 77.78 22.62 -54.74
C GLU R 242 76.64 22.95 -55.71
N PHE S 1 20.58 10.66 -78.93
CA PHE S 1 20.21 9.39 -78.23
C PHE S 1 20.75 9.44 -76.79
N ARG S 2 21.44 8.38 -76.38
CA ARG S 2 22.03 8.22 -75.05
C ARG S 2 22.01 9.48 -74.20
N ASN S 3 22.53 10.56 -74.77
CA ASN S 3 22.61 11.86 -74.12
C ASN S 3 21.39 12.23 -73.25
N ASN S 4 20.18 11.96 -73.74
CA ASN S 4 18.95 12.30 -73.01
C ASN S 4 18.44 11.28 -72.01
N TYR S 5 18.92 10.05 -72.09
CA TYR S 5 18.43 9.00 -71.21
C TYR S 5 19.40 8.50 -70.13
N ASP S 6 20.58 9.12 -70.03
CA ASP S 6 21.52 8.68 -69.02
C ASP S 6 21.61 9.69 -67.89
N GLY S 7 20.59 10.53 -67.77
CA GLY S 7 20.57 11.52 -66.72
C GLY S 7 20.61 10.93 -65.32
N ASP S 8 19.83 9.87 -65.11
CA ASP S 8 19.77 9.16 -63.83
C ASP S 8 19.25 7.73 -63.99
N THR S 9 19.32 6.95 -62.92
CA THR S 9 18.92 5.55 -62.98
C THR S 9 17.43 5.28 -63.14
N VAL S 10 16.60 6.25 -62.77
CA VAL S 10 15.17 6.04 -62.86
C VAL S 10 14.63 6.06 -64.30
N THR S 11 15.47 6.48 -65.26
CA THR S 11 15.07 6.56 -66.66
C THR S 11 15.41 5.35 -67.53
N PHE S 12 14.48 4.96 -68.40
CA PHE S 12 14.66 3.82 -69.30
C PHE S 12 14.99 4.32 -70.70
N SER S 13 15.93 3.67 -71.39
CA SER S 13 16.25 4.07 -72.75
C SER S 13 15.09 3.65 -73.66
N PRO S 14 14.99 4.23 -74.87
CA PRO S 14 13.89 3.83 -75.74
C PRO S 14 14.05 2.39 -76.21
N THR S 15 15.28 1.88 -76.10
CA THR S 15 15.61 0.52 -76.49
C THR S 15 15.45 -0.44 -75.30
N GLY S 16 15.30 0.12 -74.10
CA GLY S 16 15.13 -0.70 -72.92
C GLY S 16 16.36 -0.84 -72.04
N ARG S 17 17.33 0.05 -72.22
CA ARG S 17 18.56 -0.01 -71.44
C ARG S 17 18.58 0.96 -70.26
N LEU S 18 19.49 0.72 -69.33
CA LEU S 18 19.67 1.56 -68.15
C LEU S 18 21.11 2.03 -68.17
N PHE S 19 21.35 3.15 -68.86
CA PHE S 19 22.70 3.69 -69.00
C PHE S 19 23.48 3.87 -67.72
N GLN S 20 22.93 4.60 -66.76
CA GLN S 20 23.63 4.80 -65.49
C GLN S 20 24.21 3.49 -64.95
N VAL S 21 23.43 2.41 -65.06
CA VAL S 21 23.88 1.10 -64.60
C VAL S 21 25.03 0.62 -65.48
N GLU S 22 24.90 0.83 -66.77
CA GLU S 22 25.92 0.43 -67.72
C GLU S 22 27.19 1.22 -67.49
N TYR S 23 27.04 2.49 -67.13
CA TYR S 23 28.19 3.34 -66.87
C TYR S 23 28.89 2.82 -65.64
N ALA S 24 28.11 2.41 -64.65
CA ALA S 24 28.67 1.88 -63.41
C ALA S 24 29.56 0.70 -63.80
N LEU S 25 29.03 -0.14 -64.67
CA LEU S 25 29.75 -1.32 -65.16
C LEU S 25 31.09 -0.92 -65.74
N GLU S 26 31.09 0.18 -66.49
CA GLU S 26 32.31 0.68 -67.10
C GLU S 26 33.41 0.99 -66.08
N ALA S 27 33.02 1.40 -64.89
CA ALA S 27 34.00 1.73 -63.86
C ALA S 27 34.67 0.45 -63.37
N ILE S 28 34.02 -0.68 -63.63
CA ILE S 28 34.54 -1.98 -63.24
C ILE S 28 35.68 -2.33 -64.20
N LYS S 29 35.35 -2.35 -65.49
CA LYS S 29 36.32 -2.65 -66.52
C LYS S 29 37.55 -1.77 -66.43
N GLN S 30 37.38 -0.55 -65.96
CA GLN S 30 38.49 0.37 -65.83
C GLN S 30 39.28 -0.01 -64.56
N GLY S 31 38.68 -0.84 -63.73
CA GLY S 31 39.35 -1.28 -62.51
C GLY S 31 40.40 -2.35 -62.74
N SER S 32 41.22 -2.60 -61.72
CA SER S 32 42.29 -3.61 -61.78
C SER S 32 41.72 -5.02 -61.85
N VAL S 33 42.49 -5.95 -62.40
CA VAL S 33 42.01 -7.33 -62.53
C VAL S 33 42.15 -8.22 -61.29
N THR S 34 41.21 -9.16 -61.18
CA THR S 34 41.17 -10.09 -60.07
C THR S 34 40.50 -11.38 -60.59
N VAL S 35 40.90 -12.53 -60.05
CA VAL S 35 40.35 -13.80 -60.51
C VAL S 35 39.91 -14.72 -59.38
N GLY S 36 38.99 -15.62 -59.71
CA GLY S 36 38.48 -16.58 -58.75
C GLY S 36 38.22 -17.93 -59.41
N LEU S 37 38.55 -18.99 -58.69
CA LEU S 37 38.35 -20.36 -59.15
C LEU S 37 38.27 -21.25 -57.91
N ARG S 38 37.56 -22.36 -58.03
CA ARG S 38 37.39 -23.26 -56.90
C ARG S 38 37.47 -24.70 -57.35
N SER S 39 37.85 -25.59 -56.44
CA SER S 39 37.90 -27.02 -56.73
C SER S 39 36.60 -27.59 -56.11
N ASN S 40 36.71 -28.69 -55.40
CA ASN S 40 35.54 -29.26 -54.75
C ASN S 40 35.80 -29.22 -53.26
N THR S 41 36.96 -28.70 -52.89
CA THR S 41 37.34 -28.60 -51.50
C THR S 41 37.80 -27.18 -51.13
N HIS S 42 38.27 -26.43 -52.11
CA HIS S 42 38.73 -25.06 -51.88
C HIS S 42 38.23 -24.05 -52.91
N ALA S 43 38.44 -22.77 -52.62
CA ALA S 43 38.05 -21.69 -53.51
C ALA S 43 39.14 -20.65 -53.33
N VAL S 44 39.68 -20.16 -54.44
CA VAL S 44 40.75 -19.18 -54.34
C VAL S 44 40.51 -17.87 -55.05
N LEU S 45 41.04 -16.81 -54.45
CA LEU S 45 40.95 -15.49 -55.01
C LEU S 45 42.36 -14.99 -55.21
N VAL S 46 42.65 -14.54 -56.43
CA VAL S 46 43.96 -13.99 -56.78
C VAL S 46 43.66 -12.65 -57.41
N ALA S 47 44.19 -11.58 -56.82
CA ALA S 47 43.94 -10.27 -57.35
C ALA S 47 45.22 -9.49 -57.54
N LEU S 48 45.20 -8.64 -58.56
CA LEU S 48 46.32 -7.79 -58.91
C LEU S 48 46.09 -6.42 -58.26
N LYS S 49 46.90 -6.06 -57.27
CA LYS S 49 46.74 -4.77 -56.61
C LYS S 49 47.36 -3.63 -57.44
N ARG S 50 46.64 -2.52 -57.56
CA ARG S 50 47.09 -1.35 -58.31
C ARG S 50 47.63 -0.25 -57.40
N ASN S 51 48.49 0.61 -57.93
CA ASN S 51 49.07 1.70 -57.14
C ASN S 51 49.08 3.01 -57.93
N ALA S 52 49.18 4.13 -57.23
CA ALA S 52 49.21 5.44 -57.86
C ALA S 52 50.63 5.80 -58.31
N ASP S 53 51.49 6.10 -57.34
CA ASP S 53 52.88 6.45 -57.61
C ASP S 53 53.76 5.28 -57.19
N GLU S 54 55.06 5.52 -57.16
CA GLU S 54 55.98 4.50 -56.74
C GLU S 54 56.22 4.72 -55.26
N LEU S 55 55.54 5.75 -54.74
CA LEU S 55 55.63 6.10 -53.33
C LEU S 55 54.30 5.79 -52.66
N SER S 56 53.34 5.29 -53.44
CA SER S 56 52.02 4.96 -52.92
C SER S 56 51.90 3.45 -52.76
N SER S 57 51.07 3.02 -51.81
CA SER S 57 50.88 1.61 -51.54
C SER S 57 49.91 1.03 -52.58
N TYR S 58 49.81 -0.30 -52.61
CA TYR S 58 48.90 -0.98 -53.54
C TYR S 58 47.60 -1.25 -52.81
N GLN S 59 46.55 -0.53 -53.21
CA GLN S 59 45.23 -0.64 -52.61
C GLN S 59 44.71 -2.07 -52.49
N LYS S 60 44.54 -2.53 -51.25
CA LYS S 60 44.07 -3.89 -50.98
C LYS S 60 42.77 -4.16 -51.73
N LYS S 61 42.56 -5.38 -52.18
CA LYS S 61 41.34 -5.70 -52.92
C LYS S 61 40.60 -6.92 -52.41
N ILE S 62 41.12 -7.51 -51.34
CA ILE S 62 40.49 -8.69 -50.74
C ILE S 62 39.91 -8.33 -49.38
N ILE S 63 38.65 -8.70 -49.19
CA ILE S 63 37.97 -8.44 -47.93
C ILE S 63 37.28 -9.69 -47.39
N LYS S 64 37.42 -9.91 -46.09
CA LYS S 64 36.86 -11.07 -45.41
C LYS S 64 35.51 -10.71 -44.79
N CYS S 65 34.47 -11.46 -45.13
CA CYS S 65 33.13 -11.19 -44.60
C CYS S 65 32.82 -12.01 -43.36
N ASP S 66 33.49 -13.15 -43.23
CA ASP S 66 33.32 -14.04 -42.07
C ASP S 66 34.40 -15.10 -42.16
N GLU S 67 34.39 -16.05 -41.22
CA GLU S 67 35.38 -17.11 -41.18
C GLU S 67 35.28 -18.03 -42.38
N HIS S 68 34.11 -18.07 -43.00
CA HIS S 68 33.91 -18.96 -44.13
C HIS S 68 33.56 -18.22 -45.41
N MET S 69 33.83 -16.92 -45.47
CA MET S 69 33.47 -16.16 -46.66
C MET S 69 34.27 -14.89 -46.85
N GLY S 70 34.47 -14.54 -48.12
CA GLY S 70 35.24 -13.34 -48.46
C GLY S 70 35.04 -12.97 -49.91
N LEU S 71 35.59 -11.84 -50.31
CA LEU S 71 35.43 -11.39 -51.69
C LEU S 71 36.58 -10.51 -52.18
N SER S 72 36.55 -10.22 -53.48
CA SER S 72 37.55 -9.37 -54.12
C SER S 72 36.75 -8.31 -54.91
N LEU S 73 37.31 -7.10 -54.97
CA LEU S 73 36.64 -5.98 -55.64
C LEU S 73 37.26 -5.46 -56.95
N ALA S 74 36.42 -4.89 -57.80
CA ALA S 74 36.89 -4.32 -59.05
C ALA S 74 36.11 -3.03 -59.32
N GLY S 75 36.69 -1.89 -58.97
CA GLY S 75 36.01 -0.62 -59.20
C GLY S 75 36.15 0.36 -58.04
N LEU S 76 35.05 1.03 -57.69
CA LEU S 76 35.07 1.99 -56.59
C LEU S 76 35.34 1.31 -55.26
N ALA S 77 36.45 1.67 -54.64
CA ALA S 77 36.83 1.08 -53.35
C ALA S 77 35.72 1.25 -52.32
N PRO S 78 35.25 2.50 -52.12
CA PRO S 78 34.18 2.77 -51.14
C PRO S 78 32.98 1.84 -51.27
N ASP S 79 32.39 1.79 -52.47
CA ASP S 79 31.23 0.94 -52.69
C ASP S 79 31.47 -0.50 -52.25
N ALA S 80 32.71 -0.97 -52.40
CA ALA S 80 33.03 -2.33 -52.00
C ALA S 80 33.02 -2.39 -50.47
N ARG S 81 33.51 -1.32 -49.85
CA ARG S 81 33.55 -1.22 -48.40
C ARG S 81 32.12 -1.28 -47.85
N VAL S 82 31.23 -0.54 -48.52
CA VAL S 82 29.83 -0.49 -48.15
C VAL S 82 29.20 -1.88 -48.24
N LEU S 83 29.35 -2.50 -49.41
CA LEU S 83 28.81 -3.84 -49.68
C LEU S 83 29.41 -4.94 -48.81
N SER S 84 30.73 -4.98 -48.70
CA SER S 84 31.39 -6.00 -47.89
C SER S 84 30.88 -5.87 -46.47
N ASN S 85 30.76 -4.61 -46.03
CA ASN S 85 30.29 -4.33 -44.69
C ASN S 85 28.86 -4.84 -44.49
N TYR S 86 27.97 -4.55 -45.44
CA TYR S 86 26.60 -5.01 -45.35
C TYR S 86 26.59 -6.52 -45.27
N LEU S 87 27.44 -7.15 -46.07
CA LEU S 87 27.54 -8.59 -46.10
C LEU S 87 28.07 -9.13 -44.78
N ARG S 88 28.98 -8.39 -44.16
CA ARG S 88 29.55 -8.79 -42.88
C ARG S 88 28.46 -8.89 -41.83
N GLN S 89 27.49 -7.96 -41.92
CA GLN S 89 26.39 -7.95 -40.99
C GLN S 89 25.46 -9.12 -41.25
N GLN S 90 25.11 -9.34 -42.50
CA GLN S 90 24.23 -10.45 -42.81
C GLN S 90 24.77 -11.78 -42.31
N CYS S 91 26.09 -11.94 -42.32
CA CYS S 91 26.71 -13.17 -41.84
C CYS S 91 26.57 -13.20 -40.33
N ASN S 92 26.92 -12.08 -39.73
CA ASN S 92 26.87 -11.89 -38.30
C ASN S 92 25.47 -12.12 -37.76
N TYR S 93 24.48 -11.59 -38.46
CA TYR S 93 23.10 -11.75 -38.04
C TYR S 93 22.75 -13.23 -38.05
N SER S 94 23.18 -13.92 -39.10
CA SER S 94 22.89 -15.35 -39.24
C SER S 94 23.48 -16.19 -38.11
N SER S 95 24.72 -15.89 -37.72
CA SER S 95 25.39 -16.64 -36.66
C SER S 95 24.73 -16.38 -35.31
N LEU S 96 24.48 -15.11 -35.02
CA LEU S 96 23.90 -14.73 -33.76
C LEU S 96 22.48 -15.21 -33.56
N VAL S 97 21.61 -14.94 -34.51
CA VAL S 97 20.22 -15.33 -34.39
C VAL S 97 19.93 -16.80 -34.60
N PHE S 98 20.48 -17.38 -35.66
CA PHE S 98 20.24 -18.79 -35.93
C PHE S 98 21.41 -19.72 -35.67
N ASN S 99 22.55 -19.15 -35.27
CA ASN S 99 23.75 -19.93 -34.97
C ASN S 99 24.10 -20.76 -36.20
N ARG S 100 23.81 -20.20 -37.36
CA ARG S 100 24.00 -20.85 -38.63
C ARG S 100 24.97 -20.04 -39.47
N LYS S 101 25.75 -20.70 -40.31
CA LYS S 101 26.68 -19.96 -41.15
C LYS S 101 25.95 -19.64 -42.45
N LEU S 102 26.01 -18.38 -42.85
CA LEU S 102 25.34 -17.92 -44.05
C LEU S 102 25.82 -18.56 -45.35
N ALA S 103 24.88 -19.23 -46.04
CA ALA S 103 25.16 -19.89 -47.31
C ALA S 103 25.68 -18.88 -48.32
N VAL S 104 26.80 -19.20 -48.96
CA VAL S 104 27.40 -18.30 -49.95
C VAL S 104 26.39 -17.93 -51.02
N GLU S 105 25.57 -18.90 -51.39
CA GLU S 105 24.57 -18.67 -52.41
C GLU S 105 23.54 -17.67 -51.92
N ARG S 106 23.39 -17.57 -50.61
CA ARG S 106 22.44 -16.64 -50.03
C ARG S 106 23.01 -15.24 -49.88
N ALA S 107 24.32 -15.16 -49.68
CA ALA S 107 24.97 -13.86 -49.56
C ALA S 107 24.83 -13.21 -50.93
N GLY S 108 24.79 -14.03 -51.96
CA GLY S 108 24.67 -13.51 -53.30
C GLY S 108 23.32 -12.86 -53.49
N HIS S 109 22.26 -13.55 -53.05
CA HIS S 109 20.91 -13.03 -53.17
C HIS S 109 20.81 -11.66 -52.47
N LEU S 110 21.39 -11.57 -51.28
CA LEU S 110 21.35 -10.34 -50.52
C LEU S 110 22.00 -9.19 -51.26
N LEU S 111 23.21 -9.43 -51.77
CA LEU S 111 23.92 -8.39 -52.50
C LEU S 111 23.10 -7.96 -53.71
N CYS S 112 22.57 -8.93 -54.44
CA CYS S 112 21.76 -8.62 -55.59
C CYS S 112 20.60 -7.70 -55.21
N ASP S 113 19.79 -8.10 -54.23
CA ASP S 113 18.65 -7.32 -53.81
C ASP S 113 19.01 -5.92 -53.36
N LYS S 114 20.14 -5.77 -52.67
CA LYS S 114 20.57 -4.46 -52.21
C LYS S 114 20.89 -3.56 -53.41
N ALA S 115 21.66 -4.09 -54.35
CA ALA S 115 22.05 -3.33 -55.54
C ALA S 115 20.85 -2.95 -56.39
N GLN S 116 19.90 -3.87 -56.53
CA GLN S 116 18.71 -3.62 -57.34
C GLN S 116 17.98 -2.36 -56.92
N LYS S 117 17.90 -2.12 -55.61
CA LYS S 117 17.22 -0.96 -55.07
C LYS S 117 17.80 0.36 -55.54
N ASN S 118 19.12 0.40 -55.71
CA ASN S 118 19.79 1.63 -56.17
C ASN S 118 19.65 1.82 -57.67
N THR S 119 18.71 1.11 -58.28
CA THR S 119 18.51 1.22 -59.72
C THR S 119 17.05 1.43 -60.11
N GLN S 120 16.18 1.60 -59.11
CA GLN S 120 14.76 1.80 -59.39
C GLN S 120 14.22 3.09 -58.78
N SER S 121 15.02 3.71 -57.92
CA SER S 121 14.62 4.96 -57.27
C SER S 121 15.49 6.15 -57.62
N TYR S 122 14.87 7.32 -57.59
CA TYR S 122 15.51 8.60 -57.87
C TYR S 122 16.53 8.97 -56.81
N GLY S 123 17.50 9.77 -57.19
CA GLY S 123 18.51 10.21 -56.24
C GLY S 123 19.70 9.30 -56.01
N GLY S 124 19.49 8.00 -56.02
CA GLY S 124 20.60 7.08 -55.80
C GLY S 124 21.50 6.93 -57.02
N ARG S 125 22.43 5.99 -56.93
CA ARG S 125 23.33 5.72 -58.04
C ARG S 125 23.77 4.27 -57.88
N PRO S 126 23.93 3.56 -59.00
CA PRO S 126 24.35 2.16 -58.94
C PRO S 126 25.71 2.06 -58.28
N TYR S 127 26.00 0.90 -57.68
CA TYR S 127 27.29 0.72 -57.07
C TYR S 127 28.28 0.53 -58.20
N GLY S 128 29.40 1.24 -58.13
CA GLY S 128 30.41 1.12 -59.17
C GLY S 128 31.52 0.18 -58.75
N VAL S 129 31.19 -1.10 -58.64
CA VAL S 129 32.18 -2.07 -58.24
C VAL S 129 31.65 -3.47 -58.48
N GLY S 130 32.54 -4.36 -58.91
CA GLY S 130 32.16 -5.74 -59.16
C GLY S 130 32.77 -6.56 -58.04
N LEU S 131 32.19 -7.71 -57.75
CA LEU S 131 32.71 -8.53 -56.66
C LEU S 131 32.73 -10.01 -56.99
N LEU S 132 33.73 -10.69 -56.42
CA LEU S 132 33.90 -12.13 -56.58
C LEU S 132 33.88 -12.68 -55.17
N ILE S 133 32.85 -13.45 -54.85
CA ILE S 133 32.75 -14.00 -53.52
C ILE S 133 33.06 -15.49 -53.52
N ILE S 134 33.91 -15.91 -52.59
CA ILE S 134 34.30 -17.31 -52.46
C ILE S 134 33.94 -17.72 -51.04
N GLY S 135 33.68 -19.02 -50.85
CA GLY S 135 33.35 -19.48 -49.53
C GLY S 135 33.05 -20.96 -49.45
N TYR S 136 33.27 -21.53 -48.27
CA TYR S 136 33.00 -22.94 -48.04
C TYR S 136 31.93 -23.08 -46.96
N ASP S 137 30.75 -23.54 -47.37
CA ASP S 137 29.64 -23.70 -46.45
C ASP S 137 29.19 -25.15 -46.36
N LYS S 138 27.92 -25.36 -46.02
CA LYS S 138 27.38 -26.71 -45.89
C LYS S 138 27.18 -27.49 -47.17
N SER S 139 27.55 -26.91 -48.31
CA SER S 139 27.41 -27.63 -49.58
C SER S 139 28.67 -27.49 -50.42
N GLY S 140 29.79 -27.31 -49.74
CA GLY S 140 31.07 -27.21 -50.40
C GLY S 140 31.61 -25.84 -50.76
N ALA S 141 32.61 -25.84 -51.64
CA ALA S 141 33.24 -24.61 -52.09
C ALA S 141 32.29 -23.88 -53.03
N HIS S 142 32.42 -22.55 -53.06
CA HIS S 142 31.59 -21.70 -53.90
C HIS S 142 32.34 -20.48 -54.40
N LEU S 143 31.86 -19.96 -55.54
CA LEU S 143 32.42 -18.78 -56.15
C LEU S 143 31.30 -18.04 -56.88
N LEU S 144 31.16 -16.75 -56.58
CA LEU S 144 30.13 -15.92 -57.15
C LEU S 144 30.68 -14.67 -57.81
N GLU S 145 30.02 -14.22 -58.87
CA GLU S 145 30.41 -12.99 -59.56
C GLU S 145 29.24 -12.01 -59.40
N PHE S 146 29.52 -10.86 -58.80
CA PHE S 146 28.50 -9.85 -58.56
C PHE S 146 28.60 -8.63 -59.48
N GLN S 147 27.48 -8.28 -60.12
CA GLN S 147 27.44 -7.12 -61.01
C GLN S 147 26.54 -6.00 -60.48
N PRO S 148 27.03 -4.75 -60.50
CA PRO S 148 26.27 -3.58 -60.04
C PRO S 148 24.87 -3.53 -60.63
N SER S 149 24.65 -4.29 -61.69
CA SER S 149 23.34 -4.33 -62.30
C SER S 149 22.42 -5.12 -61.38
N GLY S 150 23.04 -5.86 -60.45
CA GLY S 150 22.28 -6.68 -59.51
C GLY S 150 22.30 -8.16 -59.84
N ASN S 151 23.05 -8.51 -60.89
CA ASN S 151 23.17 -9.90 -61.32
C ASN S 151 24.33 -10.62 -60.64
N VAL S 152 24.00 -11.66 -59.90
CA VAL S 152 24.99 -12.47 -59.19
C VAL S 152 24.97 -13.86 -59.80
N THR S 153 26.13 -14.39 -60.15
CA THR S 153 26.20 -15.71 -60.77
C THR S 153 27.20 -16.66 -60.13
N GLU S 154 26.81 -17.94 -60.06
CA GLU S 154 27.67 -18.96 -59.48
C GLU S 154 28.47 -19.60 -60.61
N LEU S 155 29.78 -19.74 -60.41
CA LEU S 155 30.67 -20.30 -61.42
C LEU S 155 31.69 -21.24 -60.80
N TYR S 156 32.59 -21.78 -61.63
CA TYR S 156 33.66 -22.67 -61.16
C TYR S 156 34.89 -21.79 -61.01
N GLY S 157 34.90 -20.72 -61.79
CA GLY S 157 35.99 -19.77 -61.78
C GLY S 157 35.65 -18.62 -62.70
N THR S 158 36.39 -17.52 -62.56
CA THR S 158 36.17 -16.35 -63.39
C THR S 158 37.05 -15.18 -62.97
N ALA S 159 36.99 -14.09 -63.72
CA ALA S 159 37.77 -12.92 -63.41
C ALA S 159 37.07 -11.66 -63.93
N ILE S 160 37.40 -10.53 -63.30
CA ILE S 160 36.83 -9.25 -63.67
C ILE S 160 37.90 -8.18 -63.58
N GLY S 161 37.64 -7.05 -64.25
CA GLY S 161 38.59 -5.97 -64.26
C GLY S 161 39.12 -5.73 -65.66
N ALA S 162 40.19 -4.96 -65.77
CA ALA S 162 40.78 -4.68 -67.07
C ALA S 162 41.52 -5.90 -67.59
N ARG S 163 41.32 -6.21 -68.88
CA ARG S 163 41.99 -7.35 -69.51
C ARG S 163 41.54 -8.67 -68.92
N SER S 164 40.55 -8.62 -68.04
CA SER S 164 40.04 -9.83 -67.40
C SER S 164 39.68 -10.93 -68.40
N GLN S 165 39.48 -10.53 -69.66
CA GLN S 165 39.13 -11.49 -70.71
C GLN S 165 40.21 -12.55 -70.94
N GLY S 166 41.44 -12.24 -70.59
CA GLY S 166 42.53 -13.18 -70.77
C GLY S 166 42.36 -14.40 -69.89
N ALA S 167 42.40 -14.17 -68.57
CA ALA S 167 42.26 -15.24 -67.60
C ALA S 167 40.92 -15.97 -67.73
N LYS S 168 39.89 -15.27 -68.19
CA LYS S 168 38.58 -15.87 -68.31
C LYS S 168 38.53 -16.92 -69.43
N THR S 169 39.36 -16.74 -70.46
CA THR S 169 39.42 -17.69 -71.57
C THR S 169 40.33 -18.84 -71.11
N TYR S 170 41.39 -18.47 -70.40
CA TYR S 170 42.35 -19.44 -69.87
C TYR S 170 41.67 -20.45 -68.95
N LEU S 171 40.91 -19.96 -67.97
CA LEU S 171 40.21 -20.83 -67.04
C LEU S 171 39.11 -21.64 -67.72
N GLU S 172 38.58 -21.10 -68.80
CA GLU S 172 37.52 -21.76 -69.55
C GLU S 172 38.08 -23.02 -70.22
N ARG S 173 39.40 -23.01 -70.42
CA ARG S 173 40.13 -24.09 -71.04
C ARG S 173 40.63 -25.06 -69.96
N THR S 174 41.25 -24.50 -68.92
CA THR S 174 41.81 -25.26 -67.79
C THR S 174 40.74 -25.84 -66.86
N LEU S 175 39.47 -25.69 -67.22
CA LEU S 175 38.37 -26.18 -66.38
C LEU S 175 38.62 -27.57 -65.81
N ASP S 176 38.36 -28.60 -66.63
CA ASP S 176 38.53 -30.00 -66.22
C ASP S 176 39.78 -30.26 -65.35
N THR S 177 40.76 -29.36 -65.42
CA THR S 177 42.00 -29.49 -64.66
C THR S 177 41.88 -29.10 -63.19
N PHE S 178 41.80 -27.80 -62.91
CA PHE S 178 41.73 -27.32 -61.52
C PHE S 178 40.53 -27.82 -60.70
N ILE S 179 39.36 -27.93 -61.32
CA ILE S 179 38.15 -28.38 -60.64
C ILE S 179 38.36 -29.68 -59.88
N LYS S 180 39.49 -30.33 -60.16
CA LYS S 180 39.82 -31.59 -59.51
C LYS S 180 41.02 -31.48 -58.58
N ILE S 181 41.42 -30.25 -58.27
CA ILE S 181 42.55 -30.04 -57.36
C ILE S 181 42.03 -30.09 -55.91
N ASP S 182 41.40 -31.21 -55.55
CA ASP S 182 40.85 -31.37 -54.21
C ASP S 182 41.90 -31.92 -53.25
N GLY S 183 42.12 -31.22 -52.15
CA GLY S 183 43.10 -31.69 -51.19
C GLY S 183 44.41 -30.94 -51.31
N ASN S 184 44.66 -30.38 -52.48
CA ASN S 184 45.90 -29.64 -52.67
C ASN S 184 45.64 -28.16 -52.92
N PRO S 185 45.79 -27.34 -51.88
CA PRO S 185 45.58 -25.89 -51.98
C PRO S 185 46.62 -25.24 -52.89
N ASP S 186 47.89 -25.36 -52.52
CA ASP S 186 49.00 -24.80 -53.29
C ASP S 186 48.78 -24.89 -54.79
N GLU S 187 48.11 -25.95 -55.23
CA GLU S 187 47.84 -26.14 -56.65
C GLU S 187 46.83 -25.12 -57.17
N LEU S 188 45.68 -25.03 -56.51
CA LEU S 188 44.67 -24.07 -56.94
C LEU S 188 45.25 -22.68 -57.03
N ILE S 189 46.11 -22.31 -56.08
CA ILE S 189 46.72 -20.99 -56.11
C ILE S 189 47.63 -20.84 -57.32
N LYS S 190 48.60 -21.75 -57.48
CA LYS S 190 49.49 -21.70 -58.63
C LYS S 190 48.64 -21.62 -59.90
N ALA S 191 47.53 -22.36 -59.90
CA ALA S 191 46.60 -22.39 -61.03
C ALA S 191 45.91 -21.04 -61.19
N GLY S 192 45.73 -20.34 -60.08
CA GLY S 192 45.10 -19.04 -60.13
C GLY S 192 46.12 -18.01 -60.58
N VAL S 193 47.32 -18.09 -60.03
CA VAL S 193 48.38 -17.17 -60.39
C VAL S 193 48.73 -17.31 -61.88
N GLU S 194 48.43 -18.49 -62.43
CA GLU S 194 48.70 -18.74 -63.85
C GLU S 194 47.63 -18.08 -64.71
N ALA S 195 46.42 -17.99 -64.17
CA ALA S 195 45.31 -17.38 -64.89
C ALA S 195 45.39 -15.87 -64.74
N ILE S 196 45.91 -15.42 -63.61
CA ILE S 196 46.03 -13.99 -63.33
C ILE S 196 47.05 -13.30 -64.23
N SER S 197 48.06 -14.04 -64.66
CA SER S 197 49.09 -13.47 -65.54
C SER S 197 48.61 -13.40 -66.98
N GLN S 198 47.55 -14.13 -67.29
CA GLN S 198 46.98 -14.15 -68.63
C GLN S 198 46.35 -12.80 -68.99
N SER S 199 46.29 -11.90 -68.03
CA SER S 199 45.70 -10.59 -68.25
C SER S 199 46.66 -9.46 -67.92
N LEU S 200 47.93 -9.82 -67.74
CA LEU S 200 48.97 -8.84 -67.45
C LEU S 200 49.32 -8.24 -68.82
N ARG S 201 50.34 -7.40 -68.87
CA ARG S 201 50.73 -6.76 -70.13
C ARG S 201 51.74 -5.67 -69.86
N ASP S 202 51.68 -5.12 -68.65
CA ASP S 202 52.58 -4.06 -68.24
C ASP S 202 53.81 -4.64 -67.55
N GLU S 203 53.65 -5.00 -66.29
CA GLU S 203 54.76 -5.56 -65.51
C GLU S 203 54.51 -7.02 -65.13
N SER S 204 55.42 -7.53 -64.30
CA SER S 204 55.35 -8.89 -63.80
C SER S 204 54.89 -8.79 -62.35
N LEU S 205 53.90 -9.62 -61.97
CA LEU S 205 53.39 -9.59 -60.60
C LEU S 205 54.51 -9.73 -59.56
N THR S 206 54.79 -8.65 -58.84
CA THR S 206 55.83 -8.63 -57.83
C THR S 206 55.30 -9.09 -56.48
N VAL S 207 56.17 -9.09 -55.48
CA VAL S 207 55.80 -9.53 -54.15
C VAL S 207 54.67 -8.70 -53.54
N ASP S 208 54.91 -7.39 -53.37
CA ASP S 208 53.91 -6.49 -52.78
C ASP S 208 52.93 -5.95 -53.83
N ASN S 209 52.53 -6.84 -54.74
CA ASN S 209 51.60 -6.49 -55.80
C ASN S 209 50.56 -7.60 -55.98
N LEU S 210 50.95 -8.82 -55.65
CA LEU S 210 50.05 -9.96 -55.76
C LEU S 210 49.29 -10.09 -54.45
N SER S 211 48.03 -10.50 -54.56
CA SER S 211 47.17 -10.68 -53.40
C SER S 211 46.39 -11.97 -53.63
N ILE S 212 46.45 -12.87 -52.65
CA ILE S 212 45.74 -14.14 -52.77
C ILE S 212 45.01 -14.52 -51.47
N ALA S 213 43.80 -15.05 -51.65
CA ALA S 213 42.97 -15.47 -50.53
C ALA S 213 42.40 -16.86 -50.80
N ILE S 214 42.20 -17.61 -49.73
CA ILE S 214 41.67 -18.97 -49.84
C ILE S 214 40.78 -19.41 -48.69
N VAL S 215 39.85 -20.29 -49.01
CA VAL S 215 38.90 -20.85 -48.04
C VAL S 215 38.56 -22.27 -48.49
N GLY S 216 38.19 -23.14 -47.54
CA GLY S 216 37.84 -24.51 -47.90
C GLY S 216 37.80 -25.48 -46.74
N LYS S 217 37.28 -26.68 -47.02
CA LYS S 217 37.11 -27.76 -46.04
C LYS S 217 37.73 -27.55 -44.68
N ASP S 218 39.05 -27.34 -44.61
CA ASP S 218 39.69 -27.12 -43.31
C ASP S 218 40.55 -25.88 -43.30
N THR S 219 40.13 -24.86 -44.05
CA THR S 219 40.88 -23.62 -44.13
C THR S 219 40.04 -22.36 -43.91
N PRO S 220 40.17 -21.73 -42.75
CA PRO S 220 39.39 -20.51 -42.50
C PRO S 220 39.89 -19.37 -43.39
N PHE S 221 39.03 -18.90 -44.29
CA PHE S 221 39.33 -17.81 -45.22
C PHE S 221 40.46 -16.90 -44.72
N THR S 222 41.61 -16.98 -45.39
CA THR S 222 42.77 -16.16 -45.02
C THR S 222 43.44 -15.46 -46.21
N ILE S 223 44.00 -14.29 -45.95
CA ILE S 223 44.63 -13.46 -46.96
C ILE S 223 46.15 -13.51 -46.93
N TYR S 224 46.76 -13.56 -48.12
CA TYR S 224 48.22 -13.61 -48.24
C TYR S 224 48.77 -12.44 -49.04
N ASP S 225 49.62 -11.66 -48.39
CA ASP S 225 50.26 -10.49 -49.00
C ASP S 225 51.75 -10.47 -48.75
N GLY S 226 52.52 -10.04 -49.75
CA GLY S 226 53.97 -9.96 -49.60
C GLY S 226 54.69 -11.29 -49.59
N GLU S 227 55.78 -11.35 -48.83
CA GLU S 227 56.61 -12.55 -48.70
C GLU S 227 55.75 -13.81 -48.59
N ALA S 228 54.52 -13.64 -48.13
CA ALA S 228 53.60 -14.77 -47.98
C ALA S 228 53.26 -15.39 -49.34
N VAL S 229 53.38 -14.59 -50.41
CA VAL S 229 53.09 -15.09 -51.76
C VAL S 229 54.35 -15.25 -52.60
N ALA S 230 55.50 -14.83 -52.05
CA ALA S 230 56.79 -14.92 -52.75
C ALA S 230 56.98 -16.29 -53.41
N LYS S 231 56.52 -17.34 -52.74
CA LYS S 231 56.65 -18.70 -53.26
C LYS S 231 55.67 -19.04 -54.38
N TYR S 232 55.08 -18.02 -55.00
CA TYR S 232 54.13 -18.21 -56.10
C TYR S 232 54.43 -17.28 -57.29
N ILE S 233 55.38 -16.36 -57.09
CA ILE S 233 55.76 -15.41 -58.13
C ILE S 233 56.73 -16.01 -59.15
N GLY T 1 5.27 20.06 -78.82
CA GLY T 1 6.64 19.70 -78.29
C GLY T 1 6.83 18.21 -78.13
N THR T 2 7.87 17.83 -77.37
CA THR T 2 8.21 16.42 -77.11
C THR T 2 8.81 16.24 -75.71
N GLY T 3 9.53 15.14 -75.50
CA GLY T 3 10.14 14.89 -74.20
C GLY T 3 9.18 14.16 -73.27
N TYR T 4 8.10 13.64 -73.84
CA TYR T 4 7.09 12.91 -73.09
C TYR T 4 7.56 11.53 -72.64
N ASP T 5 8.83 11.23 -72.86
CA ASP T 5 9.35 9.92 -72.51
C ASP T 5 10.59 10.00 -71.64
N LEU T 6 10.80 11.12 -70.97
CA LEU T 6 11.98 11.27 -70.12
C LEU T 6 11.66 11.07 -68.65
N SER T 7 10.39 11.27 -68.29
CA SER T 7 9.96 11.12 -66.91
C SER T 7 8.90 10.01 -66.87
N ASN T 8 8.87 9.26 -65.78
CA ASN T 8 7.94 8.16 -65.66
C ASN T 8 6.48 8.54 -65.86
N SER T 9 5.72 8.61 -64.77
CA SER T 9 4.28 8.88 -64.81
C SER T 9 3.63 9.93 -65.75
N VAL T 10 4.33 10.34 -66.81
CA VAL T 10 3.80 11.33 -67.74
C VAL T 10 2.92 10.73 -68.86
N PHE T 11 1.82 11.41 -69.20
CA PHE T 11 0.96 10.96 -70.27
C PHE T 11 1.42 11.65 -71.53
N SER T 12 1.57 10.92 -72.62
CA SER T 12 1.96 11.52 -73.88
C SER T 12 0.67 12.05 -74.48
N PRO T 13 0.75 12.77 -75.61
CA PRO T 13 -0.46 13.31 -76.23
C PRO T 13 -1.51 12.29 -76.68
N ASP T 14 -1.09 11.04 -76.81
CA ASP T 14 -2.00 9.97 -77.21
C ASP T 14 -2.51 9.16 -76.03
N GLY T 15 -2.04 9.48 -74.83
CA GLY T 15 -2.50 8.78 -73.64
C GLY T 15 -1.63 7.62 -73.21
N ARG T 16 -0.42 7.55 -73.75
CA ARG T 16 0.48 6.46 -73.40
C ARG T 16 1.53 6.88 -72.38
N ASN T 17 2.20 5.90 -71.79
CA ASN T 17 3.25 6.15 -70.81
C ASN T 17 4.51 5.50 -71.37
N PHE T 18 5.21 6.22 -72.24
CA PHE T 18 6.41 5.71 -72.87
C PHE T 18 7.40 4.97 -71.97
N GLN T 19 7.67 5.49 -70.79
CA GLN T 19 8.60 4.82 -69.90
C GLN T 19 8.21 3.39 -69.65
N VAL T 20 6.91 3.13 -69.50
CA VAL T 20 6.40 1.78 -69.26
C VAL T 20 6.71 0.96 -70.50
N GLU T 21 6.43 1.55 -71.66
CA GLU T 21 6.66 0.90 -72.94
C GLU T 21 8.14 0.59 -73.16
N TYR T 22 9.01 1.49 -72.73
CA TYR T 22 10.44 1.27 -72.87
C TYR T 22 10.84 0.12 -71.95
N ALA T 23 10.08 -0.06 -70.87
CA ALA T 23 10.36 -1.14 -69.93
C ALA T 23 10.14 -2.45 -70.63
N VAL T 24 9.06 -2.52 -71.39
CA VAL T 24 8.73 -3.74 -72.13
C VAL T 24 9.90 -4.15 -73.01
N LYS T 25 10.46 -3.19 -73.75
CA LYS T 25 11.60 -3.49 -74.61
C LYS T 25 12.65 -4.28 -73.82
N ALA T 26 12.83 -3.92 -72.55
CA ALA T 26 13.81 -4.60 -71.70
C ALA T 26 13.42 -6.05 -71.48
N VAL T 27 12.12 -6.32 -71.50
CA VAL T 27 11.58 -7.65 -71.30
C VAL T 27 11.80 -8.51 -72.55
N GLU T 28 11.27 -8.05 -73.68
CA GLU T 28 11.40 -8.78 -74.94
C GLU T 28 12.85 -9.14 -75.22
N ASN T 29 13.76 -8.30 -74.74
CA ASN T 29 15.18 -8.51 -74.95
C ASN T 29 15.75 -9.66 -74.12
N GLY T 30 15.09 -10.01 -73.02
CA GLY T 30 15.62 -11.08 -72.20
C GLY T 30 15.21 -12.48 -72.62
N THR T 31 15.66 -13.47 -71.84
CA THR T 31 15.35 -14.89 -72.05
C THR T 31 13.84 -15.13 -72.14
N THR T 32 13.44 -16.34 -72.49
CA THR T 32 12.02 -16.63 -72.58
C THR T 32 11.57 -17.62 -71.52
N SER T 33 10.30 -17.57 -71.18
CA SER T 33 9.73 -18.45 -70.19
C SER T 33 8.24 -18.65 -70.47
N ILE T 34 7.69 -19.74 -69.97
CA ILE T 34 6.29 -20.04 -70.21
C ILE T 34 5.57 -20.62 -69.02
N GLY T 35 4.26 -20.67 -69.15
CA GLY T 35 3.44 -21.23 -68.11
C GLY T 35 2.33 -21.99 -68.80
N ILE T 36 2.11 -23.24 -68.37
CA ILE T 36 1.07 -24.06 -68.95
C ILE T 36 0.19 -24.51 -67.82
N LYS T 37 -1.10 -24.26 -67.97
CA LYS T 37 -2.10 -24.63 -66.98
C LYS T 37 -2.73 -25.97 -67.33
N CYS T 38 -2.44 -27.01 -66.56
CA CYS T 38 -3.02 -28.32 -66.85
C CYS T 38 -4.41 -28.43 -66.19
N ASN T 39 -4.98 -29.64 -66.15
CA ASN T 39 -6.32 -29.83 -65.59
C ASN T 39 -6.44 -29.76 -64.07
N ASP T 40 -5.32 -29.67 -63.37
CA ASP T 40 -5.35 -29.59 -61.91
C ASP T 40 -4.06 -29.00 -61.34
N GLY T 41 -3.37 -28.20 -62.14
CA GLY T 41 -2.13 -27.60 -61.67
C GLY T 41 -1.53 -26.70 -62.72
N VAL T 42 -0.26 -26.36 -62.56
CA VAL T 42 0.42 -25.49 -63.51
C VAL T 42 1.88 -25.90 -63.66
N VAL T 43 2.47 -25.56 -64.79
CA VAL T 43 3.88 -25.89 -65.03
C VAL T 43 4.62 -24.66 -65.49
N PHE T 44 5.79 -24.43 -64.91
CA PHE T 44 6.59 -23.29 -65.29
C PHE T 44 7.90 -23.80 -65.82
N ALA T 45 8.33 -23.26 -66.95
CA ALA T 45 9.57 -23.67 -67.55
C ALA T 45 10.25 -22.42 -68.09
N VAL T 46 11.57 -22.41 -68.04
CA VAL T 46 12.29 -21.25 -68.53
C VAL T 46 13.68 -21.58 -69.07
N GLU T 47 14.06 -20.86 -70.10
CA GLU T 47 15.35 -21.00 -70.77
C GLU T 47 16.47 -20.36 -69.96
N LYS T 48 17.62 -21.02 -69.88
CA LYS T 48 18.76 -20.48 -69.14
C LYS T 48 20.03 -20.44 -69.99
N LEU T 49 20.25 -19.34 -70.69
CA LEU T 49 21.44 -19.19 -71.54
C LEU T 49 22.74 -19.54 -70.80
N ILE T 50 23.44 -20.55 -71.29
CA ILE T 50 24.70 -20.97 -70.69
C ILE T 50 25.86 -20.21 -71.33
N THR T 51 26.09 -19.00 -70.83
CA THR T 51 27.14 -18.12 -71.33
C THR T 51 28.48 -18.80 -71.53
N SER T 52 28.92 -19.55 -70.50
CA SER T 52 30.20 -20.23 -70.55
C SER T 52 30.13 -21.60 -69.91
N LYS T 53 31.26 -22.27 -69.85
CA LYS T 53 31.37 -23.59 -69.25
C LYS T 53 31.70 -23.43 -67.76
N LEU T 54 31.90 -22.18 -67.34
CA LEU T 54 32.24 -21.91 -65.94
C LEU T 54 30.98 -21.84 -65.07
N LEU T 55 29.82 -21.71 -65.72
CA LEU T 55 28.56 -21.67 -65.00
C LEU T 55 28.23 -23.05 -64.44
N VAL T 56 28.21 -23.19 -63.12
CA VAL T 56 27.88 -24.48 -62.53
C VAL T 56 26.47 -24.84 -62.95
N PRO T 57 26.28 -26.04 -63.50
CA PRO T 57 24.93 -26.45 -63.93
C PRO T 57 24.05 -26.78 -62.73
N GLN T 58 22.75 -26.55 -62.89
CA GLN T 58 21.76 -26.83 -61.84
C GLN T 58 21.90 -25.89 -60.63
N LYS T 59 22.62 -24.77 -60.80
CA LYS T 59 22.83 -23.86 -59.69
C LYS T 59 22.21 -22.46 -59.75
N ASN T 60 22.31 -21.78 -60.89
CA ASN T 60 21.76 -20.44 -61.00
C ASN T 60 20.26 -20.46 -61.25
N VAL T 61 19.51 -21.02 -60.29
CA VAL T 61 18.05 -21.15 -60.37
C VAL T 61 17.33 -19.84 -60.67
N LYS T 62 16.32 -19.90 -61.54
CA LYS T 62 15.59 -18.71 -61.89
C LYS T 62 14.13 -18.74 -61.49
N ILE T 63 13.56 -19.94 -61.34
CA ILE T 63 12.16 -20.01 -60.92
C ILE T 63 12.10 -19.79 -59.42
N GLN T 64 11.08 -19.07 -58.96
CA GLN T 64 10.94 -18.82 -57.55
C GLN T 64 9.58 -19.24 -57.01
N VAL T 65 9.55 -19.49 -55.71
CA VAL T 65 8.32 -19.89 -55.05
C VAL T 65 7.90 -18.83 -54.03
N VAL T 66 6.61 -18.56 -53.99
CA VAL T 66 6.03 -17.61 -53.05
C VAL T 66 5.22 -18.48 -52.11
N ASP T 67 5.54 -18.41 -50.83
CA ASP T 67 4.86 -19.22 -49.83
C ASP T 67 5.22 -20.68 -50.10
N ARG T 68 4.21 -21.53 -50.19
CA ARG T 68 4.46 -22.93 -50.44
C ARG T 68 3.74 -23.39 -51.71
N HIS T 69 2.66 -22.71 -52.08
CA HIS T 69 1.86 -23.08 -53.24
C HIS T 69 1.97 -22.23 -54.50
N ILE T 70 2.86 -21.26 -54.54
CA ILE T 70 2.95 -20.40 -55.72
C ILE T 70 4.30 -20.42 -56.40
N GLY T 71 4.28 -20.39 -57.72
CA GLY T 71 5.49 -20.40 -58.48
C GLY T 71 5.52 -19.20 -59.39
N CYS T 72 6.67 -18.55 -59.45
CA CYS T 72 6.84 -17.37 -60.29
C CYS T 72 8.05 -17.50 -61.18
N VAL T 73 7.89 -17.07 -62.41
CA VAL T 73 8.98 -17.10 -63.37
C VAL T 73 8.80 -15.79 -64.14
N TYR T 74 9.92 -15.16 -64.47
CA TYR T 74 9.87 -13.89 -65.15
C TYR T 74 10.96 -13.70 -66.20
N SER T 75 10.67 -12.80 -67.15
CA SER T 75 11.59 -12.47 -68.23
C SER T 75 11.94 -10.99 -68.23
N GLY T 76 13.22 -10.69 -68.40
CA GLY T 76 13.67 -9.31 -68.42
C GLY T 76 14.85 -9.07 -67.49
N LEU T 77 14.74 -8.06 -66.65
CA LEU T 77 15.78 -7.73 -65.68
C LEU T 77 15.62 -8.62 -64.46
N ILE T 78 16.51 -9.59 -64.31
CA ILE T 78 16.45 -10.53 -63.19
C ILE T 78 16.27 -9.85 -61.83
N PRO T 79 17.15 -8.89 -61.49
CA PRO T 79 17.01 -8.22 -60.19
C PRO T 79 15.59 -7.71 -59.93
N ASP T 80 14.99 -7.03 -60.90
CA ASP T 80 13.62 -6.51 -60.72
C ASP T 80 12.67 -7.66 -60.39
N GLY T 81 12.87 -8.80 -61.05
CA GLY T 81 12.02 -9.95 -60.81
C GLY T 81 12.09 -10.39 -59.35
N ARG T 82 13.30 -10.53 -58.83
CA ARG T 82 13.49 -10.94 -57.46
C ARG T 82 12.78 -9.95 -56.54
N HIS T 83 13.01 -8.66 -56.79
CA HIS T 83 12.39 -7.61 -56.01
C HIS T 83 10.88 -7.83 -55.98
N LEU T 84 10.28 -7.97 -57.15
CA LEU T 84 8.85 -8.18 -57.23
C LEU T 84 8.39 -9.42 -56.45
N VAL T 85 9.24 -10.43 -56.35
CA VAL T 85 8.91 -11.67 -55.64
C VAL T 85 9.05 -11.47 -54.13
N ASN T 86 10.05 -10.69 -53.72
CA ASN T 86 10.24 -10.42 -52.31
C ASN T 86 8.98 -9.76 -51.79
N ARG T 87 8.49 -8.79 -52.55
CA ARG T 87 7.28 -8.08 -52.20
C ARG T 87 6.14 -9.10 -52.15
N GLY T 88 6.05 -9.93 -53.17
CA GLY T 88 5.01 -10.94 -53.20
C GLY T 88 5.05 -11.85 -51.99
N ARG T 89 6.24 -12.24 -51.57
CA ARG T 89 6.39 -13.12 -50.43
C ARG T 89 5.89 -12.45 -49.14
N GLU T 90 6.15 -11.16 -49.00
CA GLU T 90 5.72 -10.41 -47.82
C GLU T 90 4.21 -10.26 -47.89
N GLU T 91 3.74 -9.93 -49.09
CA GLU T 91 2.33 -9.74 -49.33
C GLU T 91 1.56 -11.00 -48.92
N ALA T 92 2.09 -12.16 -49.31
CA ALA T 92 1.43 -13.44 -48.99
C ALA T 92 1.43 -13.71 -47.49
N ALA T 93 2.59 -13.56 -46.85
CA ALA T 93 2.71 -13.78 -45.42
C ALA T 93 1.68 -12.92 -44.66
N SER T 94 1.63 -11.64 -45.01
CA SER T 94 0.69 -10.71 -44.39
C SER T 94 -0.73 -11.25 -44.45
N PHE T 95 -1.07 -11.85 -45.59
CA PHE T 95 -2.40 -12.41 -45.82
C PHE T 95 -2.66 -13.65 -44.97
N LYS T 96 -1.69 -14.56 -44.96
CA LYS T 96 -1.85 -15.79 -44.18
C LYS T 96 -1.94 -15.44 -42.70
N LYS T 97 -1.15 -14.46 -42.28
CA LYS T 97 -1.13 -14.04 -40.89
C LYS T 97 -2.50 -13.53 -40.45
N LEU T 98 -3.14 -12.73 -41.29
CA LEU T 98 -4.42 -12.18 -40.90
C LEU T 98 -5.59 -13.12 -41.15
N TYR T 99 -5.57 -13.86 -42.26
CA TYR T 99 -6.67 -14.74 -42.60
C TYR T 99 -6.50 -16.24 -42.39
N LYS T 100 -5.29 -16.65 -42.02
CA LYS T 100 -4.96 -18.05 -41.74
C LYS T 100 -4.78 -18.94 -42.98
N THR T 101 -5.72 -18.84 -43.91
CA THR T 101 -5.65 -19.62 -45.14
C THR T 101 -4.58 -19.05 -46.07
N PRO T 102 -3.76 -19.91 -46.71
CA PRO T 102 -2.73 -19.38 -47.60
C PRO T 102 -3.38 -18.63 -48.78
N ILE T 103 -2.83 -17.46 -49.09
CA ILE T 103 -3.34 -16.57 -50.12
C ILE T 103 -3.71 -17.15 -51.48
N PRO T 104 -4.96 -16.94 -51.90
CA PRO T 104 -5.53 -17.39 -53.18
C PRO T 104 -4.74 -16.79 -54.32
N ILE T 105 -4.61 -17.56 -55.41
CA ILE T 105 -3.85 -17.09 -56.55
C ILE T 105 -4.38 -15.78 -57.12
N PRO T 106 -5.69 -15.66 -57.32
CA PRO T 106 -6.24 -14.42 -57.87
C PRO T 106 -5.90 -13.24 -56.97
N ALA T 107 -6.01 -13.45 -55.66
CA ALA T 107 -5.71 -12.42 -54.66
C ALA T 107 -4.23 -12.06 -54.71
N PHE T 108 -3.38 -13.08 -54.84
CA PHE T 108 -1.95 -12.84 -54.90
C PHE T 108 -1.60 -12.04 -56.15
N ALA T 109 -2.30 -12.34 -57.24
CA ALA T 109 -2.06 -11.66 -58.50
C ALA T 109 -2.30 -10.19 -58.35
N ASP T 110 -3.46 -9.84 -57.81
CA ASP T 110 -3.80 -8.43 -57.63
C ASP T 110 -2.77 -7.72 -56.73
N ARG T 111 -2.26 -8.43 -55.72
CA ARG T 111 -1.26 -7.83 -54.84
C ARG T 111 -0.07 -7.40 -55.69
N LEU T 112 0.42 -8.30 -56.53
CA LEU T 112 1.54 -7.95 -57.40
C LEU T 112 1.10 -6.87 -58.37
N GLY T 113 -0.12 -7.02 -58.88
CA GLY T 113 -0.66 -6.07 -59.83
C GLY T 113 -0.63 -4.65 -59.30
N GLN T 114 -1.28 -4.42 -58.15
CA GLN T 114 -1.32 -3.09 -57.54
C GLN T 114 0.09 -2.56 -57.31
N TYR T 115 0.96 -3.40 -56.75
CA TYR T 115 2.33 -3.00 -56.46
C TYR T 115 3.08 -2.54 -57.71
N VAL T 116 2.88 -3.25 -58.82
CA VAL T 116 3.56 -2.91 -60.06
C VAL T 116 2.95 -1.64 -60.66
N GLN T 117 1.62 -1.60 -60.72
CA GLN T 117 0.89 -0.46 -61.27
C GLN T 117 1.32 0.81 -60.54
N ALA T 118 1.71 0.64 -59.28
CA ALA T 118 2.15 1.76 -58.46
C ALA T 118 3.37 2.44 -59.03
N HIS T 119 4.32 1.65 -59.54
CA HIS T 119 5.54 2.23 -60.10
C HIS T 119 5.38 2.91 -61.45
N THR T 120 4.15 3.24 -61.80
CA THR T 120 3.88 3.94 -63.06
C THR T 120 3.09 5.18 -62.71
N LEU T 121 3.00 5.46 -61.41
CA LEU T 121 2.27 6.61 -60.91
C LEU T 121 3.13 7.81 -60.56
N TYR T 122 4.37 7.55 -60.18
CA TYR T 122 5.29 8.61 -59.77
C TYR T 122 6.53 8.64 -60.64
N ASN T 123 7.06 9.83 -60.89
CA ASN T 123 8.26 9.96 -61.72
C ASN T 123 9.52 9.79 -60.89
N SER T 124 9.34 9.48 -59.62
CA SER T 124 10.48 9.29 -58.74
C SER T 124 10.94 7.83 -58.75
N VAL T 125 10.21 7.00 -59.48
CA VAL T 125 10.56 5.60 -59.59
C VAL T 125 10.49 5.11 -61.02
N ARG T 126 11.21 4.02 -61.29
CA ARG T 126 11.26 3.41 -62.61
C ARG T 126 10.35 2.19 -62.63
N PRO T 127 9.66 1.95 -63.76
CA PRO T 127 8.76 0.80 -63.86
C PRO T 127 9.55 -0.51 -63.82
N PHE T 128 8.86 -1.63 -63.63
CA PHE T 128 9.53 -2.92 -63.59
C PHE T 128 9.90 -3.43 -64.97
N GLY T 129 11.17 -3.83 -65.09
CA GLY T 129 11.65 -4.35 -66.35
C GLY T 129 11.45 -5.85 -66.46
N VAL T 130 10.26 -6.34 -66.16
CA VAL T 130 9.98 -7.76 -66.25
C VAL T 130 8.50 -8.07 -66.41
N SER T 131 8.24 -9.23 -67.01
CA SER T 131 6.88 -9.73 -67.17
C SER T 131 6.93 -10.97 -66.31
N THR T 132 5.87 -11.27 -65.58
CA THR T 132 5.91 -12.44 -64.72
C THR T 132 4.79 -13.41 -64.98
N ILE T 133 5.17 -14.68 -64.98
CA ILE T 133 4.25 -15.78 -65.17
C ILE T 133 4.30 -16.48 -63.83
N PHE T 134 3.15 -16.60 -63.20
CA PHE T 134 3.08 -17.22 -61.89
C PHE T 134 1.71 -17.86 -61.75
N GLY T 135 1.60 -18.77 -60.79
CA GLY T 135 0.34 -19.44 -60.57
C GLY T 135 0.52 -20.53 -59.56
N GLY T 136 -0.58 -21.24 -59.28
CA GLY T 136 -0.54 -22.32 -58.33
C GLY T 136 -1.92 -22.91 -58.14
N VAL T 137 -2.08 -23.72 -57.09
CA VAL T 137 -3.35 -24.37 -56.81
C VAL T 137 -3.95 -23.85 -55.51
N ASP T 138 -5.22 -23.47 -55.56
CA ASP T 138 -5.88 -22.97 -54.37
C ASP T 138 -7.22 -23.64 -54.14
N LYS T 139 -7.90 -23.23 -53.07
CA LYS T 139 -9.20 -23.75 -52.66
C LYS T 139 -10.10 -24.19 -53.82
N ASN T 140 -10.17 -23.43 -54.89
CA ASN T 140 -11.02 -23.84 -56.00
C ASN T 140 -10.36 -23.77 -57.38
N GLY T 141 -9.39 -24.64 -57.60
CA GLY T 141 -8.75 -24.68 -58.89
C GLY T 141 -7.28 -24.33 -58.95
N ALA T 142 -6.81 -24.22 -60.18
CA ALA T 142 -5.43 -23.87 -60.48
C ALA T 142 -5.53 -22.59 -61.30
N HIS T 143 -4.56 -21.70 -61.12
CA HIS T 143 -4.57 -20.45 -61.86
C HIS T 143 -3.21 -20.12 -62.42
N LEU T 144 -3.21 -19.59 -63.64
CA LEU T 144 -1.98 -19.18 -64.32
C LEU T 144 -2.13 -17.70 -64.61
N TYR T 145 -1.08 -16.94 -64.34
CA TYR T 145 -1.13 -15.50 -64.55
C TYR T 145 0.13 -14.94 -65.19
N MET T 146 -0.06 -13.85 -65.93
CA MET T 146 1.05 -13.16 -66.55
C MET T 146 0.87 -11.66 -66.29
N LEU T 147 1.90 -11.06 -65.73
CA LEU T 147 1.89 -9.66 -65.35
C LEU T 147 2.85 -8.80 -66.18
N GLU T 148 2.35 -7.68 -66.70
CA GLU T 148 3.14 -6.77 -67.52
C GLU T 148 3.66 -5.56 -66.71
N PRO T 149 4.73 -4.90 -67.19
CA PRO T 149 5.28 -3.74 -66.49
C PRO T 149 4.23 -2.65 -66.24
N SER T 150 3.22 -2.62 -67.09
CA SER T 150 2.14 -1.64 -66.96
C SER T 150 1.24 -1.99 -65.79
N GLY T 151 1.54 -3.11 -65.14
CA GLY T 151 0.73 -3.54 -64.01
C GLY T 151 -0.45 -4.37 -64.50
N SER T 152 -0.60 -4.47 -65.81
CA SER T 152 -1.69 -5.25 -66.37
C SER T 152 -1.40 -6.74 -66.26
N TYR T 153 -2.41 -7.51 -65.92
CA TYR T 153 -2.28 -8.96 -65.78
C TYR T 153 -3.63 -9.60 -66.07
N TRP T 154 -3.60 -10.82 -66.63
CA TRP T 154 -4.81 -11.56 -66.94
C TRP T 154 -4.62 -13.05 -66.62
N GLY T 155 -5.72 -13.78 -66.59
CA GLY T 155 -5.66 -15.20 -66.35
C GLY T 155 -5.36 -15.88 -67.68
N TYR T 156 -4.57 -16.93 -67.66
CA TYR T 156 -4.21 -17.61 -68.90
C TYR T 156 -4.34 -19.12 -68.89
N LYS T 157 -4.52 -19.67 -70.10
CA LYS T 157 -4.60 -21.12 -70.31
C LYS T 157 -3.13 -21.51 -70.43
N GLY T 158 -2.39 -20.69 -71.17
CA GLY T 158 -0.97 -20.91 -71.35
C GLY T 158 -0.40 -19.54 -71.63
N ALA T 159 0.84 -19.29 -71.22
CA ALA T 159 1.44 -17.99 -71.46
C ALA T 159 2.97 -18.04 -71.55
N ALA T 160 3.53 -17.09 -72.29
CA ALA T 160 4.97 -17.02 -72.46
C ALA T 160 5.43 -15.59 -72.69
N THR T 161 6.69 -15.33 -72.39
CA THR T 161 7.24 -14.00 -72.56
C THR T 161 8.75 -14.05 -72.71
N GLY T 162 9.30 -13.06 -73.41
CA GLY T 162 10.73 -13.02 -73.61
C GLY T 162 11.11 -13.14 -75.08
N LYS T 163 12.38 -13.47 -75.31
CA LYS T 163 12.91 -13.64 -76.66
C LYS T 163 12.00 -14.42 -77.61
N GLY T 164 11.79 -15.70 -77.32
CA GLY T 164 10.96 -16.51 -78.20
C GLY T 164 9.50 -16.58 -77.82
N ARG T 165 8.95 -15.47 -77.38
CA ARG T 165 7.56 -15.45 -76.97
C ARG T 165 6.54 -15.82 -78.06
N GLN T 166 6.80 -15.44 -79.31
CA GLN T 166 5.88 -15.75 -80.42
C GLN T 166 5.90 -17.23 -80.74
N SER T 167 7.09 -17.83 -80.71
CA SER T 167 7.24 -19.25 -80.98
C SER T 167 6.41 -20.00 -79.97
N ALA T 168 6.71 -19.76 -78.71
CA ALA T 168 5.99 -20.38 -77.61
C ALA T 168 4.50 -20.20 -77.81
N LYS T 169 4.04 -18.95 -77.86
CA LYS T 169 2.62 -18.68 -78.05
C LYS T 169 2.01 -19.56 -79.14
N ALA T 170 2.69 -19.66 -80.27
CA ALA T 170 2.20 -20.49 -81.38
C ALA T 170 1.96 -21.92 -80.89
N GLU T 171 2.98 -22.49 -80.26
CA GLU T 171 2.91 -23.85 -79.73
C GLU T 171 1.80 -24.01 -78.71
N LEU T 172 1.62 -22.99 -77.88
CA LEU T 172 0.58 -23.01 -76.86
C LEU T 172 -0.80 -23.02 -77.50
N GLU T 173 -1.02 -22.14 -78.47
CA GLU T 173 -2.32 -22.06 -79.14
C GLU T 173 -2.70 -23.42 -79.73
N LYS T 174 -1.69 -24.19 -80.15
CA LYS T 174 -1.95 -25.52 -80.72
C LYS T 174 -2.47 -26.42 -79.61
N LEU T 175 -1.70 -26.51 -78.53
CA LEU T 175 -2.09 -27.32 -77.40
C LEU T 175 -3.52 -27.05 -76.96
N VAL T 176 -3.91 -25.78 -76.94
CA VAL T 176 -5.26 -25.39 -76.52
C VAL T 176 -6.36 -25.92 -77.42
N ASP T 177 -6.03 -26.24 -78.67
CA ASP T 177 -7.03 -26.76 -79.60
C ASP T 177 -7.04 -28.28 -79.62
N HIS T 178 -5.84 -28.88 -79.61
CA HIS T 178 -5.71 -30.33 -79.65
C HIS T 178 -5.85 -31.05 -78.30
N HIS T 179 -6.43 -30.36 -77.32
CA HIS T 179 -6.65 -30.94 -75.99
C HIS T 179 -7.73 -30.09 -75.33
N PRO T 180 -8.86 -29.89 -76.01
CA PRO T 180 -9.98 -29.10 -75.50
C PRO T 180 -10.52 -29.56 -74.15
N GLU T 181 -10.42 -30.85 -73.89
CA GLU T 181 -10.91 -31.43 -72.64
C GLU T 181 -9.92 -31.29 -71.47
N GLY T 182 -8.69 -30.87 -71.77
CA GLY T 182 -7.70 -30.70 -70.72
C GLY T 182 -6.44 -31.53 -70.87
N LEU T 183 -5.35 -31.02 -70.32
CA LEU T 183 -4.05 -31.69 -70.36
C LEU T 183 -3.75 -32.17 -68.94
N SER T 184 -2.88 -33.17 -68.79
CA SER T 184 -2.56 -33.66 -67.46
C SER T 184 -1.23 -33.10 -67.01
N ALA T 185 -1.01 -33.08 -65.69
CA ALA T 185 0.21 -32.55 -65.13
C ALA T 185 1.45 -33.18 -65.78
N ARG T 186 1.46 -34.51 -65.85
CA ARG T 186 2.56 -35.26 -66.45
C ARG T 186 2.84 -34.81 -67.89
N GLU T 187 1.76 -34.63 -68.66
CA GLU T 187 1.84 -34.19 -70.06
C GLU T 187 2.48 -32.82 -70.18
N ALA T 188 1.87 -31.85 -69.53
CA ALA T 188 2.33 -30.45 -69.54
C ALA T 188 3.83 -30.30 -69.29
N VAL T 189 4.35 -31.08 -68.36
CA VAL T 189 5.77 -31.02 -68.05
C VAL T 189 6.64 -31.25 -69.28
N LYS T 190 6.26 -32.25 -70.06
CA LYS T 190 6.98 -32.62 -71.27
C LYS T 190 6.75 -31.57 -72.33
N GLN T 191 5.48 -31.34 -72.61
CA GLN T 191 5.04 -30.37 -73.59
C GLN T 191 5.81 -29.06 -73.40
N ALA T 192 5.95 -28.65 -72.15
CA ALA T 192 6.65 -27.44 -71.79
C ALA T 192 8.13 -27.54 -72.18
N ALA T 193 8.79 -28.60 -71.72
CA ALA T 193 10.21 -28.80 -72.03
C ALA T 193 10.41 -28.68 -73.53
N LYS T 194 9.38 -29.04 -74.30
CA LYS T 194 9.44 -28.94 -75.75
C LYS T 194 9.40 -27.46 -76.14
N ILE T 195 8.27 -26.81 -75.83
CA ILE T 195 8.06 -25.39 -76.14
C ILE T 195 9.34 -24.58 -75.94
N ILE T 196 9.99 -24.76 -74.80
CA ILE T 196 11.23 -24.03 -74.51
C ILE T 196 12.26 -24.31 -75.60
N TYR T 197 12.44 -25.59 -75.93
CA TYR T 197 13.39 -26.00 -76.95
C TYR T 197 13.17 -25.31 -78.30
N LEU T 198 11.93 -25.36 -78.78
CA LEU T 198 11.61 -24.70 -80.05
C LEU T 198 11.87 -23.21 -79.90
N ALA T 199 11.19 -22.60 -78.94
CA ALA T 199 11.34 -21.18 -78.69
C ALA T 199 12.78 -20.75 -78.45
N HIS T 200 13.69 -21.71 -78.35
CA HIS T 200 15.10 -21.40 -78.14
C HIS T 200 15.79 -21.05 -79.45
N GLU T 201 15.08 -21.27 -80.55
CA GLU T 201 15.61 -21.00 -81.89
C GLU T 201 15.94 -19.54 -82.18
N ASP T 202 15.23 -18.63 -81.51
CA ASP T 202 15.43 -17.19 -81.69
C ASP T 202 16.61 -16.71 -80.84
N ASN T 203 17.40 -17.66 -80.35
CA ASN T 203 18.57 -17.36 -79.51
C ASN T 203 19.45 -18.61 -79.58
N LYS T 204 19.37 -19.30 -80.70
CA LYS T 204 20.12 -20.54 -80.94
C LYS T 204 21.63 -20.43 -80.89
N GLU T 205 22.15 -19.22 -81.00
CA GLU T 205 23.60 -19.01 -80.99
C GLU T 205 24.31 -19.55 -79.75
N LYS T 206 23.62 -19.56 -78.62
CA LYS T 206 24.20 -20.03 -77.36
C LYS T 206 23.59 -21.33 -76.84
N ASP T 207 24.35 -22.03 -75.99
CA ASP T 207 23.90 -23.29 -75.39
C ASP T 207 23.03 -22.95 -74.18
N PHE T 208 21.96 -23.72 -73.96
CA PHE T 208 21.08 -23.43 -72.84
C PHE T 208 20.78 -24.62 -71.93
N GLU T 209 20.33 -24.31 -70.72
CA GLU T 209 19.97 -25.32 -69.72
C GLU T 209 18.49 -25.14 -69.41
N LEU T 210 17.74 -26.23 -69.39
CA LEU T 210 16.30 -26.15 -69.12
C LEU T 210 15.95 -26.14 -67.64
N GLU T 211 14.78 -25.59 -67.32
CA GLU T 211 14.30 -25.52 -65.94
C GLU T 211 12.78 -25.56 -65.90
N ILE T 212 12.23 -26.51 -65.15
CA ILE T 212 10.79 -26.67 -65.04
C ILE T 212 10.37 -26.82 -63.58
N SER T 213 9.11 -26.51 -63.32
CA SER T 213 8.53 -26.65 -61.98
C SER T 213 7.04 -26.81 -62.17
N TRP T 214 6.38 -27.38 -61.18
CA TRP T 214 4.96 -27.59 -61.30
C TRP T 214 4.23 -27.62 -59.97
N CYS T 215 2.92 -27.49 -60.07
CA CYS T 215 2.05 -27.47 -58.93
C CYS T 215 0.76 -28.19 -59.36
N SER T 216 0.67 -29.48 -59.02
CA SER T 216 -0.49 -30.27 -59.38
C SER T 216 -1.13 -30.83 -58.12
N LEU T 217 -2.44 -30.71 -58.03
CA LEU T 217 -3.18 -31.18 -56.87
C LEU T 217 -2.93 -32.66 -56.60
N SER T 218 -2.67 -33.42 -57.66
CA SER T 218 -2.43 -34.86 -57.53
C SER T 218 -0.96 -35.24 -57.54
N GLU T 219 -0.20 -34.62 -58.44
CA GLU T 219 1.21 -34.92 -58.57
C GLU T 219 2.12 -34.33 -57.48
N THR T 220 1.89 -33.08 -57.09
CA THR T 220 2.73 -32.43 -56.07
C THR T 220 1.99 -32.24 -54.75
N ASN T 221 0.71 -32.59 -54.74
CA ASN T 221 -0.13 -32.49 -53.56
C ASN T 221 -0.63 -31.07 -53.32
N GLY T 222 -0.43 -30.21 -54.31
CA GLY T 222 -0.88 -28.84 -54.17
C GLY T 222 0.26 -27.90 -53.85
N LEU T 223 1.46 -28.45 -53.71
CA LEU T 223 2.62 -27.63 -53.41
C LEU T 223 3.47 -27.41 -54.65
N HIS T 224 4.20 -26.31 -54.67
CA HIS T 224 5.07 -26.01 -55.78
C HIS T 224 6.38 -26.74 -55.56
N LYS T 225 6.79 -27.51 -56.56
CA LYS T 225 8.02 -28.27 -56.45
C LYS T 225 8.74 -28.24 -57.79
N PHE T 226 10.06 -28.40 -57.73
CA PHE T 226 10.88 -28.40 -58.93
C PHE T 226 10.98 -29.80 -59.54
N VAL T 227 11.16 -29.83 -60.85
CA VAL T 227 11.29 -31.09 -61.56
C VAL T 227 12.78 -31.35 -61.75
N LYS T 228 13.29 -32.40 -61.10
CA LYS T 228 14.71 -32.75 -61.21
C LYS T 228 14.89 -34.24 -61.45
N GLY T 229 16.14 -34.63 -61.69
CA GLY T 229 16.48 -36.02 -61.92
C GLY T 229 15.81 -36.73 -63.10
N ASP T 230 15.33 -37.93 -62.83
CA ASP T 230 14.67 -38.77 -63.84
C ASP T 230 13.50 -38.11 -64.52
N LEU T 231 12.53 -37.63 -63.74
CA LEU T 231 11.36 -36.99 -64.31
C LEU T 231 11.73 -35.83 -65.24
N LEU T 232 12.84 -35.17 -64.92
CA LEU T 232 13.31 -34.05 -65.73
C LEU T 232 13.85 -34.57 -67.06
N GLN T 233 14.77 -35.53 -66.99
CA GLN T 233 15.37 -36.11 -68.19
C GLN T 233 14.32 -36.61 -69.17
N GLU T 234 13.30 -37.29 -68.62
CA GLU T 234 12.21 -37.82 -69.44
C GLU T 234 11.59 -36.75 -70.32
N ALA T 235 11.61 -35.50 -69.88
CA ALA T 235 11.05 -34.41 -70.66
C ALA T 235 12.12 -33.79 -71.58
N ILE T 236 13.38 -33.82 -71.16
CA ILE T 236 14.47 -33.28 -71.98
C ILE T 236 14.53 -34.12 -73.25
N ASP T 237 14.44 -35.43 -73.07
CA ASP T 237 14.49 -36.35 -74.17
C ASP T 237 13.25 -36.15 -75.04
N PHE T 238 12.07 -36.16 -74.43
CA PHE T 238 10.82 -35.97 -75.16
C PHE T 238 10.92 -34.79 -76.12
N ALA T 239 11.80 -33.86 -75.79
CA ALA T 239 12.01 -32.68 -76.61
C ALA T 239 13.10 -32.97 -77.65
N GLN T 240 14.27 -33.40 -77.19
CA GLN T 240 15.37 -33.73 -78.08
C GLN T 240 14.93 -34.69 -79.20
N LYS T 241 13.89 -35.46 -78.92
CA LYS T 241 13.35 -36.44 -79.85
C LYS T 241 12.42 -35.81 -80.89
N GLU T 242 11.83 -34.68 -80.55
CA GLU T 242 10.93 -33.99 -81.47
C GLU T 242 11.54 -32.73 -82.05
N ILE T 243 12.77 -32.44 -81.66
CA ILE T 243 13.48 -31.27 -82.17
C ILE T 243 14.10 -31.72 -83.50
N ASN T 244 13.94 -33.01 -83.78
CA ASN T 244 14.45 -33.63 -85.01
C ASN T 244 13.32 -34.42 -85.69
N ALA U 1 9.14 26.46 -69.64
CA ALA U 1 8.28 26.84 -70.80
C ALA U 1 7.43 25.66 -71.28
N GLY U 2 8.07 24.68 -71.93
CA GLY U 2 7.35 23.52 -72.46
C GLY U 2 6.95 22.42 -71.49
N TYR U 3 7.32 22.55 -70.22
CA TYR U 3 6.98 21.53 -69.23
C TYR U 3 5.57 21.63 -68.70
N ASP U 4 4.88 22.72 -69.03
CA ASP U 4 3.51 22.88 -68.56
C ASP U 4 2.62 21.83 -69.24
N ARG U 5 3.26 20.92 -69.95
CA ARG U 5 2.57 19.86 -70.66
C ARG U 5 2.77 18.52 -69.94
N HIS U 6 3.80 18.46 -69.09
CA HIS U 6 4.12 17.22 -68.39
C HIS U 6 3.50 17.04 -67.00
N ILE U 7 3.38 18.13 -66.25
CA ILE U 7 2.78 18.02 -64.93
C ILE U 7 1.46 18.76 -64.96
N THR U 8 0.67 18.61 -63.91
CA THR U 8 -0.64 19.27 -63.88
C THR U 8 -0.64 20.74 -63.43
N ILE U 9 -0.04 21.62 -64.23
CA ILE U 9 -0.04 23.04 -63.93
C ILE U 9 -0.75 23.71 -65.11
N PHE U 10 -1.27 24.91 -64.91
CA PHE U 10 -1.99 25.59 -65.97
C PHE U 10 -1.11 25.94 -67.15
N SER U 11 -1.72 25.96 -68.33
CA SER U 11 -1.03 26.32 -69.56
C SER U 11 -1.42 27.78 -69.77
N PRO U 12 -0.73 28.50 -70.68
CA PRO U 12 -1.07 29.90 -70.93
C PRO U 12 -2.54 30.12 -71.30
N GLU U 13 -3.16 29.06 -71.83
CA GLU U 13 -4.56 29.11 -72.23
C GLU U 13 -5.46 28.76 -71.05
N GLY U 14 -4.86 28.32 -69.94
CA GLY U 14 -5.63 27.98 -68.77
C GLY U 14 -6.07 26.52 -68.78
N ARG U 15 -5.37 25.72 -69.58
CA ARG U 15 -5.68 24.31 -69.71
C ARG U 15 -4.70 23.44 -68.94
N LEU U 16 -5.14 22.22 -68.64
CA LEU U 16 -4.32 21.25 -67.95
C LEU U 16 -4.15 20.08 -68.92
N TYR U 17 -3.12 20.14 -69.76
CA TYR U 17 -2.90 19.09 -70.76
C TYR U 17 -2.85 17.67 -70.22
N GLN U 18 -2.16 17.47 -69.11
CA GLN U 18 -2.08 16.14 -68.55
C GLN U 18 -3.44 15.54 -68.29
N VAL U 19 -4.42 16.37 -67.98
CA VAL U 19 -5.75 15.85 -67.72
C VAL U 19 -6.39 15.50 -69.06
N GLU U 20 -6.13 16.34 -70.05
CA GLU U 20 -6.69 16.11 -71.38
C GLU U 20 -6.14 14.81 -71.96
N TYR U 21 -4.84 14.60 -71.81
CA TYR U 21 -4.22 13.39 -72.33
C TYR U 21 -4.72 12.18 -71.56
N ALA U 22 -5.09 12.37 -70.30
CA ALA U 22 -5.60 11.28 -69.50
C ALA U 22 -6.89 10.77 -70.14
N PHE U 23 -7.76 11.70 -70.53
CA PHE U 23 -9.00 11.32 -71.17
C PHE U 23 -8.69 10.45 -72.39
N LYS U 24 -7.65 10.83 -73.12
CA LYS U 24 -7.25 10.07 -74.30
C LYS U 24 -7.03 8.61 -73.91
N ALA U 25 -6.31 8.40 -72.84
CA ALA U 25 -6.02 7.05 -72.35
C ALA U 25 -7.27 6.19 -72.12
N THR U 26 -8.38 6.80 -71.70
CA THR U 26 -9.60 6.04 -71.43
C THR U 26 -10.18 5.32 -72.65
N ASN U 27 -9.71 5.64 -73.84
CA ASN U 27 -10.21 5.00 -75.05
C ASN U 27 -9.25 3.96 -75.60
N GLN U 28 -8.16 3.76 -74.89
CA GLN U 28 -7.13 2.82 -75.33
C GLN U 28 -7.59 1.37 -75.46
N THR U 29 -8.63 1.00 -74.70
CA THR U 29 -9.16 -0.36 -74.73
C THR U 29 -10.11 -0.55 -75.90
N ASN U 30 -10.51 0.56 -76.52
CA ASN U 30 -11.42 0.53 -77.64
C ASN U 30 -12.72 -0.22 -77.30
N ILE U 31 -13.12 -0.18 -76.04
CA ILE U 31 -14.34 -0.84 -75.60
C ILE U 31 -15.40 0.19 -75.26
N ASN U 32 -16.65 -0.15 -75.56
CA ASN U 32 -17.77 0.73 -75.30
C ASN U 32 -18.64 0.15 -74.19
N SER U 33 -19.41 1.02 -73.54
CA SER U 33 -20.30 0.57 -72.47
C SER U 33 -21.40 1.60 -72.29
N LEU U 34 -22.54 1.13 -71.79
CA LEU U 34 -23.66 2.00 -71.55
C LEU U 34 -24.42 1.49 -70.33
N ALA U 35 -25.12 2.40 -69.66
CA ALA U 35 -25.89 2.02 -68.50
C ALA U 35 -27.28 2.64 -68.63
N VAL U 36 -28.28 1.93 -68.12
CA VAL U 36 -29.65 2.40 -68.18
C VAL U 36 -30.40 2.09 -66.90
N ARG U 37 -31.45 2.85 -66.63
CA ARG U 37 -32.21 2.64 -65.43
C ARG U 37 -33.56 1.98 -65.66
N GLY U 38 -33.83 0.94 -64.87
CA GLY U 38 -35.09 0.24 -64.95
C GLY U 38 -36.10 1.00 -64.11
N LYS U 39 -37.22 0.37 -63.78
CA LYS U 39 -38.24 1.01 -62.96
C LYS U 39 -37.73 0.90 -61.53
N ASP U 40 -36.95 -0.16 -61.29
CA ASP U 40 -36.37 -0.43 -59.99
C ASP U 40 -35.15 -1.36 -60.10
N CYS U 41 -34.16 -0.92 -60.88
CA CYS U 41 -32.93 -1.66 -61.09
C CYS U 41 -32.07 -0.79 -62.00
N THR U 42 -30.82 -1.20 -62.20
CA THR U 42 -29.91 -0.45 -63.06
C THR U 42 -29.05 -1.45 -63.80
N VAL U 43 -28.90 -1.27 -65.11
CA VAL U 43 -28.10 -2.20 -65.89
C VAL U 43 -26.97 -1.53 -66.62
N VAL U 44 -25.84 -2.22 -66.66
CA VAL U 44 -24.67 -1.72 -67.36
C VAL U 44 -24.22 -2.82 -68.29
N ILE U 45 -23.82 -2.42 -69.49
CA ILE U 45 -23.34 -3.37 -70.48
C ILE U 45 -22.03 -2.85 -71.00
N SER U 46 -21.10 -3.75 -71.26
CA SER U 46 -19.81 -3.35 -71.76
C SER U 46 -19.33 -4.44 -72.69
N GLN U 47 -18.68 -4.04 -73.77
CA GLN U 47 -18.17 -4.98 -74.74
C GLN U 47 -17.00 -5.72 -74.11
N LYS U 48 -16.95 -7.03 -74.37
CA LYS U 48 -15.89 -7.87 -73.86
C LYS U 48 -15.15 -8.30 -75.10
N LYS U 49 -13.90 -7.88 -75.23
CA LYS U 49 -13.12 -8.26 -76.39
C LYS U 49 -11.89 -9.04 -75.99
N VAL U 50 -11.92 -10.36 -76.17
CA VAL U 50 -10.78 -11.19 -75.84
C VAL U 50 -10.04 -11.54 -77.12
N PRO U 51 -8.92 -10.86 -77.41
CA PRO U 51 -8.14 -11.11 -78.62
C PRO U 51 -7.43 -12.46 -78.62
N ASP U 52 -6.48 -12.63 -77.69
CA ASP U 52 -5.70 -13.85 -77.59
C ASP U 52 -6.52 -15.10 -77.21
N LYS U 53 -6.15 -16.25 -77.77
CA LYS U 53 -6.84 -17.50 -77.48
C LYS U 53 -6.27 -18.11 -76.21
N LEU U 54 -5.06 -17.68 -75.85
CA LEU U 54 -4.37 -18.15 -74.66
C LEU U 54 -4.91 -17.56 -73.36
N LEU U 55 -5.78 -16.57 -73.48
CA LEU U 55 -6.37 -15.92 -72.32
C LEU U 55 -7.55 -16.69 -71.75
N ASP U 56 -7.70 -16.64 -70.44
CA ASP U 56 -8.81 -17.28 -69.77
C ASP U 56 -9.90 -16.20 -69.70
N PRO U 57 -10.84 -16.22 -70.64
CA PRO U 57 -11.96 -15.27 -70.76
C PRO U 57 -12.69 -14.85 -69.49
N THR U 58 -12.69 -15.71 -68.46
CA THR U 58 -13.39 -15.38 -67.22
C THR U 58 -12.62 -14.41 -66.33
N THR U 59 -11.36 -14.13 -66.67
CA THR U 59 -10.53 -13.21 -65.91
C THR U 59 -10.43 -11.84 -66.58
N VAL U 60 -11.13 -11.69 -67.70
CA VAL U 60 -11.12 -10.44 -68.44
C VAL U 60 -12.41 -9.68 -68.21
N SER U 61 -12.41 -8.77 -67.24
CA SER U 61 -13.59 -7.97 -66.95
C SER U 61 -13.28 -6.53 -66.58
N TYR U 62 -14.15 -5.61 -66.99
CA TYR U 62 -13.98 -4.21 -66.67
C TYR U 62 -15.15 -3.77 -65.79
N ILE U 63 -15.88 -4.75 -65.28
CA ILE U 63 -16.99 -4.46 -64.39
C ILE U 63 -16.57 -5.02 -63.06
N PHE U 64 -16.75 -4.23 -62.00
CA PHE U 64 -16.35 -4.63 -60.66
C PHE U 64 -17.51 -4.55 -59.67
N CYS U 65 -17.39 -5.33 -58.60
CA CYS U 65 -18.40 -5.32 -57.56
C CYS U 65 -17.80 -4.58 -56.37
N ILE U 66 -18.07 -3.28 -56.30
CA ILE U 66 -17.56 -2.43 -55.24
C ILE U 66 -18.08 -2.85 -53.87
N SER U 67 -19.39 -2.94 -53.74
CA SER U 67 -19.97 -3.36 -52.48
C SER U 67 -21.15 -4.27 -52.74
N ARG U 68 -21.81 -4.69 -51.67
CA ARG U 68 -22.96 -5.55 -51.80
C ARG U 68 -24.03 -4.88 -52.66
N THR U 69 -23.99 -3.54 -52.73
CA THR U 69 -24.99 -2.80 -53.51
C THR U 69 -24.48 -1.92 -54.65
N ILE U 70 -23.18 -1.67 -54.71
CA ILE U 70 -22.64 -0.81 -55.75
C ILE U 70 -21.82 -1.55 -56.79
N GLY U 71 -22.05 -1.19 -58.05
CA GLY U 71 -21.33 -1.78 -59.14
C GLY U 71 -20.64 -0.65 -59.88
N MET U 72 -19.47 -0.92 -60.42
CA MET U 72 -18.71 0.10 -61.12
C MET U 72 -18.07 -0.48 -62.37
N VAL U 73 -18.27 0.17 -63.50
CA VAL U 73 -17.66 -0.27 -64.75
C VAL U 73 -16.63 0.79 -65.13
N VAL U 74 -15.50 0.36 -65.67
CA VAL U 74 -14.41 1.25 -66.02
C VAL U 74 -14.06 1.29 -67.49
N ASN U 75 -13.77 2.49 -67.99
CA ASN U 75 -13.33 2.67 -69.37
C ASN U 75 -11.89 3.16 -69.25
N GLY U 76 -10.93 2.33 -69.67
CA GLY U 76 -9.55 2.72 -69.58
C GLY U 76 -8.66 1.51 -69.30
N PRO U 77 -7.33 1.67 -69.36
CA PRO U 77 -6.39 0.58 -69.12
C PRO U 77 -6.82 -0.21 -67.90
N ILE U 78 -6.50 -1.51 -67.86
CA ILE U 78 -6.92 -2.32 -66.73
C ILE U 78 -6.18 -2.01 -65.42
N PRO U 79 -4.84 -1.80 -65.47
CA PRO U 79 -4.14 -1.52 -64.20
C PRO U 79 -4.71 -0.31 -63.46
N ASP U 80 -4.99 0.77 -64.18
CA ASP U 80 -5.55 1.97 -63.56
C ASP U 80 -6.95 1.64 -63.07
N ALA U 81 -7.70 0.91 -63.89
CA ALA U 81 -9.07 0.53 -63.55
C ALA U 81 -9.11 -0.31 -62.26
N ARG U 82 -8.15 -1.21 -62.10
CA ARG U 82 -8.12 -2.03 -60.90
C ARG U 82 -7.72 -1.18 -59.68
N ASN U 83 -6.76 -0.28 -59.90
CA ASN U 83 -6.31 0.63 -58.86
C ASN U 83 -7.54 1.38 -58.33
N ALA U 84 -8.32 1.94 -59.25
CA ALA U 84 -9.52 2.69 -58.91
C ALA U 84 -10.56 1.85 -58.19
N ALA U 85 -10.74 0.61 -58.64
CA ALA U 85 -11.71 -0.30 -58.03
C ALA U 85 -11.32 -0.62 -56.57
N LEU U 86 -10.06 -0.98 -56.36
CA LEU U 86 -9.58 -1.30 -55.02
C LEU U 86 -9.90 -0.16 -54.06
N ARG U 87 -9.44 1.03 -54.42
CA ARG U 87 -9.69 2.21 -53.61
C ARG U 87 -11.17 2.37 -53.33
N ALA U 88 -11.98 2.24 -54.38
CA ALA U 88 -13.43 2.38 -54.23
C ALA U 88 -14.03 1.37 -53.24
N LYS U 89 -13.51 0.15 -53.23
CA LYS U 89 -14.01 -0.86 -52.32
C LYS U 89 -13.62 -0.50 -50.87
N ALA U 90 -12.35 -0.16 -50.68
CA ALA U 90 -11.86 0.23 -49.37
C ALA U 90 -12.67 1.41 -48.86
N GLU U 91 -12.92 2.39 -49.73
CA GLU U 91 -13.68 3.57 -49.35
C GLU U 91 -15.10 3.19 -48.93
N ALA U 92 -15.69 2.24 -49.64
CA ALA U 92 -17.05 1.83 -49.34
C ALA U 92 -17.11 1.00 -48.06
N ALA U 93 -16.08 0.17 -47.86
CA ALA U 93 -16.02 -0.68 -46.67
C ALA U 93 -15.86 0.20 -45.44
N GLU U 94 -14.95 1.16 -45.51
CA GLU U 94 -14.71 2.07 -44.42
C GLU U 94 -15.94 2.91 -44.08
N PHE U 95 -16.51 3.57 -45.08
CA PHE U 95 -17.68 4.40 -44.87
C PHE U 95 -18.71 3.67 -44.00
N ARG U 96 -19.01 2.43 -44.36
CA ARG U 96 -19.98 1.63 -43.61
C ARG U 96 -19.59 1.56 -42.14
N TYR U 97 -18.35 1.15 -41.89
CA TYR U 97 -17.82 1.02 -40.55
C TYR U 97 -17.96 2.29 -39.73
N LYS U 98 -17.56 3.42 -40.32
CA LYS U 98 -17.61 4.70 -39.65
C LYS U 98 -18.97 5.32 -39.47
N TYR U 99 -19.85 5.22 -40.47
CA TYR U 99 -21.16 5.84 -40.36
C TYR U 99 -22.38 4.96 -40.08
N GLY U 100 -22.18 3.64 -40.08
CA GLY U 100 -23.26 2.72 -39.78
C GLY U 100 -24.30 2.39 -40.84
N TYR U 101 -23.96 2.63 -42.10
CA TYR U 101 -24.87 2.32 -43.20
C TYR U 101 -24.11 2.36 -44.52
N ASP U 102 -24.53 1.51 -45.44
CA ASP U 102 -23.89 1.37 -46.75
C ASP U 102 -23.71 2.68 -47.49
N MET U 103 -22.52 2.84 -48.05
CA MET U 103 -22.21 4.05 -48.77
C MET U 103 -23.01 4.19 -50.07
N PRO U 104 -23.74 5.31 -50.20
CA PRO U 104 -24.55 5.61 -51.38
C PRO U 104 -23.69 5.74 -52.62
N CYS U 105 -24.27 5.38 -53.75
CA CYS U 105 -23.61 5.43 -55.04
C CYS U 105 -23.01 6.81 -55.36
N ASP U 106 -23.83 7.84 -55.26
CA ASP U 106 -23.42 9.22 -55.55
C ASP U 106 -22.34 9.72 -54.60
N VAL U 107 -22.36 9.23 -53.37
CA VAL U 107 -21.37 9.62 -52.38
C VAL U 107 -20.01 9.04 -52.75
N LEU U 108 -19.99 7.72 -53.00
CA LEU U 108 -18.76 7.06 -53.42
C LEU U 108 -18.26 7.71 -54.71
N ALA U 109 -19.19 8.07 -55.58
CA ALA U 109 -18.83 8.72 -56.83
C ALA U 109 -18.12 10.02 -56.50
N LYS U 110 -18.76 10.84 -55.66
CA LYS U 110 -18.19 12.13 -55.26
C LYS U 110 -16.80 11.94 -54.66
N ARG U 111 -16.69 11.02 -53.70
CA ARG U 111 -15.42 10.77 -53.05
C ARG U 111 -14.33 10.38 -54.05
N MET U 112 -14.69 9.59 -55.05
CA MET U 112 -13.72 9.17 -56.05
C MET U 112 -13.34 10.36 -56.92
N ALA U 113 -14.33 11.21 -57.21
CA ALA U 113 -14.09 12.38 -58.05
C ALA U 113 -13.17 13.34 -57.32
N ASN U 114 -13.34 13.44 -56.00
CA ASN U 114 -12.53 14.31 -55.18
C ASN U 114 -11.10 13.83 -55.22
N LEU U 115 -10.91 12.52 -55.05
CA LEU U 115 -9.58 11.93 -55.09
C LEU U 115 -8.96 12.22 -56.45
N SER U 116 -9.79 12.16 -57.50
CA SER U 116 -9.29 12.43 -58.83
C SER U 116 -8.90 13.88 -58.98
N GLN U 117 -9.69 14.77 -58.39
CA GLN U 117 -9.38 16.19 -58.45
C GLN U 117 -8.02 16.50 -57.85
N ILE U 118 -7.66 15.77 -56.79
CA ILE U 118 -6.37 15.98 -56.13
C ILE U 118 -5.20 15.74 -57.09
N TYR U 119 -5.34 14.80 -58.01
CA TYR U 119 -4.24 14.53 -58.94
C TYR U 119 -4.16 15.64 -60.00
N THR U 120 -5.23 16.42 -60.06
CA THR U 120 -5.36 17.55 -60.97
C THR U 120 -4.58 18.74 -60.46
N GLN U 121 -4.42 18.81 -59.14
CA GLN U 121 -3.73 19.92 -58.47
C GLN U 121 -2.33 19.60 -57.96
N ARG U 122 -2.12 18.42 -57.37
CA ARG U 122 -0.81 18.05 -56.86
C ARG U 122 0.04 17.51 -58.00
N ALA U 123 1.31 17.89 -58.04
CA ALA U 123 2.19 17.52 -59.13
C ALA U 123 2.76 16.12 -59.21
N TYR U 124 3.04 15.48 -58.08
CA TYR U 124 3.64 14.15 -58.15
C TYR U 124 2.64 13.03 -58.45
N MET U 125 1.36 13.31 -58.24
CA MET U 125 0.32 12.33 -58.52
C MET U 125 -0.21 12.56 -59.95
N ARG U 126 -0.16 11.53 -60.78
CA ARG U 126 -0.67 11.67 -62.15
C ARG U 126 -2.13 11.26 -62.19
N PRO U 127 -2.89 11.77 -63.16
CA PRO U 127 -4.31 11.38 -63.21
C PRO U 127 -4.42 9.91 -63.61
N LEU U 128 -5.56 9.30 -63.29
CA LEU U 128 -5.78 7.91 -63.68
C LEU U 128 -6.55 7.98 -65.00
N GLY U 129 -6.02 7.36 -66.04
CA GLY U 129 -6.68 7.40 -67.33
C GLY U 129 -7.88 6.50 -67.37
N VAL U 130 -8.90 6.79 -66.58
CA VAL U 130 -10.08 5.95 -66.59
C VAL U 130 -11.33 6.77 -66.32
N ILE U 131 -12.46 6.22 -66.71
CA ILE U 131 -13.75 6.84 -66.48
C ILE U 131 -14.55 5.79 -65.73
N LEU U 132 -15.00 6.15 -64.52
CA LEU U 132 -15.74 5.25 -63.67
C LEU U 132 -17.22 5.57 -63.68
N THR U 133 -18.02 4.53 -63.91
CA THR U 133 -19.46 4.66 -63.92
C THR U 133 -19.95 3.80 -62.77
N PHE U 134 -20.57 4.42 -61.78
CA PHE U 134 -21.10 3.66 -60.65
C PHE U 134 -22.59 3.49 -60.81
N VAL U 135 -23.11 2.35 -60.39
CA VAL U 135 -24.53 2.08 -60.49
C VAL U 135 -25.02 1.31 -59.29
N SER U 136 -26.31 1.45 -58.99
CA SER U 136 -26.93 0.75 -57.89
C SER U 136 -28.36 1.25 -57.76
N VAL U 137 -29.04 0.73 -56.75
CA VAL U 137 -30.40 1.12 -56.47
C VAL U 137 -30.36 1.66 -55.05
N ASP U 138 -30.01 2.94 -54.94
CA ASP U 138 -29.92 3.61 -53.66
C ASP U 138 -31.23 3.53 -52.91
N GLU U 139 -31.15 3.28 -51.60
CA GLU U 139 -32.34 3.17 -50.78
C GLU U 139 -33.10 4.48 -50.64
N GLU U 140 -32.57 5.53 -51.25
CA GLU U 140 -33.24 6.83 -51.19
C GLU U 140 -33.47 7.45 -52.56
N LEU U 141 -32.60 7.14 -53.51
CA LEU U 141 -32.70 7.68 -54.85
C LEU U 141 -33.13 6.68 -55.91
N GLY U 142 -33.27 5.42 -55.51
CA GLY U 142 -33.68 4.40 -56.46
C GLY U 142 -32.56 4.08 -57.43
N PRO U 143 -32.88 3.64 -58.65
CA PRO U 143 -31.85 3.30 -59.64
C PRO U 143 -30.93 4.49 -59.82
N SER U 144 -29.62 4.26 -59.76
CA SER U 144 -28.66 5.35 -59.88
C SER U 144 -27.48 5.10 -60.78
N ILE U 145 -27.10 6.14 -61.52
CA ILE U 145 -25.96 6.07 -62.41
C ILE U 145 -25.15 7.34 -62.20
N TYR U 146 -23.91 7.19 -61.75
CA TYR U 146 -23.01 8.32 -61.52
C TYR U 146 -21.68 8.03 -62.20
N LYS U 147 -21.17 9.00 -62.94
CA LYS U 147 -19.91 8.81 -63.65
C LYS U 147 -18.89 9.90 -63.36
N THR U 148 -17.64 9.50 -63.27
CA THR U 148 -16.55 10.43 -62.97
C THR U 148 -15.44 10.26 -64.00
N ASP U 149 -14.63 11.30 -64.15
CA ASP U 149 -13.53 11.31 -65.12
C ASP U 149 -12.22 11.77 -64.49
N PRO U 150 -11.13 11.78 -65.27
CA PRO U 150 -9.80 12.20 -64.80
C PRO U 150 -9.72 13.67 -64.37
N ALA U 151 -10.68 14.46 -64.81
CA ALA U 151 -10.70 15.88 -64.48
C ALA U 151 -11.25 16.11 -63.07
N GLY U 152 -11.87 15.07 -62.52
CA GLY U 152 -12.42 15.18 -61.18
C GLY U 152 -13.87 15.58 -61.23
N TYR U 153 -14.44 15.53 -62.42
CA TYR U 153 -15.84 15.90 -62.62
C TYR U 153 -16.76 14.69 -62.45
N TYR U 154 -17.96 14.92 -61.96
CA TYR U 154 -18.91 13.82 -61.79
C TYR U 154 -20.36 14.32 -61.80
N VAL U 155 -21.28 13.48 -62.28
CA VAL U 155 -22.68 13.84 -62.32
C VAL U 155 -23.54 12.59 -62.43
N GLY U 156 -24.83 12.73 -62.15
CA GLY U 156 -25.75 11.62 -62.23
C GLY U 156 -26.45 11.64 -63.59
N TYR U 157 -26.69 10.46 -64.16
CA TYR U 157 -27.34 10.37 -65.46
C TYR U 157 -28.66 9.62 -65.43
N LYS U 158 -29.45 9.78 -66.50
CA LYS U 158 -30.71 9.06 -66.63
C LYS U 158 -30.32 7.73 -67.27
N ALA U 159 -29.21 7.80 -68.02
CA ALA U 159 -28.61 6.67 -68.72
C ALA U 159 -27.35 7.26 -69.32
N THR U 160 -26.36 6.44 -69.64
CA THR U 160 -25.15 6.97 -70.23
C THR U 160 -24.35 5.93 -70.97
N ALA U 161 -23.37 6.38 -71.74
CA ALA U 161 -22.51 5.49 -72.50
C ALA U 161 -21.10 6.08 -72.54
N THR U 162 -20.11 5.21 -72.66
CA THR U 162 -18.71 5.64 -72.68
C THR U 162 -17.92 4.75 -73.62
N GLY U 163 -16.89 5.32 -74.24
CA GLY U 163 -16.06 4.54 -75.15
C GLY U 163 -15.84 5.30 -76.45
N PRO U 164 -15.13 4.70 -77.42
CA PRO U 164 -14.88 5.37 -78.71
C PRO U 164 -16.15 5.81 -79.42
N LYS U 165 -17.10 4.89 -79.58
CA LYS U 165 -18.37 5.20 -80.25
C LYS U 165 -19.42 5.63 -79.22
N GLN U 166 -18.95 6.45 -78.28
CA GLN U 166 -19.78 6.97 -77.21
C GLN U 166 -20.94 7.82 -77.72
N GLN U 167 -20.61 8.79 -78.57
CA GLN U 167 -21.61 9.71 -79.10
C GLN U 167 -22.78 9.05 -79.85
N GLU U 168 -22.53 7.91 -80.48
CA GLU U 168 -23.59 7.21 -81.20
C GLU U 168 -24.57 6.60 -80.21
N ILE U 169 -24.04 5.89 -79.22
CA ILE U 169 -24.86 5.26 -78.19
C ILE U 169 -25.71 6.30 -77.51
N THR U 170 -25.11 7.46 -77.26
CA THR U 170 -25.79 8.55 -76.58
C THR U 170 -26.97 9.11 -77.36
N THR U 171 -26.72 9.62 -78.58
CA THR U 171 -27.79 10.18 -79.41
C THR U 171 -28.88 9.15 -79.67
N ASN U 172 -28.48 7.88 -79.60
CA ASN U 172 -29.42 6.79 -79.80
C ASN U 172 -30.39 6.83 -78.62
N LEU U 173 -29.85 6.60 -77.42
CA LEU U 173 -30.61 6.60 -76.16
C LEU U 173 -31.36 7.92 -75.99
N GLU U 174 -30.66 8.99 -76.33
CA GLU U 174 -31.17 10.37 -76.25
C GLU U 174 -32.51 10.46 -76.96
N ASN U 175 -32.58 9.84 -78.13
CA ASN U 175 -33.79 9.87 -78.94
C ASN U 175 -34.88 9.02 -78.32
N HIS U 176 -34.51 7.85 -77.83
CA HIS U 176 -35.49 6.96 -77.21
C HIS U 176 -36.23 7.62 -76.05
N PHE U 177 -35.57 8.52 -75.34
CA PHE U 177 -36.21 9.19 -74.21
C PHE U 177 -37.11 10.35 -74.62
N LYS U 178 -36.74 11.04 -75.70
CA LYS U 178 -37.55 12.16 -76.19
C LYS U 178 -38.87 11.55 -76.66
N LYS U 179 -38.77 10.33 -77.18
CA LYS U 179 -39.91 9.58 -77.69
C LYS U 179 -40.79 9.01 -76.58
N SER U 180 -40.19 8.32 -75.61
CA SER U 180 -40.95 7.72 -74.51
C SER U 180 -41.38 8.72 -73.43
N LYS U 181 -40.87 9.95 -73.50
CA LYS U 181 -41.19 11.02 -72.56
C LYS U 181 -40.88 10.80 -71.06
N ILE U 182 -40.50 9.58 -70.70
CA ILE U 182 -40.13 9.26 -69.32
C ILE U 182 -38.62 9.06 -69.29
N ASP U 183 -37.99 9.36 -68.16
CA ASP U 183 -36.54 9.23 -68.05
C ASP U 183 -36.06 7.90 -67.47
N HIS U 184 -36.45 6.80 -68.11
CA HIS U 184 -36.03 5.46 -67.66
C HIS U 184 -36.80 4.36 -68.39
N ILE U 185 -36.18 3.20 -68.54
CA ILE U 185 -36.84 2.08 -69.20
C ILE U 185 -37.99 1.63 -68.32
N ASN U 186 -39.22 1.71 -68.82
CA ASN U 186 -40.38 1.33 -68.03
C ASN U 186 -40.64 -0.17 -68.05
N GLU U 187 -39.93 -0.91 -67.21
CA GLU U 187 -40.09 -2.36 -67.15
C GLU U 187 -40.08 -2.83 -65.69
N GLU U 188 -40.68 -3.99 -65.43
CA GLU U 188 -40.74 -4.55 -64.08
C GLU U 188 -39.58 -5.50 -63.82
N SER U 189 -39.35 -6.42 -64.75
CA SER U 189 -38.26 -7.38 -64.57
C SER U 189 -37.00 -6.76 -65.12
N TRP U 190 -35.86 -7.13 -64.54
CA TRP U 190 -34.59 -6.59 -64.98
C TRP U 190 -34.14 -7.31 -66.25
N GLU U 191 -34.59 -8.55 -66.42
CA GLU U 191 -34.23 -9.34 -67.60
C GLU U 191 -34.60 -8.58 -68.88
N LYS U 192 -35.70 -7.84 -68.83
CA LYS U 192 -36.17 -7.05 -69.98
C LYS U 192 -35.34 -5.78 -70.13
N VAL U 193 -35.03 -5.11 -69.03
CA VAL U 193 -34.21 -3.90 -69.07
C VAL U 193 -32.85 -4.26 -69.65
N VAL U 194 -32.33 -5.42 -69.26
CA VAL U 194 -31.04 -5.89 -69.78
C VAL U 194 -31.14 -6.02 -71.30
N GLU U 195 -32.23 -6.64 -71.75
CA GLU U 195 -32.46 -6.86 -73.19
C GLU U 195 -32.57 -5.54 -73.94
N PHE U 196 -33.28 -4.59 -73.37
CA PHE U 196 -33.46 -3.27 -73.97
C PHE U 196 -32.10 -2.63 -74.25
N ALA U 197 -31.21 -2.78 -73.27
CA ALA U 197 -29.86 -2.26 -73.35
C ALA U 197 -29.06 -2.95 -74.43
N ILE U 198 -29.03 -4.28 -74.42
CA ILE U 198 -28.30 -5.02 -75.42
C ILE U 198 -28.82 -4.66 -76.82
N THR U 199 -30.10 -4.33 -76.89
CA THR U 199 -30.73 -3.96 -78.15
C THR U 199 -30.16 -2.63 -78.63
N HIS U 200 -30.51 -1.55 -77.93
CA HIS U 200 -30.04 -0.22 -78.29
C HIS U 200 -28.51 -0.17 -78.39
N MET U 201 -27.85 -1.18 -77.88
CA MET U 201 -26.39 -1.27 -77.95
C MET U 201 -26.06 -1.63 -79.40
N ILE U 202 -26.77 -2.63 -79.90
CA ILE U 202 -26.58 -3.13 -81.25
C ILE U 202 -27.04 -2.09 -82.27
N ASP U 203 -28.21 -1.51 -82.02
CA ASP U 203 -28.80 -0.50 -82.91
C ASP U 203 -27.88 0.70 -83.11
N ALA U 204 -27.07 0.99 -82.08
CA ALA U 204 -26.15 2.11 -82.13
C ALA U 204 -24.81 1.70 -82.72
N LEU U 205 -24.21 0.66 -82.16
CA LEU U 205 -22.92 0.18 -82.64
C LEU U 205 -23.02 -0.43 -84.04
N GLY U 206 -24.22 -0.91 -84.39
CA GLY U 206 -24.41 -1.51 -85.69
C GLY U 206 -23.78 -2.89 -85.84
N THR U 207 -23.56 -3.57 -84.71
CA THR U 207 -22.96 -4.91 -84.74
C THR U 207 -23.78 -5.90 -83.92
N GLU U 208 -23.56 -7.18 -84.18
CA GLU U 208 -24.25 -8.24 -83.47
C GLU U 208 -23.26 -8.85 -82.49
N PHE U 209 -23.76 -9.33 -81.35
CA PHE U 209 -22.91 -9.91 -80.33
C PHE U 209 -23.21 -11.39 -80.12
N SER U 210 -22.24 -12.10 -79.56
CA SER U 210 -22.42 -13.51 -79.25
C SER U 210 -22.40 -13.50 -77.72
N LYS U 211 -22.56 -14.65 -77.07
CA LYS U 211 -22.58 -14.69 -75.62
C LYS U 211 -21.23 -14.33 -74.98
N ASN U 212 -20.19 -14.15 -75.80
CA ASN U 212 -18.86 -13.83 -75.29
C ASN U 212 -18.36 -12.47 -75.74
N ASP U 213 -19.28 -11.64 -76.22
CA ASP U 213 -18.94 -10.30 -76.70
C ASP U 213 -19.44 -9.23 -75.73
N LEU U 214 -20.29 -9.65 -74.80
CA LEU U 214 -20.85 -8.73 -73.82
C LEU U 214 -20.34 -9.01 -72.42
N GLU U 215 -20.92 -8.27 -71.48
CA GLU U 215 -20.59 -8.33 -70.07
C GLU U 215 -21.72 -7.52 -69.48
N VAL U 216 -22.49 -8.10 -68.57
CA VAL U 216 -23.61 -7.37 -68.00
C VAL U 216 -23.70 -7.34 -66.48
N GLY U 217 -23.86 -6.14 -65.93
CA GLY U 217 -23.99 -6.03 -64.49
C GLY U 217 -25.39 -5.53 -64.20
N VAL U 218 -26.02 -6.06 -63.16
CA VAL U 218 -27.35 -5.62 -62.81
C VAL U 218 -27.39 -5.22 -61.34
N ALA U 219 -28.03 -4.09 -61.08
CA ALA U 219 -28.16 -3.56 -59.74
C ALA U 219 -29.63 -3.62 -59.37
N THR U 220 -29.91 -4.02 -58.14
CA THR U 220 -31.28 -4.13 -57.65
C THR U 220 -31.34 -3.87 -56.15
N LYS U 221 -32.56 -3.72 -55.64
CA LYS U 221 -32.75 -3.50 -54.22
C LYS U 221 -31.90 -4.51 -53.44
N ASP U 222 -30.91 -3.98 -52.74
CA ASP U 222 -30.02 -4.80 -51.92
C ASP U 222 -29.04 -5.74 -52.61
N LYS U 223 -28.79 -5.56 -53.90
CA LYS U 223 -27.80 -6.41 -54.55
C LYS U 223 -27.40 -6.07 -55.97
N PHE U 224 -26.10 -6.16 -56.24
CA PHE U 224 -25.54 -5.92 -57.56
C PHE U 224 -24.77 -7.17 -57.96
N PHE U 225 -25.05 -7.67 -59.15
CA PHE U 225 -24.42 -8.88 -59.66
C PHE U 225 -24.13 -8.80 -61.15
N THR U 226 -23.28 -9.71 -61.62
CA THR U 226 -22.93 -9.78 -63.04
C THR U 226 -23.45 -11.10 -63.61
N LEU U 227 -23.97 -11.05 -64.83
CA LEU U 227 -24.50 -12.24 -65.50
C LEU U 227 -23.36 -13.09 -66.04
N SER U 228 -23.63 -14.37 -66.26
CA SER U 228 -22.62 -15.29 -66.80
C SER U 228 -22.84 -15.50 -68.30
N ALA U 229 -21.86 -16.10 -68.95
CA ALA U 229 -21.95 -16.35 -70.39
C ALA U 229 -23.34 -16.89 -70.73
N GLU U 230 -23.83 -17.80 -69.90
CA GLU U 230 -25.13 -18.41 -70.10
C GLU U 230 -26.33 -17.52 -69.79
N ASN U 231 -26.26 -16.76 -68.71
CA ASN U 231 -27.37 -15.87 -68.35
C ASN U 231 -27.56 -14.87 -69.48
N ILE U 232 -26.44 -14.49 -70.09
CA ILE U 232 -26.42 -13.55 -71.21
C ILE U 232 -27.00 -14.24 -72.43
N GLU U 233 -26.49 -15.44 -72.70
CA GLU U 233 -26.96 -16.22 -73.83
C GLU U 233 -28.48 -16.27 -73.82
N GLU U 234 -29.06 -16.63 -72.68
CA GLU U 234 -30.50 -16.70 -72.53
C GLU U 234 -31.15 -15.35 -72.85
N ARG U 235 -30.36 -14.28 -72.76
CA ARG U 235 -30.86 -12.93 -73.02
C ARG U 235 -30.83 -12.62 -74.52
N LEU U 236 -29.75 -13.05 -75.19
CA LEU U 236 -29.59 -12.85 -76.63
C LEU U 236 -30.67 -13.63 -77.36
N VAL U 237 -30.97 -14.82 -76.86
CA VAL U 237 -31.98 -15.69 -77.44
C VAL U 237 -33.35 -15.03 -77.41
N ALA U 238 -33.70 -14.43 -76.27
CA ALA U 238 -34.99 -13.77 -76.12
C ALA U 238 -35.17 -12.60 -77.09
N ILE U 239 -34.10 -11.85 -77.34
CA ILE U 239 -34.20 -10.73 -78.27
C ILE U 239 -34.11 -11.24 -79.70
N ALA U 240 -33.80 -12.53 -79.83
CA ALA U 240 -33.68 -13.17 -81.13
C ALA U 240 -35.06 -13.48 -81.69
N GLU U 241 -36.03 -13.64 -80.80
CA GLU U 241 -37.39 -13.94 -81.19
C GLU U 241 -38.22 -12.69 -81.02
N GLN U 242 -38.17 -11.81 -82.01
CA GLN U 242 -38.89 -10.55 -82.00
C GLN U 242 -38.40 -9.67 -83.16
N ASP U 243 -37.14 -9.88 -83.54
CA ASP U 243 -36.48 -9.15 -84.64
C ASP U 243 -36.43 -10.02 -85.91
N THR V 1 -29.18 13.04 -11.98
CA THR V 1 -29.79 13.19 -13.33
C THR V 1 -30.69 12.02 -13.62
N THR V 2 -31.77 12.32 -14.33
CA THR V 2 -32.71 11.30 -14.74
C THR V 2 -33.06 11.60 -16.18
N ILE V 3 -32.61 10.77 -17.10
CA ILE V 3 -33.00 10.98 -18.49
C ILE V 3 -33.59 9.68 -19.00
N VAL V 4 -34.61 9.81 -19.86
CA VAL V 4 -35.28 8.66 -20.43
C VAL V 4 -35.63 8.86 -21.91
N GLY V 5 -35.98 7.75 -22.56
CA GLY V 5 -36.35 7.78 -23.96
C GLY V 5 -37.47 6.76 -24.09
N VAL V 6 -38.57 7.18 -24.70
CA VAL V 6 -39.71 6.28 -24.91
C VAL V 6 -40.13 6.37 -26.35
N LYS V 7 -40.23 5.21 -27.01
CA LYS V 7 -40.64 5.16 -28.40
C LYS V 7 -42.14 5.00 -28.47
N PHE V 8 -42.77 5.58 -29.49
CA PHE V 8 -44.22 5.44 -29.68
C PHE V 8 -44.57 5.15 -31.15
N ASN V 9 -45.80 4.70 -31.38
CA ASN V 9 -46.29 4.32 -32.71
C ASN V 9 -45.75 5.08 -33.92
N ASN V 10 -45.46 6.37 -33.75
CA ASN V 10 -44.97 7.16 -34.89
C ASN V 10 -43.81 8.08 -34.52
N GLY V 11 -42.86 7.58 -33.74
CA GLY V 11 -41.73 8.41 -33.36
C GLY V 11 -41.10 8.04 -32.03
N VAL V 12 -40.41 9.02 -31.44
CA VAL V 12 -39.74 8.80 -30.18
C VAL V 12 -39.66 10.10 -29.37
N VAL V 13 -39.71 9.97 -28.06
CA VAL V 13 -39.65 11.12 -27.17
C VAL V 13 -38.62 10.90 -26.07
N ILE V 14 -37.85 11.93 -25.75
CA ILE V 14 -36.87 11.84 -24.70
C ILE V 14 -37.07 13.01 -23.75
N ALA V 15 -36.82 12.75 -22.46
CA ALA V 15 -36.98 13.75 -21.44
C ALA V 15 -35.88 13.63 -20.38
N ALA V 16 -35.65 14.71 -19.65
CA ALA V 16 -34.64 14.72 -18.62
C ALA V 16 -35.04 15.76 -17.59
N ASP V 17 -34.40 15.73 -16.42
CA ASP V 17 -34.70 16.71 -15.40
C ASP V 17 -33.79 17.90 -15.70
N THR V 18 -33.58 18.79 -14.74
CA THR V 18 -32.73 19.95 -14.99
C THR V 18 -31.72 20.30 -13.90
N ARG V 19 -31.61 19.45 -12.89
CA ARG V 19 -30.66 19.71 -11.80
C ARG V 19 -29.24 19.29 -12.14
N SER V 20 -28.28 20.17 -11.85
CA SER V 20 -26.87 19.93 -12.11
C SER V 20 -26.14 20.08 -10.77
N THR V 21 -25.32 19.10 -10.39
CA THR V 21 -24.64 19.16 -9.10
C THR V 21 -23.14 19.01 -9.05
N GLN V 22 -22.58 19.35 -7.89
CA GLN V 22 -21.15 19.22 -7.59
C GLN V 22 -21.15 18.70 -6.15
N GLY V 23 -21.04 17.39 -5.99
CA GLY V 23 -21.08 16.88 -4.65
C GLY V 23 -22.50 17.01 -4.18
N PRO V 24 -22.75 17.58 -2.99
CA PRO V 24 -24.12 17.74 -2.48
C PRO V 24 -24.69 19.13 -2.75
N ILE V 25 -24.07 19.88 -3.64
CA ILE V 25 -24.56 21.23 -3.91
C ILE V 25 -25.01 21.42 -5.34
N VAL V 26 -26.18 22.02 -5.49
CA VAL V 26 -26.73 22.27 -6.81
C VAL V 26 -25.98 23.40 -7.48
N ALA V 27 -25.43 23.13 -8.66
CA ALA V 27 -24.69 24.14 -9.41
C ALA V 27 -25.66 24.93 -10.30
N ASP V 28 -26.49 24.22 -11.06
CA ASP V 28 -27.47 24.85 -11.92
C ASP V 28 -28.85 24.27 -11.60
N LYS V 29 -29.77 25.13 -11.20
CA LYS V 29 -31.10 24.67 -10.85
C LYS V 29 -31.91 24.36 -12.09
N ASN V 30 -31.47 24.83 -13.24
CA ASN V 30 -32.19 24.57 -14.47
C ASN V 30 -31.25 24.47 -15.67
N CYS V 31 -30.47 23.40 -15.75
CA CYS V 31 -29.58 23.28 -16.88
C CYS V 31 -30.24 22.33 -17.86
N ALA V 32 -29.99 22.54 -19.15
CA ALA V 32 -30.58 21.70 -20.17
C ALA V 32 -29.73 20.47 -20.47
N LYS V 33 -30.32 19.30 -20.28
CA LYS V 33 -29.62 18.05 -20.52
C LYS V 33 -29.97 17.42 -21.88
N LEU V 34 -30.86 18.08 -22.61
CA LEU V 34 -31.28 17.63 -23.93
C LEU V 34 -30.43 18.32 -25.00
N HIS V 35 -29.63 17.53 -25.72
CA HIS V 35 -28.73 18.04 -26.74
C HIS V 35 -29.15 17.71 -28.16
N ARG V 36 -28.97 18.68 -29.04
CA ARG V 36 -29.33 18.49 -30.43
C ARG V 36 -28.13 18.04 -31.25
N ILE V 37 -28.17 16.84 -31.82
CA ILE V 37 -27.08 16.37 -32.65
C ILE V 37 -27.32 17.02 -34.02
N SER V 38 -28.54 16.86 -34.52
CA SER V 38 -28.95 17.44 -35.81
C SER V 38 -30.38 17.90 -35.56
N PRO V 39 -31.05 18.49 -36.58
CA PRO V 39 -32.42 18.92 -36.34
C PRO V 39 -33.36 17.84 -35.83
N LYS V 40 -33.23 16.61 -36.33
CA LYS V 40 -34.12 15.55 -35.88
C LYS V 40 -33.49 14.41 -35.12
N ILE V 41 -32.32 14.69 -34.52
CA ILE V 41 -31.61 13.72 -33.69
C ILE V 41 -31.24 14.47 -32.42
N TRP V 42 -31.74 13.99 -31.28
CA TRP V 42 -31.46 14.62 -30.00
C TRP V 42 -30.92 13.65 -28.98
N CYS V 43 -30.15 14.17 -28.04
CA CYS V 43 -29.54 13.37 -26.99
C CYS V 43 -29.89 13.84 -25.61
N ALA V 44 -30.00 12.89 -24.71
CA ALA V 44 -30.24 13.18 -23.31
C ALA V 44 -28.90 12.74 -22.74
N GLY V 45 -28.24 13.62 -21.99
CA GLY V 45 -26.94 13.23 -21.47
C GLY V 45 -26.77 13.31 -19.97
N ALA V 46 -26.38 12.16 -19.39
CA ALA V 46 -26.14 12.05 -17.96
C ALA V 46 -24.63 11.82 -17.77
N GLY V 47 -24.15 11.98 -16.54
CA GLY V 47 -22.73 11.80 -16.28
C GLY V 47 -22.05 13.15 -16.06
N THR V 48 -20.87 13.33 -16.63
CA THR V 48 -20.17 14.60 -16.47
C THR V 48 -20.70 15.59 -17.48
N ALA V 49 -21.39 16.62 -16.97
CA ALA V 49 -21.99 17.65 -17.80
C ALA V 49 -21.12 18.18 -18.94
N ALA V 50 -19.91 18.63 -18.61
CA ALA V 50 -19.04 19.17 -19.64
C ALA V 50 -18.83 18.18 -20.77
N ASP V 51 -18.68 16.90 -20.41
CA ASP V 51 -18.46 15.81 -21.35
C ASP V 51 -19.66 15.50 -22.25
N THR V 52 -20.84 15.33 -21.67
CA THR V 52 -22.00 15.05 -22.50
C THR V 52 -22.20 16.22 -23.46
N GLU V 53 -22.06 17.44 -22.97
CA GLU V 53 -22.23 18.60 -23.82
C GLU V 53 -21.17 18.65 -24.92
N ALA V 54 -19.91 18.52 -24.53
CA ALA V 54 -18.81 18.55 -25.47
C ALA V 54 -18.84 17.45 -26.52
N VAL V 55 -18.95 16.20 -26.08
CA VAL V 55 -18.95 15.08 -27.02
C VAL V 55 -20.14 15.17 -27.96
N THR V 56 -21.26 15.62 -27.40
CA THR V 56 -22.50 15.74 -28.16
C THR V 56 -22.38 16.77 -29.29
N GLN V 57 -21.69 17.87 -29.02
CA GLN V 57 -21.50 18.91 -30.01
C GLN V 57 -20.47 18.53 -31.05
N LEU V 58 -19.47 17.77 -30.64
CA LEU V 58 -18.44 17.36 -31.58
C LEU V 58 -19.08 16.51 -32.67
N ILE V 59 -19.75 15.43 -32.25
CA ILE V 59 -20.41 14.55 -33.21
C ILE V 59 -21.46 15.35 -33.96
N GLY V 60 -22.17 16.22 -33.24
CA GLY V 60 -23.17 17.05 -33.89
C GLY V 60 -22.56 17.82 -35.06
N SER V 61 -21.36 18.34 -34.85
CA SER V 61 -20.66 19.10 -35.88
C SER V 61 -20.30 18.22 -37.06
N ASN V 62 -19.64 17.10 -36.78
CA ASN V 62 -19.26 16.20 -37.86
C ASN V 62 -20.46 15.72 -38.63
N ILE V 63 -21.56 15.48 -37.91
CA ILE V 63 -22.79 15.04 -38.55
C ILE V 63 -23.30 16.08 -39.53
N GLU V 64 -23.28 17.34 -39.14
CA GLU V 64 -23.74 18.39 -40.02
C GLU V 64 -22.90 18.45 -41.30
N LEU V 65 -21.57 18.40 -41.15
CA LEU V 65 -20.68 18.45 -42.29
C LEU V 65 -20.87 17.22 -43.19
N HIS V 66 -21.10 16.06 -42.57
CA HIS V 66 -21.33 14.82 -43.30
C HIS V 66 -22.62 14.96 -44.09
N SER V 67 -23.64 15.46 -43.41
CA SER V 67 -24.95 15.69 -43.98
C SER V 67 -24.85 16.55 -45.25
N LEU V 68 -24.06 17.62 -45.18
CA LEU V 68 -23.88 18.51 -46.32
C LEU V 68 -23.13 17.82 -47.44
N TYR V 69 -22.11 17.05 -47.09
CA TYR V 69 -21.30 16.34 -48.08
C TYR V 69 -22.11 15.31 -48.85
N THR V 70 -22.97 14.59 -48.14
CA THR V 70 -23.78 13.56 -48.79
C THR V 70 -25.13 14.06 -49.26
N SER V 71 -25.46 15.30 -48.94
CA SER V 71 -26.74 15.89 -49.35
C SER V 71 -27.93 15.03 -48.89
N ARG V 72 -27.77 14.35 -47.76
CA ARG V 72 -28.82 13.49 -47.20
C ARG V 72 -29.16 13.86 -45.76
N GLU V 73 -30.21 13.23 -45.24
CA GLU V 73 -30.63 13.47 -43.87
C GLU V 73 -29.74 12.67 -42.94
N PRO V 74 -29.35 13.27 -41.80
CA PRO V 74 -28.51 12.54 -40.87
C PRO V 74 -29.26 11.32 -40.36
N ARG V 75 -28.55 10.22 -40.13
CA ARG V 75 -29.17 9.00 -39.60
C ARG V 75 -28.76 8.82 -38.15
N VAL V 76 -29.69 8.37 -37.32
CA VAL V 76 -29.36 8.17 -35.92
C VAL V 76 -28.23 7.15 -35.79
N VAL V 77 -28.24 6.10 -36.62
CA VAL V 77 -27.16 5.09 -36.54
C VAL V 77 -25.79 5.71 -36.85
N SER V 78 -25.78 6.91 -37.40
CA SER V 78 -24.52 7.56 -37.68
C SER V 78 -24.02 8.23 -36.40
N ALA V 79 -24.82 9.15 -35.86
CA ALA V 79 -24.44 9.83 -34.63
C ALA V 79 -24.12 8.78 -33.56
N LEU V 80 -24.75 7.62 -33.67
CA LEU V 80 -24.53 6.52 -32.71
C LEU V 80 -23.17 5.88 -32.92
N GLN V 81 -22.88 5.52 -34.16
CA GLN V 81 -21.61 4.90 -34.45
C GLN V 81 -20.51 5.88 -34.09
N MET V 82 -20.68 7.14 -34.51
CA MET V 82 -19.70 8.19 -34.26
C MET V 82 -19.43 8.44 -32.79
N LEU V 83 -20.50 8.48 -32.00
CA LEU V 83 -20.40 8.70 -30.56
C LEU V 83 -19.66 7.55 -29.89
N LYS V 84 -20.13 6.34 -30.14
CA LYS V 84 -19.56 5.15 -29.52
C LYS V 84 -18.11 4.84 -29.92
N GLN V 85 -17.70 5.22 -31.11
CA GLN V 85 -16.32 4.93 -31.50
C GLN V 85 -15.42 5.96 -30.85
N HIS V 86 -15.96 7.13 -30.55
CA HIS V 86 -15.22 8.21 -29.92
C HIS V 86 -15.05 7.91 -28.44
N LEU V 87 -16.15 7.53 -27.79
CA LEU V 87 -16.12 7.22 -26.38
C LEU V 87 -15.24 6.02 -26.10
N PHE V 88 -15.31 5.02 -26.98
CA PHE V 88 -14.54 3.80 -26.81
C PHE V 88 -13.05 4.12 -26.84
N LYS V 89 -12.68 4.98 -27.77
CA LYS V 89 -11.31 5.39 -27.92
C LYS V 89 -10.73 5.92 -26.61
N TYR V 90 -11.55 6.64 -25.84
CA TYR V 90 -11.12 7.22 -24.58
C TYR V 90 -11.31 6.36 -23.36
N GLN V 91 -11.37 5.06 -23.56
CA GLN V 91 -11.52 4.10 -22.47
C GLN V 91 -12.34 4.50 -21.23
N GLY V 92 -13.42 5.26 -21.43
CA GLY V 92 -14.27 5.65 -20.31
C GLY V 92 -13.89 6.92 -19.58
N HIS V 93 -12.82 7.57 -20.02
CA HIS V 93 -12.38 8.80 -19.37
C HIS V 93 -13.30 9.97 -19.68
N ILE V 94 -14.04 9.88 -20.79
CA ILE V 94 -15.02 10.89 -21.16
C ILE V 94 -16.28 10.37 -20.47
N GLY V 95 -16.56 10.88 -19.27
CA GLY V 95 -17.71 10.41 -18.52
C GLY V 95 -19.08 10.83 -19.03
N ALA V 96 -19.41 10.41 -20.25
CA ALA V 96 -20.69 10.76 -20.83
C ALA V 96 -21.53 9.53 -21.06
N TYR V 97 -22.75 9.57 -20.54
CA TYR V 97 -23.72 8.48 -20.70
C TYR V 97 -24.87 9.15 -21.40
N LEU V 98 -25.19 8.68 -22.61
CA LEU V 98 -26.23 9.30 -23.41
C LEU V 98 -27.36 8.40 -23.88
N ILE V 99 -28.52 9.01 -24.08
CA ILE V 99 -29.68 8.33 -24.64
C ILE V 99 -29.89 9.14 -25.91
N VAL V 100 -29.56 8.54 -27.05
CA VAL V 100 -29.69 9.21 -28.34
C VAL V 100 -30.89 8.67 -29.11
N ALA V 101 -31.75 9.59 -29.54
CA ALA V 101 -32.96 9.24 -30.28
C ALA V 101 -33.13 10.17 -31.46
N GLY V 102 -34.09 9.86 -32.30
CA GLY V 102 -34.37 10.69 -33.47
C GLY V 102 -35.09 9.95 -34.58
N VAL V 103 -35.49 10.68 -35.62
CA VAL V 103 -36.19 10.11 -36.77
C VAL V 103 -35.40 10.47 -38.02
N ASP V 104 -35.47 9.59 -39.03
CA ASP V 104 -34.74 9.84 -40.28
C ASP V 104 -35.33 9.00 -41.42
N PRO V 105 -34.78 9.13 -42.64
CA PRO V 105 -35.29 8.37 -43.78
C PRO V 105 -35.45 6.86 -43.60
N THR V 106 -35.24 6.35 -42.39
CA THR V 106 -35.40 4.91 -42.19
C THR V 106 -36.24 4.57 -40.97
N GLY V 107 -36.78 5.58 -40.31
CA GLY V 107 -37.61 5.34 -39.14
C GLY V 107 -37.26 6.15 -37.90
N SER V 108 -37.85 5.76 -36.77
CA SER V 108 -37.59 6.41 -35.50
C SER V 108 -36.67 5.47 -34.72
N HIS V 109 -35.69 6.02 -34.03
CA HIS V 109 -34.75 5.19 -33.29
C HIS V 109 -34.53 5.63 -31.85
N LEU V 110 -34.08 4.69 -31.03
CA LEU V 110 -33.81 4.94 -29.61
C LEU V 110 -32.65 4.08 -29.16
N PHE V 111 -31.56 4.72 -28.74
CA PHE V 111 -30.38 4.00 -28.26
C PHE V 111 -29.83 4.63 -27.00
N SER V 112 -28.89 3.93 -26.37
CA SER V 112 -28.21 4.43 -25.20
C SER V 112 -26.71 4.09 -25.36
N ILE V 113 -25.85 5.00 -24.93
CA ILE V 113 -24.41 4.78 -25.02
C ILE V 113 -23.77 5.03 -23.68
N HIS V 114 -22.88 4.14 -23.25
CA HIS V 114 -22.20 4.35 -21.98
C HIS V 114 -20.80 4.88 -22.20
N ALA V 115 -20.28 5.58 -21.21
CA ALA V 115 -18.95 6.17 -21.28
C ALA V 115 -17.89 5.25 -21.89
N HIS V 116 -18.01 3.94 -21.68
CA HIS V 116 -17.02 3.03 -22.24
C HIS V 116 -17.18 2.70 -23.70
N GLY V 117 -18.31 3.10 -24.29
CA GLY V 117 -18.52 2.86 -25.71
C GLY V 117 -19.45 1.74 -26.11
N SER V 118 -20.20 1.18 -25.15
CA SER V 118 -21.14 0.11 -25.48
C SER V 118 -22.48 0.74 -25.77
N THR V 119 -23.27 0.11 -26.63
CA THR V 119 -24.58 0.64 -26.98
C THR V 119 -25.70 -0.39 -26.84
N ASP V 120 -26.87 0.09 -26.43
CA ASP V 120 -28.04 -0.77 -26.25
C ASP V 120 -29.20 -0.18 -27.05
N VAL V 121 -30.12 -1.03 -27.49
CA VAL V 121 -31.29 -0.57 -28.23
C VAL V 121 -32.54 -1.08 -27.52
N GLY V 122 -33.59 -0.26 -27.47
CA GLY V 122 -34.81 -0.69 -26.80
C GLY V 122 -35.97 0.25 -27.05
N TYR V 123 -37.12 -0.01 -26.43
CA TYR V 123 -38.29 0.83 -26.63
C TYR V 123 -38.42 1.92 -25.57
N TYR V 124 -37.81 1.66 -24.41
CA TYR V 124 -37.79 2.61 -23.30
C TYR V 124 -36.45 2.43 -22.57
N LEU V 125 -35.77 3.54 -22.31
CA LEU V 125 -34.47 3.54 -21.64
C LEU V 125 -34.37 4.68 -20.65
N SER V 126 -33.44 4.54 -19.70
CA SER V 126 -33.18 5.59 -18.72
C SER V 126 -31.74 5.48 -18.22
N LEU V 127 -31.18 6.60 -17.79
CA LEU V 127 -29.81 6.63 -17.27
C LEU V 127 -29.72 7.75 -16.25
N GLY V 128 -28.63 7.78 -15.48
CA GLY V 128 -28.45 8.82 -14.49
C GLY V 128 -28.63 8.28 -13.09
N SER V 129 -28.43 9.13 -12.10
CA SER V 129 -28.57 8.72 -10.71
C SER V 129 -30.03 8.42 -10.40
N GLY V 130 -30.94 8.98 -11.21
CA GLY V 130 -32.36 8.75 -11.02
C GLY V 130 -32.83 7.56 -11.83
N SER V 131 -31.92 7.06 -12.66
CA SER V 131 -32.16 5.92 -13.54
C SER V 131 -33.13 4.86 -13.01
N LEU V 132 -32.81 4.27 -11.86
CA LEU V 132 -33.68 3.24 -11.29
C LEU V 132 -35.08 3.72 -10.95
N ALA V 133 -35.17 4.90 -10.36
CA ALA V 133 -36.48 5.48 -9.99
C ALA V 133 -37.38 5.59 -11.22
N ALA V 134 -36.81 6.06 -12.33
CA ALA V 134 -37.55 6.20 -13.57
C ALA V 134 -37.86 4.83 -14.18
N MET V 135 -36.87 3.97 -14.25
CA MET V 135 -37.07 2.64 -14.82
C MET V 135 -38.16 1.92 -14.04
N ALA V 136 -38.25 2.19 -12.74
CA ALA V 136 -39.28 1.53 -11.93
C ALA V 136 -40.64 1.88 -12.51
N VAL V 137 -40.81 3.14 -12.91
CA VAL V 137 -42.05 3.59 -13.51
C VAL V 137 -42.20 2.92 -14.87
N LEU V 138 -41.32 3.24 -15.82
CA LEU V 138 -41.37 2.65 -17.15
C LEU V 138 -41.66 1.15 -17.15
N GLU V 139 -41.07 0.42 -16.23
CA GLU V 139 -41.29 -1.02 -16.19
C GLU V 139 -42.72 -1.38 -15.77
N SER V 140 -43.41 -0.40 -15.17
CA SER V 140 -44.77 -0.63 -14.69
C SER V 140 -45.86 -0.09 -15.62
N HIS V 141 -45.60 1.04 -16.30
CA HIS V 141 -46.61 1.64 -17.16
C HIS V 141 -46.39 1.52 -18.66
N TRP V 142 -45.28 0.95 -19.08
CA TRP V 142 -45.05 0.84 -20.51
C TRP V 142 -45.84 -0.31 -21.10
N LYS V 143 -46.28 -0.11 -22.33
CA LYS V 143 -47.02 -1.09 -23.10
C LYS V 143 -46.70 -0.75 -24.54
N GLN V 144 -46.81 -1.75 -25.42
CA GLN V 144 -46.50 -1.53 -26.83
C GLN V 144 -47.58 -0.73 -27.57
N ASP V 145 -47.17 0.09 -28.53
CA ASP V 145 -48.09 0.91 -29.32
C ASP V 145 -48.67 2.10 -28.56
N LEU V 146 -47.80 2.94 -28.01
CA LEU V 146 -48.26 4.10 -27.26
C LEU V 146 -48.55 5.24 -28.22
N THR V 147 -49.43 6.16 -27.82
CA THR V 147 -49.73 7.31 -28.65
C THR V 147 -48.80 8.43 -28.21
N LYS V 148 -48.46 9.33 -29.12
CA LYS V 148 -47.58 10.45 -28.78
C LYS V 148 -47.89 11.09 -27.42
N GLU V 149 -49.16 11.23 -27.07
CA GLU V 149 -49.49 11.84 -25.79
C GLU V 149 -49.34 10.87 -24.62
N GLU V 150 -49.46 9.58 -24.91
CA GLU V 150 -49.29 8.56 -23.88
C GLU V 150 -47.81 8.52 -23.53
N ALA V 151 -46.97 8.53 -24.56
CA ALA V 151 -45.52 8.52 -24.36
C ALA V 151 -45.11 9.72 -23.53
N ILE V 152 -45.35 10.93 -24.04
CA ILE V 152 -44.99 12.12 -23.29
C ILE V 152 -45.41 12.05 -21.83
N LYS V 153 -46.49 11.33 -21.55
CA LYS V 153 -46.94 11.19 -20.17
C LYS V 153 -45.98 10.21 -19.47
N LEU V 154 -45.86 9.00 -20.02
CA LEU V 154 -44.97 7.96 -19.48
C LEU V 154 -43.57 8.49 -19.28
N ALA V 155 -43.05 9.22 -20.26
CA ALA V 155 -41.72 9.79 -20.17
C ALA V 155 -41.68 10.84 -19.07
N SER V 156 -42.63 11.77 -19.12
CA SER V 156 -42.71 12.85 -18.15
C SER V 156 -42.87 12.33 -16.71
N ASP V 157 -43.52 11.17 -16.57
CA ASP V 157 -43.74 10.57 -15.26
C ASP V 157 -42.48 9.89 -14.75
N ALA V 158 -41.72 9.29 -15.66
CA ALA V 158 -40.48 8.61 -15.30
C ALA V 158 -39.47 9.64 -14.78
N ILE V 159 -39.37 10.77 -15.48
CA ILE V 159 -38.45 11.81 -15.06
C ILE V 159 -38.84 12.32 -13.67
N GLN V 160 -40.13 12.33 -13.40
CA GLN V 160 -40.61 12.80 -12.12
C GLN V 160 -40.22 11.86 -11.01
N ALA V 161 -40.30 10.56 -11.28
CA ALA V 161 -39.95 9.54 -10.30
C ALA V 161 -38.57 9.87 -9.75
N GLY V 162 -37.70 10.32 -10.64
CA GLY V 162 -36.35 10.67 -10.26
C GLY V 162 -36.26 12.01 -9.55
N ILE V 163 -37.05 12.98 -9.98
CA ILE V 163 -37.00 14.29 -9.33
C ILE V 163 -37.40 14.18 -7.88
N TRP V 164 -38.40 13.37 -7.59
CA TRP V 164 -38.88 13.23 -6.24
C TRP V 164 -38.09 12.25 -5.40
N ASN V 165 -37.79 11.09 -5.98
CA ASN V 165 -37.07 10.05 -5.25
C ASN V 165 -35.56 10.00 -5.29
N ASP V 166 -34.93 10.79 -6.15
CA ASP V 166 -33.48 10.83 -6.23
C ASP V 166 -32.94 12.22 -5.90
N LEU V 167 -31.94 12.25 -5.02
CA LEU V 167 -31.33 13.51 -4.59
C LEU V 167 -30.45 14.12 -5.66
N GLY V 168 -30.06 13.33 -6.64
CA GLY V 168 -29.22 13.85 -7.69
C GLY V 168 -30.02 14.56 -8.75
N SER V 169 -31.32 14.26 -8.78
CA SER V 169 -32.24 14.85 -9.76
C SER V 169 -33.23 15.80 -9.12
N GLY V 170 -33.68 16.78 -9.89
CA GLY V 170 -34.64 17.74 -9.37
C GLY V 170 -35.07 18.81 -10.36
N SER V 171 -35.74 19.83 -9.83
CA SER V 171 -36.24 20.97 -10.59
C SER V 171 -37.29 20.66 -11.64
N ASN V 172 -37.00 21.02 -12.89
CA ASN V 172 -37.92 20.85 -14.00
C ASN V 172 -37.76 19.60 -14.85
N VAL V 173 -38.68 19.44 -15.79
CA VAL V 173 -38.70 18.33 -16.71
C VAL V 173 -38.66 18.85 -18.14
N ASP V 174 -37.65 18.46 -18.90
CA ASP V 174 -37.54 18.90 -20.29
C ASP V 174 -37.89 17.73 -21.17
N VAL V 175 -38.63 18.00 -22.25
CA VAL V 175 -39.02 16.95 -23.16
C VAL V 175 -38.78 17.37 -24.58
N CYS V 176 -38.54 16.39 -25.44
CA CYS V 176 -38.33 16.66 -26.84
C CYS V 176 -38.96 15.51 -27.62
N VAL V 177 -39.94 15.85 -28.45
CA VAL V 177 -40.65 14.86 -29.22
C VAL V 177 -40.28 14.90 -30.69
N MET V 178 -39.98 13.73 -31.23
CA MET V 178 -39.60 13.57 -32.63
C MET V 178 -40.58 12.58 -33.26
N GLU V 179 -41.42 13.09 -34.16
CA GLU V 179 -42.42 12.27 -34.84
C GLU V 179 -42.01 12.06 -36.30
N ILE V 180 -42.09 10.81 -36.74
CA ILE V 180 -41.68 10.42 -38.10
C ILE V 180 -42.09 11.38 -39.21
N GLY V 181 -43.17 12.13 -39.03
CA GLY V 181 -43.57 13.02 -40.09
C GLY V 181 -43.24 14.49 -39.97
N LYS V 182 -43.60 15.08 -38.82
CA LYS V 182 -43.39 16.49 -38.58
C LYS V 182 -41.98 16.84 -38.10
N ASP V 183 -41.82 18.08 -37.61
CA ASP V 183 -40.56 18.58 -37.07
C ASP V 183 -40.40 18.14 -35.64
N ALA V 184 -39.16 18.13 -35.15
CA ALA V 184 -38.93 17.74 -33.78
C ALA V 184 -39.29 18.94 -32.90
N GLU V 185 -40.06 18.73 -31.84
CA GLU V 185 -40.38 19.84 -30.97
C GLU V 185 -39.79 19.71 -29.57
N TYR V 186 -38.92 20.66 -29.28
CA TYR V 186 -38.20 20.77 -28.02
C TYR V 186 -39.08 21.55 -27.03
N LEU V 187 -39.37 20.95 -25.89
CA LEU V 187 -40.23 21.60 -24.89
C LEU V 187 -39.49 21.92 -23.60
N ARG V 188 -38.63 22.93 -23.66
CA ARG V 188 -37.86 23.36 -22.51
C ARG V 188 -38.79 23.77 -21.36
N ASN V 189 -38.67 23.07 -20.22
CA ASN V 189 -39.50 23.34 -19.05
C ASN V 189 -40.97 22.99 -19.29
N TYR V 190 -41.19 21.77 -19.77
CA TYR V 190 -42.51 21.25 -20.03
C TYR V 190 -43.29 21.08 -18.73
N LEU V 191 -42.56 20.97 -17.63
CA LEU V 191 -43.15 20.82 -16.29
C LEU V 191 -42.24 21.55 -15.33
N THR V 192 -42.83 22.29 -14.40
CA THR V 192 -42.02 23.02 -13.43
C THR V 192 -42.65 22.90 -12.03
N PRO V 193 -42.74 21.66 -11.51
CA PRO V 193 -43.32 21.38 -10.20
C PRO V 193 -42.55 21.88 -8.98
N ASN V 194 -41.46 22.61 -9.20
CA ASN V 194 -40.68 23.11 -8.08
C ASN V 194 -40.39 24.61 -8.11
N VAL V 195 -41.37 25.41 -7.71
CA VAL V 195 -41.18 26.86 -7.71
C VAL V 195 -41.03 27.33 -6.26
N ARG V 196 -40.02 28.15 -6.01
CA ARG V 196 -39.78 28.66 -4.66
C ARG V 196 -40.94 29.48 -4.09
N GLU V 197 -41.45 29.07 -2.93
CA GLU V 197 -42.53 29.80 -2.27
C GLU V 197 -42.01 31.20 -1.94
N GLU V 198 -42.88 32.20 -2.02
CA GLU V 198 -42.45 33.57 -1.75
C GLU V 198 -41.67 33.63 -0.45
N LYS V 199 -40.56 34.39 -0.46
CA LYS V 199 -39.74 34.51 0.73
C LYS V 199 -40.55 35.06 1.89
N GLN V 200 -40.08 34.79 3.10
CA GLN V 200 -40.73 35.20 4.34
C GLN V 200 -40.47 36.67 4.67
N LYS V 201 -39.49 37.27 4.01
CA LYS V 201 -39.10 38.65 4.29
C LYS V 201 -38.32 39.21 3.11
N SER V 202 -38.05 40.51 3.13
CA SER V 202 -37.26 41.11 2.05
C SER V 202 -35.97 41.54 2.73
N TYR V 203 -34.84 41.27 2.08
CA TYR V 203 -33.57 41.60 2.67
C TYR V 203 -32.87 42.78 2.06
N LYS V 204 -33.65 43.63 1.40
CA LYS V 204 -33.13 44.82 0.77
C LYS V 204 -32.48 45.64 1.87
N PHE V 205 -31.26 46.10 1.64
CA PHE V 205 -30.51 46.86 2.65
C PHE V 205 -30.65 48.38 2.53
N PRO V 206 -30.65 49.09 3.66
CA PRO V 206 -30.76 50.55 3.62
C PRO V 206 -29.47 51.12 3.05
N ARG V 207 -29.55 51.72 1.87
CA ARG V 207 -28.38 52.30 1.21
C ARG V 207 -27.42 52.98 2.18
N GLY V 208 -26.19 52.49 2.22
CA GLY V 208 -25.18 53.07 3.09
C GLY V 208 -24.69 52.08 4.12
N THR V 209 -25.37 50.93 4.22
CA THR V 209 -25.01 49.88 5.18
C THR V 209 -23.58 49.37 4.98
N THR V 210 -23.15 49.29 3.72
CA THR V 210 -21.81 48.81 3.40
C THR V 210 -20.73 49.88 3.46
N ALA V 211 -19.72 49.66 4.30
CA ALA V 211 -18.63 50.61 4.44
C ALA V 211 -17.75 50.61 3.20
N VAL V 212 -17.54 51.78 2.60
CA VAL V 212 -16.68 51.88 1.41
C VAL V 212 -15.38 52.59 1.75
N LEU V 213 -14.27 52.19 1.13
CA LEU V 213 -12.97 52.78 1.40
C LEU V 213 -12.48 53.70 0.31
N LYS V 214 -12.74 53.33 -0.94
CA LYS V 214 -12.33 54.14 -2.07
C LYS V 214 -13.31 53.88 -3.21
N GLU V 215 -13.25 54.70 -4.25
CA GLU V 215 -14.17 54.55 -5.36
C GLU V 215 -13.57 55.15 -6.62
N SER V 216 -14.06 54.76 -7.78
CA SER V 216 -13.57 55.30 -9.05
C SER V 216 -14.33 54.79 -10.27
N ILE V 217 -14.20 55.56 -11.36
CA ILE V 217 -14.83 55.21 -12.62
C ILE V 217 -13.90 54.24 -13.34
N VAL V 218 -14.51 53.29 -14.05
CA VAL V 218 -13.74 52.30 -14.80
C VAL V 218 -13.83 52.64 -16.28
N ASN V 219 -12.69 52.59 -16.96
CA ASN V 219 -12.61 52.90 -18.39
C ASN V 219 -12.84 51.68 -19.29
N ILE V 220 -13.95 51.68 -20.02
CA ILE V 220 -14.27 50.59 -20.94
C ILE V 220 -13.95 50.94 -22.39
N CYS V 221 -14.08 52.22 -22.73
CA CYS V 221 -13.79 52.70 -24.09
C CYS V 221 -12.29 52.63 -24.39
N ASP V 222 -11.91 52.95 -25.63
CA ASP V 222 -10.50 52.89 -26.04
C ASP V 222 -9.93 54.15 -26.71
N SER W 1 -2.25 20.04 -1.48
CA SER W 1 -2.89 18.83 -2.10
C SER W 1 -3.98 19.19 -3.11
N ASP W 2 -4.92 20.05 -2.71
CA ASP W 2 -6.00 20.47 -3.59
C ASP W 2 -5.67 21.84 -4.19
N PRO W 3 -5.29 21.87 -5.48
CA PRO W 3 -4.95 23.11 -6.18
C PRO W 3 -5.95 24.24 -6.01
N SER W 4 -7.22 23.88 -5.85
CA SER W 4 -8.27 24.87 -5.69
C SER W 4 -8.38 25.44 -4.27
N SER W 5 -7.44 25.09 -3.40
CA SER W 5 -7.48 25.57 -2.03
C SER W 5 -6.13 25.98 -1.48
N ILE W 6 -5.19 26.35 -2.34
CA ILE W 6 -3.89 26.75 -1.87
C ILE W 6 -3.86 28.26 -1.68
N ASN W 7 -4.29 28.96 -2.72
CA ASN W 7 -4.29 30.42 -2.75
C ASN W 7 -5.53 31.09 -2.15
N GLY W 8 -6.68 30.43 -2.29
CA GLY W 8 -7.93 30.96 -1.77
C GLY W 8 -8.59 32.03 -2.64
N GLY W 9 -9.58 32.71 -2.08
CA GLY W 9 -10.25 33.74 -2.83
C GLY W 9 -11.66 33.37 -3.27
N ILE W 10 -12.47 34.38 -3.59
CA ILE W 10 -13.83 34.16 -4.02
C ILE W 10 -14.26 35.22 -5.01
N VAL W 11 -15.36 34.95 -5.69
CA VAL W 11 -15.91 35.86 -6.67
C VAL W 11 -17.41 35.58 -6.74
N VAL W 12 -18.20 36.63 -6.90
CA VAL W 12 -19.65 36.48 -7.02
C VAL W 12 -20.17 37.55 -7.96
N ALA W 13 -21.16 37.19 -8.75
CA ALA W 13 -21.75 38.13 -9.69
C ALA W 13 -23.27 38.07 -9.54
N MET W 14 -23.90 39.22 -9.70
CA MET W 14 -25.36 39.33 -9.59
C MET W 14 -25.94 40.24 -10.66
N THR W 15 -27.21 40.01 -10.97
CA THR W 15 -27.90 40.82 -11.96
C THR W 15 -28.97 41.67 -11.30
N GLY W 16 -29.10 42.90 -11.80
CA GLY W 16 -30.09 43.83 -11.29
C GLY W 16 -30.90 44.38 -12.44
N LYS W 17 -31.58 45.50 -12.22
CA LYS W 17 -32.39 46.09 -13.27
C LYS W 17 -31.48 46.87 -14.22
N ASP W 18 -31.26 46.31 -15.40
CA ASP W 18 -30.42 46.94 -16.41
C ASP W 18 -29.01 47.23 -15.90
N CYS W 19 -28.45 46.27 -15.16
CA CYS W 19 -27.11 46.39 -14.60
C CYS W 19 -26.66 45.05 -14.04
N VAL W 20 -25.34 44.84 -13.96
CA VAL W 20 -24.80 43.61 -13.40
C VAL W 20 -23.68 44.02 -12.46
N ALA W 21 -23.45 43.20 -11.45
CA ALA W 21 -22.40 43.49 -10.49
C ALA W 21 -21.56 42.24 -10.26
N ILE W 22 -20.24 42.44 -10.17
CA ILE W 22 -19.33 41.34 -9.94
C ILE W 22 -18.34 41.81 -8.89
N ALA W 23 -18.14 41.01 -7.85
CA ALA W 23 -17.22 41.36 -6.78
C ALA W 23 -16.32 40.22 -6.38
N CYS W 24 -15.24 40.53 -5.67
CA CYS W 24 -14.30 39.51 -5.24
C CYS W 24 -13.48 39.99 -4.04
N ASP W 25 -12.77 39.08 -3.39
CA ASP W 25 -11.92 39.44 -2.26
C ASP W 25 -10.57 39.84 -2.85
N LEU W 26 -9.57 40.05 -2.00
CA LEU W 26 -8.27 40.45 -2.51
C LEU W 26 -7.14 39.60 -2.00
N ARG W 27 -7.47 38.62 -1.16
CA ARG W 27 -6.46 37.75 -0.59
C ARG W 27 -5.80 36.78 -1.56
N LEU W 28 -4.50 36.58 -1.36
CA LEU W 28 -3.69 35.64 -2.14
C LEU W 28 -2.76 35.06 -1.07
N GLY W 29 -3.01 33.81 -0.71
CA GLY W 29 -2.18 33.21 0.31
C GLY W 29 -1.49 31.97 -0.17
N SER W 30 -0.97 31.23 0.79
CA SER W 30 -0.29 29.97 0.54
C SER W 30 -0.66 29.17 1.77
N GLN W 31 -1.65 28.31 1.65
CA GLN W 31 -2.09 27.54 2.80
C GLN W 31 -2.51 28.58 3.83
N SER W 32 -1.98 28.49 5.04
CA SER W 32 -2.38 29.43 6.06
C SER W 32 -1.71 30.80 6.00
N LEU W 33 -0.54 30.91 5.41
CA LEU W 33 0.13 32.19 5.35
C LEU W 33 -0.50 33.16 4.36
N GLY W 34 -0.72 34.39 4.78
CA GLY W 34 -1.28 35.39 3.88
C GLY W 34 -0.11 36.04 3.15
N VAL W 35 -0.22 36.24 1.84
CA VAL W 35 0.88 36.83 1.11
C VAL W 35 0.57 38.19 0.47
N SER W 36 -0.63 38.35 -0.07
CA SER W 36 -1.01 39.61 -0.68
C SER W 36 -2.47 39.97 -0.48
N ASN W 37 -2.72 41.26 -0.29
CA ASN W 37 -4.05 41.79 -0.07
C ASN W 37 -4.44 42.66 -1.26
N LYS W 38 -3.71 42.48 -2.37
CA LYS W 38 -3.96 43.25 -3.57
C LYS W 38 -4.13 42.37 -4.81
N PHE W 39 -4.39 41.10 -4.58
CA PHE W 39 -4.57 40.16 -5.69
C PHE W 39 -6.02 40.24 -6.13
N GLU W 40 -6.27 41.06 -7.14
CA GLU W 40 -7.62 41.22 -7.66
C GLU W 40 -7.90 40.10 -8.64
N LYS W 41 -9.11 39.56 -8.57
CA LYS W 41 -9.52 38.45 -9.42
C LYS W 41 -10.53 38.80 -10.49
N ILE W 42 -10.78 40.11 -10.68
CA ILE W 42 -11.73 40.54 -11.70
C ILE W 42 -10.99 41.27 -12.81
N PHE W 43 -11.19 40.81 -14.03
CA PHE W 43 -10.54 41.44 -15.17
C PHE W 43 -11.63 41.78 -16.18
N HIS W 44 -11.24 42.48 -17.24
CA HIS W 44 -12.20 42.85 -18.26
C HIS W 44 -11.49 43.06 -19.59
N TYR W 45 -12.19 42.67 -20.65
CA TYR W 45 -11.71 42.81 -22.01
C TYR W 45 -12.88 43.55 -22.63
N GLY W 46 -12.64 44.80 -23.03
CA GLY W 46 -13.73 45.57 -23.59
C GLY W 46 -14.71 45.78 -22.46
N HIS W 47 -15.99 45.54 -22.71
CA HIS W 47 -17.00 45.73 -21.68
C HIS W 47 -17.36 44.42 -21.00
N VAL W 48 -16.68 43.33 -21.37
CA VAL W 48 -16.97 42.05 -20.75
C VAL W 48 -16.06 41.84 -19.55
N PHE W 49 -16.65 41.41 -18.44
CA PHE W 49 -15.88 41.19 -17.22
C PHE W 49 -15.72 39.72 -16.87
N LEU W 50 -14.51 39.36 -16.45
CA LEU W 50 -14.20 37.99 -16.08
C LEU W 50 -13.62 37.88 -14.68
N GLY W 51 -14.20 37.01 -13.86
CA GLY W 51 -13.70 36.83 -12.51
C GLY W 51 -13.13 35.42 -12.47
N ILE W 52 -11.94 35.25 -11.88
CA ILE W 52 -11.32 33.93 -11.84
C ILE W 52 -10.80 33.52 -10.48
N THR W 53 -11.43 32.52 -9.86
CA THR W 53 -10.95 32.03 -8.57
C THR W 53 -10.18 30.75 -8.85
N GLY W 54 -9.35 30.32 -7.91
CA GLY W 54 -8.61 29.09 -8.12
C GLY W 54 -7.13 29.20 -7.84
N LEU W 55 -6.32 28.43 -8.56
CA LEU W 55 -4.87 28.45 -8.38
C LEU W 55 -4.32 29.73 -9.01
N ALA W 56 -3.82 30.62 -8.17
CA ALA W 56 -3.29 31.93 -8.57
C ALA W 56 -2.51 31.95 -9.89
N THR W 57 -1.63 30.98 -10.09
CA THR W 57 -0.83 30.95 -11.29
C THR W 57 -1.70 30.78 -12.54
N ASP W 58 -2.79 30.03 -12.42
CA ASP W 58 -3.72 29.80 -13.54
C ASP W 58 -4.62 31.01 -13.74
N VAL W 59 -5.03 31.64 -12.64
CA VAL W 59 -5.86 32.83 -12.70
C VAL W 59 -5.10 33.82 -13.58
N THR W 60 -3.81 33.98 -13.27
CA THR W 60 -2.93 34.87 -14.02
C THR W 60 -2.77 34.44 -15.48
N THR W 61 -2.55 33.14 -15.67
CA THR W 61 -2.36 32.60 -17.00
C THR W 61 -3.60 32.74 -17.84
N LEU W 62 -4.77 32.47 -17.27
CA LEU W 62 -6.01 32.60 -18.04
C LEU W 62 -6.33 34.05 -18.41
N ASN W 63 -6.01 34.97 -17.51
CA ASN W 63 -6.26 36.37 -17.79
C ASN W 63 -5.41 36.78 -18.99
N GLU W 64 -4.12 36.45 -18.93
CA GLU W 64 -3.21 36.77 -20.01
C GLU W 64 -3.70 36.12 -21.30
N MET W 65 -4.13 34.88 -21.20
CA MET W 65 -4.60 34.15 -22.36
C MET W 65 -5.82 34.80 -23.01
N PHE W 66 -6.81 35.14 -22.19
CA PHE W 66 -8.03 35.76 -22.69
C PHE W 66 -7.79 37.17 -23.22
N ARG W 67 -6.79 37.85 -22.67
CA ARG W 67 -6.47 39.19 -23.17
C ARG W 67 -6.04 38.93 -24.62
N TYR W 68 -5.05 38.05 -24.76
CA TYR W 68 -4.48 37.63 -26.04
C TYR W 68 -5.57 37.26 -27.05
N LYS W 69 -6.44 36.33 -26.68
CA LYS W 69 -7.50 35.90 -27.57
C LYS W 69 -8.50 36.99 -27.93
N THR W 70 -8.98 37.76 -26.95
CA THR W 70 -9.96 38.82 -27.25
C THR W 70 -9.36 39.95 -28.08
N ASN W 71 -8.05 40.16 -27.96
CA ASN W 71 -7.37 41.18 -28.73
C ASN W 71 -7.41 40.82 -30.21
N LEU W 72 -7.08 39.57 -30.51
CA LEU W 72 -7.10 39.12 -31.88
C LEU W 72 -8.54 39.09 -32.37
N TYR W 73 -9.47 38.74 -31.48
CA TYR W 73 -10.88 38.68 -31.88
C TYR W 73 -11.34 40.03 -32.39
N LYS W 74 -10.95 41.08 -31.69
CA LYS W 74 -11.34 42.44 -32.05
C LYS W 74 -10.68 42.88 -33.37
N LEU W 75 -9.43 42.49 -33.59
CA LEU W 75 -8.73 42.87 -34.81
C LEU W 75 -9.39 42.28 -36.05
N LYS W 76 -9.88 41.05 -35.95
CA LYS W 76 -10.49 40.39 -37.09
C LYS W 76 -11.98 40.72 -37.24
N GLU W 77 -12.71 40.68 -36.14
CA GLU W 77 -14.14 40.97 -36.16
C GLU W 77 -14.41 42.47 -36.29
N GLU W 78 -13.45 43.27 -35.84
CA GLU W 78 -13.56 44.72 -35.85
C GLU W 78 -14.68 45.18 -34.94
N ARG W 79 -14.78 44.54 -33.78
CA ARG W 79 -15.78 44.90 -32.79
C ARG W 79 -15.45 44.20 -31.49
N ALA W 80 -15.86 44.79 -30.38
CA ALA W 80 -15.60 44.20 -29.07
C ALA W 80 -16.41 42.92 -28.94
N ILE W 81 -15.88 41.94 -28.24
CA ILE W 81 -16.58 40.67 -28.06
C ILE W 81 -17.71 40.82 -27.03
N GLU W 82 -18.84 40.15 -27.29
CA GLU W 82 -20.01 40.19 -26.39
C GLU W 82 -19.97 39.08 -25.35
N PRO W 83 -20.53 39.34 -24.16
CA PRO W 83 -20.57 38.38 -23.05
C PRO W 83 -20.89 36.95 -23.47
N GLU W 84 -22.01 36.76 -24.15
CA GLU W 84 -22.44 35.43 -24.60
C GLU W 84 -21.37 34.72 -25.41
N THR W 85 -20.76 35.45 -26.33
CA THR W 85 -19.70 34.90 -27.17
C THR W 85 -18.48 34.60 -26.31
N PHE W 86 -18.05 35.55 -25.50
CA PHE W 86 -16.88 35.34 -24.66
C PHE W 86 -17.06 34.09 -23.82
N THR W 87 -18.27 33.88 -23.32
CA THR W 87 -18.57 32.71 -22.50
C THR W 87 -18.22 31.43 -23.25
N GLN W 88 -18.63 31.36 -24.50
CA GLN W 88 -18.34 30.20 -25.33
C GLN W 88 -16.84 30.05 -25.45
N LEU W 89 -16.13 31.16 -25.65
CA LEU W 89 -14.68 31.13 -25.79
C LEU W 89 -14.06 30.57 -24.51
N VAL W 90 -14.45 31.11 -23.35
CA VAL W 90 -13.91 30.63 -22.08
C VAL W 90 -14.12 29.13 -21.97
N SER W 91 -15.34 28.68 -22.27
CA SER W 91 -15.68 27.27 -22.17
C SER W 91 -14.81 26.37 -23.07
N SER W 92 -14.84 26.63 -24.37
CA SER W 92 -14.06 25.83 -25.29
C SER W 92 -12.59 25.88 -24.92
N SER W 93 -12.14 27.03 -24.42
CA SER W 93 -10.74 27.16 -24.02
C SER W 93 -10.42 26.26 -22.84
N LEU W 94 -11.33 26.22 -21.87
CA LEU W 94 -11.14 25.39 -20.70
C LEU W 94 -11.19 23.90 -21.02
N TYR W 95 -12.13 23.48 -21.88
CA TYR W 95 -12.27 22.08 -22.23
C TYR W 95 -11.12 21.56 -23.08
N GLU W 96 -10.41 22.48 -23.73
CA GLU W 96 -9.29 22.09 -24.56
C GLU W 96 -8.22 21.44 -23.70
N ARG W 97 -8.27 21.68 -22.40
CA ARG W 97 -7.32 21.12 -21.47
C ARG W 97 -8.06 20.15 -20.59
N ARG W 98 -9.08 19.50 -21.16
CA ARG W 98 -9.90 18.54 -20.42
C ARG W 98 -9.17 17.56 -19.53
N PHE W 99 -8.03 17.05 -19.98
CA PHE W 99 -7.33 16.07 -19.16
C PHE W 99 -6.11 16.56 -18.41
N GLY W 100 -6.01 17.88 -18.29
CA GLY W 100 -4.91 18.53 -17.58
C GLY W 100 -5.44 19.94 -17.41
N PRO W 101 -6.58 20.08 -16.74
CA PRO W 101 -7.28 21.34 -16.48
C PRO W 101 -6.59 22.41 -15.65
N TYR W 102 -7.05 23.64 -15.87
CA TYR W 102 -6.56 24.79 -15.12
C TYR W 102 -7.46 24.70 -13.90
N PHE W 103 -6.91 24.87 -12.72
CA PHE W 103 -7.72 24.78 -11.52
C PHE W 103 -8.34 26.14 -11.19
N VAL W 104 -9.32 26.51 -11.99
CA VAL W 104 -9.99 27.77 -11.82
C VAL W 104 -11.49 27.60 -11.91
N GLY W 105 -12.20 28.65 -11.52
CA GLY W 105 -13.65 28.67 -11.56
C GLY W 105 -14.04 30.05 -12.07
N PRO W 106 -14.08 30.22 -13.40
CA PRO W 106 -14.42 31.50 -14.04
C PRO W 106 -15.86 31.97 -13.87
N VAL W 107 -16.02 33.29 -13.88
CA VAL W 107 -17.31 33.95 -13.77
C VAL W 107 -17.35 35.09 -14.80
N VAL W 108 -18.35 35.07 -15.69
CA VAL W 108 -18.48 36.13 -16.70
C VAL W 108 -19.69 37.01 -16.41
N ALA W 109 -19.47 38.32 -16.52
CA ALA W 109 -20.50 39.32 -16.28
C ALA W 109 -20.35 40.47 -17.26
N GLY W 110 -21.49 40.98 -17.71
CA GLY W 110 -21.49 42.09 -18.64
C GLY W 110 -22.89 42.38 -19.17
N ILE W 111 -22.97 43.37 -20.06
CA ILE W 111 -24.24 43.74 -20.66
C ILE W 111 -24.10 43.72 -22.17
N ASN W 112 -24.96 42.97 -22.84
CA ASN W 112 -24.89 42.89 -24.29
C ASN W 112 -25.00 44.32 -24.84
N SER W 113 -23.91 44.82 -25.43
CA SER W 113 -23.92 46.17 -25.96
C SER W 113 -24.94 46.39 -27.07
N LYS W 114 -25.43 45.32 -27.70
CA LYS W 114 -26.39 45.49 -28.78
C LYS W 114 -27.84 45.22 -28.36
N SER W 115 -28.04 44.58 -27.22
CA SER W 115 -29.40 44.30 -26.75
C SER W 115 -29.59 44.84 -25.34
N GLY W 116 -28.56 45.50 -24.81
CA GLY W 116 -28.60 46.06 -23.47
C GLY W 116 -28.94 45.12 -22.32
N LYS W 117 -29.23 43.87 -22.66
CA LYS W 117 -29.59 42.84 -21.69
C LYS W 117 -28.42 42.38 -20.81
N PRO W 118 -28.65 42.29 -19.48
CA PRO W 118 -27.63 41.86 -18.51
C PRO W 118 -27.27 40.39 -18.70
N PHE W 119 -26.00 40.05 -18.49
CA PHE W 119 -25.55 38.67 -18.67
C PHE W 119 -24.53 38.21 -17.65
N ILE W 120 -24.72 37.01 -17.11
CA ILE W 120 -23.79 36.43 -16.16
C ILE W 120 -23.74 34.91 -16.36
N ALA W 121 -22.56 34.33 -16.16
CA ALA W 121 -22.36 32.89 -16.29
C ALA W 121 -21.14 32.39 -15.52
N GLY W 122 -21.16 31.11 -15.19
CA GLY W 122 -20.05 30.51 -14.46
C GLY W 122 -19.66 29.18 -15.08
N PHE W 123 -18.44 28.71 -14.83
CA PHE W 123 -18.00 27.43 -15.38
C PHE W 123 -17.29 26.60 -14.33
N ASP W 124 -17.07 25.32 -14.61
CA ASP W 124 -16.31 24.48 -13.70
C ASP W 124 -14.92 24.39 -14.36
N LEU W 125 -13.94 23.76 -13.72
CA LEU W 125 -12.60 23.72 -14.32
C LEU W 125 -12.50 23.18 -15.74
N ILE W 126 -13.41 22.28 -16.16
CA ILE W 126 -13.32 21.77 -17.53
C ILE W 126 -14.26 22.47 -18.51
N GLY W 127 -14.64 23.69 -18.18
CA GLY W 127 -15.49 24.47 -19.07
C GLY W 127 -17.00 24.26 -19.13
N CYS W 128 -17.60 23.61 -18.15
CA CYS W 128 -19.05 23.40 -18.21
C CYS W 128 -19.77 24.71 -17.89
N ILE W 129 -20.36 25.32 -18.92
CA ILE W 129 -21.08 26.58 -18.75
C ILE W 129 -22.34 26.47 -17.90
N ASP W 130 -22.41 27.34 -16.92
CA ASP W 130 -23.53 27.38 -16.00
C ASP W 130 -24.19 28.75 -16.12
N GLU W 131 -25.36 28.80 -16.76
CA GLU W 131 -26.04 30.06 -16.95
C GLU W 131 -27.19 30.23 -15.99
N ALA W 132 -27.27 31.42 -15.42
CA ALA W 132 -28.32 31.76 -14.46
C ALA W 132 -28.74 33.18 -14.74
N LYS W 133 -29.93 33.53 -14.26
CA LYS W 133 -30.49 34.87 -14.44
C LYS W 133 -30.31 35.72 -13.18
N ASP W 134 -30.03 35.07 -12.05
CA ASP W 134 -29.84 35.77 -10.79
C ASP W 134 -28.39 36.02 -10.33
N PHE W 135 -27.69 34.97 -9.92
CA PHE W 135 -26.32 35.12 -9.43
C PHE W 135 -25.45 33.89 -9.66
N ILE W 136 -24.13 34.10 -9.64
CA ILE W 136 -23.14 33.04 -9.82
C ILE W 136 -22.10 33.22 -8.72
N VAL W 137 -21.65 32.11 -8.15
CA VAL W 137 -20.63 32.15 -7.10
C VAL W 137 -19.43 31.29 -7.46
N SER W 138 -18.29 31.56 -6.84
CA SER W 138 -17.09 30.82 -7.13
C SER W 138 -16.01 31.08 -6.08
N GLY W 139 -15.20 30.08 -5.79
CA GLY W 139 -14.15 30.28 -4.81
C GLY W 139 -14.23 29.32 -3.65
N THR W 140 -13.23 29.41 -2.78
CA THR W 140 -13.14 28.54 -1.62
C THR W 140 -14.35 28.62 -0.72
N ALA W 141 -15.00 29.79 -0.69
CA ALA W 141 -16.19 29.99 0.13
C ALA W 141 -17.47 30.06 -0.69
N SER W 142 -17.55 29.22 -1.71
CA SER W 142 -18.72 29.22 -2.58
C SER W 142 -19.98 28.68 -1.90
N ASP W 143 -19.81 27.93 -0.81
CA ASP W 143 -20.95 27.40 -0.07
C ASP W 143 -21.60 28.53 0.69
N GLN W 144 -20.77 29.32 1.33
CA GLN W 144 -21.23 30.46 2.09
C GLN W 144 -21.90 31.43 1.12
N LEU W 145 -21.25 31.69 -0.01
CA LEU W 145 -21.83 32.59 -1.00
C LEU W 145 -23.20 32.16 -1.48
N PHE W 146 -23.41 30.86 -1.60
CA PHE W 146 -24.71 30.36 -2.04
C PHE W 146 -25.70 30.66 -0.93
N GLY W 147 -25.28 30.42 0.30
CA GLY W 147 -26.15 30.68 1.43
C GLY W 147 -26.62 32.12 1.41
N MET W 148 -25.69 33.05 1.26
CA MET W 148 -26.05 34.47 1.22
C MET W 148 -26.96 34.75 0.05
N CYS W 149 -26.40 34.66 -1.16
CA CYS W 149 -27.16 34.90 -2.37
C CYS W 149 -28.56 34.30 -2.36
N GLU W 150 -28.66 33.02 -2.06
CA GLU W 150 -29.95 32.36 -2.06
C GLU W 150 -30.98 33.04 -1.15
N SER W 151 -30.52 33.74 -0.12
CA SER W 151 -31.42 34.44 0.79
C SER W 151 -31.56 35.93 0.46
N LEU W 152 -30.45 36.64 0.51
CA LEU W 152 -30.42 38.07 0.24
C LEU W 152 -30.95 38.52 -1.12
N TYR W 153 -30.58 37.82 -2.18
CA TYR W 153 -31.00 38.17 -3.53
C TYR W 153 -32.50 38.25 -3.78
N GLU W 154 -32.88 39.19 -4.64
CA GLU W 154 -34.25 39.41 -5.10
C GLU W 154 -34.12 40.18 -6.42
N PRO W 155 -34.98 39.85 -7.41
CA PRO W 155 -35.05 40.43 -8.76
C PRO W 155 -34.99 41.95 -8.93
N ASN W 156 -34.68 42.37 -10.15
CA ASN W 156 -34.58 43.78 -10.55
C ASN W 156 -34.19 44.78 -9.47
N LEU W 157 -32.98 44.67 -8.93
CA LEU W 157 -32.55 45.63 -7.94
C LEU W 157 -31.91 46.78 -8.68
N GLU W 158 -31.83 47.94 -8.03
CA GLU W 158 -31.24 49.11 -8.65
C GLU W 158 -29.76 49.14 -8.33
N PRO W 159 -28.95 49.74 -9.22
CA PRO W 159 -27.50 49.81 -9.02
C PRO W 159 -27.03 50.09 -7.59
N GLU W 160 -27.66 51.04 -6.91
CA GLU W 160 -27.26 51.39 -5.54
C GLU W 160 -27.74 50.36 -4.52
N ASP W 161 -28.77 49.60 -4.90
CA ASP W 161 -29.33 48.57 -4.05
C ASP W 161 -28.58 47.26 -4.31
N LEU W 162 -28.46 46.86 -5.58
CA LEU W 162 -27.74 45.64 -5.95
C LEU W 162 -26.38 45.69 -5.25
N PHE W 163 -25.77 46.86 -5.29
CA PHE W 163 -24.48 47.04 -4.65
C PHE W 163 -24.48 46.60 -3.19
N GLU W 164 -25.43 47.11 -2.40
CA GLU W 164 -25.51 46.76 -0.98
C GLU W 164 -25.62 45.26 -0.83
N THR W 165 -26.50 44.66 -1.62
CA THR W 165 -26.73 43.22 -1.58
C THR W 165 -25.46 42.42 -1.87
N ILE W 166 -24.87 42.63 -3.03
CA ILE W 166 -23.66 41.90 -3.39
C ILE W 166 -22.59 42.07 -2.31
N SER W 167 -22.34 43.31 -1.90
CA SER W 167 -21.33 43.57 -0.87
C SER W 167 -21.60 42.74 0.38
N GLN W 168 -22.84 42.69 0.79
CA GLN W 168 -23.19 41.93 1.99
C GLN W 168 -23.01 40.44 1.77
N ALA W 169 -23.30 39.96 0.57
CA ALA W 169 -23.15 38.53 0.26
C ALA W 169 -21.66 38.19 0.38
N LEU W 170 -20.84 38.93 -0.34
CA LEU W 170 -19.39 38.73 -0.32
C LEU W 170 -18.91 38.85 1.12
N LEU W 171 -18.92 40.06 1.63
CA LEU W 171 -18.46 40.32 3.00
C LEU W 171 -18.71 39.24 4.03
N ASN W 172 -19.96 38.82 4.16
CA ASN W 172 -20.32 37.85 5.19
C ASN W 172 -19.84 36.44 4.94
N ALA W 173 -19.82 36.02 3.67
CA ALA W 173 -19.36 34.69 3.33
C ALA W 173 -17.84 34.64 3.54
N ALA W 174 -17.14 35.66 3.06
CA ALA W 174 -15.70 35.76 3.18
C ALA W 174 -15.27 35.68 4.63
N ASP W 175 -16.12 36.17 5.52
CA ASP W 175 -15.81 36.17 6.93
C ASP W 175 -15.95 34.81 7.59
N ARG W 176 -16.56 33.86 6.88
CA ARG W 176 -16.72 32.50 7.38
C ARG W 176 -15.71 31.57 6.69
N ASP W 177 -14.86 32.17 5.84
CA ASP W 177 -13.83 31.45 5.12
C ASP W 177 -12.45 31.92 5.56
N ALA W 178 -11.63 30.97 5.99
CA ALA W 178 -10.29 31.25 6.46
C ALA W 178 -9.36 31.61 5.32
N LEU W 179 -9.70 31.18 4.12
CA LEU W 179 -8.86 31.46 2.97
C LEU W 179 -9.30 32.64 2.13
N SER W 180 -10.30 33.38 2.62
CA SER W 180 -10.80 34.55 1.89
C SER W 180 -10.85 35.79 2.77
N GLY W 181 -10.78 36.95 2.12
CA GLY W 181 -10.81 38.21 2.84
C GLY W 181 -9.69 39.16 2.50
N TRP W 182 -9.22 39.89 3.50
CA TRP W 182 -8.13 40.85 3.32
C TRP W 182 -8.46 41.93 2.30
N GLY W 183 -9.71 42.38 2.31
CA GLY W 183 -10.12 43.40 1.36
C GLY W 183 -11.07 42.78 0.36
N ALA W 184 -11.80 43.62 -0.37
CA ALA W 184 -12.75 43.15 -1.35
C ALA W 184 -13.06 44.31 -2.25
N VAL W 185 -13.36 44.02 -3.51
CA VAL W 185 -13.68 45.08 -4.45
C VAL W 185 -14.97 44.73 -5.17
N VAL W 186 -15.78 45.73 -5.53
CA VAL W 186 -17.04 45.50 -6.21
C VAL W 186 -17.21 46.36 -7.46
N TYR W 187 -17.70 45.73 -8.54
CA TYR W 187 -17.91 46.42 -9.81
C TYR W 187 -19.39 46.51 -10.16
N ILE W 188 -19.87 47.72 -10.43
CA ILE W 188 -21.27 47.91 -10.81
C ILE W 188 -21.24 48.28 -12.29
N ILE W 189 -21.83 47.43 -13.11
CA ILE W 189 -21.86 47.66 -14.54
C ILE W 189 -23.23 48.11 -15.05
N LYS W 190 -23.20 49.09 -15.94
CA LYS W 190 -24.40 49.65 -16.55
C LYS W 190 -24.13 49.86 -18.04
N LYS W 191 -25.18 49.92 -18.84
CA LYS W 191 -25.10 50.10 -20.30
C LYS W 191 -24.07 51.08 -20.86
N ASP W 192 -23.55 51.97 -20.03
CA ASP W 192 -22.60 52.97 -20.49
C ASP W 192 -21.47 53.35 -19.52
N GLU W 193 -21.62 53.02 -18.24
CA GLU W 193 -20.59 53.33 -17.27
C GLU W 193 -20.44 52.26 -16.20
N VAL W 194 -19.26 52.19 -15.61
CA VAL W 194 -18.95 51.21 -14.57
C VAL W 194 -18.25 51.85 -13.38
N VAL W 195 -18.67 51.47 -12.18
CA VAL W 195 -18.07 51.98 -10.95
C VAL W 195 -17.37 50.86 -10.17
N LYS W 196 -16.24 51.20 -9.57
CA LYS W 196 -15.46 50.23 -8.81
C LYS W 196 -15.22 50.74 -7.39
N ARG W 197 -15.81 50.07 -6.40
CA ARG W 197 -15.65 50.48 -5.01
C ARG W 197 -14.94 49.43 -4.17
N TYR W 198 -14.02 49.87 -3.31
CA TYR W 198 -13.29 48.95 -2.42
C TYR W 198 -13.98 48.90 -1.06
N LEU W 199 -14.52 47.74 -0.70
CA LEU W 199 -15.20 47.60 0.57
C LEU W 199 -14.24 47.55 1.74
N LYS W 200 -14.74 47.85 2.93
CA LYS W 200 -13.94 47.81 4.15
C LYS W 200 -14.31 46.56 4.93
N MET W 201 -13.32 45.72 5.23
CA MET W 201 -13.59 44.50 5.98
C MET W 201 -12.50 44.16 6.99
N ARG W 202 -12.74 43.12 7.79
CA ARG W 202 -11.77 42.67 8.79
C ARG W 202 -10.48 42.37 8.04
N GLN W 203 -9.38 42.27 8.77
CA GLN W 203 -8.10 41.96 8.14
C GLN W 203 -7.39 40.83 8.89
N ASP W 204 -8.14 39.77 9.20
CA ASP W 204 -7.61 38.63 9.93
C ASP W 204 -7.97 37.25 9.34
N MET X 1 14.11 25.46 5.17
CA MET X 1 14.72 25.78 3.85
C MET X 1 15.72 26.95 4.01
N ASP X 2 16.03 27.64 2.91
CA ASP X 2 16.95 28.78 2.92
C ASP X 2 16.23 30.09 3.22
N ILE X 3 16.98 31.17 3.40
CA ILE X 3 16.36 32.47 3.68
C ILE X 3 16.39 33.37 2.45
N ILE X 4 15.23 33.89 2.09
CA ILE X 4 15.11 34.78 0.96
C ILE X 4 14.23 35.95 1.40
N LEU X 5 14.86 37.09 1.65
CA LEU X 5 14.14 38.27 2.09
C LEU X 5 14.37 39.41 1.12
N GLY X 6 13.36 40.26 1.01
CA GLY X 6 13.46 41.39 0.12
C GLY X 6 12.61 42.52 0.66
N ILE X 7 13.11 43.74 0.55
CA ILE X 7 12.37 44.88 1.01
C ILE X 7 12.59 46.10 0.14
N ARG X 8 11.49 46.65 -0.34
CA ARG X 8 11.52 47.82 -1.19
C ARG X 8 11.33 49.06 -0.33
N VAL X 9 12.38 49.86 -0.23
CA VAL X 9 12.32 51.08 0.54
C VAL X 9 11.93 52.24 -0.37
N GLN X 10 12.44 53.43 -0.04
CA GLN X 10 12.13 54.65 -0.80
C GLN X 10 12.73 54.68 -2.21
N ASP X 11 14.04 54.51 -2.29
CA ASP X 11 14.70 54.58 -3.59
C ASP X 11 15.54 53.38 -3.92
N SER X 12 15.15 52.22 -3.41
CA SER X 12 15.91 51.01 -3.70
C SER X 12 15.27 49.75 -3.17
N VAL X 13 15.89 48.61 -3.49
CA VAL X 13 15.42 47.32 -3.06
C VAL X 13 16.60 46.63 -2.39
N ILE X 14 16.30 45.96 -1.28
CA ILE X 14 17.32 45.25 -0.51
C ILE X 14 17.01 43.77 -0.51
N LEU X 15 18.00 42.95 -0.83
CA LEU X 15 17.81 41.49 -0.84
C LEU X 15 18.77 40.79 0.14
N ALA X 16 18.18 40.09 1.11
CA ALA X 16 18.94 39.34 2.10
C ALA X 16 18.75 37.88 1.76
N SER X 17 19.86 37.14 1.69
CA SER X 17 19.86 35.71 1.36
C SER X 17 20.86 34.91 2.20
N SER X 18 20.38 33.86 2.85
CA SER X 18 21.26 33.03 3.69
C SER X 18 22.49 32.55 2.93
N LYS X 19 23.57 32.30 3.66
CA LYS X 19 24.83 31.88 3.05
C LYS X 19 25.12 30.39 3.13
N ALA X 20 24.38 29.69 3.99
CA ALA X 20 24.59 28.25 4.16
C ALA X 20 24.12 27.38 2.99
N VAL X 21 24.80 26.24 2.82
CA VAL X 21 24.46 25.26 1.79
C VAL X 21 24.67 23.93 2.49
N THR X 22 23.56 23.29 2.89
CA THR X 22 23.61 22.03 3.60
C THR X 22 23.19 20.84 2.76
N ARG X 23 23.97 19.77 2.81
CA ARG X 23 23.63 18.56 2.09
C ARG X 23 23.51 17.46 3.13
N GLY X 24 22.29 17.33 3.64
CA GLY X 24 22.00 16.31 4.63
C GLY X 24 22.57 16.58 6.00
N ILE X 25 23.59 15.82 6.35
CA ILE X 25 24.22 15.92 7.67
C ILE X 25 25.24 17.04 7.85
N SER X 26 25.88 17.48 6.78
CA SER X 26 26.88 18.54 6.91
C SER X 26 26.58 19.83 6.17
N VAL X 27 27.22 20.90 6.63
CA VAL X 27 27.09 22.22 6.01
C VAL X 27 28.28 22.39 5.07
N LEU X 28 28.07 22.11 3.79
CA LEU X 28 29.12 22.21 2.77
C LEU X 28 29.74 23.59 2.55
N LYS X 29 28.94 24.64 2.68
CA LYS X 29 29.47 25.97 2.46
C LYS X 29 28.72 26.98 3.31
N ASP X 30 29.38 28.09 3.63
CA ASP X 30 28.79 29.13 4.46
C ASP X 30 28.99 30.51 3.84
N SER X 31 29.39 30.50 2.57
CA SER X 31 29.66 31.72 1.83
C SER X 31 29.00 31.68 0.47
N ASP X 32 27.83 31.06 0.40
CA ASP X 32 27.10 30.96 -0.86
C ASP X 32 26.32 32.21 -1.18
N ASP X 33 26.24 32.55 -2.46
CA ASP X 33 25.51 33.72 -2.90
C ASP X 33 24.33 33.25 -3.75
N LYS X 34 23.14 33.25 -3.16
CA LYS X 34 21.93 32.79 -3.83
C LYS X 34 21.29 33.88 -4.69
N THR X 35 22.11 34.49 -5.54
CA THR X 35 21.64 35.58 -6.39
C THR X 35 22.41 35.72 -7.72
N ARG X 36 21.73 36.30 -8.72
CA ARG X 36 22.32 36.55 -10.03
C ARG X 36 21.89 37.95 -10.47
N GLN X 37 22.72 38.59 -11.27
CA GLN X 37 22.39 39.92 -11.76
C GLN X 37 21.86 39.75 -13.18
N LEU X 38 20.58 40.04 -13.37
CA LEU X 38 19.97 39.89 -14.69
C LEU X 38 20.28 41.06 -15.61
N SER X 39 20.44 42.24 -15.02
CA SER X 39 20.79 43.43 -15.80
C SER X 39 21.44 44.38 -14.81
N PRO X 40 22.06 45.46 -15.31
CA PRO X 40 22.71 46.40 -14.40
C PRO X 40 21.82 46.94 -13.27
N HIS X 41 20.50 46.97 -13.48
CA HIS X 41 19.58 47.46 -12.46
C HIS X 41 18.52 46.48 -11.98
N THR X 42 18.72 45.19 -12.29
CA THR X 42 17.78 44.15 -11.87
C THR X 42 18.52 42.97 -11.28
N LEU X 43 18.11 42.59 -10.07
CA LEU X 43 18.71 41.50 -9.33
C LEU X 43 17.69 40.43 -8.98
N MET X 44 18.13 39.17 -8.99
CA MET X 44 17.24 38.07 -8.67
C MET X 44 17.83 37.09 -7.66
N SER X 45 17.10 36.86 -6.56
CA SER X 45 17.53 35.93 -5.53
C SER X 45 16.68 34.66 -5.68
N PHE X 46 17.21 33.52 -5.23
CA PHE X 46 16.48 32.27 -5.40
C PHE X 46 16.81 31.18 -4.39
N ALA X 47 15.84 30.32 -4.13
CA ALA X 47 16.01 29.22 -3.20
C ALA X 47 15.13 28.07 -3.66
N GLY X 48 15.53 26.84 -3.33
CA GLY X 48 14.73 25.68 -3.72
C GLY X 48 15.54 24.44 -4.01
N GLU X 49 14.95 23.55 -4.80
CA GLU X 49 15.57 22.27 -5.19
C GLU X 49 17.06 22.34 -5.55
N ALA X 50 17.86 21.52 -4.88
CA ALA X 50 19.31 21.43 -5.06
C ALA X 50 19.92 21.80 -6.42
N GLY X 51 19.48 21.18 -7.51
CA GLY X 51 20.09 21.52 -8.77
C GLY X 51 19.40 22.60 -9.59
N ASP X 52 18.07 22.50 -9.66
CA ASP X 52 17.24 23.42 -10.43
C ASP X 52 17.44 24.88 -10.07
N THR X 53 17.76 25.11 -8.81
CA THR X 53 17.96 26.46 -8.30
C THR X 53 18.92 27.33 -9.15
N VAL X 54 20.18 26.93 -9.25
CA VAL X 54 21.15 27.70 -10.02
C VAL X 54 20.94 27.58 -11.52
N GLN X 55 20.52 26.41 -11.96
CA GLN X 55 20.28 26.19 -13.39
C GLN X 55 19.24 27.16 -13.91
N PHE X 56 18.15 27.32 -13.16
CA PHE X 56 17.08 28.22 -13.56
C PHE X 56 17.60 29.64 -13.57
N ALA X 57 18.23 30.03 -12.46
CA ALA X 57 18.80 31.35 -12.32
C ALA X 57 19.64 31.73 -13.55
N GLU X 58 20.65 30.92 -13.83
CA GLU X 58 21.55 31.14 -14.96
C GLU X 58 20.89 31.10 -16.34
N TYR X 59 19.80 30.34 -16.45
CA TYR X 59 19.08 30.26 -17.71
C TYR X 59 18.35 31.59 -17.94
N ILE X 60 17.71 32.10 -16.88
CA ILE X 60 17.00 33.36 -16.95
C ILE X 60 18.00 34.48 -17.24
N GLN X 61 19.13 34.43 -16.53
CA GLN X 61 20.19 35.41 -16.72
C GLN X 61 20.60 35.51 -18.17
N ALA X 62 21.05 34.38 -18.72
CA ALA X 62 21.46 34.32 -20.12
C ALA X 62 20.44 34.97 -21.05
N ASN X 63 19.17 34.66 -20.86
CA ASN X 63 18.12 35.23 -21.70
C ASN X 63 17.96 36.74 -21.58
N ILE X 64 18.02 37.27 -20.37
CA ILE X 64 17.88 38.70 -20.20
C ILE X 64 19.08 39.40 -20.84
N GLN X 65 20.29 38.89 -20.61
CA GLN X 65 21.49 39.47 -21.19
C GLN X 65 21.45 39.43 -22.71
N LEU X 66 20.92 38.34 -23.27
CA LEU X 66 20.80 38.21 -24.72
C LEU X 66 19.81 39.27 -25.25
N TYR X 67 18.75 39.54 -24.48
CA TYR X 67 17.78 40.53 -24.90
C TYR X 67 18.43 41.90 -24.89
N SER X 68 19.18 42.18 -23.83
CA SER X 68 19.85 43.46 -23.71
C SER X 68 20.72 43.70 -24.93
N ILE X 69 21.61 42.78 -25.23
CA ILE X 69 22.47 42.96 -26.38
C ILE X 69 21.70 43.07 -27.70
N ARG X 70 20.74 42.19 -27.92
CA ARG X 70 19.97 42.22 -29.15
C ARG X 70 19.29 43.57 -29.39
N GLU X 71 18.70 44.12 -28.34
CA GLU X 71 17.97 45.38 -28.45
C GLU X 71 18.70 46.60 -27.92
N ASP X 72 19.87 46.41 -27.32
CA ASP X 72 20.64 47.51 -26.74
C ASP X 72 19.68 48.30 -25.84
N TYR X 73 19.13 47.63 -24.84
CA TYR X 73 18.17 48.26 -23.94
C TYR X 73 18.01 47.34 -22.76
N GLU X 74 17.53 47.87 -21.65
CA GLU X 74 17.35 47.09 -20.44
C GLU X 74 15.86 46.93 -20.18
N LEU X 75 15.39 45.70 -20.10
CA LEU X 75 13.98 45.45 -19.82
C LEU X 75 13.68 45.97 -18.43
N SER X 76 12.47 46.49 -18.26
CA SER X 76 12.03 47.02 -16.98
C SER X 76 11.89 45.86 -16.01
N PRO X 77 12.06 46.13 -14.70
CA PRO X 77 11.93 45.04 -13.73
C PRO X 77 10.63 44.31 -13.95
N GLN X 78 9.57 45.06 -14.23
CA GLN X 78 8.27 44.45 -14.46
C GLN X 78 8.35 43.43 -15.60
N ALA X 79 8.83 43.87 -16.76
CA ALA X 79 8.95 42.98 -17.91
C ALA X 79 9.75 41.73 -17.53
N VAL X 80 10.95 41.92 -16.98
CA VAL X 80 11.78 40.79 -16.58
C VAL X 80 11.02 39.78 -15.73
N SER X 81 10.30 40.25 -14.72
CA SER X 81 9.56 39.35 -13.84
C SER X 81 8.38 38.67 -14.55
N SER X 82 7.76 39.34 -15.51
CA SER X 82 6.63 38.74 -16.22
C SER X 82 7.19 37.61 -17.07
N PHE X 83 8.40 37.82 -17.58
CA PHE X 83 9.07 36.81 -18.39
C PHE X 83 9.42 35.61 -17.51
N VAL X 84 9.94 35.88 -16.32
CA VAL X 84 10.28 34.81 -15.39
C VAL X 84 9.03 34.05 -14.95
N ARG X 85 7.94 34.77 -14.67
CA ARG X 85 6.74 34.06 -14.25
C ARG X 85 6.28 33.10 -15.32
N GLN X 86 6.33 33.53 -16.58
CA GLN X 86 5.90 32.65 -17.66
C GLN X 86 6.77 31.41 -17.71
N GLU X 87 8.07 31.58 -17.54
CA GLU X 87 8.97 30.43 -17.56
C GLU X 87 8.57 29.44 -16.48
N LEU X 88 8.38 29.90 -15.25
CA LEU X 88 8.00 29.00 -14.19
C LEU X 88 6.65 28.39 -14.47
N ALA X 89 5.68 29.21 -14.87
CA ALA X 89 4.33 28.74 -15.15
C ALA X 89 4.25 27.66 -16.23
N LYS X 90 5.22 27.64 -17.14
CA LYS X 90 5.26 26.64 -18.23
C LYS X 90 5.74 25.29 -17.67
N SER X 91 6.85 25.32 -16.97
CA SER X 91 7.43 24.12 -16.41
C SER X 91 6.61 23.47 -15.31
N ILE X 92 5.57 24.14 -14.85
CA ILE X 92 4.79 23.54 -13.77
C ILE X 92 4.00 22.33 -14.27
N ARG X 93 3.62 22.34 -15.55
CA ARG X 93 2.86 21.23 -16.09
C ARG X 93 3.70 20.33 -17.00
N SER X 94 5.02 20.49 -16.94
CA SER X 94 5.95 19.70 -17.75
C SER X 94 6.36 18.39 -17.04
N ARG X 95 7.15 17.57 -17.74
CA ARG X 95 7.60 16.29 -17.20
C ARG X 95 8.28 16.43 -15.84
N ARG X 96 9.23 17.36 -15.76
CA ARG X 96 9.92 17.61 -14.50
C ARG X 96 9.99 19.12 -14.31
N PRO X 97 9.16 19.65 -13.40
CA PRO X 97 9.09 21.08 -13.09
C PRO X 97 10.26 21.61 -12.27
N TYR X 98 10.66 22.85 -12.57
CA TYR X 98 11.72 23.50 -11.82
C TYR X 98 11.10 23.81 -10.46
N GLN X 99 11.77 23.43 -9.39
CA GLN X 99 11.26 23.72 -8.06
C GLN X 99 12.11 24.85 -7.48
N VAL X 100 11.85 26.07 -7.97
CA VAL X 100 12.57 27.25 -7.55
C VAL X 100 11.65 28.40 -7.19
N ASN X 101 12.00 29.13 -6.14
CA ASN X 101 11.25 30.30 -5.74
C ASN X 101 12.20 31.48 -5.95
N VAL X 102 11.68 32.59 -6.45
CA VAL X 102 12.55 33.73 -6.66
C VAL X 102 11.99 35.06 -6.15
N LEU X 103 12.92 35.99 -5.98
CA LEU X 103 12.63 37.36 -5.59
C LEU X 103 13.31 38.23 -6.61
N ILE X 104 12.55 39.04 -7.33
CA ILE X 104 13.17 39.90 -8.31
C ILE X 104 13.05 41.33 -7.83
N GLY X 105 14.20 41.97 -7.67
CA GLY X 105 14.23 43.34 -7.23
C GLY X 105 15.06 44.16 -8.19
N GLY X 106 14.46 45.22 -8.72
CA GLY X 106 15.17 46.06 -9.66
C GLY X 106 14.75 47.51 -9.50
N TYR X 107 15.47 48.40 -10.17
CA TYR X 107 15.15 49.82 -10.14
C TYR X 107 14.78 50.21 -11.56
N ASP X 108 13.57 50.71 -11.74
CA ASP X 108 13.10 51.10 -13.06
C ASP X 108 13.58 52.50 -13.45
N LYS X 109 14.71 52.56 -14.16
CA LYS X 109 15.30 53.82 -14.59
C LYS X 109 14.35 54.70 -15.42
N LYS X 110 13.22 54.15 -15.81
CA LYS X 110 12.26 54.91 -16.60
C LYS X 110 11.22 55.59 -15.69
N LYS X 111 10.73 54.87 -14.68
CA LYS X 111 9.76 55.43 -13.74
C LYS X 111 10.47 56.00 -12.51
N ASN X 112 11.79 55.75 -12.43
CA ASN X 112 12.61 56.18 -11.29
C ASN X 112 12.03 55.72 -9.97
N LYS X 113 11.74 54.43 -9.89
CA LYS X 113 11.17 53.81 -8.71
C LYS X 113 11.69 52.39 -8.52
N PRO X 114 11.92 51.97 -7.26
CA PRO X 114 12.41 50.60 -7.06
C PRO X 114 11.21 49.66 -7.09
N GLU X 115 11.44 48.39 -7.41
CA GLU X 115 10.35 47.41 -7.46
C GLU X 115 10.79 46.05 -6.92
N LEU X 116 9.84 45.35 -6.28
CA LEU X 116 10.10 44.03 -5.70
C LEU X 116 9.02 43.02 -6.07
N TYR X 117 9.43 41.99 -6.79
CA TYR X 117 8.50 40.95 -7.20
C TYR X 117 8.84 39.62 -6.54
N GLN X 118 7.80 38.91 -6.17
CA GLN X 118 7.95 37.62 -5.54
C GLN X 118 7.26 36.58 -6.43
N ILE X 119 7.97 35.54 -6.81
CA ILE X 119 7.37 34.49 -7.63
C ILE X 119 7.75 33.11 -7.11
N ASP X 120 6.75 32.27 -6.87
CA ASP X 120 7.01 30.92 -6.38
C ASP X 120 7.16 29.96 -7.56
N TYR X 121 7.56 28.72 -7.27
CA TYR X 121 7.78 27.75 -8.33
C TYR X 121 6.56 27.46 -9.21
N LEU X 122 5.36 27.76 -8.72
CA LEU X 122 4.16 27.52 -9.51
C LEU X 122 3.97 28.54 -10.62
N GLY X 123 4.55 29.73 -10.43
CA GLY X 123 4.40 30.79 -11.40
C GLY X 123 3.48 31.86 -10.83
N THR X 124 3.33 31.87 -9.51
CA THR X 124 2.48 32.86 -8.84
C THR X 124 3.32 34.09 -8.59
N LYS X 125 3.05 35.16 -9.34
CA LYS X 125 3.80 36.42 -9.17
C LYS X 125 2.98 37.45 -8.42
N VAL X 126 3.65 38.21 -7.58
CA VAL X 126 3.00 39.24 -6.81
C VAL X 126 4.00 40.37 -6.54
N GLU X 127 3.54 41.63 -6.62
CA GLU X 127 4.42 42.77 -6.36
C GLU X 127 4.23 43.18 -4.90
N LEU X 128 5.33 43.40 -4.18
CA LEU X 128 5.21 43.73 -2.77
C LEU X 128 6.20 44.75 -2.25
N PRO X 129 5.91 45.31 -1.06
CA PRO X 129 6.75 46.30 -0.39
C PRO X 129 7.95 45.51 0.16
N TYR X 130 7.66 44.29 0.59
CA TYR X 130 8.64 43.36 1.14
C TYR X 130 8.08 41.94 1.06
N GLY X 131 8.97 40.97 0.86
CA GLY X 131 8.52 39.58 0.78
C GLY X 131 9.59 38.60 1.18
N ALA X 132 9.19 37.35 1.34
CA ALA X 132 10.09 36.27 1.73
C ALA X 132 9.54 34.98 1.16
N HIS X 133 10.40 33.97 1.06
CA HIS X 133 9.96 32.68 0.54
C HIS X 133 10.17 31.58 1.58
N GLY X 134 9.29 30.60 1.58
CA GLY X 134 9.42 29.50 2.52
C GLY X 134 8.99 29.88 3.92
N TYR X 135 9.77 29.44 4.90
CA TYR X 135 9.44 29.70 6.30
C TYR X 135 9.88 31.08 6.75
N SER X 136 10.73 31.72 5.96
CA SER X 136 11.25 33.04 6.29
C SER X 136 10.15 34.03 6.66
N GLY X 137 9.10 34.06 5.86
CA GLY X 137 8.00 34.97 6.12
C GLY X 137 7.33 34.75 7.46
N PHE X 138 7.19 33.49 7.86
CA PHE X 138 6.55 33.16 9.11
C PHE X 138 7.10 33.91 10.32
N TYR X 139 8.36 34.32 10.26
CA TYR X 139 8.99 35.02 11.37
C TYR X 139 9.09 36.53 11.15
N THR X 140 9.50 36.91 9.95
CA THR X 140 9.71 38.29 9.61
C THR X 140 8.49 39.14 9.27
N PHE X 141 7.47 38.57 8.65
CA PHE X 141 6.30 39.37 8.29
C PHE X 141 5.67 40.18 9.40
N SER X 142 5.64 39.65 10.62
CA SER X 142 5.02 40.42 11.70
C SER X 142 5.87 41.64 12.00
N LEU X 143 7.19 41.50 11.95
CA LEU X 143 8.09 42.63 12.19
C LEU X 143 7.92 43.65 11.08
N LEU X 144 8.03 43.19 9.85
CA LEU X 144 7.89 44.08 8.69
C LEU X 144 6.49 44.72 8.66
N ASP X 145 5.46 43.96 8.98
CA ASP X 145 4.10 44.51 8.98
C ASP X 145 4.01 45.67 9.95
N HIS X 146 4.77 45.59 11.03
CA HIS X 146 4.79 46.61 12.07
C HIS X 146 5.65 47.84 11.73
N HIS X 147 6.95 47.62 11.53
CA HIS X 147 7.90 48.68 11.24
C HIS X 147 8.00 49.22 9.80
N TYR X 148 7.25 48.67 8.84
CA TYR X 148 7.41 49.15 7.47
C TYR X 148 6.73 50.45 7.08
N ARG X 149 7.51 51.33 6.47
CA ARG X 149 7.05 52.63 5.98
C ARG X 149 7.61 52.86 4.57
N PRO X 150 6.73 53.17 3.60
CA PRO X 150 7.05 53.42 2.18
C PRO X 150 8.18 54.40 1.89
N ASP X 151 8.47 55.29 2.83
CA ASP X 151 9.52 56.28 2.61
C ASP X 151 10.82 56.04 3.36
N MET X 152 11.00 54.82 3.86
CA MET X 152 12.23 54.50 4.61
C MET X 152 13.46 54.74 3.76
N THR X 153 14.53 55.24 4.39
CA THR X 153 15.76 55.45 3.65
C THR X 153 16.45 54.09 3.58
N THR X 154 17.37 53.94 2.64
CA THR X 154 18.09 52.68 2.51
C THR X 154 18.67 52.29 3.85
N GLU X 155 19.08 53.29 4.64
CA GLU X 155 19.64 53.02 5.95
C GLU X 155 18.64 52.43 6.94
N GLU X 156 17.42 52.98 6.95
CA GLU X 156 16.36 52.49 7.83
C GLU X 156 16.00 51.09 7.38
N GLY X 157 16.06 50.86 6.07
CA GLY X 157 15.74 49.55 5.53
C GLY X 157 16.67 48.50 6.11
N LEU X 158 17.98 48.71 5.98
CA LEU X 158 18.94 47.77 6.51
C LEU X 158 18.79 47.50 8.00
N ASP X 159 18.32 48.50 8.75
CA ASP X 159 18.14 48.31 10.18
C ASP X 159 16.95 47.39 10.43
N LEU X 160 15.93 47.56 9.60
CA LEU X 160 14.72 46.74 9.69
C LEU X 160 15.08 45.31 9.37
N LEU X 161 15.88 45.10 8.32
CA LEU X 161 16.32 43.77 7.96
C LEU X 161 17.06 43.17 9.14
N LYS X 162 18.16 43.82 9.50
CA LYS X 162 18.98 43.39 10.62
C LYS X 162 18.09 42.90 11.75
N LEU X 163 16.95 43.55 11.93
CA LEU X 163 16.03 43.15 12.98
C LEU X 163 15.38 41.80 12.65
N CYS X 164 14.97 41.63 11.39
CA CYS X 164 14.36 40.37 10.94
C CYS X 164 15.35 39.23 11.06
N VAL X 165 16.55 39.44 10.53
CA VAL X 165 17.59 38.43 10.58
C VAL X 165 17.85 38.00 12.02
N GLN X 166 17.74 38.91 12.97
CA GLN X 166 17.98 38.57 14.37
C GLN X 166 16.86 37.69 14.93
N GLU X 167 15.62 38.00 14.54
CA GLU X 167 14.48 37.20 14.98
C GLU X 167 14.60 35.82 14.36
N LEU X 168 15.16 35.75 13.16
CA LEU X 168 15.34 34.48 12.47
C LEU X 168 16.42 33.66 13.16
N GLU X 169 17.48 34.32 13.61
CA GLU X 169 18.56 33.61 14.27
C GLU X 169 18.16 33.15 15.67
N LYS X 170 17.12 33.76 16.23
CA LYS X 170 16.70 33.37 17.57
C LYS X 170 15.67 32.25 17.61
N ARG X 171 14.62 32.37 16.80
CA ARG X 171 13.54 31.39 16.77
C ARG X 171 13.60 30.25 15.75
N MET X 172 14.34 30.44 14.66
CA MET X 172 14.43 29.38 13.66
C MET X 172 15.48 28.34 14.00
N PRO X 173 15.11 27.04 13.93
CA PRO X 173 15.89 25.82 14.20
C PRO X 173 17.22 25.63 13.48
N MET X 174 17.26 25.92 12.18
CA MET X 174 18.48 25.73 11.39
C MET X 174 19.42 26.91 11.45
N ASP X 175 20.71 26.63 11.26
CA ASP X 175 21.73 27.69 11.25
C ASP X 175 21.95 28.02 9.77
N PHE X 176 21.46 29.17 9.32
CA PHE X 176 21.63 29.52 7.92
C PHE X 176 22.92 30.28 7.66
N LYS X 177 23.78 30.34 8.68
CA LYS X 177 25.07 31.00 8.58
C LYS X 177 25.05 32.47 8.13
N GLY X 178 24.13 33.25 8.69
CA GLY X 178 24.05 34.66 8.33
C GLY X 178 23.62 34.91 6.88
N VAL X 179 23.52 36.18 6.50
CA VAL X 179 23.10 36.49 5.15
C VAL X 179 24.02 37.42 4.38
N ILE X 180 23.79 37.52 3.08
CA ILE X 180 24.51 38.41 2.20
C ILE X 180 23.41 39.39 1.81
N VAL X 181 23.71 40.68 1.84
CA VAL X 181 22.72 41.69 1.48
C VAL X 181 23.17 42.48 0.27
N LYS X 182 22.21 42.93 -0.52
CA LYS X 182 22.55 43.69 -1.71
C LYS X 182 21.52 44.78 -1.93
N ILE X 183 21.98 45.92 -2.44
CA ILE X 183 21.11 47.06 -2.70
C ILE X 183 21.02 47.34 -4.19
N VAL X 184 19.79 47.59 -4.64
CA VAL X 184 19.56 47.90 -6.04
C VAL X 184 18.95 49.30 -6.02
N ASP X 185 19.61 50.25 -6.66
CA ASP X 185 19.11 51.64 -6.72
C ASP X 185 19.42 52.24 -8.09
N LYS X 186 19.20 53.54 -8.23
CA LYS X 186 19.45 54.22 -9.49
C LYS X 186 20.91 54.07 -9.99
N ASP X 187 21.79 53.59 -9.11
CA ASP X 187 23.19 53.43 -9.49
C ASP X 187 23.65 52.00 -9.68
N GLY X 188 22.69 51.07 -9.72
CA GLY X 188 23.05 49.68 -9.93
C GLY X 188 22.99 48.78 -8.71
N ILE X 189 23.70 47.66 -8.80
CA ILE X 189 23.72 46.67 -7.73
C ILE X 189 25.03 46.73 -6.96
N ARG X 190 24.93 46.78 -5.63
CA ARG X 190 26.12 46.79 -4.78
C ARG X 190 25.84 45.93 -3.53
N GLN X 191 26.90 45.29 -3.03
CA GLN X 191 26.79 44.41 -1.86
C GLN X 191 27.33 45.01 -0.57
N VAL X 192 26.51 44.98 0.48
CA VAL X 192 26.88 45.51 1.79
C VAL X 192 27.79 44.55 2.53
N ASP X 193 29.08 44.53 2.17
CA ASP X 193 30.03 43.61 2.81
C ASP X 193 30.21 43.74 4.33
N ASP X 194 29.29 44.46 4.97
CA ASP X 194 29.34 44.65 6.42
C ASP X 194 27.98 44.52 7.10
N PHE X 195 27.54 43.27 7.27
CA PHE X 195 26.25 43.00 7.93
C PHE X 195 26.50 41.89 8.97
N GLN X 196 27.74 41.38 8.97
CA GLN X 196 28.16 40.33 9.90
C GLN X 196 28.25 40.93 11.31
N ALA X 197 28.23 42.26 11.37
CA ALA X 197 28.31 43.02 12.62
C ALA X 197 28.19 44.53 12.32
N GLN X 198 27.07 44.92 11.69
CA GLN X 198 26.83 46.32 11.35
C GLN X 198 26.02 47.03 12.45
N THR Y 1 32.97 5.23 2.20
CA THR Y 1 33.75 6.24 1.44
C THR Y 1 34.06 7.51 2.21
N THR Y 2 35.26 8.00 1.99
CA THR Y 2 35.73 9.24 2.59
C THR Y 2 36.68 9.82 1.57
N THR Y 3 36.41 11.04 1.17
CA THR Y 3 37.28 11.70 0.21
C THR Y 3 37.34 13.16 0.59
N LEU Y 4 38.53 13.74 0.46
CA LEU Y 4 38.70 15.14 0.78
C LEU Y 4 39.64 15.81 -0.19
N ALA Y 5 39.53 17.13 -0.25
CA ALA Y 5 40.37 17.93 -1.10
C ALA Y 5 40.41 19.32 -0.47
N PHE Y 6 41.57 19.94 -0.49
CA PHE Y 6 41.66 21.28 0.04
C PHE Y 6 42.78 22.07 -0.60
N ARG Y 7 42.55 23.37 -0.64
CA ARG Y 7 43.46 24.35 -1.22
C ARG Y 7 44.39 24.91 -0.15
N PHE Y 8 45.60 25.24 -0.56
CA PHE Y 8 46.58 25.85 0.34
C PHE Y 8 47.67 26.48 -0.53
N GLN Y 9 48.62 27.15 0.11
CA GLN Y 9 49.71 27.79 -0.61
C GLN Y 9 50.35 26.83 -1.64
N GLY Y 10 50.63 25.60 -1.22
CA GLY Y 10 51.26 24.63 -2.11
C GLY Y 10 50.39 24.07 -3.23
N GLY Y 11 49.14 24.50 -3.29
CA GLY Y 11 48.24 24.01 -4.33
C GLY Y 11 47.05 23.27 -3.73
N ILE Y 12 46.80 22.06 -4.24
CA ILE Y 12 45.69 21.27 -3.73
C ILE Y 12 46.14 19.90 -3.26
N ILE Y 13 45.59 19.46 -2.14
CA ILE Y 13 45.88 18.14 -1.60
C ILE Y 13 44.58 17.35 -1.76
N VAL Y 14 44.71 16.08 -2.14
CA VAL Y 14 43.56 15.22 -2.34
C VAL Y 14 43.81 13.84 -1.71
N ALA Y 15 42.99 13.47 -0.73
CA ALA Y 15 43.12 12.19 -0.06
C ALA Y 15 41.81 11.42 -0.11
N VAL Y 16 41.91 10.12 -0.36
CA VAL Y 16 40.75 9.26 -0.46
C VAL Y 16 41.09 7.91 0.14
N ASP Y 17 40.08 7.12 0.50
CA ASP Y 17 40.32 5.78 1.04
C ASP Y 17 40.14 4.84 -0.16
N SER Y 18 40.00 3.54 0.08
CA SER Y 18 39.83 2.63 -1.06
C SER Y 18 38.85 1.48 -0.85
N ARG Y 19 38.05 1.53 0.20
CA ARG Y 19 37.07 0.47 0.48
C ARG Y 19 35.79 0.62 -0.34
N ALA Y 20 35.25 -0.51 -0.78
CA ALA Y 20 34.02 -0.51 -1.56
C ALA Y 20 33.15 -1.63 -1.02
N THR Y 21 31.89 -1.31 -0.74
CA THR Y 21 30.98 -2.31 -0.21
C THR Y 21 29.69 -2.53 -1.00
N ALA Y 22 28.98 -3.54 -0.54
CA ALA Y 22 27.70 -3.96 -1.08
C ALA Y 22 27.04 -4.46 0.20
N GLY Y 23 26.22 -3.60 0.80
CA GLY Y 23 25.58 -3.96 2.03
C GLY Y 23 26.63 -3.93 3.13
N ASN Y 24 26.78 -5.04 3.84
CA ASN Y 24 27.78 -5.10 4.92
C ASN Y 24 28.94 -5.98 4.47
N TRP Y 25 29.08 -6.10 3.16
CA TRP Y 25 30.13 -6.89 2.55
C TRP Y 25 31.16 -5.96 1.96
N VAL Y 26 32.41 -6.16 2.37
CA VAL Y 26 33.51 -5.36 1.87
C VAL Y 26 33.91 -6.01 0.54
N ALA Y 27 33.44 -5.43 -0.55
CA ALA Y 27 33.70 -5.95 -1.88
C ALA Y 27 35.14 -5.78 -2.33
N SER Y 28 35.75 -4.65 -1.96
CA SER Y 28 37.12 -4.41 -2.35
C SER Y 28 37.79 -3.49 -1.35
N GLN Y 29 39.09 -3.69 -1.16
CA GLN Y 29 39.87 -2.88 -0.25
C GLN Y 29 40.83 -2.03 -1.06
N THR Y 30 40.81 -2.26 -2.38
CA THR Y 30 41.72 -1.59 -3.30
C THR Y 30 41.06 -0.88 -4.48
N VAL Y 31 40.10 -0.01 -4.21
CA VAL Y 31 39.43 0.71 -5.29
C VAL Y 31 40.06 2.08 -5.43
N LYS Y 32 40.41 2.45 -6.66
CA LYS Y 32 41.01 3.76 -6.90
C LYS Y 32 39.84 4.75 -6.93
N LYS Y 33 39.73 5.54 -5.86
CA LYS Y 33 38.65 6.51 -5.76
C LYS Y 33 39.05 7.88 -6.26
N VAL Y 34 40.13 7.92 -7.03
CA VAL Y 34 40.59 9.17 -7.62
C VAL Y 34 40.74 8.96 -9.10
N ILE Y 35 39.83 9.56 -9.86
CA ILE Y 35 39.87 9.42 -11.31
C ILE Y 35 40.82 10.48 -11.85
N GLU Y 36 41.80 10.03 -12.63
CA GLU Y 36 42.77 10.93 -13.22
C GLU Y 36 42.22 11.38 -14.57
N ILE Y 37 41.40 12.42 -14.54
CA ILE Y 37 40.78 12.98 -15.73
C ILE Y 37 41.86 13.23 -16.79
N ASN Y 38 43.00 13.74 -16.34
CA ASN Y 38 44.15 13.98 -17.20
C ASN Y 38 45.30 14.51 -16.34
N PRO Y 39 46.50 14.68 -16.93
CA PRO Y 39 47.69 15.17 -16.21
C PRO Y 39 47.51 16.42 -15.32
N PHE Y 40 46.42 17.17 -15.51
CA PHE Y 40 46.19 18.38 -14.73
C PHE Y 40 44.91 18.40 -13.89
N LEU Y 41 44.01 17.45 -14.16
CA LEU Y 41 42.75 17.40 -13.45
C LEU Y 41 42.48 16.11 -12.70
N LEU Y 42 41.94 16.25 -11.50
CA LEU Y 42 41.60 15.10 -10.67
C LEU Y 42 40.13 15.10 -10.25
N GLY Y 43 39.51 13.93 -10.27
CA GLY Y 43 38.13 13.82 -9.85
C GLY Y 43 38.02 12.74 -8.77
N THR Y 44 37.12 12.93 -7.81
CA THR Y 44 36.96 11.94 -6.75
C THR Y 44 35.70 11.10 -6.91
N MET Y 45 35.74 9.91 -6.32
CA MET Y 45 34.61 8.98 -6.40
C MET Y 45 33.85 8.80 -5.08
N ALA Y 46 32.58 9.20 -5.07
CA ALA Y 46 31.73 9.04 -3.90
C ALA Y 46 30.37 8.67 -4.47
N GLY Y 47 29.67 7.75 -3.83
CA GLY Y 47 28.38 7.33 -4.35
C GLY Y 47 28.59 6.12 -5.23
N GLY Y 48 28.02 6.14 -6.42
CA GLY Y 48 28.15 4.99 -7.31
C GLY Y 48 29.48 4.89 -8.00
N ALA Y 49 30.18 3.78 -7.78
CA ALA Y 49 31.49 3.58 -8.40
C ALA Y 49 31.42 3.77 -9.91
N ALA Y 50 30.58 2.98 -10.56
CA ALA Y 50 30.44 3.05 -11.99
C ALA Y 50 30.09 4.44 -12.46
N ASP Y 51 29.14 5.07 -11.79
CA ASP Y 51 28.73 6.42 -12.16
C ASP Y 51 29.87 7.43 -12.20
N CYS Y 52 30.65 7.48 -11.12
CA CYS Y 52 31.79 8.39 -11.04
C CYS Y 52 32.83 8.00 -12.07
N GLN Y 53 33.26 6.74 -12.00
CA GLN Y 53 34.24 6.21 -12.93
C GLN Y 53 33.87 6.51 -14.39
N PHE Y 54 32.78 5.89 -14.85
CA PHE Y 54 32.32 6.07 -16.22
C PHE Y 54 32.19 7.52 -16.65
N TRP Y 55 31.50 8.32 -15.84
CA TRP Y 55 31.27 9.70 -16.22
C TRP Y 55 32.45 10.62 -16.12
N GLU Y 56 33.33 10.37 -15.15
CA GLU Y 56 34.49 11.23 -15.05
C GLU Y 56 35.48 10.87 -16.16
N THR Y 57 35.53 9.59 -16.54
CA THR Y 57 36.39 9.15 -17.63
C THR Y 57 35.90 9.86 -18.88
N TRP Y 58 34.60 9.88 -19.06
CA TRP Y 58 34.00 10.55 -20.20
C TRP Y 58 34.34 12.05 -20.13
N LEU Y 59 34.41 12.58 -18.91
CA LEU Y 59 34.74 13.99 -18.74
C LEU Y 59 36.10 14.24 -19.38
N GLY Y 60 37.05 13.37 -19.08
CA GLY Y 60 38.39 13.50 -19.62
C GLY Y 60 38.42 13.57 -21.13
N SER Y 61 37.58 12.76 -21.76
CA SER Y 61 37.52 12.74 -23.21
C SER Y 61 37.00 14.08 -23.68
N GLN Y 62 36.09 14.68 -22.91
CA GLN Y 62 35.54 15.97 -23.29
C GLN Y 62 36.57 17.07 -23.13
N CYS Y 63 37.37 17.01 -22.07
CA CYS Y 63 38.41 17.99 -21.82
C CYS Y 63 39.45 17.97 -22.93
N ARG Y 64 39.82 16.77 -23.33
CA ARG Y 64 40.79 16.58 -24.41
C ARG Y 64 40.29 17.28 -25.69
N LEU Y 65 39.02 17.07 -26.02
CA LEU Y 65 38.41 17.69 -27.20
C LEU Y 65 38.47 19.20 -27.09
N HIS Y 66 38.28 19.72 -25.89
CA HIS Y 66 38.30 21.16 -25.67
C HIS Y 66 39.67 21.72 -26.02
N GLU Y 67 40.70 21.06 -25.52
CA GLU Y 67 42.07 21.48 -25.75
C GLU Y 67 42.45 21.33 -27.20
N LEU Y 68 42.07 20.21 -27.82
CA LEU Y 68 42.38 20.02 -29.23
C LEU Y 68 41.72 21.11 -30.05
N ARG Y 69 40.57 21.57 -29.60
CA ARG Y 69 39.77 22.58 -30.30
C ARG Y 69 40.19 24.02 -30.05
N GLU Y 70 40.39 24.35 -28.78
CA GLU Y 70 40.76 25.72 -28.40
C GLU Y 70 42.24 25.95 -28.24
N LYS Y 71 43.04 24.95 -28.61
CA LYS Y 71 44.50 25.04 -28.50
C LYS Y 71 44.88 25.71 -27.18
N GLU Y 72 44.18 25.34 -26.13
CA GLU Y 72 44.41 25.92 -24.81
C GLU Y 72 43.84 24.99 -23.75
N ARG Y 73 44.49 24.95 -22.60
CA ARG Y 73 44.09 24.09 -21.48
C ARG Y 73 42.71 24.45 -20.90
N ILE Y 74 41.89 23.45 -20.64
CA ILE Y 74 40.55 23.69 -20.09
C ILE Y 74 40.63 24.13 -18.62
N SER Y 75 39.76 25.06 -18.22
CA SER Y 75 39.75 25.53 -16.85
C SER Y 75 38.96 24.59 -15.95
N VAL Y 76 39.33 24.56 -14.66
CA VAL Y 76 38.63 23.69 -13.72
C VAL Y 76 37.17 24.08 -13.66
N ALA Y 77 36.88 25.35 -13.87
CA ALA Y 77 35.51 25.82 -13.84
C ALA Y 77 34.71 25.19 -14.97
N ALA Y 78 35.22 25.30 -16.19
CA ALA Y 78 34.54 24.73 -17.35
C ALA Y 78 34.47 23.20 -17.30
N ALA Y 79 35.58 22.57 -16.92
CA ALA Y 79 35.65 21.12 -16.84
C ALA Y 79 34.57 20.62 -15.89
N SER Y 80 34.47 21.25 -14.72
CA SER Y 80 33.49 20.84 -13.71
C SER Y 80 32.07 21.08 -14.20
N LYS Y 81 31.84 22.20 -14.88
CA LYS Y 81 30.50 22.49 -15.35
C LYS Y 81 30.05 21.49 -16.42
N ILE Y 82 31.00 21.00 -17.21
CA ILE Y 82 30.65 20.02 -18.22
C ILE Y 82 30.05 18.80 -17.54
N LEU Y 83 30.71 18.31 -16.51
CA LEU Y 83 30.22 17.15 -15.77
C LEU Y 83 28.87 17.51 -15.20
N SER Y 84 28.86 18.57 -14.39
CA SER Y 84 27.66 19.10 -13.76
C SER Y 84 26.41 19.12 -14.67
N ASN Y 85 26.53 19.75 -15.84
CA ASN Y 85 25.42 19.86 -16.78
C ASN Y 85 24.96 18.50 -17.33
N LEU Y 86 25.90 17.61 -17.56
CA LEU Y 86 25.61 16.27 -18.06
C LEU Y 86 24.75 15.58 -16.99
N VAL Y 87 25.30 15.49 -15.79
CA VAL Y 87 24.62 14.89 -14.66
C VAL Y 87 23.20 15.46 -14.48
N TYR Y 88 23.05 16.76 -14.69
CA TYR Y 88 21.76 17.40 -14.54
C TYR Y 88 20.73 16.88 -15.54
N GLN Y 89 21.17 16.56 -16.76
CA GLN Y 89 20.28 16.02 -17.79
C GLN Y 89 19.66 14.72 -17.31
N TYR Y 90 20.41 14.00 -16.47
CA TYR Y 90 19.97 12.73 -15.92
C TYR Y 90 19.33 12.87 -14.55
N LYS Y 91 18.99 14.09 -14.15
CA LYS Y 91 18.40 14.30 -12.83
C LYS Y 91 17.12 13.50 -12.68
N GLY Y 92 17.04 12.76 -11.58
CA GLY Y 92 15.86 11.94 -11.32
C GLY Y 92 15.99 10.51 -11.83
N ALA Y 93 16.77 10.31 -12.89
CA ALA Y 93 16.96 8.99 -13.46
C ALA Y 93 17.60 7.95 -12.52
N GLY Y 94 18.32 8.40 -11.49
CA GLY Y 94 18.93 7.44 -10.59
C GLY Y 94 20.44 7.56 -10.35
N LEU Y 95 21.16 8.27 -11.23
CA LEU Y 95 22.60 8.45 -11.06
C LEU Y 95 22.92 8.86 -9.63
N SER Y 96 23.97 8.28 -9.07
CA SER Y 96 24.36 8.61 -7.72
C SER Y 96 25.85 8.92 -7.68
N MET Y 97 26.20 10.19 -7.43
CA MET Y 97 27.61 10.53 -7.39
C MET Y 97 27.93 11.86 -6.75
N GLY Y 98 28.93 11.83 -5.87
CA GLY Y 98 29.42 13.02 -5.17
C GLY Y 98 30.87 13.09 -5.63
N THR Y 99 31.32 14.25 -6.07
CA THR Y 99 32.67 14.34 -6.59
C THR Y 99 33.32 15.70 -6.51
N MET Y 100 34.64 15.69 -6.44
CA MET Y 100 35.43 16.92 -6.41
C MET Y 100 36.23 16.96 -7.69
N ILE Y 101 36.13 18.06 -8.42
CA ILE Y 101 36.91 18.25 -9.63
C ILE Y 101 38.00 19.24 -9.20
N CYS Y 102 39.22 18.75 -9.14
CA CYS Y 102 40.36 19.54 -8.71
C CYS Y 102 41.38 19.80 -9.81
N GLY Y 103 41.84 21.04 -9.90
CA GLY Y 103 42.82 21.40 -10.91
C GLY Y 103 43.57 22.66 -10.53
N TYR Y 104 44.66 22.93 -11.23
CA TYR Y 104 45.47 24.11 -10.96
C TYR Y 104 45.77 24.76 -12.30
N THR Y 105 45.26 25.95 -12.54
CA THR Y 105 45.52 26.61 -13.81
C THR Y 105 45.97 28.04 -13.59
N ARG Y 106 46.50 28.63 -14.66
CA ARG Y 106 46.99 29.99 -14.61
C ARG Y 106 45.88 30.98 -14.33
N LYS Y 107 44.79 30.86 -15.08
CA LYS Y 107 43.63 31.73 -14.96
C LYS Y 107 42.95 31.65 -13.58
N GLU Y 108 42.95 30.47 -12.97
CA GLU Y 108 42.28 30.27 -11.68
C GLU Y 108 43.14 30.02 -10.45
N GLY Y 109 44.23 29.28 -10.62
CA GLY Y 109 45.09 28.97 -9.49
C GLY Y 109 44.64 27.63 -8.94
N PRO Y 110 44.73 27.39 -7.63
CA PRO Y 110 44.29 26.07 -7.15
C PRO Y 110 42.77 26.14 -7.07
N THR Y 111 42.08 25.23 -7.74
CA THR Y 111 40.62 25.24 -7.73
C THR Y 111 39.98 23.88 -7.48
N ILE Y 112 38.99 23.88 -6.60
CA ILE Y 112 38.25 22.70 -6.26
C ILE Y 112 36.76 22.97 -6.46
N TYR Y 113 36.11 22.06 -7.18
CA TYR Y 113 34.68 22.17 -7.44
C TYR Y 113 34.00 20.90 -6.95
N TYR Y 114 32.91 21.07 -6.22
CA TYR Y 114 32.13 19.94 -5.71
C TYR Y 114 30.97 19.80 -6.67
N VAL Y 115 30.74 18.60 -7.16
CA VAL Y 115 29.65 18.36 -8.08
C VAL Y 115 28.99 17.05 -7.69
N ASP Y 116 27.66 17.05 -7.61
CA ASP Y 116 26.96 15.81 -7.27
C ASP Y 116 25.81 15.58 -8.25
N SER Y 117 25.29 14.36 -8.24
CA SER Y 117 24.23 13.98 -9.16
C SER Y 117 22.93 14.73 -8.98
N ASP Y 118 22.86 15.61 -7.98
CA ASP Y 118 21.66 16.42 -7.76
C ASP Y 118 21.68 17.60 -8.72
N GLY Y 119 22.87 17.97 -9.17
CA GLY Y 119 23.03 19.09 -10.07
C GLY Y 119 23.82 20.19 -9.38
N THR Y 120 24.15 19.95 -8.11
CA THR Y 120 24.90 20.90 -7.34
C THR Y 120 26.35 21.01 -7.79
N ARG Y 121 26.81 22.26 -7.93
CA ARG Y 121 28.17 22.58 -8.33
C ARG Y 121 28.61 23.74 -7.42
N LEU Y 122 29.60 23.47 -6.57
CA LEU Y 122 30.10 24.46 -5.63
C LEU Y 122 31.61 24.63 -5.68
N LYS Y 123 32.04 25.88 -5.64
CA LYS Y 123 33.47 26.16 -5.62
C LYS Y 123 33.83 26.27 -4.13
N GLY Y 124 34.92 25.65 -3.70
CA GLY Y 124 35.25 25.75 -2.29
C GLY Y 124 36.73 25.57 -1.96
N ASP Y 125 37.05 25.68 -0.68
CA ASP Y 125 38.42 25.55 -0.21
C ASP Y 125 38.66 24.18 0.42
N ILE Y 126 37.73 23.71 1.23
CA ILE Y 126 37.87 22.40 1.87
C ILE Y 126 36.60 21.59 1.59
N PHE Y 127 36.75 20.33 1.17
CA PHE Y 127 35.59 19.50 0.87
C PHE Y 127 35.78 18.07 1.29
N CYS Y 128 34.76 17.49 1.91
CA CYS Y 128 34.78 16.09 2.31
C CYS Y 128 33.48 15.46 1.85
N VAL Y 129 33.59 14.33 1.18
CA VAL Y 129 32.42 13.65 0.67
C VAL Y 129 32.49 12.18 0.96
N GLY Y 130 31.37 11.61 1.39
CA GLY Y 130 31.37 10.19 1.68
C GLY Y 130 30.80 9.91 3.06
N SER Y 131 30.53 8.63 3.32
CA SER Y 131 29.97 8.22 4.59
C SER Y 131 30.90 8.48 5.75
N GLY Y 132 32.10 8.97 5.46
CA GLY Y 132 33.04 9.27 6.54
C GLY Y 132 33.38 10.76 6.59
N GLN Y 133 32.77 11.55 5.72
CA GLN Y 133 33.03 12.97 5.65
C GLN Y 133 33.06 13.74 6.97
N THR Y 134 32.16 13.42 7.89
CA THR Y 134 32.14 14.13 9.17
C THR Y 134 33.39 13.86 10.00
N PHE Y 135 33.94 12.65 9.91
CA PHE Y 135 35.12 12.30 10.66
C PHE Y 135 36.30 13.10 10.13
N ALA Y 136 36.44 13.11 8.81
CA ALA Y 136 37.51 13.85 8.15
C ALA Y 136 37.43 15.34 8.49
N TYR Y 137 36.25 15.93 8.33
CA TYR Y 137 36.07 17.34 8.64
C TYR Y 137 36.58 17.69 10.03
N GLY Y 138 36.45 16.77 10.98
CA GLY Y 138 36.92 17.04 12.33
C GLY Y 138 38.41 17.36 12.33
N VAL Y 139 39.20 16.37 11.93
CA VAL Y 139 40.65 16.47 11.83
C VAL Y 139 41.07 17.68 10.96
N LEU Y 140 40.43 17.81 9.81
CA LEU Y 140 40.74 18.89 8.87
C LEU Y 140 40.43 20.30 9.35
N ASP Y 141 39.26 20.51 9.95
CA ASP Y 141 38.89 21.85 10.40
C ASP Y 141 39.74 22.44 11.50
N SER Y 142 40.31 21.60 12.36
CA SER Y 142 41.13 22.09 13.46
C SER Y 142 42.63 22.21 13.18
N ASN Y 143 43.08 21.71 12.04
CA ASN Y 143 44.50 21.79 11.73
C ASN Y 143 44.80 22.41 10.38
N TYR Y 144 43.83 23.08 9.80
CA TYR Y 144 44.07 23.67 8.50
C TYR Y 144 44.45 25.15 8.53
N LYS Y 145 45.59 25.44 7.90
CA LYS Y 145 46.13 26.79 7.76
C LYS Y 145 46.53 26.88 6.29
N TRP Y 146 46.33 28.04 5.66
CA TRP Y 146 46.69 28.21 4.25
C TRP Y 146 48.20 28.09 4.01
N ASP Y 147 48.97 28.24 5.08
CA ASP Y 147 50.44 28.19 5.03
C ASP Y 147 51.01 26.86 5.44
N LEU Y 148 50.42 25.76 4.99
CA LEU Y 148 50.95 24.46 5.34
C LEU Y 148 52.01 24.04 4.33
N SER Y 149 53.09 23.46 4.82
CA SER Y 149 54.13 23.00 3.91
C SER Y 149 53.55 21.83 3.15
N VAL Y 150 53.88 21.71 1.87
CA VAL Y 150 53.38 20.60 1.07
C VAL Y 150 53.54 19.28 1.82
N GLU Y 151 54.52 19.23 2.71
CA GLU Y 151 54.80 18.04 3.50
C GLU Y 151 53.73 17.89 4.59
N ASP Y 152 53.51 18.96 5.35
CA ASP Y 152 52.51 18.98 6.42
C ASP Y 152 51.12 18.75 5.84
N ALA Y 153 50.81 19.52 4.80
CA ALA Y 153 49.53 19.43 4.12
C ALA Y 153 49.26 17.97 3.77
N LEU Y 154 50.20 17.35 3.06
CA LEU Y 154 50.06 15.96 2.68
C LEU Y 154 49.73 15.06 3.86
N TYR Y 155 50.36 15.32 5.00
CA TYR Y 155 50.10 14.51 6.17
C TYR Y 155 48.68 14.76 6.67
N LEU Y 156 48.35 16.03 6.89
CA LEU Y 156 47.02 16.41 7.37
C LEU Y 156 45.91 15.64 6.66
N GLY Y 157 45.98 15.59 5.34
CA GLY Y 157 44.98 14.87 4.58
C GLY Y 157 45.01 13.40 4.96
N LYS Y 158 46.17 12.78 4.78
CA LYS Y 158 46.38 11.37 5.10
C LYS Y 158 45.79 11.07 6.50
N ARG Y 159 46.11 11.92 7.46
CA ARG Y 159 45.63 11.74 8.82
C ARG Y 159 44.10 11.79 8.90
N SER Y 160 43.50 12.75 8.19
CA SER Y 160 42.04 12.89 8.18
C SER Y 160 41.33 11.64 7.67
N ILE Y 161 41.78 11.13 6.53
CA ILE Y 161 41.20 9.92 5.96
C ILE Y 161 41.34 8.81 7.00
N LEU Y 162 42.45 8.82 7.75
CA LEU Y 162 42.69 7.80 8.76
C LEU Y 162 41.61 7.90 9.83
N ALA Y 163 41.36 9.12 10.31
CA ALA Y 163 40.34 9.35 11.33
C ALA Y 163 39.05 8.66 10.90
N ALA Y 164 38.61 8.97 9.69
CA ALA Y 164 37.39 8.40 9.12
C ALA Y 164 37.48 6.87 9.01
N ALA Y 165 38.50 6.34 8.35
CA ALA Y 165 38.64 4.89 8.20
C ALA Y 165 38.50 4.17 9.53
N HIS Y 166 38.92 4.83 10.62
CA HIS Y 166 38.83 4.22 11.93
C HIS Y 166 37.40 4.10 12.48
N ARG Y 167 36.64 5.18 12.43
CA ARG Y 167 35.27 5.20 12.93
C ARG Y 167 34.24 4.66 11.92
N ASP Y 168 34.31 5.15 10.69
CA ASP Y 168 33.37 4.73 9.65
C ASP Y 168 33.62 3.29 9.22
N ALA Y 169 32.56 2.48 9.29
CA ALA Y 169 32.67 1.08 8.92
C ALA Y 169 32.76 0.90 7.43
N TYR Y 170 32.19 1.83 6.68
CA TYR Y 170 32.21 1.73 5.23
C TYR Y 170 33.48 2.31 4.63
N SER Y 171 34.39 2.77 5.48
CA SER Y 171 35.65 3.34 5.01
C SER Y 171 36.86 2.59 5.57
N GLY Y 172 37.89 2.48 4.73
CA GLY Y 172 39.10 1.79 5.11
C GLY Y 172 39.93 1.36 3.92
N GLY Y 173 40.68 0.26 4.08
CA GLY Y 173 41.53 -0.22 3.02
C GLY Y 173 42.88 0.48 3.05
N SER Y 174 43.08 1.44 2.15
CA SER Y 174 44.33 2.18 2.09
C SER Y 174 44.08 3.63 1.70
N VAL Y 175 45.02 4.50 2.01
CA VAL Y 175 44.89 5.91 1.67
C VAL Y 175 45.67 6.26 0.42
N ASN Y 176 45.06 7.03 -0.49
CA ASN Y 176 45.76 7.44 -1.70
C ASN Y 176 45.88 8.95 -1.67
N LEU Y 177 47.11 9.43 -1.82
CA LEU Y 177 47.40 10.84 -1.78
C LEU Y 177 47.76 11.46 -3.12
N TYR Y 178 47.47 12.74 -3.26
CA TYR Y 178 47.78 13.45 -4.49
C TYR Y 178 48.09 14.90 -4.17
N HIS Y 179 49.02 15.47 -4.94
CA HIS Y 179 49.36 16.88 -4.80
C HIS Y 179 49.14 17.52 -6.15
N VAL Y 180 48.33 18.57 -6.18
CA VAL Y 180 48.06 19.24 -7.44
C VAL Y 180 48.77 20.59 -7.54
N THR Y 181 49.62 20.70 -8.55
CA THR Y 181 50.39 21.90 -8.85
C THR Y 181 50.07 22.31 -10.28
N GLU Y 182 50.29 23.58 -10.59
CA GLU Y 182 50.03 24.10 -11.92
C GLU Y 182 50.66 23.26 -13.04
N ASP Y 183 51.73 22.54 -12.70
CA ASP Y 183 52.41 21.69 -13.71
C ASP Y 183 51.76 20.33 -13.82
N GLY Y 184 50.83 20.04 -12.92
CA GLY Y 184 50.14 18.76 -12.93
C GLY Y 184 50.05 18.19 -11.53
N TRP Y 185 49.56 16.97 -11.42
CA TRP Y 185 49.45 16.35 -10.11
C TRP Y 185 50.56 15.36 -9.90
N ILE Y 186 50.92 15.20 -8.62
CA ILE Y 186 51.99 14.29 -8.24
C ILE Y 186 51.42 13.26 -7.30
N TYR Y 187 51.37 12.00 -7.75
CA TYR Y 187 50.85 10.95 -6.88
C TYR Y 187 51.82 10.82 -5.73
N HIS Y 188 51.29 10.67 -4.51
CA HIS Y 188 52.13 10.52 -3.35
C HIS Y 188 51.88 9.24 -2.59
N GLY Y 189 51.63 8.19 -3.37
CA GLY Y 189 51.46 6.85 -2.81
C GLY Y 189 50.20 6.34 -2.15
N ASN Y 190 50.15 5.02 -2.09
CA ASN Y 190 49.06 4.26 -1.49
C ASN Y 190 49.59 3.87 -0.10
N HIS Y 191 48.77 4.05 0.93
CA HIS Y 191 49.21 3.72 2.28
C HIS Y 191 48.21 2.84 2.99
N ASP Y 192 48.53 1.57 3.17
CA ASP Y 192 47.62 0.66 3.87
C ASP Y 192 47.26 1.26 5.22
N VAL Y 193 45.97 1.25 5.54
CA VAL Y 193 45.49 1.81 6.80
C VAL Y 193 45.85 0.92 7.97
N GLY Y 194 45.91 -0.38 7.70
CA GLY Y 194 46.27 -1.31 8.73
C GLY Y 194 47.58 -0.87 9.37
N GLU Y 195 48.63 -0.81 8.55
CA GLU Y 195 49.95 -0.38 9.01
C GLU Y 195 49.96 1.09 9.41
N LEU Y 196 49.42 1.95 8.54
CA LEU Y 196 49.39 3.38 8.82
C LEU Y 196 48.82 3.74 10.19
N PHE Y 197 47.83 2.96 10.64
CA PHE Y 197 47.21 3.19 11.94
C PHE Y 197 48.20 3.10 13.09
N TRP Y 198 48.78 1.91 13.25
CA TRP Y 198 49.74 1.65 14.31
C TRP Y 198 50.91 2.64 14.30
N LYS Y 199 51.44 2.91 13.11
CA LYS Y 199 52.55 3.85 12.98
C LYS Y 199 52.08 5.17 13.61
N VAL Y 200 51.05 5.78 13.03
CA VAL Y 200 50.51 7.02 13.56
C VAL Y 200 50.22 6.96 15.05
N LYS Y 201 49.61 5.88 15.50
CA LYS Y 201 49.27 5.77 16.92
C LYS Y 201 50.49 5.95 17.80
N GLU Y 202 51.51 5.14 17.55
CA GLU Y 202 52.74 5.20 18.32
C GLU Y 202 53.46 6.53 18.16
N GLU Y 203 53.78 6.90 16.93
CA GLU Y 203 54.50 8.12 16.65
C GLU Y 203 53.78 9.43 16.99
N GLU Y 204 52.47 9.38 17.16
CA GLU Y 204 51.68 10.58 17.45
C GLU Y 204 51.05 10.60 18.84
N GLY Y 205 50.77 9.41 19.38
CA GLY Y 205 50.18 9.32 20.71
C GLY Y 205 48.65 9.23 20.73
N SER Y 206 48.04 9.58 19.60
CA SER Y 206 46.59 9.56 19.44
C SER Y 206 46.07 8.13 19.38
N PHE Y 207 44.74 7.98 19.26
CA PHE Y 207 44.11 6.66 19.24
C PHE Y 207 44.56 5.97 20.50
N ASN Y 208 44.61 6.76 21.57
CA ASN Y 208 45.04 6.25 22.86
C ASN Y 208 44.14 5.11 23.33
N ASN Y 209 42.84 5.29 23.12
CA ASN Y 209 41.85 4.31 23.54
C ASN Y 209 42.12 2.90 23.01
N VAL Y 210 42.43 2.79 21.71
CA VAL Y 210 42.71 1.48 21.11
C VAL Y 210 43.87 0.82 21.85
N ILE Y 211 43.78 -0.49 22.05
CA ILE Y 211 44.83 -1.22 22.74
C ILE Y 211 45.78 -1.85 21.73
N GLY Y 212 47.08 -1.65 21.95
CA GLY Y 212 48.06 -2.21 21.05
C GLY Y 212 49.51 -1.93 21.44
N GLN Z 1 3.02 -9.32 -10.74
CA GLN Z 1 3.63 -8.62 -11.90
C GLN Z 1 4.83 -9.41 -12.47
N PHE Z 2 5.24 -9.09 -13.70
CA PHE Z 2 6.37 -9.78 -14.33
C PHE Z 2 7.75 -9.29 -13.89
N ASN Z 3 8.56 -10.23 -13.42
CA ASN Z 3 9.92 -9.95 -12.99
C ASN Z 3 10.90 -10.41 -14.07
N PRO Z 4 11.61 -9.45 -14.71
CA PRO Z 4 12.55 -9.76 -15.78
C PRO Z 4 13.87 -10.40 -15.35
N TYR Z 5 14.05 -10.56 -14.04
CA TYR Z 5 15.29 -11.13 -13.53
C TYR Z 5 15.13 -12.46 -12.80
N GLY Z 6 16.21 -13.23 -12.76
CA GLY Z 6 16.24 -14.51 -12.08
C GLY Z 6 17.66 -14.74 -11.58
N ASP Z 7 17.84 -15.76 -10.75
CA ASP Z 7 19.16 -16.08 -10.21
C ASP Z 7 19.50 -17.55 -10.45
N ASN Z 8 20.50 -17.82 -11.30
CA ASN Z 8 20.87 -19.19 -11.62
C ASN Z 8 22.07 -19.72 -10.85
N GLY Z 9 22.41 -19.02 -9.76
CA GLY Z 9 23.52 -19.43 -8.90
C GLY Z 9 24.88 -19.58 -9.56
N GLY Z 10 25.69 -20.47 -8.99
CA GLY Z 10 27.03 -20.68 -9.53
C GLY Z 10 28.03 -19.70 -8.95
N THR Z 11 29.30 -20.03 -9.07
CA THR Z 11 30.35 -19.16 -8.55
C THR Z 11 31.53 -19.22 -9.52
N ILE Z 12 32.32 -18.17 -9.54
CA ILE Z 12 33.47 -18.13 -10.43
C ILE Z 12 34.67 -17.54 -9.70
N LEU Z 13 35.85 -17.97 -10.11
CA LEU Z 13 37.07 -17.54 -9.47
C LEU Z 13 38.13 -17.12 -10.47
N GLY Z 14 38.91 -16.10 -10.12
CA GLY Z 14 39.93 -15.65 -11.04
C GLY Z 14 41.21 -15.29 -10.33
N ILE Z 15 42.29 -15.99 -10.67
CA ILE Z 15 43.58 -15.70 -10.05
C ILE Z 15 44.59 -15.45 -11.14
N ALA Z 16 45.44 -14.45 -10.90
CA ALA Z 16 46.45 -14.06 -11.87
C ALA Z 16 47.84 -14.49 -11.41
N GLY Z 17 48.51 -15.30 -12.22
CA GLY Z 17 49.85 -15.73 -11.88
C GLY Z 17 50.85 -14.76 -12.51
N GLU Z 18 52.14 -14.88 -12.17
CA GLU Z 18 53.14 -13.97 -12.74
C GLU Z 18 53.19 -13.95 -14.27
N ASP Z 19 52.87 -15.08 -14.90
CA ASP Z 19 52.89 -15.14 -16.37
C ASP Z 19 51.77 -16.03 -16.88
N PHE Z 20 50.72 -16.15 -16.07
CA PHE Z 20 49.55 -16.96 -16.43
C PHE Z 20 48.36 -16.42 -15.65
N ALA Z 21 47.19 -17.00 -15.90
CA ALA Z 21 45.98 -16.57 -15.25
C ALA Z 21 44.96 -17.68 -15.35
N VAL Z 22 44.13 -17.80 -14.31
CA VAL Z 22 43.08 -18.81 -14.31
C VAL Z 22 41.73 -18.18 -14.00
N LEU Z 23 40.68 -18.75 -14.59
CA LEU Z 23 39.32 -18.28 -14.38
C LEU Z 23 38.48 -19.53 -14.28
N ALA Z 24 38.16 -19.92 -13.05
CA ALA Z 24 37.38 -21.12 -12.81
C ALA Z 24 35.95 -20.82 -12.41
N GLY Z 25 35.10 -21.84 -12.48
CA GLY Z 25 33.72 -21.68 -12.09
C GLY Z 25 33.04 -23.03 -12.11
N ASP Z 26 32.22 -23.33 -11.11
CA ASP Z 26 31.53 -24.61 -11.07
C ASP Z 26 30.69 -24.74 -12.34
N THR Z 27 30.01 -25.87 -12.51
CA THR Z 27 29.24 -26.06 -13.72
C THR Z 27 27.80 -26.39 -13.44
N ARG Z 28 27.34 -26.03 -12.26
CA ARG Z 28 25.96 -26.29 -11.88
C ARG Z 28 25.10 -25.05 -12.18
N ASN Z 29 23.91 -25.29 -12.74
CA ASN Z 29 22.97 -24.20 -13.06
C ASN Z 29 21.68 -24.53 -12.32
N ILE Z 30 21.24 -23.60 -11.47
CA ILE Z 30 20.02 -23.82 -10.68
C ILE Z 30 18.91 -22.80 -10.84
N THR Z 31 17.83 -23.08 -10.12
CA THR Z 31 16.63 -22.24 -10.06
C THR Z 31 16.00 -22.61 -8.73
N ASP Z 32 16.16 -21.73 -7.75
CA ASP Z 32 15.60 -21.96 -6.43
C ASP Z 32 16.18 -23.23 -5.83
N TYR Z 33 15.35 -24.24 -5.62
CA TYR Z 33 15.79 -25.48 -5.01
C TYR Z 33 16.07 -26.58 -6.01
N SER Z 34 15.84 -26.29 -7.28
CA SER Z 34 16.05 -27.29 -8.31
C SER Z 34 17.34 -27.10 -9.06
N ILE Z 35 17.81 -28.18 -9.68
CA ILE Z 35 19.02 -28.15 -10.49
C ILE Z 35 18.56 -28.28 -11.92
N ASN Z 36 19.02 -27.37 -12.78
CA ASN Z 36 18.62 -27.40 -14.17
C ASN Z 36 19.60 -28.18 -14.99
N SER Z 37 20.85 -28.19 -14.54
CA SER Z 37 21.90 -28.90 -15.23
C SER Z 37 23.09 -29.05 -14.32
N ARG Z 38 23.75 -30.21 -14.39
CA ARG Z 38 24.93 -30.47 -13.58
C ARG Z 38 26.16 -30.08 -14.38
N TYR Z 39 25.93 -29.76 -15.65
CA TYR Z 39 27.03 -29.33 -16.53
C TYR Z 39 26.59 -28.27 -17.56
N GLU Z 40 26.82 -27.01 -17.21
CA GLU Z 40 26.51 -25.89 -18.08
C GLU Z 40 27.69 -24.94 -18.01
N PRO Z 41 28.59 -25.02 -19.01
CA PRO Z 41 29.78 -24.18 -19.10
C PRO Z 41 29.47 -22.71 -18.81
N LYS Z 42 30.21 -22.13 -17.88
CA LYS Z 42 30.02 -20.76 -17.47
C LYS Z 42 31.21 -19.83 -17.77
N VAL Z 43 32.34 -20.42 -18.15
CA VAL Z 43 33.56 -19.68 -18.48
C VAL Z 43 33.86 -19.90 -19.97
N PHE Z 44 34.25 -18.83 -20.68
CA PHE Z 44 34.50 -18.94 -22.11
C PHE Z 44 35.82 -18.37 -22.64
N ASP Z 45 36.15 -18.82 -23.84
CA ASP Z 45 37.33 -18.38 -24.56
C ASP Z 45 36.75 -17.46 -25.65
N CYS Z 46 37.15 -16.19 -25.63
CA CYS Z 46 36.62 -15.23 -26.58
C CYS Z 46 37.58 -14.81 -27.68
N GLY Z 47 38.78 -15.39 -27.69
CA GLY Z 47 39.76 -15.05 -28.70
C GLY Z 47 40.76 -14.07 -28.10
N ASP Z 48 41.83 -13.79 -28.83
CA ASP Z 48 42.85 -12.86 -28.36
C ASP Z 48 43.32 -13.20 -26.94
N ASN Z 49 43.25 -14.48 -26.62
CA ASN Z 49 43.67 -14.98 -25.33
C ASN Z 49 42.93 -14.33 -24.17
N ILE Z 50 41.60 -14.33 -24.25
CA ILE Z 50 40.80 -13.77 -23.18
C ILE Z 50 39.69 -14.70 -22.77
N VAL Z 51 39.62 -14.97 -21.48
CA VAL Z 51 38.59 -15.82 -20.92
C VAL Z 51 37.70 -14.88 -20.13
N MET Z 52 36.41 -15.16 -20.15
CA MET Z 52 35.44 -14.31 -19.46
C MET Z 52 34.29 -15.12 -18.87
N SER Z 53 33.70 -14.59 -17.80
CA SER Z 53 32.57 -15.23 -17.18
C SER Z 53 31.65 -14.18 -16.57
N ALA Z 54 30.36 -14.24 -16.90
CA ALA Z 54 29.34 -13.33 -16.38
C ALA Z 54 28.41 -14.14 -15.49
N ASN Z 55 28.65 -14.11 -14.19
CA ASN Z 55 27.83 -14.89 -13.29
C ASN Z 55 26.68 -14.12 -12.64
N GLY Z 56 25.55 -14.81 -12.46
CA GLY Z 56 24.39 -14.20 -11.86
C GLY Z 56 23.10 -14.68 -12.50
N PHE Z 57 22.50 -13.84 -13.34
CA PHE Z 57 21.28 -14.19 -14.03
C PHE Z 57 21.70 -14.68 -15.41
N ALA Z 58 21.65 -15.99 -15.59
CA ALA Z 58 22.04 -16.67 -16.83
C ALA Z 58 21.76 -15.91 -18.12
N ALA Z 59 20.48 -15.72 -18.43
CA ALA Z 59 20.09 -15.02 -19.66
C ALA Z 59 20.91 -13.75 -19.89
N ASP Z 60 21.14 -12.99 -18.83
CA ASP Z 60 21.90 -11.76 -18.94
C ASP Z 60 23.36 -12.09 -19.18
N GLY Z 61 23.92 -13.02 -18.40
CA GLY Z 61 25.31 -13.41 -18.56
C GLY Z 61 25.64 -13.84 -19.97
N ASP Z 62 24.80 -14.70 -20.55
CA ASP Z 62 25.02 -15.18 -21.91
C ASP Z 62 24.96 -14.07 -22.94
N ALA Z 63 23.95 -13.22 -22.82
CA ALA Z 63 23.79 -12.11 -23.73
C ALA Z 63 25.02 -11.23 -23.69
N LEU Z 64 25.55 -10.98 -22.49
CA LEU Z 64 26.74 -10.14 -22.35
C LEU Z 64 27.92 -10.81 -23.07
N VAL Z 65 28.22 -12.05 -22.69
CA VAL Z 65 29.32 -12.79 -23.30
C VAL Z 65 29.21 -12.72 -24.83
N LYS Z 66 28.07 -13.17 -25.33
CA LYS Z 66 27.78 -13.17 -26.76
C LYS Z 66 28.07 -11.81 -27.38
N ARG Z 67 27.65 -10.75 -26.68
CA ARG Z 67 27.86 -9.41 -27.17
C ARG Z 67 29.35 -9.09 -27.15
N PHE Z 68 30.03 -9.40 -26.05
CA PHE Z 68 31.46 -9.13 -25.98
C PHE Z 68 32.23 -9.86 -27.08
N LYS Z 69 31.98 -11.15 -27.24
CA LYS Z 69 32.64 -11.97 -28.25
C LYS Z 69 32.49 -11.33 -29.63
N ASN Z 70 31.26 -10.96 -29.95
CA ASN Z 70 30.96 -10.35 -31.23
C ASN Z 70 31.64 -8.99 -31.31
N SER Z 71 31.97 -8.42 -30.15
CA SER Z 71 32.65 -7.15 -30.11
C SER Z 71 34.08 -7.33 -30.56
N VAL Z 72 34.70 -8.41 -30.09
CA VAL Z 72 36.07 -8.77 -30.44
C VAL Z 72 36.17 -8.91 -31.97
N LYS Z 73 35.25 -9.71 -32.51
CA LYS Z 73 35.18 -9.94 -33.94
C LYS Z 73 35.26 -8.63 -34.73
N TRP Z 74 34.41 -7.67 -34.39
CA TRP Z 74 34.43 -6.41 -35.11
C TRP Z 74 35.67 -5.58 -34.82
N TYR Z 75 36.30 -5.80 -33.67
CA TYR Z 75 37.50 -5.06 -33.37
C TYR Z 75 38.53 -5.44 -34.41
N HIS Z 76 38.51 -6.72 -34.79
CA HIS Z 76 39.42 -7.22 -35.81
C HIS Z 76 39.04 -6.66 -37.18
N PHE Z 77 37.75 -6.73 -37.50
CA PHE Z 77 37.27 -6.21 -38.77
C PHE Z 77 37.63 -4.75 -38.98
N ASP Z 78 37.52 -3.94 -37.93
CA ASP Z 78 37.79 -2.52 -38.06
C ASP Z 78 39.23 -2.05 -37.93
N HIS Z 79 40.06 -2.81 -37.22
CA HIS Z 79 41.44 -2.37 -37.06
C HIS Z 79 42.49 -3.33 -37.59
N ASN Z 80 42.23 -3.88 -38.77
CA ASN Z 80 43.15 -4.81 -39.38
C ASN Z 80 43.63 -5.83 -38.35
N ASP Z 81 42.78 -6.81 -38.09
CA ASP Z 81 43.08 -7.88 -37.14
C ASP Z 81 44.01 -7.61 -35.97
N LYS Z 82 44.02 -6.38 -35.44
CA LYS Z 82 44.86 -6.05 -34.29
C LYS Z 82 44.41 -6.91 -33.11
N LYS Z 83 45.30 -7.15 -32.15
CA LYS Z 83 44.93 -7.95 -31.00
C LYS Z 83 44.30 -7.06 -29.93
N LEU Z 84 43.20 -7.52 -29.37
CA LEU Z 84 42.50 -6.78 -28.34
C LEU Z 84 43.24 -7.04 -27.03
N SER Z 85 44.00 -6.06 -26.57
CA SER Z 85 44.71 -6.21 -25.32
C SER Z 85 43.68 -6.40 -24.22
N ILE Z 86 44.06 -7.09 -23.14
CA ILE Z 86 43.11 -7.34 -22.06
C ILE Z 86 42.58 -6.04 -21.44
N ASN Z 87 43.42 -5.02 -21.33
CA ASN Z 87 43.00 -3.75 -20.74
C ASN Z 87 41.94 -3.06 -21.61
N SER Z 88 42.03 -3.28 -22.92
CA SER Z 88 41.07 -2.70 -23.85
C SER Z 88 39.76 -3.45 -23.77
N ALA Z 89 39.83 -4.76 -23.66
CA ALA Z 89 38.62 -5.56 -23.54
C ALA Z 89 37.88 -5.08 -22.28
N ALA Z 90 38.61 -4.92 -21.18
CA ALA Z 90 38.03 -4.44 -19.92
C ALA Z 90 37.25 -3.16 -20.15
N ARG Z 91 37.91 -2.14 -20.67
CA ARG Z 91 37.26 -0.85 -20.93
C ARG Z 91 36.05 -0.99 -21.85
N ASN Z 92 36.20 -1.82 -22.87
CA ASN Z 92 35.13 -2.05 -23.82
C ASN Z 92 33.93 -2.64 -23.08
N ILE Z 93 34.19 -3.67 -22.27
CA ILE Z 93 33.15 -4.31 -21.50
C ILE Z 93 32.41 -3.31 -20.60
N GLN Z 94 33.14 -2.37 -20.02
CA GLN Z 94 32.51 -1.36 -19.17
C GLN Z 94 31.43 -0.64 -19.95
N HIS Z 95 31.76 -0.25 -21.18
CA HIS Z 95 30.79 0.43 -22.00
C HIS Z 95 29.61 -0.46 -22.32
N LEU Z 96 29.87 -1.75 -22.49
CA LEU Z 96 28.80 -2.70 -22.77
C LEU Z 96 27.86 -2.72 -21.58
N LEU Z 97 28.43 -2.85 -20.40
CA LEU Z 97 27.63 -2.90 -19.20
C LEU Z 97 26.89 -1.59 -18.93
N TYR Z 98 27.63 -0.49 -18.82
CA TYR Z 98 27.01 0.80 -18.55
C TYR Z 98 25.96 1.21 -19.58
N GLY Z 99 26.00 0.56 -20.73
CA GLY Z 99 25.01 0.86 -21.76
C GLY Z 99 23.60 0.52 -21.28
N LYS Z 100 23.50 -0.35 -20.29
CA LYS Z 100 22.22 -0.76 -19.73
C LYS Z 100 22.19 -0.34 -18.28
N ARG Z 101 22.74 0.85 -18.02
CA ARG Z 101 22.82 1.40 -16.67
C ARG Z 101 21.47 1.48 -16.00
N PHE Z 102 20.41 1.65 -16.80
CA PHE Z 102 19.07 1.75 -16.24
C PHE Z 102 18.14 0.57 -16.52
N PHE Z 103 18.74 -0.63 -16.58
CA PHE Z 103 18.08 -1.93 -16.80
C PHE Z 103 19.28 -2.86 -16.95
N PRO Z 104 20.09 -2.94 -15.88
CA PRO Z 104 21.31 -3.72 -15.73
C PRO Z 104 21.32 -5.17 -16.13
N TYR Z 105 22.53 -5.64 -16.39
CA TYR Z 105 22.82 -7.02 -16.70
C TYR Z 105 23.05 -7.54 -15.27
N TYR Z 106 22.10 -8.29 -14.76
CA TYR Z 106 22.21 -8.78 -13.40
C TYR Z 106 23.34 -9.80 -13.22
N VAL Z 107 24.58 -9.40 -13.50
CA VAL Z 107 25.70 -10.31 -13.37
C VAL Z 107 27.01 -9.72 -12.87
N HIS Z 108 27.77 -10.51 -12.13
CA HIS Z 108 29.07 -10.08 -11.68
C HIS Z 108 29.96 -10.69 -12.75
N THR Z 109 30.72 -9.86 -13.47
CA THR Z 109 31.54 -10.43 -14.54
C THR Z 109 33.06 -10.25 -14.36
N ILE Z 110 33.80 -11.31 -14.69
CA ILE Z 110 35.26 -11.35 -14.57
C ILE Z 110 35.93 -11.88 -15.84
N ILE Z 111 37.05 -11.27 -16.22
CA ILE Z 111 37.82 -11.74 -17.37
C ILE Z 111 39.27 -11.90 -16.95
N ALA Z 112 39.98 -12.82 -17.60
CA ALA Z 112 41.38 -13.10 -17.32
C ALA Z 112 42.18 -13.28 -18.61
N GLY Z 113 43.47 -13.04 -18.51
CA GLY Z 113 44.36 -13.18 -19.64
C GLY Z 113 45.75 -12.68 -19.27
N LEU Z 114 46.49 -12.22 -20.28
CA LEU Z 114 47.85 -11.71 -20.04
C LEU Z 114 47.84 -10.27 -20.49
N ASP Z 115 48.47 -9.39 -19.73
CA ASP Z 115 48.51 -7.99 -20.13
C ASP Z 115 49.55 -7.87 -21.25
N GLU Z 116 49.94 -6.64 -21.57
CA GLU Z 116 50.91 -6.43 -22.64
C GLU Z 116 52.38 -6.75 -22.34
N ASP Z 117 52.71 -6.94 -21.07
CA ASP Z 117 54.07 -7.28 -20.68
C ASP Z 117 54.15 -8.77 -20.37
N GLY Z 118 53.14 -9.51 -20.82
CA GLY Z 118 53.13 -10.94 -20.58
C GLY Z 118 52.70 -11.36 -19.19
N LYS Z 119 52.61 -10.40 -18.26
CA LYS Z 119 52.20 -10.68 -16.88
C LYS Z 119 50.74 -11.14 -16.82
N GLY Z 120 50.38 -11.84 -15.74
CA GLY Z 120 49.02 -12.32 -15.58
C GLY Z 120 48.08 -11.21 -15.13
N ALA Z 121 46.87 -11.21 -15.66
CA ALA Z 121 45.89 -10.18 -15.29
C ALA Z 121 44.45 -10.68 -15.16
N VAL Z 122 43.75 -10.07 -14.22
CA VAL Z 122 42.34 -10.38 -13.94
C VAL Z 122 41.58 -9.07 -13.72
N TYR Z 123 40.43 -8.95 -14.39
CA TYR Z 123 39.57 -7.78 -14.26
C TYR Z 123 38.17 -8.24 -13.85
N SER Z 124 37.57 -7.55 -12.89
CA SER Z 124 36.22 -7.90 -12.45
C SER Z 124 35.33 -6.67 -12.56
N PHE Z 125 34.06 -6.88 -12.90
CA PHE Z 125 33.14 -5.77 -13.09
C PHE Z 125 31.90 -5.71 -12.19
N ASP Z 126 31.32 -4.53 -12.15
CA ASP Z 126 30.12 -4.18 -11.41
C ASP Z 126 28.98 -4.64 -12.29
N PRO Z 127 27.78 -4.82 -11.71
CA PRO Z 127 26.75 -5.24 -12.66
C PRO Z 127 26.49 -4.06 -13.62
N VAL Z 128 27.10 -2.91 -13.33
CA VAL Z 128 26.92 -1.73 -14.16
C VAL Z 128 28.17 -1.17 -14.83
N GLY Z 129 29.31 -1.86 -14.70
CA GLY Z 129 30.49 -1.38 -15.38
C GLY Z 129 31.66 -0.81 -14.60
N SER Z 130 31.60 -0.91 -13.28
CA SER Z 130 32.71 -0.41 -12.49
C SER Z 130 33.74 -1.54 -12.49
N TYR Z 131 34.92 -1.30 -13.05
CA TYR Z 131 35.93 -2.35 -13.07
C TYR Z 131 37.25 -1.96 -12.43
N GLU Z 132 38.05 -2.96 -12.09
CA GLU Z 132 39.34 -2.74 -11.47
C GLU Z 132 40.19 -3.96 -11.81
N ARG Z 133 41.50 -3.76 -11.93
CA ARG Z 133 42.37 -4.89 -12.21
C ARG Z 133 42.73 -5.45 -10.84
N GLU Z 134 42.73 -6.78 -10.72
CA GLU Z 134 43.01 -7.38 -9.44
C GLU Z 134 43.83 -8.66 -9.49
N GLN Z 135 44.35 -9.04 -8.33
CA GLN Z 135 45.16 -10.23 -8.22
C GLN Z 135 44.25 -11.45 -8.35
N CYS Z 136 43.24 -11.50 -7.51
CA CYS Z 136 42.28 -12.59 -7.57
C CYS Z 136 40.93 -12.01 -7.19
N ARG Z 137 39.87 -12.69 -7.63
CA ARG Z 137 38.51 -12.26 -7.37
C ARG Z 137 37.55 -13.43 -7.45
N ALA Z 138 36.79 -13.60 -6.39
CA ALA Z 138 35.77 -14.66 -6.37
C ALA Z 138 34.51 -13.92 -6.75
N GLY Z 139 33.56 -14.62 -7.37
CA GLY Z 139 32.34 -13.95 -7.77
C GLY Z 139 31.17 -14.89 -7.84
N GLY Z 140 30.02 -14.43 -7.39
CA GLY Z 140 28.84 -15.27 -7.42
C GLY Z 140 28.45 -15.80 -6.06
N ALA Z 141 27.45 -16.67 -6.06
CA ALA Z 141 26.91 -17.28 -4.86
C ALA Z 141 27.86 -17.47 -3.66
N ALA Z 142 29.00 -18.10 -3.87
CA ALA Z 142 29.93 -18.38 -2.77
C ALA Z 142 31.08 -17.41 -2.59
N ALA Z 143 31.08 -16.33 -3.38
CA ALA Z 143 32.13 -15.34 -3.30
C ALA Z 143 32.52 -14.91 -1.88
N SER Z 144 31.55 -14.82 -0.99
CA SER Z 144 31.81 -14.41 0.39
C SER Z 144 32.50 -15.49 1.20
N LEU Z 145 32.46 -16.73 0.70
CA LEU Z 145 33.11 -17.85 1.37
C LEU Z 145 34.56 -17.97 0.91
N ILE Z 146 34.77 -17.70 -0.38
CA ILE Z 146 36.09 -17.80 -0.98
C ILE Z 146 37.03 -16.61 -0.79
N MET Z 147 36.55 -15.39 -0.97
CA MET Z 147 37.42 -14.22 -0.81
C MET Z 147 38.27 -14.17 0.46
N PRO Z 148 37.67 -14.44 1.63
CA PRO Z 148 38.46 -14.38 2.87
C PRO Z 148 39.68 -15.29 2.76
N PHE Z 149 39.44 -16.48 2.19
CA PHE Z 149 40.47 -17.50 1.98
C PHE Z 149 41.56 -16.98 1.06
N LEU Z 150 41.18 -16.63 -0.16
CA LEU Z 150 42.12 -16.10 -1.14
C LEU Z 150 42.92 -14.90 -0.66
N ASP Z 151 42.41 -14.16 0.33
CA ASP Z 151 43.16 -13.01 0.82
C ASP Z 151 44.24 -13.51 1.74
N ASN Z 152 44.01 -14.68 2.30
CA ASN Z 152 44.96 -15.29 3.21
C ASN Z 152 46.03 -16.02 2.38
N GLN Z 153 45.59 -17.00 1.61
CA GLN Z 153 46.47 -17.82 0.80
C GLN Z 153 46.99 -17.28 -0.53
N VAL Z 154 46.74 -16.00 -0.84
CA VAL Z 154 47.23 -15.46 -2.09
C VAL Z 154 47.87 -14.08 -1.94
N ASN Z 155 47.53 -13.36 -0.88
CA ASN Z 155 48.10 -12.05 -0.62
C ASN Z 155 48.66 -12.07 0.79
N PHE Z 156 48.65 -13.26 1.38
CA PHE Z 156 49.16 -13.52 2.72
C PHE Z 156 48.73 -12.51 3.78
N LYS Z 157 47.45 -12.18 3.78
CA LYS Z 157 46.88 -11.24 4.73
C LYS Z 157 46.90 -11.80 6.14
N ASN Z 158 47.13 -10.92 7.12
CA ASN Z 158 47.16 -11.31 8.53
C ASN Z 158 48.23 -12.35 8.86
N GLN Z 159 49.16 -12.58 7.94
CA GLN Z 159 50.25 -13.52 8.17
C GLN Z 159 51.56 -12.77 8.37
N TYR Z 160 52.21 -13.03 9.50
CA TYR Z 160 53.48 -12.36 9.82
C TYR Z 160 54.67 -13.32 9.79
N GLU Z 161 55.87 -12.75 9.89
CA GLU Z 161 57.11 -13.52 9.92
C GLU Z 161 57.34 -14.08 11.32
N PRO Z 162 57.12 -15.38 11.51
CA PRO Z 162 57.31 -15.99 12.83
C PRO Z 162 58.47 -15.39 13.63
N GLY Z 163 58.21 -15.06 14.89
CA GLY Z 163 59.23 -14.48 15.73
C GLY Z 163 59.44 -12.98 15.59
N THR Z 164 59.21 -12.43 14.39
CA THR Z 164 59.42 -11.00 14.17
C THR Z 164 58.55 -10.05 15.00
N ASN Z 165 57.94 -10.57 16.06
CA ASN Z 165 57.10 -9.75 16.94
C ASN Z 165 56.00 -9.03 16.15
N GLY Z 166 55.48 -9.68 15.11
CA GLY Z 166 54.43 -9.09 14.31
C GLY Z 166 54.81 -7.70 13.81
N LYS Z 167 56.03 -7.55 13.32
CA LYS Z 167 56.53 -6.27 12.81
C LYS Z 167 56.99 -6.43 11.35
N VAL Z 168 57.04 -7.67 10.89
CA VAL Z 168 57.46 -7.98 9.53
C VAL Z 168 56.45 -8.95 8.92
N LYS Z 169 55.75 -8.49 7.89
CA LYS Z 169 54.74 -9.31 7.23
C LYS Z 169 55.35 -10.36 6.32
N LYS Z 170 54.76 -11.54 6.30
CA LYS Z 170 55.24 -12.60 5.42
C LYS Z 170 55.36 -11.97 4.04
N PRO Z 171 56.52 -12.17 3.35
CA PRO Z 171 56.77 -11.61 2.02
C PRO Z 171 55.81 -12.06 0.92
N LEU Z 172 55.62 -11.21 -0.08
CA LEU Z 172 54.73 -11.50 -1.20
C LEU Z 172 55.30 -12.36 -2.32
N LYS Z 173 55.78 -13.55 -1.99
CA LYS Z 173 56.33 -14.47 -3.01
C LYS Z 173 55.17 -14.89 -3.92
N TYR Z 174 55.32 -14.78 -5.24
CA TYR Z 174 54.22 -15.16 -6.11
C TYR Z 174 54.05 -16.64 -6.45
N LEU Z 175 52.78 -17.05 -6.54
CA LEU Z 175 52.42 -18.44 -6.80
C LEU Z 175 52.62 -18.96 -8.22
N SER Z 176 52.68 -20.28 -8.32
CA SER Z 176 52.86 -20.99 -9.59
C SER Z 176 51.50 -21.50 -10.03
N VAL Z 177 51.41 -21.98 -11.27
CA VAL Z 177 50.15 -22.49 -11.79
C VAL Z 177 49.68 -23.75 -11.08
N GLU Z 178 50.60 -24.56 -10.56
CA GLU Z 178 50.26 -25.80 -9.86
C GLU Z 178 49.75 -25.48 -8.47
N GLU Z 179 50.35 -24.45 -7.88
CA GLU Z 179 49.99 -24.02 -6.54
C GLU Z 179 48.59 -23.40 -6.61
N VAL Z 180 48.38 -22.51 -7.57
CA VAL Z 180 47.10 -21.87 -7.75
C VAL Z 180 45.99 -22.90 -7.92
N ILE Z 181 46.14 -23.81 -8.87
CA ILE Z 181 45.12 -24.84 -9.10
C ILE Z 181 44.70 -25.57 -7.82
N LYS Z 182 45.58 -25.64 -6.82
CA LYS Z 182 45.23 -26.31 -5.57
C LYS Z 182 44.22 -25.46 -4.82
N LEU Z 183 44.56 -24.18 -4.63
CA LEU Z 183 43.70 -23.21 -3.95
C LEU Z 183 42.32 -23.21 -4.59
N VAL Z 184 42.29 -23.12 -5.90
CA VAL Z 184 41.05 -23.13 -6.64
C VAL Z 184 40.21 -24.36 -6.27
N ARG Z 185 40.82 -25.55 -6.39
CA ARG Z 185 40.12 -26.78 -6.09
C ARG Z 185 39.64 -26.83 -4.64
N ASP Z 186 40.50 -26.37 -3.75
CA ASP Z 186 40.14 -26.36 -2.34
C ASP Z 186 38.98 -25.38 -2.12
N SER Z 187 39.09 -24.20 -2.73
CA SER Z 187 38.05 -23.19 -2.62
C SER Z 187 36.70 -23.75 -3.02
N PHE Z 188 36.62 -24.36 -4.19
CA PHE Z 188 35.34 -24.90 -4.61
C PHE Z 188 34.87 -26.11 -3.80
N THR Z 189 35.79 -26.97 -3.38
CA THR Z 189 35.37 -28.13 -2.59
C THR Z 189 34.82 -27.63 -1.24
N SER Z 190 35.45 -26.60 -0.69
CA SER Z 190 34.99 -26.01 0.57
C SER Z 190 33.62 -25.38 0.35
N ALA Z 191 33.54 -24.52 -0.65
CA ALA Z 191 32.29 -23.85 -0.99
C ALA Z 191 31.17 -24.87 -1.15
N THR Z 192 31.44 -25.97 -1.84
CA THR Z 192 30.43 -27.00 -2.04
C THR Z 192 29.91 -27.59 -0.73
N GLU Z 193 30.70 -27.47 0.33
CA GLU Z 193 30.27 -28.02 1.61
C GLU Z 193 29.19 -27.17 2.25
N ARG Z 194 29.39 -25.84 2.25
CA ARG Z 194 28.45 -24.91 2.87
C ARG Z 194 27.40 -24.25 2.00
N HIS Z 195 27.68 -24.06 0.72
CA HIS Z 195 26.70 -23.42 -0.13
C HIS Z 195 25.92 -24.44 -0.93
N ILE Z 196 24.59 -24.37 -0.84
CA ILE Z 196 23.75 -25.32 -1.54
C ILE Z 196 23.62 -25.04 -3.03
N GLN Z 197 24.22 -23.95 -3.50
CA GLN Z 197 24.14 -23.63 -4.92
C GLN Z 197 25.41 -23.99 -5.66
N VAL Z 198 26.45 -24.34 -4.91
CA VAL Z 198 27.71 -24.71 -5.51
C VAL Z 198 27.95 -26.22 -5.44
N GLY Z 199 28.39 -26.79 -6.56
CA GLY Z 199 28.65 -28.21 -6.62
C GLY Z 199 28.63 -28.76 -8.03
N ASP Z 200 28.49 -30.08 -8.13
CA ASP Z 200 28.44 -30.79 -9.41
C ASP Z 200 29.76 -30.93 -10.18
N GLY Z 201 30.26 -29.81 -10.72
CA GLY Z 201 31.52 -29.87 -11.44
C GLY Z 201 32.30 -28.58 -11.39
N LEU Z 202 33.62 -28.65 -11.57
CA LEU Z 202 34.47 -27.47 -11.56
C LEU Z 202 35.33 -27.44 -12.81
N GLU Z 203 35.07 -26.48 -13.69
CA GLU Z 203 35.83 -26.35 -14.92
C GLU Z 203 36.77 -25.18 -14.73
N ILE Z 204 37.99 -25.30 -15.24
CA ILE Z 204 38.97 -24.22 -15.09
C ILE Z 204 39.57 -23.86 -16.43
N LEU Z 205 39.96 -22.61 -16.60
CA LEU Z 205 40.60 -22.21 -17.84
C LEU Z 205 41.92 -21.54 -17.46
N ILE Z 206 43.00 -21.93 -18.13
CA ILE Z 206 44.32 -21.35 -17.85
C ILE Z 206 44.89 -20.63 -19.07
N VAL Z 207 45.32 -19.40 -18.83
CA VAL Z 207 45.88 -18.57 -19.88
C VAL Z 207 47.38 -18.38 -19.72
N THR Z 208 48.11 -18.79 -20.75
CA THR Z 208 49.56 -18.69 -20.81
C THR Z 208 49.89 -18.20 -22.21
N LYS Z 209 51.08 -17.66 -22.41
CA LYS Z 209 51.48 -17.14 -23.72
C LYS Z 209 51.28 -18.18 -24.83
N ASP Z 210 50.85 -19.38 -24.47
CA ASP Z 210 50.66 -20.44 -25.44
C ASP Z 210 49.20 -20.75 -25.76
N GLY Z 211 48.29 -20.00 -25.14
CA GLY Z 211 46.88 -20.23 -25.40
C GLY Z 211 46.04 -20.53 -24.16
N VAL Z 212 44.89 -21.16 -24.41
CA VAL Z 212 43.97 -21.50 -23.33
C VAL Z 212 43.79 -23.00 -23.16
N ARG Z 213 43.99 -23.50 -21.94
CA ARG Z 213 43.80 -24.92 -21.64
C ARG Z 213 42.69 -25.11 -20.60
N LYS Z 214 41.89 -26.16 -20.76
CA LYS Z 214 40.78 -26.45 -19.85
C LYS Z 214 40.99 -27.73 -19.04
N GLU Z 215 40.81 -27.62 -17.73
CA GLU Z 215 40.93 -28.79 -16.84
C GLU Z 215 39.55 -28.93 -16.20
N PHE Z 216 39.17 -30.14 -15.82
CA PHE Z 216 37.85 -30.32 -15.20
C PHE Z 216 37.89 -31.28 -14.03
N TYR Z 217 37.10 -30.97 -13.00
CA TYR Z 217 37.05 -31.82 -11.83
C TYR Z 217 35.62 -31.96 -11.36
N GLU Z 218 35.33 -33.08 -10.71
CA GLU Z 218 34.00 -33.32 -10.20
C GLU Z 218 33.90 -32.73 -8.80
N LEU Z 219 32.68 -32.43 -8.39
CA LEU Z 219 32.38 -31.89 -7.07
C LEU Z 219 31.16 -32.66 -6.59
N LYS Z 220 30.89 -32.62 -5.28
CA LYS Z 220 29.74 -33.35 -4.73
C LYS Z 220 28.46 -32.90 -5.44
N ARG Z 221 27.49 -33.79 -5.57
CA ARG Z 221 26.26 -33.45 -6.27
C ARG Z 221 24.99 -33.39 -5.41
N ASP Z 222 25.16 -33.28 -4.09
CA ASP Z 222 24.01 -33.22 -3.17
C ASP Z 222 23.38 -31.82 -3.02
N THR AA 1 4.36 -6.60 -19.68
CA THR AA 1 3.93 -7.54 -18.62
C THR AA 1 2.53 -8.03 -18.93
N GLN AA 2 2.21 -9.23 -18.42
CA GLN AA 2 0.93 -9.84 -18.68
C GLN AA 2 0.77 -10.95 -17.65
N GLN AA 3 -0.14 -11.87 -17.92
CA GLN AA 3 -0.38 -13.01 -17.04
C GLN AA 3 -1.00 -14.12 -17.88
N PRO AA 4 -0.53 -15.35 -17.71
CA PRO AA 4 -1.02 -16.51 -18.45
C PRO AA 4 -2.49 -16.82 -18.18
N ILE AA 5 -3.21 -17.25 -19.22
CA ILE AA 5 -4.62 -17.61 -19.07
C ILE AA 5 -4.80 -19.10 -19.33
N VAL AA 6 -4.95 -19.51 -20.59
CA VAL AA 6 -5.09 -20.93 -20.89
C VAL AA 6 -3.67 -21.50 -20.91
N THR AA 7 -3.41 -22.50 -20.08
CA THR AA 7 -2.05 -23.04 -19.99
C THR AA 7 -1.83 -24.53 -20.08
N GLY AA 8 -0.64 -24.88 -20.58
CA GLY AA 8 -0.24 -26.26 -20.69
C GLY AA 8 0.76 -26.53 -19.57
N THR AA 9 0.80 -27.77 -19.09
CA THR AA 9 1.71 -28.12 -18.00
C THR AA 9 3.08 -28.60 -18.46
N SER AA 10 3.67 -29.53 -17.70
CA SER AA 10 4.99 -30.09 -17.97
C SER AA 10 5.29 -30.61 -19.36
N VAL AA 11 6.58 -30.66 -19.62
CA VAL AA 11 7.13 -31.17 -20.87
C VAL AA 11 8.42 -31.85 -20.42
N ILE AA 12 8.42 -33.18 -20.47
CA ILE AA 12 9.56 -33.97 -20.07
C ILE AA 12 10.29 -34.58 -21.27
N SER AA 13 11.59 -34.73 -21.14
CA SER AA 13 12.38 -35.30 -22.21
C SER AA 13 13.74 -35.76 -21.73
N MET AA 14 14.41 -36.53 -22.59
CA MET AA 14 15.74 -37.05 -22.28
C MET AA 14 16.34 -37.57 -23.56
N LYS AA 15 17.65 -37.73 -23.55
CA LYS AA 15 18.35 -38.21 -24.72
C LYS AA 15 19.04 -39.55 -24.47
N TYR AA 16 18.75 -40.53 -25.34
CA TYR AA 16 19.37 -41.84 -25.24
C TYR AA 16 20.50 -41.94 -26.26
N ASP AA 17 21.08 -43.13 -26.40
CA ASP AA 17 22.20 -43.34 -27.31
C ASP AA 17 22.02 -42.96 -28.79
N ASN AA 18 20.82 -43.13 -29.35
CA ASN AA 18 20.61 -42.82 -30.76
C ASN AA 18 19.66 -41.69 -31.11
N GLY AA 19 19.18 -40.97 -30.10
CA GLY AA 19 18.26 -39.89 -30.36
C GLY AA 19 17.75 -39.27 -29.08
N VAL AA 20 16.51 -38.78 -29.12
CA VAL AA 20 15.90 -38.15 -27.96
C VAL AA 20 14.41 -38.41 -27.94
N ILE AA 21 13.83 -38.33 -26.75
CA ILE AA 21 12.41 -38.53 -26.57
C ILE AA 21 11.86 -37.33 -25.83
N ILE AA 22 10.67 -36.88 -26.23
CA ILE AA 22 10.03 -35.74 -25.60
C ILE AA 22 8.52 -35.98 -25.51
N ALA AA 23 7.93 -35.74 -24.35
CA ALA AA 23 6.50 -35.95 -24.16
C ALA AA 23 5.79 -34.79 -23.45
N ALA AA 24 4.47 -34.72 -23.63
CA ALA AA 24 3.65 -33.66 -23.02
C ALA AA 24 2.16 -33.99 -23.12
N ASP AA 25 1.43 -33.92 -22.00
CA ASP AA 25 0.00 -34.23 -22.04
C ASP AA 25 -0.76 -33.32 -22.98
N ASN AA 26 -2.04 -33.62 -23.22
CA ASN AA 26 -2.82 -32.82 -24.15
C ASN AA 26 -3.85 -31.94 -23.48
N LEU AA 27 -3.48 -31.36 -22.35
CA LEU AA 27 -4.41 -30.51 -21.62
C LEU AA 27 -4.19 -29.00 -21.78
N GLY AA 28 -5.31 -28.27 -21.74
CA GLY AA 28 -5.30 -26.82 -21.84
C GLY AA 28 -6.09 -26.35 -20.63
N SER AA 29 -5.39 -26.05 -19.54
CA SER AA 29 -6.06 -25.59 -18.32
C SER AA 29 -6.40 -24.11 -18.35
N TYR AA 30 -7.46 -23.77 -17.62
CA TYR AA 30 -7.92 -22.39 -17.51
C TYR AA 30 -8.13 -22.16 -16.02
N GLY AA 31 -7.04 -22.05 -15.28
CA GLY AA 31 -7.16 -21.85 -13.85
C GLY AA 31 -7.22 -23.24 -13.30
N SER AA 32 -8.27 -23.55 -12.56
CA SER AA 32 -8.43 -24.89 -12.01
C SER AA 32 -9.35 -25.72 -12.91
N LEU AA 33 -9.95 -25.08 -13.91
CA LEU AA 33 -10.84 -25.74 -14.86
C LEU AA 33 -10.02 -26.36 -15.99
N LEU AA 34 -10.09 -27.68 -16.14
CA LEU AA 34 -9.34 -28.37 -17.19
C LEU AA 34 -10.14 -28.22 -18.48
N ARG AA 35 -10.21 -26.99 -18.99
CA ARG AA 35 -11.00 -26.65 -20.18
C ARG AA 35 -10.83 -27.38 -21.51
N PHE AA 36 -9.62 -27.49 -22.03
CA PHE AA 36 -9.41 -28.14 -23.31
C PHE AA 36 -8.61 -29.42 -23.25
N ASN AA 37 -9.15 -30.50 -23.81
CA ASN AA 37 -8.43 -31.77 -23.79
C ASN AA 37 -7.80 -32.21 -25.10
N GLY AA 38 -8.01 -31.45 -26.16
CA GLY AA 38 -7.43 -31.83 -27.44
C GLY AA 38 -6.33 -30.88 -27.86
N VAL AA 39 -5.42 -30.56 -26.93
CA VAL AA 39 -4.33 -29.64 -27.23
C VAL AA 39 -2.97 -30.29 -27.39
N GLU AA 40 -2.41 -30.17 -28.59
CA GLU AA 40 -1.12 -30.74 -28.89
C GLU AA 40 -0.06 -29.72 -28.54
N ARG AA 41 0.81 -30.05 -27.60
CA ARG AA 41 1.86 -29.15 -27.18
C ARG AA 41 3.23 -29.57 -27.73
N LEU AA 42 3.24 -30.49 -28.68
CA LEU AA 42 4.49 -30.92 -29.30
C LEU AA 42 4.45 -30.47 -30.74
N ILE AA 43 5.34 -29.54 -31.10
CA ILE AA 43 5.39 -29.01 -32.45
C ILE AA 43 6.58 -29.60 -33.18
N PRO AA 44 6.33 -30.40 -34.22
CA PRO AA 44 7.43 -30.99 -34.97
C PRO AA 44 7.84 -30.05 -36.08
N VAL AA 45 9.11 -29.69 -36.12
CA VAL AA 45 9.62 -28.79 -37.16
C VAL AA 45 10.52 -29.61 -38.07
N GLY AA 46 10.06 -29.85 -39.29
CA GLY AA 46 10.84 -30.64 -40.22
C GLY AA 46 10.65 -32.09 -39.85
N ASP AA 47 11.73 -32.85 -39.84
CA ASP AA 47 11.65 -34.26 -39.49
C ASP AA 47 12.82 -34.68 -38.60
N ASN AA 48 13.53 -33.71 -38.05
CA ASN AA 48 14.67 -33.99 -37.17
C ASN AA 48 14.58 -33.17 -35.88
N THR AA 49 13.47 -32.44 -35.73
CA THR AA 49 13.26 -31.59 -34.57
C THR AA 49 11.82 -31.56 -34.11
N VAL AA 50 11.63 -31.58 -32.79
CA VAL AA 50 10.30 -31.45 -32.20
C VAL AA 50 10.40 -30.47 -31.02
N VAL AA 51 9.52 -29.48 -31.02
CA VAL AA 51 9.48 -28.45 -29.98
C VAL AA 51 8.33 -28.69 -29.00
N GLY AA 52 8.66 -28.76 -27.71
CA GLY AA 52 7.65 -28.96 -26.69
C GLY AA 52 7.43 -27.64 -26.00
N ILE AA 53 6.18 -27.28 -25.76
CA ILE AA 53 5.87 -26.01 -25.13
C ILE AA 53 4.90 -26.09 -23.96
N SER AA 54 5.23 -25.39 -22.88
CA SER AA 54 4.36 -25.34 -21.71
C SER AA 54 4.08 -23.87 -21.46
N GLY AA 55 3.09 -23.57 -20.65
CA GLY AA 55 2.81 -22.17 -20.39
C GLY AA 55 1.57 -21.66 -21.10
N ASP AA 56 1.57 -20.38 -21.44
CA ASP AA 56 0.41 -19.78 -22.10
C ASP AA 56 0.18 -20.39 -23.46
N ILE AA 57 -1.02 -20.93 -23.65
CA ILE AA 57 -1.38 -21.58 -24.92
C ILE AA 57 -1.43 -20.60 -26.07
N SER AA 58 -2.03 -19.43 -25.86
CA SER AA 58 -2.15 -18.44 -26.93
C SER AA 58 -0.75 -18.01 -27.39
N ASP AA 59 0.19 -17.95 -26.46
CA ASP AA 59 1.56 -17.60 -26.81
C ASP AA 59 2.21 -18.76 -27.54
N MET AA 60 1.83 -19.97 -27.16
CA MET AA 60 2.35 -21.17 -27.81
C MET AA 60 1.92 -21.15 -29.28
N GLN AA 61 0.62 -20.94 -29.51
CA GLN AA 61 0.08 -20.91 -30.87
C GLN AA 61 0.80 -19.87 -31.69
N HIS AA 62 1.41 -18.91 -31.00
CA HIS AA 62 2.17 -17.86 -31.68
C HIS AA 62 3.54 -18.42 -32.05
N ILE AA 63 4.20 -19.09 -31.10
CA ILE AA 63 5.51 -19.68 -31.36
C ILE AA 63 5.32 -20.67 -32.50
N GLU AA 64 4.19 -21.36 -32.47
CA GLU AA 64 3.85 -22.36 -33.48
C GLU AA 64 3.85 -21.72 -34.87
N ARG AA 65 3.09 -20.65 -35.01
CA ARG AA 65 2.99 -19.93 -36.27
C ARG AA 65 4.36 -19.38 -36.67
N LEU AA 66 5.20 -19.03 -35.70
CA LEU AA 66 6.53 -18.51 -35.99
C LEU AA 66 7.37 -19.56 -36.67
N LEU AA 67 7.22 -20.79 -36.20
CA LEU AA 67 7.98 -21.91 -36.75
C LEU AA 67 7.57 -22.25 -38.18
N LYS AA 68 6.27 -22.27 -38.44
CA LYS AA 68 5.77 -22.58 -39.79
C LYS AA 68 6.34 -21.59 -40.81
N ASP AA 69 6.77 -20.43 -40.32
CA ASP AA 69 7.35 -19.42 -41.19
C ASP AA 69 8.82 -19.65 -41.33
N LEU AA 70 9.46 -20.01 -40.23
CA LEU AA 70 10.88 -20.27 -40.26
C LEU AA 70 11.08 -21.31 -41.35
N VAL AA 71 10.11 -22.22 -41.48
CA VAL AA 71 10.16 -23.27 -42.49
C VAL AA 71 9.93 -22.67 -43.87
N THR AA 72 8.75 -22.08 -44.08
CA THR AA 72 8.40 -21.47 -45.36
C THR AA 72 9.54 -20.59 -45.85
N GLU AA 73 10.02 -19.74 -44.95
CA GLU AA 73 11.11 -18.83 -45.28
C GLU AA 73 12.41 -19.54 -45.67
N ASN AA 74 12.73 -20.64 -45.01
CA ASN AA 74 13.95 -21.39 -45.29
C ASN AA 74 13.91 -22.06 -46.66
N ALA AA 75 12.70 -22.34 -47.13
CA ALA AA 75 12.51 -22.97 -48.43
C ALA AA 75 12.78 -21.97 -49.55
N TYR AA 76 12.62 -20.68 -49.25
CA TYR AA 76 12.86 -19.62 -50.23
C TYR AA 76 14.26 -19.58 -50.82
N ASP AA 77 14.32 -19.57 -52.15
CA ASP AA 77 15.58 -19.50 -52.90
C ASP AA 77 16.63 -20.44 -52.29
N ASN AA 78 16.16 -21.60 -51.85
CA ASN AA 78 17.01 -22.60 -51.23
C ASN AA 78 16.71 -23.99 -51.78
N PRO AA 79 17.49 -24.45 -52.76
CA PRO AA 79 17.33 -25.75 -53.41
C PRO AA 79 17.72 -26.94 -52.54
N LEU AA 80 18.52 -26.69 -51.50
CA LEU AA 80 18.95 -27.75 -50.60
C LEU AA 80 18.14 -27.69 -49.31
N ALA AA 81 16.87 -27.31 -49.45
CA ALA AA 81 15.95 -27.18 -48.33
C ALA AA 81 15.66 -28.49 -47.63
N ASP AA 82 15.68 -29.58 -48.39
CA ASP AA 82 15.43 -30.92 -47.85
C ASP AA 82 16.74 -31.69 -47.72
N ALA AA 83 17.85 -31.01 -47.98
CA ALA AA 83 19.17 -31.63 -47.89
C ALA AA 83 20.02 -30.94 -46.85
N GLU AA 84 21.26 -30.61 -47.22
CA GLU AA 84 22.19 -29.96 -46.29
C GLU AA 84 21.71 -28.65 -45.71
N GLU AA 85 20.86 -27.93 -46.45
CA GLU AA 85 20.37 -26.64 -45.98
C GLU AA 85 18.94 -26.67 -45.43
N ALA AA 86 18.68 -27.61 -44.53
CA ALA AA 86 17.37 -27.72 -43.91
C ALA AA 86 17.52 -27.20 -42.50
N LEU AA 87 16.40 -26.87 -41.87
CA LEU AA 87 16.43 -26.35 -40.50
C LEU AA 87 16.98 -27.39 -39.54
N GLU AA 88 18.02 -27.00 -38.80
CA GLU AA 88 18.64 -27.85 -37.79
C GLU AA 88 17.97 -27.58 -36.45
N PRO AA 89 18.12 -28.51 -35.48
CA PRO AA 89 17.50 -28.24 -34.19
C PRO AA 89 18.14 -27.01 -33.57
N SER AA 90 19.47 -26.97 -33.58
CA SER AA 90 20.20 -25.85 -33.02
C SER AA 90 19.77 -24.52 -33.65
N TYR AA 91 19.45 -24.53 -34.94
CA TYR AA 91 19.02 -23.31 -35.60
C TYR AA 91 17.69 -22.85 -35.01
N ILE AA 92 16.69 -23.73 -35.02
CA ILE AA 92 15.38 -23.42 -34.48
C ILE AA 92 15.46 -22.94 -33.02
N PHE AA 93 16.38 -23.52 -32.26
CA PHE AA 93 16.52 -23.12 -30.87
C PHE AA 93 17.09 -21.72 -30.74
N GLU AA 94 18.27 -21.51 -31.31
CA GLU AA 94 18.90 -20.18 -31.25
C GLU AA 94 17.88 -19.10 -31.62
N TYR AA 95 17.08 -19.39 -32.63
CA TYR AA 95 16.06 -18.45 -33.05
C TYR AA 95 15.09 -18.18 -31.90
N LEU AA 96 14.39 -19.22 -31.46
CA LEU AA 96 13.45 -19.09 -30.34
C LEU AA 96 14.11 -18.45 -29.11
N ALA AA 97 15.28 -18.95 -28.73
CA ALA AA 97 16.02 -18.42 -27.59
C ALA AA 97 16.18 -16.92 -27.76
N THR AA 98 16.56 -16.52 -28.97
CA THR AA 98 16.72 -15.10 -29.27
C THR AA 98 15.41 -14.35 -29.04
N VAL AA 99 14.34 -14.84 -29.65
CA VAL AA 99 13.04 -14.22 -29.51
C VAL AA 99 12.60 -14.12 -28.05
N MET AA 100 12.81 -15.20 -27.29
CA MET AA 100 12.40 -15.20 -25.89
C MET AA 100 13.03 -14.08 -25.10
N TYR AA 101 14.33 -13.88 -25.28
CA TYR AA 101 15.05 -12.84 -24.53
C TYR AA 101 14.68 -11.43 -24.96
N GLN AA 102 14.54 -11.20 -26.27
CA GLN AA 102 14.17 -9.87 -26.77
C GLN AA 102 12.83 -9.48 -26.17
N ARG AA 103 11.96 -10.48 -25.98
CA ARG AA 103 10.65 -10.24 -25.42
C ARG AA 103 10.68 -9.96 -23.92
N ARG AA 104 11.46 -10.70 -23.13
CA ARG AA 104 11.48 -10.41 -21.71
C ARG AA 104 12.19 -9.08 -21.55
N SER AA 105 13.02 -8.74 -22.51
CA SER AA 105 13.77 -7.51 -22.45
C SER AA 105 12.98 -6.28 -22.87
N LYS AA 106 11.80 -6.49 -23.44
CA LYS AA 106 10.93 -5.39 -23.83
C LYS AA 106 9.81 -5.44 -22.81
N MET AA 107 10.06 -6.10 -21.68
CA MET AA 107 9.09 -6.25 -20.61
C MET AA 107 7.74 -6.82 -21.04
N ASN AA 108 7.73 -7.57 -22.14
CA ASN AA 108 6.52 -8.18 -22.66
C ASN AA 108 6.87 -9.61 -23.08
N PRO AA 109 7.05 -10.50 -22.11
CA PRO AA 109 7.41 -11.90 -22.34
C PRO AA 109 6.38 -12.74 -23.08
N LEU AA 110 6.83 -13.91 -23.51
CA LEU AA 110 6.00 -14.94 -24.16
C LEU AA 110 6.02 -15.89 -22.96
N TRP AA 111 4.91 -15.97 -22.25
CA TRP AA 111 4.81 -16.77 -21.03
C TRP AA 111 4.96 -18.29 -21.22
N ASN AA 112 6.17 -18.72 -21.59
CA ASN AA 112 6.41 -20.12 -21.82
C ASN AA 112 7.73 -20.67 -21.32
N ALA AA 113 7.81 -21.99 -21.38
CA ALA AA 113 8.97 -22.78 -21.03
C ALA AA 113 8.97 -23.65 -22.28
N ILE AA 114 10.09 -23.69 -22.99
CA ILE AA 114 10.20 -24.44 -24.22
C ILE AA 114 11.38 -25.41 -24.22
N ILE AA 115 11.17 -26.60 -24.78
CA ILE AA 115 12.25 -27.58 -24.89
C ILE AA 115 12.32 -28.01 -26.34
N VAL AA 116 13.48 -27.86 -26.93
CA VAL AA 116 13.69 -28.23 -28.32
C VAL AA 116 14.52 -29.49 -28.36
N ALA AA 117 13.89 -30.56 -28.83
CA ALA AA 117 14.51 -31.87 -28.93
C ALA AA 117 14.67 -32.23 -30.39
N GLY AA 118 15.85 -32.75 -30.72
CA GLY AA 118 16.11 -33.15 -32.08
C GLY AA 118 17.47 -33.79 -32.26
N VAL AA 119 17.74 -34.17 -33.51
CA VAL AA 119 19.01 -34.79 -33.87
C VAL AA 119 19.65 -33.94 -34.96
N GLN AA 120 20.89 -33.56 -34.75
CA GLN AA 120 21.63 -32.73 -35.69
C GLN AA 120 21.90 -33.44 -37.03
N SER AA 121 22.63 -32.78 -37.93
CA SER AA 121 22.97 -33.34 -39.23
C SER AA 121 24.09 -34.36 -39.09
N ASN AA 122 25.00 -34.11 -38.14
CA ASN AA 122 26.11 -35.00 -37.89
C ASN AA 122 25.68 -36.11 -36.93
N GLY AA 123 24.37 -36.19 -36.69
CA GLY AA 123 23.82 -37.22 -35.83
C GLY AA 123 23.71 -36.94 -34.36
N ASP AA 124 24.34 -35.86 -33.89
CA ASP AA 124 24.31 -35.48 -32.48
C ASP AA 124 22.90 -35.28 -31.94
N GLN AA 125 22.72 -35.59 -30.66
CA GLN AA 125 21.42 -35.41 -30.02
C GLN AA 125 21.39 -33.98 -29.51
N PHE AA 126 20.28 -33.30 -29.73
CA PHE AA 126 20.13 -31.92 -29.28
C PHE AA 126 18.95 -31.82 -28.32
N LEU AA 127 19.22 -31.27 -27.15
CA LEU AA 127 18.20 -31.09 -26.14
C LEU AA 127 18.52 -29.84 -25.33
N ARG AA 128 17.75 -28.77 -25.52
CA ARG AA 128 17.99 -27.53 -24.77
C ARG AA 128 16.69 -26.87 -24.28
N TYR AA 129 16.82 -26.06 -23.24
CA TYR AA 129 15.68 -25.39 -22.63
C TYR AA 129 15.72 -23.85 -22.73
N VAL AA 130 14.53 -23.24 -22.82
CA VAL AA 130 14.43 -21.79 -22.88
C VAL AA 130 13.08 -21.40 -22.27
N ASN AA 131 13.08 -20.40 -21.40
CA ASN AA 131 11.83 -19.96 -20.80
C ASN AA 131 11.57 -18.49 -21.08
N LEU AA 132 10.48 -17.97 -20.53
CA LEU AA 132 10.07 -16.59 -20.71
C LEU AA 132 11.13 -15.56 -20.32
N LEU AA 133 12.05 -15.94 -19.44
CA LEU AA 133 13.10 -15.02 -19.03
C LEU AA 133 14.24 -14.97 -20.02
N GLY AA 134 14.34 -15.99 -20.86
CA GLY AA 134 15.42 -16.04 -21.83
C GLY AA 134 16.54 -16.94 -21.32
N VAL AA 135 16.33 -17.54 -20.15
CA VAL AA 135 17.32 -18.44 -19.59
C VAL AA 135 17.40 -19.73 -20.40
N THR AA 136 18.62 -20.21 -20.66
CA THR AA 136 18.78 -21.45 -21.44
C THR AA 136 19.80 -22.39 -20.84
N TYR AA 137 19.59 -23.68 -21.04
CA TYR AA 137 20.50 -24.71 -20.56
C TYR AA 137 20.20 -26.09 -21.14
N SER AA 138 21.23 -26.94 -21.12
CA SER AA 138 21.10 -28.31 -21.61
C SER AA 138 21.49 -29.29 -20.52
N SER AA 139 20.95 -30.51 -20.64
CA SER AA 139 21.20 -31.58 -19.68
C SER AA 139 20.66 -32.85 -20.32
N PRO AA 140 21.19 -34.02 -19.94
CA PRO AA 140 20.73 -35.31 -20.49
C PRO AA 140 19.21 -35.47 -20.37
N THR AA 141 18.63 -34.80 -19.39
CA THR AA 141 17.18 -34.81 -19.17
C THR AA 141 16.73 -33.38 -18.90
N LEU AA 142 15.53 -33.04 -19.39
CA LEU AA 142 14.98 -31.72 -19.22
C LEU AA 142 13.48 -31.81 -19.06
N ALA AA 143 12.97 -31.07 -18.08
CA ALA AA 143 11.54 -31.03 -17.82
C ALA AA 143 11.17 -29.59 -17.43
N THR AA 144 9.96 -29.17 -17.76
CA THR AA 144 9.52 -27.83 -17.44
C THR AA 144 8.42 -27.91 -16.39
N GLY AA 145 8.30 -26.86 -15.58
CA GLY AA 145 7.25 -26.83 -14.58
C GLY AA 145 7.35 -27.98 -13.60
N PHE AA 146 6.22 -28.62 -13.32
CA PHE AA 146 6.15 -29.74 -12.39
C PHE AA 146 7.13 -30.87 -12.71
N GLY AA 147 7.26 -31.19 -13.99
CA GLY AA 147 8.16 -32.24 -14.41
C GLY AA 147 9.58 -32.04 -13.92
N ALA AA 148 9.96 -30.80 -13.64
CA ALA AA 148 11.31 -30.51 -13.16
C ALA AA 148 11.51 -31.01 -11.74
N HIS AA 149 10.42 -31.19 -11.01
CA HIS AA 149 10.49 -31.65 -9.62
C HIS AA 149 10.24 -33.12 -9.45
N MET AA 150 9.50 -33.72 -10.37
CA MET AA 150 9.20 -35.15 -10.28
C MET AA 150 9.85 -35.98 -11.38
N ALA AA 151 9.75 -35.51 -12.62
CA ALA AA 151 10.33 -36.23 -13.75
C ALA AA 151 11.86 -36.29 -13.68
N ASN AA 152 12.52 -35.14 -13.67
CA ASN AA 152 13.98 -35.16 -13.62
C ASN AA 152 14.52 -36.18 -12.62
N PRO AA 153 13.93 -36.25 -11.41
CA PRO AA 153 14.40 -37.23 -10.41
C PRO AA 153 14.44 -38.67 -10.90
N LEU AA 154 13.36 -39.10 -11.54
CA LEU AA 154 13.27 -40.45 -12.09
C LEU AA 154 14.21 -40.58 -13.28
N LEU AA 155 14.00 -39.76 -14.31
CA LEU AA 155 14.85 -39.81 -15.50
C LEU AA 155 16.35 -39.72 -15.26
N ARG AA 156 16.76 -39.20 -14.10
CA ARG AA 156 18.20 -39.08 -13.83
C ARG AA 156 18.77 -40.33 -13.20
N LYS AA 157 17.89 -41.28 -12.88
CA LYS AA 157 18.32 -42.56 -12.33
C LYS AA 157 18.80 -43.40 -13.53
N VAL AA 158 18.27 -43.07 -14.70
CA VAL AA 158 18.63 -43.74 -15.94
C VAL AA 158 19.89 -43.09 -16.52
N VAL AA 159 19.83 -41.78 -16.73
CA VAL AA 159 20.96 -41.03 -17.27
C VAL AA 159 21.43 -39.98 -16.25
N ASP AA 160 22.33 -40.39 -15.37
CA ASP AA 160 22.83 -39.49 -14.34
C ASP AA 160 23.91 -38.55 -14.87
N ARG AA 161 24.70 -39.01 -15.83
CA ARG AA 161 25.73 -38.16 -16.42
C ARG AA 161 25.80 -38.40 -17.92
N GLU AA 162 26.72 -37.71 -18.59
CA GLU AA 162 26.85 -37.84 -20.04
C GLU AA 162 27.19 -39.25 -20.50
N SER AA 163 28.15 -39.87 -19.82
CA SER AA 163 28.59 -41.22 -20.17
C SER AA 163 27.46 -42.25 -20.18
N ASP AA 164 26.40 -42.00 -19.43
CA ASP AA 164 25.29 -42.94 -19.40
C ASP AA 164 24.41 -42.84 -20.63
N ILE AA 165 24.67 -41.83 -21.47
CA ILE AA 165 23.85 -41.67 -22.66
C ILE AA 165 23.94 -42.86 -23.60
N PRO AA 166 25.16 -43.17 -24.10
CA PRO AA 166 25.35 -44.28 -25.02
C PRO AA 166 24.87 -45.65 -24.52
N LYS AA 167 24.72 -45.78 -23.20
CA LYS AA 167 24.27 -47.02 -22.58
C LYS AA 167 22.76 -47.13 -22.54
N THR AA 168 22.05 -46.05 -22.85
CA THR AA 168 20.60 -46.09 -22.77
C THR AA 168 19.91 -46.39 -24.09
N THR AA 169 19.05 -47.40 -24.07
CA THR AA 169 18.33 -47.81 -25.27
C THR AA 169 16.89 -47.29 -25.30
N VAL AA 170 16.42 -47.00 -26.50
CA VAL AA 170 15.07 -46.49 -26.73
C VAL AA 170 13.97 -47.18 -25.91
N GLN AA 171 14.19 -48.44 -25.55
CA GLN AA 171 13.17 -49.15 -24.78
C GLN AA 171 13.28 -48.72 -23.33
N VAL AA 172 14.52 -48.67 -22.84
CA VAL AA 172 14.79 -48.25 -21.47
C VAL AA 172 14.28 -46.82 -21.29
N ALA AA 173 14.71 -45.95 -22.20
CA ALA AA 173 14.33 -44.54 -22.19
C ALA AA 173 12.83 -44.33 -22.31
N GLU AA 174 12.23 -44.72 -23.43
CA GLU AA 174 10.79 -44.52 -23.61
C GLU AA 174 9.98 -45.01 -22.43
N GLU AA 175 10.51 -46.00 -21.72
CA GLU AA 175 9.80 -46.54 -20.58
C GLU AA 175 9.87 -45.55 -19.42
N ALA AA 176 11.09 -45.10 -19.12
CA ALA AA 176 11.35 -44.13 -18.06
C ALA AA 176 10.40 -42.94 -18.25
N ILE AA 177 10.33 -42.45 -19.48
CA ILE AA 177 9.47 -41.33 -19.79
C ILE AA 177 8.00 -41.68 -19.60
N VAL AA 178 7.54 -42.79 -20.17
CA VAL AA 178 6.15 -43.15 -20.01
C VAL AA 178 5.77 -43.37 -18.54
N ASN AA 179 6.75 -43.72 -17.70
CA ASN AA 179 6.47 -43.90 -16.29
C ASN AA 179 6.23 -42.52 -15.67
N ALA AA 180 7.15 -41.60 -15.98
CA ALA AA 180 7.08 -40.23 -15.48
C ALA AA 180 5.71 -39.66 -15.76
N MET AA 181 5.24 -39.76 -17.00
CA MET AA 181 3.92 -39.24 -17.32
C MET AA 181 2.88 -39.76 -16.33
N ARG AA 182 3.03 -41.01 -15.90
CA ARG AA 182 2.10 -41.60 -14.94
C ARG AA 182 2.29 -40.97 -13.56
N VAL AA 183 3.54 -40.84 -13.13
CA VAL AA 183 3.82 -40.23 -11.84
C VAL AA 183 3.24 -38.81 -11.83
N LEU AA 184 3.52 -38.04 -12.88
CA LEU AA 184 3.00 -36.68 -12.97
C LEU AA 184 1.49 -36.72 -12.87
N TYR AA 185 0.86 -37.68 -13.54
CA TYR AA 185 -0.59 -37.78 -13.50
C TYR AA 185 -1.10 -38.01 -12.07
N TYR AA 186 -0.26 -38.62 -11.23
CA TYR AA 186 -0.64 -38.89 -9.84
C TYR AA 186 -0.59 -37.66 -8.95
N ARG AA 187 0.45 -36.85 -9.11
CA ARG AA 187 0.63 -35.70 -8.25
C ARG AA 187 0.36 -34.30 -8.81
N ASP AA 188 0.29 -34.15 -10.13
CA ASP AA 188 0.02 -32.83 -10.70
C ASP AA 188 -1.48 -32.61 -10.93
N ALA AA 189 -2.06 -31.67 -10.18
CA ALA AA 189 -3.48 -31.37 -10.29
C ALA AA 189 -3.84 -30.69 -11.61
N ARG AA 190 -2.85 -30.31 -12.41
CA ARG AA 190 -3.11 -29.64 -13.68
C ARG AA 190 -2.63 -30.53 -14.83
N SER AA 191 -2.76 -31.84 -14.67
CA SER AA 191 -2.32 -32.75 -15.72
C SER AA 191 -3.43 -33.63 -16.24
N SER AA 192 -3.23 -34.13 -17.44
CA SER AA 192 -4.19 -34.99 -18.11
C SER AA 192 -3.62 -36.40 -18.27
N ARG AA 193 -4.51 -37.36 -18.49
CA ARG AA 193 -4.12 -38.75 -18.67
C ARG AA 193 -3.63 -39.03 -20.08
N ASN AA 194 -4.17 -38.30 -21.05
CA ASN AA 194 -3.78 -38.46 -22.45
C ASN AA 194 -2.64 -37.53 -22.77
N PHE AA 195 -1.65 -38.06 -23.46
CA PHE AA 195 -0.50 -37.25 -23.81
C PHE AA 195 0.06 -37.61 -25.17
N SER AA 196 1.22 -37.07 -25.48
CA SER AA 196 1.84 -37.36 -26.76
C SER AA 196 3.32 -37.57 -26.52
N LEU AA 197 3.88 -38.53 -27.22
CA LEU AA 197 5.29 -38.83 -27.08
C LEU AA 197 5.91 -38.80 -28.47
N ALA AA 198 7.15 -38.37 -28.54
CA ALA AA 198 7.82 -38.32 -29.82
C ALA AA 198 9.27 -38.74 -29.64
N ILE AA 199 9.75 -39.55 -30.58
CA ILE AA 199 11.11 -40.03 -30.54
C ILE AA 199 11.77 -39.55 -31.81
N ILE AA 200 13.02 -39.10 -31.68
CA ILE AA 200 13.79 -38.63 -32.81
C ILE AA 200 15.08 -39.43 -32.77
N ASP AA 201 15.12 -40.48 -33.58
CA ASP AA 201 16.26 -41.36 -33.66
C ASP AA 201 17.05 -41.10 -34.94
N LYS AA 202 18.38 -41.14 -34.86
CA LYS AA 202 19.21 -40.89 -36.02
C LYS AA 202 19.14 -41.97 -37.10
N ASN AA 203 18.27 -42.96 -36.91
CA ASN AA 203 18.10 -44.06 -37.87
C ASN AA 203 16.64 -44.16 -38.28
N THR AA 204 15.76 -44.53 -37.35
CA THR AA 204 14.34 -44.66 -37.64
C THR AA 204 13.67 -43.32 -38.00
N GLY AA 205 14.37 -42.21 -37.73
CA GLY AA 205 13.84 -40.89 -38.03
C GLY AA 205 13.00 -40.29 -36.90
N LEU AA 206 11.90 -39.65 -37.25
CA LEU AA 206 11.02 -39.04 -36.26
C LEU AA 206 9.75 -39.84 -36.13
N THR AA 207 9.54 -40.46 -34.97
CA THR AA 207 8.33 -41.23 -34.71
C THR AA 207 7.49 -40.36 -33.78
N PHE AA 208 6.26 -40.07 -34.18
CA PHE AA 208 5.40 -39.23 -33.37
C PHE AA 208 4.14 -40.00 -32.96
N LYS AA 209 4.05 -40.31 -31.67
CA LYS AA 209 2.90 -41.06 -31.14
C LYS AA 209 1.84 -40.17 -30.50
N LYS AA 210 0.65 -40.15 -31.07
CA LYS AA 210 -0.44 -39.35 -30.53
C LYS AA 210 -1.40 -40.24 -29.72
N ASN AA 211 -2.28 -39.60 -28.96
CA ASN AA 211 -3.30 -40.29 -28.15
C ASN AA 211 -2.91 -41.38 -27.16
N LEU AA 212 -1.76 -41.26 -26.50
CA LEU AA 212 -1.37 -42.25 -25.53
C LEU AA 212 -2.16 -41.97 -24.25
N GLN AA 213 -2.20 -42.96 -23.36
CA GLN AA 213 -2.90 -42.84 -22.09
C GLN AA 213 -2.06 -43.44 -20.99
N VAL AA 214 -2.21 -42.92 -19.78
CA VAL AA 214 -1.47 -43.48 -18.65
C VAL AA 214 -2.20 -44.74 -18.26
N GLU AA 215 -1.49 -45.86 -18.30
CA GLU AA 215 -2.07 -47.16 -17.97
C GLU AA 215 -1.32 -47.79 -16.79
N ASN AA 216 -1.87 -48.90 -16.29
CA ASN AA 216 -1.28 -49.63 -15.18
C ASN AA 216 -1.09 -48.73 -13.96
N MET AA 217 -2.21 -48.24 -13.43
CA MET AA 217 -2.16 -47.38 -12.25
C MET AA 217 -2.52 -48.15 -10.98
N LYS AA 218 -1.84 -47.82 -9.90
CA LYS AA 218 -2.10 -48.44 -8.61
C LYS AA 218 -3.07 -47.59 -7.78
N TRP AA 219 -4.31 -48.06 -7.68
CA TRP AA 219 -5.33 -47.35 -6.91
C TRP AA 219 -6.03 -48.24 -5.90
N ASP AA 220 -5.71 -49.54 -5.90
CA ASP AA 220 -6.37 -50.47 -4.99
C ASP AA 220 -6.25 -50.18 -3.49
N PHE AA 221 -5.02 -49.99 -3.00
CA PHE AA 221 -4.82 -49.73 -1.58
C PHE AA 221 -5.73 -48.65 -1.01
N ALA AA 222 -6.32 -47.84 -1.90
CA ALA AA 222 -7.22 -46.78 -1.49
C ALA AA 222 -8.39 -47.29 -0.67
N LYS AA 223 -8.82 -48.52 -0.95
CA LYS AA 223 -9.95 -49.11 -0.24
C LYS AA 223 -9.67 -49.33 1.24
N ASP AA 224 -8.40 -49.54 1.57
CA ASP AA 224 -7.96 -49.78 2.93
C ASP AA 224 -7.79 -48.52 3.77
N ILE AA 225 -7.63 -47.39 3.10
CA ILE AA 225 -7.44 -46.12 3.78
C ILE AA 225 -8.77 -45.47 4.09
N LYS AA 226 -9.10 -45.39 5.38
CA LYS AA 226 -10.33 -44.77 5.80
C LYS AA 226 -10.07 -43.90 7.02
N GLY AA 227 -10.71 -42.72 7.05
CA GLY AA 227 -10.54 -41.79 8.16
C GLY AA 227 -9.26 -41.00 7.99
N TYR AA 228 -8.99 -40.06 8.88
CA TYR AA 228 -7.76 -39.29 8.78
C TYR AA 228 -6.95 -39.35 10.07
N GLY AA 229 -6.97 -40.53 10.73
CA GLY AA 229 -6.23 -40.68 11.96
C GLY AA 229 -6.73 -41.73 12.93
N THR AA 230 -7.90 -41.50 13.53
CA THR AA 230 -8.46 -42.43 14.50
C THR AA 230 -9.72 -43.22 14.08
N GLN AA 231 -10.37 -42.78 13.00
CA GLN AA 231 -11.58 -43.46 12.52
C GLN AA 231 -11.26 -44.90 12.11
N LYS AA 232 -12.10 -45.85 12.53
CA LYS AA 232 -11.88 -47.26 12.22
C LYS AA 232 -12.69 -47.84 11.06
N ILE AA 233 -13.83 -47.21 10.73
CA ILE AA 233 -14.67 -47.72 9.64
C ILE AA 233 -14.79 -46.75 8.44
N THR BA 1 -23.74 -13.74 -17.97
CA THR BA 1 -23.90 -14.11 -19.42
C THR BA 1 -23.74 -15.61 -19.65
N SER BA 2 -24.59 -16.16 -20.52
CA SER BA 2 -24.55 -17.58 -20.87
C SER BA 2 -24.69 -17.68 -22.39
N ILE BA 3 -23.70 -18.27 -23.03
CA ILE BA 3 -23.73 -18.41 -24.47
C ILE BA 3 -23.11 -19.71 -24.93
N MET BA 4 -23.59 -20.24 -26.06
CA MET BA 4 -23.05 -21.47 -26.60
C MET BA 4 -23.36 -21.63 -28.08
N ALA BA 5 -22.53 -22.39 -28.75
CA ALA BA 5 -22.68 -22.67 -30.18
C ALA BA 5 -22.51 -24.18 -30.36
N VAL BA 6 -23.46 -24.79 -31.07
CA VAL BA 6 -23.43 -26.23 -31.29
C VAL BA 6 -23.56 -26.60 -32.75
N THR BA 7 -22.70 -27.49 -33.22
CA THR BA 7 -22.75 -27.92 -34.61
C THR BA 7 -23.57 -29.21 -34.71
N PHE BA 8 -24.39 -29.32 -35.75
CA PHE BA 8 -25.17 -30.53 -35.93
C PHE BA 8 -25.24 -30.98 -37.38
N LYS BA 9 -26.08 -31.97 -37.65
CA LYS BA 9 -26.26 -32.53 -38.99
C LYS BA 9 -26.37 -31.50 -40.12
N ASP BA 10 -27.33 -30.58 -40.02
CA ASP BA 10 -27.58 -29.57 -41.06
C ASP BA 10 -26.84 -28.23 -40.98
N GLY BA 11 -26.05 -28.02 -39.92
CA GLY BA 11 -25.32 -26.77 -39.79
C GLY BA 11 -24.81 -26.47 -38.39
N VAL BA 12 -25.29 -25.36 -37.82
CA VAL BA 12 -24.88 -24.94 -36.48
C VAL BA 12 -25.88 -23.96 -35.86
N ILE BA 13 -25.97 -23.94 -34.54
CA ILE BA 13 -26.89 -23.02 -33.86
C ILE BA 13 -26.20 -22.26 -32.73
N LEU BA 14 -26.53 -20.97 -32.61
CA LEU BA 14 -25.96 -20.13 -31.56
C LEU BA 14 -27.05 -19.75 -30.59
N GLY BA 15 -26.75 -19.85 -29.30
CA GLY BA 15 -27.73 -19.50 -28.29
C GLY BA 15 -27.11 -18.64 -27.21
N ALA BA 16 -27.90 -17.75 -26.62
CA ALA BA 16 -27.45 -16.85 -25.57
C ALA BA 16 -28.62 -16.40 -24.70
N ASP BA 17 -28.33 -15.82 -23.54
CA ASP BA 17 -29.40 -15.31 -22.69
C ASP BA 17 -29.54 -13.87 -23.16
N SER BA 18 -30.21 -13.00 -22.40
CA SER BA 18 -30.37 -11.64 -22.88
C SER BA 18 -30.13 -10.60 -21.80
N ARG BA 19 -29.45 -11.02 -20.75
CA ARG BA 19 -29.18 -10.15 -19.61
C ARG BA 19 -27.75 -9.62 -19.48
N THR BA 20 -27.62 -8.29 -19.46
CA THR BA 20 -26.32 -7.66 -19.24
C THR BA 20 -26.52 -6.84 -17.97
N THR BA 21 -25.67 -7.11 -16.99
CA THR BA 21 -25.77 -6.40 -15.73
C THR BA 21 -24.52 -5.60 -15.45
N THR BA 22 -24.69 -4.59 -14.60
CA THR BA 22 -23.60 -3.76 -14.14
C THR BA 22 -23.86 -3.80 -12.64
N GLY BA 23 -23.14 -4.67 -11.95
CA GLY BA 23 -23.35 -4.79 -10.52
C GLY BA 23 -24.53 -5.71 -10.37
N ALA BA 24 -25.35 -5.47 -9.36
CA ALA BA 24 -26.53 -6.31 -9.14
C ALA BA 24 -27.68 -5.81 -10.01
N TYR BA 25 -27.50 -4.67 -10.63
CA TYR BA 25 -28.54 -4.10 -11.48
C TYR BA 25 -28.53 -4.71 -12.87
N ILE BA 26 -29.72 -4.92 -13.43
CA ILE BA 26 -29.86 -5.48 -14.77
C ILE BA 26 -30.09 -4.31 -15.73
N ALA BA 27 -29.00 -3.81 -16.30
CA ALA BA 27 -29.03 -2.68 -17.22
C ALA BA 27 -29.85 -2.92 -18.48
N ASN BA 28 -29.91 -4.17 -18.91
CA ASN BA 28 -30.66 -4.52 -20.12
C ASN BA 28 -31.10 -5.98 -20.01
N ARG BA 29 -32.41 -6.23 -20.12
CA ARG BA 29 -32.92 -7.60 -20.02
C ARG BA 29 -33.30 -8.24 -21.35
N VAL BA 30 -33.20 -7.47 -22.43
CA VAL BA 30 -33.53 -7.99 -23.75
C VAL BA 30 -32.35 -7.84 -24.70
N THR BA 31 -31.14 -7.99 -24.16
CA THR BA 31 -29.90 -7.85 -24.93
C THR BA 31 -29.75 -8.90 -26.03
N ASP BA 32 -29.09 -8.52 -27.12
CA ASP BA 32 -28.83 -9.45 -28.22
C ASP BA 32 -27.33 -9.72 -28.29
N LYS BA 33 -26.91 -10.82 -27.66
CA LYS BA 33 -25.51 -11.18 -27.60
C LYS BA 33 -25.07 -11.96 -28.83
N LEU BA 34 -26.01 -12.20 -29.73
CA LEU BA 34 -25.73 -12.95 -30.97
C LEU BA 34 -25.50 -11.94 -32.08
N THR BA 35 -24.23 -11.73 -32.43
CA THR BA 35 -23.89 -10.75 -33.45
C THR BA 35 -23.41 -11.31 -34.79
N ARG BA 36 -23.95 -10.74 -35.86
CA ARG BA 36 -23.62 -11.15 -37.22
C ARG BA 36 -22.40 -10.42 -37.71
N VAL BA 37 -21.37 -11.15 -38.13
CA VAL BA 37 -20.18 -10.51 -38.67
C VAL BA 37 -20.19 -10.71 -40.18
N HIS BA 38 -21.03 -11.64 -40.64
CA HIS BA 38 -21.18 -11.93 -42.06
C HIS BA 38 -22.44 -12.73 -42.30
N ASP BA 39 -22.91 -12.74 -43.54
CA ASP BA 39 -24.13 -13.47 -43.90
C ASP BA 39 -24.33 -14.75 -43.08
N LYS BA 40 -23.38 -15.67 -43.19
CA LYS BA 40 -23.51 -16.90 -42.44
C LYS BA 40 -22.39 -17.17 -41.45
N ILE BA 41 -21.93 -16.11 -40.80
CA ILE BA 41 -20.89 -16.20 -39.78
C ILE BA 41 -21.36 -15.31 -38.67
N TRP BA 42 -21.58 -15.89 -37.50
CA TRP BA 42 -22.05 -15.13 -36.36
C TRP BA 42 -21.14 -15.36 -35.16
N CYS BA 43 -21.35 -14.60 -34.09
CA CYS BA 43 -20.52 -14.76 -32.90
C CYS BA 43 -21.31 -14.50 -31.64
N CYS BA 44 -20.81 -15.05 -30.54
CA CYS BA 44 -21.41 -14.87 -29.24
C CYS BA 44 -20.44 -14.03 -28.42
N ARG BA 45 -20.96 -12.95 -27.87
CA ARG BA 45 -20.15 -12.03 -27.11
C ARG BA 45 -20.30 -12.14 -25.60
N SER BA 46 -19.16 -12.21 -24.91
CA SER BA 46 -19.11 -12.29 -23.46
C SER BA 46 -17.97 -11.37 -23.03
N GLY BA 47 -18.07 -10.82 -21.83
CA GLY BA 47 -17.04 -9.92 -21.35
C GLY BA 47 -17.51 -8.48 -21.45
N SER BA 48 -16.58 -7.54 -21.55
CA SER BA 48 -16.93 -6.14 -21.67
C SER BA 48 -17.76 -5.87 -22.91
N ALA BA 49 -19.01 -5.45 -22.73
CA ALA BA 49 -19.87 -5.16 -23.87
C ALA BA 49 -19.14 -4.19 -24.78
N ALA BA 50 -18.62 -3.11 -24.20
CA ALA BA 50 -17.90 -2.11 -24.97
C ALA BA 50 -16.84 -2.77 -25.84
N ASP BA 51 -16.05 -3.66 -25.24
CA ASP BA 51 -14.97 -4.33 -25.97
C ASP BA 51 -15.46 -5.27 -27.07
N THR BA 52 -16.29 -6.24 -26.70
CA THR BA 52 -16.80 -7.19 -27.69
C THR BA 52 -17.49 -6.47 -28.86
N GLN BA 53 -18.32 -5.47 -28.57
CA GLN BA 53 -19.00 -4.71 -29.62
C GLN BA 53 -17.97 -4.08 -30.56
N ALA BA 54 -16.98 -3.43 -29.97
CA ALA BA 54 -15.93 -2.80 -30.76
C ALA BA 54 -15.18 -3.86 -31.56
N ILE BA 55 -14.84 -4.99 -30.93
CA ILE BA 55 -14.13 -6.07 -31.62
C ILE BA 55 -14.94 -6.52 -32.82
N ALA BA 56 -16.20 -6.87 -32.54
CA ALA BA 56 -17.15 -7.31 -33.57
C ALA BA 56 -17.20 -6.33 -34.74
N ASP BA 57 -17.56 -5.08 -34.46
CA ASP BA 57 -17.63 -4.07 -35.51
C ASP BA 57 -16.37 -4.07 -36.38
N ILE BA 58 -15.20 -4.14 -35.76
CA ILE BA 58 -13.95 -4.16 -36.51
C ILE BA 58 -13.93 -5.37 -37.43
N VAL BA 59 -14.27 -6.54 -36.88
CA VAL BA 59 -14.28 -7.79 -37.66
C VAL BA 59 -15.23 -7.68 -38.84
N GLN BA 60 -16.49 -7.35 -38.56
CA GLN BA 60 -17.50 -7.21 -39.60
C GLN BA 60 -16.93 -6.38 -40.75
N TYR BA 61 -16.25 -5.31 -40.39
CA TYR BA 61 -15.62 -4.43 -41.36
C TYR BA 61 -14.60 -5.23 -42.18
N HIS BA 62 -13.70 -5.91 -41.50
CA HIS BA 62 -12.67 -6.69 -42.18
C HIS BA 62 -13.24 -7.74 -43.11
N LEU BA 63 -14.27 -8.46 -42.67
CA LEU BA 63 -14.86 -9.49 -43.52
C LEU BA 63 -15.57 -8.86 -44.71
N GLU BA 64 -16.23 -7.73 -44.50
CA GLU BA 64 -16.90 -7.04 -45.60
C GLU BA 64 -15.91 -6.64 -46.68
N LEU BA 65 -14.73 -6.15 -46.28
CA LEU BA 65 -13.72 -5.73 -47.24
C LEU BA 65 -13.09 -6.94 -47.90
N TYR BA 66 -12.99 -8.01 -47.14
CA TYR BA 66 -12.44 -9.28 -47.63
C TYR BA 66 -13.33 -9.80 -48.73
N THR BA 67 -14.63 -9.82 -48.45
CA THR BA 67 -15.61 -10.30 -49.40
C THR BA 67 -15.56 -9.48 -50.70
N SER BA 68 -15.40 -8.18 -50.57
CA SER BA 68 -15.34 -7.31 -51.75
C SER BA 68 -14.19 -7.68 -52.67
N GLN BA 69 -13.15 -8.28 -52.11
CA GLN BA 69 -12.00 -8.65 -52.91
C GLN BA 69 -11.85 -10.13 -53.18
N TYR BA 70 -12.18 -10.96 -52.20
CA TYR BA 70 -11.98 -12.39 -52.36
C TYR BA 70 -13.21 -13.26 -52.14
N GLY BA 71 -14.40 -12.73 -52.41
CA GLY BA 71 -15.60 -13.50 -52.23
C GLY BA 71 -15.86 -13.86 -50.77
N THR BA 72 -16.80 -14.78 -50.54
CA THR BA 72 -17.14 -15.18 -49.18
C THR BA 72 -15.97 -15.78 -48.42
N PRO BA 73 -15.78 -15.35 -47.15
CA PRO BA 73 -14.70 -15.80 -46.28
C PRO BA 73 -15.07 -17.09 -45.53
N SER BA 74 -14.07 -17.90 -45.18
CA SER BA 74 -14.32 -19.13 -44.44
C SER BA 74 -14.60 -18.81 -42.98
N THR BA 75 -15.31 -19.71 -42.29
CA THR BA 75 -15.60 -19.47 -40.89
C THR BA 75 -14.29 -19.48 -40.13
N GLU BA 76 -13.31 -20.20 -40.66
CA GLU BA 76 -12.01 -20.25 -40.02
C GLU BA 76 -11.35 -18.89 -40.10
N THR BA 77 -11.47 -18.25 -41.26
CA THR BA 77 -10.89 -16.91 -41.47
C THR BA 77 -11.49 -15.91 -40.47
N ALA BA 78 -12.81 -15.90 -40.40
CA ALA BA 78 -13.49 -15.01 -39.47
C ALA BA 78 -12.91 -15.21 -38.06
N ALA BA 79 -12.77 -16.46 -37.64
CA ALA BA 79 -12.24 -16.76 -36.31
C ALA BA 79 -10.80 -16.24 -36.20
N SER BA 80 -10.06 -16.27 -37.30
CA SER BA 80 -8.69 -15.80 -37.32
C SER BA 80 -8.61 -14.29 -37.07
N VAL BA 81 -9.50 -13.54 -37.69
CA VAL BA 81 -9.53 -12.09 -37.52
C VAL BA 81 -9.91 -11.71 -36.09
N PHE BA 82 -10.81 -12.48 -35.48
CA PHE BA 82 -11.20 -12.21 -34.10
C PHE BA 82 -10.00 -12.45 -33.23
N LYS BA 83 -9.33 -13.56 -33.49
CA LYS BA 83 -8.13 -13.94 -32.74
C LYS BA 83 -7.04 -12.90 -32.85
N GLU BA 84 -6.87 -12.37 -34.05
CA GLU BA 84 -5.85 -11.37 -34.28
C GLU BA 84 -6.04 -10.18 -33.36
N LEU BA 85 -7.26 -9.64 -33.33
CA LEU BA 85 -7.56 -8.50 -32.48
C LEU BA 85 -7.40 -8.85 -31.01
N CYS BA 86 -8.03 -9.93 -30.59
CA CYS BA 86 -7.98 -10.34 -29.20
C CYS BA 86 -6.59 -10.62 -28.65
N TYR BA 87 -5.77 -11.32 -29.41
CA TYR BA 87 -4.43 -11.66 -28.94
C TYR BA 87 -3.48 -10.47 -28.89
N GLU BA 88 -3.45 -9.71 -29.98
CA GLU BA 88 -2.59 -8.54 -30.11
C GLU BA 88 -2.94 -7.43 -29.12
N ASN BA 89 -4.18 -7.41 -28.63
CA ASN BA 89 -4.63 -6.40 -27.69
C ASN BA 89 -5.11 -7.02 -26.39
N LYS BA 90 -4.54 -8.16 -26.02
CA LYS BA 90 -4.94 -8.85 -24.81
C LYS BA 90 -4.84 -8.03 -23.53
N ASP BA 91 -3.86 -7.14 -23.48
CA ASP BA 91 -3.65 -6.30 -22.31
C ASP BA 91 -4.75 -5.28 -22.05
N ASN BA 92 -5.53 -4.95 -23.08
CA ASN BA 92 -6.59 -3.94 -22.96
C ASN BA 92 -7.99 -4.42 -23.28
N LEU BA 93 -8.16 -5.74 -23.38
CA LEU BA 93 -9.47 -6.32 -23.69
C LEU BA 93 -9.95 -7.32 -22.65
N THR BA 94 -11.26 -7.47 -22.58
CA THR BA 94 -11.90 -8.42 -21.69
C THR BA 94 -13.06 -8.96 -22.51
N ALA BA 95 -12.73 -9.80 -23.46
CA ALA BA 95 -13.71 -10.39 -24.36
C ALA BA 95 -13.52 -11.90 -24.55
N GLY BA 96 -14.64 -12.60 -24.45
CA GLY BA 96 -14.66 -14.05 -24.65
C GLY BA 96 -15.60 -14.18 -25.83
N ILE BA 97 -15.09 -14.62 -26.98
CA ILE BA 97 -15.94 -14.75 -28.16
C ILE BA 97 -16.04 -16.17 -28.70
N ILE BA 98 -17.24 -16.52 -29.14
CA ILE BA 98 -17.50 -17.83 -29.76
C ILE BA 98 -17.89 -17.49 -31.20
N VAL BA 99 -17.12 -17.99 -32.17
CA VAL BA 99 -17.42 -17.73 -33.57
C VAL BA 99 -17.97 -18.98 -34.21
N ALA BA 100 -19.14 -18.86 -34.84
CA ALA BA 100 -19.77 -19.99 -35.49
C ALA BA 100 -20.37 -19.60 -36.82
N GLY BA 101 -20.07 -20.37 -37.86
CA GLY BA 101 -20.59 -20.07 -39.18
C GLY BA 101 -20.95 -21.31 -39.97
N TYR BA 102 -21.58 -21.10 -41.12
CA TYR BA 102 -21.98 -22.20 -42.00
C TYR BA 102 -21.39 -22.05 -43.40
N ASP BA 103 -20.59 -23.04 -43.75
CA ASP BA 103 -19.94 -23.12 -45.05
C ASP BA 103 -20.69 -24.24 -45.78
N ASP BA 104 -20.58 -24.31 -47.10
CA ASP BA 104 -21.27 -25.37 -47.81
C ASP BA 104 -20.32 -26.55 -47.99
N LYS BA 105 -19.03 -26.25 -47.98
CA LYS BA 105 -17.98 -27.26 -48.12
C LYS BA 105 -17.60 -27.79 -46.74
N ASN BA 106 -17.72 -26.94 -45.72
CA ASN BA 106 -17.37 -27.31 -44.34
C ASN BA 106 -18.58 -27.50 -43.43
N LYS BA 107 -19.76 -27.20 -43.95
CA LYS BA 107 -21.02 -27.31 -43.23
C LYS BA 107 -21.05 -26.39 -42.00
N GLY BA 108 -21.09 -26.95 -40.79
CA GLY BA 108 -21.12 -26.09 -39.61
C GLY BA 108 -19.84 -26.13 -38.79
N GLU BA 109 -19.35 -24.96 -38.39
CA GLU BA 109 -18.12 -24.90 -37.59
C GLU BA 109 -18.21 -23.97 -36.38
N VAL BA 110 -17.52 -24.36 -35.31
CA VAL BA 110 -17.49 -23.60 -34.08
C VAL BA 110 -16.07 -23.40 -33.54
N TYR BA 111 -15.70 -22.13 -33.36
CA TYR BA 111 -14.41 -21.75 -32.82
C TYR BA 111 -14.64 -20.92 -31.55
N THR BA 112 -13.76 -21.11 -30.56
CA THR BA 112 -13.88 -20.38 -29.31
C THR BA 112 -12.57 -19.63 -29.07
N ILE BA 113 -12.71 -18.39 -28.64
CA ILE BA 113 -11.56 -17.54 -28.34
C ILE BA 113 -11.72 -17.00 -26.92
N PRO BA 114 -11.07 -17.66 -25.95
CA PRO BA 114 -11.13 -17.26 -24.55
C PRO BA 114 -10.24 -16.04 -24.27
N LEU BA 115 -10.24 -15.57 -23.03
CA LEU BA 115 -9.44 -14.42 -22.65
C LEU BA 115 -8.05 -14.31 -23.28
N GLY BA 116 -7.25 -15.36 -23.17
CA GLY BA 116 -5.93 -15.27 -23.75
C GLY BA 116 -5.82 -14.72 -25.18
N GLY BA 117 -6.68 -15.20 -26.07
CA GLY BA 117 -6.62 -14.78 -27.45
C GLY BA 117 -6.26 -16.01 -28.27
N SER BA 118 -6.30 -17.17 -27.61
CA SER BA 118 -6.00 -18.44 -28.25
C SER BA 118 -7.26 -18.90 -28.94
N VAL BA 119 -7.12 -19.70 -30.00
CA VAL BA 119 -8.30 -20.20 -30.73
C VAL BA 119 -8.44 -21.70 -30.62
N HIS BA 120 -9.68 -22.13 -30.40
CA HIS BA 120 -9.99 -23.54 -30.25
C HIS BA 120 -11.21 -23.90 -31.10
N LYS BA 121 -11.03 -24.87 -31.99
CA LYS BA 121 -12.13 -25.33 -32.85
C LYS BA 121 -12.78 -26.50 -32.11
N LEU BA 122 -14.10 -26.51 -32.03
CA LEU BA 122 -14.78 -27.57 -31.29
C LEU BA 122 -16.14 -27.97 -31.84
N PRO BA 123 -16.67 -29.13 -31.40
CA PRO BA 123 -17.98 -29.64 -31.81
C PRO BA 123 -19.02 -28.65 -31.30
N TYR BA 124 -18.77 -28.16 -30.09
CA TYR BA 124 -19.63 -27.15 -29.48
C TYR BA 124 -18.79 -26.42 -28.45
N ALA BA 125 -19.26 -25.25 -28.03
CA ALA BA 125 -18.56 -24.45 -27.05
C ALA BA 125 -19.53 -23.67 -26.21
N ILE BA 126 -19.23 -23.61 -24.91
CA ILE BA 126 -20.05 -22.84 -23.97
C ILE BA 126 -19.17 -21.77 -23.34
N ALA BA 127 -19.76 -20.63 -23.00
CA ALA BA 127 -19.00 -19.56 -22.42
C ALA BA 127 -19.90 -18.61 -21.63
N GLY BA 128 -19.27 -17.69 -20.91
CA GLY BA 128 -20.02 -16.75 -20.11
C GLY BA 128 -20.03 -17.24 -18.68
N SER BA 129 -20.28 -16.35 -17.73
CA SER BA 129 -20.31 -16.72 -16.33
C SER BA 129 -21.17 -17.94 -16.06
N GLY BA 130 -22.38 -17.95 -16.64
CA GLY BA 130 -23.29 -19.05 -16.43
C GLY BA 130 -22.81 -20.41 -16.92
N SER BA 131 -21.95 -20.42 -17.92
CA SER BA 131 -21.45 -21.67 -18.48
C SER BA 131 -20.91 -22.66 -17.45
N THR BA 132 -20.12 -22.18 -16.50
CA THR BA 132 -19.52 -23.07 -15.50
C THR BA 132 -20.47 -24.11 -14.91
N PHE BA 133 -21.72 -23.71 -14.66
CA PHE BA 133 -22.72 -24.59 -14.07
C PHE BA 133 -23.26 -25.71 -14.96
N ILE BA 134 -23.11 -25.56 -16.27
CA ILE BA 134 -23.62 -26.58 -17.18
C ILE BA 134 -22.52 -27.36 -17.90
N TYR BA 135 -21.30 -27.32 -17.38
CA TYR BA 135 -20.21 -28.07 -17.99
C TYR BA 135 -20.50 -29.56 -17.95
N GLY BA 136 -21.02 -30.02 -16.80
CA GLY BA 136 -21.36 -31.42 -16.65
C GLY BA 136 -22.52 -31.79 -17.54
N TYR BA 137 -23.64 -31.09 -17.40
CA TYR BA 137 -24.80 -31.36 -18.21
C TYR BA 137 -24.43 -31.48 -19.70
N CYS BA 138 -23.80 -30.44 -20.24
CA CYS BA 138 -23.42 -30.44 -21.65
C CYS BA 138 -22.52 -31.59 -22.07
N ASP BA 139 -21.62 -32.00 -21.19
CA ASP BA 139 -20.73 -33.09 -21.56
C ASP BA 139 -21.50 -34.41 -21.63
N LYS BA 140 -22.53 -34.53 -20.81
CA LYS BA 140 -23.33 -35.76 -20.78
C LYS BA 140 -24.39 -35.83 -21.85
N ASN BA 141 -24.96 -34.69 -22.24
CA ASN BA 141 -26.02 -34.70 -23.24
C ASN BA 141 -25.65 -34.32 -24.67
N PHE BA 142 -24.40 -34.00 -24.95
CA PHE BA 142 -24.05 -33.66 -26.32
C PHE BA 142 -23.77 -34.91 -27.12
N ARG BA 143 -24.17 -34.90 -28.38
CA ARG BA 143 -23.96 -36.01 -29.30
C ARG BA 143 -23.78 -35.42 -30.68
N GLU BA 144 -22.79 -35.94 -31.42
CA GLU BA 144 -22.50 -35.44 -32.75
C GLU BA 144 -23.52 -35.77 -33.85
N ASN BA 145 -23.93 -34.73 -34.58
CA ASN BA 145 -24.89 -34.85 -35.68
C ASN BA 145 -26.31 -35.04 -35.23
N MET BA 146 -26.81 -34.07 -34.47
CA MET BA 146 -28.17 -34.12 -33.98
C MET BA 146 -29.04 -33.41 -35.01
N SER BA 147 -30.36 -33.56 -34.88
CA SER BA 147 -31.27 -32.90 -35.81
C SER BA 147 -31.55 -31.51 -35.26
N LYS BA 148 -31.87 -30.58 -36.14
CA LYS BA 148 -32.17 -29.23 -35.72
C LYS BA 148 -33.02 -29.21 -34.44
N GLU BA 149 -34.09 -30.01 -34.38
CA GLU BA 149 -34.94 -30.02 -33.18
C GLU BA 149 -34.22 -30.55 -31.94
N GLU BA 150 -33.36 -31.54 -32.12
CA GLU BA 150 -32.62 -32.11 -31.01
C GLU BA 150 -31.65 -31.08 -30.46
N THR BA 151 -31.04 -30.33 -31.38
CA THR BA 151 -30.08 -29.31 -31.03
C THR BA 151 -30.74 -28.10 -30.38
N VAL BA 152 -31.85 -27.62 -30.93
CA VAL BA 152 -32.53 -26.49 -30.33
C VAL BA 152 -32.94 -26.87 -28.91
N ASP BA 153 -33.08 -28.17 -28.66
CA ASP BA 153 -33.46 -28.65 -27.34
C ASP BA 153 -32.26 -28.73 -26.41
N PHE BA 154 -31.15 -29.21 -26.95
CA PHE BA 154 -29.91 -29.30 -26.18
C PHE BA 154 -29.56 -27.90 -25.68
N ILE BA 155 -29.58 -26.92 -26.58
CA ILE BA 155 -29.29 -25.55 -26.21
C ILE BA 155 -30.30 -25.09 -25.16
N LYS BA 156 -31.56 -25.09 -25.52
CA LYS BA 156 -32.63 -24.64 -24.63
C LYS BA 156 -32.53 -25.15 -23.19
N HIS BA 157 -32.22 -26.44 -23.04
CA HIS BA 157 -32.11 -27.02 -21.70
C HIS BA 157 -30.84 -26.57 -21.01
N SER BA 158 -29.73 -26.57 -21.74
CA SER BA 158 -28.48 -26.14 -21.17
C SER BA 158 -28.60 -24.69 -20.66
N LEU BA 159 -28.94 -23.77 -21.55
CA LEU BA 159 -29.07 -22.37 -21.15
C LEU BA 159 -30.09 -22.15 -20.05
N SER BA 160 -31.12 -22.98 -19.98
CA SER BA 160 -32.12 -22.80 -18.94
C SER BA 160 -31.50 -23.10 -17.57
N GLN BA 161 -30.57 -24.05 -17.54
CA GLN BA 161 -29.91 -24.41 -16.30
C GLN BA 161 -28.96 -23.28 -15.94
N ALA BA 162 -28.10 -22.91 -16.89
CA ALA BA 162 -27.17 -21.83 -16.69
C ALA BA 162 -27.94 -20.61 -16.15
N ILE BA 163 -29.03 -20.23 -16.79
CA ILE BA 163 -29.80 -19.09 -16.33
C ILE BA 163 -30.35 -19.34 -14.93
N LYS BA 164 -30.65 -20.59 -14.62
CA LYS BA 164 -31.21 -20.96 -13.33
C LYS BA 164 -30.32 -20.64 -12.16
N TRP BA 165 -29.06 -21.03 -12.31
CA TRP BA 165 -28.04 -20.84 -11.29
C TRP BA 165 -27.30 -19.52 -11.31
N ASP BA 166 -26.78 -19.13 -12.47
CA ASP BA 166 -26.05 -17.87 -12.58
C ASP BA 166 -26.96 -16.64 -12.63
N GLY BA 167 -26.86 -15.80 -11.60
CA GLY BA 167 -27.68 -14.61 -11.53
C GLY BA 167 -27.31 -13.57 -12.56
N SER BA 168 -26.15 -13.74 -13.18
CA SER BA 168 -25.67 -12.80 -14.19
C SER BA 168 -26.35 -13.06 -15.54
N SER BA 169 -27.02 -14.21 -15.65
CA SER BA 169 -27.70 -14.60 -16.88
C SER BA 169 -29.20 -14.61 -16.64
N GLY BA 170 -29.97 -14.44 -17.71
CA GLY BA 170 -31.41 -14.44 -17.57
C GLY BA 170 -32.08 -13.81 -18.76
N GLY BA 171 -33.37 -13.48 -18.60
CA GLY BA 171 -34.13 -12.88 -19.67
C GLY BA 171 -34.73 -13.91 -20.62
N VAL BA 172 -34.57 -13.69 -21.92
CA VAL BA 172 -35.09 -14.60 -22.93
C VAL BA 172 -33.93 -15.39 -23.49
N ILE BA 173 -34.19 -16.57 -24.02
CA ILE BA 173 -33.10 -17.31 -24.65
C ILE BA 173 -33.21 -16.99 -26.13
N ARG BA 174 -32.10 -16.67 -26.77
CA ARG BA 174 -32.12 -16.36 -28.20
C ARG BA 174 -31.26 -17.38 -28.91
N MET BA 175 -31.65 -17.69 -30.14
CA MET BA 175 -30.90 -18.63 -30.93
C MET BA 175 -30.85 -18.15 -32.34
N VAL BA 176 -29.87 -18.66 -33.06
CA VAL BA 176 -29.71 -18.32 -34.45
C VAL BA 176 -29.24 -19.60 -35.12
N VAL BA 177 -30.03 -20.03 -36.11
CA VAL BA 177 -29.73 -21.26 -36.85
C VAL BA 177 -29.05 -20.95 -38.16
N LEU BA 178 -27.93 -21.60 -38.39
CA LEU BA 178 -27.15 -21.38 -39.60
C LEU BA 178 -27.01 -22.67 -40.40
N THR BA 179 -27.75 -22.74 -41.50
CA THR BA 179 -27.72 -23.90 -42.39
C THR BA 179 -27.78 -23.42 -43.83
N ALA BA 180 -27.69 -24.34 -44.79
CA ALA BA 180 -27.76 -23.97 -46.21
C ALA BA 180 -29.12 -23.32 -46.46
N ALA BA 181 -30.11 -23.76 -45.68
CA ALA BA 181 -31.47 -23.24 -45.77
C ALA BA 181 -31.55 -21.72 -45.62
N GLY BA 182 -30.66 -21.16 -44.80
CA GLY BA 182 -30.66 -19.73 -44.58
C GLY BA 182 -30.37 -19.40 -43.13
N VAL BA 183 -30.90 -18.28 -42.65
CA VAL BA 183 -30.67 -17.85 -41.27
C VAL BA 183 -31.98 -17.69 -40.53
N GLU BA 184 -32.17 -18.48 -39.48
CA GLU BA 184 -33.41 -18.40 -38.72
C GLU BA 184 -33.21 -17.89 -37.29
N ARG BA 185 -34.10 -17.00 -36.88
CA ARG BA 185 -34.08 -16.39 -35.54
C ARG BA 185 -35.06 -17.08 -34.60
N LEU BA 186 -34.59 -17.49 -33.43
CA LEU BA 186 -35.46 -18.14 -32.44
C LEU BA 186 -35.43 -17.41 -31.09
N ILE BA 187 -36.56 -17.38 -30.41
CA ILE BA 187 -36.66 -16.74 -29.11
C ILE BA 187 -37.48 -17.68 -28.23
N PHE BA 188 -37.16 -17.73 -26.94
CA PHE BA 188 -37.87 -18.58 -26.00
C PHE BA 188 -38.00 -17.81 -24.71
N TYR BA 189 -39.24 -17.49 -24.35
CA TYR BA 189 -39.51 -16.71 -23.16
C TYR BA 189 -39.34 -17.49 -21.84
N PRO BA 190 -39.24 -16.77 -20.71
CA PRO BA 190 -39.07 -17.38 -19.39
C PRO BA 190 -40.09 -18.46 -19.12
N ASP BA 191 -41.36 -18.08 -19.14
CA ASP BA 191 -42.48 -18.99 -18.90
C ASP BA 191 -42.38 -20.36 -19.57
N GLU BA 192 -41.52 -20.48 -20.59
CA GLU BA 192 -41.38 -21.77 -21.25
C GLU BA 192 -40.15 -22.56 -20.78
N TYR BA 193 -38.96 -21.97 -20.90
CA TYR BA 193 -37.75 -22.69 -20.53
C TYR BA 193 -37.55 -22.89 -19.03
N GLU BA 194 -38.36 -22.21 -18.20
CA GLU BA 194 -38.25 -22.37 -16.76
C GLU BA 194 -38.90 -23.65 -16.30
N GLN BA 195 -39.96 -24.05 -17.00
CA GLN BA 195 -40.70 -25.24 -16.65
C GLN BA 195 -40.07 -26.52 -17.20
N LEU BA 196 -38.81 -26.43 -17.61
CA LEU BA 196 -38.10 -27.59 -18.13
C LEU BA 196 -37.39 -28.30 -16.98
N THR CA 2 16.63 -21.75 11.36
CA THR CA 2 17.23 -22.84 10.50
C THR CA 2 16.15 -23.84 10.03
N THR DA 2 -13.11 20.15 16.65
CA THR DA 2 -12.68 21.51 16.23
C THR DA 2 -11.31 21.76 16.81
N THR EA 2 -18.71 19.22 -12.67
CA THR EA 2 -20.16 19.21 -12.36
C THR EA 2 -20.89 18.02 -13.01
N THR FA 2 28.37 -1.34 -7.02
CA THR FA 2 29.19 -1.15 -5.81
C THR FA 2 29.23 0.32 -5.50
#